data_6NRA
#
_entry.id   6NRA
#
loop_
_entity.id
_entity.type
_entity.pdbx_description
1 polymer 'T-complex protein 1 subunit alpha'
2 polymer 'T-complex protein 1 subunit beta'
3 polymer 'T-complex protein 1 subunit gamma'
4 polymer 'T-complex protein 1 subunit delta'
5 polymer 'T-complex protein 1 subunit epsilon'
6 polymer 'T-complex protein 1 subunit zeta'
7 polymer 'T-complex protein 1 subunit eta'
8 polymer 'T-complex protein 1 subunit theta'
#
loop_
_entity_poly.entity_id
_entity_poly.type
_entity_poly.pdbx_seq_one_letter_code
_entity_poly.pdbx_strand_id
1 'polypeptide(L)'
;MEGPLSVFGDRSTGETIRSQNVMAAASIANIVKSSLGPVGLDKMLVDDIGDVTITNDGATILKLLEVEHPAAKVLCELAD
LQDKEVGDGTTSVVIIAAELLKNADELVKQKIHPTSVISGYRLACKEAVRYINENLIVNTDELGRDCLINAAKTSMSSKI
IGINGDFFANMVVDAVLAIKYTDIRGQPRYPVNSVNILKAHGRSQMESMLISGYALNCVVGSQGMPKRIVNAKIACLDFS
LQKTKMKLGVQVVITDPEKLDQIRQRESDITKERIQKILATGANVILTTGGIDDMCLKYFVEAGAMAVRRVLKRDLKRIA
KASGATILSTLANLEGEETFEAAMLGQAEEVVQERICDDELILIKNTKARTSASIILRGANDFMCDEMERSLHDALCVVK
RVLESKSVVPGGGAVEAALSIYLENYATSMGSREQLAIAEFARSLLVIPNTLAVNAAQDSTDLVAKLRAFHNEAQVNPER
KNLKWIGLDLSNGKPRDNKQAGVFEPTIVKVKSLKFATEAAITILRIDDLIKLH
;
A,I
2 'polypeptide(L)'
;ADEERAETARLTSFIGAIAIGDLVKSTLGPKGMDKILLSSGRDASLMVTNDGATILKNIGVDNPAAKVLVDMSRVQDDEV
GDGTTSVTVLAAELLREAESLIAKKIHPQTIIAGWREATKAAREALLSSAVDHGSDEVKFRQDLMNIAGTTLSSKLLTHH
KDHFTKLAVEAVLRLKGSGNLEAIHIIKKLGGSLADSYLDEGFLLDKKIGVNQPKRIENAKILIANTGMDTDKIKIFGSR
VRVDSTAKVAEIEHAEKEKMKEKVERILKHGINCFINRQLIYNYPEQLFGAAGVMAIEHADFAGVERLALVTGGEIASTF
DHPELVKLGSCKLIEEVMIGEDKLIHFSGVALGEACTIVLRGATQQILDEAERSLHDALCVLAQTVKDSRTVYGGGCSEM
LMAHAVTQLANRTPGKEAVAMESYAKALRMLPTIIADNAGYDSADLVAQLRAAHSEGNTTAGLDMREGTIGDMAILGITE
SFQVKRQVLLSAAEAAEVILRVDNIIKAA
;
B,J
3 'polypeptide(L)'
;NTKRESGRKVQSGNINAAKTIADIIRTCLGPKSMMKMLLDPMGGIVMTNDGNAILREIQVQHPAAKSMIEISRTQDEEVG
DGTTSVIILAGEMLSVAEHFLEQQMHPTVVISAYRKALDDMISTLKKISIPVDISDSDMMLNIINSSITTKAISRWSSLA
CNIALDAVKMVQFEENGRKEIDIKKYARVEKIPGGIIEDSCVLRGVMINKDVTHPRMRRYIKNPRIVLLDSSLEYKKGES
QTDIEITREEDFTRILQMEEEYIQQLCEDIIQLKPDVVITEKGISDLAQHYLMRANITAIRRVRKTDNNRIARACGARIV
SRPEELREDDVGTGAGLLEIKKIGDEYFTFITDCKDPKACTILLRGASKEILSEVERNLQDAMQVCRNVLLDPQLVPGGG
ASEMAVAHALTEKSKAMTGVEQWPYRAVAQALEVIPRTLIQNCGASTIRLLTSLRAKHTQENCETWGVNGETGTLVDMKE
LGIWEPLAVKLQTYKTAVETAVLLLRIDDIVSG
;
C,K
4 'polypeptide(L)'
;DRDKPAQIRFSNISAAKAVADAIRTSLGPKGMDKMIQDGKGDVTITNDGATILKQMQVLHPAARMLVELSKAQDIEAGDG
TTSVVIIAGSLLDSCTKLLQKGIHPTIISESFQKALEKGIEILTDMSRPVELSDRETLLNSATTSLNSKVVSQYSSLLSP
MSVNAVMKVIDPATATSVDLRDIKIVKKLGGTIDDCELVEGLVLTQKVSNSGITRVEKAKIGLIQFCLSAPKTDMDNQIV
VSDYAQMDRVLREERAYILNLVKQIKKTGCNVLLIQKSILRDALSDLALHFLNKMKIMVIKDIEREDIEFICKTIGTKPV
AHIDQFTADMLGSAELAEEVNLNGSGKLLKITGCASPGKTVTIVVRGSNKLVIEEAERSIHDALCVIRCLVKKRALIAGG
GAPEIELALRLTEYSRTLSGMESYCVRAFADAMEVIPSTLAENAGLNPISTVTELRNRHAQGEKTAGINVRKGGISNILE
ELVVQPLLVSVSALTLATETVRSILKIDDVVNTR
;
D,L
5 'polypeptide(L)'
;KSRLMGLEALKSHIMAAKAVANTMRTSLGPNGLDKMMVDKDGDVTVTNDGATILSMMDVDHQIAKLMVELSKSQDDEIGD
GTTGVVVLAGALLEEAEQLLDRGIHPIRIADGYEQAARVAIEHLDKISDSVLVDIKDTEPLIQTAKTTLGSKVVNSCHRQ
MAEIAVNAVLTVADMERRDVDFELIKVEGKVGGRLEDTKLIKGVIVDKDFSHPQMPKKVEDAKIAILTCPFEPPKPKTKH
KLDVTSVEDYKALQKYEKEKFEEMIQQIKETGANLAICQWGFDDEANHLLLQNNLPAVRWVGGPEIELIAIATGGRIVPR
FSELTAEKLGFAGLVQEISFGTTKDKMLVIEQCKNSRAVTIFIRGGNKMIIEEAKRSLHDALCVIRNLIRDNRVVYGGGA
AEISCALAVSQEADKCPTLEQYAMRAFADALEVIPMALSENSGMNPIQTMTEVRARQVKEMNPALGIDCLHKGTNDMKQQ
HVIETLIGKKQQISLATQMVRMILKIDDIRKPGESEE
;
E,M
6 'polypeptide(L)'
;AEVARAQAALAVNISAARGLQDVLRTNLGPKGTMKMLVSGAGDIKLTKDGNVLLHEMQIQHPTASLIAKVATAQDDITGD
GTTSNVLIIGELLKQADLYISEGLHPRIITEGFEAAKEKALQFLEEVKVSREMDRETLIDVARTSLRTKVHAELADVLTE
AVVDSILAIKKQDEPIDLFMIEIMEMKHKSETDTSLIRGLVLDHGARHPDMKKRVEDAYILTCNVSLEYEKTEVNSGFFY
KSAEEREKLVKAERKFIEDRVKKIIELKRKVCGDSDKGFVVINQKGIDPFSLDALSKEGIVALRRAKRRNMERLTLACGG
VALNSFDDLSPDCLGHAGLVYEYTLGEEKFTFIEKCNNPRSVTLLIKGPNKHTLTQIKDAVRDGLRAVKNAIDDGCVVPG
AGAVEVAMAEALIKHKPSVKGRAQLGVQAFADALLIIPKVLAQNSGFDLQETLVKIQAEHSESGQLVGVDLNTGEPMVAA
EVGVWDNYCVKKQLLHSCTVIATNILLVDEIMRAG
;
F,N
7 'polypeptide(L)'
;GTDSSQGIPQLVSNISACQVIAEAVRTTLGPRGMDKLIVDGRGKATISNDGATILKLLDVVHPAAKTLVDIAKSQDAEVG
DGTTSVTLLAAEFLKQVKPYVEEGLHPQIIIRAFRTATQLAVNKIKEIAVTVKKADKVEQRKLLEKCAMTALSSKLISQQ
KAFFAKMVVDAVMMLDDLLQLKMIGIKKVQGGALEDSQLVAGVAFKKTFSYAGFEMQPKKYHNPKIALLNVELELKAEKD
NAEIRVHTVEDYQAIVDAEWNILYDKLEKIHHSGAKVVLSKLPIGDVATQYFADRDMFCAGRVPEEDLKRTMMACGGSIQ
TSVNALSADVLGRCQVFEETQIGGERYNFFTGCPKAKTCTFILRGGAEQFMEETERSLHDAIMIVRRAIKNDSVVAGGGA
IEMELSKYLRDYSRTIPGKQQLLIGAYAKALEIIPRQLCDNAGFDATNILNKLRARHAQGGTWYGVDINNEDIADNFEAF
VWEPAMVRINALTAASEAACLIVSVDETIKNPRS
;
G,O
8 'polypeptide(L)'
;MLKEGAKHFSGLEEAVYRNIQACKELAQTTRTAYGPNGMNKMVINHLEKLFVTNDAATILRELEVQHPAAKMIVMASHMQ
EQEVGDGTNFVLVFAGALLELAEELLRIGLSVSEVIEGYEIACRKAHEILPNLVCCSAKNLRDIDEVSSLLRTSIMSKQY
GNEVFLAKLIAQACVSIFPDSGHFNVDNIRVCKILGSGISSSSVLHGMVFKKETEGDVTSVKDAKIAVYSCPFDGMITET
KGTVLIKTAEELMNFSKGEENLMDAQVKAIADTGANVVVTGGKVADMALHYANKYNIMLVRLNSKWDLRRLCKTVGATAL
PRLTPPVLEEMGHCDSVYLSEVGDTQVVVFKHEKEDGAISTIVLRGSTDNLMDDIERAVDDGVNTFKVLTRDKRLVPGGG
ATEIELAKQITSYGETCPGLEQYAIKKFAEAFEAIPRALAENSGVKANEVISKLYAVHQEGNKNVGLDIEAEVPAVKDML
EAGILDTYLGKYWAIKLATNAAVTVLRVDQIIMA
;
H,P
#
# COMPACT_ATOMS: atom_id res chain seq x y z
N THR A 13 12.19 -32.80 1.14
CA THR A 13 11.89 -34.25 1.49
C THR A 13 11.70 -35.16 0.32
N GLY A 14 11.73 -36.57 0.58
CA GLY A 14 11.63 -37.45 -0.48
C GLY A 14 12.87 -37.55 -1.28
N GLU A 15 12.78 -37.34 -2.64
CA GLU A 15 13.82 -37.31 -3.62
C GLU A 15 14.56 -36.06 -3.29
N THR A 16 13.88 -34.95 -2.99
CA THR A 16 14.52 -33.63 -2.85
C THR A 16 15.55 -33.53 -1.71
N ILE A 17 15.27 -34.12 -0.58
CA ILE A 17 16.16 -34.12 0.62
C ILE A 17 17.45 -34.93 0.31
N ARG A 18 17.24 -35.99 -0.43
CA ARG A 18 18.29 -36.91 -0.98
C ARG A 18 19.27 -36.20 -1.91
N SER A 19 18.72 -35.36 -2.83
CA SER A 19 19.49 -34.59 -3.67
C SER A 19 20.28 -33.51 -2.98
N GLN A 20 19.69 -32.90 -1.89
CA GLN A 20 20.41 -32.00 -1.10
C GLN A 20 21.61 -32.68 -0.41
N ASN A 21 21.47 -33.97 -0.01
CA ASN A 21 22.48 -34.83 0.59
C ASN A 21 23.61 -35.09 -0.36
N VAL A 22 23.33 -35.39 -1.73
CA VAL A 22 24.30 -35.64 -2.82
C VAL A 22 25.11 -34.43 -2.99
N MET A 23 24.45 -33.24 -3.04
CA MET A 23 25.09 -31.98 -3.15
C MET A 23 25.97 -31.56 -2.00
N ALA A 24 25.54 -31.85 -0.75
CA ALA A 24 26.30 -31.67 0.45
C ALA A 24 27.60 -32.44 0.50
N ALA A 25 27.58 -33.69 0.03
CA ALA A 25 28.74 -34.55 0.01
C ALA A 25 29.72 -34.08 -1.07
N ALA A 26 29.21 -33.52 -2.17
CA ALA A 26 29.98 -33.00 -3.23
C ALA A 26 30.81 -31.84 -2.79
N SER A 27 30.18 -30.89 -1.95
CA SER A 27 30.82 -29.70 -1.55
C SER A 27 32.06 -30.09 -0.70
N ILE A 28 31.90 -31.15 0.22
CA ILE A 28 32.91 -31.75 1.18
C ILE A 28 34.02 -32.35 0.38
N ALA A 29 33.64 -33.01 -0.75
CA ALA A 29 34.56 -33.76 -1.58
C ALA A 29 35.51 -32.81 -2.41
N ASN A 30 34.95 -31.63 -2.84
CA ASN A 30 35.66 -30.67 -3.61
C ASN A 30 36.79 -30.09 -2.85
N ILE A 31 36.57 -29.94 -1.49
CA ILE A 31 37.56 -29.46 -0.55
C ILE A 31 38.71 -30.38 -0.47
N VAL A 32 38.49 -31.71 -0.35
CA VAL A 32 39.63 -32.69 -0.20
C VAL A 32 40.19 -33.10 -1.50
N LYS A 33 39.50 -32.69 -2.54
CA LYS A 33 39.86 -32.93 -3.89
C LYS A 33 41.01 -32.00 -4.27
N SER A 34 40.90 -30.80 -3.70
CA SER A 34 41.86 -29.73 -3.90
C SER A 34 42.80 -29.66 -2.63
N SER A 35 43.00 -30.78 -1.93
CA SER A 35 43.83 -30.87 -0.74
C SER A 35 44.10 -32.26 -0.55
N LEU A 36 45.18 -32.72 -1.27
CA LEU A 36 45.52 -34.07 -1.20
C LEU A 36 47.05 -34.06 -1.29
N GLY A 37 47.73 -34.82 -0.40
CA GLY A 37 49.18 -34.86 -0.44
C GLY A 37 49.80 -33.61 0.11
N PRO A 38 51.12 -33.45 -0.08
CA PRO A 38 51.83 -32.25 0.40
C PRO A 38 51.78 -31.26 -0.73
N VAL A 39 51.00 -31.50 -1.78
CA VAL A 39 51.12 -30.73 -3.01
C VAL A 39 49.71 -30.22 -3.15
N GLY A 40 48.90 -30.40 -2.06
CA GLY A 40 47.55 -29.93 -2.06
C GLY A 40 47.60 -28.52 -1.82
N LEU A 41 46.37 -27.97 -1.62
CA LEU A 41 46.19 -26.58 -1.41
C LEU A 41 45.69 -26.50 0.05
N ASP A 42 46.30 -25.64 0.84
CA ASP A 42 45.84 -25.32 2.16
C ASP A 42 44.54 -24.62 2.24
N LYS A 43 43.72 -25.02 3.25
CA LYS A 43 42.42 -24.44 3.40
C LYS A 43 42.38 -23.75 4.68
N MET A 44 41.27 -22.95 4.86
CA MET A 44 40.97 -22.15 6.06
C MET A 44 39.81 -22.80 6.76
N LEU A 45 40.02 -23.30 7.99
CA LEU A 45 38.96 -23.87 8.74
C LEU A 45 38.82 -22.95 9.86
N VAL A 46 37.76 -22.05 9.71
CA VAL A 46 37.39 -21.03 10.71
C VAL A 46 36.65 -21.79 11.74
N ASP A 47 37.17 -21.81 12.98
CA ASP A 47 36.89 -22.76 13.97
C ASP A 47 35.87 -22.11 14.95
N ASP A 48 35.79 -20.77 14.94
CA ASP A 48 34.89 -19.95 15.70
C ASP A 48 34.60 -18.97 14.70
N ILE A 49 35.13 -17.76 14.83
CA ILE A 49 34.76 -16.64 14.01
C ILE A 49 35.76 -15.58 14.25
N GLY A 50 36.97 -16.02 14.56
CA GLY A 50 38.03 -15.17 15.03
C GLY A 50 39.25 -15.96 15.09
N ASP A 51 39.01 -17.27 15.30
CA ASP A 51 40.03 -18.34 15.34
C ASP A 51 39.99 -19.12 14.01
N VAL A 52 41.19 -19.48 13.45
CA VAL A 52 41.38 -20.18 12.19
C VAL A 52 42.59 -21.08 12.47
N THR A 53 42.63 -22.18 11.73
CA THR A 53 43.83 -23.00 11.52
C THR A 53 43.94 -23.19 10.00
N ILE A 54 45.22 -23.11 9.39
CA ILE A 54 45.46 -23.31 7.99
C ILE A 54 46.50 -24.44 7.85
N THR A 55 46.11 -25.51 7.18
CA THR A 55 47.05 -26.61 6.90
C THR A 55 46.44 -27.45 5.78
N ASN A 56 47.15 -28.48 5.29
CA ASN A 56 46.82 -29.32 4.11
C ASN A 56 46.99 -30.70 4.53
N ASP A 57 46.44 -31.61 3.66
CA ASP A 57 46.02 -33.01 3.92
C ASP A 57 44.55 -33.08 4.22
N GLY A 58 43.83 -33.82 3.39
CA GLY A 58 42.39 -33.83 3.35
C GLY A 58 41.56 -34.41 4.52
N ALA A 59 42.01 -35.54 5.12
CA ALA A 59 41.50 -36.09 6.26
C ALA A 59 41.62 -35.25 7.49
N THR A 60 42.81 -34.58 7.69
CA THR A 60 43.03 -33.81 8.88
C THR A 60 42.08 -32.59 9.00
N ILE A 61 41.85 -31.96 7.87
CA ILE A 61 41.08 -30.76 7.72
C ILE A 61 39.60 -30.90 7.94
N LEU A 62 39.04 -32.14 7.79
CA LEU A 62 37.57 -32.43 7.99
C LEU A 62 37.27 -32.45 9.48
N LYS A 63 38.19 -33.05 10.28
CA LYS A 63 38.12 -33.15 11.74
C LYS A 63 38.14 -31.80 12.34
N LEU A 64 39.05 -30.86 11.84
CA LEU A 64 39.18 -29.50 12.35
C LEU A 64 37.90 -28.72 12.06
N LEU A 65 37.37 -28.98 10.83
CA LEU A 65 36.17 -28.31 10.22
C LEU A 65 34.88 -28.74 10.89
N GLU A 66 33.94 -27.79 11.21
CA GLU A 66 32.56 -27.98 11.58
C GLU A 66 31.76 -28.63 10.44
N VAL A 67 31.36 -29.89 10.68
CA VAL A 67 30.55 -30.63 9.72
C VAL A 67 29.20 -30.58 10.32
N GLU A 68 28.21 -30.40 9.44
CA GLU A 68 26.85 -30.16 9.94
C GLU A 68 25.83 -30.90 9.06
N HIS A 69 26.04 -31.18 7.78
CA HIS A 69 25.10 -31.95 6.98
C HIS A 69 25.28 -33.41 7.39
N PRO A 70 24.22 -34.18 7.27
CA PRO A 70 24.35 -35.61 7.54
C PRO A 70 25.25 -36.33 6.57
N ALA A 71 25.25 -35.95 5.26
CA ALA A 71 26.09 -36.52 4.27
C ALA A 71 27.52 -36.18 4.56
N ALA A 72 27.75 -34.96 5.05
CA ALA A 72 29.06 -34.48 5.50
C ALA A 72 29.61 -35.16 6.78
N LYS A 73 28.78 -35.44 7.86
CA LYS A 73 29.15 -36.05 9.06
C LYS A 73 29.57 -37.48 8.94
N VAL A 74 28.87 -38.34 8.11
CA VAL A 74 29.23 -39.68 7.90
C VAL A 74 30.58 -39.73 7.16
N LEU A 75 30.93 -38.74 6.23
CA LEU A 75 32.07 -38.81 5.38
C LEU A 75 33.28 -38.40 6.17
N CYS A 76 33.08 -37.48 7.18
CA CYS A 76 34.15 -37.16 8.17
C CYS A 76 34.41 -38.42 9.04
N GLU A 77 33.40 -39.18 9.44
CA GLU A 77 33.60 -40.38 10.29
C GLU A 77 34.31 -41.53 9.55
N LEU A 78 34.00 -41.62 8.26
CA LEU A 78 34.57 -42.59 7.35
C LEU A 78 36.08 -42.45 7.18
N ALA A 79 36.47 -41.18 7.17
CA ALA A 79 37.86 -40.80 6.96
C ALA A 79 38.67 -41.17 8.18
N ASP A 80 38.07 -40.95 9.39
CA ASP A 80 38.58 -41.34 10.63
C ASP A 80 38.74 -42.88 10.87
N LEU A 81 37.75 -43.77 10.49
CA LEU A 81 37.78 -45.20 10.55
C LEU A 81 38.89 -45.76 9.75
N GLN A 82 39.19 -45.21 8.56
CA GLN A 82 40.17 -45.61 7.64
C GLN A 82 41.56 -45.36 8.12
N ASP A 83 41.74 -44.31 8.88
CA ASP A 83 42.99 -43.93 9.55
C ASP A 83 43.50 -44.89 10.58
N LYS A 84 42.64 -45.56 11.33
CA LYS A 84 43.03 -46.45 12.36
C LYS A 84 43.83 -47.60 11.75
N GLU A 85 43.32 -48.09 10.64
CA GLU A 85 43.86 -49.20 9.94
C GLU A 85 45.11 -48.84 9.25
N VAL A 86 45.13 -47.73 8.52
CA VAL A 86 46.23 -47.36 7.73
C VAL A 86 46.00 -45.90 7.55
N GLY A 87 47.07 -45.03 7.81
CA GLY A 87 47.01 -43.61 7.73
C GLY A 87 47.01 -43.04 6.35
N ASP A 88 47.17 -43.93 5.34
CA ASP A 88 46.99 -43.59 3.91
C ASP A 88 45.64 -44.04 3.46
N GLY A 89 45.06 -43.31 2.50
CA GLY A 89 43.80 -43.76 1.88
C GLY A 89 42.72 -42.83 2.35
N THR A 90 43.05 -41.93 3.38
CA THR A 90 42.15 -41.23 4.28
C THR A 90 41.57 -39.91 3.66
N THR A 91 42.44 -39.22 2.92
CA THR A 91 42.02 -38.06 2.12
C THR A 91 41.20 -38.62 1.03
N SER A 92 41.61 -39.77 0.39
CA SER A 92 41.05 -40.41 -0.82
C SER A 92 39.66 -41.05 -0.78
N VAL A 93 39.31 -41.71 0.32
CA VAL A 93 38.20 -42.56 0.37
C VAL A 93 36.84 -41.83 0.25
N VAL A 94 36.92 -40.65 0.85
CA VAL A 94 35.87 -39.62 0.90
C VAL A 94 35.49 -39.16 -0.45
N ILE A 95 36.53 -38.93 -1.26
CA ILE A 95 36.36 -38.34 -2.63
C ILE A 95 35.64 -39.38 -3.55
N ILE A 96 36.05 -40.68 -3.45
CA ILE A 96 35.47 -41.80 -4.20
C ILE A 96 34.04 -41.99 -3.83
N ALA A 97 33.79 -41.95 -2.55
CA ALA A 97 32.45 -42.05 -1.96
C ALA A 97 31.24 -41.17 -2.43
N ALA A 98 31.61 -39.90 -2.60
CA ALA A 98 30.84 -38.78 -3.03
C ALA A 98 30.49 -38.86 -4.50
N GLU A 99 31.57 -39.27 -5.27
CA GLU A 99 31.48 -39.45 -6.69
C GLU A 99 30.48 -40.53 -7.04
N LEU A 100 30.41 -41.57 -6.18
CA LEU A 100 29.40 -42.57 -6.42
C LEU A 100 28.02 -41.99 -6.42
N LEU A 101 27.76 -41.08 -5.43
CA LEU A 101 26.46 -40.42 -5.26
C LEU A 101 26.01 -39.62 -6.47
N LYS A 102 27.00 -38.84 -7.00
CA LYS A 102 26.77 -37.89 -8.03
C LYS A 102 26.45 -38.55 -9.29
N ASN A 103 27.13 -39.70 -9.58
CA ASN A 103 26.95 -40.48 -10.72
C ASN A 103 25.68 -41.25 -10.65
N ALA A 104 25.29 -41.74 -9.49
CA ALA A 104 24.11 -42.49 -9.28
C ALA A 104 22.87 -41.64 -9.44
N ASP A 105 22.96 -40.34 -9.10
CA ASP A 105 21.91 -39.34 -8.99
C ASP A 105 21.14 -38.98 -10.25
N GLU A 106 21.83 -38.92 -11.41
CA GLU A 106 21.19 -38.69 -12.66
C GLU A 106 20.37 -39.94 -13.08
N LEU A 107 20.75 -41.17 -12.70
CA LEU A 107 20.06 -42.45 -12.94
C LEU A 107 18.79 -42.47 -12.09
N VAL A 108 18.79 -41.86 -10.84
CA VAL A 108 17.54 -41.74 -10.11
C VAL A 108 16.54 -40.77 -10.71
N LYS A 109 17.03 -39.58 -11.31
CA LYS A 109 16.16 -38.66 -12.12
C LYS A 109 15.63 -39.38 -13.42
N GLN A 110 16.36 -40.35 -13.98
CA GLN A 110 15.94 -41.07 -15.09
C GLN A 110 14.84 -42.04 -14.80
N LYS A 111 15.06 -43.32 -14.38
CA LYS A 111 13.99 -44.30 -14.10
C LYS A 111 14.56 -45.46 -13.32
N ILE A 112 15.81 -45.41 -12.91
CA ILE A 112 16.56 -46.56 -12.50
C ILE A 112 16.58 -46.34 -10.99
N HIS A 113 16.22 -47.40 -10.26
CA HIS A 113 16.08 -47.41 -8.84
C HIS A 113 17.40 -47.11 -8.18
N PRO A 114 17.53 -46.40 -7.01
CA PRO A 114 18.83 -46.31 -6.31
C PRO A 114 19.38 -47.65 -5.96
N THR A 115 18.42 -48.59 -5.67
CA THR A 115 18.65 -49.99 -5.19
C THR A 115 19.30 -50.77 -6.22
N SER A 116 18.92 -50.56 -7.49
CA SER A 116 19.45 -51.31 -8.66
C SER A 116 20.93 -50.88 -8.94
N VAL A 117 21.24 -49.61 -8.74
CA VAL A 117 22.63 -49.17 -9.02
C VAL A 117 23.59 -49.52 -7.93
N ILE A 118 23.15 -49.43 -6.61
CA ILE A 118 23.88 -49.74 -5.45
C ILE A 118 24.37 -51.14 -5.23
N SER A 119 23.57 -52.25 -5.66
CA SER A 119 23.91 -53.66 -5.75
C SER A 119 25.01 -53.88 -6.74
N GLY A 120 24.97 -53.15 -7.94
CA GLY A 120 25.98 -53.23 -8.98
C GLY A 120 27.24 -52.47 -8.58
N TYR A 121 27.17 -51.53 -7.58
CA TYR A 121 28.34 -50.97 -6.93
C TYR A 121 28.99 -52.00 -6.01
N ARG A 122 28.35 -52.86 -5.30
CA ARG A 122 28.94 -53.96 -4.55
C ARG A 122 29.66 -54.94 -5.42
N LEU A 123 29.14 -55.34 -6.63
CA LEU A 123 29.56 -56.33 -7.58
C LEU A 123 30.82 -55.81 -8.21
N ALA A 124 30.83 -54.50 -8.48
CA ALA A 124 31.84 -53.76 -9.17
C ALA A 124 33.04 -53.69 -8.30
N CYS A 125 32.85 -53.44 -6.95
CA CYS A 125 33.84 -53.44 -5.91
C CYS A 125 34.49 -54.85 -5.82
N LYS A 126 33.71 -55.97 -6.02
CA LYS A 126 34.29 -57.31 -6.08
C LYS A 126 35.26 -57.68 -7.20
N GLU A 127 34.89 -57.19 -8.43
CA GLU A 127 35.72 -57.17 -9.62
C GLU A 127 37.03 -56.33 -9.44
N ALA A 128 36.83 -55.16 -8.82
CA ALA A 128 38.00 -54.30 -8.64
C ALA A 128 39.05 -54.86 -7.77
N VAL A 129 38.70 -55.60 -6.68
CA VAL A 129 39.70 -56.27 -5.86
C VAL A 129 40.31 -57.38 -6.59
N ARG A 130 39.60 -58.11 -7.45
CA ARG A 130 40.04 -59.20 -8.28
C ARG A 130 41.14 -58.75 -9.22
N TYR A 131 41.06 -57.51 -9.68
CA TYR A 131 42.07 -56.86 -10.51
C TYR A 131 43.35 -56.58 -9.68
N ILE A 132 43.18 -56.14 -8.44
CA ILE A 132 44.28 -55.74 -7.59
C ILE A 132 45.15 -56.93 -7.24
N ASN A 133 44.47 -58.07 -7.04
CA ASN A 133 45.08 -59.32 -6.77
C ASN A 133 45.91 -59.90 -7.87
N GLU A 134 45.39 -59.74 -9.15
CA GLU A 134 46.24 -60.19 -10.23
C GLU A 134 47.31 -59.28 -10.63
N ASN A 135 47.27 -57.98 -10.24
CA ASN A 135 48.20 -56.91 -10.47
C ASN A 135 48.94 -56.65 -9.18
N LEU A 136 50.24 -57.12 -9.14
CA LEU A 136 51.10 -56.91 -7.99
C LEU A 136 52.51 -56.97 -8.39
N ILE A 137 53.37 -56.14 -7.69
CA ILE A 137 54.90 -56.25 -7.77
C ILE A 137 55.22 -56.49 -6.32
N VAL A 138 56.10 -57.47 -6.08
CA VAL A 138 56.36 -58.00 -4.79
C VAL A 138 57.85 -58.01 -4.65
N ASN A 139 58.65 -57.50 -5.67
CA ASN A 139 60.04 -57.22 -5.49
C ASN A 139 60.12 -55.72 -5.62
N THR A 140 60.67 -55.08 -4.52
CA THR A 140 60.26 -53.68 -4.15
C THR A 140 61.21 -53.28 -3.07
N ASP A 141 62.42 -53.93 -3.03
CA ASP A 141 63.43 -53.80 -2.02
C ASP A 141 64.81 -53.57 -2.80
N GLU A 142 64.64 -53.11 -4.05
CA GLU A 142 65.67 -52.94 -5.07
C GLU A 142 65.24 -52.04 -6.13
N LEU A 143 64.06 -51.41 -5.98
CA LEU A 143 63.58 -50.31 -6.87
C LEU A 143 62.48 -49.61 -6.11
N GLY A 144 62.20 -50.05 -4.85
CA GLY A 144 61.35 -49.43 -3.86
C GLY A 144 59.88 -49.42 -4.26
N ARG A 145 59.08 -48.55 -3.57
CA ARG A 145 57.71 -48.20 -3.84
C ARG A 145 57.72 -46.73 -4.03
N ASP A 146 56.99 -46.19 -5.08
CA ASP A 146 56.93 -44.79 -5.52
C ASP A 146 58.31 -44.42 -6.02
N CYS A 147 58.80 -45.34 -6.85
CA CYS A 147 60.18 -45.56 -7.17
C CYS A 147 61.20 -45.61 -6.07
N LEU A 148 62.51 -45.74 -6.40
CA LEU A 148 63.57 -45.80 -5.40
C LEU A 148 63.83 -44.43 -5.00
N ILE A 149 64.34 -43.66 -6.06
CA ILE A 149 64.97 -42.35 -5.87
C ILE A 149 63.91 -41.29 -5.52
N ASN A 150 62.72 -41.51 -6.16
CA ASN A 150 61.56 -40.65 -6.20
C ASN A 150 60.92 -40.59 -4.78
N ALA A 151 61.09 -41.68 -3.98
CA ALA A 151 60.36 -41.74 -2.72
C ALA A 151 60.76 -40.65 -1.78
N ALA A 152 62.04 -40.53 -1.51
CA ALA A 152 62.63 -39.49 -0.71
C ALA A 152 62.59 -38.12 -1.36
N LYS A 153 62.75 -38.07 -2.71
CA LYS A 153 62.92 -36.86 -3.52
C LYS A 153 61.74 -35.94 -3.43
N THR A 154 60.47 -36.46 -3.36
CA THR A 154 59.31 -35.55 -3.47
C THR A 154 59.02 -34.54 -2.38
N SER A 155 59.41 -34.80 -1.13
CA SER A 155 59.00 -33.94 -0.05
C SER A 155 60.36 -33.33 0.34
N MET A 156 61.35 -33.32 -0.60
CA MET A 156 62.54 -32.54 -0.37
C MET A 156 62.20 -31.17 -0.90
N SER A 157 63.09 -30.21 -0.56
CA SER A 157 63.18 -28.98 -1.22
C SER A 157 63.68 -29.26 -2.65
N SER A 158 63.30 -28.41 -3.63
CA SER A 158 63.56 -28.47 -5.09
C SER A 158 64.61 -27.52 -5.38
N LYS A 159 65.40 -26.98 -4.46
CA LYS A 159 66.47 -26.01 -4.82
C LYS A 159 67.31 -25.71 -3.53
N ILE A 160 67.17 -26.48 -2.38
CA ILE A 160 68.14 -26.34 -1.27
C ILE A 160 68.65 -27.75 -1.09
N ILE A 161 67.83 -28.83 -1.18
CA ILE A 161 68.33 -30.20 -1.18
C ILE A 161 67.75 -30.82 -2.44
N GLY A 162 67.46 -30.00 -3.48
CA GLY A 162 67.04 -30.52 -4.75
C GLY A 162 68.18 -30.72 -5.78
N ILE A 163 69.43 -30.39 -5.41
CA ILE A 163 70.66 -30.59 -6.17
C ILE A 163 71.61 -31.56 -5.50
N ASN A 164 71.16 -32.09 -4.37
CA ASN A 164 71.76 -33.02 -3.55
C ASN A 164 70.71 -34.17 -3.59
N GLY A 165 69.64 -34.14 -4.38
CA GLY A 165 68.43 -34.85 -4.25
C GLY A 165 68.59 -36.26 -4.63
N ASP A 166 69.45 -36.51 -5.63
CA ASP A 166 69.75 -37.87 -5.98
C ASP A 166 70.60 -38.56 -4.95
N PHE A 167 71.63 -37.88 -4.40
CA PHE A 167 72.65 -38.46 -3.59
C PHE A 167 72.08 -38.88 -2.23
N PHE A 168 71.25 -38.02 -1.64
CA PHE A 168 70.62 -38.15 -0.38
C PHE A 168 69.43 -39.14 -0.46
N ALA A 169 68.76 -39.32 -1.67
CA ALA A 169 67.65 -40.22 -1.78
C ALA A 169 68.12 -41.60 -1.74
N ASN A 170 69.35 -41.83 -2.35
CA ASN A 170 69.94 -43.14 -2.40
C ASN A 170 70.34 -43.49 -1.03
N MET A 171 70.82 -42.46 -0.20
CA MET A 171 71.27 -42.85 1.09
C MET A 171 70.14 -43.39 1.98
N VAL A 172 69.10 -42.53 2.11
CA VAL A 172 68.02 -42.86 2.97
C VAL A 172 67.07 -43.94 2.45
N VAL A 173 66.62 -44.04 1.19
CA VAL A 173 65.69 -44.99 0.74
C VAL A 173 66.18 -46.36 0.80
N ASP A 174 67.42 -46.59 0.39
CA ASP A 174 68.02 -47.88 0.41
C ASP A 174 68.13 -48.44 1.81
N ALA A 175 68.45 -47.55 2.76
CA ALA A 175 68.58 -47.86 4.13
C ALA A 175 67.26 -48.23 4.84
N VAL A 176 66.10 -47.58 4.39
CA VAL A 176 64.82 -47.95 4.98
C VAL A 176 64.35 -49.34 4.59
N LEU A 177 64.54 -49.70 3.24
CA LEU A 177 64.13 -50.93 2.65
C LEU A 177 64.79 -52.14 3.22
N ALA A 178 66.15 -52.14 3.54
CA ALA A 178 66.83 -53.29 4.00
C ALA A 178 68.13 -53.01 4.72
N ILE A 179 68.02 -52.94 6.07
CA ILE A 179 69.23 -52.71 6.90
C ILE A 179 68.92 -53.51 8.16
N LYS A 180 69.99 -53.89 8.90
CA LYS A 180 69.75 -54.46 10.23
C LYS A 180 69.39 -53.35 11.26
N TYR A 181 68.43 -53.72 12.16
CA TYR A 181 67.84 -52.76 13.03
C TYR A 181 67.10 -53.56 14.18
N THR A 182 66.91 -53.02 15.42
CA THR A 182 66.13 -53.59 16.47
C THR A 182 64.65 -53.56 16.26
N ASP A 183 63.88 -54.36 16.97
CA ASP A 183 62.47 -54.13 17.05
C ASP A 183 62.08 -54.06 18.44
N ILE A 184 61.90 -55.20 19.21
CA ILE A 184 61.31 -55.16 20.50
C ILE A 184 61.87 -56.40 21.23
N ARG A 185 63.23 -56.44 21.18
CA ARG A 185 64.03 -57.25 22.03
C ARG A 185 63.98 -58.71 21.67
N GLY A 186 64.90 -59.00 20.80
CA GLY A 186 65.32 -60.33 20.30
C GLY A 186 64.55 -60.83 19.07
N GLN A 187 63.81 -59.85 18.47
CA GLN A 187 62.90 -60.06 17.38
C GLN A 187 63.55 -59.45 16.16
N PRO A 188 64.02 -60.17 15.15
CA PRO A 188 64.66 -59.56 14.05
C PRO A 188 63.64 -59.51 12.88
N ARG A 189 63.39 -58.29 12.38
CA ARG A 189 62.53 -57.95 11.29
C ARG A 189 63.08 -56.64 10.74
N TYR A 190 62.36 -56.18 9.70
CA TYR A 190 62.57 -54.82 9.09
C TYR A 190 62.07 -53.74 9.92
N PRO A 191 62.51 -52.41 9.83
CA PRO A 191 62.14 -51.46 10.88
C PRO A 191 60.81 -50.81 10.45
N VAL A 192 59.77 -51.15 11.24
CA VAL A 192 58.57 -50.49 11.11
C VAL A 192 58.31 -49.66 12.39
N ASN A 193 59.32 -49.48 13.24
CA ASN A 193 59.44 -48.57 14.34
C ASN A 193 60.56 -47.57 14.00
N SER A 194 60.90 -47.44 12.65
CA SER A 194 61.69 -46.45 12.00
C SER A 194 63.11 -46.72 12.24
N VAL A 195 63.93 -45.87 11.59
CA VAL A 195 65.35 -45.83 11.60
C VAL A 195 65.67 -44.57 12.33
N ASN A 196 66.68 -44.69 13.16
CA ASN A 196 67.33 -43.66 13.93
C ASN A 196 68.29 -42.86 12.91
N ILE A 197 67.87 -41.69 12.46
CA ILE A 197 68.62 -40.86 11.48
C ILE A 197 68.52 -39.59 12.18
N LEU A 198 69.67 -38.90 12.37
CA LEU A 198 69.66 -37.52 12.88
C LEU A 198 70.19 -36.63 11.73
N LYS A 199 69.85 -35.30 11.76
CA LYS A 199 70.34 -34.27 10.84
C LYS A 199 71.07 -33.28 11.72
N ALA A 200 72.37 -33.10 11.42
CA ALA A 200 73.36 -32.26 12.01
C ALA A 200 74.20 -31.72 10.81
N HIS A 201 74.49 -30.38 10.84
CA HIS A 201 75.26 -29.69 9.82
C HIS A 201 76.67 -30.01 9.98
N GLY A 202 77.47 -29.96 8.92
CA GLY A 202 78.88 -30.00 9.10
C GLY A 202 79.35 -30.58 7.81
N ARG A 203 80.61 -30.22 7.40
CA ARG A 203 81.24 -30.84 6.29
C ARG A 203 80.43 -30.75 5.02
N SER A 204 80.79 -31.71 4.16
CA SER A 204 80.05 -31.94 2.92
C SER A 204 78.82 -32.70 3.14
N GLN A 205 77.82 -32.46 2.25
CA GLN A 205 76.54 -33.06 2.19
C GLN A 205 76.56 -34.10 1.06
N MET A 206 77.73 -34.33 0.52
CA MET A 206 78.09 -35.32 -0.50
C MET A 206 79.06 -36.34 0.18
N GLU A 207 79.15 -36.29 1.54
CA GLU A 207 80.13 -37.14 2.21
C GLU A 207 79.43 -38.04 3.16
N SER A 208 78.08 -37.91 3.28
CA SER A 208 77.21 -38.67 4.10
C SER A 208 77.43 -40.17 4.02
N MET A 209 77.24 -40.90 5.14
CA MET A 209 77.59 -42.32 5.21
C MET A 209 76.75 -43.01 6.22
N LEU A 210 76.73 -44.37 6.19
CA LEU A 210 76.10 -45.20 7.17
C LEU A 210 77.17 -45.58 8.11
N ILE A 211 76.93 -45.53 9.47
CA ILE A 211 77.79 -46.10 10.60
C ILE A 211 76.93 -47.13 11.20
N SER A 212 77.62 -48.28 11.50
CA SER A 212 77.08 -49.39 12.19
C SER A 212 77.01 -49.06 13.64
N GLY A 213 75.79 -48.97 14.21
CA GLY A 213 75.52 -48.62 15.57
C GLY A 213 74.45 -47.58 15.58
N TYR A 214 74.44 -46.90 16.69
CA TYR A 214 73.49 -45.82 16.91
C TYR A 214 74.23 -44.50 16.63
N ALA A 215 73.45 -43.45 16.17
CA ALA A 215 73.86 -42.09 16.09
C ALA A 215 73.28 -41.36 17.27
N LEU A 216 74.09 -40.59 17.94
CA LEU A 216 73.89 -39.86 19.14
C LEU A 216 74.25 -38.45 18.85
N ASN A 217 73.44 -37.56 19.43
CA ASN A 217 73.74 -36.14 19.52
C ASN A 217 73.97 -36.00 20.97
N CYS A 218 75.16 -35.46 21.39
CA CYS A 218 75.49 -35.37 22.82
C CYS A 218 76.61 -34.36 22.90
N VAL A 219 76.85 -33.88 24.16
CA VAL A 219 77.94 -33.03 24.59
C VAL A 219 78.84 -33.89 25.41
N VAL A 220 80.12 -34.05 25.05
CA VAL A 220 81.20 -34.80 25.57
C VAL A 220 81.38 -34.43 27.06
N GLY A 221 82.03 -35.35 27.72
CA GLY A 221 82.44 -35.18 29.08
C GLY A 221 83.91 -35.33 29.24
N SER A 222 84.67 -35.23 28.15
CA SER A 222 86.09 -35.40 28.03
C SER A 222 86.82 -34.28 28.77
N GLN A 223 87.52 -34.74 29.79
CA GLN A 223 88.41 -33.88 30.60
C GLN A 223 89.42 -34.90 31.38
N GLY A 224 89.09 -36.18 31.26
CA GLY A 224 89.89 -37.26 31.78
C GLY A 224 89.27 -38.54 31.20
N MET A 225 88.01 -38.41 30.63
CA MET A 225 87.16 -39.45 30.16
C MET A 225 87.68 -40.41 29.08
N PRO A 226 87.72 -41.76 29.29
CA PRO A 226 88.18 -42.68 28.26
C PRO A 226 87.23 -42.62 27.14
N LYS A 227 87.77 -42.59 25.89
CA LYS A 227 87.03 -42.33 24.70
C LYS A 227 87.01 -43.59 23.81
N ARG A 228 87.56 -44.69 24.31
CA ARG A 228 87.47 -46.00 23.67
C ARG A 228 87.38 -47.00 24.89
N ILE A 229 86.40 -47.93 24.87
CA ILE A 229 86.30 -49.03 25.74
C ILE A 229 85.79 -50.16 24.80
N VAL A 230 86.51 -51.36 24.76
CA VAL A 230 85.96 -52.51 24.06
C VAL A 230 85.10 -53.29 25.04
N ASN A 231 83.85 -53.62 24.63
CA ASN A 231 82.83 -54.24 25.45
C ASN A 231 82.37 -53.41 26.64
N ALA A 232 81.08 -53.22 26.71
CA ALA A 232 80.57 -52.23 27.61
C ALA A 232 79.18 -52.56 27.98
N LYS A 233 78.77 -52.14 29.20
CA LYS A 233 77.42 -52.23 29.75
C LYS A 233 76.93 -50.84 29.88
N ILE A 234 75.65 -50.65 29.43
CA ILE A 234 75.07 -49.40 29.08
C ILE A 234 73.96 -49.01 30.05
N ALA A 235 74.16 -47.95 30.77
CA ALA A 235 73.09 -47.44 31.59
C ALA A 235 72.45 -46.29 30.87
N CYS A 236 71.27 -46.54 30.27
CA CYS A 236 70.46 -45.51 29.63
C CYS A 236 69.55 -45.03 30.68
N LEU A 237 69.69 -43.80 31.14
CA LEU A 237 68.95 -43.29 32.26
C LEU A 237 67.97 -42.24 31.74
N ASP A 238 66.65 -42.51 31.95
CA ASP A 238 65.65 -41.52 31.80
C ASP A 238 65.74 -40.61 33.01
N PHE A 239 66.50 -40.90 34.10
CA PHE A 239 66.54 -40.10 35.32
C PHE A 239 67.87 -39.38 35.16
N SER A 240 67.85 -38.05 35.37
CA SER A 240 68.98 -37.08 35.63
C SER A 240 69.68 -37.51 36.82
N LEU A 241 70.95 -37.95 36.72
CA LEU A 241 71.82 -38.41 37.76
C LEU A 241 71.82 -37.46 38.90
N GLN A 242 72.39 -36.29 38.65
CA GLN A 242 72.56 -35.20 39.65
C GLN A 242 73.37 -35.73 40.85
N LYS A 243 73.53 -34.98 41.94
CA LYS A 243 73.31 -35.39 43.32
C LYS A 243 72.46 -34.30 43.98
N THR A 244 71.95 -34.52 45.21
CA THR A 244 71.03 -33.61 45.81
C THR A 244 71.25 -33.88 47.31
N LYS A 245 70.81 -32.90 48.20
CA LYS A 245 70.81 -32.81 49.68
C LYS A 245 69.91 -33.86 50.22
N MET A 246 70.41 -34.57 51.28
CA MET A 246 69.78 -35.78 51.83
C MET A 246 70.21 -35.50 53.27
N LYS A 247 69.45 -35.96 54.29
CA LYS A 247 69.71 -35.70 55.68
C LYS A 247 70.92 -36.50 56.12
N LEU A 248 71.37 -36.22 57.32
CA LEU A 248 72.57 -36.69 58.02
C LEU A 248 72.70 -38.22 57.93
N GLY A 249 73.99 -38.75 57.95
CA GLY A 249 74.33 -40.16 57.96
C GLY A 249 74.64 -40.64 59.34
N VAL A 250 74.73 -39.71 60.33
CA VAL A 250 74.90 -39.98 61.70
C VAL A 250 74.19 -38.91 62.37
N GLN A 251 73.65 -39.19 63.55
CA GLN A 251 72.81 -38.23 64.37
C GLN A 251 71.59 -37.84 63.64
N VAL A 252 70.67 -37.15 64.32
CA VAL A 252 69.42 -36.67 63.81
C VAL A 252 69.15 -35.29 64.33
N VAL A 253 70.19 -34.74 64.95
CA VAL A 253 70.29 -33.37 65.30
C VAL A 253 71.68 -32.97 65.00
N ILE A 254 71.90 -31.65 64.99
CA ILE A 254 73.22 -31.06 65.03
C ILE A 254 73.19 -30.27 66.30
N THR A 255 74.39 -30.04 66.93
CA THR A 255 74.52 -29.26 68.14
C THR A 255 75.90 -28.88 68.30
N ASP A 256 76.82 -29.25 67.30
CA ASP A 256 78.23 -28.92 67.37
C ASP A 256 78.57 -28.41 65.97
N PRO A 257 79.61 -27.59 65.78
CA PRO A 257 80.01 -27.24 64.46
C PRO A 257 80.94 -28.26 63.85
N GLU A 258 81.58 -29.16 64.61
CA GLU A 258 82.54 -30.10 63.94
C GLU A 258 81.79 -31.25 63.13
N LYS A 259 80.60 -31.73 63.62
CA LYS A 259 79.78 -32.74 63.00
C LYS A 259 79.13 -32.19 61.67
N LEU A 260 78.86 -30.89 61.62
CA LEU A 260 78.21 -30.26 60.45
C LEU A 260 79.07 -30.41 59.19
N ASP A 261 80.40 -30.07 59.32
CA ASP A 261 81.40 -30.11 58.30
C ASP A 261 81.76 -31.56 57.84
N GLN A 262 81.87 -32.48 58.80
CA GLN A 262 82.37 -33.82 58.58
C GLN A 262 81.37 -34.53 57.74
N ILE A 263 80.06 -34.39 58.09
CA ILE A 263 78.93 -34.96 57.36
C ILE A 263 78.92 -34.41 55.93
N ARG A 264 79.18 -33.08 55.75
CA ARG A 264 79.20 -32.52 54.38
C ARG A 264 80.41 -33.04 53.58
N GLN A 265 81.62 -33.16 54.16
CA GLN A 265 82.78 -33.53 53.42
C GLN A 265 82.78 -35.03 53.07
N ARG A 266 82.00 -35.85 53.86
CA ARG A 266 81.66 -37.26 53.61
C ARG A 266 80.91 -37.41 52.32
N GLU A 267 80.09 -36.44 51.82
CA GLU A 267 79.38 -36.49 50.61
C GLU A 267 80.28 -36.67 49.35
N SER A 268 81.53 -36.13 49.32
CA SER A 268 82.33 -36.42 48.11
C SER A 268 83.00 -37.76 48.05
N ASP A 269 83.59 -38.16 49.24
CA ASP A 269 84.43 -39.33 49.47
C ASP A 269 83.58 -40.65 49.30
N ILE A 270 82.30 -40.69 49.71
CA ILE A 270 81.46 -41.92 49.60
C ILE A 270 81.08 -42.22 48.21
N THR A 271 80.90 -41.17 47.30
CA THR A 271 80.50 -41.23 45.91
C THR A 271 81.56 -41.95 45.15
N LYS A 272 82.89 -41.66 45.35
CA LYS A 272 83.99 -42.29 44.54
C LYS A 272 84.00 -43.79 44.66
N GLU A 273 83.83 -44.37 45.89
CA GLU A 273 83.70 -45.75 46.24
C GLU A 273 82.52 -46.44 45.51
N ARG A 274 81.35 -45.71 45.25
CA ARG A 274 80.16 -46.26 44.72
C ARG A 274 80.31 -46.53 43.21
N ILE A 275 81.20 -45.82 42.54
CA ILE A 275 81.38 -45.84 41.13
C ILE A 275 81.90 -47.19 40.68
N GLN A 276 82.80 -47.84 41.49
CA GLN A 276 83.51 -49.08 41.27
C GLN A 276 82.55 -50.30 41.42
N LYS A 277 81.65 -50.19 42.40
CA LYS A 277 80.62 -51.11 42.53
C LYS A 277 79.65 -51.10 41.35
N ILE A 278 79.34 -49.88 40.82
CA ILE A 278 78.51 -49.73 39.63
C ILE A 278 79.18 -50.41 38.42
N LEU A 279 80.57 -50.39 38.36
CA LEU A 279 81.29 -51.02 37.24
C LEU A 279 81.15 -52.51 37.28
N ALA A 280 81.29 -53.10 38.47
CA ALA A 280 81.28 -54.51 38.87
C ALA A 280 79.94 -55.01 38.68
N THR A 281 78.80 -54.22 38.80
CA THR A 281 77.46 -54.61 38.50
C THR A 281 77.21 -54.66 36.99
N GLY A 282 77.59 -53.56 36.31
CA GLY A 282 77.52 -53.60 34.85
C GLY A 282 77.41 -52.17 34.55
N ALA A 283 78.54 -51.54 34.21
CA ALA A 283 78.67 -50.24 33.66
C ALA A 283 80.03 -50.32 32.99
N ASN A 284 80.21 -49.71 31.82
CA ASN A 284 81.47 -49.12 31.35
C ASN A 284 81.08 -47.76 30.75
N VAL A 285 79.77 -47.52 30.47
CA VAL A 285 79.33 -46.39 29.67
C VAL A 285 78.08 -46.03 30.39
N ILE A 286 77.87 -44.77 30.66
CA ILE A 286 76.63 -44.11 31.20
C ILE A 286 76.22 -43.13 30.08
N LEU A 287 74.86 -43.21 29.77
CA LEU A 287 74.19 -42.31 28.82
C LEU A 287 73.06 -41.74 29.70
N THR A 288 73.05 -40.37 29.83
CA THR A 288 72.17 -39.73 30.83
C THR A 288 71.38 -38.76 29.94
N THR A 289 70.04 -38.75 30.00
CA THR A 289 69.19 -38.05 29.12
C THR A 289 69.20 -36.55 29.46
N GLY A 290 69.38 -36.25 30.74
CA GLY A 290 69.63 -34.91 31.23
C GLY A 290 71.09 -34.58 31.14
N GLY A 291 71.56 -33.56 31.89
CA GLY A 291 72.96 -33.21 31.92
C GLY A 291 73.51 -33.68 33.17
N ILE A 292 74.85 -33.68 33.21
CA ILE A 292 75.62 -34.04 34.36
C ILE A 292 76.51 -32.77 34.64
N ASP A 293 76.51 -32.29 35.92
CA ASP A 293 77.27 -31.19 36.50
C ASP A 293 78.76 -31.52 36.37
N ASP A 294 79.57 -30.48 36.52
CA ASP A 294 81.02 -30.74 36.66
C ASP A 294 81.40 -31.54 37.91
N MET A 295 80.69 -31.26 39.06
CA MET A 295 80.98 -31.89 40.34
C MET A 295 80.68 -33.37 40.25
N CYS A 296 79.62 -33.76 39.58
CA CYS A 296 79.22 -35.12 39.50
C CYS A 296 79.96 -35.82 38.39
N LEU A 297 80.39 -35.10 37.33
CA LEU A 297 81.03 -35.69 36.14
C LEU A 297 82.43 -36.25 36.49
N LYS A 298 83.20 -35.54 37.34
CA LYS A 298 84.56 -35.86 37.79
C LYS A 298 84.58 -37.24 38.41
N TYR A 299 83.60 -37.78 39.21
CA TYR A 299 83.66 -39.04 39.90
C TYR A 299 83.74 -40.25 39.00
N PHE A 300 82.91 -40.18 37.92
CA PHE A 300 82.86 -41.13 36.89
C PHE A 300 84.15 -41.20 36.09
N VAL A 301 84.79 -40.07 35.64
CA VAL A 301 85.93 -40.04 34.65
C VAL A 301 87.25 -40.66 35.23
N GLU A 302 87.51 -40.40 36.59
CA GLU A 302 88.65 -40.76 37.31
C GLU A 302 88.53 -42.25 37.52
N ALA A 303 87.30 -42.76 37.79
CA ALA A 303 87.10 -44.12 38.03
C ALA A 303 87.25 -45.00 36.81
N GLY A 304 87.02 -44.46 35.55
CA GLY A 304 87.30 -45.20 34.32
C GLY A 304 86.07 -45.58 33.54
N ALA A 305 84.95 -44.79 33.73
CA ALA A 305 83.65 -44.93 33.19
C ALA A 305 83.40 -43.76 32.20
N MET A 306 82.74 -44.09 31.04
CA MET A 306 82.49 -43.04 29.96
C MET A 306 81.25 -42.43 30.37
N ALA A 307 81.18 -41.19 30.97
CA ALA A 307 79.86 -40.66 31.37
C ALA A 307 79.59 -39.37 30.32
N VAL A 308 78.59 -39.54 29.45
CA VAL A 308 78.25 -38.55 28.53
C VAL A 308 76.98 -37.84 29.02
N ARG A 309 76.74 -36.55 28.63
CA ARG A 309 75.64 -35.77 29.16
C ARG A 309 74.96 -35.36 27.92
N ARG A 310 73.70 -34.83 28.07
CA ARG A 310 72.68 -34.25 27.10
C ARG A 310 72.40 -35.03 25.92
N VAL A 311 72.01 -36.28 26.13
CA VAL A 311 71.76 -37.26 25.15
C VAL A 311 70.28 -37.19 24.82
N LEU A 312 70.00 -37.22 23.50
CA LEU A 312 68.67 -36.80 23.08
C LEU A 312 67.83 -37.93 23.46
N LYS A 313 66.54 -37.73 23.83
CA LYS A 313 65.54 -38.65 24.32
C LYS A 313 65.27 -39.72 23.28
N ARG A 314 65.16 -39.36 22.01
CA ARG A 314 64.84 -40.19 20.86
C ARG A 314 65.92 -41.25 20.66
N ASP A 315 67.15 -40.85 20.61
CA ASP A 315 68.29 -41.73 20.70
C ASP A 315 68.34 -42.60 21.97
N LEU A 316 68.02 -42.07 23.16
CA LEU A 316 68.35 -42.83 24.33
C LEU A 316 67.53 -44.06 24.54
N LYS A 317 66.27 -43.98 24.08
CA LYS A 317 65.24 -45.01 24.15
C LYS A 317 65.42 -46.10 23.19
N ARG A 318 66.00 -45.66 22.04
CA ARG A 318 66.13 -46.54 20.89
C ARG A 318 67.46 -47.32 21.07
N ILE A 319 68.47 -46.75 21.74
CA ILE A 319 69.64 -47.50 22.11
C ILE A 319 69.18 -48.56 23.18
N ALA A 320 68.33 -48.14 24.15
CA ALA A 320 67.95 -48.91 25.31
C ALA A 320 67.33 -50.29 25.06
N LYS A 321 66.32 -50.26 24.17
CA LYS A 321 65.66 -51.40 23.62
C LYS A 321 66.44 -52.31 22.75
N ALA A 322 67.39 -51.77 21.92
CA ALA A 322 68.37 -52.58 21.20
C ALA A 322 69.39 -53.22 22.21
N SER A 323 69.83 -52.52 23.33
CA SER A 323 70.75 -53.02 24.34
C SER A 323 70.15 -54.04 25.22
N GLY A 324 68.79 -54.09 25.20
CA GLY A 324 67.97 -55.09 25.81
C GLY A 324 68.23 -55.36 27.23
N ALA A 325 67.96 -56.62 27.64
CA ALA A 325 68.00 -57.17 28.96
C ALA A 325 67.21 -56.33 29.97
N THR A 326 67.84 -55.86 31.04
CA THR A 326 67.16 -55.00 31.93
C THR A 326 67.79 -53.66 31.79
N ILE A 327 66.96 -52.61 31.78
CA ILE A 327 67.49 -51.28 31.48
C ILE A 327 66.62 -50.35 32.22
N LEU A 328 67.12 -49.06 32.45
CA LEU A 328 66.53 -48.12 33.37
C LEU A 328 65.83 -47.01 32.63
N SER A 329 65.42 -47.30 31.34
CA SER A 329 64.49 -46.56 30.51
C SER A 329 63.11 -47.23 30.55
N THR A 330 63.11 -48.48 31.11
CA THR A 330 61.88 -49.15 31.34
C THR A 330 61.36 -48.97 32.74
N LEU A 331 62.28 -48.50 33.58
CA LEU A 331 62.04 -48.11 34.97
C LEU A 331 62.65 -46.70 35.06
N ALA A 332 63.06 -46.25 36.28
CA ALA A 332 63.73 -44.96 36.53
C ALA A 332 64.24 -44.87 37.98
N ASN A 333 64.24 -46.01 38.74
CA ASN A 333 64.55 -46.05 40.17
C ASN A 333 66.04 -45.89 40.29
N LEU A 334 66.36 -44.76 40.91
CA LEU A 334 67.69 -44.16 41.14
C LEU A 334 67.53 -42.78 41.64
N GLU A 335 68.33 -42.37 42.67
CA GLU A 335 68.54 -41.02 43.16
C GLU A 335 70.01 -40.91 43.31
N GLY A 336 70.55 -39.76 42.69
CA GLY A 336 71.95 -39.39 42.76
C GLY A 336 72.80 -40.51 42.31
N GLU A 337 73.86 -40.60 43.08
CA GLU A 337 75.10 -41.28 42.70
C GLU A 337 75.13 -42.61 43.49
N GLU A 338 73.98 -43.20 43.85
CA GLU A 338 73.90 -44.43 44.61
C GLU A 338 74.20 -45.58 43.78
N THR A 339 74.64 -46.73 44.42
CA THR A 339 75.10 -47.92 43.72
C THR A 339 74.06 -48.53 42.90
N PHE A 340 74.46 -49.28 41.84
CA PHE A 340 73.48 -49.70 40.85
C PHE A 340 72.86 -51.02 41.30
N GLU A 341 71.59 -51.13 41.07
CA GLU A 341 70.78 -52.18 41.60
C GLU A 341 70.36 -53.12 40.54
N ALA A 342 71.16 -53.17 39.46
CA ALA A 342 71.20 -54.25 38.48
C ALA A 342 70.04 -54.20 37.50
N ALA A 343 69.49 -53.01 37.35
CA ALA A 343 68.32 -52.72 36.55
C ALA A 343 68.75 -51.86 35.34
N MET A 344 70.09 -51.73 35.11
CA MET A 344 70.75 -50.82 34.23
C MET A 344 71.75 -51.65 33.37
N LEU A 345 71.57 -52.97 33.26
CA LEU A 345 72.42 -53.80 32.44
C LEU A 345 71.97 -53.90 31.05
N GLY A 346 72.23 -52.83 30.33
CA GLY A 346 72.06 -52.72 28.90
C GLY A 346 73.34 -53.26 28.34
N GLN A 347 73.25 -54.05 27.21
CA GLN A 347 74.41 -54.78 26.65
C GLN A 347 74.90 -54.10 25.43
N ALA A 348 76.25 -53.99 25.32
CA ALA A 348 76.75 -53.47 23.98
C ALA A 348 78.03 -54.19 23.52
N GLU A 349 78.33 -54.10 22.20
CA GLU A 349 79.48 -54.90 21.56
C GLU A 349 80.79 -54.14 21.57
N GLU A 350 80.89 -52.84 21.13
CA GLU A 350 82.04 -51.99 21.25
C GLU A 350 81.60 -50.54 21.03
N VAL A 351 82.35 -49.63 21.69
CA VAL A 351 82.01 -48.21 21.83
C VAL A 351 83.29 -47.43 21.36
N VAL A 352 83.16 -46.70 20.19
CA VAL A 352 84.27 -45.92 19.58
C VAL A 352 83.74 -44.50 19.62
N GLN A 353 84.57 -43.57 20.21
CA GLN A 353 84.30 -42.20 19.99
C GLN A 353 85.05 -41.77 18.79
N GLU A 354 84.39 -41.21 17.75
CA GLU A 354 84.89 -40.88 16.41
C GLU A 354 84.52 -39.45 16.23
N ARG A 355 85.38 -38.72 15.51
CA ARG A 355 85.22 -37.30 15.15
C ARG A 355 84.42 -37.31 13.82
N ILE A 356 83.10 -36.90 13.79
CA ILE A 356 82.36 -36.89 12.58
C ILE A 356 81.41 -35.72 12.72
N CYS A 357 81.47 -34.86 11.66
CA CYS A 357 80.59 -33.74 11.38
C CYS A 357 81.20 -32.49 12.07
N ASP A 358 82.50 -32.53 12.28
CA ASP A 358 83.29 -31.54 12.95
C ASP A 358 82.81 -31.36 14.40
N ASP A 359 82.42 -32.44 15.10
CA ASP A 359 82.03 -32.47 16.52
C ASP A 359 82.45 -33.87 16.84
N GLU A 360 82.83 -34.15 18.12
CA GLU A 360 83.16 -35.48 18.55
C GLU A 360 81.86 -35.91 19.13
N LEU A 361 81.50 -37.12 18.83
CA LEU A 361 80.26 -37.69 19.22
C LEU A 361 80.66 -39.11 19.41
N ILE A 362 79.92 -39.76 20.29
CA ILE A 362 80.06 -41.21 20.67
C ILE A 362 79.18 -41.94 19.72
N LEU A 363 79.74 -43.04 19.20
CA LEU A 363 78.99 -43.99 18.40
C LEU A 363 78.98 -45.22 19.21
N ILE A 364 77.84 -45.68 19.75
CA ILE A 364 77.70 -46.99 20.39
C ILE A 364 77.55 -47.94 19.22
N LYS A 365 78.66 -48.68 18.87
CA LYS A 365 78.59 -49.50 17.74
C LYS A 365 77.98 -50.83 18.09
N ASN A 366 76.83 -51.16 17.51
CA ASN A 366 76.07 -52.40 17.58
C ASN A 366 75.51 -52.49 18.98
N THR A 367 74.69 -53.58 19.30
CA THR A 367 74.52 -54.00 20.64
C THR A 367 74.53 -55.56 20.52
N LYS A 368 74.77 -56.20 21.63
CA LYS A 368 74.82 -57.63 21.68
C LYS A 368 73.44 -58.31 21.63
N ALA A 369 72.38 -57.58 22.02
CA ALA A 369 71.04 -58.11 21.93
C ALA A 369 70.40 -57.98 20.56
N ARG A 370 70.61 -56.82 19.85
CA ARG A 370 69.90 -56.71 18.59
C ARG A 370 70.64 -55.63 17.84
N THR A 371 71.44 -55.99 16.79
CA THR A 371 72.33 -55.12 16.04
C THR A 371 71.55 -53.99 15.38
N SER A 372 72.21 -52.84 15.18
CA SER A 372 71.54 -51.69 14.58
C SER A 372 72.49 -51.09 13.52
N ALA A 373 71.98 -50.07 12.81
CA ALA A 373 72.74 -49.32 11.81
C ALA A 373 72.01 -47.94 11.85
N SER A 374 72.79 -46.83 11.66
CA SER A 374 72.28 -45.44 11.64
C SER A 374 73.08 -44.62 10.64
N ILE A 375 72.45 -43.54 10.23
CA ILE A 375 72.94 -42.65 9.22
C ILE A 375 73.07 -41.43 10.09
N ILE A 376 74.29 -40.76 10.00
CA ILE A 376 74.43 -39.46 10.51
C ILE A 376 74.52 -38.60 9.31
N LEU A 377 73.51 -37.68 9.06
CA LEU A 377 73.49 -36.90 7.88
C LEU A 377 74.38 -35.71 8.12
N ARG A 378 75.00 -35.24 7.07
CA ARG A 378 75.77 -34.06 7.05
C ARG A 378 75.18 -33.06 6.08
N GLY A 379 75.00 -31.75 6.59
CA GLY A 379 74.47 -30.64 5.74
C GLY A 379 75.67 -29.73 5.47
N ALA A 380 75.59 -28.39 5.39
CA ALA A 380 76.64 -27.39 5.50
C ALA A 380 76.07 -26.25 6.32
N ASN A 381 74.72 -26.12 6.29
CA ASN A 381 74.06 -24.99 6.78
C ASN A 381 73.00 -25.78 7.63
N ASP A 382 72.38 -25.11 8.67
CA ASP A 382 71.26 -25.64 9.38
C ASP A 382 70.03 -25.79 8.58
N PHE A 383 69.96 -24.94 7.52
CA PHE A 383 68.88 -24.85 6.61
C PHE A 383 68.70 -26.19 5.86
N MET A 384 69.78 -26.84 5.41
CA MET A 384 69.84 -28.13 4.70
C MET A 384 69.28 -29.30 5.48
N CYS A 385 69.64 -29.27 6.79
CA CYS A 385 69.27 -30.24 7.79
C CYS A 385 67.78 -30.18 8.07
N ASP A 386 67.24 -28.98 8.18
CA ASP A 386 65.83 -28.84 8.32
C ASP A 386 64.96 -29.47 7.27
N GLU A 387 65.42 -29.31 5.96
CA GLU A 387 64.86 -29.79 4.76
C GLU A 387 64.89 -31.29 4.76
N MET A 388 65.94 -31.98 5.23
CA MET A 388 66.10 -33.44 5.22
C MET A 388 65.22 -34.05 6.29
N GLU A 389 64.68 -33.15 7.28
CA GLU A 389 63.70 -33.61 8.23
C GLU A 389 62.47 -33.97 7.51
N ARG A 390 62.12 -33.20 6.46
CA ARG A 390 60.97 -33.49 5.64
C ARG A 390 61.15 -34.64 4.63
N SER A 391 62.37 -34.76 4.03
CA SER A 391 62.73 -35.84 3.12
C SER A 391 62.57 -37.21 3.81
N LEU A 392 63.05 -37.16 5.07
CA LEU A 392 63.18 -38.34 5.83
C LEU A 392 61.83 -38.87 6.20
N HIS A 393 60.85 -38.02 6.57
CA HIS A 393 59.46 -38.30 6.84
C HIS A 393 58.77 -38.93 5.70
N ASP A 394 58.97 -38.45 4.45
CA ASP A 394 58.42 -39.12 3.32
C ASP A 394 59.00 -40.44 3.06
N ALA A 395 60.35 -40.70 3.14
CA ALA A 395 60.96 -41.94 2.85
C ALA A 395 60.47 -42.98 3.80
N LEU A 396 60.35 -42.61 5.13
CA LEU A 396 60.00 -43.56 6.19
C LEU A 396 58.61 -44.03 6.09
N CYS A 397 57.65 -43.14 5.87
CA CYS A 397 56.29 -43.47 5.62
C CYS A 397 55.94 -44.28 4.46
N VAL A 398 56.67 -44.01 3.28
CA VAL A 398 56.52 -44.79 2.02
C VAL A 398 56.95 -46.21 2.11
N VAL A 399 58.23 -46.35 2.69
CA VAL A 399 58.81 -47.63 2.87
C VAL A 399 58.08 -48.45 3.92
N LYS A 400 57.50 -47.88 5.00
CA LYS A 400 56.86 -48.56 6.14
C LYS A 400 55.72 -49.62 5.74
N ARG A 401 54.97 -49.11 4.76
CA ARG A 401 53.95 -49.92 4.08
C ARG A 401 54.52 -51.08 3.21
N VAL A 402 55.70 -50.89 2.61
CA VAL A 402 56.38 -51.91 1.77
C VAL A 402 56.76 -53.07 2.71
N LEU A 403 57.23 -52.78 3.92
CA LEU A 403 57.84 -53.72 4.85
C LEU A 403 56.85 -54.60 5.39
N GLU A 404 55.60 -54.15 5.76
CA GLU A 404 54.53 -54.97 6.23
C GLU A 404 53.93 -55.85 5.26
N SER A 405 53.67 -55.35 4.03
CA SER A 405 52.99 -56.13 3.03
C SER A 405 53.83 -55.84 1.82
N LYS A 406 54.58 -56.89 1.43
CA LYS A 406 55.55 -57.01 0.33
C LYS A 406 54.76 -56.95 -0.95
N SER A 407 53.58 -57.53 -0.98
CA SER A 407 52.56 -57.27 -2.09
C SER A 407 52.22 -55.81 -2.13
N VAL A 408 52.57 -55.15 -3.26
CA VAL A 408 52.25 -53.74 -3.47
C VAL A 408 51.79 -53.67 -4.85
N VAL A 409 51.23 -52.50 -5.32
CA VAL A 409 50.52 -52.36 -6.60
C VAL A 409 51.12 -51.30 -7.40
N PRO A 410 51.64 -51.56 -8.60
CA PRO A 410 52.24 -50.47 -9.42
C PRO A 410 51.03 -49.71 -10.02
N GLY A 411 51.09 -48.40 -10.02
CA GLY A 411 50.14 -47.43 -10.49
C GLY A 411 49.35 -46.87 -9.32
N GLY A 412 48.91 -45.54 -9.51
CA GLY A 412 48.23 -44.82 -8.50
C GLY A 412 46.93 -44.36 -9.15
N GLY A 413 47.07 -43.68 -10.29
CA GLY A 413 46.00 -43.05 -11.10
C GLY A 413 45.91 -43.83 -12.46
N ALA A 414 47.00 -44.58 -12.71
CA ALA A 414 47.14 -45.55 -13.74
C ALA A 414 46.36 -46.80 -13.47
N VAL A 415 46.18 -47.22 -12.16
CA VAL A 415 45.39 -48.36 -11.89
C VAL A 415 43.96 -48.12 -12.04
N GLU A 416 43.52 -46.90 -11.56
CA GLU A 416 42.19 -46.49 -11.54
C GLU A 416 41.71 -46.40 -12.93
N ALA A 417 42.49 -45.82 -13.86
CA ALA A 417 42.09 -45.63 -15.30
C ALA A 417 42.11 -46.97 -16.04
N ALA A 418 43.00 -47.98 -15.68
CA ALA A 418 43.05 -49.30 -16.27
C ALA A 418 41.85 -50.04 -15.90
N LEU A 419 41.53 -49.89 -14.59
CA LEU A 419 40.36 -50.38 -13.99
C LEU A 419 39.05 -49.85 -14.56
N SER A 420 39.04 -48.58 -15.03
CA SER A 420 37.82 -48.06 -15.61
C SER A 420 37.34 -48.82 -16.82
N ILE A 421 38.20 -49.22 -17.77
CA ILE A 421 37.86 -50.06 -18.89
C ILE A 421 37.67 -51.48 -18.56
N TYR A 422 38.41 -52.04 -17.51
CA TYR A 422 38.22 -53.40 -17.10
C TYR A 422 36.87 -53.57 -16.64
N LEU A 423 36.30 -52.51 -15.90
CA LEU A 423 34.92 -52.68 -15.27
C LEU A 423 33.91 -52.62 -16.35
N GLU A 424 34.15 -51.78 -17.32
CA GLU A 424 33.25 -51.65 -18.43
C GLU A 424 33.25 -52.87 -19.39
N ASN A 425 34.39 -53.56 -19.45
CA ASN A 425 34.56 -54.82 -20.25
C ASN A 425 33.73 -55.88 -19.63
N TYR A 426 33.72 -55.99 -18.27
CA TYR A 426 32.86 -56.76 -17.39
C TYR A 426 31.43 -56.37 -17.51
N ALA A 427 31.18 -55.05 -17.72
CA ALA A 427 29.85 -54.51 -17.84
C ALA A 427 29.13 -54.90 -19.11
N THR A 428 29.88 -54.89 -20.27
CA THR A 428 29.40 -55.36 -21.55
C THR A 428 29.00 -56.82 -21.54
N SER A 429 29.82 -57.62 -20.84
CA SER A 429 29.50 -59.05 -20.77
C SER A 429 28.29 -59.40 -19.92
N MET A 430 28.06 -58.70 -18.81
CA MET A 430 26.97 -58.88 -17.89
C MET A 430 25.63 -58.60 -18.46
N GLY A 431 25.56 -57.56 -19.30
CA GLY A 431 24.29 -57.04 -19.89
C GLY A 431 23.30 -56.66 -18.80
N SER A 432 22.03 -56.49 -19.23
CA SER A 432 20.87 -56.11 -18.45
C SER A 432 21.04 -54.83 -17.78
N ARG A 433 20.22 -54.55 -16.72
CA ARG A 433 20.09 -53.37 -15.92
C ARG A 433 21.43 -53.03 -15.24
N GLU A 434 22.11 -54.08 -14.84
CA GLU A 434 23.42 -54.04 -14.22
C GLU A 434 24.60 -53.51 -14.98
N GLN A 435 24.56 -53.50 -16.36
CA GLN A 435 25.60 -53.01 -17.23
C GLN A 435 25.83 -51.47 -16.98
N LEU A 436 24.75 -50.66 -16.88
CA LEU A 436 24.80 -49.27 -16.56
C LEU A 436 25.26 -48.88 -15.15
N ALA A 437 24.91 -49.78 -14.15
CA ALA A 437 25.36 -49.57 -12.84
C ALA A 437 26.85 -49.71 -12.70
N ILE A 438 27.43 -50.77 -13.28
CA ILE A 438 28.83 -51.00 -13.29
C ILE A 438 29.54 -49.82 -14.01
N ALA A 439 28.94 -49.38 -15.09
CA ALA A 439 29.55 -48.29 -15.86
C ALA A 439 29.78 -47.06 -15.07
N GLU A 440 28.78 -46.73 -14.22
CA GLU A 440 28.90 -45.55 -13.41
C GLU A 440 29.90 -45.63 -12.25
N PHE A 441 30.12 -46.90 -11.81
CA PHE A 441 31.18 -47.16 -10.82
C PHE A 441 32.52 -46.80 -11.43
N ALA A 442 32.61 -47.26 -12.67
CA ALA A 442 33.79 -46.98 -13.51
C ALA A 442 34.15 -45.54 -13.79
N ARG A 443 33.13 -44.65 -13.95
CA ARG A 443 33.30 -43.21 -14.10
C ARG A 443 33.86 -42.63 -12.86
N SER A 444 33.57 -43.19 -11.63
CA SER A 444 33.98 -42.59 -10.36
C SER A 444 35.40 -42.91 -10.03
N LEU A 445 36.06 -43.91 -10.75
CA LEU A 445 37.42 -44.36 -10.53
C LEU A 445 38.26 -43.26 -11.08
N LEU A 446 37.72 -42.58 -12.15
CA LEU A 446 38.29 -41.50 -12.92
C LEU A 446 38.49 -40.17 -12.15
N VAL A 447 37.87 -39.92 -10.98
CA VAL A 447 38.10 -38.82 -10.11
C VAL A 447 39.48 -38.77 -9.60
N ILE A 448 40.07 -40.00 -9.42
CA ILE A 448 41.50 -40.16 -8.95
C ILE A 448 42.46 -39.50 -9.83
N PRO A 449 42.43 -39.66 -11.11
CA PRO A 449 43.31 -38.89 -12.03
C PRO A 449 42.95 -37.51 -12.11
N ASN A 450 41.70 -37.03 -11.86
CA ASN A 450 41.37 -35.65 -11.81
C ASN A 450 41.98 -34.94 -10.63
N THR A 451 41.94 -35.63 -9.44
CA THR A 451 42.31 -34.96 -8.14
C THR A 451 43.77 -34.61 -8.16
N LEU A 452 44.57 -35.43 -8.78
CA LEU A 452 46.06 -35.24 -8.87
C LEU A 452 46.41 -34.19 -9.89
N ALA A 453 45.54 -34.08 -10.91
CA ALA A 453 45.71 -33.02 -11.92
C ALA A 453 45.57 -31.74 -11.34
N VAL A 454 44.67 -31.63 -10.35
CA VAL A 454 44.25 -30.43 -9.61
C VAL A 454 45.41 -29.88 -8.78
N ASN A 455 46.16 -30.82 -8.15
CA ASN A 455 47.15 -30.49 -7.18
C ASN A 455 48.42 -30.08 -7.84
N ALA A 456 48.59 -30.61 -9.05
CA ALA A 456 49.68 -30.42 -9.99
C ALA A 456 49.46 -29.16 -10.74
N ALA A 457 48.23 -28.65 -10.86
CA ALA A 457 47.84 -27.52 -11.70
C ALA A 457 47.93 -27.84 -13.28
N GLN A 458 47.53 -29.06 -13.70
CA GLN A 458 47.50 -29.72 -14.98
C GLN A 458 46.05 -29.69 -15.47
N ASP A 459 45.87 -29.91 -16.72
CA ASP A 459 44.46 -30.12 -17.21
C ASP A 459 44.01 -31.45 -16.70
N SER A 460 42.69 -31.60 -16.31
CA SER A 460 42.15 -32.82 -15.73
C SER A 460 41.74 -33.74 -16.85
N THR A 461 40.85 -33.21 -17.77
CA THR A 461 40.24 -34.02 -18.85
C THR A 461 41.20 -34.55 -19.85
N ASP A 462 42.21 -33.65 -20.20
CA ASP A 462 43.34 -34.01 -21.02
C ASP A 462 44.09 -35.18 -20.38
N LEU A 463 44.40 -35.05 -19.06
CA LEU A 463 45.21 -35.95 -18.33
C LEU A 463 44.69 -37.38 -18.26
N VAL A 464 43.38 -37.65 -17.99
CA VAL A 464 42.86 -38.99 -17.97
C VAL A 464 42.81 -39.66 -19.31
N ALA A 465 42.41 -38.90 -20.39
CA ALA A 465 42.31 -39.29 -21.81
C ALA A 465 43.48 -39.97 -22.35
N LYS A 466 44.63 -39.30 -22.17
CA LYS A 466 45.89 -39.77 -22.65
C LYS A 466 46.42 -41.03 -22.00
N LEU A 467 46.11 -41.25 -20.65
CA LEU A 467 46.41 -42.49 -19.91
C LEU A 467 45.66 -43.65 -20.44
N ARG A 468 44.37 -43.51 -20.86
CA ARG A 468 43.57 -44.60 -21.42
C ARG A 468 43.87 -44.92 -22.83
N ALA A 469 44.62 -43.94 -23.48
CA ALA A 469 45.06 -44.04 -24.85
C ALA A 469 46.14 -45.12 -24.99
N PHE A 470 47.04 -45.29 -23.97
CA PHE A 470 48.08 -46.27 -23.94
C PHE A 470 47.33 -47.49 -23.48
N HIS A 471 47.06 -48.49 -24.35
CA HIS A 471 46.39 -49.70 -23.93
C HIS A 471 46.65 -50.85 -24.88
N ASN A 472 46.72 -52.08 -24.35
CA ASN A 472 46.68 -53.29 -25.12
C ASN A 472 45.56 -54.14 -24.48
N GLU A 473 45.89 -54.85 -23.42
CA GLU A 473 44.91 -55.53 -22.53
C GLU A 473 44.98 -54.68 -21.26
N ALA A 474 43.97 -54.94 -20.37
CA ALA A 474 43.99 -54.41 -19.01
C ALA A 474 44.88 -55.25 -18.18
N GLN A 475 45.87 -54.52 -17.63
CA GLN A 475 47.00 -54.92 -16.84
C GLN A 475 47.94 -53.82 -16.83
N VAL A 476 48.49 -53.48 -15.62
CA VAL A 476 49.38 -52.37 -15.43
C VAL A 476 50.77 -52.96 -15.19
N ASN A 477 51.85 -52.42 -15.76
CA ASN A 477 53.14 -53.02 -15.61
C ASN A 477 54.12 -51.99 -16.07
N PRO A 478 55.44 -52.13 -15.80
CA PRO A 478 56.50 -51.10 -16.12
C PRO A 478 56.99 -51.57 -17.46
N GLU A 479 56.44 -52.57 -18.19
CA GLU A 479 57.00 -53.24 -19.35
C GLU A 479 56.81 -52.33 -20.52
N ARG A 480 55.62 -51.68 -20.47
CA ARG A 480 55.28 -50.71 -21.46
C ARG A 480 54.75 -49.52 -20.66
N LYS A 481 54.76 -48.29 -21.28
CA LYS A 481 54.15 -47.12 -20.76
C LYS A 481 53.51 -46.27 -21.82
N ASN A 482 53.87 -46.53 -23.12
CA ASN A 482 53.45 -45.91 -24.35
C ASN A 482 52.60 -46.88 -25.12
N LEU A 483 52.23 -48.01 -24.50
CA LEU A 483 51.28 -48.86 -25.03
C LEU A 483 50.52 -49.54 -23.95
N LYS A 484 50.89 -49.31 -22.64
CA LYS A 484 50.06 -49.75 -21.50
C LYS A 484 50.21 -48.72 -20.41
N TRP A 485 49.16 -48.61 -19.57
CA TRP A 485 49.13 -47.81 -18.33
C TRP A 485 50.23 -48.23 -17.36
N ILE A 486 50.71 -47.24 -16.56
CA ILE A 486 51.66 -47.40 -15.48
C ILE A 486 52.08 -46.01 -15.00
N GLY A 487 51.77 -45.70 -13.67
CA GLY A 487 52.33 -44.56 -12.96
C GLY A 487 51.73 -43.28 -13.46
N LEU A 488 52.17 -42.19 -12.79
CA LEU A 488 51.82 -40.85 -13.06
C LEU A 488 53.03 -40.02 -12.58
N ASP A 489 52.79 -38.80 -12.18
CA ASP A 489 53.67 -38.00 -11.45
C ASP A 489 52.69 -37.08 -10.73
N LEU A 490 53.15 -36.31 -9.68
CA LEU A 490 52.34 -35.48 -8.83
C LEU A 490 52.44 -34.09 -9.40
N SER A 491 53.24 -33.92 -10.48
CA SER A 491 53.54 -32.62 -11.18
C SER A 491 53.43 -32.81 -12.69
N ASN A 492 52.90 -33.94 -13.20
CA ASN A 492 52.75 -34.09 -14.61
C ASN A 492 51.81 -35.24 -14.76
N GLY A 493 51.17 -35.38 -15.93
CA GLY A 493 50.31 -36.44 -16.30
C GLY A 493 51.02 -37.49 -17.11
N LYS A 494 52.33 -37.47 -17.22
CA LYS A 494 53.01 -38.40 -18.07
C LYS A 494 53.08 -39.75 -17.41
N PRO A 495 53.03 -40.88 -18.08
CA PRO A 495 53.20 -42.20 -17.51
C PRO A 495 54.66 -42.41 -17.27
N ARG A 496 55.08 -43.25 -16.33
CA ARG A 496 56.45 -43.51 -15.96
C ARG A 496 56.46 -44.91 -15.56
N ASP A 497 57.75 -45.43 -15.62
CA ASP A 497 58.12 -46.82 -15.36
C ASP A 497 58.47 -46.81 -13.92
N ASN A 498 58.66 -48.01 -13.34
CA ASN A 498 59.02 -48.17 -11.89
C ASN A 498 60.47 -48.17 -11.51
N LYS A 499 61.37 -48.18 -12.51
CA LYS A 499 62.75 -47.83 -12.31
C LYS A 499 62.86 -46.33 -12.61
N GLN A 500 61.75 -45.55 -12.86
CA GLN A 500 61.86 -44.14 -13.24
C GLN A 500 61.24 -43.22 -12.27
N ALA A 501 59.91 -42.84 -12.26
CA ALA A 501 59.35 -41.92 -11.37
C ALA A 501 57.88 -42.15 -11.49
N GLY A 502 57.42 -43.45 -11.52
CA GLY A 502 55.97 -43.69 -11.39
C GLY A 502 55.59 -43.80 -9.95
N VAL A 503 54.24 -43.92 -9.75
CA VAL A 503 53.65 -43.98 -8.43
C VAL A 503 53.31 -45.37 -8.27
N PHE A 504 53.27 -45.83 -7.03
CA PHE A 504 52.89 -47.20 -6.60
C PHE A 504 51.91 -46.84 -5.44
N GLU A 505 51.15 -47.89 -4.96
CA GLU A 505 50.39 -47.77 -3.75
C GLU A 505 50.61 -49.10 -3.12
N PRO A 506 50.31 -49.35 -1.86
CA PRO A 506 50.31 -50.69 -1.26
C PRO A 506 49.02 -51.30 -1.52
N THR A 507 48.87 -52.62 -1.28
CA THR A 507 47.72 -53.37 -1.68
C THR A 507 46.65 -52.95 -0.72
N ILE A 508 47.02 -52.89 0.55
CA ILE A 508 46.08 -52.64 1.66
C ILE A 508 45.37 -51.32 1.63
N VAL A 509 46.12 -50.27 1.18
CA VAL A 509 45.59 -48.91 1.15
C VAL A 509 44.56 -48.79 0.06
N LYS A 510 44.74 -49.51 -1.07
CA LYS A 510 43.79 -49.52 -2.21
C LYS A 510 42.50 -50.41 -1.98
N VAL A 511 42.64 -51.64 -1.40
CA VAL A 511 41.44 -52.47 -1.20
C VAL A 511 40.50 -51.89 -0.11
N LYS A 512 41.09 -51.33 0.98
CA LYS A 512 40.34 -50.87 2.11
C LYS A 512 39.57 -49.61 1.68
N SER A 513 40.14 -48.71 0.84
CA SER A 513 39.57 -47.45 0.40
C SER A 513 38.35 -47.66 -0.49
N LEU A 514 38.47 -48.57 -1.49
CA LEU A 514 37.40 -48.73 -2.48
C LEU A 514 36.15 -49.18 -1.82
N LYS A 515 36.33 -50.21 -0.91
CA LYS A 515 35.30 -50.82 -0.13
C LYS A 515 34.54 -49.93 0.80
N PHE A 516 35.27 -49.07 1.53
CA PHE A 516 34.84 -48.19 2.60
C PHE A 516 33.97 -47.14 2.00
N ALA A 517 34.41 -46.60 0.88
CA ALA A 517 33.72 -45.66 0.00
C ALA A 517 32.40 -46.33 -0.56
N THR A 518 32.37 -47.65 -0.92
CA THR A 518 31.06 -48.23 -1.27
C THR A 518 30.07 -48.30 -0.17
N GLU A 519 30.45 -48.67 1.10
CA GLU A 519 29.52 -48.78 2.21
C GLU A 519 28.99 -47.41 2.53
N ALA A 520 29.84 -46.31 2.43
CA ALA A 520 29.37 -45.00 2.54
C ALA A 520 28.35 -44.52 1.55
N ALA A 521 28.57 -44.95 0.26
CA ALA A 521 27.71 -44.60 -0.87
C ALA A 521 26.30 -45.12 -0.80
N ILE A 522 26.16 -46.32 -0.21
CA ILE A 522 24.90 -46.80 0.07
C ILE A 522 24.22 -46.00 1.12
N THR A 523 24.85 -45.58 2.25
CA THR A 523 24.13 -45.01 3.41
C THR A 523 23.49 -43.65 3.11
N ILE A 524 24.19 -42.74 2.35
CA ILE A 524 23.76 -41.37 2.05
C ILE A 524 22.67 -41.36 1.12
N LEU A 525 22.76 -42.33 0.08
CA LEU A 525 21.74 -42.55 -0.98
C LEU A 525 20.47 -43.05 -0.44
N ARG A 526 20.51 -43.76 0.74
CA ARG A 526 19.31 -44.39 1.18
C ARG A 526 18.13 -43.49 1.53
N ILE A 527 18.43 -42.45 2.32
CA ILE A 527 17.40 -41.60 2.98
C ILE A 527 16.50 -40.88 2.05
N ASP A 528 15.24 -40.73 2.49
CA ASP A 528 14.20 -40.01 1.81
C ASP A 528 13.51 -39.19 2.93
N ASP A 529 14.17 -38.90 4.01
CA ASP A 529 13.65 -37.91 4.96
C ASP A 529 14.79 -37.41 5.82
N LEU A 530 14.46 -36.29 6.55
CA LEU A 530 15.18 -35.68 7.65
C LEU A 530 14.24 -34.82 8.41
N ILE A 531 12.97 -34.88 8.03
CA ILE A 531 11.90 -33.94 8.36
C ILE A 531 11.37 -34.31 9.71
N LYS A 532 10.86 -33.29 10.46
CA LYS A 532 10.19 -33.55 11.64
C LYS A 532 8.90 -34.20 11.28
N LEU A 533 8.66 -35.42 11.92
CA LEU A 533 7.49 -36.16 11.59
C LEU A 533 6.35 -35.51 12.43
N ALA B 1 -24.34 -9.42 30.42
CA ALA B 1 -23.49 -8.46 29.70
C ALA B 1 -24.02 -8.14 28.24
N ASP B 2 -24.40 -9.29 27.66
CA ASP B 2 -25.12 -9.37 26.42
C ASP B 2 -26.46 -9.97 26.59
N GLU B 3 -27.48 -9.34 25.88
CA GLU B 3 -28.85 -9.68 25.98
C GLU B 3 -29.18 -10.16 24.64
N GLU B 4 -29.47 -11.48 24.55
CA GLU B 4 -29.71 -12.00 23.24
C GLU B 4 -31.19 -12.04 23.02
N ARG B 5 -31.67 -11.16 22.09
CA ARG B 5 -33.04 -10.97 21.64
C ARG B 5 -33.59 -12.22 20.96
N ALA B 6 -34.86 -12.41 20.76
CA ALA B 6 -35.49 -13.75 20.70
C ALA B 6 -35.03 -14.53 19.51
N GLU B 7 -34.88 -13.89 18.34
CA GLU B 7 -34.39 -14.43 17.10
C GLU B 7 -32.97 -14.85 17.04
N THR B 8 -32.10 -14.02 17.66
CA THR B 8 -30.63 -14.14 17.65
C THR B 8 -30.22 -15.31 18.56
N ALA B 9 -30.92 -15.40 19.76
CA ALA B 9 -31.00 -16.44 20.73
C ALA B 9 -31.39 -17.71 20.04
N ARG B 10 -32.38 -17.72 19.07
CA ARG B 10 -32.86 -18.93 18.40
C ARG B 10 -31.79 -19.61 17.57
N LEU B 11 -31.01 -18.78 16.80
CA LEU B 11 -29.99 -19.27 16.03
C LEU B 11 -28.89 -19.90 16.82
N THR B 12 -28.36 -19.28 17.91
CA THR B 12 -27.32 -19.83 18.75
C THR B 12 -27.84 -21.13 19.30
N SER B 13 -29.13 -21.10 19.74
CA SER B 13 -29.78 -22.25 20.40
C SER B 13 -29.83 -23.44 19.48
N PHE B 14 -30.18 -23.22 18.22
CA PHE B 14 -30.40 -24.20 17.17
C PHE B 14 -29.07 -24.88 16.82
N ILE B 15 -28.01 -24.08 16.66
CA ILE B 15 -26.76 -24.44 16.14
C ILE B 15 -25.99 -25.33 17.22
N GLY B 16 -26.25 -24.98 18.51
CA GLY B 16 -25.86 -25.64 19.76
C GLY B 16 -26.37 -27.05 19.72
N ALA B 17 -27.68 -27.18 19.54
CA ALA B 17 -28.41 -28.36 19.53
C ALA B 17 -28.10 -29.30 18.43
N ILE B 18 -27.94 -28.83 17.25
CA ILE B 18 -27.66 -29.50 16.01
C ILE B 18 -26.27 -30.11 15.95
N ALA B 19 -25.24 -29.38 16.54
CA ALA B 19 -23.81 -29.70 16.58
C ALA B 19 -23.73 -30.99 17.41
N ILE B 20 -24.46 -30.97 18.50
CA ILE B 20 -24.61 -32.14 19.28
C ILE B 20 -25.38 -33.27 18.60
N GLY B 21 -26.50 -32.98 17.80
CA GLY B 21 -27.31 -34.03 17.17
C GLY B 21 -26.53 -34.85 16.15
N ASP B 22 -25.53 -34.29 15.43
CA ASP B 22 -24.67 -34.99 14.47
C ASP B 22 -23.84 -36.08 15.03
N LEU B 23 -23.30 -35.86 16.25
CA LEU B 23 -22.43 -36.80 16.92
C LEU B 23 -23.18 -38.01 17.36
N VAL B 24 -24.35 -37.78 17.97
CA VAL B 24 -25.15 -38.85 18.45
C VAL B 24 -26.00 -39.58 17.40
N LYS B 25 -26.33 -38.92 16.20
CA LYS B 25 -26.96 -39.58 15.03
C LYS B 25 -26.01 -40.62 14.47
N SER B 26 -24.69 -40.35 14.45
CA SER B 26 -23.69 -41.29 13.92
C SER B 26 -23.52 -42.49 14.89
N THR B 27 -23.45 -42.28 16.25
CA THR B 27 -23.27 -43.30 17.24
C THR B 27 -24.43 -44.31 17.27
N LEU B 28 -25.67 -43.84 17.01
CA LEU B 28 -26.89 -44.54 17.06
C LEU B 28 -26.85 -45.94 16.53
N GLY B 29 -27.49 -46.84 17.31
CA GLY B 29 -27.89 -48.16 17.02
C GLY B 29 -26.76 -49.12 16.76
N PRO B 30 -26.98 -50.41 16.44
CA PRO B 30 -25.96 -51.49 16.50
C PRO B 30 -25.00 -51.27 15.40
N LYS B 31 -25.31 -50.73 14.21
CA LYS B 31 -24.29 -50.55 13.20
C LYS B 31 -23.79 -49.11 13.20
N GLY B 32 -24.16 -48.29 14.20
CA GLY B 32 -23.79 -46.93 14.16
C GLY B 32 -22.34 -46.68 14.13
N MET B 33 -21.95 -45.59 13.39
CA MET B 33 -20.61 -45.13 13.22
C MET B 33 -20.08 -44.46 14.50
N ASP B 34 -18.90 -44.88 14.98
CA ASP B 34 -18.14 -44.38 16.12
C ASP B 34 -17.97 -42.84 16.17
N LYS B 35 -17.52 -42.40 17.41
CA LYS B 35 -17.13 -41.11 17.77
C LYS B 35 -15.76 -41.32 18.19
N ILE B 36 -14.96 -40.20 18.10
CA ILE B 36 -13.69 -40.10 18.70
C ILE B 36 -13.84 -39.11 19.82
N LEU B 37 -13.52 -39.57 21.07
CA LEU B 37 -13.49 -38.75 22.19
C LEU B 37 -12.16 -38.18 22.27
N LEU B 38 -12.15 -36.79 22.52
CA LEU B 38 -10.95 -35.97 22.61
C LEU B 38 -11.00 -35.28 23.92
N SER B 39 -9.93 -35.57 24.77
CA SER B 39 -9.86 -34.95 26.06
C SER B 39 -9.33 -33.55 25.85
N SER B 40 -10.17 -32.59 26.21
CA SER B 40 -9.91 -31.17 25.99
C SER B 40 -9.38 -30.51 27.27
N GLY B 41 -8.66 -29.40 27.17
CA GLY B 41 -8.15 -28.61 28.28
C GLY B 41 -7.12 -29.14 29.07
N ARG B 42 -6.84 -30.47 28.91
CA ARG B 42 -5.85 -31.20 29.61
C ARG B 42 -5.44 -32.34 28.65
N ASP B 43 -4.18 -32.31 28.21
CA ASP B 43 -3.66 -33.24 27.22
C ASP B 43 -4.50 -33.24 25.88
N ALA B 44 -4.33 -34.29 25.07
CA ALA B 44 -5.18 -34.52 24.00
C ALA B 44 -5.09 -35.99 23.66
N SER B 45 -5.39 -36.82 24.62
CA SER B 45 -5.47 -38.30 24.48
C SER B 45 -6.85 -38.71 23.98
N LEU B 46 -6.89 -39.96 23.44
CA LEU B 46 -8.12 -40.34 22.73
C LEU B 46 -8.54 -41.72 23.14
N MET B 47 -9.80 -41.98 23.02
CA MET B 47 -10.55 -43.20 23.22
C MET B 47 -11.67 -43.16 22.12
N VAL B 48 -12.11 -44.44 21.70
CA VAL B 48 -13.06 -44.51 20.72
C VAL B 48 -14.34 -45.10 21.39
N THR B 49 -15.52 -44.50 21.10
CA THR B 49 -16.72 -44.97 21.71
C THR B 49 -17.68 -45.14 20.58
N ASN B 50 -18.91 -45.66 20.93
CA ASN B 50 -20.04 -45.65 20.06
C ASN B 50 -21.25 -45.23 20.96
N ASP B 51 -21.02 -44.65 22.18
CA ASP B 51 -21.98 -44.34 23.21
C ASP B 51 -22.10 -42.88 23.13
N GLY B 52 -23.37 -42.48 22.91
CA GLY B 52 -23.83 -41.13 22.88
C GLY B 52 -23.74 -40.43 24.19
N ALA B 53 -23.87 -41.12 25.33
CA ALA B 53 -23.87 -40.58 26.65
C ALA B 53 -22.55 -39.97 27.08
N THR B 54 -21.51 -40.70 26.68
CA THR B 54 -20.08 -40.51 27.00
C THR B 54 -19.58 -39.26 26.23
N ILE B 55 -20.15 -38.97 25.05
CA ILE B 55 -19.71 -37.88 24.18
C ILE B 55 -19.83 -36.54 24.96
N LEU B 56 -20.97 -36.37 25.63
CA LEU B 56 -21.36 -35.22 26.36
C LEU B 56 -20.51 -34.95 27.62
N LYS B 57 -20.19 -35.96 28.46
CA LYS B 57 -19.56 -35.88 29.74
C LYS B 57 -18.12 -35.59 29.49
N ASN B 58 -17.51 -36.37 28.58
CA ASN B 58 -16.09 -36.29 28.33
C ASN B 58 -15.79 -34.94 27.66
N ILE B 59 -16.61 -34.69 26.53
CA ILE B 59 -16.45 -33.51 25.76
C ILE B 59 -17.69 -32.59 26.04
N GLY B 60 -17.42 -31.50 26.86
CA GLY B 60 -18.46 -30.53 27.20
C GLY B 60 -18.70 -29.47 26.17
N VAL B 61 -19.70 -28.59 26.48
CA VAL B 61 -20.22 -27.65 25.52
C VAL B 61 -20.57 -26.45 26.27
N ASP B 62 -20.35 -25.25 25.64
CA ASP B 62 -20.53 -23.92 26.25
C ASP B 62 -21.73 -23.20 25.72
N ASN B 63 -22.53 -23.89 24.83
CA ASN B 63 -23.72 -23.33 24.24
C ASN B 63 -24.81 -23.55 25.32
N PRO B 64 -25.50 -22.48 25.76
CA PRO B 64 -26.59 -22.64 26.71
C PRO B 64 -27.66 -23.63 26.46
N ALA B 65 -28.14 -23.75 25.11
CA ALA B 65 -29.26 -24.64 24.72
C ALA B 65 -28.72 -26.06 24.70
N ALA B 66 -27.45 -26.20 24.34
CA ALA B 66 -26.83 -27.54 24.27
C ALA B 66 -26.64 -28.18 25.61
N LYS B 67 -26.46 -27.44 26.72
CA LYS B 67 -26.39 -27.78 28.13
C LYS B 67 -27.68 -28.44 28.62
N VAL B 68 -28.87 -28.01 28.10
CA VAL B 68 -30.15 -28.64 28.39
C VAL B 68 -30.22 -30.08 27.91
N LEU B 69 -29.57 -30.32 26.68
CA LEU B 69 -29.47 -31.60 26.04
C LEU B 69 -28.66 -32.46 26.97
N VAL B 70 -27.54 -31.94 27.53
CA VAL B 70 -26.67 -32.74 28.48
C VAL B 70 -27.44 -33.16 29.70
N ASP B 71 -28.27 -32.30 30.29
CA ASP B 71 -29.00 -32.56 31.55
C ASP B 71 -29.95 -33.68 31.25
N MET B 72 -30.64 -33.70 30.13
CA MET B 72 -31.58 -34.67 29.66
C MET B 72 -31.04 -35.99 29.49
N SER B 73 -29.85 -36.09 28.99
CA SER B 73 -29.15 -37.34 28.66
C SER B 73 -28.84 -38.10 29.93
N ARG B 74 -28.43 -37.34 31.07
CA ARG B 74 -28.16 -37.91 32.40
C ARG B 74 -29.35 -38.77 32.88
N VAL B 75 -30.69 -38.28 32.71
CA VAL B 75 -31.86 -38.86 33.17
C VAL B 75 -32.14 -40.22 32.54
N GLN B 76 -31.87 -40.34 31.29
CA GLN B 76 -31.97 -41.68 30.68
C GLN B 76 -31.09 -42.71 31.26
N ASP B 77 -29.85 -42.33 31.62
CA ASP B 77 -28.83 -43.35 31.95
C ASP B 77 -29.20 -44.20 33.11
N ASP B 78 -29.74 -43.58 34.19
CA ASP B 78 -30.05 -44.23 35.41
C ASP B 78 -31.44 -44.85 35.31
N GLU B 79 -32.46 -44.01 35.06
CA GLU B 79 -33.80 -44.41 35.33
C GLU B 79 -34.32 -45.47 34.32
N VAL B 80 -33.99 -45.27 33.07
CA VAL B 80 -34.51 -46.07 31.99
C VAL B 80 -33.43 -47.05 31.68
N GLY B 81 -32.14 -46.56 31.62
CA GLY B 81 -30.92 -47.24 31.23
C GLY B 81 -30.74 -46.74 29.84
N ASP B 82 -31.09 -47.62 28.87
CA ASP B 82 -30.92 -47.36 27.40
C ASP B 82 -31.88 -46.32 27.00
N GLY B 83 -31.34 -45.62 26.01
CA GLY B 83 -32.04 -44.54 25.31
C GLY B 83 -31.32 -43.21 25.50
N THR B 84 -30.09 -43.20 26.06
CA THR B 84 -29.34 -41.99 26.39
C THR B 84 -29.06 -41.33 25.07
N THR B 85 -28.60 -42.07 23.99
CA THR B 85 -28.31 -41.56 22.63
C THR B 85 -29.53 -41.36 21.82
N SER B 86 -30.55 -42.25 22.05
CA SER B 86 -31.77 -42.29 21.25
C SER B 86 -32.61 -41.10 21.44
N VAL B 87 -32.55 -40.51 22.64
CA VAL B 87 -33.32 -39.27 22.94
C VAL B 87 -32.73 -38.04 22.34
N THR B 88 -31.39 -37.91 22.31
CA THR B 88 -30.64 -36.74 22.15
C THR B 88 -30.79 -36.39 20.66
N VAL B 89 -30.82 -37.45 19.80
CA VAL B 89 -31.00 -37.30 18.40
C VAL B 89 -32.35 -36.81 18.00
N LEU B 90 -33.43 -37.35 18.56
CA LEU B 90 -34.78 -36.90 18.30
C LEU B 90 -34.97 -35.45 18.74
N ALA B 91 -34.46 -35.03 19.87
CA ALA B 91 -34.62 -33.64 20.38
C ALA B 91 -34.05 -32.56 19.44
N ALA B 92 -32.86 -32.81 18.88
CA ALA B 92 -32.21 -32.04 17.84
C ALA B 92 -32.99 -32.02 16.58
N GLU B 93 -33.63 -33.20 16.19
CA GLU B 93 -34.52 -33.24 15.06
C GLU B 93 -35.78 -32.40 15.15
N LEU B 94 -36.36 -32.34 16.40
CA LEU B 94 -37.57 -31.59 16.64
C LEU B 94 -37.20 -30.09 16.35
N LEU B 95 -36.08 -29.65 16.89
CA LEU B 95 -35.66 -28.24 16.64
C LEU B 95 -35.34 -27.80 15.26
N ARG B 96 -34.80 -28.71 14.52
CA ARG B 96 -34.47 -28.56 13.08
C ARG B 96 -35.67 -28.17 12.28
N GLU B 97 -36.81 -28.91 12.60
CA GLU B 97 -38.15 -28.75 11.93
C GLU B 97 -38.74 -27.47 12.48
N ALA B 98 -38.39 -27.01 13.65
CA ALA B 98 -38.81 -25.80 14.20
C ALA B 98 -38.33 -24.55 13.49
N GLU B 99 -37.17 -24.61 12.83
CA GLU B 99 -36.52 -23.56 12.20
C GLU B 99 -37.31 -22.82 11.12
N SER B 100 -37.97 -23.59 10.33
CA SER B 100 -38.75 -23.10 9.24
C SER B 100 -39.98 -22.40 9.75
N LEU B 101 -40.64 -22.78 10.86
CA LEU B 101 -41.77 -22.11 11.46
C LEU B 101 -41.45 -20.77 12.07
N ILE B 102 -40.29 -20.54 12.81
CA ILE B 102 -39.94 -19.28 13.47
C ILE B 102 -39.74 -18.23 12.40
N ALA B 103 -39.09 -18.63 11.27
CA ALA B 103 -38.81 -17.80 10.11
C ALA B 103 -40.02 -17.27 9.45
N LYS B 104 -41.08 -18.07 9.27
CA LYS B 104 -42.20 -17.83 8.40
C LYS B 104 -42.92 -16.57 8.84
N LYS B 105 -43.40 -16.60 10.09
CA LYS B 105 -43.92 -15.50 10.77
C LYS B 105 -44.36 -16.00 12.17
N ILE B 106 -44.15 -17.29 12.38
CA ILE B 106 -44.87 -18.09 13.39
C ILE B 106 -44.13 -18.06 14.70
N HIS B 107 -44.92 -17.75 15.77
CA HIS B 107 -44.25 -17.52 17.06
C HIS B 107 -43.89 -18.77 17.80
N PRO B 108 -42.92 -18.92 18.73
CA PRO B 108 -42.48 -20.13 19.40
C PRO B 108 -43.51 -20.89 20.16
N GLN B 109 -44.54 -20.23 20.69
CA GLN B 109 -45.61 -20.79 21.48
C GLN B 109 -46.56 -21.64 20.71
N THR B 110 -46.68 -21.29 19.40
CA THR B 110 -47.55 -21.99 18.49
C THR B 110 -47.06 -23.38 18.24
N ILE B 111 -45.71 -23.43 18.10
CA ILE B 111 -44.99 -24.65 17.83
C ILE B 111 -45.02 -25.53 19.07
N ILE B 112 -44.77 -25.01 20.33
CA ILE B 112 -44.82 -25.67 21.59
C ILE B 112 -46.17 -26.35 21.84
N ALA B 113 -47.24 -25.53 21.80
CA ALA B 113 -48.59 -25.84 22.24
C ALA B 113 -49.22 -26.94 21.44
N GLY B 114 -48.90 -26.94 20.13
CA GLY B 114 -49.35 -27.99 19.27
C GLY B 114 -48.49 -29.23 19.42
N TRP B 115 -47.16 -29.17 19.78
CA TRP B 115 -46.42 -30.40 20.10
C TRP B 115 -46.83 -30.98 21.41
N ARG B 116 -47.46 -30.29 22.37
CA ARG B 116 -47.98 -30.99 23.56
C ARG B 116 -49.15 -31.88 23.31
N GLU B 117 -50.05 -31.46 22.41
CA GLU B 117 -51.23 -32.23 22.07
C GLU B 117 -50.82 -33.42 21.28
N ALA B 118 -49.76 -33.29 20.50
CA ALA B 118 -49.14 -34.26 19.67
C ALA B 118 -48.45 -35.36 20.43
N THR B 119 -47.79 -35.06 21.55
CA THR B 119 -47.16 -35.99 22.48
C THR B 119 -48.18 -36.87 23.08
N LYS B 120 -49.45 -36.37 23.41
CA LYS B 120 -50.47 -37.17 23.94
C LYS B 120 -50.96 -38.15 22.94
N ALA B 121 -51.14 -37.78 21.63
CA ALA B 121 -51.52 -38.64 20.51
C ALA B 121 -50.50 -39.73 20.18
N ALA B 122 -49.17 -39.33 20.19
CA ALA B 122 -48.02 -40.26 20.07
C ALA B 122 -47.92 -41.29 21.17
N ARG B 123 -48.46 -40.98 22.35
CA ARG B 123 -48.35 -41.90 23.43
C ARG B 123 -49.36 -43.05 23.31
N GLU B 124 -50.58 -42.59 22.84
CA GLU B 124 -51.69 -43.48 22.49
C GLU B 124 -51.32 -44.42 21.41
N ALA B 125 -50.50 -43.96 20.43
CA ALA B 125 -49.91 -44.70 19.43
C ALA B 125 -48.83 -45.62 19.94
N LEU B 126 -48.12 -45.33 21.05
CA LEU B 126 -47.06 -46.15 21.60
C LEU B 126 -47.74 -47.36 22.26
N LEU B 127 -48.93 -47.16 22.83
CA LEU B 127 -49.70 -48.22 23.42
C LEU B 127 -50.17 -49.15 22.36
N SER B 128 -50.62 -48.68 21.20
CA SER B 128 -51.09 -49.51 20.12
C SER B 128 -49.98 -50.39 19.49
N SER B 129 -48.76 -49.77 19.30
CA SER B 129 -47.61 -50.42 18.77
C SER B 129 -47.08 -51.46 19.85
N ALA B 130 -47.53 -51.30 21.17
CA ALA B 130 -47.14 -52.13 22.24
C ALA B 130 -48.04 -53.24 22.37
N VAL B 131 -47.49 -54.40 22.00
CA VAL B 131 -48.18 -55.64 22.20
C VAL B 131 -47.56 -56.37 23.45
N ASP B 132 -48.46 -56.99 24.26
CA ASP B 132 -48.04 -57.75 25.41
C ASP B 132 -47.15 -58.91 25.03
N HIS B 133 -46.09 -59.16 25.73
CA HIS B 133 -45.34 -60.30 25.46
C HIS B 133 -44.68 -60.56 26.77
N GLY B 134 -44.46 -61.78 27.14
CA GLY B 134 -43.68 -62.31 28.22
C GLY B 134 -44.45 -62.36 29.45
N SER B 135 -45.72 -62.76 29.29
CA SER B 135 -46.57 -63.11 30.39
C SER B 135 -46.27 -64.49 30.96
N ASP B 136 -45.96 -65.51 30.09
CA ASP B 136 -45.60 -66.88 30.47
C ASP B 136 -44.06 -66.98 30.46
N GLU B 137 -43.51 -67.95 31.27
CA GLU B 137 -42.12 -68.11 31.43
C GLU B 137 -41.33 -68.29 30.15
N VAL B 138 -41.89 -69.03 29.21
CA VAL B 138 -41.21 -69.25 27.93
C VAL B 138 -41.04 -67.99 27.17
N LYS B 139 -42.16 -67.12 27.15
CA LYS B 139 -42.18 -65.95 26.36
C LYS B 139 -41.42 -64.84 26.97
N PHE B 140 -41.34 -64.86 28.34
CA PHE B 140 -40.80 -63.95 29.26
C PHE B 140 -39.27 -63.93 29.09
N ARG B 141 -38.65 -65.10 28.78
CA ARG B 141 -37.27 -65.29 28.55
C ARG B 141 -36.97 -64.52 27.27
N GLN B 142 -37.84 -64.67 26.20
CA GLN B 142 -37.67 -64.22 24.83
C GLN B 142 -37.76 -62.78 24.76
N ASP B 143 -38.67 -62.25 25.60
CA ASP B 143 -38.94 -60.87 25.90
C ASP B 143 -37.77 -60.11 26.47
N LEU B 144 -37.00 -60.60 27.43
CA LEU B 144 -35.84 -59.85 28.03
C LEU B 144 -34.73 -59.83 27.08
N MET B 145 -34.56 -60.91 26.26
CA MET B 145 -33.47 -61.12 25.38
C MET B 145 -33.33 -60.03 24.35
N ASN B 146 -34.50 -59.65 23.74
CA ASN B 146 -34.42 -58.72 22.66
C ASN B 146 -33.90 -57.34 22.97
N ILE B 147 -34.38 -56.79 24.09
CA ILE B 147 -34.04 -55.45 24.61
C ILE B 147 -32.63 -55.30 25.05
N ALA B 148 -32.12 -56.36 25.77
CA ALA B 148 -30.84 -56.38 26.38
C ALA B 148 -29.71 -56.40 25.35
N GLY B 149 -29.89 -57.22 24.31
CA GLY B 149 -28.95 -57.27 23.19
C GLY B 149 -28.90 -55.94 22.48
N THR B 150 -30.02 -55.12 22.53
CA THR B 150 -30.03 -53.86 21.83
C THR B 150 -29.11 -52.90 22.45
N THR B 151 -29.10 -52.82 23.80
CA THR B 151 -28.51 -51.86 24.61
C THR B 151 -27.01 -51.92 24.44
N LEU B 152 -26.34 -53.10 24.41
CA LEU B 152 -24.97 -53.25 24.51
C LEU B 152 -24.31 -52.75 23.28
N SER B 153 -24.93 -53.03 22.11
CA SER B 153 -24.34 -52.69 20.88
C SER B 153 -24.26 -51.18 20.72
N SER B 154 -25.30 -50.46 21.14
CA SER B 154 -25.52 -49.04 21.04
C SER B 154 -24.73 -48.22 21.99
N LYS B 155 -24.14 -48.84 23.05
CA LYS B 155 -23.35 -48.15 23.96
C LYS B 155 -21.90 -48.77 23.93
N LEU B 156 -21.59 -49.61 22.92
CA LEU B 156 -20.31 -50.24 22.65
C LEU B 156 -20.17 -51.54 23.48
N LEU B 157 -19.66 -52.65 22.82
CA LEU B 157 -19.39 -53.99 23.29
C LEU B 157 -20.30 -54.69 22.37
N THR B 158 -19.81 -55.46 21.32
CA THR B 158 -20.72 -56.17 20.38
C THR B 158 -20.09 -57.52 19.93
N HIS B 159 -18.89 -57.76 20.48
CA HIS B 159 -18.07 -58.91 20.21
C HIS B 159 -18.52 -60.06 21.14
N HIS B 160 -18.54 -59.79 22.47
CA HIS B 160 -18.77 -60.83 23.49
C HIS B 160 -20.13 -60.68 24.08
N LYS B 161 -20.99 -59.88 23.36
CA LYS B 161 -22.30 -59.41 23.73
C LYS B 161 -23.30 -60.53 24.07
N ASP B 162 -23.31 -61.62 23.24
CA ASP B 162 -24.30 -62.69 23.36
C ASP B 162 -24.14 -63.44 24.66
N HIS B 163 -22.90 -63.61 25.23
CA HIS B 163 -22.67 -64.45 26.32
C HIS B 163 -23.32 -63.75 27.51
N PHE B 164 -23.06 -62.44 27.69
CA PHE B 164 -23.56 -61.55 28.71
C PHE B 164 -25.04 -61.50 28.55
N THR B 165 -25.68 -61.46 27.34
CA THR B 165 -27.16 -61.44 27.26
C THR B 165 -27.84 -62.62 27.90
N LYS B 166 -27.21 -63.81 27.81
CA LYS B 166 -27.82 -65.04 28.45
C LYS B 166 -27.87 -64.88 29.95
N LEU B 167 -26.81 -64.32 30.62
CA LEU B 167 -26.70 -64.29 32.07
C LEU B 167 -27.64 -63.20 32.63
N ALA B 168 -27.79 -62.09 31.86
CA ALA B 168 -28.51 -60.96 32.29
C ALA B 168 -30.03 -61.18 32.40
N VAL B 169 -30.58 -61.87 31.36
CA VAL B 169 -31.99 -62.26 31.27
C VAL B 169 -32.39 -63.35 32.32
N GLU B 170 -31.49 -64.38 32.58
CA GLU B 170 -31.62 -65.37 33.55
C GLU B 170 -31.72 -64.77 34.92
N ALA B 171 -30.88 -63.67 35.15
CA ALA B 171 -30.79 -63.01 36.46
C ALA B 171 -32.08 -62.41 36.85
N VAL B 172 -32.75 -61.69 35.94
CA VAL B 172 -34.04 -61.03 36.10
C VAL B 172 -35.16 -62.03 36.18
N LEU B 173 -34.97 -63.16 35.40
CA LEU B 173 -35.90 -64.26 35.39
C LEU B 173 -36.11 -64.88 36.75
N ARG B 174 -35.14 -65.08 37.60
CA ARG B 174 -35.28 -65.66 38.94
C ARG B 174 -36.19 -64.90 39.86
N LEU B 175 -36.21 -63.55 39.86
CA LEU B 175 -36.91 -62.69 40.75
C LEU B 175 -38.36 -62.98 40.98
N LYS B 176 -39.04 -62.91 39.81
CA LYS B 176 -40.40 -63.26 39.57
C LYS B 176 -41.43 -62.51 40.37
N GLY B 177 -42.10 -61.50 39.85
CA GLY B 177 -43.17 -60.83 40.48
C GLY B 177 -42.80 -59.60 41.20
N SER B 178 -41.53 -59.24 40.94
CA SER B 178 -40.96 -57.98 41.37
C SER B 178 -39.85 -57.61 40.48
N GLY B 179 -39.60 -56.30 40.18
CA GLY B 179 -38.46 -55.79 39.40
C GLY B 179 -37.50 -55.36 40.47
N ASN B 180 -36.69 -56.27 41.04
CA ASN B 180 -35.58 -56.00 41.91
C ASN B 180 -34.43 -55.81 40.95
N LEU B 181 -33.48 -55.05 41.48
CA LEU B 181 -32.07 -55.05 41.13
C LEU B 181 -31.28 -55.00 42.41
N GLU B 182 -32.04 -55.03 43.58
CA GLU B 182 -31.55 -54.85 44.87
C GLU B 182 -31.15 -56.22 45.42
N ALA B 183 -30.81 -57.22 44.61
CA ALA B 183 -30.43 -58.50 44.96
C ALA B 183 -29.57 -58.98 43.86
N ILE B 184 -29.66 -58.29 42.67
CA ILE B 184 -28.89 -58.77 41.48
C ILE B 184 -27.71 -57.85 41.63
N HIS B 185 -26.52 -58.37 42.11
CA HIS B 185 -25.27 -57.71 42.26
C HIS B 185 -24.59 -57.65 40.92
N ILE B 186 -23.84 -56.58 40.68
CA ILE B 186 -23.07 -56.50 39.48
C ILE B 186 -21.64 -56.33 39.98
N ILE B 187 -20.75 -57.30 39.55
CA ILE B 187 -19.40 -57.33 39.92
C ILE B 187 -18.55 -57.29 38.70
N LYS B 188 -17.78 -56.25 38.45
CA LYS B 188 -16.83 -56.33 37.39
C LYS B 188 -15.43 -56.53 38.00
N LYS B 189 -14.66 -57.52 37.51
CA LYS B 189 -13.48 -57.97 38.25
C LYS B 189 -12.42 -58.46 37.31
N LEU B 190 -11.16 -58.05 37.46
CA LEU B 190 -10.04 -58.41 36.74
C LEU B 190 -9.76 -59.88 36.99
N GLY B 191 -9.42 -60.65 35.90
CA GLY B 191 -9.24 -62.08 35.84
C GLY B 191 -10.38 -62.62 35.19
N GLY B 192 -10.16 -63.75 34.50
CA GLY B 192 -11.08 -64.52 33.77
C GLY B 192 -10.78 -64.21 32.36
N SER B 193 -11.60 -64.74 31.47
CA SER B 193 -11.54 -64.57 30.02
C SER B 193 -12.63 -63.66 29.62
N LEU B 194 -12.54 -62.97 28.41
CA LEU B 194 -13.53 -62.19 27.86
C LEU B 194 -14.69 -63.07 27.42
N ALA B 195 -14.40 -64.33 26.97
CA ALA B 195 -15.49 -65.27 26.54
C ALA B 195 -16.24 -65.80 27.68
N ASP B 196 -15.54 -66.27 28.79
CA ASP B 196 -16.23 -66.81 29.90
C ASP B 196 -16.80 -65.70 30.69
N SER B 197 -17.93 -66.01 31.40
CA SER B 197 -18.59 -65.18 32.33
C SER B 197 -19.37 -66.17 33.17
N TYR B 198 -19.79 -65.67 34.35
CA TYR B 198 -20.37 -66.53 35.31
C TYR B 198 -21.47 -65.80 35.99
N LEU B 199 -22.60 -66.53 36.29
CA LEU B 199 -23.66 -66.20 37.17
C LEU B 199 -23.63 -67.22 38.27
N ASP B 200 -23.34 -66.77 39.62
CA ASP B 200 -23.47 -67.61 40.75
C ASP B 200 -24.86 -67.35 41.16
N GLU B 201 -25.52 -68.46 41.67
CA GLU B 201 -26.95 -68.52 42.08
C GLU B 201 -26.75 -68.40 43.56
N GLY B 202 -26.84 -67.18 44.15
CA GLY B 202 -26.51 -66.84 45.52
C GLY B 202 -26.05 -65.49 45.60
N PHE B 203 -24.90 -65.31 46.26
CA PHE B 203 -24.29 -64.05 46.32
C PHE B 203 -22.77 -64.40 46.44
N LEU B 204 -22.02 -63.46 45.90
CA LEU B 204 -20.67 -63.66 45.64
C LEU B 204 -19.99 -62.39 46.02
N LEU B 205 -18.97 -62.42 46.94
CA LEU B 205 -18.03 -61.40 47.28
C LEU B 205 -16.78 -61.90 46.63
N ASP B 206 -16.15 -60.93 45.90
CA ASP B 206 -15.00 -61.22 45.06
C ASP B 206 -13.66 -61.00 45.85
N LYS B 207 -13.80 -60.53 47.04
CA LYS B 207 -12.83 -60.20 48.01
C LYS B 207 -12.46 -61.47 48.64
N LYS B 208 -11.24 -61.60 49.00
CA LYS B 208 -10.60 -62.78 49.33
C LYS B 208 -9.72 -62.38 50.46
N ILE B 209 -8.85 -63.33 50.97
CA ILE B 209 -8.06 -63.11 52.19
C ILE B 209 -6.90 -64.06 52.14
N GLY B 210 -6.83 -64.79 51.06
CA GLY B 210 -5.79 -65.81 50.79
C GLY B 210 -6.23 -67.16 51.21
N VAL B 211 -5.33 -68.22 51.09
CA VAL B 211 -5.59 -69.42 51.76
C VAL B 211 -5.05 -69.43 53.18
N ASN B 212 -4.79 -68.26 53.92
CA ASN B 212 -4.17 -68.19 55.23
C ASN B 212 -5.26 -67.98 56.32
N GLN B 213 -6.52 -68.11 56.01
CA GLN B 213 -7.58 -67.91 56.94
C GLN B 213 -8.71 -68.89 56.68
N PRO B 214 -9.61 -69.32 57.55
CA PRO B 214 -10.72 -70.19 57.14
C PRO B 214 -11.58 -69.71 56.01
N LYS B 215 -12.10 -70.66 55.25
CA LYS B 215 -12.89 -70.40 54.01
C LYS B 215 -13.75 -71.59 53.76
N ARG B 216 -13.84 -72.58 54.68
CA ARG B 216 -14.69 -73.73 54.46
C ARG B 216 -15.56 -73.79 55.64
N ILE B 217 -16.84 -73.44 55.44
CA ILE B 217 -17.90 -73.42 56.42
C ILE B 217 -19.04 -74.12 55.83
N GLU B 218 -19.61 -75.10 56.61
CA GLU B 218 -20.82 -75.74 56.33
C GLU B 218 -21.76 -75.29 57.40
N ASN B 219 -22.98 -74.97 57.07
CA ASN B 219 -24.01 -74.39 58.00
C ASN B 219 -23.58 -73.08 58.64
N ALA B 220 -23.34 -72.13 57.71
CA ALA B 220 -22.89 -70.84 58.03
C ALA B 220 -23.96 -69.94 58.62
N LYS B 221 -23.45 -68.97 59.44
CA LYS B 221 -24.13 -68.07 60.32
C LYS B 221 -23.37 -66.75 60.11
N ILE B 222 -24.09 -65.67 59.75
CA ILE B 222 -23.56 -64.56 59.13
C ILE B 222 -23.78 -63.47 60.07
N LEU B 223 -22.72 -62.65 60.31
CA LEU B 223 -22.81 -61.37 60.92
C LEU B 223 -22.29 -60.41 59.88
N ILE B 224 -23.09 -59.38 59.67
CA ILE B 224 -22.86 -58.27 58.73
C ILE B 224 -22.64 -57.11 59.69
N ALA B 225 -21.46 -56.44 59.51
CA ALA B 225 -21.14 -55.42 60.46
C ALA B 225 -20.28 -54.43 59.76
N ASN B 226 -20.15 -53.15 60.31
CA ASN B 226 -19.25 -52.08 59.94
C ASN B 226 -18.44 -51.86 61.15
N THR B 227 -17.22 -52.46 61.25
CA THR B 227 -16.41 -52.46 62.43
C THR B 227 -15.06 -51.88 62.06
N GLY B 228 -14.72 -50.72 62.67
CA GLY B 228 -13.37 -50.13 62.52
C GLY B 228 -12.38 -50.88 63.35
N MET B 229 -11.09 -50.75 63.00
CA MET B 229 -9.91 -51.37 63.63
C MET B 229 -8.85 -50.31 63.66
N ASP B 230 -8.93 -49.25 62.87
CA ASP B 230 -8.11 -48.15 62.80
C ASP B 230 -8.95 -46.90 62.52
N THR B 231 -10.15 -47.08 61.95
CA THR B 231 -11.15 -46.08 61.58
C THR B 231 -11.73 -45.62 62.94
N ASP B 232 -12.08 -46.60 63.73
CA ASP B 232 -12.37 -46.66 65.11
C ASP B 232 -13.82 -46.36 65.39
N LYS B 233 -14.68 -47.27 64.88
CA LYS B 233 -16.14 -47.20 64.99
C LYS B 233 -16.36 -47.32 66.48
N ILE B 234 -17.47 -46.68 66.95
CA ILE B 234 -17.73 -46.65 68.38
C ILE B 234 -18.01 -48.00 69.00
N LYS B 235 -17.76 -47.99 70.35
CA LYS B 235 -17.43 -49.11 71.26
C LYS B 235 -15.97 -49.18 71.39
N ILE B 236 -15.38 -48.05 71.74
CA ILE B 236 -13.95 -47.82 72.01
C ILE B 236 -13.56 -48.69 73.18
N PHE B 237 -12.33 -49.21 73.12
CA PHE B 237 -11.72 -49.98 74.16
C PHE B 237 -10.24 -49.64 74.17
N GLY B 238 -9.87 -48.50 73.59
CA GLY B 238 -8.55 -47.96 73.50
C GLY B 238 -8.42 -46.77 74.39
N SER B 239 -7.66 -45.78 73.92
CA SER B 239 -7.42 -44.53 74.60
C SER B 239 -7.64 -43.38 73.63
N ARG B 240 -7.84 -42.18 74.31
CA ARG B 240 -7.75 -40.84 73.83
C ARG B 240 -6.29 -40.59 73.57
N VAL B 241 -5.92 -39.73 72.59
CA VAL B 241 -4.57 -39.23 72.39
C VAL B 241 -4.41 -38.01 73.30
N ARG B 242 -3.32 -38.08 74.05
CA ARG B 242 -2.82 -37.02 74.89
C ARG B 242 -1.34 -37.15 74.75
N VAL B 243 -0.55 -36.06 75.13
CA VAL B 243 0.95 -35.97 74.99
C VAL B 243 1.39 -35.43 76.31
N ASP B 244 2.26 -36.20 77.02
CA ASP B 244 2.65 -35.75 78.38
C ASP B 244 4.08 -36.13 78.50
N SER B 245 4.54 -37.00 77.51
CA SER B 245 5.81 -37.63 77.61
C SER B 245 6.46 -37.65 76.22
N THR B 246 7.80 -37.80 76.25
CA THR B 246 8.61 -37.96 75.03
C THR B 246 8.67 -39.51 74.62
N ALA B 247 8.02 -40.44 75.37
CA ALA B 247 7.94 -41.84 74.98
C ALA B 247 6.61 -42.29 74.70
N LYS B 248 5.70 -41.22 74.54
CA LYS B 248 4.27 -41.39 74.49
C LYS B 248 3.65 -42.02 73.23
N VAL B 249 4.48 -41.86 72.09
CA VAL B 249 4.39 -42.45 70.76
C VAL B 249 4.22 -43.98 70.92
N ALA B 250 4.95 -44.60 71.83
CA ALA B 250 4.89 -46.01 72.17
C ALA B 250 3.65 -46.44 72.86
N GLU B 251 3.13 -45.59 73.75
CA GLU B 251 1.97 -45.83 74.42
C GLU B 251 0.73 -45.93 73.57
N ILE B 252 0.61 -45.08 72.52
CA ILE B 252 -0.52 -45.03 71.55
C ILE B 252 -0.60 -46.34 70.80
N GLU B 253 0.54 -46.90 70.36
CA GLU B 253 0.52 -48.06 69.46
C GLU B 253 -0.04 -49.29 70.18
N HIS B 254 0.37 -49.40 71.52
CA HIS B 254 -0.12 -50.43 72.41
C HIS B 254 -1.56 -50.35 72.66
N ALA B 255 -2.14 -49.13 72.85
CA ALA B 255 -3.46 -48.88 73.28
C ALA B 255 -4.38 -49.34 72.12
N GLU B 256 -3.91 -49.11 70.83
CA GLU B 256 -4.65 -49.59 69.69
C GLU B 256 -4.71 -51.08 69.68
N LYS B 257 -3.64 -51.77 70.17
CA LYS B 257 -3.61 -53.20 70.19
C LYS B 257 -4.62 -53.90 71.09
N GLU B 258 -4.95 -53.32 72.29
CA GLU B 258 -6.01 -53.87 73.15
C GLU B 258 -7.39 -53.62 72.62
N LYS B 259 -7.48 -52.49 71.86
CA LYS B 259 -8.76 -52.13 71.21
C LYS B 259 -9.27 -53.21 70.22
N MET B 260 -8.36 -53.64 69.32
CA MET B 260 -8.56 -54.56 68.14
C MET B 260 -9.01 -55.84 68.65
N LYS B 261 -8.33 -56.32 69.76
CA LYS B 261 -8.63 -57.54 70.38
C LYS B 261 -9.91 -57.61 71.17
N GLU B 262 -10.32 -56.60 71.97
CA GLU B 262 -11.53 -56.57 72.74
C GLU B 262 -12.82 -56.58 71.81
N LYS B 263 -12.71 -55.98 70.63
CA LYS B 263 -13.75 -55.97 69.62
C LYS B 263 -13.92 -57.36 68.98
N VAL B 264 -12.84 -58.24 68.95
CA VAL B 264 -12.80 -59.51 68.31
C VAL B 264 -13.65 -60.36 69.15
N GLU B 265 -13.52 -60.18 70.46
CA GLU B 265 -14.26 -60.94 71.54
C GLU B 265 -15.75 -60.73 71.46
N ARG B 266 -16.18 -59.44 71.26
CA ARG B 266 -17.64 -59.08 71.18
C ARG B 266 -18.36 -59.66 69.97
N ILE B 267 -17.56 -59.66 68.82
CA ILE B 267 -17.94 -60.37 67.59
C ILE B 267 -18.11 -61.83 67.86
N LEU B 268 -17.15 -62.35 68.63
CA LEU B 268 -17.02 -63.78 68.87
C LEU B 268 -18.21 -64.37 69.60
N LYS B 269 -18.72 -63.59 70.58
CA LYS B 269 -19.87 -63.81 71.42
C LYS B 269 -21.19 -63.93 70.70
N HIS B 270 -21.28 -63.54 69.39
CA HIS B 270 -22.47 -63.81 68.55
C HIS B 270 -22.68 -65.35 68.31
N GLY B 271 -21.58 -66.10 68.04
CA GLY B 271 -21.63 -67.53 67.86
C GLY B 271 -21.80 -67.69 66.44
N ILE B 272 -20.72 -67.59 65.64
CA ILE B 272 -20.86 -67.39 64.19
C ILE B 272 -19.66 -68.03 63.63
N ASN B 273 -19.64 -68.25 62.33
CA ASN B 273 -18.51 -68.85 61.64
C ASN B 273 -17.99 -67.95 60.55
N CYS B 274 -18.85 -66.99 60.19
CA CYS B 274 -18.52 -66.09 59.04
C CYS B 274 -18.76 -64.65 59.48
N PHE B 275 -17.62 -63.93 59.44
CA PHE B 275 -17.70 -62.52 59.77
C PHE B 275 -17.24 -61.65 58.56
N ILE B 276 -18.09 -60.65 58.28
CA ILE B 276 -17.97 -59.76 57.08
C ILE B 276 -17.86 -58.41 57.68
N ASN B 277 -16.93 -57.61 57.19
CA ASN B 277 -16.70 -56.33 57.72
C ASN B 277 -16.49 -55.44 56.51
N ARG B 278 -17.18 -54.29 56.41
CA ARG B 278 -16.92 -53.32 55.35
C ARG B 278 -15.58 -52.67 55.43
N GLN B 279 -15.09 -52.42 56.67
CA GLN B 279 -13.90 -51.74 56.99
C GLN B 279 -12.71 -52.67 56.97
N LEU B 280 -11.53 -52.03 57.15
CA LEU B 280 -10.30 -52.75 57.45
C LEU B 280 -10.20 -53.77 58.56
N ILE B 281 -9.37 -54.83 58.40
CA ILE B 281 -9.11 -55.82 59.44
C ILE B 281 -7.58 -55.73 59.49
N TYR B 282 -7.05 -55.28 60.68
CA TYR B 282 -5.61 -55.09 60.91
C TYR B 282 -4.99 -56.46 60.99
N ASN B 283 -3.60 -56.53 60.81
CA ASN B 283 -2.85 -57.78 60.88
C ASN B 283 -3.04 -58.54 62.09
N TYR B 284 -3.17 -57.84 63.28
CA TYR B 284 -3.47 -58.40 64.62
C TYR B 284 -4.89 -58.97 64.78
N PRO B 285 -6.03 -58.44 64.52
CA PRO B 285 -7.34 -59.12 64.74
C PRO B 285 -7.50 -60.20 63.67
N GLU B 286 -6.81 -60.09 62.47
CA GLU B 286 -6.95 -61.05 61.35
C GLU B 286 -6.48 -62.37 61.82
N GLN B 287 -5.33 -62.44 62.55
CA GLN B 287 -4.79 -63.64 62.99
C GLN B 287 -5.67 -64.18 64.10
N LEU B 288 -6.34 -63.29 64.88
CA LEU B 288 -7.13 -63.76 66.02
C LEU B 288 -8.43 -64.41 65.55
N PHE B 289 -9.01 -63.97 64.42
CA PHE B 289 -10.14 -64.61 63.79
C PHE B 289 -9.78 -65.99 63.26
N GLY B 290 -8.59 -66.15 62.59
CA GLY B 290 -8.22 -67.41 61.96
C GLY B 290 -8.02 -68.53 62.90
N ALA B 291 -7.63 -68.22 64.14
CA ALA B 291 -7.56 -69.02 65.25
C ALA B 291 -8.87 -69.38 65.92
N ALA B 292 -9.87 -68.47 65.89
CA ALA B 292 -11.16 -68.59 66.61
C ALA B 292 -11.99 -69.58 65.83
N GLY B 293 -11.84 -69.70 64.50
CA GLY B 293 -12.63 -70.48 63.61
C GLY B 293 -13.43 -69.59 62.76
N VAL B 294 -13.13 -68.28 62.67
CA VAL B 294 -14.06 -67.32 62.00
C VAL B 294 -13.36 -66.82 60.79
N MET B 295 -14.14 -66.77 59.64
CA MET B 295 -13.72 -66.28 58.31
C MET B 295 -13.59 -64.75 58.30
N ALA B 296 -12.52 -64.21 57.71
CA ALA B 296 -12.30 -62.81 57.66
C ALA B 296 -12.35 -62.29 56.35
N ILE B 297 -13.24 -61.33 56.05
CA ILE B 297 -13.29 -60.61 54.74
C ILE B 297 -13.21 -59.13 55.04
N GLU B 298 -12.24 -58.45 54.43
CA GLU B 298 -12.02 -57.16 54.74
C GLU B 298 -12.27 -56.46 53.42
N HIS B 299 -12.37 -55.06 53.43
CA HIS B 299 -12.61 -54.26 52.24
C HIS B 299 -13.81 -54.71 51.47
N ALA B 300 -14.97 -54.91 52.24
CA ALA B 300 -16.25 -55.19 51.54
C ALA B 300 -16.84 -53.92 51.06
N ASP B 301 -17.82 -53.96 50.10
CA ASP B 301 -18.28 -52.79 49.39
C ASP B 301 -19.44 -52.29 50.20
N PHE B 302 -19.80 -50.98 50.03
CA PHE B 302 -20.89 -50.37 50.62
C PHE B 302 -22.16 -50.91 49.96
N ALA B 303 -22.29 -51.11 48.67
CA ALA B 303 -23.42 -51.68 47.98
C ALA B 303 -23.67 -53.13 48.43
N GLY B 304 -22.55 -54.00 48.22
CA GLY B 304 -22.56 -55.45 48.37
C GLY B 304 -22.76 -55.93 49.78
N VAL B 305 -22.15 -55.25 50.80
CA VAL B 305 -22.21 -55.70 52.19
C VAL B 305 -23.67 -55.58 52.67
N GLU B 306 -24.38 -54.50 52.25
CA GLU B 306 -25.72 -54.16 52.65
C GLU B 306 -26.73 -55.10 52.00
N ARG B 307 -26.47 -55.27 50.73
CA ARG B 307 -27.25 -56.04 49.80
C ARG B 307 -27.24 -57.53 50.14
N LEU B 308 -26.13 -58.01 50.58
CA LEU B 308 -25.83 -59.32 51.24
C LEU B 308 -26.62 -59.57 52.45
N ALA B 309 -26.83 -58.53 53.31
CA ALA B 309 -27.51 -58.60 54.53
C ALA B 309 -29.01 -58.96 54.36
N LEU B 310 -29.58 -58.44 53.24
CA LEU B 310 -31.00 -58.66 52.97
C LEU B 310 -31.21 -60.14 52.60
N VAL B 311 -30.39 -60.69 51.62
CA VAL B 311 -30.62 -61.92 50.92
C VAL B 311 -30.44 -63.08 51.73
N THR B 312 -29.41 -63.04 52.60
CA THR B 312 -29.05 -64.16 53.40
C THR B 312 -29.96 -64.25 54.57
N GLY B 313 -30.63 -63.14 54.95
CA GLY B 313 -31.47 -63.13 56.10
C GLY B 313 -30.84 -62.64 57.37
N GLY B 314 -29.64 -61.98 57.34
CA GLY B 314 -29.09 -61.21 58.42
C GLY B 314 -29.68 -59.90 58.55
N GLU B 315 -28.85 -59.02 59.18
CA GLU B 315 -29.19 -57.65 59.44
C GLU B 315 -27.87 -57.00 59.78
N ILE B 316 -27.70 -55.74 59.40
CA ILE B 316 -26.45 -55.02 59.50
C ILE B 316 -26.45 -54.45 60.92
N ALA B 317 -25.20 -54.20 61.39
CA ALA B 317 -24.90 -53.70 62.77
C ALA B 317 -24.97 -52.20 62.78
N SER B 318 -24.68 -51.45 61.66
CA SER B 318 -24.81 -50.05 61.46
C SER B 318 -23.88 -49.37 62.41
N THR B 319 -22.59 -49.21 61.98
CA THR B 319 -21.54 -48.52 62.59
C THR B 319 -21.14 -49.19 63.97
N PHE B 320 -21.35 -50.48 64.11
CA PHE B 320 -21.10 -51.31 65.25
C PHE B 320 -21.90 -50.82 66.48
N ASP B 321 -23.28 -50.61 66.27
CA ASP B 321 -24.23 -50.24 67.31
C ASP B 321 -24.87 -51.49 67.81
N HIS B 322 -24.49 -52.66 67.28
CA HIS B 322 -25.10 -53.95 67.73
C HIS B 322 -23.95 -54.90 67.93
N PRO B 323 -23.44 -55.14 69.16
CA PRO B 323 -22.21 -55.89 69.28
C PRO B 323 -22.50 -57.41 69.54
N GLU B 324 -23.77 -57.77 69.86
CA GLU B 324 -24.17 -59.12 70.12
C GLU B 324 -25.64 -59.26 69.96
N LEU B 325 -26.33 -58.13 69.64
CA LEU B 325 -27.77 -58.04 69.77
C LEU B 325 -28.45 -57.96 68.46
N VAL B 326 -27.80 -58.37 67.30
CA VAL B 326 -28.38 -58.36 65.93
C VAL B 326 -28.56 -59.75 65.42
N LYS B 327 -29.69 -59.97 64.71
CA LYS B 327 -30.09 -61.28 64.23
C LYS B 327 -29.17 -61.79 63.10
N LEU B 328 -28.91 -63.10 62.97
CA LEU B 328 -28.06 -63.65 61.94
C LEU B 328 -28.69 -63.92 60.68
N GLY B 329 -27.84 -64.20 59.74
CA GLY B 329 -28.20 -64.74 58.46
C GLY B 329 -27.70 -66.13 58.47
N SER B 330 -28.08 -66.89 57.40
CA SER B 330 -27.80 -68.33 57.35
C SER B 330 -27.61 -68.67 55.94
N CYS B 331 -26.65 -69.58 55.65
CA CYS B 331 -26.56 -70.18 54.30
C CYS B 331 -26.22 -71.64 54.53
N LYS B 332 -26.58 -72.55 53.61
CA LYS B 332 -26.15 -73.91 53.62
C LYS B 332 -24.64 -74.20 53.45
N LEU B 333 -24.01 -73.44 52.48
CA LEU B 333 -22.64 -73.67 52.18
C LEU B 333 -21.93 -72.46 51.81
N ILE B 334 -20.65 -72.42 52.23
CA ILE B 334 -19.69 -71.50 51.90
C ILE B 334 -18.54 -72.26 51.36
N GLU B 335 -18.31 -72.14 50.04
CA GLU B 335 -17.17 -72.81 49.44
C GLU B 335 -16.23 -71.75 48.85
N GLU B 336 -14.90 -71.96 48.95
CA GLU B 336 -13.95 -71.19 48.11
C GLU B 336 -13.61 -72.14 46.92
N VAL B 337 -13.79 -71.62 45.63
CA VAL B 337 -13.58 -72.21 44.33
C VAL B 337 -12.77 -71.22 43.57
N MET B 338 -12.06 -71.69 42.46
CA MET B 338 -11.33 -70.78 41.51
C MET B 338 -12.08 -70.70 40.21
N ILE B 339 -12.60 -69.45 39.91
CA ILE B 339 -13.31 -69.21 38.72
C ILE B 339 -12.44 -68.23 38.04
N GLY B 340 -11.85 -68.51 36.82
CA GLY B 340 -10.83 -67.69 36.22
C GLY B 340 -9.54 -67.96 36.89
N GLU B 341 -8.69 -66.96 37.32
CA GLU B 341 -7.46 -67.11 38.00
C GLU B 341 -7.52 -66.42 39.37
N ASP B 342 -8.78 -66.38 39.89
CA ASP B 342 -9.15 -65.68 41.02
C ASP B 342 -9.71 -66.54 42.06
N LYS B 343 -9.72 -66.00 43.29
CA LYS B 343 -10.34 -66.71 44.40
C LYS B 343 -11.52 -65.92 44.79
N LEU B 344 -12.63 -66.67 44.84
CA LEU B 344 -13.89 -66.02 45.15
C LEU B 344 -14.45 -66.71 46.35
N ILE B 345 -15.35 -66.04 47.04
CA ILE B 345 -16.14 -66.55 48.14
C ILE B 345 -17.54 -66.62 47.61
N HIS B 346 -18.13 -67.83 47.70
CA HIS B 346 -19.41 -68.27 47.11
C HIS B 346 -20.26 -68.63 48.23
N PHE B 347 -21.21 -67.71 48.46
CA PHE B 347 -22.41 -67.88 49.25
C PHE B 347 -23.45 -68.61 48.39
N SER B 348 -23.94 -69.74 48.90
CA SER B 348 -24.86 -70.60 48.16
C SER B 348 -25.88 -70.99 49.25
N GLY B 349 -27.21 -71.26 48.91
CA GLY B 349 -28.19 -71.58 49.94
C GLY B 349 -28.72 -70.32 50.59
N VAL B 350 -28.59 -69.20 49.85
CA VAL B 350 -29.09 -67.89 50.26
C VAL B 350 -30.65 -67.93 50.39
N ALA B 351 -31.13 -67.25 51.45
CA ALA B 351 -32.49 -67.45 52.03
C ALA B 351 -33.63 -67.07 51.10
N LEU B 352 -33.41 -65.96 50.43
CA LEU B 352 -34.20 -65.41 49.37
C LEU B 352 -33.46 -65.86 48.09
N GLY B 353 -33.95 -66.82 47.34
CA GLY B 353 -33.22 -67.31 46.23
C GLY B 353 -33.41 -66.47 44.94
N GLU B 354 -34.06 -65.35 45.12
CA GLU B 354 -34.13 -64.34 44.17
C GLU B 354 -32.70 -63.84 43.71
N ALA B 355 -31.76 -63.64 44.78
CA ALA B 355 -30.41 -63.10 44.73
C ALA B 355 -29.55 -63.89 43.75
N CYS B 356 -28.74 -63.14 42.97
CA CYS B 356 -27.82 -63.70 41.98
C CYS B 356 -26.74 -62.61 41.91
N THR B 357 -25.56 -62.98 41.38
CA THR B 357 -24.49 -61.99 41.16
C THR B 357 -24.11 -62.30 39.74
N ILE B 358 -24.00 -61.26 38.93
CA ILE B 358 -23.42 -61.34 37.62
C ILE B 358 -21.96 -60.80 37.60
N VAL B 359 -21.03 -61.68 37.29
CA VAL B 359 -19.64 -61.53 37.38
C VAL B 359 -19.12 -61.45 35.94
N LEU B 360 -18.52 -60.28 35.65
CA LEU B 360 -18.01 -59.92 34.34
C LEU B 360 -16.52 -60.14 34.37
N ARG B 361 -15.94 -60.77 33.30
CA ARG B 361 -14.66 -61.36 33.34
C ARG B 361 -14.03 -60.68 32.17
N GLY B 362 -13.09 -59.78 32.43
CA GLY B 362 -12.34 -59.02 31.44
C GLY B 362 -10.99 -59.50 31.26
N ALA B 363 -10.37 -59.14 30.08
CA ALA B 363 -9.05 -59.54 29.86
C ALA B 363 -8.46 -58.42 29.07
N THR B 364 -9.25 -57.31 28.82
CA THR B 364 -8.81 -56.01 28.36
C THR B 364 -9.56 -55.02 29.29
N GLN B 365 -8.90 -54.05 30.04
CA GLN B 365 -9.59 -53.25 31.02
C GLN B 365 -10.59 -52.35 30.34
N GLN B 366 -10.27 -51.87 29.11
CA GLN B 366 -11.06 -50.95 28.28
C GLN B 366 -12.46 -51.54 28.02
N ILE B 367 -12.46 -52.88 27.66
CA ILE B 367 -13.69 -53.66 27.52
C ILE B 367 -14.41 -53.89 28.76
N LEU B 368 -13.67 -54.35 29.83
CA LEU B 368 -14.30 -54.63 31.13
C LEU B 368 -15.06 -53.46 31.73
N ASP B 369 -14.56 -52.22 31.74
CA ASP B 369 -15.26 -51.07 32.26
C ASP B 369 -16.47 -50.68 31.40
N GLU B 370 -16.33 -50.57 30.07
CA GLU B 370 -17.41 -50.12 29.18
C GLU B 370 -18.52 -51.03 29.23
N ALA B 371 -18.24 -52.31 29.43
CA ALA B 371 -19.15 -53.44 29.52
C ALA B 371 -20.00 -53.37 30.75
N GLU B 372 -19.39 -52.93 31.93
CA GLU B 372 -20.14 -52.79 33.16
C GLU B 372 -21.23 -51.79 33.00
N ARG B 373 -20.93 -50.60 32.29
CA ARG B 373 -21.92 -49.59 32.21
C ARG B 373 -23.11 -49.91 31.35
N SER B 374 -22.77 -50.46 30.14
CA SER B 374 -23.71 -50.75 29.06
C SER B 374 -24.69 -51.81 29.60
N LEU B 375 -24.14 -52.73 30.32
CA LEU B 375 -24.94 -53.89 30.95
C LEU B 375 -25.81 -53.35 32.11
N HIS B 376 -25.36 -52.39 32.92
CA HIS B 376 -26.20 -51.70 33.87
C HIS B 376 -27.37 -50.92 33.30
N ASP B 377 -27.23 -50.25 32.09
CA ASP B 377 -28.27 -49.52 31.41
C ASP B 377 -29.37 -50.58 31.03
N ALA B 378 -28.97 -51.74 30.48
CA ALA B 378 -29.75 -52.90 30.09
C ALA B 378 -30.53 -53.52 31.21
N LEU B 379 -29.96 -53.57 32.44
CA LEU B 379 -30.64 -54.18 33.60
C LEU B 379 -31.69 -53.22 34.12
N CYS B 380 -31.59 -51.86 33.94
CA CYS B 380 -32.52 -50.82 34.34
C CYS B 380 -33.76 -51.01 33.53
N VAL B 381 -33.57 -51.31 32.16
CA VAL B 381 -34.60 -51.60 31.23
C VAL B 381 -35.43 -52.84 31.68
N LEU B 382 -34.65 -53.92 32.03
CA LEU B 382 -35.15 -55.28 32.33
C LEU B 382 -36.12 -55.29 33.45
N ALA B 383 -35.77 -54.52 34.51
CA ALA B 383 -36.58 -54.42 35.67
C ALA B 383 -37.84 -53.61 35.57
N GLN B 384 -37.85 -52.56 34.74
CA GLN B 384 -39.09 -51.91 34.32
C GLN B 384 -39.95 -52.79 33.45
N THR B 385 -39.43 -53.81 32.70
CA THR B 385 -40.16 -54.64 31.78
C THR B 385 -40.80 -55.76 32.58
N VAL B 386 -40.46 -55.84 33.93
CA VAL B 386 -41.18 -56.74 34.87
C VAL B 386 -42.56 -56.15 35.20
N LYS B 387 -42.53 -54.82 35.46
CA LYS B 387 -43.74 -54.07 35.91
C LYS B 387 -44.78 -54.10 34.79
N ASP B 388 -44.30 -53.90 33.58
CA ASP B 388 -45.22 -54.06 32.41
C ASP B 388 -44.47 -54.97 31.46
N SER B 389 -45.05 -56.20 31.10
CA SER B 389 -44.28 -57.21 30.31
C SER B 389 -44.94 -57.05 29.03
N ARG B 390 -44.33 -56.11 28.17
CA ARG B 390 -44.71 -55.80 26.83
C ARG B 390 -43.61 -55.17 26.07
N THR B 391 -43.64 -55.28 24.72
CA THR B 391 -42.59 -54.74 23.83
C THR B 391 -43.35 -53.99 22.82
N VAL B 392 -42.57 -53.13 22.11
CA VAL B 392 -43.13 -52.47 20.96
C VAL B 392 -42.19 -53.01 19.87
N TYR B 393 -42.56 -52.91 18.62
CA TYR B 393 -41.77 -53.38 17.57
C TYR B 393 -40.73 -52.35 17.32
N GLY B 394 -39.46 -52.58 17.65
CA GLY B 394 -38.43 -51.53 17.47
C GLY B 394 -37.99 -51.49 16.01
N GLY B 395 -36.81 -50.86 15.75
CA GLY B 395 -36.15 -50.86 14.46
C GLY B 395 -36.41 -49.59 13.62
N GLY B 396 -37.47 -48.81 13.89
CA GLY B 396 -37.93 -47.61 13.18
C GLY B 396 -39.41 -47.78 12.93
N CYS B 397 -40.00 -48.92 13.32
CA CYS B 397 -41.30 -49.44 13.11
C CYS B 397 -42.22 -48.65 13.95
N SER B 398 -41.94 -48.37 15.26
CA SER B 398 -42.67 -47.52 16.16
C SER B 398 -42.59 -46.07 15.83
N GLU B 399 -41.44 -45.65 15.28
CA GLU B 399 -41.20 -44.22 15.11
C GLU B 399 -42.07 -43.78 13.98
N MET B 400 -42.23 -44.54 12.92
CA MET B 400 -43.06 -44.33 11.86
C MET B 400 -44.54 -44.37 12.28
N LEU B 401 -44.84 -45.25 13.27
CA LEU B 401 -46.25 -45.43 13.67
C LEU B 401 -46.81 -44.29 14.52
N MET B 402 -45.92 -43.68 15.33
CA MET B 402 -46.13 -42.40 16.04
C MET B 402 -46.16 -41.30 15.01
N ALA B 403 -45.35 -41.30 13.99
CA ALA B 403 -45.30 -40.20 13.07
C ALA B 403 -46.61 -40.07 12.27
N HIS B 404 -47.07 -41.24 11.78
CA HIS B 404 -48.23 -41.44 11.02
C HIS B 404 -49.51 -41.08 11.77
N ALA B 405 -49.56 -41.39 13.09
CA ALA B 405 -50.69 -41.16 14.03
C ALA B 405 -50.93 -39.72 14.07
N VAL B 406 -49.81 -39.04 14.27
CA VAL B 406 -49.74 -37.60 14.33
C VAL B 406 -49.99 -36.97 12.90
N THR B 407 -49.65 -37.63 11.76
CA THR B 407 -49.98 -37.15 10.41
C THR B 407 -51.49 -37.13 10.09
N GLN B 408 -52.32 -38.09 10.58
CA GLN B 408 -53.71 -38.19 10.46
C GLN B 408 -54.47 -37.24 11.28
N LEU B 409 -53.87 -36.84 12.42
CA LEU B 409 -54.35 -35.84 13.29
C LEU B 409 -54.14 -34.49 12.64
N ALA B 410 -52.94 -34.33 12.00
CA ALA B 410 -52.49 -33.12 11.45
C ALA B 410 -53.41 -32.60 10.41
N ASN B 411 -53.88 -33.51 9.54
CA ASN B 411 -54.85 -33.34 8.50
C ASN B 411 -56.21 -32.84 8.90
N ARG B 412 -56.67 -33.27 10.06
CA ARG B 412 -58.04 -32.98 10.53
C ARG B 412 -58.22 -31.55 10.86
N THR B 413 -57.18 -31.07 11.58
CA THR B 413 -57.13 -29.88 12.44
C THR B 413 -57.25 -28.44 11.93
N PRO B 414 -56.83 -27.94 10.79
CA PRO B 414 -56.88 -25.98 10.46
C PRO B 414 -57.08 -24.98 11.59
N GLY B 415 -56.14 -24.95 12.59
CA GLY B 415 -55.99 -23.94 13.54
C GLY B 415 -54.52 -23.64 13.68
N LYS B 416 -54.13 -23.07 14.88
CA LYS B 416 -52.77 -22.62 15.22
C LYS B 416 -51.97 -23.81 15.57
N GLU B 417 -52.60 -24.83 16.30
CA GLU B 417 -52.07 -26.12 16.74
C GLU B 417 -51.74 -27.01 15.64
N ALA B 418 -52.50 -26.94 14.52
CA ALA B 418 -52.36 -27.77 13.33
C ALA B 418 -51.07 -27.66 12.65
N VAL B 419 -50.56 -26.43 12.63
CA VAL B 419 -49.24 -26.04 12.07
C VAL B 419 -48.11 -26.94 12.52
N ALA B 420 -47.98 -27.08 13.94
CA ALA B 420 -46.89 -27.73 14.54
C ALA B 420 -46.98 -29.22 14.34
N MET B 421 -48.17 -29.85 14.18
CA MET B 421 -48.52 -31.26 13.95
C MET B 421 -47.82 -31.76 12.78
N GLU B 422 -47.72 -30.92 11.64
CA GLU B 422 -47.02 -31.23 10.43
C GLU B 422 -45.52 -31.41 10.76
N SER B 423 -44.96 -30.57 11.63
CA SER B 423 -43.62 -30.51 12.11
C SER B 423 -43.21 -31.62 12.98
N TYR B 424 -44.14 -32.00 13.89
CA TYR B 424 -43.98 -33.04 14.85
C TYR B 424 -43.85 -34.37 14.18
N ALA B 425 -44.68 -34.70 13.15
CA ALA B 425 -44.71 -36.02 12.41
C ALA B 425 -43.53 -36.30 11.64
N LYS B 426 -43.01 -35.22 11.02
CA LYS B 426 -41.81 -35.12 10.22
C LYS B 426 -40.64 -35.40 11.15
N ALA B 427 -40.71 -34.86 12.44
CA ALA B 427 -39.60 -35.03 13.38
C ALA B 427 -39.32 -36.43 13.83
N LEU B 428 -40.42 -37.16 14.12
CA LEU B 428 -40.46 -38.59 14.49
C LEU B 428 -40.01 -39.46 13.36
N ARG B 429 -40.44 -39.15 12.15
CA ARG B 429 -40.12 -39.87 10.94
C ARG B 429 -38.64 -39.76 10.50
N MET B 430 -37.91 -38.69 10.90
CA MET B 430 -36.62 -38.28 10.54
C MET B 430 -35.66 -39.12 11.33
N LEU B 431 -36.06 -39.79 12.43
CA LEU B 431 -35.23 -40.76 13.13
C LEU B 431 -34.94 -42.03 12.28
N PRO B 432 -35.85 -42.74 11.59
CA PRO B 432 -35.46 -43.92 10.77
C PRO B 432 -34.54 -43.70 9.59
N THR B 433 -34.52 -42.43 9.14
CA THR B 433 -33.66 -41.94 8.07
C THR B 433 -32.26 -41.97 8.57
N ILE B 434 -32.04 -41.66 9.85
CA ILE B 434 -30.74 -41.79 10.49
C ILE B 434 -30.34 -43.26 10.62
N ILE B 435 -31.33 -44.12 11.08
CA ILE B 435 -31.16 -45.54 11.17
C ILE B 435 -30.85 -46.16 9.80
N ALA B 436 -31.34 -45.54 8.69
CA ALA B 436 -31.16 -46.00 7.38
C ALA B 436 -29.69 -45.81 6.93
N ASP B 437 -28.98 -44.63 7.29
CA ASP B 437 -27.65 -44.34 6.96
C ASP B 437 -26.63 -45.23 7.64
N ASN B 438 -27.04 -45.58 8.94
CA ASN B 438 -26.39 -46.45 9.86
C ASN B 438 -26.37 -47.87 9.29
N ALA B 439 -27.53 -48.29 8.74
CA ALA B 439 -27.51 -49.48 7.93
C ALA B 439 -26.52 -49.42 6.78
N GLY B 440 -26.50 -48.33 6.02
CA GLY B 440 -25.55 -48.04 5.04
C GLY B 440 -26.29 -48.20 3.74
N TYR B 441 -27.67 -48.33 3.83
CA TYR B 441 -28.61 -48.54 2.76
C TYR B 441 -29.38 -47.32 2.62
N ASP B 442 -29.60 -46.77 1.40
CA ASP B 442 -30.04 -45.43 1.09
C ASP B 442 -31.40 -45.17 1.80
N SER B 443 -31.52 -43.94 2.36
CA SER B 443 -32.75 -43.68 3.16
C SER B 443 -34.08 -43.63 2.48
N ALA B 444 -34.10 -43.02 1.25
CA ALA B 444 -35.29 -42.61 0.61
C ALA B 444 -36.16 -43.86 0.34
N ASP B 445 -35.62 -44.97 -0.16
CA ASP B 445 -36.37 -46.18 -0.55
C ASP B 445 -37.05 -46.76 0.61
N LEU B 446 -36.34 -46.97 1.77
CA LEU B 446 -36.72 -47.74 2.92
C LEU B 446 -37.79 -47.09 3.72
N VAL B 447 -37.58 -45.82 3.97
CA VAL B 447 -38.38 -45.05 4.80
C VAL B 447 -39.79 -44.78 4.15
N ALA B 448 -39.74 -44.53 2.85
CA ALA B 448 -40.95 -44.44 2.05
C ALA B 448 -41.82 -45.68 2.00
N GLN B 449 -41.22 -46.92 1.93
CA GLN B 449 -41.86 -48.22 2.03
C GLN B 449 -42.55 -48.56 3.32
N LEU B 450 -41.82 -48.22 4.46
CA LEU B 450 -42.10 -48.28 5.84
C LEU B 450 -43.35 -47.42 6.14
N ARG B 451 -43.33 -46.21 5.57
CA ARG B 451 -44.40 -45.24 5.63
C ARG B 451 -45.66 -45.73 5.13
N ALA B 452 -45.60 -46.45 4.00
CA ALA B 452 -46.67 -47.06 3.32
C ALA B 452 -47.39 -48.18 4.11
N ALA B 453 -46.57 -49.00 4.83
CA ALA B 453 -47.11 -50.05 5.63
C ALA B 453 -48.06 -49.64 6.75
N HIS B 454 -47.53 -48.64 7.46
CA HIS B 454 -48.16 -48.11 8.68
C HIS B 454 -49.43 -47.31 8.49
N SER B 455 -49.53 -46.77 7.24
CA SER B 455 -50.82 -46.11 6.86
C SER B 455 -51.97 -47.06 6.77
N GLU B 456 -51.71 -48.21 6.17
CA GLU B 456 -52.61 -49.26 5.91
C GLU B 456 -52.92 -49.99 7.20
N GLY B 457 -51.84 -50.12 8.07
CA GLY B 457 -51.94 -50.58 9.39
C GLY B 457 -51.13 -51.83 9.44
N ASN B 458 -49.85 -51.67 9.85
CA ASN B 458 -49.10 -52.85 9.95
C ASN B 458 -47.91 -52.37 10.78
N THR B 459 -47.48 -53.30 11.68
CA THR B 459 -46.41 -53.13 12.67
C THR B 459 -45.64 -54.47 12.67
N THR B 460 -45.85 -55.29 11.60
CA THR B 460 -45.35 -56.62 11.36
C THR B 460 -44.43 -56.50 10.15
N ALA B 461 -43.97 -55.22 9.81
CA ALA B 461 -42.82 -54.96 8.93
C ALA B 461 -42.29 -53.77 9.62
N GLY B 462 -40.95 -53.79 9.71
CA GLY B 462 -40.15 -52.74 10.27
C GLY B 462 -38.92 -52.54 9.38
N LEU B 463 -37.98 -51.70 9.85
CA LEU B 463 -36.69 -51.62 9.20
C LEU B 463 -35.67 -52.49 9.90
N ASP B 464 -35.16 -53.48 9.12
CA ASP B 464 -34.04 -54.39 9.41
C ASP B 464 -32.88 -53.65 8.90
N MET B 465 -31.96 -53.10 9.78
CA MET B 465 -30.76 -52.36 9.43
C MET B 465 -29.66 -53.36 9.48
N ARG B 466 -29.97 -54.65 9.64
CA ARG B 466 -29.12 -55.76 9.81
C ARG B 466 -29.29 -56.65 8.59
N GLU B 467 -29.97 -56.16 7.58
CA GLU B 467 -30.15 -56.83 6.31
C GLU B 467 -30.19 -55.75 5.30
N GLY B 468 -30.35 -54.49 5.67
CA GLY B 468 -30.37 -53.46 4.68
C GLY B 468 -31.59 -53.39 3.84
N THR B 469 -32.68 -54.07 4.27
CA THR B 469 -33.93 -54.16 3.50
C THR B 469 -35.02 -53.96 4.51
N ILE B 470 -36.25 -53.83 4.01
CA ILE B 470 -37.51 -53.69 4.74
C ILE B 470 -37.91 -55.05 5.11
N GLY B 471 -38.17 -55.39 6.40
CA GLY B 471 -38.30 -56.85 6.72
C GLY B 471 -39.40 -56.97 7.74
N ASP B 472 -39.74 -58.24 8.11
CA ASP B 472 -40.63 -58.60 9.18
C ASP B 472 -40.13 -58.14 10.55
N MET B 473 -41.08 -57.83 11.42
CA MET B 473 -40.82 -57.78 12.86
C MET B 473 -41.88 -58.52 13.45
N ALA B 474 -41.40 -59.55 14.14
CA ALA B 474 -42.27 -60.46 14.82
C ALA B 474 -41.69 -60.85 16.20
N ILE B 475 -41.18 -59.73 16.95
CA ILE B 475 -40.47 -59.84 18.19
C ILE B 475 -39.19 -60.54 17.82
N LEU B 476 -38.34 -59.94 16.94
CA LEU B 476 -36.99 -60.47 16.62
C LEU B 476 -35.93 -59.89 17.48
N GLY B 477 -34.59 -60.11 17.20
CA GLY B 477 -33.45 -59.56 17.96
C GLY B 477 -33.09 -58.19 17.62
N ILE B 478 -34.05 -57.36 17.27
CA ILE B 478 -33.90 -56.02 16.85
C ILE B 478 -35.10 -55.19 17.18
N THR B 479 -36.09 -55.71 18.10
CA THR B 479 -37.13 -54.89 18.69
C THR B 479 -36.61 -54.28 19.96
N GLU B 480 -37.38 -53.31 20.43
CA GLU B 480 -37.10 -52.34 21.47
C GLU B 480 -38.28 -52.55 22.44
N SER B 481 -38.12 -52.16 23.71
CA SER B 481 -39.28 -52.24 24.66
C SER B 481 -40.05 -50.94 24.46
N PHE B 482 -41.27 -51.13 25.13
CA PHE B 482 -42.22 -50.06 25.31
C PHE B 482 -41.67 -49.08 26.36
N GLN B 483 -40.94 -49.71 27.31
CA GLN B 483 -40.41 -49.04 28.49
C GLN B 483 -39.43 -47.97 28.23
N VAL B 484 -38.43 -48.27 27.37
CA VAL B 484 -37.43 -47.39 26.94
C VAL B 484 -38.05 -46.24 26.11
N LYS B 485 -38.96 -46.65 25.18
CA LYS B 485 -39.50 -45.77 24.12
C LYS B 485 -40.43 -44.63 24.52
N ARG B 486 -41.29 -44.83 25.50
CA ARG B 486 -42.23 -43.92 26.14
C ARG B 486 -41.46 -42.86 26.80
N GLN B 487 -40.33 -43.19 27.46
CA GLN B 487 -39.59 -42.22 28.16
C GLN B 487 -38.77 -41.34 27.24
N VAL B 488 -38.23 -41.95 26.15
CA VAL B 488 -37.42 -41.36 25.08
C VAL B 488 -38.25 -40.41 24.32
N LEU B 489 -39.52 -40.71 23.97
CA LEU B 489 -40.37 -39.79 23.27
C LEU B 489 -40.75 -38.58 24.09
N LEU B 490 -41.10 -38.80 25.38
CA LEU B 490 -41.45 -37.79 26.33
C LEU B 490 -40.41 -36.78 26.62
N SER B 491 -39.12 -37.26 26.92
CA SER B 491 -37.98 -36.39 27.09
C SER B 491 -37.46 -35.62 25.89
N ALA B 492 -37.44 -36.21 24.71
CA ALA B 492 -37.01 -35.45 23.56
C ALA B 492 -37.84 -34.20 23.31
N ALA B 493 -39.19 -34.42 23.40
CA ALA B 493 -40.12 -33.36 23.25
C ALA B 493 -40.00 -32.28 24.26
N GLU B 494 -39.84 -32.72 25.57
CA GLU B 494 -39.85 -31.88 26.74
C GLU B 494 -38.68 -30.96 26.76
N ALA B 495 -37.48 -31.52 26.36
CA ALA B 495 -36.23 -30.81 26.20
C ALA B 495 -36.37 -29.77 25.13
N ALA B 496 -36.97 -30.15 23.96
CA ALA B 496 -37.03 -29.27 22.74
C ALA B 496 -37.92 -27.98 23.06
N GLU B 497 -39.02 -28.17 23.83
CA GLU B 497 -39.96 -27.18 24.19
C GLU B 497 -39.39 -26.25 25.22
N VAL B 498 -38.50 -26.79 26.08
CA VAL B 498 -37.78 -25.89 26.96
C VAL B 498 -36.78 -25.05 26.13
N ILE B 499 -36.10 -25.59 25.09
CA ILE B 499 -35.13 -24.85 24.29
C ILE B 499 -35.86 -23.75 23.49
N LEU B 500 -37.08 -24.04 22.97
CA LEU B 500 -37.94 -23.12 22.24
C LEU B 500 -38.35 -21.91 23.06
N ARG B 501 -38.70 -22.26 24.31
CA ARG B 501 -39.22 -21.32 25.31
C ARG B 501 -38.22 -20.43 25.89
N VAL B 502 -36.92 -20.81 25.77
CA VAL B 502 -35.92 -19.97 26.18
C VAL B 502 -35.38 -19.33 25.02
N ASP B 503 -35.64 -18.02 24.93
CA ASP B 503 -35.17 -17.20 23.82
C ASP B 503 -34.69 -15.91 24.41
N ASN B 504 -34.77 -15.80 25.76
CA ASN B 504 -34.31 -14.54 26.47
C ASN B 504 -33.07 -14.98 27.19
N ILE B 505 -32.11 -15.35 26.34
CA ILE B 505 -30.87 -15.91 26.86
C ILE B 505 -29.99 -14.77 27.13
N ILE B 506 -29.69 -14.51 28.47
CA ILE B 506 -28.80 -13.49 28.77
C ILE B 506 -27.54 -14.22 29.20
N LYS B 507 -26.41 -13.96 28.45
CA LYS B 507 -25.15 -14.59 28.68
C LYS B 507 -24.45 -13.44 29.30
N ALA B 508 -23.78 -13.55 30.49
CA ALA B 508 -23.04 -12.59 31.22
C ALA B 508 -21.60 -13.02 31.06
N ALA B 509 -21.13 -13.80 29.99
CA ALA B 509 -19.73 -14.17 30.07
C ALA B 509 -19.01 -13.13 29.22
N ARG C 4 30.86 -18.90 4.67
CA ARG C 4 31.70 -19.69 3.65
C ARG C 4 31.86 -18.96 2.39
N GLU C 5 33.15 -19.05 1.88
CA GLU C 5 33.53 -18.51 0.54
C GLU C 5 34.09 -19.57 -0.26
N SER C 6 33.94 -19.58 -1.59
CA SER C 6 34.41 -20.54 -2.47
C SER C 6 34.89 -19.89 -3.72
N GLY C 7 36.05 -20.46 -4.21
CA GLY C 7 36.56 -20.19 -5.63
C GLY C 7 36.98 -18.82 -5.88
N ARG C 8 36.33 -18.13 -6.89
CA ARG C 8 36.63 -16.85 -7.36
C ARG C 8 36.47 -15.75 -6.32
N LYS C 9 35.58 -15.95 -5.35
CA LYS C 9 35.35 -14.99 -4.25
C LYS C 9 36.63 -14.78 -3.43
N VAL C 10 37.31 -15.88 -3.24
CA VAL C 10 38.50 -15.92 -2.41
C VAL C 10 39.70 -15.23 -3.00
N GLN C 11 40.02 -15.45 -4.26
CA GLN C 11 41.08 -14.80 -4.96
C GLN C 11 40.90 -13.30 -5.01
N SER C 12 39.65 -12.85 -5.35
CA SER C 12 39.45 -11.43 -5.33
C SER C 12 39.55 -10.83 -3.92
N GLY C 13 39.04 -11.54 -2.85
CA GLY C 13 39.06 -11.13 -1.47
C GLY C 13 40.38 -10.88 -0.95
N ASN C 14 41.38 -11.72 -1.39
CA ASN C 14 42.70 -11.67 -0.84
C ASN C 14 43.32 -10.35 -1.19
N ILE C 15 43.10 -10.03 -2.49
CA ILE C 15 43.77 -8.89 -3.12
C ILE C 15 43.18 -7.64 -2.48
N ASN C 16 41.86 -7.54 -2.25
CA ASN C 16 41.31 -6.35 -1.65
C ASN C 16 41.83 -6.08 -0.27
N ALA C 17 41.97 -7.09 0.62
CA ALA C 17 42.17 -7.03 2.07
C ALA C 17 43.54 -6.52 2.30
N ALA C 18 44.50 -7.07 1.42
CA ALA C 18 45.90 -6.74 1.38
C ALA C 18 46.14 -5.28 1.07
N LYS C 19 45.25 -4.87 0.11
CA LYS C 19 45.32 -3.70 -0.64
C LYS C 19 44.88 -2.54 0.25
N THR C 20 43.78 -2.72 1.00
CA THR C 20 43.19 -1.69 1.84
C THR C 20 44.09 -1.33 2.99
N ILE C 21 44.85 -2.22 3.60
CA ILE C 21 45.88 -2.10 4.59
C ILE C 21 46.98 -1.31 3.95
N ALA C 22 47.32 -1.64 2.72
CA ALA C 22 48.49 -1.12 2.05
C ALA C 22 48.60 0.34 1.73
N ASP C 23 47.48 0.94 1.34
CA ASP C 23 47.51 2.20 0.63
C ASP C 23 48.21 3.33 1.35
N ILE C 24 47.88 3.43 2.62
CA ILE C 24 48.38 4.46 3.54
C ILE C 24 49.73 4.03 4.20
N ILE C 25 49.93 2.67 4.38
CA ILE C 25 50.96 2.11 5.16
C ILE C 25 52.22 2.15 4.27
N ARG C 26 52.08 2.04 2.88
CA ARG C 26 53.17 2.09 1.95
C ARG C 26 53.77 3.47 2.01
N THR C 27 52.84 4.49 2.17
CA THR C 27 53.24 5.91 2.13
C THR C 27 54.14 6.26 3.30
N CYS C 28 53.96 5.50 4.42
CA CYS C 28 54.64 5.82 5.66
C CYS C 28 56.04 5.52 5.68
N LEU C 29 56.46 4.60 4.86
CA LEU C 29 57.88 4.21 4.63
C LEU C 29 58.65 5.42 4.23
N GLY C 30 59.89 5.60 4.75
CA GLY C 30 60.75 6.70 4.38
C GLY C 30 60.53 7.88 5.30
N PRO C 31 61.49 8.83 5.36
CA PRO C 31 61.51 9.99 6.23
C PRO C 31 60.30 10.79 6.17
N LYS C 32 59.82 10.85 4.87
CA LYS C 32 58.48 11.22 4.52
C LYS C 32 57.53 10.20 4.87
N SER C 33 56.62 10.58 5.78
CA SER C 33 55.73 9.70 6.45
C SER C 33 54.41 10.41 6.39
N MET C 34 53.37 9.69 5.90
CA MET C 34 51.99 10.12 5.98
C MET C 34 51.52 9.47 7.28
N MET C 35 50.61 10.14 7.94
CA MET C 35 50.07 9.83 9.24
C MET C 35 48.66 9.39 9.04
N LYS C 36 48.26 8.19 9.59
CA LYS C 36 47.00 7.55 9.49
C LYS C 36 46.15 8.14 10.56
N MET C 37 44.86 8.62 10.26
CA MET C 37 43.87 8.93 11.29
C MET C 37 43.08 7.63 11.62
N LEU C 38 42.89 7.27 12.88
CA LEU C 38 41.90 6.29 13.29
C LEU C 38 40.90 7.02 14.15
N LEU C 39 39.62 6.91 13.73
CA LEU C 39 38.53 7.54 14.45
C LEU C 39 37.72 6.59 15.31
N ASP C 40 37.66 6.84 16.57
CA ASP C 40 36.99 6.07 17.59
C ASP C 40 35.55 6.32 17.59
N PRO C 41 34.74 5.47 18.18
CA PRO C 41 33.32 5.73 18.40
C PRO C 41 33.16 6.82 19.45
N MET C 42 34.17 7.04 20.37
CA MET C 42 34.11 7.99 21.46
C MET C 42 34.43 9.42 20.87
N GLY C 43 34.78 9.43 19.58
CA GLY C 43 34.97 10.66 18.82
C GLY C 43 36.36 11.11 18.90
N GLY C 44 37.26 10.26 19.47
CA GLY C 44 38.67 10.61 19.65
C GLY C 44 39.52 10.07 18.59
N ILE C 45 40.79 10.49 18.67
CA ILE C 45 41.75 10.26 17.63
C ILE C 45 43.03 9.69 18.19
N VAL C 46 43.58 8.69 17.46
CA VAL C 46 44.90 8.08 17.70
C VAL C 46 45.65 8.20 16.35
N MET C 47 46.84 8.82 16.38
CA MET C 47 47.62 9.08 15.17
C MET C 47 48.87 8.32 15.21
N THR C 48 49.20 7.64 14.09
CA THR C 48 50.15 6.54 14.12
C THR C 48 50.86 6.53 12.77
N ASN C 49 52.09 6.00 12.76
CA ASN C 49 52.95 5.83 11.65
C ASN C 49 53.46 4.37 11.65
N ASP C 50 53.41 3.78 12.88
CA ASP C 50 53.82 2.42 13.20
C ASP C 50 52.72 1.44 12.73
N GLY C 51 53.23 0.41 11.88
CA GLY C 51 52.39 -0.57 11.18
C GLY C 51 51.70 -1.48 12.15
N ASN C 52 52.42 -1.90 13.22
CA ASN C 52 51.86 -2.80 14.27
C ASN C 52 50.66 -2.15 14.90
N ALA C 53 50.75 -0.83 15.17
CA ALA C 53 49.63 -0.13 15.82
C ALA C 53 48.37 -0.09 14.97
N ILE C 54 48.48 0.18 13.61
CA ILE C 54 47.34 0.42 12.73
C ILE C 54 46.51 -0.77 12.67
N LEU C 55 47.23 -1.90 12.45
CA LEU C 55 46.70 -3.24 12.21
C LEU C 55 45.97 -3.81 13.37
N ARG C 56 46.44 -3.60 14.61
CA ARG C 56 45.91 -4.22 15.75
C ARG C 56 44.58 -3.56 16.04
N GLU C 57 44.54 -2.21 15.93
CA GLU C 57 43.38 -1.34 16.24
C GLU C 57 42.14 -1.62 15.34
N ILE C 58 42.31 -1.82 14.04
CA ILE C 58 41.19 -1.98 13.19
C ILE C 58 40.55 -3.38 13.21
N GLN C 59 39.24 -3.28 12.87
CA GLN C 59 38.36 -4.40 12.91
C GLN C 59 38.35 -4.94 11.60
N VAL C 60 38.87 -6.18 11.50
CA VAL C 60 38.92 -6.91 10.25
C VAL C 60 37.96 -8.18 10.31
N GLN C 61 37.20 -8.49 9.25
CA GLN C 61 36.07 -9.35 9.35
C GLN C 61 36.35 -10.70 8.66
N HIS C 62 37.34 -10.54 7.78
CA HIS C 62 37.69 -11.46 6.78
C HIS C 62 38.91 -12.18 7.35
N PRO C 63 38.94 -13.59 7.30
CA PRO C 63 40.09 -14.40 7.83
C PRO C 63 41.43 -14.11 7.09
N ALA C 64 41.40 -13.72 5.75
CA ALA C 64 42.54 -13.50 4.95
C ALA C 64 43.18 -12.25 5.44
N ALA C 65 42.39 -11.24 5.87
CA ALA C 65 42.93 -10.06 6.48
C ALA C 65 43.73 -10.30 7.72
N LYS C 66 43.31 -11.24 8.59
CA LYS C 66 43.90 -11.65 9.84
C LYS C 66 45.25 -12.25 9.61
N SER C 67 45.41 -12.99 8.45
CA SER C 67 46.68 -13.58 8.07
C SER C 67 47.72 -12.49 7.80
N MET C 68 47.26 -11.25 7.35
CA MET C 68 48.06 -10.05 6.99
C MET C 68 48.69 -9.61 8.27
N ILE C 69 47.84 -9.44 9.35
CA ILE C 69 48.18 -8.89 10.59
C ILE C 69 49.31 -9.73 11.22
N GLU C 70 49.07 -11.10 11.18
CA GLU C 70 49.89 -12.08 11.88
C GLU C 70 51.21 -12.13 11.19
N ILE C 71 51.28 -11.69 9.87
CA ILE C 71 52.65 -11.85 9.27
C ILE C 71 53.48 -10.71 9.59
N SER C 72 52.86 -9.63 10.03
CA SER C 72 53.58 -8.42 10.44
C SER C 72 54.12 -8.67 11.88
N ARG C 73 53.57 -9.63 12.63
CA ARG C 73 54.01 -10.12 13.96
C ARG C 73 55.32 -10.93 13.82
N THR C 74 55.38 -11.71 12.74
CA THR C 74 56.46 -12.49 12.26
C THR C 74 57.76 -11.66 12.02
N GLN C 75 57.61 -10.54 11.29
CA GLN C 75 58.53 -9.54 10.97
C GLN C 75 59.02 -8.72 12.13
N ASP C 76 58.03 -8.40 12.99
CA ASP C 76 58.27 -7.52 14.18
C ASP C 76 59.16 -8.27 15.15
N GLU C 77 58.90 -9.58 15.27
CA GLU C 77 59.64 -10.45 16.14
C GLU C 77 61.06 -10.66 15.66
N GLU C 78 61.26 -10.71 14.30
CA GLU C 78 62.61 -10.91 13.86
C GLU C 78 63.35 -9.60 13.95
N VAL C 79 62.95 -8.48 13.29
CA VAL C 79 63.64 -7.22 13.37
C VAL C 79 62.69 -6.33 14.20
N GLY C 80 61.80 -5.60 13.50
CA GLY C 80 61.05 -4.48 14.06
C GLY C 80 61.10 -3.33 13.13
N ASP C 81 61.80 -3.51 11.96
CA ASP C 81 61.80 -2.43 10.90
C ASP C 81 61.43 -3.16 9.70
N GLY C 82 60.59 -2.54 8.81
CA GLY C 82 60.24 -3.16 7.57
C GLY C 82 58.88 -3.76 7.72
N THR C 83 58.25 -3.56 8.92
CA THR C 83 56.99 -4.01 9.35
C THR C 83 55.88 -3.44 8.53
N THR C 84 55.98 -2.19 8.15
CA THR C 84 55.10 -1.54 7.21
C THR C 84 55.10 -2.23 5.85
N SER C 85 56.31 -2.55 5.36
CA SER C 85 56.70 -3.10 4.09
C SER C 85 56.21 -4.40 3.67
N VAL C 86 56.16 -5.43 4.55
CA VAL C 86 55.89 -6.79 4.19
C VAL C 86 54.45 -6.97 3.51
N ILE C 87 53.38 -6.32 4.11
CA ILE C 87 52.03 -6.42 3.52
C ILE C 87 51.86 -5.78 2.10
N ILE C 88 52.74 -4.72 1.82
CA ILE C 88 52.75 -4.03 0.55
C ILE C 88 53.22 -4.87 -0.58
N LEU C 89 54.33 -5.55 -0.26
CA LEU C 89 55.01 -6.43 -1.08
C LEU C 89 54.26 -7.70 -1.43
N ALA C 90 53.57 -8.20 -0.33
CA ALA C 90 52.83 -9.41 -0.40
C ALA C 90 51.52 -9.31 -1.27
N GLY C 91 50.88 -8.08 -1.27
CA GLY C 91 49.74 -7.63 -1.91
C GLY C 91 49.86 -7.44 -3.32
N GLU C 92 51.05 -6.89 -3.67
CA GLU C 92 51.33 -6.58 -5.02
C GLU C 92 51.76 -7.83 -5.81
N MET C 93 52.13 -8.95 -5.16
CA MET C 93 52.36 -10.20 -5.88
C MET C 93 51.11 -10.76 -6.35
N LEU C 94 50.09 -10.59 -5.54
CA LEU C 94 48.77 -11.14 -5.86
C LEU C 94 47.97 -10.40 -6.87
N SER C 95 48.16 -9.07 -6.93
CA SER C 95 47.39 -8.20 -7.83
C SER C 95 47.71 -8.52 -9.21
N VAL C 96 49.04 -8.46 -9.44
CA VAL C 96 49.61 -8.49 -10.75
C VAL C 96 49.58 -9.79 -11.38
N ALA C 97 49.84 -10.92 -10.60
CA ALA C 97 49.79 -12.27 -11.13
C ALA C 97 48.42 -12.94 -11.23
N GLU C 98 47.67 -12.92 -10.14
CA GLU C 98 46.65 -13.87 -9.87
C GLU C 98 45.48 -14.00 -10.79
N HIS C 99 44.73 -12.88 -10.99
CA HIS C 99 43.42 -13.06 -11.59
C HIS C 99 43.52 -13.53 -13.01
N PHE C 100 44.49 -13.04 -13.78
CA PHE C 100 44.66 -13.39 -15.15
C PHE C 100 44.98 -14.88 -15.29
N LEU C 101 45.94 -15.45 -14.51
CA LEU C 101 46.41 -16.84 -14.51
C LEU C 101 45.48 -17.83 -13.91
N GLU C 102 44.51 -17.41 -13.14
CA GLU C 102 43.49 -18.24 -12.63
C GLU C 102 42.49 -18.65 -13.67
N GLN C 103 42.12 -17.69 -14.51
CA GLN C 103 41.17 -17.92 -15.59
C GLN C 103 41.60 -19.09 -16.55
N GLN C 104 42.92 -19.14 -16.81
CA GLN C 104 43.50 -20.28 -17.41
C GLN C 104 43.54 -21.43 -16.58
N MET C 105 43.92 -21.15 -15.34
CA MET C 105 43.87 -22.04 -14.22
C MET C 105 45.21 -22.65 -14.08
N HIS C 106 46.00 -22.07 -13.21
CA HIS C 106 47.25 -22.67 -12.72
C HIS C 106 47.57 -21.94 -11.46
N PRO C 107 47.19 -22.23 -10.23
CA PRO C 107 47.63 -21.57 -9.07
C PRO C 107 48.98 -21.98 -8.60
N THR C 108 49.32 -23.21 -8.59
CA THR C 108 50.48 -23.83 -7.95
C THR C 108 51.77 -23.41 -8.63
N VAL C 109 51.64 -23.03 -9.91
CA VAL C 109 52.62 -22.50 -10.80
C VAL C 109 53.08 -21.17 -10.39
N VAL C 110 52.18 -20.26 -9.95
CA VAL C 110 52.46 -18.93 -9.57
C VAL C 110 53.30 -18.90 -8.30
N ILE C 111 52.85 -19.76 -7.36
CA ILE C 111 53.53 -20.15 -6.12
C ILE C 111 54.99 -20.61 -6.39
N SER C 112 55.37 -21.57 -7.31
CA SER C 112 56.68 -22.14 -7.59
C SER C 112 57.62 -21.14 -8.11
N ALA C 113 56.98 -20.23 -8.90
CA ALA C 113 57.64 -19.12 -9.54
C ALA C 113 58.15 -18.10 -8.51
N TYR C 114 57.31 -17.82 -7.44
CA TYR C 114 57.58 -16.88 -6.39
C TYR C 114 58.83 -17.18 -5.68
N ARG C 115 59.03 -18.52 -5.37
CA ARG C 115 60.15 -18.98 -4.57
C ARG C 115 61.47 -18.99 -5.41
N LYS C 116 61.35 -19.31 -6.77
CA LYS C 116 62.52 -19.17 -7.76
C LYS C 116 63.05 -17.78 -7.92
N ALA C 117 62.11 -16.82 -7.94
CA ALA C 117 62.32 -15.46 -8.04
C ALA C 117 62.98 -14.93 -6.81
N LEU C 118 62.59 -15.47 -5.57
CA LEU C 118 62.99 -15.10 -4.27
C LEU C 118 64.48 -15.36 -4.12
N ASP C 119 64.86 -16.55 -4.69
CA ASP C 119 66.25 -16.99 -4.78
C ASP C 119 67.04 -16.19 -5.71
N ASP C 120 66.39 -15.67 -6.79
CA ASP C 120 66.97 -14.89 -7.76
C ASP C 120 67.41 -13.60 -7.08
N MET C 121 66.55 -13.04 -6.15
CA MET C 121 66.77 -11.76 -5.51
C MET C 121 67.90 -11.87 -4.49
N ILE C 122 68.03 -13.00 -3.73
CA ILE C 122 69.03 -13.24 -2.66
C ILE C 122 70.35 -13.26 -3.26
N SER C 123 70.50 -13.88 -4.48
CA SER C 123 71.76 -13.94 -5.13
C SER C 123 72.24 -12.53 -5.59
N THR C 124 71.34 -11.69 -6.16
CA THR C 124 71.61 -10.34 -6.68
C THR C 124 72.13 -9.50 -5.59
N LEU C 125 71.56 -9.66 -4.39
CA LEU C 125 71.99 -8.83 -3.28
C LEU C 125 73.49 -8.90 -2.92
N LYS C 126 74.12 -10.08 -3.02
CA LYS C 126 75.53 -10.23 -2.62
C LYS C 126 76.47 -9.42 -3.54
N LYS C 127 76.14 -9.35 -4.83
CA LYS C 127 76.87 -8.60 -5.77
C LYS C 127 76.77 -7.15 -5.72
N ILE C 128 75.53 -6.70 -5.52
CA ILE C 128 75.14 -5.32 -5.45
C ILE C 128 75.80 -4.72 -4.24
N SER C 129 75.82 -5.46 -3.04
CA SER C 129 76.35 -5.00 -1.73
C SER C 129 77.80 -5.11 -1.70
N ILE C 130 78.47 -4.29 -0.84
CA ILE C 130 79.92 -4.29 -0.57
C ILE C 130 79.97 -4.64 0.95
N PRO C 131 81.03 -5.22 1.45
CA PRO C 131 81.20 -5.44 2.86
C PRO C 131 81.13 -4.15 3.73
N VAL C 132 80.76 -4.22 5.05
CA VAL C 132 80.87 -3.14 6.04
C VAL C 132 81.70 -3.67 7.13
N ASP C 133 82.69 -2.87 7.75
CA ASP C 133 83.47 -3.35 8.84
C ASP C 133 82.65 -3.34 10.10
N ILE C 134 82.66 -4.54 10.70
CA ILE C 134 81.77 -4.85 11.78
C ILE C 134 82.39 -4.53 13.15
N SER C 135 83.51 -3.82 13.10
CA SER C 135 84.15 -3.35 14.33
C SER C 135 84.53 -1.89 14.25
N ASP C 136 84.11 -1.28 13.09
CA ASP C 136 84.30 0.11 12.87
C ASP C 136 82.95 0.74 13.04
N SER C 137 82.89 1.61 14.03
CA SER C 137 81.80 2.34 14.49
C SER C 137 81.31 3.29 13.51
N ASP C 138 82.18 3.96 12.75
CA ASP C 138 81.84 5.06 11.86
C ASP C 138 81.03 4.60 10.73
N MET C 139 81.39 3.50 10.14
CA MET C 139 80.81 2.88 9.04
C MET C 139 79.45 2.30 9.31
N MET C 140 79.18 1.78 10.55
CA MET C 140 77.92 1.24 10.91
C MET C 140 77.01 2.31 11.27
N LEU C 141 77.50 3.47 11.76
CA LEU C 141 76.76 4.55 12.31
C LEU C 141 75.84 5.14 11.34
N ASN C 142 76.25 5.24 10.02
CA ASN C 142 75.49 6.04 9.03
C ASN C 142 74.17 5.29 8.69
N ILE C 143 74.24 3.99 8.86
CA ILE C 143 73.22 3.06 8.56
C ILE C 143 72.11 3.28 9.53
N ILE C 144 72.45 3.48 10.83
CA ILE C 144 71.54 3.61 11.94
C ILE C 144 70.85 4.91 11.79
N ASN C 145 71.61 5.89 11.32
CA ASN C 145 71.16 7.20 11.04
C ASN C 145 69.98 7.21 9.97
N SER C 146 70.08 6.32 8.95
CA SER C 146 69.01 6.13 8.03
C SER C 146 67.74 5.62 8.66
N SER C 147 67.85 4.62 9.53
CA SER C 147 66.68 3.99 10.05
C SER C 147 65.96 4.77 11.10
N ILE C 148 66.70 5.52 11.93
CA ILE C 148 66.02 6.21 12.99
C ILE C 148 64.95 7.18 12.46
N THR C 149 65.19 7.87 11.29
CA THR C 149 64.36 9.06 10.95
C THR C 149 63.06 8.66 10.35
N THR C 150 62.85 7.37 10.07
CA THR C 150 61.49 6.83 9.74
C THR C 150 60.44 7.16 10.84
N LYS C 151 60.79 6.94 12.17
CA LYS C 151 59.96 7.17 13.35
C LYS C 151 59.61 8.64 13.51
N ALA C 152 60.65 9.52 13.25
CA ALA C 152 60.54 10.94 13.12
C ALA C 152 61.09 11.65 14.29
N ILE C 153 61.79 11.01 15.28
CA ILE C 153 62.57 11.63 16.33
C ILE C 153 64.02 11.72 15.82
N SER C 154 64.73 12.84 16.01
CA SER C 154 65.96 13.17 15.34
C SER C 154 66.80 13.97 16.27
N ARG C 155 66.50 14.06 17.55
CA ARG C 155 67.23 14.77 18.56
C ARG C 155 67.89 13.85 19.58
N TRP C 156 67.09 12.90 20.13
CA TRP C 156 67.54 11.93 21.15
C TRP C 156 68.23 10.69 20.54
N SER C 157 67.95 10.60 19.18
CA SER C 157 68.33 9.59 18.26
C SER C 157 69.86 9.49 18.19
N SER C 158 70.55 10.67 18.12
CA SER C 158 71.98 10.95 17.96
C SER C 158 72.78 10.33 19.03
N LEU C 159 72.27 10.33 20.26
CA LEU C 159 72.90 9.68 21.30
C LEU C 159 72.80 8.22 21.30
N ALA C 160 71.55 7.76 20.91
CA ALA C 160 71.12 6.38 20.99
C ALA C 160 71.90 5.52 20.07
N CYS C 161 72.38 6.08 18.96
CA CYS C 161 72.95 5.26 17.95
C CYS C 161 74.20 4.55 18.48
N ASN C 162 75.07 5.44 19.13
CA ASN C 162 76.43 5.18 19.59
C ASN C 162 76.51 4.15 20.79
N ILE C 163 75.60 4.38 21.75
CA ILE C 163 75.33 3.52 22.90
C ILE C 163 74.87 2.13 22.45
N ALA C 164 74.03 2.04 21.41
CA ALA C 164 73.66 0.79 20.78
C ALA C 164 74.78 0.00 20.19
N LEU C 165 75.72 0.70 19.57
CA LEU C 165 76.87 0.10 18.84
C LEU C 165 77.66 -0.77 19.86
N ASP C 166 78.00 -0.21 21.06
CA ASP C 166 78.80 -0.93 22.02
C ASP C 166 77.95 -1.98 22.68
N ALA C 167 76.64 -1.71 22.89
CA ALA C 167 75.74 -2.69 23.60
C ALA C 167 75.60 -4.01 22.84
N VAL C 168 75.34 -3.99 21.47
CA VAL C 168 75.09 -5.12 20.66
C VAL C 168 76.35 -5.96 20.45
N LYS C 169 77.44 -5.22 20.24
CA LYS C 169 78.74 -5.77 20.05
C LYS C 169 79.31 -6.57 21.21
N MET C 170 78.99 -6.06 22.42
CA MET C 170 79.39 -6.73 23.61
C MET C 170 78.48 -7.91 23.98
N VAL C 171 77.23 -8.00 23.49
CA VAL C 171 76.43 -9.14 23.73
C VAL C 171 76.56 -10.09 22.56
N GLN C 172 77.51 -9.89 21.64
CA GLN C 172 77.84 -10.78 20.52
C GLN C 172 78.89 -11.71 20.98
N PHE C 173 78.58 -13.04 20.89
CA PHE C 173 79.52 -14.10 21.34
C PHE C 173 78.83 -15.44 21.01
N GLU C 174 77.70 -15.51 20.23
CA GLU C 174 77.00 -16.73 19.94
C GLU C 174 77.79 -17.61 18.96
N GLU C 175 77.97 -18.85 19.44
CA GLU C 175 78.60 -19.97 18.76
C GLU C 175 77.47 -20.95 18.49
N ASN C 176 77.49 -21.64 17.32
CA ASN C 176 76.58 -22.67 17.02
C ASN C 176 77.25 -23.56 15.89
N GLY C 177 78.61 -23.37 15.77
CA GLY C 177 79.48 -24.09 14.82
C GLY C 177 79.61 -23.34 13.56
N ARG C 178 78.93 -22.19 13.45
CA ARG C 178 78.91 -21.40 12.23
C ARG C 178 78.99 -19.97 12.53
N LYS C 179 78.78 -19.69 13.83
CA LYS C 179 79.04 -18.45 14.53
C LYS C 179 77.98 -17.40 14.14
N GLU C 180 76.67 -17.80 14.25
CA GLU C 180 75.55 -16.97 13.96
C GLU C 180 75.15 -16.24 15.12
N ILE C 181 74.66 -14.98 14.89
CA ILE C 181 74.46 -14.03 15.95
C ILE C 181 73.04 -13.73 15.76
N ASP C 182 72.26 -13.94 16.83
CA ASP C 182 70.94 -13.44 16.90
C ASP C 182 70.80 -12.94 18.31
N ILE C 183 71.83 -13.13 19.17
CA ILE C 183 71.95 -12.77 20.58
C ILE C 183 71.85 -11.34 20.75
N LYS C 184 70.80 -10.95 21.48
CA LYS C 184 70.43 -9.65 21.79
C LYS C 184 69.42 -9.84 22.92
N LYS C 185 69.50 -11.08 23.54
CA LYS C 185 68.56 -11.46 24.56
C LYS C 185 69.24 -11.36 25.90
N TYR C 186 70.48 -10.91 25.97
CA TYR C 186 71.26 -10.75 27.10
C TYR C 186 71.23 -9.31 27.38
N ALA C 187 71.05 -8.48 26.31
CA ALA C 187 70.79 -7.09 26.36
C ALA C 187 69.48 -6.59 26.96
N ARG C 188 69.46 -5.47 27.70
CA ARG C 188 68.28 -4.99 28.30
C ARG C 188 68.44 -3.50 28.47
N VAL C 189 67.33 -2.72 28.76
CA VAL C 189 67.49 -1.33 29.04
C VAL C 189 66.96 -1.14 30.38
N GLU C 190 67.78 -0.45 31.23
CA GLU C 190 67.53 -0.10 32.63
C GLU C 190 67.10 1.32 32.48
N LYS C 191 65.96 1.58 33.15
CA LYS C 191 65.32 2.85 33.01
C LYS C 191 65.35 3.52 34.37
N ILE C 192 65.71 4.80 34.46
CA ILE C 192 65.79 5.52 35.59
C ILE C 192 65.10 6.89 35.36
N PRO C 193 63.93 7.14 35.94
CA PRO C 193 63.43 8.41 35.95
C PRO C 193 64.30 9.40 36.71
N GLY C 194 64.49 10.63 36.21
CA GLY C 194 65.28 11.56 36.92
C GLY C 194 66.74 11.62 36.50
N GLY C 195 67.46 12.63 37.03
CA GLY C 195 68.90 12.85 36.79
C GLY C 195 69.07 13.73 35.57
N ILE C 196 70.32 13.83 35.06
CA ILE C 196 70.76 14.57 33.85
C ILE C 196 70.35 13.75 32.66
N ILE C 197 69.93 14.47 31.58
CA ILE C 197 69.32 14.01 30.36
C ILE C 197 70.40 13.36 29.43
N GLU C 198 71.71 13.64 29.67
CA GLU C 198 72.80 13.36 28.78
C GLU C 198 73.68 12.23 29.37
N ASP C 199 73.39 11.65 30.56
CA ASP C 199 74.19 10.56 31.08
C ASP C 199 73.53 9.33 30.51
N SER C 200 74.07 8.83 29.40
CA SER C 200 73.57 7.58 28.83
C SER C 200 74.88 6.83 28.57
N CYS C 201 75.07 5.58 29.09
CA CYS C 201 76.28 4.83 28.97
C CYS C 201 75.88 3.40 28.99
N VAL C 202 76.89 2.52 28.80
CA VAL C 202 76.79 1.08 28.87
C VAL C 202 77.68 0.63 30.03
N LEU C 203 77.33 -0.44 30.76
CA LEU C 203 78.02 -0.96 31.92
C LEU C 203 77.85 -2.46 31.65
N ARG C 204 78.71 -3.28 32.18
CA ARG C 204 78.71 -4.72 31.94
C ARG C 204 77.57 -5.45 32.61
N GLY C 205 77.65 -6.79 32.45
CA GLY C 205 76.62 -7.77 32.72
C GLY C 205 75.25 -7.53 32.25
N VAL C 206 74.20 -7.57 33.20
CA VAL C 206 72.80 -7.32 32.92
C VAL C 206 72.35 -6.55 34.15
N MET C 207 71.54 -5.44 34.00
CA MET C 207 71.17 -4.61 35.20
C MET C 207 69.73 -4.63 35.33
N ILE C 208 69.32 -4.79 36.57
CA ILE C 208 68.00 -5.17 36.98
C ILE C 208 67.39 -4.08 37.85
N ASN C 209 66.05 -3.77 37.69
CA ASN C 209 65.33 -2.80 38.47
C ASN C 209 63.90 -3.06 38.44
N LYS C 210 63.41 -4.01 37.65
CA LYS C 210 61.96 -4.18 37.45
C LYS C 210 61.27 -4.79 38.67
N ASP C 211 62.04 -5.36 39.61
CA ASP C 211 61.58 -5.82 40.82
C ASP C 211 62.74 -5.95 41.84
N VAL C 212 63.99 -5.54 41.43
CA VAL C 212 65.16 -5.59 42.29
C VAL C 212 65.45 -4.24 42.74
N THR C 213 64.54 -3.55 43.50
CA THR C 213 64.67 -2.28 44.18
C THR C 213 64.26 -2.64 45.60
N HIS C 214 65.24 -2.61 46.57
CA HIS C 214 65.19 -3.13 47.90
C HIS C 214 66.14 -2.30 48.70
N PRO C 215 65.93 -2.23 49.99
CA PRO C 215 66.47 -1.25 50.82
C PRO C 215 67.78 -1.84 51.40
N ARG C 216 68.06 -3.15 51.22
CA ARG C 216 69.25 -3.77 51.76
C ARG C 216 69.82 -4.74 50.73
N MET C 217 71.10 -4.47 50.29
CA MET C 217 71.56 -5.27 49.17
C MET C 217 73.05 -5.31 49.20
N ARG C 218 73.68 -4.84 50.29
CA ARG C 218 75.08 -4.58 50.44
C ARG C 218 75.43 -3.49 49.49
N ARG C 219 75.76 -2.26 49.97
CA ARG C 219 75.99 -1.10 49.19
C ARG C 219 77.04 -1.24 48.10
N TYR C 220 78.22 -1.96 48.43
CA TYR C 220 79.17 -2.16 47.31
C TYR C 220 79.86 -3.45 47.56
N ILE C 221 79.96 -4.18 46.46
CA ILE C 221 80.54 -5.49 46.31
C ILE C 221 81.45 -5.21 45.21
N LYS C 222 82.77 -5.61 45.44
CA LYS C 222 83.84 -5.22 44.49
C LYS C 222 84.74 -6.47 44.36
N ASN C 223 84.24 -7.61 44.94
CA ASN C 223 84.98 -8.88 45.02
C ASN C 223 84.02 -10.01 45.16
N PRO C 224 83.25 -10.10 46.33
CA PRO C 224 82.21 -11.20 46.56
C PRO C 224 81.33 -11.61 45.38
N ARG C 225 80.94 -12.91 45.46
CA ARG C 225 80.20 -13.58 44.39
C ARG C 225 78.61 -13.53 44.51
N ILE C 226 77.93 -13.85 43.41
CA ILE C 226 76.49 -14.10 43.45
C ILE C 226 76.38 -15.56 43.42
N VAL C 227 75.36 -16.11 44.11
CA VAL C 227 75.21 -17.58 44.23
C VAL C 227 73.88 -17.86 43.59
N LEU C 228 73.90 -18.47 42.39
CA LEU C 228 72.74 -18.87 41.72
C LEU C 228 72.07 -19.98 42.46
N LEU C 229 70.69 -19.92 42.57
CA LEU C 229 69.91 -20.86 43.36
C LEU C 229 68.56 -20.90 42.68
N ASP C 230 68.01 -22.07 42.57
CA ASP C 230 66.60 -22.25 42.33
C ASP C 230 66.15 -23.21 43.45
N SER C 231 67.07 -23.33 44.49
CA SER C 231 66.77 -24.02 45.68
C SER C 231 65.66 -23.37 46.58
N SER C 232 64.82 -24.09 47.35
CA SER C 232 65.06 -25.32 48.15
C SER C 232 66.07 -25.10 49.25
N LEU C 233 65.92 -23.89 49.79
CA LEU C 233 66.69 -23.25 50.82
C LEU C 233 65.74 -23.22 51.98
N GLU C 234 64.42 -23.25 51.67
CA GLU C 234 63.28 -23.34 52.53
C GLU C 234 63.32 -24.64 53.13
N TYR C 235 62.82 -24.72 54.43
CA TYR C 235 62.68 -25.96 55.22
C TYR C 235 61.88 -27.07 54.73
N LYS C 236 62.19 -28.27 55.19
CA LYS C 236 61.52 -29.54 54.90
C LYS C 236 61.18 -30.13 56.24
N LYS C 237 59.95 -30.73 56.36
CA LYS C 237 59.45 -31.23 57.60
C LYS C 237 59.82 -32.70 57.76
N GLY C 238 60.31 -33.30 56.63
CA GLY C 238 61.01 -34.57 56.63
C GLY C 238 62.45 -34.46 56.23
N GLU C 239 62.95 -35.30 55.25
CA GLU C 239 64.32 -35.16 54.78
C GLU C 239 64.44 -34.14 53.70
N SER C 240 63.84 -34.27 52.56
CA SER C 240 64.00 -33.39 51.41
C SER C 240 62.69 -33.28 50.73
N GLN C 241 61.57 -33.63 51.40
CA GLN C 241 60.19 -33.66 50.97
C GLN C 241 59.48 -33.87 52.30
N THR C 242 58.17 -33.49 52.30
CA THR C 242 57.26 -33.35 53.45
C THR C 242 56.47 -34.57 53.45
N ASP C 243 56.42 -35.23 54.65
CA ASP C 243 55.94 -36.56 54.78
C ASP C 243 54.96 -36.51 55.89
N ILE C 244 54.97 -35.48 56.72
CA ILE C 244 54.27 -35.35 57.95
C ILE C 244 53.80 -33.89 58.01
N GLU C 245 52.66 -33.69 58.78
CA GLU C 245 51.98 -32.42 58.90
C GLU C 245 52.14 -32.10 60.37
N ILE C 246 52.18 -30.75 60.64
CA ILE C 246 52.04 -30.03 61.85
C ILE C 246 50.51 -29.83 62.00
N THR C 247 49.85 -30.40 63.07
CA THR C 247 48.46 -30.17 63.39
C THR C 247 48.38 -30.33 64.88
N ARG C 248 49.46 -30.84 65.52
CA ARG C 248 49.56 -31.16 66.91
C ARG C 248 50.76 -30.45 67.50
N GLU C 249 50.71 -30.39 68.87
CA GLU C 249 51.66 -29.77 69.75
C GLU C 249 52.92 -30.65 69.62
N GLU C 250 52.68 -31.98 69.64
CA GLU C 250 53.68 -33.05 69.48
C GLU C 250 54.36 -33.03 68.10
N ASP C 251 53.61 -32.82 66.99
CA ASP C 251 54.03 -32.80 65.62
C ASP C 251 54.84 -31.56 65.43
N PHE C 252 54.46 -30.48 66.06
CA PHE C 252 55.04 -29.16 65.91
C PHE C 252 56.42 -29.24 66.42
N THR C 253 56.55 -29.85 67.65
CA THR C 253 57.83 -29.82 68.37
C THR C 253 58.95 -30.60 67.62
N ARG C 254 58.57 -31.80 67.16
CA ARG C 254 59.45 -32.75 66.53
C ARG C 254 59.93 -32.24 65.24
N ILE C 255 59.01 -31.73 64.43
CA ILE C 255 59.18 -31.18 63.10
C ILE C 255 60.16 -30.03 63.02
N LEU C 256 60.08 -29.14 64.00
CA LEU C 256 60.91 -27.91 64.07
C LEU C 256 62.35 -28.11 64.14
N GLN C 257 62.79 -29.25 64.74
CA GLN C 257 64.16 -29.61 64.81
C GLN C 257 64.74 -29.92 63.45
N MET C 258 63.91 -30.69 62.67
CA MET C 258 64.21 -31.06 61.31
C MET C 258 64.30 -29.85 60.42
N GLU C 259 63.41 -28.82 60.63
CA GLU C 259 63.32 -27.62 59.89
C GLU C 259 64.51 -26.70 60.10
N GLU C 260 65.06 -26.49 61.30
CA GLU C 260 66.25 -25.76 61.48
C GLU C 260 67.50 -26.40 60.92
N GLU C 261 67.60 -27.75 61.01
CA GLU C 261 68.68 -28.50 60.37
C GLU C 261 68.84 -28.39 58.85
N TYR C 262 67.64 -28.50 58.14
CA TYR C 262 67.63 -28.49 56.69
C TYR C 262 68.24 -27.13 56.12
N ILE C 263 67.78 -26.03 56.81
CA ILE C 263 68.10 -24.65 56.51
C ILE C 263 69.63 -24.46 56.71
N GLN C 264 70.17 -25.01 57.84
CA GLN C 264 71.50 -24.84 58.38
C GLN C 264 72.49 -25.45 57.36
N GLN C 265 72.19 -26.68 56.81
CA GLN C 265 73.10 -27.32 55.92
C GLN C 265 73.16 -26.66 54.56
N LEU C 266 72.02 -25.97 54.16
CA LEU C 266 71.89 -25.19 52.91
C LEU C 266 72.74 -23.97 53.01
N CYS C 267 72.71 -23.27 54.07
CA CYS C 267 73.42 -22.05 54.15
C CYS C 267 74.90 -22.26 54.10
N GLU C 268 75.32 -23.37 54.66
CA GLU C 268 76.72 -23.83 54.77
C GLU C 268 77.35 -24.11 53.42
N ASP C 269 76.58 -24.68 52.46
CA ASP C 269 76.98 -24.93 51.07
C ASP C 269 76.97 -23.69 50.25
N ILE C 270 76.10 -22.77 50.63
CA ILE C 270 76.09 -21.37 50.01
C ILE C 270 77.32 -20.50 50.38
N ILE C 271 77.75 -20.47 51.70
CA ILE C 271 78.80 -19.61 52.24
C ILE C 271 80.16 -19.93 51.88
N GLN C 272 80.40 -21.23 51.38
CA GLN C 272 81.76 -21.68 51.22
C GLN C 272 82.55 -21.05 50.18
N LEU C 273 81.87 -20.49 49.15
CA LEU C 273 82.52 -19.98 48.00
C LEU C 273 82.73 -18.51 48.00
N LYS C 274 82.46 -17.90 49.21
CA LYS C 274 82.51 -16.56 49.72
C LYS C 274 81.53 -15.66 48.93
N PRO C 275 80.25 -15.48 49.33
CA PRO C 275 79.43 -14.44 48.68
C PRO C 275 79.41 -13.31 49.70
N ASP C 276 78.39 -12.45 49.63
CA ASP C 276 77.90 -11.54 50.68
C ASP C 276 76.56 -11.10 50.08
N VAL C 277 76.20 -11.46 48.80
CA VAL C 277 74.97 -11.15 48.09
C VAL C 277 74.51 -12.41 47.50
N VAL C 278 73.34 -12.85 47.74
CA VAL C 278 72.84 -14.16 47.49
C VAL C 278 71.43 -13.95 47.02
N ILE C 279 71.09 -14.53 45.87
CA ILE C 279 69.87 -14.47 45.19
C ILE C 279 69.19 -15.87 45.28
N THR C 280 67.88 -15.84 45.63
CA THR C 280 67.02 -17.01 45.65
C THR C 280 65.80 -16.70 44.87
N GLU C 281 65.53 -17.40 43.76
CA GLU C 281 64.32 -17.26 42.95
C GLU C 281 62.96 -17.43 43.73
N LYS C 282 62.84 -18.65 44.35
CA LYS C 282 61.76 -19.08 45.20
C LYS C 282 62.27 -20.27 45.90
N GLY C 283 61.55 -20.67 47.00
CA GLY C 283 61.98 -21.72 47.89
C GLY C 283 62.85 -21.05 49.04
N ILE C 284 62.36 -19.94 49.60
CA ILE C 284 63.03 -19.10 50.48
C ILE C 284 61.87 -18.63 51.29
N SER C 285 62.00 -18.70 52.62
CA SER C 285 60.95 -18.50 53.63
C SER C 285 61.35 -17.39 54.56
N ASP C 286 60.44 -16.92 55.52
CA ASP C 286 60.68 -15.89 56.54
C ASP C 286 61.69 -16.37 57.58
N LEU C 287 61.58 -17.71 57.92
CA LEU C 287 62.60 -18.39 58.73
C LEU C 287 63.88 -18.62 57.93
N ALA C 288 63.77 -18.97 56.65
CA ALA C 288 64.94 -19.17 55.85
C ALA C 288 65.82 -18.04 55.60
N GLN C 289 65.25 -16.83 55.38
CA GLN C 289 65.98 -15.60 55.10
C GLN C 289 66.62 -15.10 56.42
N HIS C 290 65.93 -15.37 57.53
CA HIS C 290 66.45 -15.01 58.80
C HIS C 290 67.72 -15.76 59.15
N TYR C 291 67.84 -17.02 58.63
CA TYR C 291 68.97 -17.87 58.73
C TYR C 291 70.17 -17.33 57.96
N LEU C 292 70.02 -16.68 56.79
CA LEU C 292 71.13 -16.09 56.05
C LEU C 292 71.61 -14.83 56.72
N MET C 293 70.75 -14.08 57.40
CA MET C 293 71.18 -12.94 58.17
C MET C 293 72.02 -13.32 59.34
N ARG C 294 71.61 -14.49 59.93
CA ARG C 294 72.34 -15.00 61.03
C ARG C 294 73.68 -15.65 60.57
N ALA C 295 73.73 -16.10 59.24
CA ALA C 295 74.90 -16.56 58.54
C ALA C 295 75.79 -15.41 58.14
N ASN C 296 75.25 -14.13 58.18
CA ASN C 296 75.96 -12.98 57.88
C ASN C 296 76.14 -12.83 56.42
N ILE C 297 75.04 -12.98 55.73
CA ILE C 297 74.91 -13.05 54.32
C ILE C 297 73.69 -12.19 54.12
N THR C 298 73.78 -11.22 53.24
CA THR C 298 72.70 -10.37 52.82
C THR C 298 71.96 -11.28 51.83
N ALA C 299 70.62 -11.31 52.06
CA ALA C 299 69.71 -12.10 51.20
C ALA C 299 68.84 -11.20 50.39
N ILE C 300 68.65 -11.58 49.06
CA ILE C 300 67.82 -10.81 48.11
C ILE C 300 66.95 -11.99 47.72
N ARG C 301 65.64 -11.71 47.75
CA ARG C 301 64.65 -12.72 47.84
C ARG C 301 63.31 -12.17 47.38
N ARG C 302 62.38 -13.00 46.93
CA ARG C 302 61.10 -12.71 46.39
C ARG C 302 61.24 -11.71 45.31
N VAL C 303 61.81 -12.10 44.17
CA VAL C 303 62.05 -11.39 43.01
C VAL C 303 61.97 -12.40 41.99
N ARG C 304 61.38 -12.02 40.85
CA ARG C 304 60.74 -12.90 39.94
C ARG C 304 61.79 -13.76 39.22
N LYS C 305 61.24 -14.75 38.57
CA LYS C 305 61.91 -15.79 37.82
C LYS C 305 62.55 -15.11 36.60
N THR C 306 61.92 -14.05 36.03
CA THR C 306 62.47 -13.38 34.87
C THR C 306 63.75 -12.67 35.26
N ASP C 307 63.78 -12.02 36.52
CA ASP C 307 64.95 -11.30 37.12
C ASP C 307 66.12 -12.18 37.39
N ASN C 308 65.89 -13.40 37.84
CA ASN C 308 66.76 -14.42 38.08
C ASN C 308 67.32 -14.94 36.84
N ASN C 309 66.55 -15.00 35.69
CA ASN C 309 67.18 -15.42 34.45
C ASN C 309 68.20 -14.39 34.02
N ARG C 310 67.89 -13.16 34.23
CA ARG C 310 68.67 -11.96 33.97
C ARG C 310 69.93 -11.81 34.78
N ILE C 311 69.85 -12.13 36.10
CA ILE C 311 70.96 -11.99 37.03
C ILE C 311 71.98 -13.14 36.69
N ALA C 312 71.49 -14.34 36.19
CA ALA C 312 72.28 -15.51 35.89
C ALA C 312 73.19 -15.25 34.72
N ARG C 313 72.56 -14.50 33.69
CA ARG C 313 73.18 -14.04 32.47
C ARG C 313 74.24 -13.00 32.81
N ALA C 314 73.96 -12.11 33.86
CA ALA C 314 74.87 -11.00 34.27
C ALA C 314 76.19 -11.46 34.79
N CYS C 315 76.22 -12.50 35.61
CA CYS C 315 77.56 -13.07 35.96
C CYS C 315 78.12 -13.98 34.88
N GLY C 316 77.21 -14.50 34.05
CA GLY C 316 77.35 -15.30 32.88
C GLY C 316 77.51 -16.75 33.25
N ALA C 317 77.20 -17.09 34.56
CA ALA C 317 77.40 -18.34 35.21
C ALA C 317 76.08 -19.06 35.28
N ARG C 318 76.13 -20.42 35.17
CA ARG C 318 74.91 -21.27 35.04
C ARG C 318 74.18 -21.23 36.36
N ILE C 319 72.83 -21.53 36.29
CA ILE C 319 71.98 -21.74 37.48
C ILE C 319 72.07 -23.16 37.90
N VAL C 320 71.63 -23.46 39.13
CA VAL C 320 71.71 -24.79 39.71
C VAL C 320 70.54 -24.80 40.62
N SER C 321 69.81 -25.95 40.67
CA SER C 321 68.67 -26.15 41.55
C SER C 321 69.08 -27.08 42.55
N ARG C 322 70.35 -27.54 42.48
CA ARG C 322 71.04 -28.46 43.32
C ARG C 322 71.36 -27.87 44.67
N PRO C 323 70.89 -28.51 45.68
CA PRO C 323 70.93 -27.78 46.98
C PRO C 323 72.23 -28.03 47.67
N GLU C 324 73.10 -28.82 47.09
CA GLU C 324 74.15 -29.50 47.71
C GLU C 324 75.50 -29.06 47.12
N GLU C 325 76.45 -28.60 48.02
CA GLU C 325 77.84 -28.41 47.69
C GLU C 325 78.01 -27.46 46.54
N LEU C 326 77.59 -26.19 46.64
CA LEU C 326 77.64 -25.24 45.57
C LEU C 326 78.94 -24.60 45.74
N ARG C 327 79.72 -24.54 44.66
CA ARG C 327 81.15 -24.40 44.67
C ARG C 327 81.35 -23.09 43.96
N GLU C 328 82.61 -22.59 43.93
CA GLU C 328 83.07 -21.49 43.13
C GLU C 328 83.11 -21.89 41.66
N ASP C 329 83.32 -23.21 41.45
CA ASP C 329 83.34 -23.92 40.15
C ASP C 329 82.04 -24.09 39.49
N ASP C 330 80.91 -24.14 40.31
CA ASP C 330 79.61 -24.45 39.67
C ASP C 330 78.81 -23.23 39.45
N VAL C 331 78.64 -22.42 40.47
CA VAL C 331 77.81 -21.22 40.52
C VAL C 331 78.82 -20.12 40.72
N GLY C 332 78.33 -18.88 40.36
CA GLY C 332 78.96 -17.63 40.51
C GLY C 332 80.28 -17.45 39.70
N THR C 333 80.50 -18.23 38.65
CA THR C 333 81.79 -18.55 37.98
C THR C 333 82.30 -17.24 37.34
N GLY C 334 83.51 -16.82 37.73
CA GLY C 334 83.98 -15.61 37.32
C GLY C 334 83.81 -14.68 38.45
N ALA C 335 83.66 -13.33 38.21
CA ALA C 335 83.41 -12.43 39.28
C ALA C 335 82.06 -11.77 39.01
N GLY C 336 81.13 -11.77 39.96
CA GLY C 336 79.99 -10.92 40.05
C GLY C 336 80.49 -9.81 40.94
N LEU C 337 79.80 -8.67 40.71
CA LEU C 337 80.05 -7.49 41.41
C LEU C 337 78.71 -6.84 41.60
N LEU C 338 78.46 -6.04 42.68
CA LEU C 338 77.13 -5.47 42.86
C LEU C 338 77.33 -4.00 43.27
N GLU C 339 76.75 -3.04 42.57
CA GLU C 339 76.85 -1.60 42.86
C GLU C 339 75.41 -1.21 43.04
N ILE C 340 75.17 -0.39 44.04
CA ILE C 340 73.95 0.27 44.39
C ILE C 340 74.31 1.74 44.31
N LYS C 341 73.52 2.43 43.48
CA LYS C 341 73.54 3.84 43.40
C LYS C 341 72.15 4.27 43.80
N LYS C 342 72.07 5.47 44.47
CA LYS C 342 70.79 6.17 44.66
C LYS C 342 70.80 7.32 43.68
N ILE C 343 70.08 7.15 42.64
CA ILE C 343 69.75 8.17 41.61
C ILE C 343 68.25 8.52 41.86
N GLY C 344 68.20 9.49 42.76
CA GLY C 344 66.92 9.73 43.39
C GLY C 344 67.27 9.31 44.78
N ASP C 345 66.39 8.50 45.37
CA ASP C 345 66.46 7.96 46.76
C ASP C 345 65.92 6.59 46.57
N GLU C 346 66.01 6.02 45.34
CA GLU C 346 65.59 4.73 44.92
C GLU C 346 66.78 3.98 44.59
N TYR C 347 66.77 2.63 44.91
CA TYR C 347 67.89 1.73 44.89
C TYR C 347 67.88 1.16 43.48
N PHE C 348 69.04 1.40 42.81
CA PHE C 348 69.25 0.80 41.51
C PHE C 348 70.40 -0.14 41.64
N THR C 349 70.29 -1.37 40.98
CA THR C 349 71.24 -2.47 41.17
C THR C 349 71.88 -2.61 39.87
N PHE C 350 73.23 -2.42 39.82
CA PHE C 350 74.04 -2.80 38.72
C PHE C 350 74.67 -4.11 39.07
N ILE C 351 74.76 -5.10 38.13
CA ILE C 351 75.48 -6.29 38.33
C ILE C 351 76.34 -6.26 37.09
N THR C 352 77.63 -6.27 37.31
CA THR C 352 78.65 -6.04 36.37
C THR C 352 79.56 -7.19 36.39
N ASP C 353 80.22 -7.43 35.27
CA ASP C 353 81.22 -8.36 35.06
C ASP C 353 80.61 -9.67 34.58
N CYS C 354 81.00 -10.19 33.37
CA CYS C 354 80.35 -11.43 32.90
C CYS C 354 81.49 -12.29 32.46
N LYS C 355 81.66 -13.61 32.90
CA LYS C 355 82.74 -14.44 32.45
C LYS C 355 82.06 -15.76 31.96
N ASP C 356 82.31 -16.16 30.70
CA ASP C 356 81.30 -16.13 29.65
C ASP C 356 81.64 -14.87 28.94
N PRO C 357 82.42 -14.87 27.81
CA PRO C 357 82.92 -13.66 27.11
C PRO C 357 81.82 -12.54 26.98
N LYS C 358 82.06 -11.47 27.76
CA LYS C 358 81.36 -10.23 27.76
C LYS C 358 79.87 -10.29 27.85
N ALA C 359 79.26 -9.11 27.78
CA ALA C 359 77.86 -8.78 28.02
C ALA C 359 77.82 -7.40 28.50
N CYS C 360 76.80 -6.66 28.05
CA CYS C 360 76.55 -5.29 28.40
C CYS C 360 75.09 -5.05 28.36
N THR C 361 74.65 -4.01 29.10
CA THR C 361 73.30 -3.45 29.07
C THR C 361 73.52 -1.93 29.27
N ILE C 362 72.36 -1.24 29.02
CA ILE C 362 72.25 0.19 28.85
C ILE C 362 71.66 0.81 30.05
N LEU C 363 72.38 1.91 30.46
CA LEU C 363 71.90 2.92 31.38
C LEU C 363 71.32 3.99 30.48
N LEU C 364 70.12 4.47 30.86
CA LEU C 364 69.48 5.58 30.26
C LEU C 364 68.98 6.37 31.42
N ARG C 365 69.25 7.67 31.40
CA ARG C 365 68.74 8.46 32.54
C ARG C 365 68.06 9.56 31.76
N GLY C 366 66.73 9.75 32.04
CA GLY C 366 65.87 10.85 31.66
C GLY C 366 66.16 12.01 32.50
N ALA C 367 65.22 12.91 32.62
CA ALA C 367 65.13 13.81 33.76
C ALA C 367 63.69 13.57 34.26
N SER C 368 62.92 12.68 33.42
CA SER C 368 61.63 12.36 33.70
C SER C 368 61.39 11.14 32.92
N LYS C 369 60.09 10.62 32.99
CA LYS C 369 59.57 9.43 32.37
C LYS C 369 59.48 9.56 30.93
N GLU C 370 59.02 10.71 30.48
CA GLU C 370 58.77 11.15 29.10
C GLU C 370 60.02 11.25 28.40
N ILE C 371 61.11 11.84 29.01
CA ILE C 371 62.46 12.12 28.46
C ILE C 371 63.16 10.80 28.29
N LEU C 372 63.01 9.85 29.19
CA LEU C 372 63.55 8.51 29.21
C LEU C 372 63.10 7.76 27.97
N SER C 373 61.80 7.82 27.64
CA SER C 373 61.04 7.02 26.65
C SER C 373 61.52 7.28 25.22
N GLU C 374 61.79 8.59 24.96
CA GLU C 374 62.13 9.00 23.60
C GLU C 374 63.39 8.35 23.08
N VAL C 375 64.47 8.37 23.90
CA VAL C 375 65.79 7.74 23.69
C VAL C 375 65.55 6.26 23.54
N GLU C 376 64.71 5.59 24.39
CA GLU C 376 64.63 4.15 24.58
C GLU C 376 64.03 3.48 23.35
N ARG C 377 63.00 4.13 22.78
CA ARG C 377 62.51 3.62 21.54
C ARG C 377 63.50 3.71 20.40
N ASN C 378 64.16 4.84 20.26
CA ASN C 378 65.10 5.08 19.20
C ASN C 378 66.38 4.31 19.30
N LEU C 379 66.73 3.96 20.54
CA LEU C 379 67.78 3.03 20.84
C LEU C 379 67.34 1.63 20.35
N GLN C 380 66.09 1.25 20.45
CA GLN C 380 65.50 0.03 20.06
C GLN C 380 65.57 -0.17 18.58
N ASP C 381 65.40 0.82 17.81
CA ASP C 381 65.62 0.77 16.39
C ASP C 381 67.09 0.49 16.03
N ALA C 382 67.99 1.15 16.80
CA ALA C 382 69.38 1.29 16.66
C ALA C 382 70.13 -0.02 16.81
N MET C 383 69.82 -0.77 17.89
CA MET C 383 70.45 -2.04 18.27
C MET C 383 69.90 -3.17 17.30
N GLN C 384 68.69 -2.97 16.67
CA GLN C 384 68.28 -3.82 15.63
C GLN C 384 69.29 -3.73 14.48
N VAL C 385 69.75 -2.51 14.04
CA VAL C 385 70.69 -2.29 12.94
C VAL C 385 72.01 -2.83 13.21
N CYS C 386 72.45 -2.61 14.44
CA CYS C 386 73.77 -2.95 14.90
C CYS C 386 73.88 -4.42 14.71
N ARG C 387 72.78 -5.09 15.12
CA ARG C 387 72.68 -6.51 15.04
C ARG C 387 72.74 -7.07 13.62
N ASN C 388 72.02 -6.51 12.62
CA ASN C 388 71.87 -6.94 11.28
C ASN C 388 73.13 -6.80 10.59
N VAL C 389 73.92 -5.79 10.87
CA VAL C 389 75.26 -5.51 10.34
C VAL C 389 76.21 -6.58 10.83
N LEU C 390 76.09 -7.02 12.13
CA LEU C 390 76.86 -8.07 12.71
C LEU C 390 76.60 -9.38 12.11
N LEU C 391 75.33 -9.74 11.83
CA LEU C 391 74.79 -10.93 11.26
C LEU C 391 75.31 -11.27 9.85
N ASP C 392 75.18 -10.26 8.99
CA ASP C 392 75.67 -10.44 7.66
C ASP C 392 76.53 -9.23 7.43
N PRO C 393 77.81 -9.25 7.07
CA PRO C 393 78.74 -8.08 7.11
C PRO C 393 78.83 -7.38 5.71
N GLN C 394 77.61 -6.96 5.14
CA GLN C 394 77.41 -6.27 3.96
C GLN C 394 76.26 -5.31 4.26
N LEU C 395 76.42 -4.14 3.64
CA LEU C 395 75.48 -3.08 3.74
C LEU C 395 74.96 -2.81 2.32
N VAL C 396 73.57 -2.74 2.16
CA VAL C 396 72.97 -2.67 0.88
C VAL C 396 72.59 -1.21 0.67
N PRO C 397 72.68 -0.53 -0.49
CA PRO C 397 72.19 0.78 -0.73
C PRO C 397 70.74 0.80 -0.58
N GLY C 398 70.16 1.86 -0.02
CA GLY C 398 68.77 2.01 0.42
C GLY C 398 67.89 2.16 -0.76
N GLY C 399 66.70 2.76 -0.52
CA GLY C 399 65.63 3.04 -1.46
C GLY C 399 65.27 2.02 -2.42
N GLY C 400 64.93 2.47 -3.70
CA GLY C 400 64.43 1.61 -4.76
C GLY C 400 65.43 1.22 -5.80
N ALA C 401 66.72 1.49 -5.55
CA ALA C 401 67.82 1.12 -6.37
C ALA C 401 68.09 -0.36 -6.52
N SER C 402 67.94 -1.10 -5.39
CA SER C 402 68.04 -2.53 -5.17
C SER C 402 66.91 -3.23 -5.80
N GLU C 403 65.70 -2.62 -5.77
CA GLU C 403 64.51 -3.17 -6.28
C GLU C 403 64.61 -3.18 -7.79
N MET C 404 65.19 -2.18 -8.47
CA MET C 404 65.23 -2.04 -9.97
C MET C 404 66.25 -3.03 -10.56
N ALA C 405 67.38 -3.28 -9.83
CA ALA C 405 68.38 -4.26 -10.19
C ALA C 405 67.86 -5.66 -10.46
N VAL C 406 66.93 -6.07 -9.50
CA VAL C 406 66.14 -7.36 -9.44
C VAL C 406 65.04 -7.26 -10.42
N ALA C 407 64.53 -6.03 -10.72
CA ALA C 407 63.44 -5.89 -11.65
C ALA C 407 63.85 -6.29 -13.04
N HIS C 408 65.07 -5.92 -13.50
CA HIS C 408 65.61 -6.36 -14.78
C HIS C 408 66.20 -7.72 -14.71
N ALA C 409 66.59 -8.27 -13.53
CA ALA C 409 67.14 -9.65 -13.58
C ALA C 409 66.17 -10.70 -13.91
N LEU C 410 64.89 -10.49 -13.48
CA LEU C 410 63.73 -11.31 -13.67
C LEU C 410 63.29 -11.05 -15.12
N THR C 411 63.49 -9.91 -15.80
CA THR C 411 63.04 -9.68 -17.19
C THR C 411 63.96 -10.58 -18.08
N GLU C 412 65.22 -10.66 -17.68
CA GLU C 412 66.21 -11.38 -18.36
C GLU C 412 66.05 -12.89 -18.11
N LYS C 413 65.78 -13.42 -16.89
CA LYS C 413 65.63 -14.77 -16.54
C LYS C 413 64.39 -15.37 -17.22
N SER C 414 63.31 -14.55 -17.18
CA SER C 414 61.97 -15.03 -17.58
C SER C 414 61.86 -15.26 -19.12
N LYS C 415 62.58 -14.40 -19.85
CA LYS C 415 62.85 -14.56 -21.29
C LYS C 415 63.67 -15.72 -21.64
N ALA C 416 64.77 -16.08 -20.83
CA ALA C 416 65.80 -17.01 -21.09
C ALA C 416 65.12 -18.43 -20.95
N MET C 417 64.32 -18.63 -19.83
CA MET C 417 63.67 -19.91 -19.43
C MET C 417 62.50 -20.20 -20.42
N THR C 418 61.69 -19.19 -20.76
CA THR C 418 60.52 -19.22 -21.63
C THR C 418 59.59 -20.36 -21.25
N GLY C 419 59.36 -20.63 -19.96
CA GLY C 419 58.39 -21.49 -19.42
C GLY C 419 57.11 -20.70 -19.38
N VAL C 420 56.06 -21.38 -18.81
CA VAL C 420 54.81 -20.72 -18.48
C VAL C 420 54.87 -20.16 -17.09
N GLU C 421 56.10 -20.27 -16.47
CA GLU C 421 56.46 -19.56 -15.25
C GLU C 421 56.85 -18.15 -15.56
N GLN C 422 56.95 -17.86 -16.90
CA GLN C 422 57.52 -16.62 -17.41
C GLN C 422 56.74 -15.42 -17.00
N TRP C 423 55.44 -15.58 -17.11
CA TRP C 423 54.55 -14.47 -16.78
C TRP C 423 54.46 -14.29 -15.32
N PRO C 424 54.52 -15.24 -14.36
CA PRO C 424 54.60 -14.94 -12.97
C PRO C 424 55.85 -14.27 -12.55
N TYR C 425 57.00 -14.43 -13.31
CA TYR C 425 58.22 -13.86 -13.02
C TYR C 425 58.10 -12.39 -13.18
N ARG C 426 57.42 -12.04 -14.24
CA ARG C 426 57.12 -10.72 -14.72
C ARG C 426 56.21 -10.01 -13.74
N ALA C 427 55.19 -10.71 -13.16
CA ALA C 427 54.42 -10.14 -12.08
C ALA C 427 55.15 -9.93 -10.79
N VAL C 428 56.17 -10.73 -10.40
CA VAL C 428 57.01 -10.52 -9.22
C VAL C 428 57.92 -9.34 -9.57
N ALA C 429 58.47 -9.12 -10.84
CA ALA C 429 59.33 -8.02 -11.24
C ALA C 429 58.62 -6.71 -10.96
N GLN C 430 57.30 -6.58 -11.30
CA GLN C 430 56.52 -5.40 -11.14
C GLN C 430 56.02 -5.13 -9.69
N ALA C 431 56.04 -6.18 -8.84
CA ALA C 431 55.58 -6.15 -7.46
C ALA C 431 56.65 -5.42 -6.63
N LEU C 432 57.92 -5.59 -7.04
CA LEU C 432 59.07 -4.90 -6.51
C LEU C 432 58.95 -3.39 -6.67
N GLU C 433 58.42 -2.89 -7.78
CA GLU C 433 58.41 -1.52 -8.21
C GLU C 433 57.55 -0.61 -7.29
N VAL C 434 56.74 -1.17 -6.41
CA VAL C 434 55.89 -0.41 -5.47
C VAL C 434 56.77 0.51 -4.63
N ILE C 435 57.94 0.03 -4.20
CA ILE C 435 58.81 0.78 -3.33
C ILE C 435 59.38 2.04 -4.06
N PRO C 436 59.86 1.90 -5.33
CA PRO C 436 60.04 3.02 -6.15
C PRO C 436 58.85 3.98 -6.36
N ARG C 437 57.59 3.49 -6.47
CA ARG C 437 56.38 4.29 -6.65
C ARG C 437 56.11 5.06 -5.40
N THR C 438 56.29 4.48 -4.16
CA THR C 438 56.12 5.10 -2.91
C THR C 438 57.03 6.22 -2.77
N LEU C 439 58.30 6.17 -3.18
CA LEU C 439 59.33 7.20 -3.08
C LEU C 439 59.11 8.33 -4.06
N ILE C 440 58.48 8.04 -5.20
CA ILE C 440 58.09 9.07 -6.14
C ILE C 440 56.98 9.89 -5.56
N GLN C 441 56.03 9.22 -4.91
CA GLN C 441 54.83 9.89 -4.42
C GLN C 441 55.26 10.86 -3.38
N ASN C 442 56.29 10.52 -2.54
CA ASN C 442 56.83 11.17 -1.35
C ASN C 442 57.30 12.55 -1.71
N CYS C 443 58.03 12.77 -2.87
CA CYS C 443 58.31 14.11 -3.32
C CYS C 443 57.23 14.92 -3.84
N GLY C 444 56.35 14.26 -4.67
CA GLY C 444 55.11 14.83 -5.22
C GLY C 444 55.29 14.90 -6.68
N ALA C 445 56.16 14.05 -7.32
CA ALA C 445 56.37 14.08 -8.77
C ALA C 445 55.61 12.95 -9.31
N SER C 446 55.27 13.09 -10.62
CA SER C 446 54.55 12.11 -11.42
C SER C 446 55.23 10.79 -11.46
N THR C 447 54.48 9.67 -11.35
CA THR C 447 55.05 8.37 -11.35
C THR C 447 55.73 8.09 -12.69
N ILE C 448 55.15 8.58 -13.79
CA ILE C 448 55.63 8.23 -15.14
C ILE C 448 57.07 8.67 -15.44
N ARG C 449 57.39 9.91 -15.12
CA ARG C 449 58.64 10.52 -15.39
C ARG C 449 59.81 9.94 -14.64
N LEU C 450 59.72 9.62 -13.33
CA LEU C 450 60.83 9.19 -12.55
C LEU C 450 61.09 7.73 -12.70
N LEU C 451 60.06 6.90 -12.84
CA LEU C 451 60.23 5.47 -13.16
C LEU C 451 60.86 5.13 -14.45
N THR C 452 60.48 5.93 -15.46
CA THR C 452 61.13 5.91 -16.73
C THR C 452 62.62 6.12 -16.70
N SER C 453 63.14 7.07 -15.85
CA SER C 453 64.44 7.43 -15.81
C SER C 453 65.23 6.44 -15.16
N LEU C 454 64.64 5.76 -14.13
CA LEU C 454 65.23 4.78 -13.27
C LEU C 454 65.59 3.53 -14.03
N ARG C 455 64.72 3.18 -14.95
CA ARG C 455 64.78 2.07 -15.85
C ARG C 455 65.89 2.17 -16.91
N ALA C 456 66.05 3.45 -17.38
CA ALA C 456 67.10 4.02 -18.19
C ALA C 456 68.50 3.93 -17.53
N LYS C 457 68.55 4.13 -16.15
CA LYS C 457 69.75 4.03 -15.35
C LYS C 457 70.19 2.61 -15.24
N HIS C 458 69.27 1.62 -15.34
CA HIS C 458 69.57 0.22 -15.37
C HIS C 458 70.35 -0.10 -16.59
N THR C 459 69.94 0.47 -17.77
CA THR C 459 70.51 0.20 -18.97
C THR C 459 71.97 0.76 -19.00
N GLN C 460 72.22 2.06 -18.56
CA GLN C 460 73.57 2.67 -18.47
C GLN C 460 74.49 2.22 -17.37
N GLU C 461 74.03 2.20 -16.04
CA GLU C 461 74.91 2.08 -14.91
C GLU C 461 74.49 0.95 -13.92
N ASN C 462 73.33 0.25 -14.24
CA ASN C 462 72.92 -1.03 -13.76
C ASN C 462 72.16 -0.94 -12.39
N CYS C 463 71.77 0.33 -11.97
CA CYS C 463 71.24 0.71 -10.64
C CYS C 463 71.99 0.17 -9.56
N GLU C 464 73.39 0.34 -9.50
CA GLU C 464 74.15 -0.05 -8.35
C GLU C 464 73.76 0.69 -7.08
N THR C 465 73.55 1.98 -7.24
CA THR C 465 73.17 2.78 -6.12
C THR C 465 72.30 3.93 -6.56
N TRP C 466 71.99 3.95 -7.84
CA TRP C 466 71.26 5.04 -8.42
C TRP C 466 69.81 4.77 -8.44
N GLY C 467 69.11 5.20 -7.37
CA GLY C 467 67.74 4.97 -7.20
C GLY C 467 67.07 6.30 -7.18
N VAL C 468 65.78 6.35 -6.69
CA VAL C 468 65.13 7.57 -6.54
C VAL C 468 65.00 7.63 -5.11
N ASN C 469 65.25 8.80 -4.55
CA ASN C 469 65.12 9.12 -3.16
C ASN C 469 64.01 10.20 -3.05
N GLY C 470 63.22 10.04 -2.06
CA GLY C 470 61.96 10.72 -1.81
C GLY C 470 62.07 12.00 -1.06
N GLU C 471 63.32 12.31 -0.72
CA GLU C 471 63.57 13.54 0.05
C GLU C 471 64.38 14.59 -0.77
N THR C 472 64.44 14.30 -2.09
CA THR C 472 65.16 15.05 -3.11
C THR C 472 64.52 14.89 -4.44
N GLY C 473 63.55 13.95 -4.62
CA GLY C 473 62.77 13.81 -5.79
C GLY C 473 63.50 13.77 -7.13
N THR C 474 64.63 12.99 -7.19
CA THR C 474 65.52 12.99 -8.32
C THR C 474 66.26 11.72 -8.22
N LEU C 475 66.88 11.34 -9.37
CA LEU C 475 67.69 10.18 -9.33
C LEU C 475 69.02 10.56 -8.67
N VAL C 476 69.52 9.69 -7.69
CA VAL C 476 70.57 10.13 -6.78
C VAL C 476 71.37 8.87 -6.41
N ASP C 477 72.69 9.07 -6.17
CA ASP C 477 73.58 8.07 -5.70
C ASP C 477 73.35 8.08 -4.23
N MET C 478 72.95 6.92 -3.60
CA MET C 478 72.50 6.69 -2.25
C MET C 478 73.62 6.63 -1.34
N LYS C 479 74.80 6.20 -1.83
CA LYS C 479 76.05 6.17 -1.16
C LYS C 479 76.42 7.56 -0.80
N GLU C 480 76.22 8.49 -1.69
CA GLU C 480 76.66 9.90 -1.54
C GLU C 480 75.93 10.56 -0.40
N LEU C 481 74.62 10.38 -0.36
CA LEU C 481 73.77 10.88 0.68
C LEU C 481 73.96 10.35 2.04
N GLY C 482 74.41 9.12 2.14
CA GLY C 482 74.54 8.50 3.49
C GLY C 482 73.31 7.85 3.82
N ILE C 483 72.59 7.38 2.75
CA ILE C 483 71.46 6.45 2.84
C ILE C 483 71.96 5.03 2.59
N TRP C 484 71.83 4.19 3.70
CA TRP C 484 72.25 2.86 3.68
C TRP C 484 71.30 2.09 4.59
N GLU C 485 71.22 0.77 4.46
CA GLU C 485 70.49 -0.10 5.36
C GLU C 485 71.23 -1.43 5.29
N PRO C 486 71.02 -2.38 6.18
CA PRO C 486 71.86 -3.59 6.22
C PRO C 486 71.23 -4.62 5.28
N LEU C 487 72.01 -5.61 4.80
CA LEU C 487 71.56 -6.60 3.81
C LEU C 487 70.45 -7.48 4.33
N ALA C 488 70.63 -7.82 5.63
CA ALA C 488 69.91 -8.82 6.30
C ALA C 488 68.49 -8.35 6.46
N VAL C 489 68.27 -7.02 6.85
CA VAL C 489 66.94 -6.39 6.98
C VAL C 489 66.19 -6.46 5.66
N LYS C 490 66.78 -6.12 4.51
CA LYS C 490 66.25 -6.22 3.17
C LYS C 490 65.77 -7.68 2.83
N LEU C 491 66.64 -8.65 3.12
CA LEU C 491 66.50 -10.10 2.79
C LEU C 491 65.29 -10.71 3.56
N GLN C 492 65.18 -10.41 4.90
CA GLN C 492 64.20 -10.90 5.73
C GLN C 492 62.82 -10.32 5.41
N THR C 493 62.75 -9.05 5.02
CA THR C 493 61.52 -8.37 4.67
C THR C 493 60.98 -9.01 3.41
N TYR C 494 61.89 -9.28 2.40
CA TYR C 494 61.59 -9.88 1.15
C TYR C 494 61.08 -11.34 1.39
N LYS C 495 61.74 -12.01 2.28
CA LYS C 495 61.54 -13.43 2.61
C LYS C 495 60.11 -13.70 3.08
N THR C 496 59.68 -12.83 4.02
CA THR C 496 58.39 -12.97 4.70
C THR C 496 57.22 -12.65 3.80
N ALA C 497 57.52 -11.67 2.89
CA ALA C 497 56.57 -11.27 1.88
C ALA C 497 56.27 -12.30 0.89
N VAL C 498 57.24 -13.14 0.42
CA VAL C 498 56.99 -14.28 -0.47
C VAL C 498 56.23 -15.34 0.21
N GLU C 499 56.58 -15.62 1.52
CA GLU C 499 55.83 -16.66 2.31
C GLU C 499 54.34 -16.34 2.42
N THR C 500 54.04 -14.99 2.68
CA THR C 500 52.71 -14.47 2.85
C THR C 500 51.90 -14.63 1.51
N ALA C 501 52.56 -14.34 0.33
CA ALA C 501 52.06 -14.37 -1.06
C ALA C 501 51.75 -15.78 -1.45
N VAL C 502 52.63 -16.68 -1.13
CA VAL C 502 52.48 -18.15 -1.36
C VAL C 502 51.35 -18.74 -0.54
N LEU C 503 51.29 -18.44 0.82
CA LEU C 503 50.26 -19.02 1.72
C LEU C 503 48.82 -18.57 1.42
N LEU C 504 48.78 -17.30 1.11
CA LEU C 504 47.45 -16.67 0.83
C LEU C 504 46.90 -17.25 -0.48
N LEU C 505 47.81 -17.41 -1.54
CA LEU C 505 47.41 -17.96 -2.81
C LEU C 505 46.95 -19.38 -2.77
N ARG C 506 47.51 -20.18 -1.85
CA ARG C 506 47.01 -21.52 -1.54
C ARG C 506 45.61 -21.60 -0.99
N ILE C 507 45.12 -20.54 -0.24
CA ILE C 507 43.73 -20.51 0.16
C ILE C 507 42.89 -20.18 -1.13
N ASP C 508 42.14 -21.21 -1.60
CA ASP C 508 41.27 -21.03 -2.70
C ASP C 508 39.87 -21.14 -2.27
N ASP C 509 39.71 -21.64 -1.01
CA ASP C 509 38.44 -21.84 -0.35
C ASP C 509 38.67 -21.57 1.12
N ILE C 510 37.62 -20.96 1.73
CA ILE C 510 37.48 -20.60 3.08
C ILE C 510 36.13 -21.18 3.55
N VAL C 511 36.10 -22.07 4.58
CA VAL C 511 34.89 -22.77 4.84
C VAL C 511 34.91 -22.88 6.34
N SER C 512 33.86 -22.38 7.04
CA SER C 512 33.76 -22.26 8.47
C SER C 512 33.34 -23.54 9.21
N ASP D 1 -23.77 -32.15 9.71
CA ASP D 1 -24.04 -33.35 8.96
C ASP D 1 -22.95 -34.42 9.01
N ARG D 2 -22.93 -35.34 8.04
CA ARG D 2 -21.84 -36.35 8.00
C ARG D 2 -20.84 -35.88 6.99
N ASP D 3 -21.03 -34.62 6.50
CA ASP D 3 -20.16 -33.89 5.66
C ASP D 3 -18.91 -33.52 6.35
N LYS D 4 -19.08 -33.11 7.61
CA LYS D 4 -17.95 -32.63 8.34
C LYS D 4 -17.06 -33.75 8.87
N PRO D 5 -17.58 -34.93 9.30
CA PRO D 5 -16.73 -36.14 9.41
C PRO D 5 -16.16 -36.53 8.09
N ALA D 6 -16.84 -36.27 6.97
CA ALA D 6 -16.28 -36.74 5.65
C ALA D 6 -14.92 -35.99 5.36
N GLN D 7 -14.96 -34.67 5.65
CA GLN D 7 -13.86 -33.72 5.43
C GLN D 7 -12.72 -33.98 6.37
N ILE D 8 -13.01 -34.18 7.73
CA ILE D 8 -12.07 -34.61 8.76
C ILE D 8 -11.43 -35.93 8.36
N ARG D 9 -12.15 -36.95 7.94
CA ARG D 9 -11.64 -38.30 7.68
C ARG D 9 -10.64 -38.36 6.58
N PHE D 10 -10.85 -37.56 5.45
CA PHE D 10 -9.94 -37.48 4.29
C PHE D 10 -8.57 -36.84 4.79
N SER D 11 -8.67 -35.85 5.67
CA SER D 11 -7.52 -35.12 6.10
C SER D 11 -6.55 -36.04 6.93
N ASN D 12 -7.24 -36.89 7.76
CA ASN D 12 -6.66 -37.92 8.60
C ASN D 12 -6.02 -39.01 7.78
N ILE D 13 -6.66 -39.39 6.66
CA ILE D 13 -6.17 -40.43 5.74
C ILE D 13 -4.87 -40.04 5.05
N SER D 14 -4.85 -38.78 4.55
CA SER D 14 -3.74 -38.15 3.88
C SER D 14 -2.54 -38.03 4.75
N ALA D 15 -2.73 -37.67 6.05
CA ALA D 15 -1.65 -37.56 7.03
C ALA D 15 -1.13 -38.97 7.33
N ALA D 16 -2.00 -39.98 7.49
CA ALA D 16 -1.60 -41.31 7.77
C ALA D 16 -0.83 -41.91 6.65
N LYS D 17 -1.23 -41.69 5.34
CA LYS D 17 -0.52 -42.13 4.16
C LYS D 17 0.89 -41.58 4.02
N ALA D 18 1.09 -40.28 4.37
CA ALA D 18 2.33 -39.67 4.27
C ALA D 18 3.38 -40.22 5.19
N VAL D 19 3.01 -40.58 6.42
CA VAL D 19 3.85 -41.16 7.40
C VAL D 19 4.16 -42.57 6.99
N ALA D 20 3.19 -43.31 6.41
CA ALA D 20 3.28 -44.68 5.92
C ALA D 20 4.17 -44.89 4.68
N ASP D 21 4.29 -43.84 3.75
CA ASP D 21 5.13 -43.74 2.62
C ASP D 21 6.60 -43.93 2.89
N ALA D 22 7.09 -43.40 4.04
CA ALA D 22 8.48 -43.50 4.45
C ALA D 22 8.83 -44.93 4.70
N ILE D 23 7.93 -45.70 5.30
CA ILE D 23 8.10 -47.08 5.68
C ILE D 23 8.03 -48.03 4.50
N ARG D 24 7.41 -47.70 3.36
CA ARG D 24 7.34 -48.57 2.14
C ARG D 24 8.70 -48.70 1.57
N THR D 25 9.51 -47.61 1.75
CA THR D 25 10.95 -47.61 1.44
C THR D 25 11.69 -47.76 2.74
N SER D 26 11.45 -48.84 3.39
CA SER D 26 12.27 -49.23 4.53
C SER D 26 11.99 -50.71 4.66
N LEU D 27 11.25 -51.32 3.68
CA LEU D 27 10.55 -52.56 3.79
C LEU D 27 11.52 -53.66 3.31
N GLY D 28 11.67 -54.64 4.20
CA GLY D 28 12.30 -55.86 3.84
C GLY D 28 13.79 -55.75 4.12
N PRO D 29 14.62 -56.64 3.72
CA PRO D 29 16.08 -56.59 4.01
C PRO D 29 16.75 -55.56 3.20
N LYS D 30 16.13 -55.16 2.06
CA LYS D 30 16.69 -54.29 1.03
C LYS D 30 16.21 -52.83 1.31
N GLY D 31 15.42 -52.65 2.45
CA GLY D 31 14.91 -51.42 2.94
C GLY D 31 15.90 -50.30 3.00
N MET D 32 15.41 -49.01 2.87
CA MET D 32 16.21 -47.81 2.88
C MET D 32 16.04 -47.22 4.21
N ASP D 33 17.19 -47.07 4.91
CA ASP D 33 17.38 -46.55 6.23
C ASP D 33 16.88 -45.14 6.16
N LYS D 34 16.34 -44.60 7.29
CA LYS D 34 15.59 -43.28 7.37
C LYS D 34 16.30 -42.51 8.38
N MET D 35 16.67 -41.29 8.03
CA MET D 35 17.33 -40.44 9.01
C MET D 35 16.31 -39.53 9.55
N ILE D 36 15.97 -39.65 10.82
CA ILE D 36 14.85 -39.11 11.52
C ILE D 36 15.29 -38.08 12.53
N GLN D 37 14.75 -36.85 12.43
CA GLN D 37 14.96 -35.75 13.29
C GLN D 37 13.86 -35.62 14.27
N ASP D 38 14.28 -35.73 15.53
CA ASP D 38 13.48 -35.65 16.79
C ASP D 38 13.27 -34.16 16.99
N GLY D 39 12.32 -33.91 17.94
CA GLY D 39 12.02 -32.64 18.47
C GLY D 39 13.12 -32.20 19.41
N LYS D 40 14.08 -33.12 19.62
CA LYS D 40 15.35 -33.04 20.44
C LYS D 40 16.59 -32.74 19.64
N GLY D 41 16.48 -32.72 18.30
CA GLY D 41 17.54 -32.36 17.35
C GLY D 41 18.65 -33.39 17.15
N ASP D 42 18.22 -34.72 17.25
CA ASP D 42 19.07 -35.83 17.07
C ASP D 42 18.60 -36.70 15.96
N VAL D 43 19.65 -37.16 15.15
CA VAL D 43 19.39 -37.95 13.96
C VAL D 43 19.47 -39.37 14.38
N THR D 44 18.44 -40.21 14.02
CA THR D 44 18.21 -41.53 14.46
C THR D 44 18.04 -42.24 13.12
N ILE D 45 18.82 -43.32 13.02
CA ILE D 45 19.04 -44.11 11.84
C ILE D 45 18.37 -45.40 12.15
N THR D 46 17.26 -45.78 11.49
CA THR D 46 16.55 -46.99 11.81
C THR D 46 16.11 -47.58 10.55
N ASN D 47 15.74 -48.86 10.52
CA ASN D 47 15.18 -49.46 9.31
C ASN D 47 14.03 -50.41 9.84
N ASP D 48 13.66 -50.21 11.10
CA ASP D 48 12.70 -51.01 11.76
C ASP D 48 11.54 -49.99 11.64
N GLY D 49 10.34 -50.37 11.19
CA GLY D 49 9.23 -49.54 10.86
C GLY D 49 8.67 -48.92 12.09
N ALA D 50 8.59 -49.67 13.16
CA ALA D 50 7.73 -49.37 14.29
C ALA D 50 8.26 -48.12 15.06
N THR D 51 9.58 -48.02 15.29
CA THR D 51 10.12 -47.06 16.16
C THR D 51 10.03 -45.63 15.53
N ILE D 52 10.01 -45.53 14.13
CA ILE D 52 9.89 -44.27 13.32
C ILE D 52 8.62 -43.60 13.65
N LEU D 53 7.52 -44.30 13.76
CA LEU D 53 6.19 -43.82 14.02
C LEU D 53 6.13 -43.29 15.45
N LYS D 54 6.66 -44.10 16.40
CA LYS D 54 6.69 -43.88 17.85
C LYS D 54 7.43 -42.72 18.26
N GLN D 55 8.56 -42.44 17.58
CA GLN D 55 9.54 -41.44 18.11
C GLN D 55 8.99 -40.10 17.73
N MET D 56 8.13 -39.94 16.66
CA MET D 56 7.55 -38.63 16.46
C MET D 56 6.55 -38.90 15.44
N GLN D 57 5.27 -38.39 15.61
CA GLN D 57 4.12 -38.68 14.75
C GLN D 57 3.45 -37.29 14.66
N VAL D 58 2.52 -37.08 13.69
CA VAL D 58 1.80 -35.81 13.62
C VAL D 58 0.56 -36.02 14.43
N LEU D 59 -0.04 -34.79 14.71
CA LEU D 59 -1.11 -34.65 15.65
C LEU D 59 -2.50 -34.87 15.05
N HIS D 60 -2.65 -35.93 14.20
CA HIS D 60 -3.92 -36.22 13.54
C HIS D 60 -4.36 -37.57 14.02
N PRO D 61 -5.65 -37.86 14.10
CA PRO D 61 -6.20 -39.09 14.73
C PRO D 61 -5.87 -40.41 14.04
N ALA D 62 -5.69 -40.52 12.71
CA ALA D 62 -5.23 -41.75 11.99
C ALA D 62 -3.79 -42.03 12.16
N ALA D 63 -3.01 -40.98 12.37
CA ALA D 63 -1.58 -41.20 12.63
C ALA D 63 -1.35 -42.04 13.90
N ARG D 64 -2.15 -41.76 14.97
CA ARG D 64 -2.10 -42.44 16.27
C ARG D 64 -2.41 -43.93 16.19
N MET D 65 -3.36 -44.43 15.31
CA MET D 65 -3.72 -45.79 15.13
C MET D 65 -2.51 -46.55 14.65
N LEU D 66 -1.56 -45.86 13.93
CA LEU D 66 -0.41 -46.54 13.33
C LEU D 66 0.56 -46.95 14.45
N VAL D 67 0.84 -46.09 15.44
CA VAL D 67 1.68 -46.49 16.53
C VAL D 67 1.11 -47.73 17.34
N GLU D 68 -0.25 -47.63 17.50
CA GLU D 68 -1.04 -48.61 18.15
C GLU D 68 -1.11 -49.93 17.48
N LEU D 69 -1.19 -49.91 16.22
CA LEU D 69 -1.24 -51.04 15.27
C LEU D 69 0.06 -51.84 15.29
N SER D 70 1.18 -51.12 15.35
CA SER D 70 2.43 -51.86 15.32
C SER D 70 2.84 -52.36 16.71
N LYS D 71 2.33 -51.68 17.72
CA LYS D 71 2.47 -52.01 19.10
C LYS D 71 1.70 -53.28 19.34
N ALA D 72 0.50 -53.40 18.76
CA ALA D 72 -0.22 -54.62 18.80
C ALA D 72 0.40 -55.78 18.09
N GLN D 73 1.05 -55.48 16.94
CA GLN D 73 1.81 -56.46 16.22
C GLN D 73 2.89 -57.07 16.98
N ASP D 74 3.62 -56.30 17.82
CA ASP D 74 4.78 -56.80 18.51
C ASP D 74 4.32 -57.93 19.46
N ILE D 75 3.18 -57.76 20.17
CA ILE D 75 2.80 -58.72 21.22
C ILE D 75 2.31 -59.99 20.64
N GLU D 76 1.65 -59.87 19.48
CA GLU D 76 0.95 -60.96 18.77
C GLU D 76 1.89 -61.84 17.96
N ALA D 77 2.85 -61.33 17.18
CA ALA D 77 3.76 -62.13 16.42
C ALA D 77 5.17 -61.75 16.79
N GLY D 78 5.41 -60.41 16.87
CA GLY D 78 6.70 -59.88 17.15
C GLY D 78 7.41 -59.62 15.85
N ASP D 79 6.69 -59.75 14.78
CA ASP D 79 7.30 -59.86 13.49
C ASP D 79 6.26 -59.24 12.62
N GLY D 80 6.72 -58.68 11.47
CA GLY D 80 5.86 -58.05 10.44
C GLY D 80 5.42 -56.73 10.99
N THR D 81 6.31 -56.11 11.82
CA THR D 81 6.03 -54.80 12.32
C THR D 81 6.08 -53.73 11.25
N THR D 82 6.92 -53.91 10.26
CA THR D 82 7.16 -53.02 9.14
C THR D 82 6.08 -53.14 8.08
N SER D 83 5.75 -54.43 7.72
CA SER D 83 4.83 -54.81 6.72
C SER D 83 3.37 -54.38 7.10
N VAL D 84 3.00 -54.52 8.40
CA VAL D 84 1.66 -54.25 8.90
C VAL D 84 1.25 -52.81 8.62
N VAL D 85 2.12 -51.80 8.67
CA VAL D 85 1.89 -50.39 8.37
C VAL D 85 1.57 -50.34 6.85
N ILE D 86 2.28 -51.15 6.03
CA ILE D 86 2.25 -51.01 4.60
C ILE D 86 0.88 -51.28 4.01
N ILE D 87 0.28 -52.40 4.43
CA ILE D 87 -1.05 -52.73 4.04
C ILE D 87 -2.08 -51.71 4.54
N ALA D 88 -1.92 -51.12 5.77
CA ALA D 88 -2.91 -50.16 6.37
C ALA D 88 -3.16 -48.91 5.55
N GLY D 89 -2.06 -48.32 5.01
CA GLY D 89 -2.12 -47.05 4.33
C GLY D 89 -2.63 -47.35 2.99
N SER D 90 -2.25 -48.57 2.44
CA SER D 90 -2.60 -48.98 1.03
C SER D 90 -4.08 -49.17 0.88
N LEU D 91 -4.77 -49.62 1.87
CA LEU D 91 -6.27 -49.88 2.05
C LEU D 91 -6.98 -48.49 2.04
N LEU D 92 -6.44 -47.46 2.72
CA LEU D 92 -6.98 -46.14 2.89
C LEU D 92 -6.95 -45.46 1.59
N ASP D 93 -6.08 -45.91 0.63
CA ASP D 93 -6.05 -45.36 -0.76
C ASP D 93 -7.31 -45.78 -1.52
N SER D 94 -7.69 -47.06 -1.30
CA SER D 94 -8.82 -47.76 -1.85
C SER D 94 -10.21 -47.24 -1.43
N CYS D 95 -10.20 -46.84 -0.12
CA CYS D 95 -11.39 -46.27 0.51
C CYS D 95 -11.90 -44.98 -0.05
N THR D 96 -10.97 -44.03 -0.47
CA THR D 96 -11.40 -42.73 -0.97
C THR D 96 -12.31 -43.03 -2.19
N LYS D 97 -11.93 -43.99 -3.03
CA LYS D 97 -12.55 -44.34 -4.26
C LYS D 97 -13.96 -44.77 -3.98
N LEU D 98 -14.14 -45.64 -2.96
CA LEU D 98 -15.40 -46.20 -2.63
C LEU D 98 -16.39 -45.17 -2.21
N LEU D 99 -15.91 -44.21 -1.42
CA LEU D 99 -16.67 -43.12 -0.79
C LEU D 99 -17.33 -42.16 -1.75
N GLN D 100 -16.52 -41.78 -2.72
CA GLN D 100 -16.92 -40.85 -3.74
C GLN D 100 -18.08 -41.54 -4.54
N LYS D 101 -17.92 -42.88 -4.72
CA LYS D 101 -18.81 -43.67 -5.53
C LYS D 101 -20.19 -43.75 -4.92
N GLY D 102 -20.21 -43.83 -3.53
CA GLY D 102 -21.42 -43.77 -2.72
C GLY D 102 -21.66 -44.99 -2.03
N ILE D 103 -20.54 -45.56 -1.43
CA ILE D 103 -20.53 -46.68 -0.67
C ILE D 103 -20.16 -46.12 0.65
N HIS D 104 -21.15 -46.33 1.55
CA HIS D 104 -21.19 -45.68 2.83
C HIS D 104 -20.18 -46.20 3.77
N PRO D 105 -19.63 -45.61 4.82
CA PRO D 105 -18.50 -46.12 5.57
C PRO D 105 -18.72 -47.36 6.34
N THR D 106 -19.96 -47.51 6.74
CA THR D 106 -20.47 -48.75 7.47
C THR D 106 -20.31 -49.95 6.67
N ILE D 107 -20.54 -49.83 5.31
CA ILE D 107 -20.40 -50.93 4.35
C ILE D 107 -19.00 -51.28 4.20
N ILE D 108 -18.04 -50.30 4.07
CA ILE D 108 -16.67 -50.57 3.84
C ILE D 108 -16.12 -51.17 5.05
N SER D 109 -16.53 -50.85 6.30
CA SER D 109 -15.96 -51.50 7.54
C SER D 109 -16.41 -52.91 7.67
N GLU D 110 -17.66 -53.32 7.53
CA GLU D 110 -18.05 -54.74 7.60
C GLU D 110 -17.51 -55.57 6.45
N SER D 111 -17.37 -54.98 5.25
CA SER D 111 -16.84 -55.67 4.14
C SER D 111 -15.34 -55.99 4.34
N PHE D 112 -14.63 -55.13 5.06
CA PHE D 112 -13.17 -55.21 5.29
C PHE D 112 -12.83 -56.39 6.32
N GLN D 113 -13.71 -56.59 7.33
CA GLN D 113 -13.63 -57.80 8.15
C GLN D 113 -14.11 -59.01 7.40
N LYS D 114 -15.17 -58.89 6.58
CA LYS D 114 -15.69 -60.02 5.81
C LYS D 114 -14.58 -60.62 4.85
N ALA D 115 -13.86 -59.73 4.13
CA ALA D 115 -12.68 -59.92 3.28
C ALA D 115 -11.44 -60.47 4.04
N LEU D 116 -11.28 -60.17 5.32
CA LEU D 116 -10.24 -60.85 6.10
C LEU D 116 -10.62 -62.33 6.23
N GLU D 117 -11.96 -62.60 6.51
CA GLU D 117 -12.47 -63.93 6.90
C GLU D 117 -12.36 -64.77 5.64
N LYS D 118 -12.58 -64.12 4.50
CA LYS D 118 -12.52 -64.71 3.22
C LYS D 118 -11.10 -64.93 2.79
N GLY D 119 -10.13 -64.05 3.23
CA GLY D 119 -8.67 -64.03 2.86
C GLY D 119 -7.96 -65.20 3.48
N ILE D 120 -8.29 -65.49 4.71
CA ILE D 120 -7.62 -66.52 5.59
C ILE D 120 -7.83 -67.91 5.06
N GLU D 121 -8.91 -68.15 4.38
CA GLU D 121 -9.20 -69.44 3.78
C GLU D 121 -8.24 -69.87 2.68
N ILE D 122 -7.97 -68.78 1.81
CA ILE D 122 -7.16 -68.93 0.63
C ILE D 122 -5.67 -69.16 1.04
N LEU D 123 -5.27 -68.47 2.07
CA LEU D 123 -3.99 -68.62 2.62
C LEU D 123 -3.55 -69.96 3.17
N THR D 124 -4.50 -70.56 3.93
CA THR D 124 -4.32 -71.85 4.64
C THR D 124 -4.11 -73.00 3.71
N ASP D 125 -4.80 -72.95 2.54
CA ASP D 125 -4.80 -74.08 1.58
C ASP D 125 -3.43 -74.15 1.07
N MET D 126 -2.71 -72.97 0.89
CA MET D 126 -1.40 -72.91 0.40
C MET D 126 -0.49 -73.48 1.43
N SER D 127 -0.69 -73.25 2.75
CA SER D 127 0.18 -73.65 3.91
C SER D 127 0.28 -75.14 4.07
N ARG D 128 1.42 -75.56 4.75
CA ARG D 128 1.87 -76.98 4.73
C ARG D 128 2.44 -77.33 6.08
N PRO D 129 1.96 -78.34 6.85
CA PRO D 129 2.37 -78.66 8.17
C PRO D 129 3.85 -79.14 8.31
N VAL D 130 4.34 -78.85 9.53
CA VAL D 130 5.63 -79.26 10.02
C VAL D 130 5.32 -79.59 11.47
N GLU D 131 6.23 -80.41 12.00
CA GLU D 131 6.25 -80.83 13.40
C GLU D 131 6.60 -79.73 14.34
N LEU D 132 6.04 -79.81 15.59
CA LEU D 132 6.11 -78.79 16.60
C LEU D 132 6.74 -79.26 17.86
N SER D 133 7.00 -80.57 17.85
CA SER D 133 7.68 -81.36 18.97
C SER D 133 9.06 -81.75 18.50
N ASP D 134 9.41 -81.54 17.21
CA ASP D 134 10.72 -81.85 16.66
C ASP D 134 11.58 -80.56 16.63
N ARG D 135 12.82 -80.52 17.11
CA ARG D 135 13.79 -79.38 17.25
C ARG D 135 14.19 -78.80 15.90
N GLU D 136 14.47 -79.72 14.88
CA GLU D 136 15.02 -79.45 13.52
C GLU D 136 14.12 -78.67 12.55
N THR D 137 12.80 -78.92 12.54
CA THR D 137 11.82 -78.32 11.72
C THR D 137 11.63 -76.92 12.14
N LEU D 138 11.56 -76.66 13.44
CA LEU D 138 11.32 -75.28 13.98
C LEU D 138 12.53 -74.46 13.71
N LEU D 139 13.73 -75.11 13.71
CA LEU D 139 14.98 -74.35 13.46
C LEU D 139 15.08 -73.91 12.02
N ASN D 140 14.70 -74.71 11.03
CA ASN D 140 14.84 -74.30 9.62
C ASN D 140 13.99 -73.13 9.29
N SER D 141 12.72 -73.12 9.83
CA SER D 141 11.74 -72.04 9.66
C SER D 141 12.18 -70.73 10.36
N ALA D 142 12.76 -70.81 11.58
CA ALA D 142 13.39 -69.76 12.25
C ALA D 142 14.69 -69.16 11.52
N THR D 143 15.52 -69.97 10.93
CA THR D 143 16.82 -69.62 10.30
C THR D 143 16.43 -68.70 9.03
N THR D 144 15.40 -69.07 8.26
CA THR D 144 15.02 -68.42 7.04
C THR D 144 14.54 -67.04 7.37
N SER D 145 13.77 -66.93 8.47
CA SER D 145 13.22 -65.70 9.00
C SER D 145 14.29 -64.77 9.45
N LEU D 146 15.40 -65.28 10.05
CA LEU D 146 16.56 -64.52 10.53
C LEU D 146 17.30 -63.85 9.47
N ASN D 147 17.47 -64.41 8.20
CA ASN D 147 18.21 -63.81 7.07
C ASN D 147 17.45 -62.56 6.62
N SER D 148 16.12 -62.65 6.63
CA SER D 148 15.23 -61.54 6.30
C SER D 148 15.25 -60.36 7.25
N LYS D 149 15.63 -60.61 8.62
CA LYS D 149 15.63 -59.60 9.65
C LYS D 149 16.89 -58.77 9.51
N VAL D 150 16.92 -57.59 10.17
CA VAL D 150 17.98 -56.65 10.08
C VAL D 150 19.33 -57.16 10.66
N VAL D 151 19.24 -57.96 11.74
CA VAL D 151 20.25 -58.50 12.56
C VAL D 151 20.46 -59.93 11.96
N SER D 152 21.73 -60.41 11.79
CA SER D 152 21.99 -61.71 11.18
C SER D 152 23.42 -62.19 11.42
N GLN D 153 24.31 -61.30 11.94
CA GLN D 153 25.65 -61.57 11.93
C GLN D 153 26.04 -62.63 12.92
N TYR D 154 25.49 -62.50 14.13
CA TYR D 154 25.71 -63.52 15.24
C TYR D 154 24.48 -64.38 15.30
N SER D 155 23.42 -64.22 14.53
CA SER D 155 22.14 -64.95 14.63
C SER D 155 22.32 -66.43 14.25
N SER D 156 23.43 -66.76 13.58
CA SER D 156 23.72 -68.14 13.31
C SER D 156 23.90 -68.92 14.64
N LEU D 157 24.73 -68.44 15.56
CA LEU D 157 25.04 -69.01 16.84
C LEU D 157 23.81 -68.92 17.83
N LEU D 158 23.04 -67.82 17.81
CA LEU D 158 21.92 -67.63 18.65
C LEU D 158 20.74 -68.50 18.19
N SER D 159 20.56 -68.85 16.88
CA SER D 159 19.40 -69.72 16.39
C SER D 159 19.25 -71.06 17.01
N PRO D 160 20.20 -71.95 17.26
CA PRO D 160 19.95 -73.24 17.87
C PRO D 160 19.62 -72.98 19.36
N MET D 161 20.09 -71.91 19.98
CA MET D 161 19.90 -71.63 21.39
C MET D 161 18.51 -71.15 21.59
N SER D 162 17.94 -70.47 20.58
CA SER D 162 16.52 -69.93 20.59
C SER D 162 15.49 -71.03 20.55
N VAL D 163 15.68 -72.07 19.74
CA VAL D 163 14.87 -73.20 19.79
C VAL D 163 14.85 -74.02 21.03
N ASN D 164 16.01 -74.22 21.66
CA ASN D 164 16.22 -75.01 22.87
C ASN D 164 15.42 -74.49 24.05
N ALA D 165 15.31 -73.17 24.25
CA ALA D 165 14.56 -72.56 25.29
C ALA D 165 13.06 -72.88 25.10
N VAL D 166 12.64 -72.68 23.83
CA VAL D 166 11.25 -72.87 23.43
C VAL D 166 10.72 -74.36 23.52
N MET D 167 11.61 -75.36 23.17
CA MET D 167 11.34 -76.76 23.19
C MET D 167 11.03 -77.16 24.57
N LYS D 168 11.76 -76.66 25.59
CA LYS D 168 11.46 -77.10 26.95
C LYS D 168 10.06 -76.61 27.40
N VAL D 169 9.60 -75.40 26.93
CA VAL D 169 8.33 -74.86 27.35
C VAL D 169 7.09 -75.49 26.63
N ILE D 170 7.33 -76.20 25.50
CA ILE D 170 6.45 -77.13 24.80
C ILE D 170 6.55 -78.43 25.44
N ASP D 171 5.40 -78.85 26.02
CA ASP D 171 5.35 -80.18 26.59
C ASP D 171 4.24 -81.00 25.91
N PRO D 172 3.05 -80.52 25.50
CA PRO D 172 2.10 -81.44 24.87
C PRO D 172 2.36 -81.21 23.39
N ALA D 173 1.63 -81.91 22.41
CA ALA D 173 1.65 -81.80 20.97
C ALA D 173 1.04 -80.49 20.43
N THR D 174 0.17 -79.82 21.23
CA THR D 174 -0.55 -78.58 20.88
C THR D 174 0.44 -77.42 20.86
N ALA D 175 1.49 -77.57 21.64
CA ALA D 175 2.65 -76.76 21.66
C ALA D 175 2.28 -75.47 22.22
N THR D 176 1.16 -75.40 22.99
CA THR D 176 0.72 -74.26 23.66
C THR D 176 0.67 -73.03 22.79
N SER D 177 1.09 -71.81 23.27
CA SER D 177 1.19 -70.66 22.44
C SER D 177 2.59 -70.22 22.47
N VAL D 178 3.23 -70.29 23.70
CA VAL D 178 4.58 -69.84 23.93
C VAL D 178 4.57 -68.34 23.85
N ASP D 179 4.54 -67.64 25.01
CA ASP D 179 4.65 -66.22 25.07
C ASP D 179 6.09 -65.90 25.60
N LEU D 180 6.35 -64.57 25.85
CA LEU D 180 7.64 -64.19 26.35
C LEU D 180 7.47 -64.06 27.91
N ARG D 181 6.29 -64.54 28.40
CA ARG D 181 5.82 -64.47 29.76
C ARG D 181 6.37 -65.74 30.42
N ASP D 182 7.22 -66.52 29.67
CA ASP D 182 7.76 -67.72 30.15
C ASP D 182 9.26 -67.75 29.67
N ILE D 183 9.59 -67.04 28.58
CA ILE D 183 10.97 -67.02 28.13
C ILE D 183 11.49 -65.62 28.53
N LYS D 184 12.58 -65.62 29.30
CA LYS D 184 13.17 -64.45 29.94
C LYS D 184 14.53 -64.22 29.31
N ILE D 185 14.75 -62.93 28.93
CA ILE D 185 15.90 -62.36 28.30
C ILE D 185 16.65 -61.59 29.40
N VAL D 186 17.81 -62.16 29.75
CA VAL D 186 18.67 -61.62 30.80
C VAL D 186 19.93 -61.45 30.17
N LYS D 187 20.69 -60.36 30.56
CA LYS D 187 21.99 -60.06 29.91
C LYS D 187 23.00 -60.16 30.99
N LYS D 188 24.31 -60.39 30.65
CA LYS D 188 25.34 -60.44 31.69
C LYS D 188 26.62 -59.82 31.05
N LEU D 189 27.42 -58.93 31.79
CA LEU D 189 28.66 -58.31 31.37
C LEU D 189 29.68 -59.42 31.29
N GLY D 190 30.54 -59.21 30.24
CA GLY D 190 31.60 -60.13 29.98
C GLY D 190 31.04 -61.39 29.30
N GLY D 191 31.95 -62.30 28.82
CA GLY D 191 31.66 -63.55 28.16
C GLY D 191 31.47 -63.51 26.66
N THR D 192 31.32 -64.66 25.96
CA THR D 192 31.06 -64.75 24.55
C THR D 192 29.68 -65.30 24.25
N ILE D 193 29.36 -65.53 22.95
CA ILE D 193 28.13 -66.05 22.45
C ILE D 193 28.09 -67.46 22.74
N ASP D 194 29.24 -68.19 22.90
CA ASP D 194 29.30 -69.67 23.07
C ASP D 194 29.10 -70.04 24.51
N ASP D 195 29.45 -69.07 25.38
CA ASP D 195 29.24 -69.10 26.80
C ASP D 195 27.78 -68.96 27.18
N CYS D 196 26.92 -68.35 26.35
CA CYS D 196 25.47 -68.27 26.57
C CYS D 196 24.83 -69.60 26.84
N GLU D 197 23.86 -69.65 27.74
CA GLU D 197 23.29 -70.96 28.09
C GLU D 197 21.92 -70.81 28.60
N LEU D 198 21.09 -71.85 28.57
CA LEU D 198 19.76 -71.97 29.03
C LEU D 198 19.75 -72.55 30.43
N VAL D 199 19.34 -71.74 31.40
CA VAL D 199 19.37 -72.11 32.86
C VAL D 199 17.91 -72.54 33.03
N GLU D 200 17.82 -73.68 33.73
CA GLU D 200 16.55 -74.38 33.99
C GLU D 200 15.59 -73.57 34.83
N GLY D 201 16.15 -72.85 35.86
CA GLY D 201 15.38 -72.05 36.79
C GLY D 201 15.19 -70.64 36.23
N LEU D 202 15.50 -69.55 37.01
CA LEU D 202 15.56 -68.19 36.55
C LEU D 202 16.85 -67.66 37.04
N VAL D 203 17.40 -66.71 36.32
CA VAL D 203 18.62 -65.98 36.60
C VAL D 203 18.12 -64.63 37.00
N LEU D 204 18.68 -64.10 38.10
CA LEU D 204 18.17 -62.89 38.63
C LEU D 204 19.28 -61.92 38.56
N THR D 205 18.96 -60.57 38.57
CA THR D 205 19.92 -59.53 38.38
C THR D 205 20.53 -59.14 39.65
N GLN D 206 21.85 -58.84 39.64
CA GLN D 206 22.63 -58.39 40.73
C GLN D 206 22.66 -59.53 41.79
N LYS D 207 23.24 -59.17 42.96
CA LYS D 207 23.54 -60.12 43.97
C LYS D 207 24.21 -59.34 45.03
N VAL D 208 23.55 -58.98 46.16
CA VAL D 208 24.06 -58.17 47.23
C VAL D 208 23.96 -59.15 48.42
N SER D 209 25.16 -59.44 48.95
CA SER D 209 25.43 -60.31 50.00
C SER D 209 26.78 -60.97 49.94
N ASN D 210 27.68 -60.60 50.93
CA ASN D 210 29.09 -61.02 50.94
C ASN D 210 29.40 -61.52 52.34
N SER D 211 28.41 -61.34 53.22
CA SER D 211 28.44 -61.86 54.64
C SER D 211 27.59 -63.14 54.68
N GLY D 212 26.67 -63.33 53.70
CA GLY D 212 25.80 -64.49 53.52
C GLY D 212 26.51 -65.77 53.13
N ILE D 213 25.72 -66.79 52.88
CA ILE D 213 26.30 -67.96 52.32
C ILE D 213 26.24 -67.81 50.76
N THR D 214 27.27 -68.43 50.18
CA THR D 214 27.54 -68.40 48.78
C THR D 214 27.16 -69.62 47.92
N ARG D 215 26.76 -70.77 48.58
CA ARG D 215 26.23 -71.87 47.86
C ARG D 215 25.39 -72.53 48.90
N VAL D 216 24.05 -72.78 48.61
CA VAL D 216 23.24 -73.46 49.64
C VAL D 216 22.43 -74.38 48.74
N GLU D 217 22.33 -75.69 49.10
CA GLU D 217 21.58 -76.67 48.34
C GLU D 217 20.28 -76.79 49.08
N LYS D 218 19.25 -77.31 48.35
CA LYS D 218 17.98 -77.59 48.90
C LYS D 218 17.35 -76.37 49.57
N ALA D 219 17.13 -75.37 48.73
CA ALA D 219 16.88 -73.97 49.22
C ALA D 219 15.37 -73.80 48.98
N LYS D 220 14.85 -72.84 49.73
CA LYS D 220 13.43 -72.48 49.84
C LYS D 220 13.21 -71.08 49.46
N ILE D 221 12.30 -70.82 48.58
CA ILE D 221 12.41 -69.53 47.89
C ILE D 221 11.40 -68.74 48.58
N GLY D 222 11.92 -67.63 49.17
CA GLY D 222 11.23 -66.79 50.03
C GLY D 222 11.18 -65.52 49.29
N LEU D 223 10.21 -64.62 49.54
CA LEU D 223 10.01 -63.38 48.80
C LEU D 223 9.69 -62.36 49.82
N ILE D 224 10.40 -61.19 49.71
CA ILE D 224 10.17 -60.11 50.72
C ILE D 224 9.51 -59.05 49.86
N GLN D 225 8.40 -58.43 50.38
CA GLN D 225 7.83 -57.23 49.79
C GLN D 225 7.28 -56.43 50.96
N PHE D 226 7.73 -56.80 52.21
CA PHE D 226 7.52 -56.13 53.43
C PHE D 226 8.82 -55.48 53.82
N CYS D 227 8.82 -54.47 54.72
CA CYS D 227 9.99 -53.77 55.10
C CYS D 227 10.95 -54.65 55.92
N LEU D 228 12.18 -54.19 56.25
CA LEU D 228 12.99 -54.75 57.30
C LEU D 228 13.20 -53.86 58.48
N SER D 229 12.50 -52.71 58.53
CA SER D 229 12.71 -51.69 59.56
C SER D 229 11.37 -50.98 59.65
N ALA D 230 11.13 -50.31 60.82
CA ALA D 230 10.07 -49.40 61.13
C ALA D 230 10.08 -48.18 60.09
N PRO D 231 8.97 -47.60 59.69
CA PRO D 231 8.78 -46.67 58.62
C PRO D 231 9.61 -45.47 58.66
N LYS D 232 9.67 -44.93 57.42
CA LYS D 232 10.24 -43.55 57.24
C LYS D 232 10.04 -42.53 58.33
N THR D 233 10.99 -41.53 58.40
CA THR D 233 10.83 -40.35 59.13
C THR D 233 11.03 -39.29 58.12
N ASP D 234 12.19 -39.46 57.39
CA ASP D 234 12.72 -38.53 56.39
C ASP D 234 13.71 -39.25 55.61
N MET D 235 14.04 -40.51 56.10
CA MET D 235 14.91 -41.36 55.31
C MET D 235 14.17 -42.59 55.18
N ASP D 236 14.64 -43.52 54.36
CA ASP D 236 14.00 -44.83 54.31
C ASP D 236 13.95 -45.55 55.64
N ASN D 237 15.05 -45.37 56.48
CA ASN D 237 15.19 -45.67 57.88
C ASN D 237 14.26 -44.81 58.69
N GLN D 238 13.87 -45.33 59.89
CA GLN D 238 13.13 -44.56 60.87
C GLN D 238 14.10 -43.59 61.50
N ILE D 239 15.41 -43.94 61.56
CA ILE D 239 16.38 -43.03 62.23
C ILE D 239 16.74 -41.83 61.35
N VAL D 240 16.93 -40.70 62.07
CA VAL D 240 17.14 -39.33 61.57
C VAL D 240 17.84 -38.75 62.81
N VAL D 241 18.37 -37.52 62.58
CA VAL D 241 19.21 -36.87 63.51
C VAL D 241 18.79 -35.44 63.36
N SER D 242 18.82 -34.69 64.54
CA SER D 242 18.64 -33.19 64.72
C SER D 242 19.00 -32.86 66.14
N ASP D 243 19.27 -33.84 66.91
CA ASP D 243 19.80 -33.71 68.26
C ASP D 243 20.37 -35.06 68.57
N TYR D 244 21.38 -35.14 69.49
CA TYR D 244 21.90 -36.34 70.03
C TYR D 244 20.85 -37.27 70.68
N ALA D 245 19.95 -36.65 71.42
CA ALA D 245 18.91 -37.28 72.08
C ALA D 245 17.82 -37.86 71.15
N GLN D 246 17.52 -37.11 70.10
CA GLN D 246 16.47 -37.35 69.18
C GLN D 246 16.71 -38.69 68.50
N MET D 247 18.01 -38.98 68.13
CA MET D 247 18.40 -40.26 67.52
C MET D 247 18.23 -41.41 68.43
N ASP D 248 18.49 -41.19 69.70
CA ASP D 248 18.28 -42.21 70.73
C ASP D 248 16.87 -42.74 70.92
N ARG D 249 15.83 -41.79 70.86
CA ARG D 249 14.52 -42.10 71.06
C ARG D 249 13.94 -42.94 69.89
N VAL D 250 14.37 -42.59 68.66
CA VAL D 250 14.00 -43.44 67.51
C VAL D 250 14.71 -44.81 67.58
N LEU D 251 15.93 -44.91 68.10
CA LEU D 251 16.65 -46.10 68.11
C LEU D 251 16.02 -47.14 69.00
N ARG D 252 15.31 -46.76 70.00
CA ARG D 252 14.64 -47.62 70.96
C ARG D 252 13.54 -48.46 70.34
N GLU D 253 12.80 -47.67 69.47
CA GLU D 253 11.80 -48.35 68.56
C GLU D 253 12.45 -49.25 67.48
N GLU D 254 13.59 -48.84 66.82
CA GLU D 254 14.08 -49.48 65.69
C GLU D 254 14.68 -50.81 66.02
N ARG D 255 15.41 -50.88 67.12
CA ARG D 255 16.28 -51.94 67.57
C ARG D 255 15.50 -53.23 67.78
N ALA D 256 14.33 -53.09 68.39
CA ALA D 256 13.29 -54.08 68.82
C ALA D 256 12.73 -54.69 67.54
N TYR D 257 12.42 -53.75 66.59
CA TYR D 257 11.78 -53.99 65.38
C TYR D 257 12.57 -54.88 64.39
N ILE D 258 13.92 -54.52 64.24
CA ILE D 258 14.82 -55.20 63.35
C ILE D 258 15.04 -56.58 63.81
N LEU D 259 15.12 -56.89 65.17
CA LEU D 259 15.31 -58.29 65.61
C LEU D 259 14.08 -59.07 65.36
N ASN D 260 12.81 -58.58 65.57
CA ASN D 260 11.68 -59.50 65.42
C ASN D 260 11.44 -59.93 64.04
N LEU D 261 11.75 -59.05 63.03
CA LEU D 261 11.56 -59.30 61.55
C LEU D 261 12.51 -60.30 61.02
N VAL D 262 13.88 -60.23 61.19
CA VAL D 262 14.89 -61.03 60.71
C VAL D 262 14.73 -62.43 61.16
N LYS D 263 14.37 -62.61 62.48
CA LYS D 263 14.05 -63.84 63.19
C LYS D 263 12.80 -64.47 62.67
N GLN D 264 11.78 -63.66 62.29
CA GLN D 264 10.48 -64.24 61.84
C GLN D 264 10.57 -65.01 60.52
N ILE D 265 11.45 -64.50 59.60
CA ILE D 265 11.75 -65.05 58.33
C ILE D 265 12.40 -66.35 58.42
N LYS D 266 13.37 -66.50 59.40
CA LYS D 266 14.15 -67.66 59.61
C LYS D 266 13.26 -68.76 60.19
N LYS D 267 12.35 -68.44 61.06
CA LYS D 267 11.46 -69.42 61.70
C LYS D 267 10.56 -70.14 60.67
N THR D 268 10.06 -69.41 59.65
CA THR D 268 9.29 -70.05 58.62
C THR D 268 10.15 -70.97 57.66
N GLY D 269 11.41 -70.58 57.36
CA GLY D 269 12.37 -71.39 56.56
C GLY D 269 12.49 -70.92 55.18
N CYS D 270 13.57 -70.22 54.89
CA CYS D 270 13.89 -69.69 53.68
C CYS D 270 15.39 -69.69 53.59
N ASN D 271 15.92 -69.94 52.31
CA ASN D 271 17.32 -69.86 52.10
C ASN D 271 17.50 -69.07 50.80
N VAL D 272 16.45 -68.61 50.07
CA VAL D 272 16.65 -67.58 49.08
C VAL D 272 15.62 -66.46 49.42
N LEU D 273 16.04 -65.22 49.42
CA LEU D 273 15.13 -64.05 49.62
C LEU D 273 15.35 -63.18 48.51
N LEU D 274 14.25 -62.51 48.00
CA LEU D 274 14.26 -61.64 46.87
C LEU D 274 13.89 -60.29 47.37
N ILE D 275 14.81 -59.34 47.39
CA ILE D 275 14.52 -58.12 48.11
C ILE D 275 14.72 -57.05 46.97
N GLN D 276 13.89 -56.03 47.00
CA GLN D 276 13.84 -54.87 46.12
C GLN D 276 14.61 -53.75 46.67
N LYS D 277 14.56 -52.59 45.99
CA LYS D 277 15.40 -51.46 46.25
C LYS D 277 14.89 -50.76 47.47
N SER D 278 15.65 -49.72 47.80
CA SER D 278 15.44 -48.82 48.95
C SER D 278 14.66 -47.58 48.54
N ILE D 279 14.28 -47.60 47.22
CA ILE D 279 13.31 -46.62 46.72
C ILE D 279 12.08 -47.41 46.31
N LEU D 280 12.03 -48.79 46.44
CA LEU D 280 10.78 -49.45 46.14
C LEU D 280 10.17 -50.07 47.32
N ARG D 281 10.75 -49.93 48.53
CA ARG D 281 10.31 -50.48 49.78
C ARG D 281 10.60 -49.32 50.69
N ASP D 282 9.71 -49.08 51.73
CA ASP D 282 9.74 -47.86 52.44
C ASP D 282 10.80 -47.87 53.49
N ALA D 283 11.41 -48.98 53.96
CA ALA D 283 12.42 -49.04 54.96
C ALA D 283 13.18 -50.26 54.78
N LEU D 284 14.43 -50.26 55.06
CA LEU D 284 15.23 -51.46 55.00
C LEU D 284 16.31 -50.93 55.91
N SER D 285 16.97 -51.83 56.69
CA SER D 285 18.04 -51.45 57.66
C SER D 285 19.21 -52.17 57.22
N ASP D 286 20.39 -51.48 57.23
CA ASP D 286 21.69 -52.12 57.00
C ASP D 286 22.01 -53.10 58.11
N LEU D 287 21.54 -52.65 59.34
CA LEU D 287 21.70 -53.44 60.54
C LEU D 287 20.96 -54.73 60.43
N ALA D 288 19.71 -54.68 60.01
CA ALA D 288 18.78 -55.85 59.80
C ALA D 288 19.35 -56.70 58.69
N LEU D 289 20.02 -56.08 57.69
CA LEU D 289 20.57 -56.84 56.54
C LEU D 289 21.74 -57.65 56.92
N HIS D 290 22.70 -57.06 57.81
CA HIS D 290 23.92 -57.73 58.32
C HIS D 290 23.44 -58.97 59.06
N PHE D 291 22.51 -58.85 59.98
CA PHE D 291 22.02 -60.04 60.69
C PHE D 291 21.35 -61.08 59.76
N LEU D 292 20.56 -60.59 58.77
CA LEU D 292 19.72 -61.44 57.95
C LEU D 292 20.57 -62.35 57.10
N ASN D 293 21.69 -61.83 56.50
CA ASN D 293 22.77 -62.54 55.83
C ASN D 293 23.53 -63.48 56.80
N LYS D 294 23.85 -63.09 58.06
CA LYS D 294 24.70 -63.81 58.90
C LYS D 294 23.94 -65.04 59.47
N MET D 295 22.57 -65.13 59.43
CA MET D 295 21.85 -66.34 59.79
C MET D 295 22.01 -67.47 58.77
N LYS D 296 22.69 -67.20 57.66
CA LYS D 296 23.09 -68.17 56.66
C LYS D 296 21.99 -68.39 55.65
N ILE D 297 21.46 -67.28 55.15
CA ILE D 297 20.33 -67.18 54.21
C ILE D 297 20.92 -66.44 52.99
N MET D 298 20.64 -66.94 51.73
CA MET D 298 21.29 -66.36 50.58
C MET D 298 20.37 -65.28 50.04
N VAL D 299 20.90 -64.10 49.83
CA VAL D 299 20.16 -62.87 49.66
C VAL D 299 20.63 -62.31 48.37
N ILE D 300 19.59 -61.84 47.57
CA ILE D 300 19.83 -60.86 46.54
C ILE D 300 19.00 -59.68 46.98
N LYS D 301 19.59 -58.45 47.09
CA LYS D 301 18.97 -57.19 47.42
C LYS D 301 19.27 -56.35 46.23
N ASP D 302 18.14 -55.60 45.87
CA ASP D 302 18.05 -54.72 44.79
C ASP D 302 17.49 -55.43 43.53
N ILE D 303 16.24 -55.21 43.19
CA ILE D 303 15.69 -55.84 42.01
C ILE D 303 14.46 -55.06 41.68
N GLU D 304 13.97 -55.19 40.42
CA GLU D 304 12.86 -54.37 39.86
C GLU D 304 11.53 -54.91 40.16
N ARG D 305 10.53 -54.01 39.98
CA ARG D 305 9.07 -54.17 40.12
C ARG D 305 8.57 -55.11 39.08
N GLU D 306 9.08 -54.97 37.84
CA GLU D 306 8.83 -55.79 36.73
C GLU D 306 9.31 -57.17 37.04
N ASP D 307 10.52 -57.32 37.70
CA ASP D 307 11.10 -58.64 38.07
C ASP D 307 10.36 -59.42 39.09
N ILE D 308 9.88 -58.70 40.09
CA ILE D 308 9.11 -59.23 41.16
C ILE D 308 7.81 -59.78 40.62
N GLU D 309 7.06 -59.09 39.63
CA GLU D 309 5.83 -59.57 39.06
C GLU D 309 6.08 -60.78 38.20
N PHE D 310 7.22 -60.81 37.42
CA PHE D 310 7.65 -61.89 36.60
C PHE D 310 7.83 -63.20 37.38
N ILE D 311 8.52 -63.15 38.59
CA ILE D 311 8.95 -64.30 39.32
C ILE D 311 7.72 -64.97 39.83
N CYS D 312 6.78 -64.16 40.30
CA CYS D 312 5.57 -64.59 41.01
C CYS D 312 4.72 -65.56 40.19
N LYS D 313 4.48 -65.31 38.91
CA LYS D 313 3.91 -66.30 38.01
C LYS D 313 4.78 -67.46 37.67
N THR D 314 6.02 -67.27 37.32
CA THR D 314 6.73 -68.33 36.69
C THR D 314 7.20 -69.45 37.56
N ILE D 315 7.71 -69.14 38.74
CA ILE D 315 8.27 -70.09 39.69
C ILE D 315 7.37 -70.19 40.87
N GLY D 316 6.15 -69.68 40.71
CA GLY D 316 5.12 -69.85 41.72
C GLY D 316 5.40 -69.38 43.11
N THR D 317 6.33 -68.37 43.26
CA THR D 317 6.74 -67.91 44.55
C THR D 317 5.86 -66.68 44.68
N LYS D 318 4.73 -66.92 45.37
CA LYS D 318 3.73 -65.94 45.36
C LYS D 318 3.92 -64.80 46.30
N PRO D 319 3.25 -63.60 46.17
CA PRO D 319 3.46 -62.50 47.12
C PRO D 319 3.45 -62.74 48.56
N VAL D 320 4.35 -62.10 49.23
CA VAL D 320 4.48 -62.11 50.67
C VAL D 320 4.74 -60.63 50.94
N ALA D 321 3.69 -59.80 51.16
CA ALA D 321 3.88 -58.32 51.31
C ALA D 321 3.57 -57.90 52.65
N HIS D 322 3.51 -58.87 53.61
CA HIS D 322 3.17 -58.64 54.91
C HIS D 322 3.78 -59.80 55.71
N ILE D 323 4.00 -59.71 57.10
CA ILE D 323 4.39 -60.82 57.98
C ILE D 323 3.38 -62.01 57.98
N ASP D 324 2.12 -61.67 57.87
CA ASP D 324 1.06 -62.61 58.00
C ASP D 324 1.05 -63.62 56.89
N GLN D 325 1.51 -63.24 55.73
CA GLN D 325 1.45 -64.02 54.53
C GLN D 325 2.71 -64.90 54.26
N PHE D 326 3.70 -64.96 55.19
CA PHE D 326 4.73 -65.97 55.06
C PHE D 326 4.13 -67.16 55.81
N THR D 327 3.90 -68.14 54.92
CA THR D 327 3.30 -69.38 55.24
C THR D 327 4.08 -70.19 54.20
N ALA D 328 3.95 -71.59 54.28
CA ALA D 328 4.59 -72.55 53.40
C ALA D 328 4.16 -72.51 51.99
N ASP D 329 2.91 -72.05 51.74
CA ASP D 329 2.26 -72.13 50.46
C ASP D 329 2.99 -71.22 49.50
N MET D 330 3.28 -70.00 49.95
CA MET D 330 3.95 -68.99 49.12
C MET D 330 5.31 -69.39 48.63
N LEU D 331 6.11 -70.08 49.48
CA LEU D 331 7.47 -70.51 49.16
C LEU D 331 7.50 -71.46 47.94
N GLY D 332 8.54 -71.34 47.17
CA GLY D 332 8.94 -72.24 46.10
C GLY D 332 9.64 -73.48 46.56
N SER D 333 10.26 -74.25 45.61
CA SER D 333 11.23 -75.30 46.02
C SER D 333 12.32 -75.16 45.07
N ALA D 334 13.55 -74.74 45.47
CA ALA D 334 14.64 -74.66 44.63
C ALA D 334 15.54 -75.90 44.95
N GLU D 335 16.14 -76.45 43.88
CA GLU D 335 17.04 -77.58 44.02
C GLU D 335 18.42 -77.11 44.39
N LEU D 336 18.87 -75.94 43.84
CA LEU D 336 20.22 -75.40 44.07
C LEU D 336 20.00 -73.91 43.98
N ALA D 337 20.80 -73.17 44.72
CA ALA D 337 21.09 -71.70 44.51
C ALA D 337 22.60 -71.54 44.55
N GLU D 338 23.10 -70.80 43.54
CA GLU D 338 24.48 -70.72 43.35
C GLU D 338 24.95 -69.51 42.86
N GLU D 339 26.18 -68.98 43.39
CA GLU D 339 26.89 -67.88 42.78
C GLU D 339 27.74 -68.35 41.66
N VAL D 340 27.72 -67.67 40.47
CA VAL D 340 28.58 -67.92 39.32
C VAL D 340 29.31 -66.59 39.10
N ASN D 341 30.63 -66.74 38.90
CA ASN D 341 31.37 -65.50 38.67
C ASN D 341 32.14 -65.74 37.41
N LEU D 342 32.08 -66.97 36.84
CA LEU D 342 32.61 -67.37 35.54
C LEU D 342 31.66 -67.06 34.44
N ASN D 343 32.15 -67.22 33.16
CA ASN D 343 31.49 -66.98 31.91
C ASN D 343 30.92 -65.59 31.79
N GLY D 344 31.79 -64.63 32.10
CA GLY D 344 31.40 -63.24 32.16
C GLY D 344 31.64 -62.86 33.54
N SER D 345 32.35 -61.74 33.75
CA SER D 345 32.59 -61.15 35.08
C SER D 345 31.38 -60.52 35.68
N GLY D 346 31.34 -60.33 37.03
CA GLY D 346 30.22 -59.92 37.76
C GLY D 346 29.38 -61.13 38.27
N LYS D 347 28.59 -60.99 39.39
CA LYS D 347 27.88 -62.05 40.06
C LYS D 347 26.44 -61.85 40.03
N LEU D 348 25.86 -62.95 39.50
CA LEU D 348 24.49 -63.17 39.35
C LEU D 348 24.15 -64.42 40.15
N LEU D 349 22.89 -64.47 40.55
CA LEU D 349 22.25 -65.58 41.28
C LEU D 349 21.63 -66.40 40.21
N LYS D 350 21.96 -67.76 40.14
CA LYS D 350 21.35 -68.78 39.26
C LYS D 350 20.67 -69.57 40.31
N ILE D 351 19.46 -69.98 40.01
CA ILE D 351 18.70 -71.00 40.75
C ILE D 351 18.56 -72.01 39.62
N THR D 352 19.06 -73.22 39.79
CA THR D 352 19.05 -74.20 38.74
C THR D 352 18.20 -75.25 39.32
N GLY D 353 17.07 -75.44 38.60
CA GLY D 353 15.97 -76.32 39.04
C GLY D 353 15.01 -75.52 39.89
N CYS D 354 13.69 -75.51 39.51
CA CYS D 354 12.77 -74.79 40.24
C CYS D 354 11.49 -75.55 39.99
N ALA D 355 10.58 -75.58 41.05
CA ALA D 355 9.24 -76.11 41.07
C ALA D 355 8.42 -74.93 40.66
N SER D 356 7.76 -75.17 39.47
CA SER D 356 7.22 -74.09 38.70
C SER D 356 5.89 -74.51 38.07
N PRO D 357 4.78 -73.73 37.93
CA PRO D 357 3.74 -74.01 37.01
C PRO D 357 4.26 -73.70 35.67
N GLY D 358 3.59 -74.21 34.60
CA GLY D 358 4.01 -74.00 33.18
C GLY D 358 5.40 -74.59 33.06
N LYS D 359 6.34 -73.78 32.55
CA LYS D 359 7.77 -74.13 32.50
C LYS D 359 8.35 -72.85 32.05
N THR D 360 9.46 -72.34 32.65
CA THR D 360 10.05 -71.07 32.48
C THR D 360 11.55 -71.27 32.17
N VAL D 361 12.03 -70.72 31.07
CA VAL D 361 13.36 -70.86 30.71
C VAL D 361 13.94 -69.44 30.66
N THR D 362 15.27 -69.36 30.91
CA THR D 362 15.90 -68.04 30.89
C THR D 362 17.18 -68.34 30.03
N ILE D 363 17.57 -67.39 29.16
CA ILE D 363 18.73 -67.43 28.31
C ILE D 363 19.49 -66.25 28.74
N VAL D 364 20.74 -66.57 29.21
CA VAL D 364 21.62 -65.52 29.61
C VAL D 364 22.33 -65.30 28.35
N VAL D 365 22.12 -64.14 27.70
CA VAL D 365 22.75 -63.77 26.52
C VAL D 365 23.91 -62.91 26.91
N ARG D 366 24.98 -62.90 26.08
CA ARG D 366 26.27 -62.42 26.57
C ARG D 366 27.13 -62.06 25.43
N GLY D 367 28.15 -61.22 25.65
CA GLY D 367 29.06 -60.80 24.62
C GLY D 367 30.16 -59.85 25.09
N SER D 368 31.24 -59.70 24.26
CA SER D 368 32.60 -59.34 24.65
C SER D 368 32.66 -57.87 24.90
N ASN D 369 31.90 -57.08 24.06
CA ASN D 369 31.86 -55.64 24.05
C ASN D 369 30.44 -55.25 24.20
N LYS D 370 30.19 -54.03 24.60
CA LYS D 370 28.85 -53.66 25.06
C LYS D 370 27.82 -53.84 23.92
N LEU D 371 28.19 -53.37 22.73
CA LEU D 371 27.48 -53.48 21.46
C LEU D 371 27.31 -54.93 21.01
N VAL D 372 28.23 -55.86 21.28
CA VAL D 372 28.02 -57.31 21.02
C VAL D 372 26.95 -57.89 21.82
N ILE D 373 26.76 -57.38 23.09
CA ILE D 373 25.75 -57.93 23.95
C ILE D 373 24.41 -57.51 23.35
N GLU D 374 24.32 -56.22 22.90
CA GLU D 374 23.04 -55.69 22.33
C GLU D 374 22.66 -56.27 21.07
N GLU D 375 23.52 -56.65 20.18
CA GLU D 375 23.21 -57.29 18.93
C GLU D 375 22.61 -58.67 19.13
N ALA D 376 23.15 -59.41 20.11
CA ALA D 376 22.61 -60.77 20.39
C ALA D 376 21.28 -60.79 21.09
N GLU D 377 20.99 -59.67 21.86
CA GLU D 377 19.71 -59.48 22.52
C GLU D 377 18.62 -59.33 21.49
N ARG D 378 18.88 -58.61 20.38
CA ARG D 378 18.01 -58.42 19.21
C ARG D 378 17.78 -59.67 18.46
N SER D 379 18.94 -60.43 18.35
CA SER D 379 18.99 -61.67 17.65
C SER D 379 18.21 -62.79 18.21
N ILE D 380 18.16 -63.00 19.52
CA ILE D 380 17.33 -64.02 20.17
C ILE D 380 15.94 -63.51 20.02
N HIS D 381 15.66 -62.19 20.07
CA HIS D 381 14.30 -61.77 20.11
C HIS D 381 13.57 -62.14 18.80
N ASP D 382 14.30 -61.88 17.69
CA ASP D 382 13.86 -62.13 16.34
C ASP D 382 13.68 -63.57 16.16
N ALA D 383 14.68 -64.37 16.64
CA ALA D 383 14.66 -65.81 16.50
C ALA D 383 13.53 -66.47 17.26
N LEU D 384 13.23 -66.02 18.46
CA LEU D 384 12.25 -66.64 19.35
C LEU D 384 10.86 -66.32 18.83
N CYS D 385 10.63 -65.09 18.29
CA CYS D 385 9.34 -64.61 17.91
C CYS D 385 8.70 -65.36 16.80
N VAL D 386 9.46 -65.70 15.78
CA VAL D 386 9.07 -66.60 14.74
C VAL D 386 8.77 -67.99 15.20
N ILE D 387 9.44 -68.59 16.22
CA ILE D 387 9.19 -69.98 16.67
C ILE D 387 7.83 -70.11 17.31
N ARG D 388 7.48 -69.14 18.14
CA ARG D 388 6.25 -69.05 18.92
C ARG D 388 5.02 -68.95 18.04
N CYS D 389 5.17 -68.20 16.89
CA CYS D 389 4.20 -67.97 15.80
C CYS D 389 3.85 -69.31 15.10
N LEU D 390 4.84 -70.19 14.89
CA LEU D 390 4.69 -71.47 14.17
C LEU D 390 4.09 -72.53 15.09
N VAL D 391 4.33 -72.47 16.43
CA VAL D 391 3.84 -73.51 17.37
C VAL D 391 2.40 -73.23 17.62
N LYS D 392 2.02 -71.92 17.59
CA LYS D 392 0.58 -71.56 17.67
C LYS D 392 -0.20 -72.07 16.49
N LYS D 393 0.36 -71.97 15.24
CA LYS D 393 -0.26 -72.21 13.94
C LYS D 393 0.66 -73.14 13.08
N ARG D 394 0.26 -74.44 13.11
CA ARG D 394 1.13 -75.50 12.73
C ARG D 394 1.66 -75.48 11.33
N ALA D 395 0.78 -75.07 10.37
CA ALA D 395 1.16 -74.98 8.92
C ALA D 395 2.21 -73.92 8.59
N LEU D 396 2.90 -74.07 7.45
CA LEU D 396 3.97 -73.21 7.01
C LEU D 396 3.63 -72.62 5.60
N ILE D 397 3.78 -71.28 5.37
CA ILE D 397 3.57 -70.51 4.15
C ILE D 397 4.91 -69.88 3.75
N ALA D 398 5.03 -69.43 2.49
CA ALA D 398 6.15 -68.86 1.92
C ALA D 398 6.23 -67.39 2.26
N GLY D 399 7.44 -66.83 2.25
CA GLY D 399 7.71 -65.38 2.26
C GLY D 399 8.03 -64.89 0.90
N GLY D 400 8.63 -63.70 0.79
CA GLY D 400 8.95 -63.21 -0.47
C GLY D 400 7.86 -62.36 -1.12
N GLY D 401 6.58 -62.35 -0.54
CA GLY D 401 5.57 -61.49 -0.93
C GLY D 401 4.63 -62.14 -1.98
N ALA D 402 4.91 -63.38 -2.34
CA ALA D 402 4.07 -64.12 -3.25
C ALA D 402 2.74 -64.41 -2.74
N PRO D 403 2.46 -64.74 -1.45
CA PRO D 403 1.08 -65.08 -0.94
C PRO D 403 0.18 -63.90 -1.12
N GLU D 404 0.72 -62.75 -1.05
CA GLU D 404 -0.01 -61.48 -1.01
C GLU D 404 -0.72 -61.18 -2.39
N ILE D 405 -0.08 -61.58 -3.53
CA ILE D 405 -0.63 -61.51 -4.86
C ILE D 405 -1.66 -62.68 -4.97
N GLU D 406 -1.36 -63.86 -4.43
CA GLU D 406 -2.11 -65.01 -4.65
C GLU D 406 -3.57 -64.91 -4.03
N LEU D 407 -3.61 -64.26 -2.82
CA LEU D 407 -4.91 -63.94 -2.10
C LEU D 407 -5.64 -62.95 -2.96
N ALA D 408 -5.02 -61.95 -3.46
CA ALA D 408 -5.69 -60.87 -4.09
C ALA D 408 -6.48 -61.23 -5.30
N LEU D 409 -5.94 -62.04 -6.15
CA LEU D 409 -6.42 -62.56 -7.37
C LEU D 409 -7.62 -63.44 -7.19
N ARG D 410 -7.55 -64.32 -6.20
CA ARG D 410 -8.69 -65.09 -5.83
C ARG D 410 -9.78 -64.18 -5.28
N LEU D 411 -9.38 -63.22 -4.47
CA LEU D 411 -10.43 -62.40 -3.82
C LEU D 411 -11.15 -61.49 -4.81
N THR D 412 -10.50 -61.11 -5.90
CA THR D 412 -11.20 -60.37 -6.98
C THR D 412 -12.30 -61.17 -7.75
N GLU D 413 -11.98 -62.43 -8.07
CA GLU D 413 -12.76 -63.25 -8.89
C GLU D 413 -14.00 -63.63 -8.08
N TYR D 414 -13.78 -63.98 -6.79
CA TYR D 414 -14.83 -64.49 -5.92
C TYR D 414 -15.86 -63.46 -5.63
N SER D 415 -15.40 -62.24 -5.48
CA SER D 415 -16.21 -61.05 -5.25
C SER D 415 -17.14 -60.80 -6.35
N ARG D 416 -16.64 -60.94 -7.61
CA ARG D 416 -17.53 -60.82 -8.69
C ARG D 416 -18.59 -61.83 -8.90
N THR D 417 -18.29 -63.05 -8.43
CA THR D 417 -19.27 -64.10 -8.51
C THR D 417 -20.36 -63.93 -7.51
N LEU D 418 -19.97 -63.56 -6.28
CA LEU D 418 -20.83 -63.26 -5.18
C LEU D 418 -21.74 -62.06 -5.46
N SER D 419 -21.09 -61.05 -6.03
CA SER D 419 -21.67 -59.77 -6.43
C SER D 419 -21.93 -58.86 -5.26
N GLY D 420 -22.97 -58.00 -5.29
CA GLY D 420 -23.48 -57.19 -4.20
C GLY D 420 -22.93 -55.83 -4.27
N MET D 421 -23.40 -54.94 -3.38
CA MET D 421 -23.00 -53.55 -3.34
C MET D 421 -21.56 -53.50 -2.81
N GLU D 422 -21.20 -54.47 -1.91
CA GLU D 422 -19.92 -54.68 -1.18
C GLU D 422 -18.91 -55.30 -2.09
N SER D 423 -19.24 -55.66 -3.27
CA SER D 423 -18.29 -56.18 -4.26
C SER D 423 -17.12 -55.25 -4.60
N TYR D 424 -17.50 -54.01 -4.64
CA TYR D 424 -16.50 -53.01 -4.93
C TYR D 424 -15.49 -52.90 -3.81
N CYS D 425 -15.87 -53.05 -2.56
CA CYS D 425 -15.07 -52.93 -1.42
C CYS D 425 -14.04 -54.07 -1.40
N VAL D 426 -14.47 -55.32 -1.64
CA VAL D 426 -13.61 -56.51 -1.58
C VAL D 426 -12.65 -56.58 -2.76
N ARG D 427 -13.06 -56.18 -3.94
CA ARG D 427 -12.20 -56.01 -5.10
C ARG D 427 -11.13 -54.94 -4.93
N ALA D 428 -11.38 -53.80 -4.32
CA ALA D 428 -10.44 -52.69 -4.17
C ALA D 428 -9.46 -53.10 -3.09
N PHE D 429 -9.98 -53.86 -2.08
CA PHE D 429 -9.17 -54.36 -0.98
C PHE D 429 -8.09 -55.28 -1.43
N ALA D 430 -8.42 -56.16 -2.43
CA ALA D 430 -7.51 -57.10 -2.99
C ALA D 430 -6.38 -56.38 -3.75
N ASP D 431 -6.79 -55.25 -4.44
CA ASP D 431 -5.85 -54.39 -5.15
C ASP D 431 -4.93 -53.56 -4.25
N ALA D 432 -5.35 -53.41 -2.99
CA ALA D 432 -4.61 -52.79 -1.90
C ALA D 432 -3.43 -53.63 -1.57
N MET D 433 -3.65 -54.98 -1.66
CA MET D 433 -2.68 -55.97 -1.49
C MET D 433 -1.54 -55.89 -2.51
N GLU D 434 -1.86 -55.37 -3.69
CA GLU D 434 -0.89 -55.50 -4.81
C GLU D 434 0.26 -54.55 -4.66
N VAL D 435 0.09 -53.51 -3.79
CA VAL D 435 1.08 -52.46 -3.49
C VAL D 435 2.37 -52.95 -2.80
N ILE D 436 2.21 -53.81 -1.77
CA ILE D 436 3.27 -54.31 -0.90
C ILE D 436 4.29 -55.21 -1.60
N PRO D 437 3.99 -56.18 -2.48
CA PRO D 437 5.04 -56.87 -3.09
C PRO D 437 5.76 -56.06 -4.14
N SER D 438 5.04 -55.07 -4.72
CA SER D 438 5.45 -54.13 -5.74
C SER D 438 6.45 -53.22 -5.08
N THR D 439 6.14 -52.67 -3.87
CA THR D 439 6.99 -51.72 -3.13
C THR D 439 8.36 -52.44 -2.72
N LEU D 440 8.22 -53.72 -2.42
CA LEU D 440 9.31 -54.61 -2.06
C LEU D 440 10.28 -54.80 -3.23
N ALA D 441 9.80 -54.98 -4.48
CA ALA D 441 10.51 -55.23 -5.71
C ALA D 441 11.30 -54.12 -6.17
N GLU D 442 10.85 -52.92 -5.77
CA GLU D 442 11.51 -51.63 -6.11
C GLU D 442 12.72 -51.49 -5.29
N ASN D 443 12.64 -51.88 -3.99
CA ASN D 443 13.74 -51.90 -3.10
C ASN D 443 14.68 -52.97 -3.54
N ALA D 444 14.22 -54.11 -4.13
CA ALA D 444 15.19 -55.10 -4.58
C ALA D 444 15.83 -54.68 -5.88
N GLY D 445 15.18 -53.78 -6.59
CA GLY D 445 15.76 -53.22 -7.75
C GLY D 445 15.35 -53.94 -8.98
N LEU D 446 14.23 -53.47 -9.52
CA LEU D 446 13.65 -53.96 -10.78
C LEU D 446 12.39 -53.21 -10.88
N ASN D 447 11.98 -52.78 -12.09
CA ASN D 447 10.85 -51.94 -12.37
C ASN D 447 9.52 -52.50 -11.79
N PRO D 448 8.87 -51.81 -10.82
CA PRO D 448 7.99 -52.51 -9.81
C PRO D 448 6.68 -53.00 -10.28
N ILE D 449 5.97 -52.27 -11.11
CA ILE D 449 4.67 -52.55 -11.68
C ILE D 449 4.86 -53.73 -12.58
N SER D 450 5.92 -53.83 -13.38
CA SER D 450 6.26 -54.91 -14.30
C SER D 450 6.54 -56.17 -13.57
N THR D 451 7.15 -56.11 -12.37
CA THR D 451 7.37 -57.26 -11.54
C THR D 451 6.09 -57.84 -11.09
N VAL D 452 5.13 -56.96 -10.58
CA VAL D 452 3.85 -57.50 -9.99
C VAL D 452 2.78 -57.90 -10.95
N THR D 453 2.80 -57.39 -12.21
CA THR D 453 2.02 -57.88 -13.27
C THR D 453 2.39 -59.30 -13.62
N GLU D 454 3.73 -59.59 -13.78
CA GLU D 454 4.24 -60.91 -14.14
C GLU D 454 4.03 -61.97 -13.09
N LEU D 455 4.19 -61.70 -11.82
CA LEU D 455 3.96 -62.70 -10.77
C LEU D 455 2.55 -63.15 -10.61
N ARG D 456 1.60 -62.24 -10.99
CA ARG D 456 0.16 -62.49 -11.05
C ARG D 456 -0.20 -63.46 -12.06
N ASN D 457 0.39 -63.38 -13.21
CA ASN D 457 0.19 -64.27 -14.31
C ASN D 457 0.80 -65.62 -13.99
N ARG D 458 2.00 -65.72 -13.25
CA ARG D 458 2.55 -66.96 -12.83
C ARG D 458 1.72 -67.60 -11.82
N HIS D 459 1.08 -66.79 -10.92
CA HIS D 459 0.17 -67.40 -9.93
C HIS D 459 -1.14 -67.95 -10.46
N ALA D 460 -1.66 -67.24 -11.49
CA ALA D 460 -2.92 -67.55 -12.16
C ALA D 460 -2.85 -68.98 -12.79
N GLN D 461 -1.73 -69.35 -13.46
CA GLN D 461 -1.57 -70.54 -14.30
C GLN D 461 -1.14 -71.63 -13.34
N GLY D 462 0.02 -71.38 -12.59
CA GLY D 462 0.74 -72.39 -11.83
C GLY D 462 0.36 -72.41 -10.37
N GLU D 463 0.25 -71.22 -9.75
CA GLU D 463 -0.08 -71.01 -8.40
C GLU D 463 1.08 -70.77 -7.52
N LYS D 464 1.73 -71.83 -7.10
CA LYS D 464 2.80 -71.92 -6.23
C LYS D 464 3.98 -71.79 -7.21
N THR D 465 4.51 -70.58 -7.50
CA THR D 465 5.56 -70.37 -8.44
C THR D 465 6.39 -69.27 -7.88
N ALA D 466 6.86 -68.31 -8.76
CA ALA D 466 7.70 -67.21 -8.47
C ALA D 466 7.28 -66.28 -7.33
N GLY D 467 8.32 -65.47 -6.76
CA GLY D 467 8.23 -64.63 -5.58
C GLY D 467 9.41 -63.74 -5.60
N ILE D 468 9.58 -62.71 -4.69
CA ILE D 468 10.73 -61.78 -4.78
C ILE D 468 11.84 -62.40 -4.13
N ASN D 469 12.92 -62.52 -4.88
CA ASN D 469 14.12 -63.26 -4.55
C ASN D 469 15.21 -62.23 -4.41
N VAL D 470 16.05 -62.39 -3.31
CA VAL D 470 17.03 -61.46 -2.91
C VAL D 470 18.25 -61.52 -3.72
N ARG D 471 18.39 -62.56 -4.54
CA ARG D 471 19.67 -62.71 -5.25
C ARG D 471 19.52 -61.94 -6.55
N LYS D 472 18.46 -62.36 -7.25
CA LYS D 472 18.05 -61.94 -8.57
C LYS D 472 17.57 -60.45 -8.52
N GLY D 473 16.86 -60.02 -7.43
CA GLY D 473 16.30 -58.63 -7.31
C GLY D 473 14.90 -58.51 -7.89
N GLY D 474 14.42 -59.70 -8.25
CA GLY D 474 13.39 -59.83 -9.16
C GLY D 474 12.71 -61.17 -9.19
N ILE D 475 12.36 -61.63 -10.38
CA ILE D 475 11.45 -62.71 -10.65
C ILE D 475 12.24 -64.00 -10.78
N SER D 476 12.30 -64.71 -9.67
CA SER D 476 12.82 -66.11 -9.72
C SER D 476 12.16 -66.78 -8.58
N ASN D 477 11.99 -68.10 -8.73
CA ASN D 477 11.29 -68.97 -7.78
C ASN D 477 11.94 -68.87 -6.43
N ILE D 478 11.01 -69.06 -5.47
CA ILE D 478 11.31 -69.02 -4.06
C ILE D 478 11.11 -70.46 -3.49
N LEU D 479 11.00 -71.42 -4.40
CA LEU D 479 10.84 -72.82 -4.23
C LEU D 479 12.19 -73.43 -4.35
N GLU D 480 13.13 -72.71 -5.04
CA GLU D 480 14.45 -73.15 -5.27
C GLU D 480 15.29 -72.57 -4.19
N GLU D 481 14.85 -71.36 -3.67
CA GLU D 481 15.49 -70.71 -2.51
C GLU D 481 14.33 -70.44 -1.59
N LEU D 482 14.25 -71.30 -0.55
CA LEU D 482 13.25 -71.22 0.53
C LEU D 482 13.35 -69.94 1.25
N VAL D 483 12.21 -69.22 1.18
CA VAL D 483 11.89 -68.05 1.85
C VAL D 483 10.59 -68.47 2.41
N VAL D 484 10.53 -68.61 3.74
CA VAL D 484 9.38 -69.09 4.52
C VAL D 484 9.06 -67.95 5.53
N GLN D 485 7.78 -67.87 5.92
CA GLN D 485 7.32 -67.05 7.00
C GLN D 485 6.34 -67.88 7.77
N PRO D 486 6.13 -67.92 9.11
CA PRO D 486 5.12 -68.68 9.81
C PRO D 486 3.76 -68.27 9.40
N LEU D 487 2.72 -69.09 9.51
CA LEU D 487 1.38 -68.73 9.11
C LEU D 487 0.86 -67.58 9.98
N LEU D 488 1.05 -67.46 11.33
CA LEU D 488 0.57 -66.41 12.12
C LEU D 488 1.17 -65.07 11.74
N VAL D 489 2.41 -65.08 11.18
CA VAL D 489 2.98 -63.76 10.88
C VAL D 489 2.33 -62.97 9.79
N SER D 490 1.62 -63.70 8.89
CA SER D 490 0.89 -63.12 7.78
C SER D 490 -0.56 -62.93 8.20
N VAL D 491 -1.18 -63.83 9.05
CA VAL D 491 -2.52 -63.67 9.52
C VAL D 491 -2.63 -62.38 10.31
N SER D 492 -1.53 -62.09 11.13
CA SER D 492 -1.45 -60.91 11.93
C SER D 492 -1.41 -59.63 11.25
N ALA D 493 -0.68 -59.59 10.11
CA ALA D 493 -0.52 -58.41 9.29
C ALA D 493 -1.80 -57.96 8.72
N LEU D 494 -2.64 -58.90 8.23
CA LEU D 494 -3.88 -58.64 7.65
C LEU D 494 -4.92 -58.32 8.63
N THR D 495 -5.14 -59.09 9.77
CA THR D 495 -6.29 -58.88 10.61
C THR D 495 -6.24 -57.66 11.46
N LEU D 496 -5.02 -57.28 11.91
CA LEU D 496 -4.76 -56.10 12.67
C LEU D 496 -4.96 -54.95 11.76
N ALA D 497 -4.49 -55.06 10.46
CA ALA D 497 -4.58 -53.93 9.56
C ALA D 497 -5.94 -53.48 9.27
N THR D 498 -6.85 -54.55 9.13
CA THR D 498 -8.23 -54.28 8.83
C THR D 498 -8.94 -53.58 9.94
N GLU D 499 -8.59 -53.98 11.20
CA GLU D 499 -9.25 -53.48 12.41
C GLU D 499 -8.98 -51.95 12.51
N THR D 500 -7.72 -51.53 12.20
CA THR D 500 -7.30 -50.14 12.28
C THR D 500 -8.04 -49.27 11.21
N VAL D 501 -8.19 -49.79 10.04
CA VAL D 501 -8.84 -49.17 8.96
C VAL D 501 -10.31 -49.12 9.28
N ARG D 502 -10.86 -50.14 9.96
CA ARG D 502 -12.26 -50.19 10.45
C ARG D 502 -12.59 -49.02 11.43
N SER D 503 -11.67 -48.76 12.40
CA SER D 503 -11.89 -47.75 13.47
C SER D 503 -11.96 -46.35 12.78
N ILE D 504 -11.07 -46.14 11.74
CA ILE D 504 -10.87 -44.78 11.18
C ILE D 504 -12.08 -44.40 10.34
N LEU D 505 -12.56 -45.41 9.62
CA LEU D 505 -13.80 -45.30 8.80
C LEU D 505 -14.96 -45.03 9.70
N LYS D 506 -15.04 -45.66 10.89
CA LYS D 506 -16.13 -45.46 11.84
C LYS D 506 -16.15 -44.25 12.60
N ILE D 507 -14.88 -43.70 12.79
CA ILE D 507 -14.59 -42.45 13.50
C ILE D 507 -15.22 -41.30 12.72
N ASP D 508 -15.95 -40.46 13.51
CA ASP D 508 -16.42 -39.17 13.06
C ASP D 508 -15.18 -38.30 13.00
N LYS E 1 -13.73 17.04 23.63
CA LYS E 1 -13.97 15.61 24.03
C LYS E 1 -15.23 15.10 23.47
N SER E 2 -15.65 13.87 23.71
CA SER E 2 -16.94 13.27 23.26
C SER E 2 -18.07 13.81 24.10
N ARG E 3 -19.22 13.92 23.45
CA ARG E 3 -20.36 14.57 23.91
C ARG E 3 -21.48 14.19 23.05
N LEU E 4 -22.51 13.61 23.72
CA LEU E 4 -23.77 13.38 23.11
C LEU E 4 -24.56 14.46 23.79
N MET E 5 -25.12 15.38 22.95
CA MET E 5 -25.65 16.58 23.47
C MET E 5 -27.09 16.75 22.98
N GLY E 6 -28.03 16.87 24.01
CA GLY E 6 -29.45 17.16 23.83
C GLY E 6 -30.16 15.99 23.23
N LEU E 7 -30.44 16.21 21.94
CA LEU E 7 -31.12 15.30 21.10
C LEU E 7 -30.39 13.94 20.96
N GLU E 8 -29.05 14.03 20.82
CA GLU E 8 -28.21 12.86 20.65
C GLU E 8 -28.26 11.93 21.81
N ALA E 9 -28.16 12.47 23.03
CA ALA E 9 -28.26 11.80 24.28
C ALA E 9 -29.54 11.08 24.49
N LEU E 10 -30.66 11.76 24.10
CA LEU E 10 -32.04 11.24 24.09
C LEU E 10 -32.23 10.08 23.13
N LYS E 11 -31.62 10.03 21.98
CA LYS E 11 -31.64 8.93 21.01
C LYS E 11 -30.97 7.68 21.52
N SER E 12 -29.84 7.91 22.24
CA SER E 12 -29.11 6.88 22.85
C SER E 12 -29.96 6.12 23.82
N HIS E 13 -30.71 6.82 24.68
CA HIS E 13 -31.61 6.34 25.72
C HIS E 13 -32.72 5.48 25.22
N ILE E 14 -33.29 5.98 24.08
CA ILE E 14 -34.37 5.23 23.40
C ILE E 14 -33.85 3.86 22.98
N MET E 15 -32.59 3.77 22.45
CA MET E 15 -32.05 2.47 21.98
C MET E 15 -31.92 1.50 23.06
N ALA E 16 -31.57 1.90 24.36
CA ALA E 16 -31.39 1.07 25.53
C ALA E 16 -32.70 0.54 25.98
N ALA E 17 -33.75 1.39 26.15
CA ALA E 17 -34.98 1.00 26.66
C ALA E 17 -35.73 -0.01 25.86
N LYS E 18 -35.80 0.04 24.48
CA LYS E 18 -36.59 -0.78 23.60
C LYS E 18 -35.91 -2.16 23.59
N ALA E 19 -34.54 -2.32 23.63
CA ALA E 19 -33.96 -3.62 23.76
C ALA E 19 -34.29 -4.39 25.07
N VAL E 20 -34.32 -3.71 26.22
CA VAL E 20 -34.70 -4.19 27.53
C VAL E 20 -36.24 -4.61 27.46
N ALA E 21 -37.07 -3.73 26.76
CA ALA E 21 -38.47 -3.79 26.72
C ALA E 21 -38.93 -5.03 26.05
N ASN E 22 -38.28 -5.31 24.91
CA ASN E 22 -38.64 -6.40 24.03
C ASN E 22 -38.39 -7.79 24.64
N THR E 23 -37.28 -7.96 25.51
CA THR E 23 -36.99 -9.16 26.20
C THR E 23 -38.11 -9.54 27.14
N MET E 24 -38.64 -8.51 27.86
CA MET E 24 -39.80 -8.48 28.72
C MET E 24 -41.05 -8.68 27.99
N ARG E 25 -41.16 -8.23 26.72
CA ARG E 25 -42.38 -8.32 25.94
C ARG E 25 -42.72 -9.70 25.53
N THR E 26 -41.61 -10.46 25.30
CA THR E 26 -41.76 -11.85 24.96
C THR E 26 -41.58 -12.71 26.17
N SER E 27 -42.24 -12.31 27.26
CA SER E 27 -42.29 -12.98 28.51
C SER E 27 -43.55 -12.59 29.22
N LEU E 28 -44.48 -11.82 28.51
CA LEU E 28 -45.75 -11.33 29.04
C LEU E 28 -46.83 -12.40 29.12
N GLY E 29 -47.46 -12.51 30.27
CA GLY E 29 -48.56 -13.45 30.55
C GLY E 29 -48.11 -14.87 30.64
N PRO E 30 -49.03 -15.82 30.82
CA PRO E 30 -48.70 -17.22 31.09
C PRO E 30 -48.46 -17.85 29.71
N ASN E 31 -48.57 -17.04 28.59
CA ASN E 31 -48.36 -17.44 27.24
C ASN E 31 -46.94 -17.05 26.98
N GLY E 32 -46.27 -16.49 28.02
CA GLY E 32 -44.89 -16.09 28.15
C GLY E 32 -43.86 -17.12 27.70
N LEU E 33 -42.64 -16.69 27.31
CA LEU E 33 -41.59 -17.54 26.93
C LEU E 33 -40.40 -17.23 27.79
N ASP E 34 -39.92 -18.24 28.54
CA ASP E 34 -39.10 -18.27 29.68
C ASP E 34 -37.76 -17.59 29.44
N LYS E 35 -37.16 -17.20 30.56
CA LYS E 35 -35.86 -16.68 30.62
C LYS E 35 -34.81 -17.64 31.10
N MET E 36 -33.66 -17.61 30.43
CA MET E 36 -32.57 -18.49 30.80
C MET E 36 -31.51 -17.42 31.08
N MET E 37 -30.85 -17.44 32.29
CA MET E 37 -29.74 -16.60 32.55
C MET E 37 -28.60 -17.54 32.59
N VAL E 38 -27.50 -17.20 31.98
CA VAL E 38 -26.20 -17.83 32.04
C VAL E 38 -25.35 -16.71 32.64
N ASP E 39 -24.52 -17.12 33.67
CA ASP E 39 -23.77 -16.32 34.56
C ASP E 39 -22.39 -16.20 34.05
N LYS E 40 -21.45 -15.99 34.98
CA LYS E 40 -20.02 -15.82 34.58
C LYS E 40 -19.27 -17.08 34.89
N ASP E 41 -19.86 -18.06 35.59
CA ASP E 41 -19.37 -19.42 35.71
C ASP E 41 -20.06 -20.42 34.83
N GLY E 42 -20.97 -19.87 34.03
CA GLY E 42 -21.60 -20.58 32.99
C GLY E 42 -22.83 -21.41 33.53
N ASP E 43 -23.23 -21.03 34.81
CA ASP E 43 -24.20 -21.88 35.52
C ASP E 43 -25.51 -21.42 34.96
N VAL E 44 -26.32 -22.40 34.64
CA VAL E 44 -27.50 -22.08 33.91
C VAL E 44 -28.57 -22.06 34.99
N THR E 45 -29.57 -21.09 34.88
CA THR E 45 -30.77 -20.95 35.67
C THR E 45 -31.99 -20.57 34.77
N VAL E 46 -33.21 -20.98 35.10
CA VAL E 46 -34.40 -20.65 34.38
C VAL E 46 -35.20 -19.89 35.44
N THR E 47 -35.63 -18.67 35.03
CA THR E 47 -36.39 -17.76 35.90
C THR E 47 -37.39 -17.12 35.01
N ASN E 48 -38.17 -16.28 35.69
CA ASN E 48 -39.25 -15.48 35.08
C ASN E 48 -39.34 -14.31 35.97
N ASP E 49 -40.07 -13.20 35.62
CA ASP E 49 -40.22 -11.97 36.33
C ASP E 49 -39.17 -10.97 35.95
N GLY E 50 -39.60 -9.70 35.78
CA GLY E 50 -38.81 -8.63 35.40
C GLY E 50 -37.71 -8.28 36.46
N ALA E 51 -38.16 -8.39 37.73
CA ALA E 51 -37.37 -7.89 38.77
C ALA E 51 -36.10 -8.72 38.91
N THR E 52 -36.24 -10.04 38.90
CA THR E 52 -35.17 -10.99 39.14
C THR E 52 -34.17 -10.95 38.03
N ILE E 53 -34.68 -10.92 36.80
CA ILE E 53 -33.81 -11.07 35.59
C ILE E 53 -32.90 -9.84 35.56
N LEU E 54 -33.50 -8.60 35.79
CA LEU E 54 -32.65 -7.40 35.79
C LEU E 54 -31.58 -7.36 36.78
N SER E 55 -31.82 -7.87 37.97
CA SER E 55 -30.96 -7.84 39.11
C SER E 55 -29.78 -8.67 38.82
N MET E 56 -29.93 -9.77 38.16
CA MET E 56 -28.79 -10.67 37.83
C MET E 56 -27.92 -10.04 36.73
N MET E 57 -28.66 -9.45 35.77
CA MET E 57 -28.15 -8.85 34.60
C MET E 57 -27.18 -7.72 34.86
N ASP E 58 -25.93 -7.72 34.31
CA ASP E 58 -24.99 -6.68 34.35
C ASP E 58 -25.47 -5.51 33.47
N VAL E 59 -25.83 -4.36 34.14
CA VAL E 59 -26.33 -3.13 33.50
C VAL E 59 -25.35 -2.53 32.57
N ASP E 60 -25.90 -2.23 31.42
CA ASP E 60 -25.08 -1.84 30.25
C ASP E 60 -25.41 -0.42 29.86
N HIS E 61 -26.47 0.20 30.49
CA HIS E 61 -26.90 1.53 30.10
C HIS E 61 -27.66 2.07 31.27
N GLN E 62 -28.07 3.35 31.05
CA GLN E 62 -28.61 4.24 32.08
C GLN E 62 -30.07 3.99 32.44
N ILE E 63 -30.92 3.81 31.41
CA ILE E 63 -32.29 3.37 31.54
C ILE E 63 -32.36 1.99 32.09
N ALA E 64 -31.45 1.04 31.75
CA ALA E 64 -31.37 -0.27 32.35
C ALA E 64 -31.15 -0.28 33.83
N LYS E 65 -30.29 0.63 34.25
CA LYS E 65 -29.98 0.83 35.72
C LYS E 65 -31.14 1.36 36.50
N LEU E 66 -31.95 2.29 35.85
CA LEU E 66 -33.10 2.92 36.42
C LEU E 66 -34.19 1.87 36.69
N MET E 67 -34.48 0.99 35.68
CA MET E 67 -35.49 -0.07 35.71
C MET E 67 -35.30 -1.03 36.82
N VAL E 68 -34.10 -1.33 37.32
CA VAL E 68 -33.88 -2.42 38.30
C VAL E 68 -34.53 -2.05 39.57
N GLU E 69 -34.38 -0.76 39.99
CA GLU E 69 -34.95 -0.23 41.22
C GLU E 69 -36.43 -0.20 41.24
N LEU E 70 -36.95 0.03 40.02
CA LEU E 70 -38.36 0.28 39.74
C LEU E 70 -39.12 -0.97 39.88
N SER E 71 -38.50 -2.02 39.32
CA SER E 71 -39.00 -3.36 39.28
C SER E 71 -39.20 -4.04 40.65
N LYS E 72 -38.27 -3.73 41.58
CA LYS E 72 -38.10 -4.27 42.88
C LYS E 72 -39.19 -3.73 43.72
N SER E 73 -39.58 -2.43 43.61
CA SER E 73 -40.80 -1.93 44.24
C SER E 73 -42.09 -2.55 43.81
N GLN E 74 -42.25 -2.88 42.47
CA GLN E 74 -43.41 -3.55 41.89
C GLN E 74 -43.43 -4.92 42.54
N ASP E 75 -42.29 -5.64 42.64
CA ASP E 75 -42.12 -7.03 43.17
C ASP E 75 -42.52 -7.13 44.60
N ASP E 76 -42.17 -6.17 45.43
CA ASP E 76 -42.47 -6.17 46.89
C ASP E 76 -44.05 -6.06 47.20
N GLU E 77 -44.79 -5.10 46.60
CA GLU E 77 -46.18 -4.88 46.94
C GLU E 77 -47.03 -5.85 46.26
N ILE E 78 -46.77 -5.99 44.92
CA ILE E 78 -47.68 -6.53 43.95
C ILE E 78 -47.24 -7.94 43.64
N GLY E 79 -45.97 -8.20 43.26
CA GLY E 79 -45.35 -9.47 43.10
C GLY E 79 -45.70 -10.08 41.78
N ASP E 80 -46.21 -9.28 40.88
CA ASP E 80 -46.58 -9.66 39.55
C ASP E 80 -46.59 -8.37 38.83
N GLY E 81 -46.43 -8.46 37.54
CA GLY E 81 -46.54 -7.22 36.73
C GLY E 81 -45.21 -6.49 36.74
N THR E 82 -44.15 -7.20 37.17
CA THR E 82 -42.79 -6.71 37.34
C THR E 82 -42.18 -6.48 35.96
N THR E 83 -42.37 -7.44 35.00
CA THR E 83 -42.00 -7.39 33.67
C THR E 83 -42.81 -6.43 32.84
N GLY E 84 -44.13 -6.28 33.13
CA GLY E 84 -45.14 -5.42 32.53
C GLY E 84 -44.98 -3.87 32.74
N VAL E 85 -44.33 -3.38 33.83
CA VAL E 85 -43.97 -1.97 34.10
C VAL E 85 -42.93 -1.64 33.13
N VAL E 86 -42.00 -2.61 32.87
CA VAL E 86 -40.77 -2.37 32.11
C VAL E 86 -41.04 -2.21 30.65
N VAL E 87 -41.98 -3.05 30.18
CA VAL E 87 -42.51 -3.12 28.82
C VAL E 87 -43.19 -1.76 28.59
N LEU E 88 -44.01 -1.29 29.59
CA LEU E 88 -44.74 -0.03 29.45
C LEU E 88 -43.85 1.19 29.45
N ALA E 89 -42.76 1.21 30.25
CA ALA E 89 -41.85 2.28 30.32
C ALA E 89 -40.98 2.52 29.14
N GLY E 90 -40.49 1.37 28.55
CA GLY E 90 -39.75 1.45 27.37
C GLY E 90 -40.53 1.77 26.15
N ALA E 91 -41.79 1.21 26.08
CA ALA E 91 -42.71 1.41 25.03
C ALA E 91 -43.12 2.82 24.71
N LEU E 92 -43.42 3.54 25.82
CA LEU E 92 -43.93 4.85 25.94
C LEU E 92 -42.87 5.81 25.33
N LEU E 93 -41.52 5.47 25.61
CA LEU E 93 -40.36 6.16 25.05
C LEU E 93 -40.22 5.88 23.60
N GLU E 94 -40.53 4.62 23.12
CA GLU E 94 -40.36 4.21 21.75
C GLU E 94 -41.30 5.11 20.92
N GLU E 95 -42.55 5.34 21.32
CA GLU E 95 -43.48 6.38 20.81
C GLU E 95 -43.02 7.80 20.97
N ALA E 96 -42.26 8.16 22.04
CA ALA E 96 -41.83 9.52 22.33
C ALA E 96 -40.80 9.93 21.31
N GLU E 97 -40.04 8.94 20.82
CA GLU E 97 -39.07 9.09 19.76
C GLU E 97 -39.70 9.48 18.49
N GLN E 98 -40.88 8.84 18.15
CA GLN E 98 -41.75 9.17 16.99
C GLN E 98 -42.39 10.55 17.02
N LEU E 99 -42.75 11.01 18.23
CA LEU E 99 -43.23 12.34 18.50
C LEU E 99 -42.06 13.31 18.31
N LEU E 100 -40.80 12.84 18.69
CA LEU E 100 -39.62 13.66 18.68
C LEU E 100 -39.23 14.09 17.24
N ASP E 101 -39.35 13.09 16.35
CA ASP E 101 -39.07 13.16 14.91
C ASP E 101 -40.05 14.10 14.31
N ARG E 102 -41.33 14.10 14.74
CA ARG E 102 -42.30 15.12 14.20
C ARG E 102 -42.05 16.56 14.39
N GLY E 103 -41.58 16.86 15.65
CA GLY E 103 -41.07 18.10 16.05
C GLY E 103 -41.77 18.49 17.28
N ILE E 104 -41.87 17.56 18.29
CA ILE E 104 -42.39 17.86 19.62
C ILE E 104 -41.20 17.62 20.57
N HIS E 105 -40.96 18.44 21.66
CA HIS E 105 -39.84 18.30 22.53
C HIS E 105 -40.16 17.16 23.52
N PRO E 106 -39.20 16.59 24.18
CA PRO E 106 -39.46 15.45 25.09
C PRO E 106 -40.04 16.08 26.36
N ILE E 107 -39.78 17.42 26.51
CA ILE E 107 -40.27 18.18 27.65
C ILE E 107 -41.70 18.24 27.67
N ARG E 108 -42.42 18.56 26.55
CA ARG E 108 -43.88 18.80 26.40
C ARG E 108 -44.65 17.55 26.68
N ILE E 109 -44.23 16.44 26.07
CA ILE E 109 -44.83 15.18 26.22
C ILE E 109 -44.76 14.60 27.56
N ALA E 110 -43.58 14.74 28.26
CA ALA E 110 -43.31 14.29 29.54
C ALA E 110 -44.20 14.96 30.62
N ASP E 111 -44.55 16.23 30.57
CA ASP E 111 -45.57 16.80 31.39
C ASP E 111 -46.94 16.23 31.18
N GLY E 112 -47.39 15.99 29.95
CA GLY E 112 -48.68 15.46 29.57
C GLY E 112 -48.74 14.01 29.80
N TYR E 113 -47.61 13.31 30.08
CA TYR E 113 -47.70 11.92 30.55
C TYR E 113 -48.17 11.79 31.94
N GLU E 114 -47.80 12.73 32.80
CA GLU E 114 -48.22 12.73 34.14
C GLU E 114 -49.72 12.95 34.24
N GLN E 115 -50.26 13.85 33.36
CA GLN E 115 -51.66 14.05 33.26
C GLN E 115 -52.48 12.88 32.72
N ALA E 116 -51.81 12.15 31.79
CA ALA E 116 -52.39 11.07 31.02
C ALA E 116 -52.40 9.83 31.89
N ALA E 117 -51.53 9.72 32.90
CA ALA E 117 -51.50 8.68 33.94
C ALA E 117 -52.67 8.87 34.89
N ARG E 118 -52.88 10.18 35.19
CA ARG E 118 -53.96 10.56 36.12
C ARG E 118 -55.33 10.27 35.67
N VAL E 119 -55.53 10.49 34.37
CA VAL E 119 -56.82 10.10 33.65
C VAL E 119 -56.98 8.60 33.42
N ALA E 120 -55.88 7.81 33.27
CA ALA E 120 -55.89 6.40 33.09
C ALA E 120 -56.38 5.70 34.37
N ILE E 121 -55.94 6.16 35.55
CA ILE E 121 -56.28 5.61 36.88
C ILE E 121 -57.70 5.88 37.16
N GLU E 122 -58.11 7.04 36.76
CA GLU E 122 -59.47 7.44 36.99
C GLU E 122 -60.45 6.48 36.36
N HIS E 123 -60.19 6.15 35.04
CA HIS E 123 -60.86 5.14 34.20
C HIS E 123 -60.78 3.72 34.75
N LEU E 124 -59.64 3.38 35.35
CA LEU E 124 -59.42 2.13 35.95
C LEU E 124 -60.39 1.73 37.08
N ASP E 125 -60.62 2.76 37.95
CA ASP E 125 -61.41 2.68 39.17
C ASP E 125 -62.90 2.25 38.89
N LYS E 126 -63.41 2.67 37.69
CA LYS E 126 -64.72 2.36 37.19
C LYS E 126 -64.81 0.91 36.83
N ILE E 127 -63.70 0.34 36.39
CA ILE E 127 -63.57 -1.04 35.91
C ILE E 127 -63.53 -1.98 37.13
N SER E 128 -64.48 -3.01 37.15
CA SER E 128 -64.64 -4.00 38.15
C SER E 128 -64.88 -3.43 39.52
N ASP E 129 -64.90 -4.29 40.56
CA ASP E 129 -65.42 -4.05 41.86
C ASP E 129 -64.37 -3.41 42.70
N SER E 130 -64.56 -3.13 43.99
CA SER E 130 -63.78 -2.25 44.85
C SER E 130 -64.30 -2.63 46.18
N VAL E 131 -65.24 -3.62 46.28
CA VAL E 131 -65.74 -4.12 47.57
C VAL E 131 -65.71 -5.62 47.60
N LEU E 132 -64.92 -6.24 48.50
CA LEU E 132 -64.89 -7.68 48.83
C LEU E 132 -64.70 -7.85 50.31
N VAL E 133 -64.86 -9.12 50.82
CA VAL E 133 -64.52 -9.39 52.21
C VAL E 133 -63.65 -10.61 52.11
N ASP E 134 -63.00 -11.08 53.22
CA ASP E 134 -61.87 -11.96 53.10
C ASP E 134 -62.25 -13.40 53.03
N ILE E 135 -63.57 -13.68 52.94
CA ILE E 135 -64.10 -15.07 52.81
C ILE E 135 -64.79 -15.05 51.44
N LYS E 136 -64.55 -14.06 50.55
CA LYS E 136 -65.13 -13.89 49.28
C LYS E 136 -64.16 -13.33 48.25
N ASP E 137 -63.01 -12.80 48.69
CA ASP E 137 -61.90 -12.56 47.79
C ASP E 137 -61.24 -13.81 47.22
N THR E 138 -61.59 -14.97 47.85
CA THR E 138 -61.07 -16.29 47.62
C THR E 138 -61.31 -16.76 46.20
N GLU E 139 -62.36 -16.38 45.48
CA GLU E 139 -62.64 -16.82 44.14
C GLU E 139 -61.74 -16.14 43.12
N PRO E 140 -61.43 -14.82 43.18
CA PRO E 140 -60.33 -14.25 42.48
C PRO E 140 -58.98 -14.73 42.85
N LEU E 141 -58.83 -15.17 44.05
CA LEU E 141 -57.53 -15.67 44.43
C LEU E 141 -57.30 -17.00 43.81
N ILE E 142 -58.38 -17.82 43.58
CA ILE E 142 -58.32 -19.01 42.83
C ILE E 142 -58.05 -18.77 41.40
N GLN E 143 -58.54 -17.63 40.83
CA GLN E 143 -58.26 -17.27 39.45
C GLN E 143 -56.77 -16.86 39.30
N THR E 144 -56.18 -16.20 40.32
CA THR E 144 -54.78 -15.77 40.39
C THR E 144 -53.89 -16.99 40.54
N ALA E 145 -54.36 -18.00 41.32
CA ALA E 145 -53.67 -19.27 41.49
C ALA E 145 -53.47 -20.04 40.24
N LYS E 146 -54.43 -20.12 39.24
CA LYS E 146 -54.34 -20.81 37.94
C LYS E 146 -53.15 -20.40 37.04
N THR E 147 -53.13 -19.05 36.78
CA THR E 147 -52.12 -18.38 35.98
C THR E 147 -50.79 -18.41 36.67
N THR E 148 -50.72 -18.22 37.98
CA THR E 148 -49.37 -17.93 38.61
C THR E 148 -48.63 -19.18 38.65
N LEU E 149 -49.21 -20.30 38.96
CA LEU E 149 -48.57 -21.64 38.96
C LEU E 149 -48.21 -22.07 37.55
N GLY E 150 -49.22 -21.85 36.65
CA GLY E 150 -49.16 -22.40 35.35
C GLY E 150 -48.50 -21.56 34.39
N SER E 151 -47.29 -21.14 34.70
CA SER E 151 -46.37 -20.55 33.76
C SER E 151 -45.03 -20.61 34.31
N LYS E 152 -44.86 -21.13 35.54
CA LYS E 152 -43.65 -21.14 36.20
C LYS E 152 -43.16 -22.61 36.22
N VAL E 153 -43.45 -23.26 37.32
CA VAL E 153 -42.89 -24.63 37.67
C VAL E 153 -43.76 -25.70 37.00
N VAL E 154 -45.06 -25.50 36.92
CA VAL E 154 -46.04 -26.45 36.39
C VAL E 154 -46.79 -25.70 35.33
N ASN E 155 -47.69 -26.36 34.57
CA ASN E 155 -48.47 -25.66 33.57
C ASN E 155 -49.84 -25.81 33.91
N SER E 156 -50.13 -26.04 35.26
CA SER E 156 -51.40 -26.51 35.71
C SER E 156 -51.65 -25.76 37.00
N CYS E 157 -52.98 -25.64 37.41
CA CYS E 157 -53.39 -25.34 38.80
C CYS E 157 -52.92 -26.45 39.80
N HIS E 158 -52.41 -26.04 40.98
CA HIS E 158 -52.26 -26.91 42.08
C HIS E 158 -52.83 -26.24 43.25
N ARG E 159 -53.97 -26.85 43.71
CA ARG E 159 -54.84 -26.26 44.69
C ARG E 159 -54.28 -26.26 46.09
N GLN E 160 -53.33 -27.18 46.42
CA GLN E 160 -52.65 -27.35 47.65
C GLN E 160 -51.66 -26.30 47.97
N MET E 161 -50.86 -25.86 47.00
CA MET E 161 -49.79 -24.86 47.12
C MET E 161 -50.42 -23.52 47.24
N ALA E 162 -51.50 -23.28 46.48
CA ALA E 162 -52.26 -22.07 46.56
C ALA E 162 -52.96 -21.81 47.81
N GLU E 163 -53.67 -22.83 48.30
CA GLU E 163 -54.40 -22.63 49.54
C GLU E 163 -53.59 -22.46 50.77
N ILE E 164 -52.36 -23.05 50.79
CA ILE E 164 -51.40 -22.99 51.92
C ILE E 164 -50.91 -21.57 51.94
N ALA E 165 -50.66 -21.06 50.70
CA ALA E 165 -50.02 -19.75 50.45
C ALA E 165 -50.81 -18.61 50.95
N VAL E 166 -52.09 -18.52 50.63
CA VAL E 166 -53.09 -17.56 51.12
C VAL E 166 -53.38 -17.58 52.62
N ASN E 167 -53.46 -18.72 53.41
CA ASN E 167 -53.70 -18.73 54.85
C ASN E 167 -52.68 -17.95 55.65
N ALA E 168 -51.38 -18.14 55.26
CA ALA E 168 -50.18 -17.70 56.00
C ALA E 168 -50.29 -16.20 56.16
N VAL E 169 -50.67 -15.50 55.18
CA VAL E 169 -50.76 -14.07 55.09
C VAL E 169 -51.83 -13.46 55.99
N LEU E 170 -52.90 -14.28 56.14
CA LEU E 170 -54.08 -13.97 56.97
C LEU E 170 -53.79 -14.09 58.40
N THR E 171 -52.97 -15.02 58.92
CA THR E 171 -52.56 -15.20 60.23
C THR E 171 -51.89 -13.91 60.70
N VAL E 172 -51.06 -13.22 59.86
CA VAL E 172 -50.30 -12.05 60.31
C VAL E 172 -51.16 -10.75 60.31
N ALA E 173 -52.19 -10.72 59.35
CA ALA E 173 -53.05 -9.58 59.12
C ALA E 173 -53.94 -9.17 60.28
N ASP E 174 -54.50 -10.21 61.04
CA ASP E 174 -55.40 -10.07 62.09
C ASP E 174 -54.66 -9.68 63.39
N MET E 175 -53.33 -9.90 63.44
CA MET E 175 -52.49 -9.43 64.59
C MET E 175 -52.36 -7.95 64.59
N GLU E 176 -52.14 -7.27 63.41
CA GLU E 176 -52.08 -5.77 63.37
C GLU E 176 -52.74 -5.37 62.09
N ARG E 177 -53.66 -4.33 62.24
CA ARG E 177 -54.12 -3.32 61.30
C ARG E 177 -54.92 -3.78 60.08
N ARG E 178 -54.75 -5.00 59.61
CA ARG E 178 -55.10 -5.54 58.33
C ARG E 178 -54.11 -5.13 57.33
N ASP E 179 -52.79 -5.33 57.68
CA ASP E 179 -51.70 -4.93 56.89
C ASP E 179 -50.62 -5.92 57.13
N VAL E 180 -49.87 -6.29 56.02
CA VAL E 180 -48.77 -7.26 56.17
C VAL E 180 -47.69 -6.68 55.32
N ASP E 181 -46.46 -7.15 55.58
CA ASP E 181 -45.30 -6.70 54.88
C ASP E 181 -44.85 -7.75 53.91
N PHE E 182 -43.50 -7.95 53.83
CA PHE E 182 -42.92 -8.85 52.92
C PHE E 182 -41.74 -9.39 53.72
N GLU E 183 -41.51 -8.81 54.96
CA GLU E 183 -40.58 -9.31 55.98
C GLU E 183 -41.37 -9.99 57.05
N LEU E 184 -42.77 -10.06 57.05
CA LEU E 184 -43.50 -10.75 58.11
C LEU E 184 -43.87 -12.14 57.56
N ILE E 185 -43.51 -12.46 56.33
CA ILE E 185 -43.97 -13.65 55.62
C ILE E 185 -42.80 -14.00 54.81
N LYS E 186 -42.51 -15.29 54.63
CA LYS E 186 -41.40 -15.82 53.93
C LYS E 186 -41.72 -17.14 53.38
N VAL E 187 -41.04 -17.46 52.24
CA VAL E 187 -41.06 -18.77 51.75
C VAL E 187 -39.77 -19.33 51.95
N GLU E 188 -39.64 -20.33 52.88
CA GLU E 188 -38.42 -21.03 53.15
C GLU E 188 -38.63 -22.39 52.57
N GLY E 189 -37.64 -22.77 51.74
CA GLY E 189 -37.49 -24.03 51.05
C GLY E 189 -36.30 -24.79 51.48
N LYS E 190 -36.48 -26.12 51.60
CA LYS E 190 -35.51 -27.08 52.00
C LYS E 190 -35.78 -28.27 51.27
N VAL E 191 -34.78 -28.92 50.60
CA VAL E 191 -35.04 -30.01 49.61
C VAL E 191 -35.23 -31.28 50.36
N GLY E 192 -36.23 -32.16 49.92
CA GLY E 192 -36.25 -33.56 50.46
C GLY E 192 -37.40 -34.26 49.87
N GLY E 193 -38.63 -33.65 49.81
CA GLY E 193 -39.81 -34.17 49.16
C GLY E 193 -39.95 -33.70 47.79
N ARG E 194 -41.23 -33.60 47.34
CA ARG E 194 -41.72 -33.17 46.03
C ARG E 194 -42.47 -31.90 46.34
N LEU E 195 -42.70 -31.13 45.28
CA LEU E 195 -43.34 -29.84 45.26
C LEU E 195 -44.71 -29.79 45.85
N GLU E 196 -45.42 -30.97 45.86
CA GLU E 196 -46.74 -31.08 46.39
C GLU E 196 -46.66 -31.41 47.84
N ASP E 197 -45.47 -31.86 48.39
CA ASP E 197 -45.37 -31.90 49.76
C ASP E 197 -45.09 -30.55 50.29
N THR E 198 -46.04 -30.09 51.07
CA THR E 198 -46.03 -28.76 51.61
C THR E 198 -46.70 -28.78 52.96
N LYS E 199 -46.48 -27.69 53.73
CA LYS E 199 -47.09 -27.56 55.03
C LYS E 199 -47.50 -26.13 55.14
N LEU E 200 -48.44 -25.87 56.10
CA LEU E 200 -48.73 -24.51 56.62
C LEU E 200 -48.13 -24.53 58.00
N ILE E 201 -47.13 -23.63 58.16
CA ILE E 201 -46.35 -23.33 59.38
C ILE E 201 -46.91 -21.93 59.70
N LYS E 202 -47.15 -21.75 61.04
CA LYS E 202 -47.79 -20.65 61.66
C LYS E 202 -46.83 -19.91 62.48
N GLY E 203 -45.57 -20.44 62.37
CA GLY E 203 -44.49 -19.72 63.01
C GLY E 203 -43.26 -20.00 62.26
N VAL E 204 -42.29 -20.90 62.75
CA VAL E 204 -41.16 -21.19 61.96
C VAL E 204 -40.83 -22.57 62.19
N ILE E 205 -39.96 -23.00 61.26
CA ILE E 205 -39.41 -24.37 61.14
C ILE E 205 -37.93 -24.34 61.17
N VAL E 206 -37.34 -25.10 62.08
CA VAL E 206 -35.96 -25.27 62.33
C VAL E 206 -35.71 -26.75 62.17
N ASP E 207 -34.49 -27.06 61.74
CA ASP E 207 -34.02 -28.45 61.65
C ASP E 207 -33.91 -28.93 63.10
N LYS E 208 -34.37 -30.16 63.39
CA LYS E 208 -34.33 -30.69 64.71
C LYS E 208 -33.14 -31.63 64.73
N ASP E 209 -32.23 -31.42 65.82
CA ASP E 209 -31.00 -32.19 65.87
C ASP E 209 -31.27 -33.51 66.57
N PHE E 210 -30.84 -34.64 65.88
CA PHE E 210 -30.91 -35.98 66.42
C PHE E 210 -29.62 -36.61 66.09
N SER E 211 -28.98 -37.35 67.09
CA SER E 211 -27.70 -37.91 66.92
C SER E 211 -27.79 -39.16 66.07
N HIS E 212 -28.96 -39.93 66.18
CA HIS E 212 -28.87 -41.24 65.49
C HIS E 212 -30.32 -41.67 65.18
N PRO E 213 -30.56 -42.71 64.41
CA PRO E 213 -31.91 -43.03 64.05
C PRO E 213 -32.19 -44.21 64.90
N GLN E 214 -31.86 -44.13 66.25
CA GLN E 214 -32.15 -45.25 67.17
C GLN E 214 -32.37 -44.50 68.42
N MET E 215 -32.36 -43.10 68.40
CA MET E 215 -32.49 -42.34 69.66
C MET E 215 -33.99 -42.10 69.72
N PRO E 216 -34.63 -41.90 70.85
CA PRO E 216 -36.05 -41.49 70.98
C PRO E 216 -36.37 -40.14 70.32
N LYS E 217 -37.63 -39.96 69.74
CA LYS E 217 -38.14 -38.72 69.19
C LYS E 217 -39.51 -38.56 69.75
N LYS E 218 -39.65 -37.48 70.58
CA LYS E 218 -40.84 -37.09 71.37
C LYS E 218 -41.01 -35.59 71.17
N VAL E 219 -42.23 -35.10 71.42
CA VAL E 219 -42.45 -33.73 71.61
C VAL E 219 -43.54 -33.66 72.67
N GLU E 220 -43.62 -32.48 73.34
CA GLU E 220 -44.59 -32.32 74.39
C GLU E 220 -44.72 -30.87 74.63
N ASP E 221 -45.77 -30.47 75.45
CA ASP E 221 -46.18 -29.10 75.71
C ASP E 221 -46.74 -28.46 74.50
N ALA E 222 -46.77 -27.12 74.47
CA ALA E 222 -47.23 -26.25 73.33
C ALA E 222 -46.37 -24.99 73.22
N LYS E 223 -45.23 -24.99 73.92
CA LYS E 223 -44.44 -23.82 74.31
C LYS E 223 -43.04 -24.19 74.04
N ILE E 224 -42.14 -23.17 73.72
CA ILE E 224 -40.78 -23.31 73.31
C ILE E 224 -39.96 -22.63 74.34
N ALA E 225 -38.87 -23.22 74.85
CA ALA E 225 -37.90 -22.58 75.69
C ALA E 225 -36.83 -22.10 74.79
N ILE E 226 -36.81 -20.80 74.51
CA ILE E 226 -35.84 -20.22 73.70
C ILE E 226 -34.68 -19.87 74.61
N LEU E 227 -33.40 -20.30 74.39
CA LEU E 227 -32.32 -20.07 75.34
C LEU E 227 -31.21 -19.69 74.49
N THR E 228 -30.15 -19.09 75.14
CA THR E 228 -28.80 -19.09 74.56
C THR E 228 -28.01 -19.80 75.58
N CYS E 229 -28.43 -19.84 76.83
CA CYS E 229 -27.82 -20.62 77.86
C CYS E 229 -27.95 -22.05 77.65
N PRO E 230 -27.24 -22.95 78.48
CA PRO E 230 -27.16 -24.33 78.12
C PRO E 230 -28.41 -25.09 78.41
N PHE E 231 -28.72 -26.14 77.70
CA PHE E 231 -29.70 -27.09 78.18
C PHE E 231 -28.92 -28.47 78.40
N GLU E 232 -27.63 -28.36 78.26
CA GLU E 232 -26.76 -29.48 78.50
C GLU E 232 -25.40 -28.91 78.29
N PRO E 233 -24.26 -29.14 78.81
CA PRO E 233 -23.11 -28.27 78.73
C PRO E 233 -22.72 -27.69 77.37
N PRO E 234 -22.12 -26.50 77.10
CA PRO E 234 -21.82 -26.06 75.72
C PRO E 234 -20.76 -26.86 74.93
N LYS E 235 -20.35 -26.24 73.89
CA LYS E 235 -19.27 -26.55 73.04
C LYS E 235 -19.54 -25.51 72.02
N PRO E 236 -19.11 -24.23 72.18
CA PRO E 236 -19.69 -23.09 71.58
C PRO E 236 -18.99 -22.84 70.24
N LYS E 237 -19.49 -23.54 69.16
CA LYS E 237 -19.12 -23.32 67.77
C LYS E 237 -17.67 -23.13 67.32
N THR E 238 -16.83 -23.95 67.96
CA THR E 238 -15.43 -23.92 67.70
C THR E 238 -15.09 -25.41 67.91
N LYS E 239 -13.89 -25.88 67.42
CA LYS E 239 -13.17 -27.16 67.70
C LYS E 239 -12.81 -27.17 69.17
N HIS E 240 -12.78 -28.41 69.71
CA HIS E 240 -12.38 -28.83 71.05
C HIS E 240 -11.90 -30.30 70.84
N LYS E 241 -10.91 -30.67 71.65
CA LYS E 241 -10.46 -32.03 71.76
C LYS E 241 -10.67 -32.27 73.22
N LEU E 242 -9.96 -33.31 73.77
CA LEU E 242 -10.02 -33.59 75.18
C LEU E 242 -8.61 -33.30 75.68
N ASP E 243 -8.38 -32.58 76.80
CA ASP E 243 -7.10 -32.05 77.19
C ASP E 243 -6.71 -32.56 78.56
N VAL E 244 -7.36 -33.74 79.00
CA VAL E 244 -7.06 -34.47 80.20
C VAL E 244 -5.63 -35.03 80.15
N THR E 245 -5.12 -35.14 81.34
CA THR E 245 -3.76 -35.59 81.50
C THR E 245 -3.64 -36.79 82.39
N SER E 246 -4.80 -37.39 82.72
CA SER E 246 -4.88 -38.59 83.53
C SER E 246 -6.12 -39.31 83.00
N VAL E 247 -6.21 -40.63 83.31
CA VAL E 247 -7.29 -41.56 83.12
C VAL E 247 -8.35 -41.06 83.99
N GLU E 248 -7.98 -40.62 85.20
CA GLU E 248 -8.81 -40.26 86.30
C GLU E 248 -9.82 -39.17 85.93
N ASP E 249 -9.35 -38.16 85.07
CA ASP E 249 -10.13 -36.97 84.83
C ASP E 249 -11.10 -37.23 83.70
N TYR E 250 -10.92 -38.29 82.95
CA TYR E 250 -11.80 -38.75 81.88
C TYR E 250 -13.05 -39.41 82.38
N LYS E 251 -12.77 -40.32 83.40
CA LYS E 251 -13.84 -40.99 84.12
C LYS E 251 -14.70 -39.98 84.87
N ALA E 252 -14.01 -38.97 85.47
CA ALA E 252 -14.64 -37.84 86.18
C ALA E 252 -15.52 -37.00 85.34
N LEU E 253 -15.11 -36.62 84.08
CA LEU E 253 -15.80 -35.84 83.10
C LEU E 253 -17.08 -36.51 82.68
N GLN E 254 -17.27 -37.86 82.44
CA GLN E 254 -18.54 -38.46 82.21
C GLN E 254 -19.67 -38.35 83.25
N LYS E 255 -19.36 -38.53 84.57
CA LYS E 255 -20.45 -38.38 85.58
C LYS E 255 -20.94 -37.00 85.76
N TYR E 256 -19.93 -35.97 85.55
CA TYR E 256 -20.35 -34.64 85.56
C TYR E 256 -21.34 -34.34 84.37
N GLU E 257 -21.22 -34.99 83.21
CA GLU E 257 -22.23 -34.77 82.17
C GLU E 257 -23.63 -35.32 82.46
N LYS E 258 -23.69 -36.48 83.13
CA LYS E 258 -24.94 -37.07 83.57
C LYS E 258 -25.78 -36.15 84.45
N GLU E 259 -25.17 -35.49 85.48
CA GLU E 259 -25.92 -34.59 86.36
C GLU E 259 -26.48 -33.35 85.69
N LYS E 260 -25.70 -32.79 84.74
CA LYS E 260 -26.12 -31.64 84.02
C LYS E 260 -27.21 -31.93 83.06
N PHE E 261 -27.35 -33.14 82.54
CA PHE E 261 -28.51 -33.44 81.78
C PHE E 261 -29.73 -33.38 82.54
N GLU E 262 -29.68 -33.97 83.74
CA GLU E 262 -30.86 -33.97 84.62
C GLU E 262 -31.29 -32.66 85.10
N GLU E 263 -30.36 -31.81 85.49
CA GLU E 263 -30.62 -30.60 86.15
C GLU E 263 -31.23 -29.52 85.22
N MET E 264 -30.80 -29.46 83.97
CA MET E 264 -31.33 -28.55 82.96
C MET E 264 -32.68 -29.04 82.51
N ILE E 265 -32.84 -30.38 82.36
CA ILE E 265 -34.10 -31.03 81.93
C ILE E 265 -35.23 -30.57 82.91
N GLN E 266 -34.94 -30.51 84.21
CA GLN E 266 -35.87 -30.17 85.33
C GLN E 266 -36.14 -28.69 85.45
N GLN E 267 -35.11 -27.81 85.26
CA GLN E 267 -35.19 -26.36 85.36
C GLN E 267 -36.10 -25.78 84.32
N ILE E 268 -35.98 -26.25 83.06
CA ILE E 268 -36.90 -25.96 81.96
C ILE E 268 -38.24 -26.52 82.28
N LYS E 269 -38.33 -27.80 82.76
CA LYS E 269 -39.62 -28.43 83.04
C LYS E 269 -40.62 -27.64 83.95
N GLU E 270 -40.01 -27.17 85.04
CA GLU E 270 -40.54 -26.51 86.16
C GLU E 270 -41.17 -25.18 85.75
N THR E 271 -40.49 -24.40 84.91
CA THR E 271 -40.96 -23.11 84.43
C THR E 271 -42.09 -23.32 83.48
N GLY E 272 -41.98 -24.33 82.59
CA GLY E 272 -42.97 -24.81 81.71
C GLY E 272 -42.03 -24.90 80.44
N ALA E 273 -42.33 -25.86 79.49
CA ALA E 273 -41.59 -26.10 78.22
C ALA E 273 -40.69 -27.19 78.52
N ASN E 274 -40.12 -27.95 77.55
CA ASN E 274 -39.27 -29.11 77.79
C ASN E 274 -38.58 -29.47 76.47
N LEU E 275 -38.83 -28.64 75.46
CA LEU E 275 -38.11 -28.70 74.15
C LEU E 275 -37.32 -27.49 74.32
N ALA E 276 -36.00 -27.66 74.16
CA ALA E 276 -35.09 -26.52 74.16
C ALA E 276 -34.39 -26.23 72.92
N ILE E 277 -34.28 -24.89 72.72
CA ILE E 277 -33.53 -24.32 71.65
C ILE E 277 -32.36 -23.74 72.38
N CYS E 278 -31.14 -24.15 72.09
CA CYS E 278 -29.90 -23.68 72.63
C CYS E 278 -28.98 -23.43 71.34
N GLN E 279 -28.38 -22.18 71.28
CA GLN E 279 -27.53 -21.64 70.23
C GLN E 279 -26.24 -22.38 70.09
N TRP E 280 -25.68 -22.82 71.24
CA TRP E 280 -24.54 -23.70 71.45
C TRP E 280 -25.01 -25.10 71.24
N GLY E 281 -23.98 -26.01 71.24
CA GLY E 281 -24.07 -27.40 70.91
C GLY E 281 -23.29 -28.17 71.95
N PHE E 282 -23.05 -29.37 71.63
CA PHE E 282 -22.16 -30.23 72.38
C PHE E 282 -21.94 -31.40 71.42
N ASP E 283 -20.80 -32.14 71.49
CA ASP E 283 -20.36 -33.30 70.74
C ASP E 283 -21.51 -34.31 70.69
N ASP E 284 -21.28 -35.34 69.85
CA ASP E 284 -22.14 -36.43 69.55
C ASP E 284 -22.39 -37.37 70.72
N GLU E 285 -21.44 -37.74 71.53
CA GLU E 285 -21.73 -38.65 72.69
C GLU E 285 -22.73 -38.05 73.76
N ALA E 286 -22.49 -36.84 74.15
CA ALA E 286 -23.30 -36.21 75.22
C ALA E 286 -24.75 -36.01 74.84
N ASN E 287 -24.94 -35.80 73.53
CA ASN E 287 -26.22 -35.55 72.95
C ASN E 287 -27.07 -36.82 72.95
N HIS E 288 -26.51 -37.96 72.64
CA HIS E 288 -27.02 -39.29 72.54
C HIS E 288 -27.54 -39.72 73.90
N LEU E 289 -26.88 -39.31 74.94
CA LEU E 289 -27.24 -39.56 76.35
C LEU E 289 -28.36 -38.86 76.84
N LEU E 290 -28.45 -37.58 76.49
CA LEU E 290 -29.59 -36.76 76.73
C LEU E 290 -30.84 -37.19 76.01
N LEU E 291 -30.74 -37.69 74.71
CA LEU E 291 -31.88 -38.20 73.94
C LEU E 291 -32.45 -39.47 74.53
N GLN E 292 -31.51 -40.29 75.11
CA GLN E 292 -31.86 -41.55 75.84
C GLN E 292 -32.62 -41.32 77.13
N ASN E 293 -32.16 -40.25 77.87
CA ASN E 293 -32.73 -39.74 79.11
C ASN E 293 -34.13 -39.21 78.78
N ASN E 294 -34.35 -38.67 77.48
CA ASN E 294 -35.63 -38.32 76.91
C ASN E 294 -35.74 -36.82 77.08
N LEU E 295 -36.84 -36.26 76.55
CA LEU E 295 -37.20 -34.85 76.54
C LEU E 295 -36.29 -34.07 75.64
N PRO E 296 -36.15 -34.52 74.35
CA PRO E 296 -35.31 -34.03 73.16
C PRO E 296 -34.77 -32.66 73.16
N ALA E 297 -33.43 -32.56 72.88
CA ALA E 297 -32.84 -31.30 72.59
C ALA E 297 -32.89 -30.95 71.14
N VAL E 298 -32.68 -29.63 70.93
CA VAL E 298 -32.25 -29.04 69.71
C VAL E 298 -31.00 -28.36 70.02
N ARG E 299 -29.90 -28.76 69.34
CA ARG E 299 -28.50 -28.40 69.47
C ARG E 299 -27.97 -27.99 68.14
N TRP E 300 -27.14 -26.95 68.07
CA TRP E 300 -26.49 -26.48 66.90
C TRP E 300 -27.40 -25.68 66.12
N VAL E 301 -27.81 -24.53 66.81
CA VAL E 301 -28.78 -23.64 66.22
C VAL E 301 -28.05 -22.36 65.84
N GLY E 302 -28.23 -21.82 64.60
CA GLY E 302 -27.50 -20.70 64.05
C GLY E 302 -27.66 -19.46 64.85
N GLY E 303 -26.83 -18.49 64.61
CA GLY E 303 -27.00 -17.21 65.37
C GLY E 303 -28.20 -16.40 64.80
N PRO E 304 -28.39 -16.41 63.52
CA PRO E 304 -29.63 -15.96 62.98
C PRO E 304 -30.85 -16.77 63.28
N GLU E 305 -30.74 -18.07 63.39
CA GLU E 305 -31.80 -18.97 63.49
C GLU E 305 -32.66 -18.84 64.77
N ILE E 306 -31.96 -18.41 65.86
CA ILE E 306 -32.55 -18.18 67.17
C ILE E 306 -33.30 -16.86 67.04
N GLU E 307 -32.87 -15.81 66.31
CA GLU E 307 -33.45 -14.54 66.20
C GLU E 307 -34.78 -14.65 65.41
N LEU E 308 -34.73 -15.64 64.43
CA LEU E 308 -35.92 -15.88 63.75
C LEU E 308 -37.07 -16.38 64.56
N ILE E 309 -36.85 -17.39 65.43
CA ILE E 309 -37.88 -17.88 66.29
C ILE E 309 -38.39 -16.88 67.27
N ALA E 310 -37.46 -16.07 67.90
CA ALA E 310 -37.82 -15.04 68.83
C ALA E 310 -38.72 -13.95 68.29
N ILE E 311 -38.56 -13.54 67.03
CA ILE E 311 -39.29 -12.42 66.48
C ILE E 311 -40.67 -12.84 66.22
N ALA E 312 -40.84 -14.13 65.77
CA ALA E 312 -42.13 -14.69 65.46
C ALA E 312 -42.95 -14.94 66.72
N THR E 313 -42.29 -15.41 67.80
CA THR E 313 -42.98 -15.63 69.10
C THR E 313 -43.27 -14.34 69.87
N GLY E 314 -42.48 -13.35 69.68
CA GLY E 314 -42.61 -12.05 70.29
C GLY E 314 -41.92 -11.89 71.59
N GLY E 315 -41.53 -13.02 72.23
CA GLY E 315 -40.81 -13.05 73.51
C GLY E 315 -39.39 -12.94 73.29
N ARG E 316 -38.59 -13.28 74.37
CA ARG E 316 -37.23 -12.92 74.47
C ARG E 316 -36.48 -14.20 74.71
N ILE E 317 -35.15 -14.09 74.56
CA ILE E 317 -34.19 -15.15 74.75
C ILE E 317 -33.42 -14.75 76.02
N VAL E 318 -33.19 -15.71 76.88
CA VAL E 318 -32.51 -15.50 78.12
C VAL E 318 -31.01 -15.38 77.74
N PRO E 319 -30.24 -14.45 78.39
CA PRO E 319 -28.75 -14.48 78.27
C PRO E 319 -28.20 -15.49 79.29
N ARG E 320 -29.02 -16.08 80.20
CA ARG E 320 -28.42 -16.85 81.20
C ARG E 320 -29.28 -18.03 81.68
N PHE E 321 -28.61 -18.96 82.35
CA PHE E 321 -29.11 -20.23 82.89
C PHE E 321 -29.74 -19.88 84.22
N SER E 322 -29.31 -18.89 84.93
CA SER E 322 -29.83 -18.46 86.21
C SER E 322 -31.19 -17.96 86.08
N GLU E 323 -31.31 -16.96 85.17
CA GLU E 323 -32.46 -16.22 84.91
C GLU E 323 -33.31 -17.08 84.00
N LEU E 324 -34.39 -17.69 84.54
CA LEU E 324 -35.32 -18.43 83.72
C LEU E 324 -36.52 -18.25 84.54
N THR E 325 -37.67 -17.96 83.81
CA THR E 325 -38.99 -17.78 84.24
C THR E 325 -39.63 -17.91 82.92
N ALA E 326 -40.91 -18.21 82.92
CA ALA E 326 -41.77 -18.54 81.81
C ALA E 326 -41.97 -17.36 80.90
N GLU E 327 -41.96 -16.12 81.47
CA GLU E 327 -42.10 -14.76 80.92
C GLU E 327 -41.04 -14.49 79.94
N LYS E 328 -39.82 -14.93 80.35
CA LYS E 328 -38.59 -14.62 79.70
C LYS E 328 -38.39 -15.55 78.58
N LEU E 329 -39.24 -16.56 78.42
CA LEU E 329 -39.20 -17.50 77.25
C LEU E 329 -40.18 -17.11 76.27
N GLY E 330 -40.07 -17.54 74.96
CA GLY E 330 -41.08 -17.18 73.99
C GLY E 330 -42.25 -18.15 74.10
N PHE E 331 -43.43 -17.59 73.51
CA PHE E 331 -44.76 -18.11 73.58
C PHE E 331 -45.21 -18.67 72.22
N ALA E 332 -45.53 -19.95 72.18
CA ALA E 332 -46.01 -20.76 71.08
C ALA E 332 -47.35 -21.28 71.39
N GLY E 333 -48.06 -21.66 70.34
CA GLY E 333 -49.43 -22.15 70.54
C GLY E 333 -49.41 -23.66 70.35
N LEU E 334 -48.35 -24.24 69.72
CA LEU E 334 -48.21 -25.62 69.56
C LEU E 334 -46.76 -25.83 69.10
N VAL E 335 -46.20 -26.95 69.63
CA VAL E 335 -44.98 -27.50 69.08
C VAL E 335 -45.25 -28.91 68.70
N GLN E 336 -45.03 -29.28 67.41
CA GLN E 336 -45.29 -30.66 67.06
C GLN E 336 -44.13 -30.91 66.10
N GLU E 337 -43.60 -32.15 65.99
CA GLU E 337 -42.48 -32.57 65.12
C GLU E 337 -43.08 -33.34 63.93
N ILE E 338 -42.65 -32.99 62.66
CA ILE E 338 -43.31 -33.31 61.44
C ILE E 338 -42.19 -33.98 60.67
N SER E 339 -42.46 -34.92 59.70
CA SER E 339 -41.42 -35.57 59.00
C SER E 339 -41.01 -34.76 57.88
N PHE E 340 -39.80 -34.15 58.01
CA PHE E 340 -39.15 -33.30 56.91
C PHE E 340 -38.59 -34.30 55.93
N GLY E 341 -38.48 -33.86 54.66
CA GLY E 341 -38.26 -34.73 53.56
C GLY E 341 -39.36 -35.75 53.45
N THR E 342 -39.07 -36.94 52.92
CA THR E 342 -39.99 -38.10 52.85
C THR E 342 -39.11 -39.42 53.11
N THR E 343 -37.84 -39.33 53.45
CA THR E 343 -36.96 -40.41 53.86
C THR E 343 -35.84 -39.81 54.80
N LYS E 344 -36.04 -38.54 55.31
CA LYS E 344 -35.05 -37.72 56.06
C LYS E 344 -35.59 -37.60 57.46
N ASP E 345 -34.72 -37.01 58.33
CA ASP E 345 -35.18 -36.85 59.72
C ASP E 345 -36.20 -35.76 59.95
N LYS E 346 -37.00 -35.98 61.01
CA LYS E 346 -37.99 -35.08 61.54
C LYS E 346 -37.49 -33.69 61.83
N MET E 347 -38.36 -32.62 61.76
CA MET E 347 -38.04 -31.28 62.02
C MET E 347 -38.91 -30.91 63.18
N LEU E 348 -38.73 -29.62 63.68
CA LEU E 348 -39.53 -29.10 64.75
C LEU E 348 -40.31 -27.98 64.08
N VAL E 349 -41.65 -28.05 64.23
CA VAL E 349 -42.58 -27.03 63.85
C VAL E 349 -42.88 -26.29 65.14
N ILE E 350 -42.86 -24.98 65.10
CA ILE E 350 -43.28 -24.23 66.26
C ILE E 350 -44.35 -23.42 65.48
N GLU E 351 -45.65 -23.72 65.75
CA GLU E 351 -46.72 -22.92 65.31
C GLU E 351 -47.00 -21.97 66.42
N GLN E 352 -47.58 -20.78 66.05
CA GLN E 352 -47.92 -19.81 67.02
C GLN E 352 -49.30 -19.33 66.68
N CYS E 353 -50.08 -19.12 67.71
CA CYS E 353 -51.42 -18.61 67.70
C CYS E 353 -51.45 -17.55 68.80
N LYS E 354 -50.23 -17.30 69.31
CA LYS E 354 -49.96 -16.29 70.36
C LYS E 354 -49.67 -14.93 69.75
N ASN E 355 -48.67 -14.96 68.80
CA ASN E 355 -48.29 -13.74 68.13
C ASN E 355 -47.66 -14.24 66.86
N SER E 356 -47.71 -13.39 65.76
CA SER E 356 -47.08 -13.91 64.54
C SER E 356 -46.52 -12.64 63.87
N ARG E 357 -45.31 -12.76 63.31
CA ARG E 357 -44.43 -11.68 62.80
C ARG E 357 -43.44 -12.40 61.94
N ALA E 358 -43.61 -13.73 61.75
CA ALA E 358 -42.93 -14.39 60.76
C ALA E 358 -43.69 -15.63 60.63
N VAL E 359 -44.37 -15.84 59.39
CA VAL E 359 -45.13 -17.02 59.06
C VAL E 359 -44.56 -17.49 57.73
N THR E 360 -44.00 -18.71 57.79
CA THR E 360 -43.20 -19.39 56.77
C THR E 360 -44.18 -20.43 56.32
N ILE E 361 -44.23 -20.63 54.97
CA ILE E 361 -44.94 -21.72 54.41
C ILE E 361 -43.91 -22.69 53.93
N PHE E 362 -43.88 -23.93 54.47
CA PHE E 362 -42.75 -24.84 54.23
C PHE E 362 -43.04 -25.65 52.97
N ILE E 363 -42.11 -25.44 52.01
CA ILE E 363 -42.19 -25.99 50.68
C ILE E 363 -41.04 -26.99 50.63
N ARG E 364 -41.23 -28.18 49.98
CA ARG E 364 -40.23 -29.12 49.78
C ARG E 364 -40.06 -29.18 48.33
N GLY E 365 -38.82 -29.59 47.87
CA GLY E 365 -38.51 -29.69 46.44
C GLY E 365 -37.57 -30.79 46.28
N GLY E 366 -37.35 -31.25 44.99
CA GLY E 366 -36.42 -32.31 44.61
C GLY E 366 -35.12 -31.71 44.25
N ASN E 367 -35.08 -31.09 43.06
CA ASN E 367 -33.88 -30.41 42.59
C ASN E 367 -33.89 -28.99 43.00
N LYS E 368 -32.68 -28.37 42.78
CA LYS E 368 -32.39 -27.01 43.00
C LYS E 368 -33.15 -26.17 42.01
N MET E 369 -33.26 -26.54 40.71
CA MET E 369 -34.05 -25.87 39.73
C MET E 369 -35.56 -25.82 39.99
N ILE E 370 -36.14 -27.01 40.41
CA ILE E 370 -37.59 -27.15 40.51
C ILE E 370 -38.15 -26.51 41.72
N ILE E 371 -37.40 -26.44 42.84
CA ILE E 371 -37.68 -25.71 44.08
C ILE E 371 -37.66 -24.19 43.81
N GLU E 372 -36.66 -23.64 43.03
CA GLU E 372 -36.52 -22.18 42.82
C GLU E 372 -37.66 -21.56 41.98
N GLU E 373 -38.14 -22.37 41.00
CA GLU E 373 -39.30 -21.98 40.24
C GLU E 373 -40.59 -21.96 41.14
N ALA E 374 -40.73 -23.01 41.98
CA ALA E 374 -41.90 -23.27 42.76
C ALA E 374 -42.13 -22.23 43.82
N LYS E 375 -40.94 -21.75 44.46
CA LYS E 375 -40.91 -20.68 45.37
C LYS E 375 -41.23 -19.32 44.65
N ARG E 376 -40.92 -19.11 43.35
CA ARG E 376 -41.17 -17.98 42.53
C ARG E 376 -42.64 -17.71 42.45
N SER E 377 -43.49 -18.79 42.39
CA SER E 377 -44.95 -18.78 42.34
C SER E 377 -45.49 -18.35 43.68
N LEU E 378 -44.89 -18.89 44.78
CA LEU E 378 -45.25 -18.55 46.12
C LEU E 378 -45.09 -17.10 46.52
N HIS E 379 -43.99 -16.53 46.09
CA HIS E 379 -43.66 -15.15 46.43
C HIS E 379 -44.68 -14.23 45.85
N ASP E 380 -45.01 -14.50 44.52
CA ASP E 380 -45.98 -13.71 43.80
C ASP E 380 -47.39 -13.81 44.46
N ALA E 381 -47.73 -14.96 45.01
CA ALA E 381 -48.97 -15.23 45.69
C ALA E 381 -49.18 -14.49 46.98
N LEU E 382 -48.08 -14.41 47.81
CA LEU E 382 -48.05 -13.72 49.10
C LEU E 382 -48.45 -12.25 48.87
N CYS E 383 -47.87 -11.71 47.74
CA CYS E 383 -47.99 -10.30 47.45
C CYS E 383 -49.29 -9.83 46.95
N VAL E 384 -50.02 -10.61 46.05
CA VAL E 384 -51.33 -10.18 45.50
C VAL E 384 -52.36 -10.05 46.62
N ILE E 385 -52.34 -11.01 47.64
CA ILE E 385 -53.29 -11.04 48.77
C ILE E 385 -52.94 -9.92 49.82
N ARG E 386 -51.74 -9.43 49.89
CA ARG E 386 -51.34 -8.31 50.65
C ARG E 386 -52.06 -6.99 50.31
N ASN E 387 -52.35 -6.79 49.06
CA ASN E 387 -53.09 -5.73 48.45
C ASN E 387 -54.54 -5.79 48.82
N LEU E 388 -55.16 -7.03 48.87
CA LEU E 388 -56.51 -7.23 49.20
C LEU E 388 -56.77 -6.93 50.61
N ILE E 389 -55.87 -7.28 51.53
CA ILE E 389 -56.16 -7.18 52.95
C ILE E 389 -56.37 -5.66 53.41
N ARG E 390 -55.47 -4.84 52.86
CA ARG E 390 -55.34 -3.41 53.12
C ARG E 390 -56.46 -2.61 52.63
N ASP E 391 -57.01 -3.07 51.48
CA ASP E 391 -58.20 -2.46 50.82
C ASP E 391 -58.61 -3.41 49.82
N ASN E 392 -59.90 -3.83 49.67
CA ASN E 392 -60.19 -5.03 48.90
C ASN E 392 -60.78 -4.56 47.62
N ARG E 393 -59.99 -4.80 46.47
CA ARG E 393 -60.43 -4.43 45.12
C ARG E 393 -59.74 -5.46 44.30
N VAL E 394 -60.28 -5.80 43.06
CA VAL E 394 -59.59 -6.52 41.99
C VAL E 394 -60.01 -5.82 40.70
N VAL E 395 -59.23 -6.06 39.60
CA VAL E 395 -59.57 -5.55 38.33
C VAL E 395 -59.44 -6.76 37.41
N TYR E 396 -60.15 -6.76 36.26
CA TYR E 396 -59.75 -7.74 35.25
C TYR E 396 -58.61 -7.19 34.48
N GLY E 397 -57.47 -7.85 34.45
CA GLY E 397 -56.25 -7.39 33.91
C GLY E 397 -55.67 -8.59 33.18
N GLY E 398 -54.89 -8.27 32.15
CA GLY E 398 -54.28 -9.21 31.25
C GLY E 398 -54.32 -8.61 29.91
N GLY E 399 -55.22 -7.61 29.69
CA GLY E 399 -55.45 -6.97 28.49
C GLY E 399 -56.74 -6.13 28.59
N ALA E 400 -57.72 -6.56 29.46
CA ALA E 400 -58.96 -5.99 29.58
C ALA E 400 -59.01 -4.54 30.02
N ALA E 401 -58.23 -4.30 31.15
CA ALA E 401 -58.21 -3.04 31.78
C ALA E 401 -57.45 -2.14 30.90
N GLU E 402 -56.33 -2.57 30.35
CA GLU E 402 -55.42 -1.64 29.61
C GLU E 402 -55.97 -0.97 28.41
N ILE E 403 -56.70 -1.72 27.58
CA ILE E 403 -57.34 -1.30 26.42
C ILE E 403 -58.48 -0.41 26.58
N SER E 404 -59.34 -0.63 27.61
CA SER E 404 -60.47 0.14 28.06
C SER E 404 -59.95 1.48 28.48
N CYS E 405 -58.83 1.61 29.21
CA CYS E 405 -58.23 2.86 29.66
C CYS E 405 -57.69 3.62 28.49
N ALA E 406 -57.07 2.89 27.54
CA ALA E 406 -56.40 3.36 26.37
C ALA E 406 -57.31 4.13 25.47
N LEU E 407 -58.54 3.62 25.22
CA LEU E 407 -59.52 4.17 24.41
C LEU E 407 -59.96 5.52 25.03
N ALA E 408 -60.02 5.54 26.40
CA ALA E 408 -60.39 6.67 27.24
C ALA E 408 -59.47 7.85 27.25
N VAL E 409 -58.17 7.49 27.35
CA VAL E 409 -57.15 8.51 27.31
C VAL E 409 -57.05 9.08 25.88
N SER E 410 -57.26 8.29 24.78
CA SER E 410 -57.28 8.63 23.36
C SER E 410 -58.30 9.67 23.06
N GLN E 411 -59.44 9.44 23.64
CA GLN E 411 -60.65 10.25 23.34
C GLN E 411 -60.38 11.65 23.88
N GLU E 412 -59.80 11.85 25.07
CA GLU E 412 -59.52 13.14 25.69
C GLU E 412 -58.49 13.97 25.01
N ALA E 413 -57.65 13.38 24.09
CA ALA E 413 -56.61 14.10 23.35
C ALA E 413 -57.36 15.09 22.47
N ASP E 414 -58.45 14.48 21.84
CA ASP E 414 -59.32 15.24 20.94
C ASP E 414 -60.35 16.09 21.71
N LYS E 415 -60.69 15.80 23.06
CA LYS E 415 -61.56 16.77 23.76
C LYS E 415 -60.84 18.06 24.16
N CYS E 416 -59.59 17.91 24.71
CA CYS E 416 -58.74 18.93 25.14
C CYS E 416 -58.01 19.82 24.19
N PRO E 417 -57.54 19.20 23.13
CA PRO E 417 -56.21 19.48 22.58
C PRO E 417 -55.10 20.11 23.48
N THR E 418 -54.45 21.28 22.99
CA THR E 418 -53.34 21.99 23.67
C THR E 418 -52.16 21.07 23.95
N LEU E 419 -51.37 21.37 25.01
CA LEU E 419 -50.05 20.83 25.40
C LEU E 419 -50.12 19.31 25.44
N GLU E 420 -51.15 18.75 26.15
CA GLU E 420 -51.21 17.35 26.59
C GLU E 420 -51.66 16.43 25.39
N GLN E 421 -52.13 17.01 24.24
CA GLN E 421 -52.64 16.28 23.16
C GLN E 421 -51.79 15.17 22.66
N TYR E 422 -50.52 15.41 22.37
CA TYR E 422 -49.51 14.50 21.83
C TYR E 422 -49.20 13.42 22.90
N ALA E 423 -49.26 13.90 24.16
CA ALA E 423 -48.86 13.09 25.31
C ALA E 423 -49.90 12.02 25.55
N MET E 424 -51.16 12.42 25.39
CA MET E 424 -52.34 11.56 25.49
C MET E 424 -52.33 10.56 24.45
N ARG E 425 -51.99 10.89 23.14
CA ARG E 425 -51.98 10.00 22.01
C ARG E 425 -50.96 8.89 22.26
N ALA E 426 -49.78 9.30 22.75
CA ALA E 426 -48.73 8.36 23.00
C ALA E 426 -49.04 7.48 24.23
N PHE E 427 -49.68 8.02 25.20
CA PHE E 427 -49.98 7.26 26.34
C PHE E 427 -51.05 6.18 26.01
N ALA E 428 -52.07 6.54 25.14
CA ALA E 428 -53.12 5.59 24.80
C ALA E 428 -52.62 4.43 24.00
N ASP E 429 -51.69 4.63 22.97
CA ASP E 429 -51.09 3.50 22.34
C ASP E 429 -50.18 2.66 23.25
N ALA E 430 -49.48 3.22 24.33
CA ALA E 430 -48.58 2.51 25.20
C ALA E 430 -49.19 1.47 26.01
N LEU E 431 -50.41 1.79 26.43
CA LEU E 431 -51.26 0.90 27.20
C LEU E 431 -51.64 -0.32 26.42
N GLU E 432 -51.85 -0.13 25.12
CA GLU E 432 -52.24 -1.21 24.10
C GLU E 432 -51.09 -2.12 23.67
N VAL E 433 -49.84 -1.68 24.04
CA VAL E 433 -48.63 -2.53 23.79
C VAL E 433 -48.75 -3.79 24.65
N ILE E 434 -49.34 -3.63 25.90
CA ILE E 434 -49.47 -4.69 26.88
C ILE E 434 -50.33 -5.89 26.44
N PRO E 435 -51.53 -5.85 25.93
CA PRO E 435 -52.24 -6.98 25.39
C PRO E 435 -51.49 -7.47 24.11
N MET E 436 -50.84 -6.53 23.32
CA MET E 436 -50.31 -6.79 22.03
C MET E 436 -49.17 -7.66 22.01
N ALA E 437 -48.18 -7.38 22.91
CA ALA E 437 -46.99 -8.18 22.93
C ALA E 437 -47.16 -9.47 23.60
N LEU E 438 -48.30 -9.57 24.37
CA LEU E 438 -48.74 -10.79 25.02
C LEU E 438 -49.17 -11.77 23.93
N SER E 439 -49.92 -11.29 22.92
CA SER E 439 -50.28 -12.07 21.71
C SER E 439 -49.05 -12.33 20.85
N GLU E 440 -48.04 -11.51 20.90
CA GLU E 440 -46.83 -11.74 20.11
C GLU E 440 -46.09 -12.99 20.55
N ASN E 441 -45.94 -13.15 21.85
CA ASN E 441 -45.30 -14.29 22.48
C ASN E 441 -46.12 -15.54 22.29
N SER E 442 -47.47 -15.40 22.38
CA SER E 442 -48.53 -16.39 22.33
C SER E 442 -48.74 -16.88 20.91
N GLY E 443 -49.66 -17.86 20.69
CA GLY E 443 -49.69 -18.51 19.42
C GLY E 443 -50.26 -17.66 18.21
N MET E 444 -51.01 -16.53 18.48
CA MET E 444 -51.95 -15.86 17.56
C MET E 444 -51.49 -14.41 17.25
N ASN E 445 -51.77 -13.92 15.96
CA ASN E 445 -51.27 -12.63 15.49
C ASN E 445 -51.55 -11.47 16.48
N PRO E 446 -50.59 -10.54 16.68
CA PRO E 446 -50.79 -9.45 17.59
C PRO E 446 -51.74 -8.41 17.17
N ILE E 447 -51.79 -8.09 15.90
CA ILE E 447 -52.66 -7.11 15.30
C ILE E 447 -54.09 -7.60 15.31
N GLN E 448 -54.27 -8.87 14.89
CA GLN E 448 -55.59 -9.48 14.76
C GLN E 448 -56.35 -9.59 16.07
N THR E 449 -55.71 -10.04 17.14
CA THR E 449 -56.22 -10.32 18.46
C THR E 449 -56.54 -9.03 19.15
N MET E 450 -55.71 -7.96 18.99
CA MET E 450 -55.90 -6.59 19.52
C MET E 450 -57.13 -5.88 18.99
N THR E 451 -57.40 -6.15 17.73
CA THR E 451 -58.46 -5.67 16.93
C THR E 451 -59.73 -6.31 17.40
N GLU E 452 -59.70 -7.68 17.70
CA GLU E 452 -60.81 -8.36 18.21
C GLU E 452 -61.38 -7.77 19.51
N VAL E 453 -60.50 -7.61 20.57
CA VAL E 453 -60.88 -7.03 21.85
C VAL E 453 -61.32 -5.58 21.71
N ARG E 454 -60.72 -4.80 20.85
CA ARG E 454 -61.08 -3.38 20.69
C ARG E 454 -62.52 -3.09 20.18
N ALA E 455 -62.99 -4.12 19.44
CA ALA E 455 -64.34 -4.13 18.93
C ALA E 455 -65.26 -4.24 20.07
N ARG E 456 -64.93 -5.12 21.00
CA ARG E 456 -65.87 -5.29 22.13
C ARG E 456 -65.75 -4.17 23.15
N GLN E 457 -64.62 -3.32 23.12
CA GLN E 457 -64.55 -2.10 23.96
C GLN E 457 -65.54 -1.13 23.58
N VAL E 458 -65.83 -0.84 22.17
CA VAL E 458 -66.96 0.07 21.72
C VAL E 458 -68.37 -0.52 22.01
N LYS E 459 -68.47 -1.86 21.87
CA LYS E 459 -69.76 -2.49 22.07
C LYS E 459 -70.02 -2.56 23.51
N GLU E 460 -69.06 -2.88 24.40
CA GLU E 460 -69.37 -2.82 25.84
C GLU E 460 -68.19 -2.51 26.74
N MET E 461 -68.43 -1.79 27.89
CA MET E 461 -67.39 -1.17 28.69
C MET E 461 -67.22 -1.91 29.94
N ASN E 462 -66.01 -1.71 30.62
CA ASN E 462 -65.70 -2.32 31.92
C ASN E 462 -65.64 -3.83 31.78
N PRO E 463 -64.90 -4.33 30.79
CA PRO E 463 -65.07 -5.69 30.21
C PRO E 463 -64.41 -6.76 31.12
N ALA E 464 -65.06 -7.94 31.14
CA ALA E 464 -64.53 -9.17 31.62
C ALA E 464 -63.98 -9.82 30.37
N LEU E 465 -63.83 -9.06 29.28
CA LEU E 465 -63.50 -9.53 27.96
C LEU E 465 -62.20 -8.81 27.47
N GLY E 466 -61.08 -9.60 27.70
CA GLY E 466 -59.75 -9.29 27.25
C GLY E 466 -59.33 -10.38 26.34
N ILE E 467 -58.01 -10.39 26.10
CA ILE E 467 -57.44 -11.40 25.28
C ILE E 467 -57.17 -12.68 26.04
N ASP E 468 -56.95 -13.80 25.32
CA ASP E 468 -56.61 -15.14 25.74
C ASP E 468 -55.41 -15.14 26.59
N CYS E 469 -55.56 -15.86 27.72
CA CYS E 469 -54.42 -16.05 28.52
C CYS E 469 -54.58 -17.36 29.23
N LEU E 470 -54.74 -18.34 28.33
CA LEU E 470 -54.58 -19.74 28.55
C LEU E 470 -54.33 -20.41 27.22
N HIS E 471 -54.23 -19.61 26.12
CA HIS E 471 -53.78 -20.03 24.84
C HIS E 471 -54.97 -20.67 24.15
N LYS E 472 -56.14 -20.00 24.25
CA LYS E 472 -57.38 -20.62 23.85
C LYS E 472 -57.87 -20.06 22.58
N GLY E 473 -58.86 -20.77 21.97
CA GLY E 473 -59.56 -20.28 20.79
C GLY E 473 -60.48 -19.10 21.03
N THR E 474 -61.06 -19.13 22.26
CA THR E 474 -61.98 -18.13 22.74
C THR E 474 -61.09 -17.11 23.35
N ASN E 475 -61.59 -15.91 23.52
CA ASN E 475 -60.96 -14.80 24.18
C ASN E 475 -61.82 -14.16 25.20
N ASP E 476 -61.51 -14.23 26.56
CA ASP E 476 -62.32 -13.56 27.58
C ASP E 476 -61.24 -13.12 28.55
N MET E 477 -61.61 -13.02 29.86
CA MET E 477 -60.59 -12.89 30.84
C MET E 477 -61.25 -13.48 32.09
N LYS E 478 -62.59 -13.90 32.05
CA LYS E 478 -63.49 -14.54 33.02
C LYS E 478 -63.31 -16.08 32.77
N GLN E 479 -62.96 -16.44 31.55
CA GLN E 479 -62.81 -17.83 31.07
C GLN E 479 -61.40 -18.14 30.71
N GLN E 480 -60.49 -17.14 30.85
CA GLN E 480 -59.06 -17.18 30.77
C GLN E 480 -58.52 -17.02 32.18
N HIS E 481 -59.40 -16.55 33.12
CA HIS E 481 -59.31 -16.48 34.57
C HIS E 481 -58.07 -15.84 35.11
N VAL E 482 -57.78 -14.62 34.52
CA VAL E 482 -56.73 -13.84 34.96
C VAL E 482 -57.31 -12.64 35.67
N ILE E 483 -56.91 -12.42 36.93
CA ILE E 483 -57.41 -11.32 37.64
C ILE E 483 -56.16 -10.70 38.25
N GLU E 484 -56.10 -9.40 38.36
CA GLU E 484 -55.05 -8.68 39.02
C GLU E 484 -55.77 -7.98 40.11
N THR E 485 -55.04 -7.42 41.11
CA THR E 485 -55.57 -6.50 42.01
C THR E 485 -55.76 -5.13 41.26
N LEU E 486 -56.79 -4.29 41.67
CA LEU E 486 -57.10 -2.96 40.98
C LEU E 486 -55.93 -2.07 41.31
N ILE E 487 -55.53 -2.14 42.59
CA ILE E 487 -54.32 -1.39 43.06
C ILE E 487 -53.05 -1.83 42.32
N GLY E 488 -52.93 -3.13 41.97
CA GLY E 488 -51.78 -3.75 41.31
C GLY E 488 -51.51 -3.27 39.98
N LYS E 489 -52.54 -3.14 39.12
CA LYS E 489 -52.54 -2.56 37.80
C LYS E 489 -52.36 -1.05 37.91
N LYS E 490 -52.94 -0.42 38.93
CA LYS E 490 -52.90 0.96 39.26
C LYS E 490 -51.47 1.40 39.52
N GLN E 491 -50.74 0.51 40.26
CA GLN E 491 -49.32 0.72 40.60
C GLN E 491 -48.42 0.65 39.38
N GLN E 492 -48.72 -0.20 38.38
CA GLN E 492 -48.06 -0.14 37.13
C GLN E 492 -48.06 1.16 36.28
N ILE E 493 -49.26 1.77 36.28
CA ILE E 493 -49.49 2.97 35.61
C ILE E 493 -48.69 4.08 36.15
N SER E 494 -48.61 4.20 37.50
CA SER E 494 -47.76 5.14 38.24
C SER E 494 -46.28 4.90 37.87
N LEU E 495 -45.83 3.63 37.99
CA LEU E 495 -44.41 3.31 37.79
C LEU E 495 -43.82 3.63 36.43
N ALA E 496 -44.59 3.31 35.38
CA ALA E 496 -44.15 3.55 34.01
C ALA E 496 -43.92 4.99 33.66
N THR E 497 -44.85 5.81 34.13
CA THR E 497 -44.90 7.25 34.05
C THR E 497 -43.70 7.88 34.76
N GLN E 498 -43.41 7.13 35.91
CA GLN E 498 -42.31 7.53 36.82
C GLN E 498 -40.97 7.63 36.17
N MET E 499 -40.61 6.68 35.33
CA MET E 499 -39.36 6.40 34.67
C MET E 499 -39.08 7.52 33.80
N VAL E 500 -40.16 8.01 33.12
CA VAL E 500 -40.09 9.16 32.26
C VAL E 500 -39.75 10.42 33.09
N ARG E 501 -40.35 10.67 34.23
CA ARG E 501 -40.09 11.79 35.09
C ARG E 501 -38.70 11.81 35.62
N MET E 502 -38.07 10.65 35.92
CA MET E 502 -36.69 10.57 36.43
C MET E 502 -35.66 10.98 35.38
N ILE E 503 -35.89 10.47 34.08
CA ILE E 503 -34.89 10.79 33.01
C ILE E 503 -34.96 12.26 32.61
N LEU E 504 -36.09 12.90 32.79
CA LEU E 504 -36.21 14.27 32.50
C LEU E 504 -35.41 15.24 33.46
N LYS E 505 -35.34 15.06 34.78
CA LYS E 505 -34.80 15.96 35.87
C LYS E 505 -33.83 17.03 35.58
N ILE E 506 -32.47 16.73 35.52
CA ILE E 506 -31.34 17.64 35.26
C ILE E 506 -31.11 17.78 33.79
N ASP E 507 -30.10 18.55 33.41
CA ASP E 507 -29.61 18.53 32.08
C ASP E 507 -28.21 18.01 31.93
N ASP E 508 -27.69 17.18 32.82
CA ASP E 508 -26.34 16.67 32.84
C ASP E 508 -26.20 15.37 32.06
N ILE E 509 -25.96 15.61 30.72
CA ILE E 509 -25.69 14.68 29.66
C ILE E 509 -24.18 14.74 29.53
N ARG E 510 -23.46 15.57 30.33
CA ARG E 510 -22.05 15.73 30.35
C ARG E 510 -21.63 14.51 30.99
N LYS E 511 -20.56 13.86 30.36
CA LYS E 511 -19.90 12.73 30.88
C LYS E 511 -18.46 12.95 30.59
N PRO E 512 -17.53 12.51 31.55
CA PRO E 512 -16.05 12.39 31.34
C PRO E 512 -15.74 11.08 30.75
N GLY E 513 -16.73 10.29 30.55
CA GLY E 513 -16.58 8.99 29.97
C GLY E 513 -17.03 8.00 31.04
N GLU E 514 -17.52 8.51 32.24
CA GLU E 514 -17.98 7.83 33.41
C GLU E 514 -19.43 8.08 33.38
N SER E 515 -20.24 7.00 33.11
CA SER E 515 -21.64 7.22 33.10
C SER E 515 -22.34 5.90 33.17
N GLU E 516 -21.58 4.75 33.36
CA GLU E 516 -22.17 3.46 33.46
C GLU E 516 -21.25 2.44 34.10
N GLU E 517 -20.01 2.83 34.54
CA GLU E 517 -19.06 2.08 35.29
C GLU E 517 -19.48 1.67 36.73
N GLU F 2 34.52 -0.41 4.74
CA GLU F 2 34.04 0.90 5.37
C GLU F 2 35.09 2.02 5.53
N VAL F 3 35.51 2.69 4.41
CA VAL F 3 36.79 3.47 4.47
C VAL F 3 36.50 4.70 3.57
N ALA F 4 37.08 5.84 4.02
CA ALA F 4 37.21 7.03 3.21
C ALA F 4 38.69 7.11 2.81
N ARG F 5 38.97 6.92 1.51
CA ARG F 5 40.27 6.86 1.02
C ARG F 5 40.46 7.97 0.06
N ALA F 6 41.70 8.43 -0.07
CA ALA F 6 42.29 9.37 -0.95
C ALA F 6 41.61 10.74 -1.00
N GLN F 7 40.85 11.13 -2.09
CA GLN F 7 40.10 12.35 -2.11
C GLN F 7 39.05 12.50 -1.04
N ALA F 8 38.49 11.33 -0.60
CA ALA F 8 37.43 11.24 0.32
C ALA F 8 37.96 11.50 1.70
N ALA F 9 39.18 11.02 1.99
CA ALA F 9 39.85 11.30 3.28
C ALA F 9 40.21 12.78 3.42
N LEU F 10 40.73 13.48 2.38
CA LEU F 10 41.13 14.89 2.56
C LEU F 10 39.90 15.79 2.79
N ALA F 11 38.78 15.44 2.09
CA ALA F 11 37.42 16.10 1.99
C ALA F 11 36.77 16.30 3.28
N VAL F 12 36.82 15.26 4.12
CA VAL F 12 36.33 15.27 5.51
C VAL F 12 37.03 16.32 6.42
N ASN F 13 38.38 16.44 6.34
CA ASN F 13 39.05 17.43 7.12
C ASN F 13 38.79 18.85 6.75
N ILE F 14 38.69 19.22 5.43
CA ILE F 14 38.60 20.56 4.99
C ILE F 14 37.20 21.10 5.33
N SER F 15 36.20 20.27 5.20
CA SER F 15 34.81 20.60 5.41
C SER F 15 34.59 20.99 6.78
N ALA F 16 35.20 20.34 7.79
CA ALA F 16 35.10 20.63 9.18
C ALA F 16 35.70 21.81 9.67
N ALA F 17 36.97 22.10 9.15
CA ALA F 17 37.77 23.25 9.48
C ALA F 17 36.98 24.48 9.08
N ARG F 18 36.25 24.37 7.94
CA ARG F 18 35.56 25.38 7.28
C ARG F 18 34.34 25.92 8.07
N GLY F 19 33.57 25.07 8.78
CA GLY F 19 32.44 25.40 9.64
C GLY F 19 32.82 25.94 10.96
N LEU F 20 34.01 25.41 11.43
CA LEU F 20 34.55 25.79 12.71
C LEU F 20 35.03 27.23 12.82
N GLN F 21 35.73 27.61 11.77
CA GLN F 21 36.36 28.87 11.44
C GLN F 21 35.43 29.98 11.61
N ASP F 22 34.14 29.71 11.27
CA ASP F 22 33.05 30.64 11.40
C ASP F 22 32.84 31.08 12.83
N VAL F 23 32.90 30.08 13.77
CA VAL F 23 32.64 30.27 15.13
C VAL F 23 33.64 31.07 15.83
N LEU F 24 34.90 30.73 15.57
CA LEU F 24 35.99 31.30 16.34
C LEU F 24 36.64 32.49 15.65
N ARG F 25 35.98 33.05 14.67
CA ARG F 25 36.29 34.44 14.17
C ARG F 25 35.51 35.50 14.92
N THR F 26 34.37 35.11 15.50
CA THR F 26 33.50 35.91 16.34
C THR F 26 33.86 35.55 17.79
N ASN F 27 35.16 35.63 18.11
CA ASN F 27 35.87 35.54 19.38
C ASN F 27 37.19 36.24 19.21
N LEU F 28 37.62 36.49 17.97
CA LEU F 28 38.85 37.12 17.55
C LEU F 28 38.93 38.60 17.87
N GLY F 29 39.92 39.02 18.71
CA GLY F 29 40.21 40.32 19.13
C GLY F 29 39.12 40.88 19.94
N PRO F 30 39.11 42.12 20.26
CA PRO F 30 37.99 42.71 21.02
C PRO F 30 36.72 42.86 20.29
N LYS F 31 36.79 42.93 18.93
CA LYS F 31 35.60 43.08 18.05
C LYS F 31 34.91 41.82 17.86
N GLY F 32 35.49 40.66 18.37
CA GLY F 32 34.77 39.41 18.35
C GLY F 32 33.59 39.42 19.36
N THR F 33 32.76 38.34 19.45
CA THR F 33 31.53 38.46 20.16
C THR F 33 31.62 37.45 21.23
N MET F 34 31.01 37.70 22.42
CA MET F 34 31.00 36.73 23.52
C MET F 34 30.16 35.55 23.16
N LYS F 35 30.46 34.34 23.74
CA LYS F 35 29.66 33.16 23.44
C LYS F 35 29.25 32.48 24.71
N MET F 36 28.13 31.69 24.72
CA MET F 36 27.68 31.04 25.97
C MET F 36 27.50 29.62 25.43
N LEU F 37 27.48 28.64 26.39
CA LEU F 37 27.10 27.25 26.13
C LEU F 37 25.98 26.88 27.08
N VAL F 38 25.07 26.17 26.44
CA VAL F 38 24.00 25.42 26.99
C VAL F 38 24.00 24.22 26.10
N SER F 39 25.01 24.14 25.16
CA SER F 39 25.03 23.10 24.20
C SER F 39 26.03 22.08 24.68
N GLY F 40 26.85 22.46 25.71
CA GLY F 40 27.76 21.59 26.39
C GLY F 40 27.14 20.70 27.46
N ALA F 41 26.05 21.09 28.17
CA ALA F 41 25.57 20.34 29.27
C ALA F 41 24.20 20.90 29.66
N GLY F 42 23.80 22.01 29.11
CA GLY F 42 22.49 22.57 29.44
C GLY F 42 22.50 23.74 30.42
N ASP F 43 23.61 23.86 31.22
CA ASP F 43 23.78 24.89 32.29
C ASP F 43 24.38 26.10 31.62
N ILE F 44 24.53 27.33 32.32
CA ILE F 44 24.78 28.57 31.58
C ILE F 44 26.25 28.99 31.84
N LYS F 45 27.05 28.88 30.81
CA LYS F 45 28.44 29.25 30.88
C LYS F 45 28.66 30.47 30.03
N LEU F 46 29.56 31.42 30.39
CA LEU F 46 29.90 32.62 29.65
C LEU F 46 31.38 32.60 29.59
N THR F 47 31.83 32.49 28.31
CA THR F 47 33.20 32.17 28.00
C THR F 47 33.54 32.84 26.74
N LYS F 48 34.81 33.35 26.58
CA LYS F 48 35.21 33.98 25.36
C LYS F 48 36.69 33.70 25.23
N ASP F 49 37.01 32.36 25.03
CA ASP F 49 38.40 31.87 24.80
C ASP F 49 38.24 30.69 23.91
N GLY F 50 39.18 30.44 22.95
CA GLY F 50 39.03 29.43 21.90
C GLY F 50 39.20 27.97 22.26
N ASN F 51 40.15 27.74 23.14
CA ASN F 51 40.47 26.42 23.74
C ASN F 51 39.35 26.03 24.64
N VAL F 52 38.94 26.95 25.46
CA VAL F 52 37.99 26.63 26.51
C VAL F 52 36.73 26.21 25.98
N LEU F 53 36.21 26.95 24.97
CA LEU F 53 34.96 26.70 24.25
C LEU F 53 34.85 25.29 23.54
N LEU F 54 36.00 24.75 22.99
CA LEU F 54 36.19 23.43 22.48
C LEU F 54 36.03 22.36 23.55
N HIS F 55 36.53 22.53 24.78
CA HIS F 55 36.37 21.56 25.83
C HIS F 55 34.94 21.35 26.32
N GLU F 56 34.21 22.54 26.48
CA GLU F 56 32.83 22.67 27.04
C GLU F 56 31.79 22.11 26.23
N MET F 57 31.92 22.26 24.87
CA MET F 57 31.07 21.57 23.95
C MET F 57 31.29 20.12 23.92
N GLN F 58 30.50 19.40 23.12
CA GLN F 58 30.63 17.96 22.85
C GLN F 58 31.20 17.80 21.50
N ILE F 59 32.50 17.41 21.35
CA ILE F 59 33.23 17.23 20.11
C ILE F 59 33.45 15.79 19.83
N GLN F 60 32.88 15.34 18.70
CA GLN F 60 32.96 13.95 18.19
C GLN F 60 33.72 13.91 16.91
N HIS F 61 33.99 15.09 16.22
CA HIS F 61 34.48 15.11 14.85
C HIS F 61 35.96 14.97 14.96
N PRO F 62 36.72 14.16 14.24
CA PRO F 62 38.12 13.95 14.50
C PRO F 62 38.94 15.19 14.24
N THR F 63 38.57 16.07 13.28
CA THR F 63 39.34 17.23 12.90
C THR F 63 39.12 18.28 13.88
N ALA F 64 37.87 18.38 14.49
CA ALA F 64 37.64 19.43 15.49
C ALA F 64 38.40 19.16 16.74
N SER F 65 38.41 17.80 17.12
CA SER F 65 39.03 17.25 18.30
C SER F 65 40.45 17.50 18.16
N LEU F 66 41.14 17.35 16.95
CA LEU F 66 42.58 17.41 16.80
C LEU F 66 43.03 18.86 17.10
N ILE F 67 42.27 19.80 16.52
CA ILE F 67 42.49 21.18 16.71
C ILE F 67 42.37 21.58 18.21
N ALA F 68 41.42 21.00 18.98
CA ALA F 68 41.32 21.18 20.35
C ALA F 68 42.43 20.68 21.21
N LYS F 69 43.12 19.58 20.73
CA LYS F 69 44.20 18.99 21.50
C LYS F 69 45.49 19.84 21.48
N VAL F 70 45.86 20.32 20.23
CA VAL F 70 47.03 21.13 20.03
C VAL F 70 46.91 22.54 20.69
N ALA F 71 45.61 22.87 20.89
CA ALA F 71 45.09 24.07 21.40
C ALA F 71 45.41 24.25 22.83
N THR F 72 45.43 23.08 23.50
CA THR F 72 45.60 22.87 24.93
C THR F 72 46.97 23.40 25.30
N ALA F 73 48.08 23.06 24.50
CA ALA F 73 49.38 23.50 24.71
C ALA F 73 49.57 25.00 24.57
N GLN F 74 48.93 25.51 23.51
CA GLN F 74 48.99 26.94 23.31
C GLN F 74 48.33 27.68 24.42
N ASP F 75 47.19 27.16 24.91
CA ASP F 75 46.42 27.87 25.88
C ASP F 75 47.16 28.09 27.24
N ASP F 76 47.93 27.08 27.67
CA ASP F 76 48.78 27.08 28.88
C ASP F 76 49.76 28.27 28.80
N ILE F 77 50.40 28.45 27.61
CA ILE F 77 51.63 29.27 27.61
C ILE F 77 51.30 30.77 27.43
N THR F 78 50.40 31.03 26.47
CA THR F 78 50.05 32.39 26.12
C THR F 78 48.64 32.72 26.53
N GLY F 79 47.64 31.84 26.26
CA GLY F 79 46.16 31.97 26.58
C GLY F 79 45.49 32.97 25.68
N ASP F 80 46.31 33.51 24.76
CA ASP F 80 45.80 34.38 23.72
C ASP F 80 46.26 33.66 22.42
N GLY F 81 45.68 33.93 21.27
CA GLY F 81 46.07 33.38 19.99
C GLY F 81 45.44 32.06 19.70
N THR F 82 44.60 31.60 20.66
CA THR F 82 43.85 30.41 20.54
C THR F 82 42.51 30.66 19.91
N THR F 83 42.11 31.92 19.92
CA THR F 83 40.99 32.40 19.14
C THR F 83 41.45 32.39 17.63
N SER F 84 42.71 32.74 17.41
CA SER F 84 43.34 32.78 16.14
C SER F 84 43.70 31.46 15.51
N ASN F 85 43.94 30.37 16.30
CA ASN F 85 44.64 29.12 15.86
C ASN F 85 43.93 28.51 14.75
N VAL F 86 42.56 28.47 14.98
CA VAL F 86 41.58 27.84 14.10
C VAL F 86 41.57 28.55 12.74
N LEU F 87 41.57 29.86 12.73
CA LEU F 87 41.42 30.67 11.51
C LEU F 87 42.49 30.51 10.35
N ILE F 88 43.72 30.42 10.81
CA ILE F 88 44.88 30.26 10.06
C ILE F 88 44.87 28.84 9.56
N ILE F 89 44.42 27.85 10.42
CA ILE F 89 44.39 26.41 9.98
C ILE F 89 43.48 26.29 8.83
N GLY F 90 42.30 26.95 8.82
CA GLY F 90 41.21 26.79 7.88
C GLY F 90 41.51 27.23 6.52
N GLU F 91 42.09 28.44 6.42
CA GLU F 91 42.51 29.10 5.23
C GLU F 91 43.70 28.34 4.66
N LEU F 92 44.51 27.74 5.51
CA LEU F 92 45.70 27.11 5.09
C LEU F 92 45.34 25.91 4.30
N LEU F 93 44.32 25.14 4.76
CA LEU F 93 43.76 24.09 4.03
C LEU F 93 43.09 24.55 2.71
N LYS F 94 42.40 25.71 2.68
CA LYS F 94 41.58 26.12 1.59
C LYS F 94 42.45 26.28 0.41
N GLN F 95 43.66 26.85 0.60
CA GLN F 95 44.57 27.16 -0.43
C GLN F 95 45.03 25.99 -1.09
N ALA F 96 45.25 24.93 -0.26
CA ALA F 96 45.82 23.63 -0.70
C ALA F 96 44.85 22.94 -1.65
N ASP F 97 43.53 23.03 -1.30
CA ASP F 97 42.38 22.33 -1.88
C ASP F 97 42.26 22.71 -3.34
N LEU F 98 42.47 24.04 -3.64
CA LEU F 98 42.28 24.59 -4.99
C LEU F 98 43.26 23.96 -5.89
N TYR F 99 44.54 23.84 -5.49
CA TYR F 99 45.54 23.21 -6.28
C TYR F 99 45.39 21.71 -6.52
N ILE F 100 44.94 20.92 -5.47
CA ILE F 100 44.69 19.56 -5.53
C ILE F 100 43.65 19.17 -6.51
N SER F 101 42.52 19.95 -6.64
CA SER F 101 41.31 19.79 -7.39
C SER F 101 41.70 19.98 -8.86
N GLU F 102 42.70 20.91 -9.16
CA GLU F 102 43.22 21.16 -10.48
C GLU F 102 44.13 20.00 -10.85
N GLY F 103 44.87 19.60 -9.84
CA GLY F 103 45.71 18.47 -10.05
C GLY F 103 47.02 18.70 -9.36
N LEU F 104 47.12 18.39 -8.08
CA LEU F 104 48.30 18.53 -7.32
C LEU F 104 48.35 17.53 -6.20
N HIS F 105 49.63 17.05 -5.89
CA HIS F 105 49.91 16.04 -4.90
C HIS F 105 50.01 16.67 -3.49
N PRO F 106 49.65 15.95 -2.39
CA PRO F 106 49.62 16.57 -1.08
C PRO F 106 51.01 16.81 -0.63
N ARG F 107 51.99 15.96 -1.03
CA ARG F 107 53.33 15.93 -0.54
C ARG F 107 54.15 17.12 -0.96
N ILE F 108 53.88 17.71 -2.16
CA ILE F 108 54.60 18.85 -2.62
C ILE F 108 54.15 20.07 -1.85
N ILE F 109 52.89 20.05 -1.45
CA ILE F 109 52.30 21.05 -0.61
C ILE F 109 53.03 21.17 0.74
N THR F 110 53.34 19.99 1.33
CA THR F 110 53.98 19.77 2.59
C THR F 110 55.41 20.27 2.54
N GLU F 111 56.15 19.92 1.52
CA GLU F 111 57.54 20.37 1.42
C GLU F 111 57.69 21.80 1.53
N GLY F 112 56.72 22.55 0.81
CA GLY F 112 56.71 24.02 0.68
C GLY F 112 56.23 24.68 1.92
N PHE F 113 55.59 23.92 2.82
CA PHE F 113 55.29 24.28 4.16
C PHE F 113 56.50 24.36 5.10
N GLU F 114 57.37 23.38 4.90
CA GLU F 114 58.66 23.29 5.62
C GLU F 114 59.58 24.48 5.38
N ALA F 115 59.69 24.84 4.07
CA ALA F 115 60.39 26.01 3.60
C ALA F 115 59.76 27.25 4.09
N ALA F 116 58.37 27.28 4.11
CA ALA F 116 57.60 28.36 4.60
C ALA F 116 57.78 28.72 6.03
N LYS F 117 57.88 27.70 6.90
CA LYS F 117 58.00 27.77 8.32
C LYS F 117 59.28 28.29 8.79
N GLU F 118 60.37 27.91 8.11
CA GLU F 118 61.71 28.43 8.52
C GLU F 118 61.89 29.96 8.34
N LYS F 119 61.39 30.45 7.17
CA LYS F 119 61.47 31.84 6.77
C LYS F 119 60.62 32.70 7.63
N ALA F 120 59.41 32.21 7.93
CA ALA F 120 58.46 32.84 8.70
C ALA F 120 58.88 33.02 10.08
N LEU F 121 59.58 32.02 10.72
CA LEU F 121 60.10 32.17 12.01
C LEU F 121 61.21 33.16 12.12
N GLN F 122 62.21 33.29 11.12
CA GLN F 122 63.30 34.19 11.06
C GLN F 122 62.78 35.71 10.95
N PHE F 123 61.58 35.88 10.30
CA PHE F 123 60.95 37.14 10.12
C PHE F 123 60.53 37.77 11.48
N LEU F 124 60.08 36.86 12.41
CA LEU F 124 59.77 37.26 13.76
C LEU F 124 61.01 37.95 14.45
N GLU F 125 62.19 37.38 14.27
CA GLU F 125 63.41 37.76 14.83
C GLU F 125 63.86 39.15 14.34
N GLU F 126 63.66 39.47 13.03
CA GLU F 126 64.00 40.74 12.38
C GLU F 126 63.19 41.88 12.88
N VAL F 127 61.89 41.61 12.76
CA VAL F 127 60.87 42.58 12.86
C VAL F 127 60.62 42.94 14.33
N LYS F 128 60.95 42.06 15.35
CA LYS F 128 60.71 42.26 16.79
C LYS F 128 61.31 43.61 17.25
N VAL F 129 60.64 44.35 18.14
CA VAL F 129 61.00 45.63 18.58
C VAL F 129 61.23 45.42 20.03
N SER F 130 62.36 45.93 20.56
CA SER F 130 62.68 45.79 21.96
C SER F 130 61.73 46.76 22.59
N ARG F 131 61.33 46.39 23.84
CA ARG F 131 60.47 47.25 24.70
C ARG F 131 61.22 47.35 26.07
N GLU F 132 60.68 48.14 27.04
CA GLU F 132 61.25 48.13 28.37
C GLU F 132 60.71 46.96 29.19
N MET F 133 60.62 47.21 30.55
CA MET F 133 60.03 46.23 31.52
C MET F 133 59.42 47.03 32.63
N ASP F 134 59.30 48.29 32.31
CA ASP F 134 58.55 49.27 33.00
C ASP F 134 57.10 48.89 33.17
N ARG F 135 56.35 49.68 34.05
CA ARG F 135 54.93 49.52 34.22
C ARG F 135 54.14 49.80 32.94
N GLU F 136 54.52 50.82 32.20
CA GLU F 136 53.76 51.39 31.13
C GLU F 136 53.59 50.44 30.01
N THR F 137 54.72 49.74 29.74
CA THR F 137 54.90 48.74 28.76
C THR F 137 54.17 47.46 29.08
N LEU F 138 54.03 47.05 30.39
CA LEU F 138 53.23 45.96 30.97
C LEU F 138 51.81 46.19 30.99
N ILE F 139 51.37 47.49 30.97
CA ILE F 139 50.04 47.93 31.00
C ILE F 139 49.57 47.54 29.63
N ASP F 140 50.36 47.76 28.54
CA ASP F 140 49.88 47.59 27.24
C ASP F 140 49.83 46.11 26.79
N VAL F 141 50.60 45.22 27.42
CA VAL F 141 50.41 43.79 27.17
C VAL F 141 49.17 43.37 27.95
N ALA F 142 48.95 43.96 29.14
CA ALA F 142 47.89 43.59 30.01
C ALA F 142 46.52 44.01 29.40
N ARG F 143 46.43 45.30 29.01
CA ARG F 143 45.14 45.79 28.53
C ARG F 143 44.63 45.11 27.24
N THR F 144 45.51 44.98 26.22
CA THR F 144 45.06 44.33 24.97
C THR F 144 44.61 42.84 25.17
N SER F 145 45.28 42.10 26.02
CA SER F 145 44.93 40.65 26.25
C SER F 145 43.67 40.39 26.94
N LEU F 146 43.27 41.26 27.93
CA LEU F 146 42.06 41.33 28.70
C LEU F 146 40.91 41.82 27.80
N ARG F 147 41.26 42.69 26.81
CA ARG F 147 40.36 43.22 25.89
C ARG F 147 39.86 42.18 24.95
N THR F 148 40.66 41.17 24.68
CA THR F 148 40.25 39.99 23.94
C THR F 148 39.19 39.30 24.68
N LYS F 149 39.47 39.07 26.05
CA LYS F 149 38.64 38.08 26.74
C LYS F 149 37.47 38.59 27.44
N VAL F 150 37.18 39.92 27.54
CA VAL F 150 36.02 40.47 28.20
C VAL F 150 35.57 41.61 27.19
N HIS F 151 35.03 42.75 27.67
CA HIS F 151 34.60 43.95 26.92
C HIS F 151 35.80 44.88 26.70
N ALA F 152 35.52 46.25 26.69
CA ALA F 152 36.55 47.30 26.79
C ALA F 152 36.38 47.92 28.10
N GLU F 153 35.17 48.07 28.64
CA GLU F 153 34.82 48.63 29.89
C GLU F 153 35.25 47.89 31.09
N LEU F 154 34.94 46.61 31.21
CA LEU F 154 35.33 45.87 32.36
C LEU F 154 36.81 45.54 32.24
N ALA F 155 37.40 45.45 31.02
CA ALA F 155 38.75 45.01 30.82
C ALA F 155 39.74 45.97 31.41
N ASP F 156 39.44 47.31 31.33
CA ASP F 156 40.27 48.43 31.82
C ASP F 156 40.38 48.44 33.30
N VAL F 157 39.34 47.98 34.05
CA VAL F 157 39.40 47.76 35.46
C VAL F 157 40.38 46.60 35.88
N LEU F 158 40.36 45.48 35.11
CA LEU F 158 41.19 44.30 35.41
C LEU F 158 42.60 44.62 35.07
N THR F 159 42.87 45.64 34.23
CA THR F 159 44.26 46.05 33.74
C THR F 159 45.24 46.43 34.86
N GLU F 160 44.68 47.26 35.89
CA GLU F 160 45.38 47.73 37.09
C GLU F 160 45.89 46.60 37.98
N ALA F 161 45.06 45.59 38.20
CA ALA F 161 45.22 44.48 39.17
C ALA F 161 46.31 43.56 38.72
N VAL F 162 46.29 43.33 37.37
CA VAL F 162 47.16 42.39 36.74
C VAL F 162 48.57 42.90 36.75
N VAL F 163 48.86 44.17 36.42
CA VAL F 163 50.12 44.82 36.34
C VAL F 163 50.81 44.99 37.67
N ASP F 164 50.21 45.32 38.78
CA ASP F 164 50.95 45.48 40.03
C ASP F 164 51.47 44.21 40.55
N SER F 165 50.77 43.10 40.25
CA SER F 165 51.20 41.78 40.62
C SER F 165 52.50 41.39 40.01
N ILE F 166 52.69 41.65 38.70
CA ILE F 166 53.94 41.32 37.99
C ILE F 166 55.15 42.10 38.46
N LEU F 167 54.91 43.36 38.88
CA LEU F 167 56.00 44.15 39.45
C LEU F 167 56.51 43.50 40.74
N ALA F 168 55.62 42.97 41.61
CA ALA F 168 55.86 42.32 42.90
C ALA F 168 56.53 41.03 42.73
N ILE F 169 56.35 40.39 41.58
CA ILE F 169 56.92 39.10 41.29
C ILE F 169 58.39 39.21 40.88
N LYS F 170 58.81 40.44 40.50
CA LYS F 170 60.24 40.78 40.21
C LYS F 170 61.08 40.73 41.47
N LYS F 171 60.42 41.03 42.62
CA LYS F 171 60.99 41.15 43.93
C LYS F 171 61.41 39.86 44.46
N GLN F 172 60.56 38.82 44.16
CA GLN F 172 60.88 37.40 44.39
C GLN F 172 61.94 36.89 43.47
N ASP F 173 62.07 37.55 42.31
CA ASP F 173 63.08 37.32 41.26
C ASP F 173 62.71 36.07 40.58
N GLU F 174 61.51 35.94 40.10
CA GLU F 174 61.14 34.87 39.29
C GLU F 174 61.12 35.46 37.97
N PRO F 175 61.29 34.68 36.90
CA PRO F 175 61.26 35.27 35.58
C PRO F 175 59.96 34.77 34.97
N ILE F 176 59.21 33.95 35.79
CA ILE F 176 58.04 33.32 35.49
C ILE F 176 56.99 33.75 36.40
N ASP F 177 55.72 33.28 36.08
CA ASP F 177 54.61 33.36 37.01
C ASP F 177 54.04 32.03 37.20
N LEU F 178 53.77 31.67 38.47
CA LEU F 178 53.23 30.37 38.72
C LEU F 178 52.69 30.60 40.13
N PHE F 179 52.97 31.76 40.78
CA PHE F 179 52.37 32.15 41.94
C PHE F 179 51.98 33.66 41.79
N MET F 180 51.17 34.18 42.70
CA MET F 180 50.35 35.42 42.48
C MET F 180 49.26 35.23 41.48
N ILE F 181 48.57 34.05 41.48
CA ILE F 181 47.54 33.74 40.55
C ILE F 181 46.44 33.29 41.29
N GLU F 182 46.32 33.62 42.64
CA GLU F 182 45.19 33.23 43.43
C GLU F 182 44.05 34.19 43.07
N ILE F 183 42.97 33.61 42.44
CA ILE F 183 41.76 34.30 42.12
C ILE F 183 40.74 33.98 43.15
N MET F 184 40.28 35.03 43.85
CA MET F 184 39.31 34.94 44.94
C MET F 184 38.16 35.82 44.52
N GLU F 185 36.92 35.37 44.89
CA GLU F 185 35.63 35.94 44.45
C GLU F 185 35.03 36.60 45.65
N MET F 186 34.32 37.75 45.42
CA MET F 186 33.66 38.50 46.49
C MET F 186 32.26 38.62 45.95
N LYS F 187 31.26 38.73 46.96
CA LYS F 187 29.77 38.87 46.85
C LYS F 187 29.39 40.33 46.85
N HIS F 188 28.71 40.80 45.74
CA HIS F 188 28.57 42.20 45.43
C HIS F 188 27.31 42.36 44.55
N LYS F 189 26.95 43.60 44.17
CA LYS F 189 25.79 43.92 43.41
C LYS F 189 26.26 44.67 42.17
N SER F 190 27.55 44.61 41.86
CA SER F 190 28.09 45.17 40.64
C SER F 190 29.41 44.51 40.35
N GLU F 191 29.84 44.53 39.07
CA GLU F 191 31.02 43.83 38.72
C GLU F 191 32.08 44.76 38.25
N THR F 192 31.75 46.07 38.15
CA THR F 192 32.67 47.13 37.68
C THR F 192 33.60 47.53 38.85
N ASP F 193 33.94 46.59 39.77
CA ASP F 193 35.02 46.82 40.65
C ASP F 193 35.72 45.46 40.52
N THR F 194 37.10 45.53 40.62
CA THR F 194 38.11 44.54 40.81
C THR F 194 39.08 45.23 41.73
N SER F 195 39.43 44.64 42.90
CA SER F 195 40.30 45.18 43.87
C SER F 195 41.45 44.27 43.99
N LEU F 196 42.58 44.91 44.28
CA LEU F 196 43.82 44.28 44.51
C LEU F 196 44.03 44.11 45.93
N ILE F 197 44.37 42.93 46.44
CA ILE F 197 44.69 42.73 47.79
C ILE F 197 46.04 42.09 47.72
N ARG F 198 46.98 42.71 48.49
CA ARG F 198 48.36 42.36 48.45
C ARG F 198 48.64 41.00 48.93
N GLY F 199 48.13 40.67 50.15
CA GLY F 199 48.37 39.40 50.72
C GLY F 199 47.23 38.59 50.24
N LEU F 200 46.64 37.81 51.22
CA LEU F 200 45.61 36.80 51.00
C LEU F 200 44.33 37.34 51.44
N VAL F 201 43.28 36.60 50.99
CA VAL F 201 41.93 36.82 51.42
C VAL F 201 41.34 35.49 51.93
N LEU F 202 40.38 35.54 52.92
CA LEU F 202 39.89 34.36 53.51
C LEU F 202 38.39 34.41 53.26
N ASP F 203 37.89 33.22 52.75
CA ASP F 203 36.52 32.93 52.41
C ASP F 203 35.49 33.22 53.49
N HIS F 204 35.74 32.71 54.70
CA HIS F 204 35.00 33.09 55.89
C HIS F 204 35.87 33.61 56.97
N GLY F 205 35.24 34.34 57.93
CA GLY F 205 35.99 35.09 58.94
C GLY F 205 35.64 34.42 60.22
N ALA F 206 35.37 35.22 61.29
CA ALA F 206 34.97 34.69 62.55
C ALA F 206 33.47 34.59 62.53
N ARG F 207 32.91 33.66 63.33
CA ARG F 207 31.43 33.51 63.50
C ARG F 207 30.92 34.45 64.51
N HIS F 208 31.79 35.20 65.21
CA HIS F 208 31.48 36.13 66.17
C HIS F 208 32.03 37.46 65.57
N PRO F 209 31.28 38.47 65.29
CA PRO F 209 31.88 39.58 64.55
C PRO F 209 32.67 40.41 65.55
N ASP F 210 33.64 41.13 64.91
CA ASP F 210 34.24 42.27 65.58
C ASP F 210 35.03 41.97 66.86
N MET F 211 35.89 40.92 66.74
CA MET F 211 36.77 40.48 67.83
C MET F 211 37.89 41.52 68.03
N LYS F 212 38.38 41.98 66.92
CA LYS F 212 39.51 42.87 66.85
C LYS F 212 39.62 42.62 65.29
N LYS F 213 38.93 43.53 64.56
CA LYS F 213 38.87 43.42 63.15
C LYS F 213 39.84 44.24 62.37
N ARG F 214 40.74 44.95 63.17
CA ARG F 214 41.93 45.59 62.72
C ARG F 214 43.16 45.08 63.55
N VAL F 215 44.09 44.33 62.93
CA VAL F 215 45.20 43.72 63.69
C VAL F 215 46.41 44.45 63.16
N GLU F 216 47.12 45.15 64.09
CA GLU F 216 48.28 46.00 63.78
C GLU F 216 49.50 45.24 63.51
N ASP F 217 49.63 44.23 64.35
CA ASP F 217 50.76 43.33 64.42
C ASP F 217 50.11 41.98 64.51
N ALA F 218 50.12 41.25 63.35
CA ALA F 218 49.51 39.95 63.21
C ALA F 218 50.50 38.80 63.22
N TYR F 219 50.37 37.84 64.19
CA TYR F 219 51.22 36.63 64.24
C TYR F 219 50.33 35.49 63.92
N ILE F 220 50.47 34.96 62.67
CA ILE F 220 49.60 34.06 62.02
C ILE F 220 50.08 32.72 62.40
N LEU F 221 49.20 31.95 63.10
CA LEU F 221 49.28 30.50 63.28
C LEU F 221 48.19 30.00 62.33
N THR F 222 48.62 29.27 61.30
CA THR F 222 47.68 28.59 60.55
C THR F 222 47.79 27.12 61.05
N CYS F 223 46.61 26.66 61.55
CA CYS F 223 46.41 25.32 62.10
C CYS F 223 45.34 24.70 61.36
N ASN F 224 45.01 23.43 61.69
CA ASN F 224 43.92 22.81 60.98
C ASN F 224 43.34 21.72 61.84
N VAL F 225 43.77 21.58 63.07
CA VAL F 225 43.10 20.68 63.97
C VAL F 225 41.88 21.46 64.49
N SER F 226 40.83 20.66 64.82
CA SER F 226 39.51 21.09 65.14
C SER F 226 39.46 21.51 66.63
N LEU F 227 38.79 22.60 66.97
CA LEU F 227 38.65 23.10 68.34
C LEU F 227 37.17 23.05 68.69
N GLU F 228 36.44 22.36 67.66
CA GLU F 228 35.06 22.09 67.85
C GLU F 228 34.81 20.68 67.34
N TYR F 229 34.12 19.82 68.24
CA TYR F 229 33.72 18.50 67.84
C TYR F 229 32.66 18.15 68.94
N GLU F 230 32.01 19.21 69.43
CA GLU F 230 30.61 19.18 69.71
C GLU F 230 30.32 18.29 70.89
N LYS F 231 29.25 17.46 70.78
CA LYS F 231 28.91 16.59 71.87
C LYS F 231 28.58 15.15 71.37
N THR F 232 28.83 14.87 70.06
CA THR F 232 28.51 13.68 69.35
C THR F 232 29.21 12.46 70.01
N GLU F 233 28.51 11.30 69.99
CA GLU F 233 29.01 10.06 70.63
C GLU F 233 29.55 9.23 69.54
N VAL F 234 30.92 9.00 69.62
CA VAL F 234 31.83 8.40 68.66
C VAL F 234 32.77 7.67 69.52
N ASN F 235 33.60 6.84 68.80
CA ASN F 235 34.40 5.85 69.37
C ASN F 235 35.69 5.84 68.49
N SER F 236 35.53 5.50 67.23
CA SER F 236 36.54 5.65 66.18
C SER F 236 36.01 6.37 64.98
N GLY F 237 34.83 7.00 65.18
CA GLY F 237 34.14 7.77 64.29
C GLY F 237 32.96 7.02 63.79
N PHE F 238 32.61 5.90 64.42
CA PHE F 238 31.43 5.21 64.13
C PHE F 238 30.79 4.78 65.42
N PHE F 239 29.52 4.35 65.41
CA PHE F 239 28.73 3.80 66.51
C PHE F 239 29.43 2.50 67.02
N TYR F 240 29.27 2.19 68.28
CA TYR F 240 29.80 1.01 68.88
C TYR F 240 28.64 0.38 69.61
N LYS F 241 28.77 -0.93 70.00
CA LYS F 241 27.69 -1.68 70.58
C LYS F 241 27.15 -1.20 71.89
N SER F 242 27.98 -0.62 72.75
CA SER F 242 27.50 -0.15 74.04
C SER F 242 27.64 1.37 74.05
N ALA F 243 26.69 2.04 74.78
CA ALA F 243 26.68 3.46 74.96
C ALA F 243 27.92 3.95 75.57
N GLU F 244 28.30 3.28 76.68
CA GLU F 244 29.30 3.66 77.61
C GLU F 244 30.70 3.71 77.01
N GLU F 245 31.05 2.73 76.16
CA GLU F 245 32.35 2.68 75.50
C GLU F 245 32.63 3.85 74.61
N ARG F 246 31.56 4.33 73.87
CA ARG F 246 31.65 5.51 73.07
C ARG F 246 31.84 6.78 73.83
N GLU F 247 31.15 6.88 75.00
CA GLU F 247 31.21 8.00 75.89
C GLU F 247 32.52 8.35 76.49
N LYS F 248 33.29 7.35 76.84
CA LYS F 248 34.54 7.46 77.46
C LYS F 248 35.59 8.19 76.65
N LEU F 249 35.46 8.05 75.30
CA LEU F 249 36.25 8.67 74.33
C LEU F 249 35.84 10.08 74.14
N VAL F 250 34.49 10.36 74.36
CA VAL F 250 33.94 11.72 74.17
C VAL F 250 34.55 12.65 75.13
N LYS F 251 34.66 12.27 76.42
CA LYS F 251 35.44 12.96 77.45
C LYS F 251 36.85 13.26 77.13
N ALA F 252 37.60 12.25 76.50
CA ALA F 252 39.03 12.52 76.39
C ALA F 252 39.31 13.48 75.20
N GLU F 253 38.44 13.42 74.19
CA GLU F 253 38.48 14.14 72.93
C GLU F 253 38.20 15.64 73.18
N ARG F 254 37.13 15.89 74.04
CA ARG F 254 36.77 17.18 74.47
C ARG F 254 37.82 17.84 75.38
N LYS F 255 38.36 17.00 76.20
CA LYS F 255 39.47 17.40 77.02
C LYS F 255 40.67 17.83 76.27
N PHE F 256 41.06 17.07 75.21
CA PHE F 256 42.12 17.44 74.23
C PHE F 256 41.98 18.75 73.58
N ILE F 257 40.76 19.13 73.22
CA ILE F 257 40.35 20.39 72.60
C ILE F 257 40.55 21.53 73.58
N GLU F 258 40.17 21.27 74.87
CA GLU F 258 40.29 22.27 75.92
C GLU F 258 41.69 22.75 76.12
N ASP F 259 42.62 21.76 76.06
CA ASP F 259 44.03 22.11 76.31
C ASP F 259 44.55 22.93 75.12
N ARG F 260 44.11 22.62 73.93
CA ARG F 260 44.57 23.32 72.70
C ARG F 260 44.06 24.74 72.63
N VAL F 261 42.85 24.99 73.20
CA VAL F 261 42.34 26.33 73.29
C VAL F 261 43.11 27.13 74.33
N LYS F 262 43.58 26.42 75.35
CA LYS F 262 44.40 26.99 76.39
C LYS F 262 45.74 27.42 75.83
N LYS F 263 46.28 26.66 74.86
CA LYS F 263 47.58 27.02 74.33
C LYS F 263 47.49 28.35 73.56
N ILE F 264 46.39 28.71 72.91
CA ILE F 264 46.20 30.02 72.38
C ILE F 264 46.35 31.05 73.48
N ILE F 265 45.84 30.89 74.72
CA ILE F 265 45.86 31.88 75.83
C ILE F 265 47.38 32.05 76.22
N GLU F 266 48.20 30.98 76.36
CA GLU F 266 49.63 31.07 76.77
C GLU F 266 50.53 31.68 75.71
N LEU F 267 50.16 31.32 74.45
CA LEU F 267 50.84 31.79 73.18
C LEU F 267 50.75 33.30 73.03
N LYS F 268 49.57 33.93 73.43
CA LYS F 268 49.40 35.37 73.28
C LYS F 268 50.39 36.09 74.17
N ARG F 269 50.53 35.73 75.47
CA ARG F 269 51.63 36.28 76.35
C ARG F 269 53.00 36.06 75.79
N LYS F 270 53.36 34.85 75.30
CA LYS F 270 54.73 34.56 74.92
C LYS F 270 55.19 35.32 73.65
N VAL F 271 54.31 35.38 72.65
CA VAL F 271 54.64 36.08 71.48
C VAL F 271 54.33 37.60 71.66
N CYS F 272 53.13 37.87 72.17
CA CYS F 272 52.63 39.18 72.39
C CYS F 272 53.06 39.61 73.79
N GLY F 273 52.28 39.45 74.89
CA GLY F 273 52.71 40.06 76.10
C GLY F 273 52.05 41.37 76.44
N ASP F 274 51.30 41.92 75.45
CA ASP F 274 50.62 43.23 75.47
C ASP F 274 49.39 43.01 74.57
N SER F 275 48.45 43.94 74.58
CA SER F 275 47.32 43.88 73.61
C SER F 275 47.50 44.98 72.60
N ASP F 276 48.78 45.45 72.63
CA ASP F 276 49.31 46.47 71.76
C ASP F 276 49.70 45.78 70.47
N LYS F 277 49.58 44.46 70.50
CA LYS F 277 49.85 43.51 69.42
C LYS F 277 48.72 42.59 69.47
N GLY F 278 48.34 42.16 68.20
CA GLY F 278 47.31 41.23 68.15
C GLY F 278 47.82 39.94 67.95
N PHE F 279 46.89 38.97 67.81
CA PHE F 279 47.28 37.59 67.50
C PHE F 279 46.23 37.02 66.54
N VAL F 280 46.68 36.36 65.43
CA VAL F 280 45.80 35.78 64.39
C VAL F 280 45.90 34.30 64.46
N VAL F 281 44.74 33.68 64.32
CA VAL F 281 44.55 32.27 64.30
C VAL F 281 43.84 32.02 62.99
N ILE F 282 44.13 31.00 62.17
CA ILE F 282 43.24 30.70 61.11
C ILE F 282 43.13 29.23 61.20
N ASN F 283 41.87 28.77 61.43
CA ASN F 283 41.57 27.41 61.60
C ASN F 283 40.64 27.09 60.52
N GLN F 284 40.83 25.92 59.89
CA GLN F 284 40.17 25.54 58.67
C GLN F 284 39.00 24.74 59.08
N LYS F 285 38.93 24.42 60.43
CA LYS F 285 37.94 23.73 61.11
C LYS F 285 37.36 24.69 62.10
N GLY F 286 36.13 24.36 62.65
CA GLY F 286 35.38 25.15 63.60
C GLY F 286 36.13 25.57 64.86
N ILE F 287 35.48 26.53 65.61
CA ILE F 287 35.86 26.89 66.92
C ILE F 287 34.50 27.22 67.58
N ASP F 288 34.38 26.67 68.83
CA ASP F 288 33.25 26.97 69.76
C ASP F 288 32.96 28.53 69.92
N PRO F 289 31.69 28.89 70.09
CA PRO F 289 31.25 30.17 70.34
C PRO F 289 31.75 30.62 71.68
N PHE F 290 31.95 29.65 72.63
CA PHE F 290 32.44 29.95 73.93
C PHE F 290 33.86 30.50 73.94
N SER F 291 34.75 29.88 73.11
CA SER F 291 36.15 30.05 72.96
C SER F 291 36.56 31.37 72.36
N LEU F 292 35.67 31.90 71.44
CA LEU F 292 35.74 33.20 70.77
C LEU F 292 35.56 34.34 71.67
N ASP F 293 34.75 34.24 72.74
CA ASP F 293 34.51 35.36 73.61
C ASP F 293 35.77 35.61 74.44
N ALA F 294 36.39 34.52 74.96
CA ALA F 294 37.57 34.52 75.79
C ALA F 294 38.83 35.10 75.04
N LEU F 295 38.98 34.56 73.81
CA LEU F 295 39.99 35.04 72.87
C LEU F 295 39.82 36.47 72.46
N SER F 296 38.57 36.89 72.23
CA SER F 296 38.28 38.21 71.80
C SER F 296 38.68 39.33 72.71
N LYS F 297 38.39 39.17 74.10
CA LYS F 297 38.75 40.13 75.13
C LYS F 297 40.27 40.29 75.28
N GLU F 298 41.05 39.19 75.04
CA GLU F 298 42.51 39.17 75.08
C GLU F 298 43.01 39.96 73.86
N GLY F 299 42.23 40.00 72.74
CA GLY F 299 42.55 40.94 71.63
C GLY F 299 43.12 39.99 70.57
N ILE F 300 42.46 38.78 70.43
CA ILE F 300 42.76 37.74 69.45
C ILE F 300 41.50 37.64 68.59
N VAL F 301 41.76 37.55 67.24
CA VAL F 301 40.85 37.30 66.18
C VAL F 301 41.28 35.88 65.83
N ALA F 302 40.22 35.02 65.89
CA ALA F 302 40.18 33.61 65.57
C ALA F 302 39.18 33.35 64.51
N LEU F 303 39.69 32.64 63.39
CA LEU F 303 38.89 32.45 62.19
C LEU F 303 38.58 30.99 62.16
N ARG F 304 37.37 30.66 61.63
CA ARG F 304 36.81 29.38 61.59
C ARG F 304 36.37 29.15 60.19
N ARG F 305 36.43 27.85 59.76
CA ARG F 305 35.95 27.34 58.50
C ARG F 305 36.65 28.01 57.31
N ALA F 306 37.97 27.98 57.30
CA ALA F 306 38.82 28.37 56.17
C ALA F 306 39.21 27.20 55.43
N LYS F 307 39.71 27.39 54.19
CA LYS F 307 39.96 26.29 53.26
C LYS F 307 41.38 25.81 53.32
N ARG F 308 41.62 24.66 52.68
CA ARG F 308 42.99 24.06 52.55
C ARG F 308 43.83 24.90 51.66
N ARG F 309 43.25 25.57 50.57
CA ARG F 309 43.93 26.48 49.60
C ARG F 309 44.47 27.75 50.25
N ASN F 310 43.70 28.27 51.28
CA ASN F 310 44.09 29.44 52.10
C ASN F 310 45.31 29.25 52.93
N MET F 311 45.31 28.05 53.60
CA MET F 311 46.41 27.52 54.35
C MET F 311 47.76 27.37 53.67
N GLU F 312 47.83 26.80 52.38
CA GLU F 312 49.07 26.58 51.64
C GLU F 312 49.70 27.99 51.24
N ARG F 313 48.83 28.92 50.75
CA ARG F 313 49.08 30.25 50.31
C ARG F 313 49.67 31.09 51.44
N LEU F 314 49.10 30.95 52.68
CA LEU F 314 49.54 31.67 53.87
C LEU F 314 50.97 31.27 54.23
N THR F 315 51.23 29.97 54.13
CA THR F 315 52.51 29.38 54.45
C THR F 315 53.52 29.91 53.51
N LEU F 316 53.32 30.08 52.18
CA LEU F 316 54.22 30.76 51.34
C LEU F 316 54.38 32.23 51.56
N ALA F 317 53.26 32.94 51.48
CA ALA F 317 53.39 34.41 51.54
C ALA F 317 53.90 35.05 52.80
N CYS F 318 53.27 34.58 53.98
CA CYS F 318 53.42 35.17 55.25
C CYS F 318 54.70 34.83 55.93
N GLY F 319 55.24 33.68 55.51
CA GLY F 319 56.34 33.02 56.10
C GLY F 319 55.85 32.09 57.28
N GLY F 320 54.54 31.79 57.28
CA GLY F 320 53.84 31.10 58.38
C GLY F 320 54.23 29.67 58.44
N VAL F 321 53.63 28.89 59.34
CA VAL F 321 53.72 27.48 59.43
C VAL F 321 52.36 26.89 59.37
N ALA F 322 52.32 25.56 59.09
CA ALA F 322 51.04 24.87 59.12
C ALA F 322 51.34 23.71 60.02
N LEU F 323 50.59 23.64 61.13
CA LEU F 323 50.84 22.69 62.17
C LEU F 323 49.48 22.11 62.55
N ASN F 324 49.70 20.84 63.01
CA ASN F 324 48.66 19.90 63.48
C ASN F 324 48.56 19.95 65.01
N SER F 325 49.26 20.95 65.63
CA SER F 325 49.30 21.20 67.07
C SER F 325 49.29 22.75 67.16
N PHE F 326 49.26 23.27 68.42
CA PHE F 326 49.15 24.63 68.79
C PHE F 326 50.46 24.82 69.52
N ASP F 327 50.46 24.46 70.81
CA ASP F 327 51.54 24.60 71.76
C ASP F 327 52.01 26.06 71.99
N ASP F 328 53.20 26.24 72.51
CA ASP F 328 53.89 27.44 72.82
C ASP F 328 55.07 27.51 71.92
N LEU F 329 54.93 28.44 70.86
CA LEU F 329 55.82 28.56 69.75
C LEU F 329 56.26 30.01 69.78
N SER F 330 57.56 30.21 69.36
CA SER F 330 58.21 31.53 69.25
C SER F 330 57.71 32.25 68.01
N PRO F 331 57.82 33.58 67.89
CA PRO F 331 57.37 34.35 66.78
C PRO F 331 58.26 34.10 65.60
N ASP F 332 59.39 33.33 65.72
CA ASP F 332 60.43 33.04 64.75
C ASP F 332 59.89 32.08 63.78
N CYS F 333 59.16 31.04 64.29
CA CYS F 333 58.37 30.10 63.55
C CYS F 333 57.08 30.64 62.82
N LEU F 334 56.25 31.50 63.54
CA LEU F 334 55.04 32.07 63.04
C LEU F 334 55.46 33.14 62.03
N GLY F 335 54.62 33.32 60.97
CA GLY F 335 54.77 34.33 59.97
C GLY F 335 54.21 35.66 60.52
N HIS F 336 54.48 36.82 59.86
CA HIS F 336 53.97 38.07 60.30
C HIS F 336 53.36 38.69 59.11
N ALA F 337 52.28 39.46 59.33
CA ALA F 337 51.67 40.26 58.31
C ALA F 337 51.66 41.57 58.95
N GLY F 338 51.93 42.62 58.11
CA GLY F 338 51.91 44.01 58.52
C GLY F 338 50.53 44.56 58.82
N LEU F 339 49.48 43.97 58.22
CA LEU F 339 48.15 44.49 58.37
C LEU F 339 47.12 43.46 58.17
N VAL F 340 46.04 43.61 58.91
CA VAL F 340 44.82 42.76 58.83
C VAL F 340 43.66 43.71 58.89
N TYR F 341 42.66 43.56 57.99
CA TYR F 341 41.48 44.38 57.99
C TYR F 341 40.36 43.40 57.53
N GLU F 342 39.11 43.67 58.02
CA GLU F 342 38.00 42.82 57.72
C GLU F 342 37.08 43.70 56.93
N TYR F 343 36.65 43.29 55.69
CA TYR F 343 35.79 44.18 54.84
C TYR F 343 34.57 43.38 54.51
N THR F 344 33.40 43.92 54.91
CA THR F 344 32.10 43.23 54.88
C THR F 344 31.44 43.95 53.73
N LEU F 345 30.95 43.14 52.82
CA LEU F 345 30.38 43.57 51.58
C LEU F 345 29.72 42.36 51.04
N GLY F 346 28.47 42.48 50.68
CA GLY F 346 27.63 41.41 50.24
C GLY F 346 27.09 40.71 51.49
N GLU F 347 26.84 39.40 51.34
CA GLU F 347 26.21 38.56 52.38
C GLU F 347 27.23 37.68 53.13
N GLU F 348 28.48 37.89 52.73
CA GLU F 348 29.58 37.15 53.29
C GLU F 348 30.72 38.15 53.46
N LYS F 349 31.39 38.10 54.65
CA LYS F 349 32.40 39.01 55.06
C LYS F 349 33.71 38.23 54.98
N PHE F 350 34.70 38.93 54.39
CA PHE F 350 36.00 38.40 53.95
C PHE F 350 37.01 39.16 54.72
N THR F 351 37.80 38.39 55.52
CA THR F 351 38.89 38.92 56.32
C THR F 351 40.10 38.88 55.41
N PHE F 352 40.73 40.02 55.20
CA PHE F 352 41.92 40.26 54.43
C PHE F 352 43.00 40.24 55.34
N ILE F 353 44.19 39.69 54.90
CA ILE F 353 45.44 39.57 55.71
C ILE F 353 46.51 40.01 54.69
N GLU F 354 46.76 41.38 54.75
CA GLU F 354 47.49 42.01 53.62
C GLU F 354 48.72 42.69 54.17
N LYS F 355 49.59 43.06 53.26
CA LYS F 355 50.90 43.70 53.48
C LYS F 355 51.70 42.64 54.21
N CYS F 356 51.81 41.41 53.70
CA CYS F 356 52.48 40.28 54.26
C CYS F 356 53.94 40.65 54.12
N ASN F 357 54.80 40.12 55.03
CA ASN F 357 56.22 40.16 54.84
C ASN F 357 56.58 38.81 54.23
N ASN F 358 57.56 38.84 53.27
CA ASN F 358 58.06 37.81 52.42
C ASN F 358 57.05 37.29 51.41
N PRO F 359 56.16 38.10 50.79
CA PRO F 359 55.09 37.59 49.94
C PRO F 359 55.60 36.74 48.75
N ARG F 360 54.69 35.98 48.16
CA ARG F 360 54.92 35.32 46.92
C ARG F 360 53.54 35.03 46.43
N SER F 361 52.53 35.58 47.06
CA SER F 361 51.18 35.44 46.60
C SER F 361 50.45 36.71 46.89
N VAL F 362 49.75 37.15 45.75
CA VAL F 362 48.93 38.26 45.60
C VAL F 362 47.62 37.61 45.22
N THR F 363 46.55 38.30 45.49
CA THR F 363 45.24 37.82 45.33
C THR F 363 44.64 38.98 44.61
N LEU F 364 43.94 38.51 43.51
CA LEU F 364 43.22 39.46 42.76
C LEU F 364 41.79 39.23 43.02
N LEU F 365 41.18 40.20 43.64
CA LEU F 365 39.87 40.08 44.32
C LEU F 365 38.84 40.75 43.33
N ILE F 366 38.08 39.85 42.67
CA ILE F 366 37.06 40.16 41.72
C ILE F 366 35.72 40.25 42.38
N LYS F 367 35.05 41.37 42.35
CA LYS F 367 33.71 41.54 42.84
C LYS F 367 32.78 41.43 41.74
N GLY F 368 31.57 40.89 42.04
CA GLY F 368 30.67 40.44 41.07
C GLY F 368 29.36 39.92 41.78
N PRO F 369 28.35 39.62 41.02
CA PRO F 369 27.03 39.32 41.58
C PRO F 369 26.79 37.82 41.88
N ASN F 370 27.79 37.00 41.49
CA ASN F 370 27.80 35.56 41.60
C ASN F 370 26.95 34.93 40.51
N LYS F 371 26.90 35.66 39.36
CA LYS F 371 26.37 35.10 38.08
C LYS F 371 27.53 34.55 37.31
N HIS F 372 27.23 34.13 36.11
CA HIS F 372 28.17 33.67 35.13
C HIS F 372 29.07 34.78 34.66
N THR F 373 28.71 36.04 34.88
CA THR F 373 29.50 37.25 34.51
C THR F 373 30.81 37.21 35.40
N LEU F 374 30.67 36.90 36.73
CA LEU F 374 31.81 36.81 37.64
C LEU F 374 32.67 35.66 37.25
N THR F 375 32.12 34.54 36.64
CA THR F 375 32.98 33.53 36.05
C THR F 375 33.63 34.03 34.73
N GLN F 376 32.97 34.91 33.96
CA GLN F 376 33.51 35.43 32.78
C GLN F 376 34.75 36.30 33.03
N ILE F 377 34.72 37.22 34.05
CA ILE F 377 35.93 38.01 34.37
C ILE F 377 37.02 37.09 34.94
N LYS F 378 36.63 35.89 35.58
CA LYS F 378 37.66 34.93 36.12
C LYS F 378 38.51 34.38 35.01
N ASP F 379 37.94 33.99 33.91
CA ASP F 379 38.68 33.39 32.80
C ASP F 379 39.33 34.42 31.88
N ALA F 380 38.89 35.72 31.97
CA ALA F 380 39.53 36.82 31.30
C ALA F 380 40.79 37.19 31.94
N VAL F 381 40.72 37.25 33.31
CA VAL F 381 41.80 37.54 34.21
C VAL F 381 42.93 36.51 34.24
N ARG F 382 42.47 35.24 34.09
CA ARG F 382 43.30 34.04 33.93
C ARG F 382 44.26 34.14 32.83
N ASP F 383 43.78 34.39 31.62
CA ASP F 383 44.66 34.47 30.46
C ASP F 383 45.37 35.78 30.29
N GLY F 384 45.00 36.83 31.06
CA GLY F 384 45.64 38.11 31.04
C GLY F 384 46.91 37.99 31.88
N LEU F 385 46.91 37.13 32.96
CA LEU F 385 48.12 36.80 33.75
C LEU F 385 49.16 36.06 32.93
N ARG F 386 48.74 35.09 32.05
CA ARG F 386 49.58 34.32 31.17
C ARG F 386 50.14 35.11 30.07
N ALA F 387 49.45 36.18 29.68
CA ALA F 387 49.92 37.16 28.69
C ALA F 387 51.04 37.96 29.13
N VAL F 388 50.96 38.57 30.35
CA VAL F 388 51.98 39.49 30.85
C VAL F 388 53.13 38.68 31.36
N LYS F 389 53.01 37.39 31.60
CA LYS F 389 54.04 36.47 31.89
C LYS F 389 55.02 36.36 30.69
N ASN F 390 54.51 36.30 29.46
CA ASN F 390 55.24 36.20 28.25
C ASN F 390 56.14 37.44 28.12
N ALA F 391 55.59 38.66 28.47
CA ALA F 391 56.33 39.90 28.29
C ALA F 391 57.63 39.84 29.11
N ILE F 392 57.62 39.21 30.32
CA ILE F 392 58.72 38.97 31.18
C ILE F 392 59.64 37.95 30.57
N ASP F 393 59.06 36.79 29.91
CA ASP F 393 59.79 35.77 29.19
C ASP F 393 60.64 36.29 28.07
N ASP F 394 60.07 36.97 27.03
CA ASP F 394 60.69 37.57 25.89
C ASP F 394 61.18 38.88 26.31
N GLY F 395 61.92 39.58 25.43
CA GLY F 395 62.37 40.90 25.65
C GLY F 395 61.61 41.84 24.73
N CYS F 396 60.81 41.33 23.83
CA CYS F 396 60.46 42.09 22.75
C CYS F 396 58.98 41.77 22.48
N VAL F 397 58.22 42.88 22.25
CA VAL F 397 56.75 42.85 22.11
C VAL F 397 56.48 43.72 20.92
N VAL F 398 55.70 43.18 19.93
CA VAL F 398 55.49 43.85 18.73
C VAL F 398 54.16 44.56 18.72
N PRO F 399 53.86 45.56 17.99
CA PRO F 399 52.47 46.03 17.79
C PRO F 399 51.66 45.02 16.92
N GLY F 400 50.42 44.61 17.34
CA GLY F 400 49.61 43.62 16.70
C GLY F 400 48.49 44.19 15.94
N ALA F 401 47.37 43.53 16.13
CA ALA F 401 46.19 43.77 15.35
C ALA F 401 46.35 43.44 13.87
N GLY F 402 47.08 42.28 13.62
CA GLY F 402 47.21 41.74 12.29
C GLY F 402 48.21 42.53 11.50
N ALA F 403 49.03 43.42 12.19
CA ALA F 403 50.11 44.21 11.71
C ALA F 403 51.31 43.28 11.35
N VAL F 404 51.56 42.33 12.22
CA VAL F 404 52.67 41.45 12.16
C VAL F 404 52.46 40.53 11.02
N GLU F 405 51.25 40.00 10.90
CA GLU F 405 50.85 38.99 9.98
C GLU F 405 50.87 39.48 8.48
N VAL F 406 50.40 40.67 8.14
CA VAL F 406 50.58 41.21 6.78
C VAL F 406 52.03 41.38 6.34
N ALA F 407 52.88 41.81 7.30
CA ALA F 407 54.31 42.00 7.11
C ALA F 407 55.02 40.74 6.75
N MET F 408 54.63 39.65 7.45
CA MET F 408 55.20 38.29 7.25
C MET F 408 54.73 37.70 5.98
N ALA F 409 53.44 37.91 5.62
CA ALA F 409 52.87 37.40 4.33
C ALA F 409 53.51 38.04 3.12
N GLU F 410 53.80 39.40 3.23
CA GLU F 410 54.41 40.21 2.14
C GLU F 410 55.78 39.64 1.79
N ALA F 411 56.62 39.26 2.82
CA ALA F 411 57.95 38.81 2.74
C ALA F 411 57.92 37.45 1.90
N LEU F 412 56.94 36.55 2.09
CA LEU F 412 56.89 35.28 1.40
C LEU F 412 56.54 35.34 -0.07
N ILE F 413 55.60 36.21 -0.49
CA ILE F 413 54.96 36.26 -1.83
C ILE F 413 56.03 36.57 -2.88
N LYS F 414 56.94 37.51 -2.58
CA LYS F 414 57.86 38.03 -3.47
C LYS F 414 58.97 37.12 -4.02
N HIS F 415 59.71 36.30 -3.16
CA HIS F 415 60.81 35.50 -3.64
C HIS F 415 60.57 34.07 -3.16
N LYS F 416 61.29 33.15 -3.71
CA LYS F 416 61.24 31.77 -3.26
C LYS F 416 62.17 31.71 -2.10
N PRO F 417 61.80 31.26 -0.86
CA PRO F 417 62.68 31.23 0.30
C PRO F 417 63.76 30.21 0.18
N SER F 418 63.63 29.23 -0.72
CA SER F 418 64.62 28.19 -0.83
C SER F 418 65.10 28.11 -2.22
N VAL F 419 64.45 28.80 -3.16
CA VAL F 419 64.77 28.79 -4.59
C VAL F 419 64.61 27.40 -5.12
N LYS F 420 63.35 26.93 -5.26
CA LYS F 420 62.87 25.75 -5.98
C LYS F 420 61.41 25.88 -6.05
N GLY F 421 60.83 25.22 -7.12
CA GLY F 421 59.49 25.28 -7.50
C GLY F 421 58.65 24.36 -6.65
N ARG F 422 59.26 23.30 -6.13
CA ARG F 422 58.60 22.40 -5.23
C ARG F 422 58.13 23.09 -3.93
N ALA F 423 59.04 23.85 -3.33
CA ALA F 423 58.74 24.71 -2.21
C ALA F 423 57.73 25.73 -2.45
N GLN F 424 57.69 26.33 -3.67
CA GLN F 424 56.92 27.48 -4.08
C GLN F 424 55.41 27.22 -4.03
N LEU F 425 54.98 25.98 -4.37
CA LEU F 425 53.59 25.59 -4.39
C LEU F 425 53.02 25.64 -3.01
N GLY F 426 53.70 25.15 -1.96
CA GLY F 426 53.20 25.37 -0.61
C GLY F 426 53.31 26.79 -0.09
N VAL F 427 54.41 27.53 -0.52
CA VAL F 427 54.63 28.89 -0.07
C VAL F 427 53.50 29.87 -0.36
N GLN F 428 52.86 29.85 -1.58
CA GLN F 428 51.72 30.73 -1.81
C GLN F 428 50.68 30.52 -0.81
N ALA F 429 50.39 29.23 -0.57
CA ALA F 429 49.35 28.72 0.29
C ALA F 429 49.51 29.24 1.74
N PHE F 430 50.80 29.23 2.23
CA PHE F 430 51.22 29.64 3.54
C PHE F 430 50.96 31.18 3.70
N ALA F 431 51.23 31.98 2.64
CA ALA F 431 51.17 33.40 2.79
C ALA F 431 49.74 33.95 2.93
N ASP F 432 48.81 33.42 2.14
CA ASP F 432 47.39 33.85 2.16
C ASP F 432 46.61 33.39 3.36
N ALA F 433 47.10 32.29 4.02
CA ALA F 433 46.54 31.73 5.20
C ALA F 433 46.65 32.72 6.26
N LEU F 434 47.73 33.47 6.41
CA LEU F 434 48.01 34.44 7.49
C LEU F 434 47.09 35.64 7.53
N LEU F 435 46.67 36.10 6.29
CA LEU F 435 45.90 37.31 6.03
C LEU F 435 44.52 37.33 6.65
N ILE F 436 43.97 36.20 7.08
CA ILE F 436 42.70 36.01 7.72
C ILE F 436 42.58 36.86 8.95
N ILE F 437 43.61 36.96 9.81
CA ILE F 437 43.58 37.58 11.12
C ILE F 437 43.29 39.08 10.93
N PRO F 438 43.96 39.91 10.09
CA PRO F 438 43.65 41.33 10.02
C PRO F 438 42.40 41.70 9.32
N LYS F 439 42.15 41.06 8.15
CA LYS F 439 41.09 41.34 7.27
C LYS F 439 39.74 41.15 7.93
N VAL F 440 39.60 40.14 8.81
CA VAL F 440 38.41 39.69 9.47
C VAL F 440 38.02 40.65 10.62
N LEU F 441 38.97 41.41 11.27
CA LEU F 441 38.67 42.46 12.22
C LEU F 441 37.90 43.56 11.50
N ALA F 442 38.33 43.85 10.27
CA ALA F 442 37.62 44.71 9.35
C ALA F 442 36.23 44.21 9.01
N GLN F 443 36.04 42.86 8.88
CA GLN F 443 34.82 42.22 8.45
C GLN F 443 33.74 42.34 9.48
N ASN F 444 34.16 42.13 10.80
CA ASN F 444 33.27 42.21 11.97
C ASN F 444 32.70 43.56 12.13
N SER F 445 33.55 44.51 11.93
CA SER F 445 33.24 45.95 12.06
C SER F 445 32.31 46.46 10.95
N GLY F 446 32.57 46.09 9.68
CA GLY F 446 31.73 46.49 8.59
C GLY F 446 32.59 47.39 7.78
N PHE F 447 33.75 46.87 7.26
CA PHE F 447 34.64 47.59 6.39
C PHE F 447 35.22 46.58 5.44
N ASP F 448 35.10 46.84 4.13
CA ASP F 448 35.42 45.78 3.14
C ASP F 448 36.91 45.31 3.30
N LEU F 449 37.17 44.00 3.22
CA LEU F 449 38.39 43.35 3.46
C LEU F 449 39.52 43.66 2.47
N GLN F 450 39.20 43.86 1.16
CA GLN F 450 40.30 44.09 0.16
C GLN F 450 40.91 45.42 0.37
N GLU F 451 40.03 46.40 0.70
CA GLU F 451 40.47 47.76 0.83
C GLU F 451 41.54 47.91 1.95
N THR F 452 41.41 47.14 3.06
CA THR F 452 42.40 47.23 4.11
C THR F 452 43.68 46.51 3.76
N LEU F 453 43.64 45.39 3.01
CA LEU F 453 44.82 44.69 2.59
C LEU F 453 45.76 45.53 1.73
N VAL F 454 45.27 46.26 0.74
CA VAL F 454 46.09 47.03 -0.20
C VAL F 454 46.70 48.16 0.48
N LYS F 455 45.93 48.85 1.36
CA LYS F 455 46.39 49.97 2.16
C LYS F 455 47.43 49.59 3.19
N ILE F 456 47.10 48.56 4.02
CA ILE F 456 47.90 48.21 5.17
C ILE F 456 49.31 47.77 4.76
N GLN F 457 49.31 46.97 3.65
CA GLN F 457 50.51 46.40 3.00
C GLN F 457 51.39 47.41 2.33
N ALA F 458 50.81 48.45 1.63
CA ALA F 458 51.49 49.53 0.97
C ALA F 458 52.25 50.40 1.99
N GLU F 459 51.56 50.68 3.11
CA GLU F 459 52.05 51.58 4.18
C GLU F 459 53.12 50.89 4.86
N HIS F 460 53.21 49.55 4.88
CA HIS F 460 54.37 48.86 5.37
C HIS F 460 55.58 49.12 4.50
N SER F 461 55.27 49.11 3.20
CA SER F 461 56.34 49.19 2.21
C SER F 461 57.02 50.50 2.21
N GLU F 462 56.21 51.52 2.33
CA GLU F 462 56.74 52.91 2.27
C GLU F 462 57.52 53.23 3.53
N SER F 463 56.89 52.84 4.71
CA SER F 463 57.40 53.21 6.00
C SER F 463 58.45 52.20 6.48
N GLY F 464 57.95 51.02 6.99
CA GLY F 464 58.77 50.10 7.84
C GLY F 464 58.24 50.11 9.22
N GLN F 465 56.99 50.50 9.32
CA GLN F 465 56.22 50.57 10.49
C GLN F 465 55.35 49.41 10.50
N LEU F 466 55.10 48.76 11.68
CA LEU F 466 54.05 47.79 11.76
C LEU F 466 52.75 48.49 11.99
N VAL F 467 52.11 48.80 10.85
CA VAL F 467 50.79 49.42 10.86
C VAL F 467 49.80 48.27 10.90
N GLY F 468 48.74 48.52 11.67
CA GLY F 468 47.86 47.54 12.25
C GLY F 468 46.53 48.01 11.93
N VAL F 469 45.58 47.50 12.71
CA VAL F 469 44.18 47.84 12.45
C VAL F 469 43.71 48.52 13.74
N ASP F 470 42.96 49.64 13.58
CA ASP F 470 42.16 50.23 14.61
C ASP F 470 40.89 49.46 14.55
N LEU F 471 40.54 48.69 15.59
CA LEU F 471 39.58 47.64 15.60
C LEU F 471 38.18 48.18 15.27
N ASN F 472 37.92 49.37 15.86
CA ASN F 472 36.53 49.82 15.91
C ASN F 472 36.01 50.31 14.64
N THR F 473 36.96 50.96 13.86
CA THR F 473 36.54 51.49 12.56
C THR F 473 36.65 50.39 11.66
N GLY F 474 37.69 49.58 11.86
CA GLY F 474 38.01 48.49 11.00
C GLY F 474 38.83 49.03 9.78
N GLU F 475 39.59 50.07 9.98
CA GLU F 475 40.31 50.82 9.02
C GLU F 475 41.74 50.86 9.53
N PRO F 476 42.86 51.16 8.84
CA PRO F 476 44.18 50.93 9.42
C PRO F 476 44.62 52.14 10.17
N MET F 477 45.54 51.82 11.10
CA MET F 477 46.03 52.81 12.02
C MET F 477 47.21 52.14 12.59
N VAL F 478 48.09 52.86 13.33
CA VAL F 478 49.37 52.34 13.82
C VAL F 478 49.11 51.81 15.16
N ALA F 479 49.37 50.43 15.24
CA ALA F 479 48.95 49.59 16.32
C ALA F 479 49.74 49.86 17.55
N ALA F 480 50.96 50.46 17.43
CA ALA F 480 51.92 50.82 18.46
C ALA F 480 51.44 51.84 19.44
N GLU F 481 50.81 52.87 18.96
CA GLU F 481 50.43 54.01 19.76
C GLU F 481 49.21 53.73 20.65
N VAL F 482 48.24 53.03 20.02
CA VAL F 482 47.00 52.66 20.61
C VAL F 482 47.19 51.76 21.79
N GLY F 483 48.01 50.66 21.60
CA GLY F 483 48.39 49.77 22.66
C GLY F 483 48.06 48.37 22.29
N VAL F 484 47.35 48.09 21.13
CA VAL F 484 47.10 46.82 20.54
C VAL F 484 48.43 46.30 20.14
N TRP F 485 48.94 45.36 21.00
CA TRP F 485 50.28 44.79 20.95
C TRP F 485 50.09 43.29 21.10
N ASP F 486 51.15 42.52 20.76
CA ASP F 486 51.13 41.07 20.88
C ASP F 486 52.52 40.74 21.30
N ASN F 487 52.69 39.68 22.12
CA ASN F 487 53.97 39.20 22.63
C ASN F 487 54.67 38.44 21.54
N TYR F 488 55.96 38.06 21.77
CA TYR F 488 56.76 37.19 20.92
C TYR F 488 56.17 35.80 20.92
N CYS F 489 55.71 35.30 22.04
CA CYS F 489 55.13 34.01 22.30
C CYS F 489 53.81 33.87 21.61
N VAL F 490 52.93 34.92 21.53
CA VAL F 490 51.67 34.72 20.78
C VAL F 490 51.95 34.38 19.30
N LYS F 491 52.86 35.14 18.59
CA LYS F 491 52.97 35.06 17.18
C LYS F 491 53.80 33.88 16.78
N LYS F 492 54.57 33.30 17.70
CA LYS F 492 55.40 32.10 17.62
C LYS F 492 54.51 30.95 17.73
N GLN F 493 53.50 30.96 18.67
CA GLN F 493 52.77 29.71 18.98
C GLN F 493 51.65 29.47 17.99
N LEU F 494 51.10 30.52 17.22
CA LEU F 494 50.14 30.31 16.15
C LEU F 494 50.78 29.71 15.00
N LEU F 495 52.06 29.96 14.77
CA LEU F 495 52.85 29.55 13.70
C LEU F 495 53.21 28.09 13.84
N HIS F 496 53.65 27.61 15.04
CA HIS F 496 54.08 26.28 15.29
C HIS F 496 52.87 25.40 15.24
N SER F 497 51.70 25.84 15.89
CA SER F 497 50.53 24.96 16.02
C SER F 497 49.92 24.71 14.70
N CYS F 498 49.81 25.82 13.87
CA CYS F 498 49.24 25.75 12.56
C CYS F 498 50.01 24.78 11.65
N THR F 499 51.39 24.80 11.68
CA THR F 499 52.09 23.93 10.76
C THR F 499 51.92 22.51 11.07
N VAL F 500 52.12 22.14 12.41
CA VAL F 500 52.12 20.73 12.82
C VAL F 500 50.78 20.00 12.63
N ILE F 501 49.73 20.75 12.95
CA ILE F 501 48.35 20.25 12.85
C ILE F 501 47.88 20.06 11.44
N ALA F 502 48.31 20.93 10.52
CA ALA F 502 48.00 20.90 9.17
C ALA F 502 48.58 19.67 8.48
N THR F 503 49.85 19.38 8.68
CA THR F 503 50.59 18.39 7.95
C THR F 503 50.20 16.98 8.28
N ASN F 504 49.68 16.66 9.43
CA ASN F 504 49.11 15.33 9.79
C ASN F 504 47.69 15.18 9.16
N ILE F 505 46.78 16.18 9.21
CA ILE F 505 45.51 16.07 8.38
C ILE F 505 45.64 16.10 6.90
N LEU F 506 46.63 16.80 6.34
CA LEU F 506 46.90 16.94 4.93
C LEU F 506 47.35 15.64 4.38
N LEU F 507 48.27 14.98 5.19
CA LEU F 507 48.79 13.69 4.92
C LEU F 507 47.91 12.57 5.51
N VAL F 508 46.62 12.56 5.15
CA VAL F 508 45.77 11.40 5.44
C VAL F 508 45.67 10.78 4.12
N ASP F 509 45.32 9.53 3.99
CA ASP F 509 45.17 8.83 2.69
C ASP F 509 44.10 7.74 2.94
N GLU F 510 43.85 7.48 4.25
CA GLU F 510 42.85 6.66 4.78
C GLU F 510 42.45 7.07 6.15
N ILE F 511 41.12 6.98 6.34
CA ILE F 511 40.53 7.04 7.67
C ILE F 511 39.62 5.86 7.59
N MET F 512 39.87 4.99 8.60
CA MET F 512 39.30 3.72 8.76
C MET F 512 38.93 3.76 10.19
N ARG F 513 37.69 3.27 10.55
CA ARG F 513 37.17 3.24 11.93
C ARG F 513 37.88 2.24 12.86
N ALA F 514 37.89 2.51 14.20
CA ALA F 514 38.73 1.76 15.17
C ALA F 514 37.92 1.55 16.41
N GLY F 515 38.00 0.33 17.13
CA GLY F 515 37.17 0.18 18.32
C GLY F 515 37.83 0.72 19.59
N THR G 2 7.15 22.03 30.13
CA THR G 2 6.60 23.27 30.53
C THR G 2 6.03 23.86 29.35
N ASP G 3 4.78 24.27 29.42
CA ASP G 3 4.06 24.56 28.25
C ASP G 3 3.73 26.10 28.38
N SER G 4 3.61 26.72 27.15
CA SER G 4 3.26 28.04 27.06
C SER G 4 2.50 28.11 25.88
N SER G 5 1.41 28.83 25.92
CA SER G 5 0.46 29.10 24.85
C SER G 5 -0.06 30.54 24.93
N GLN G 6 -0.25 31.25 23.86
CA GLN G 6 -0.54 32.64 23.94
C GLN G 6 -1.33 32.88 22.71
N GLY G 7 -2.08 33.95 22.63
CA GLY G 7 -2.84 34.38 21.50
C GLY G 7 -4.29 34.67 21.68
N ILE G 8 -4.81 35.33 20.65
CA ILE G 8 -6.19 35.63 20.41
C ILE G 8 -6.95 34.35 20.20
N PRO G 9 -6.51 33.28 19.52
CA PRO G 9 -7.23 31.97 19.50
C PRO G 9 -7.15 31.28 20.84
N GLN G 10 -6.17 31.56 21.70
CA GLN G 10 -6.00 31.00 22.97
C GLN G 10 -7.14 31.50 23.86
N LEU G 11 -7.58 32.83 23.73
CA LEU G 11 -8.56 33.43 24.55
C LEU G 11 -9.88 32.68 24.33
N VAL G 12 -10.09 32.35 23.02
CA VAL G 12 -11.31 31.79 22.36
C VAL G 12 -11.44 30.40 22.98
N SER G 13 -10.29 29.75 23.27
CA SER G 13 -10.27 28.40 23.87
C SER G 13 -10.91 28.46 25.21
N ASN G 14 -10.53 29.45 26.04
CA ASN G 14 -10.91 29.43 27.40
C ASN G 14 -12.43 29.47 27.60
N ILE G 15 -13.15 30.29 26.72
CA ILE G 15 -14.56 30.55 26.73
C ILE G 15 -15.23 29.26 26.29
N SER G 16 -14.63 28.60 25.24
CA SER G 16 -15.22 27.37 24.72
C SER G 16 -15.34 26.26 25.75
N ALA G 17 -14.39 26.17 26.67
CA ALA G 17 -14.41 25.26 27.82
C ALA G 17 -15.58 25.51 28.74
N CYS G 18 -15.92 26.81 28.97
CA CYS G 18 -17.00 27.29 29.83
C CYS G 18 -18.37 26.87 29.42
N GLN G 19 -18.58 26.81 28.11
CA GLN G 19 -19.79 26.50 27.48
C GLN G 19 -20.17 25.06 27.82
N VAL G 20 -19.17 24.17 27.80
CA VAL G 20 -19.25 22.75 28.08
C VAL G 20 -19.80 22.57 29.47
N ILE G 21 -19.36 23.37 30.53
CA ILE G 21 -19.83 23.24 31.95
C ILE G 21 -21.20 23.88 32.14
N ALA G 22 -21.44 24.99 31.36
CA ALA G 22 -22.66 25.75 31.29
C ALA G 22 -23.77 24.91 30.67
N GLU G 23 -23.40 23.83 29.84
CA GLU G 23 -24.35 23.00 29.24
C GLU G 23 -24.83 21.92 30.24
N ALA G 24 -23.90 21.49 31.17
CA ALA G 24 -24.09 20.47 32.17
C ALA G 24 -25.19 20.94 33.10
N VAL G 25 -25.11 22.23 33.46
CA VAL G 25 -26.07 22.82 34.30
C VAL G 25 -27.21 23.59 33.67
N ARG G 26 -27.40 23.44 32.32
CA ARG G 26 -28.25 24.35 31.55
C ARG G 26 -29.63 24.62 32.11
N THR G 27 -30.28 23.52 32.49
CA THR G 27 -31.67 23.65 32.95
C THR G 27 -31.81 22.64 34.10
N THR G 28 -32.45 23.14 35.20
CA THR G 28 -32.64 22.33 36.36
C THR G 28 -33.52 23.16 37.24
N LEU G 29 -34.05 24.26 36.72
CA LEU G 29 -34.89 25.23 37.35
C LEU G 29 -36.15 24.62 37.77
N GLY G 30 -36.73 23.78 36.87
CA GLY G 30 -37.89 23.00 37.31
C GLY G 30 -37.53 21.62 37.22
N PRO G 31 -38.34 20.67 36.70
CA PRO G 31 -37.99 19.32 36.81
C PRO G 31 -37.88 18.82 35.41
N ARG G 32 -37.85 19.62 34.34
CA ARG G 32 -37.75 19.20 32.97
C ARG G 32 -36.41 19.65 32.50
N GLY G 33 -35.95 18.94 31.44
CA GLY G 33 -34.73 19.26 30.68
C GLY G 33 -34.39 18.03 29.87
N MET G 34 -33.29 17.37 30.35
CA MET G 34 -32.91 16.08 29.82
C MET G 34 -31.60 15.59 30.43
N ASP G 35 -31.71 14.62 31.34
CA ASP G 35 -30.69 14.02 32.14
C ASP G 35 -30.24 12.71 31.59
N LYS G 36 -29.02 12.37 32.06
CA LYS G 36 -28.30 11.17 31.83
C LYS G 36 -27.71 10.94 33.19
N LEU G 37 -27.94 9.70 33.72
CA LEU G 37 -27.46 9.26 35.00
C LEU G 37 -25.97 9.24 35.02
N ILE G 38 -25.30 9.91 36.06
CA ILE G 38 -23.89 10.02 36.08
C ILE G 38 -23.46 9.13 37.21
N VAL G 39 -22.87 7.98 36.76
CA VAL G 39 -22.32 6.91 37.45
C VAL G 39 -20.84 6.95 37.26
N ASP G 40 -20.19 6.89 38.41
CA ASP G 40 -18.79 7.14 38.62
C ASP G 40 -18.09 5.88 38.36
N GLY G 41 -16.70 5.93 38.35
CA GLY G 41 -15.91 4.72 38.26
C GLY G 41 -15.72 4.01 39.54
N ARG G 42 -16.38 4.47 40.69
CA ARG G 42 -16.23 3.87 42.03
C ARG G 42 -17.42 2.93 42.16
N GLY G 43 -18.38 2.92 41.16
CA GLY G 43 -19.46 2.06 41.22
C GLY G 43 -20.47 2.71 42.17
N LYS G 44 -20.78 4.02 41.89
CA LYS G 44 -21.80 4.68 42.64
C LYS G 44 -22.50 5.39 41.48
N ALA G 45 -23.86 5.43 41.55
CA ALA G 45 -24.84 6.08 40.70
C ALA G 45 -25.18 7.38 41.35
N THR G 46 -25.24 8.52 40.55
CA THR G 46 -25.34 9.80 41.23
C THR G 46 -26.33 10.68 40.36
N ILE G 47 -27.16 11.50 41.09
CA ILE G 47 -28.07 12.50 40.60
C ILE G 47 -28.12 13.41 41.72
N SER G 48 -28.63 14.60 41.48
CA SER G 48 -28.84 15.61 42.48
C SER G 48 -30.08 16.38 41.99
N ASN G 49 -30.50 17.41 42.76
CA ASN G 49 -31.77 18.16 42.57
C ASN G 49 -31.48 19.51 42.01
N ASP G 50 -30.17 19.78 41.98
CA ASP G 50 -29.72 20.97 41.32
C ASP G 50 -28.49 20.50 40.68
N GLY G 51 -28.27 21.01 39.44
CA GLY G 51 -27.21 20.50 38.55
C GLY G 51 -25.87 21.04 38.85
N ALA G 52 -25.74 22.09 39.68
CA ALA G 52 -24.43 22.70 40.13
C ALA G 52 -23.65 21.71 41.00
N THR G 53 -24.29 20.69 41.66
CA THR G 53 -23.70 19.75 42.68
C THR G 53 -22.67 18.87 42.00
N ILE G 54 -23.13 18.27 40.89
CA ILE G 54 -22.36 17.30 40.07
C ILE G 54 -21.21 17.92 39.45
N LEU G 55 -21.37 19.25 39.05
CA LEU G 55 -20.47 20.16 38.42
C LEU G 55 -19.31 20.45 39.32
N LYS G 56 -19.63 20.56 40.68
CA LYS G 56 -18.56 20.75 41.63
C LYS G 56 -17.50 19.54 41.58
N LEU G 57 -18.01 18.34 41.46
CA LEU G 57 -17.20 17.10 41.44
C LEU G 57 -16.31 17.07 40.28
N LEU G 58 -16.70 17.53 39.06
CA LEU G 58 -15.84 17.58 37.83
C LEU G 58 -14.54 18.26 38.02
N ASP G 59 -13.47 17.66 37.47
CA ASP G 59 -12.19 18.35 37.52
C ASP G 59 -11.87 18.76 36.15
N VAL G 60 -11.71 20.14 36.06
CA VAL G 60 -11.49 20.79 34.78
C VAL G 60 -9.98 20.90 34.67
N VAL G 61 -9.47 20.66 33.42
CA VAL G 61 -8.07 20.70 33.05
C VAL G 61 -7.63 22.03 32.54
N HIS G 62 -8.54 23.05 32.63
CA HIS G 62 -8.18 24.44 32.36
C HIS G 62 -8.25 25.18 33.64
N PRO G 63 -7.40 26.23 33.91
CA PRO G 63 -7.42 27.02 35.12
C PRO G 63 -8.51 28.07 34.94
N ALA G 64 -8.73 28.50 33.71
CA ALA G 64 -9.68 29.59 33.39
C ALA G 64 -11.11 29.00 33.69
N ALA G 65 -11.34 27.70 33.43
CA ALA G 65 -12.59 27.06 33.59
C ALA G 65 -12.88 26.80 34.99
N LYS G 66 -11.79 26.65 35.82
CA LYS G 66 -11.73 26.45 37.28
C LYS G 66 -12.21 27.61 38.02
N THR G 67 -12.06 28.83 37.46
CA THR G 67 -12.62 29.95 38.16
C THR G 67 -14.12 29.91 38.31
N LEU G 68 -14.82 29.48 37.28
CA LEU G 68 -16.25 29.33 37.20
C LEU G 68 -16.80 28.23 38.06
N VAL G 69 -15.94 27.20 38.34
CA VAL G 69 -16.19 26.15 39.31
C VAL G 69 -16.22 26.72 40.73
N ASP G 70 -15.22 27.55 41.09
CA ASP G 70 -15.01 28.18 42.34
C ASP G 70 -16.11 29.08 42.68
N ILE G 71 -16.65 29.90 41.74
CA ILE G 71 -17.79 30.81 42.08
C ILE G 71 -19.06 29.96 42.35
N ALA G 72 -19.23 28.81 41.74
CA ALA G 72 -20.32 27.92 42.08
C ALA G 72 -20.31 27.59 43.55
N LYS G 73 -19.13 27.15 44.11
CA LYS G 73 -18.86 26.82 45.50
C LYS G 73 -19.18 28.03 46.45
N SER G 74 -18.87 29.28 45.98
CA SER G 74 -19.14 30.51 46.70
C SER G 74 -20.65 30.81 46.84
N GLN G 75 -21.43 30.69 45.79
CA GLN G 75 -22.84 30.85 45.81
C GLN G 75 -23.56 29.84 46.66
N ASP G 76 -23.15 28.54 46.50
CA ASP G 76 -23.78 27.43 47.16
C ASP G 76 -23.62 27.63 48.67
N ALA G 77 -22.49 27.98 49.17
CA ALA G 77 -22.32 28.17 50.57
C ALA G 77 -23.14 29.34 51.13
N GLU G 78 -23.33 30.55 50.46
CA GLU G 78 -23.99 31.66 50.98
C GLU G 78 -25.49 31.57 51.06
N VAL G 79 -26.16 31.40 49.88
CA VAL G 79 -27.58 31.42 49.73
C VAL G 79 -28.06 29.98 49.80
N GLY G 80 -27.31 29.05 49.12
CA GLY G 80 -27.74 27.73 48.91
C GLY G 80 -28.68 27.64 47.71
N ASP G 81 -29.01 28.66 46.92
CA ASP G 81 -29.86 28.69 45.74
C ASP G 81 -29.16 29.67 44.79
N GLY G 82 -29.57 29.54 43.54
CA GLY G 82 -29.21 30.40 42.49
C GLY G 82 -27.88 30.11 41.88
N THR G 83 -27.33 28.89 42.24
CA THR G 83 -25.93 28.46 41.98
C THR G 83 -25.82 28.24 40.51
N THR G 84 -26.90 27.69 39.88
CA THR G 84 -26.99 27.33 38.49
C THR G 84 -26.85 28.56 37.63
N SER G 85 -27.64 29.60 38.12
CA SER G 85 -27.85 30.88 37.50
C SER G 85 -26.58 31.65 37.18
N VAL G 86 -25.63 31.60 38.11
CA VAL G 86 -24.35 32.23 38.03
C VAL G 86 -23.58 31.69 36.86
N THR G 87 -23.55 30.38 36.62
CA THR G 87 -22.82 29.67 35.49
C THR G 87 -23.36 30.18 34.18
N LEU G 88 -24.66 30.22 34.03
CA LEU G 88 -25.35 30.56 32.82
C LEU G 88 -25.04 31.98 32.39
N LEU G 89 -25.05 32.98 33.32
CA LEU G 89 -24.85 34.35 32.96
C LEU G 89 -23.48 34.64 32.51
N ALA G 90 -22.42 34.13 33.24
CA ALA G 90 -21.03 34.32 33.05
C ALA G 90 -20.60 33.82 31.64
N ALA G 91 -21.02 32.53 31.29
CA ALA G 91 -20.73 31.77 30.13
C ALA G 91 -21.27 32.39 28.91
N GLU G 92 -22.54 32.82 29.06
CA GLU G 92 -23.34 33.46 28.02
C GLU G 92 -22.93 34.83 27.64
N PHE G 93 -22.43 35.52 28.63
CA PHE G 93 -21.85 36.80 28.44
C PHE G 93 -20.65 36.67 27.54
N LEU G 94 -19.79 35.66 27.85
CA LEU G 94 -18.65 35.39 27.12
C LEU G 94 -18.89 34.83 25.77
N LYS G 95 -20.02 34.20 25.48
CA LYS G 95 -20.43 33.63 24.22
C LYS G 95 -20.69 34.70 23.14
N GLN G 96 -21.38 35.77 23.55
CA GLN G 96 -21.67 36.83 22.62
C GLN G 96 -20.45 37.70 22.48
N VAL G 97 -19.52 37.71 23.44
CA VAL G 97 -18.22 38.33 23.39
C VAL G 97 -17.29 37.53 22.52
N LYS G 98 -17.48 36.25 22.28
CA LYS G 98 -16.47 35.43 21.63
C LYS G 98 -16.16 35.93 20.18
N PRO G 99 -17.18 36.13 19.32
CA PRO G 99 -16.98 36.69 18.00
C PRO G 99 -16.61 38.12 18.05
N TYR G 100 -16.93 38.91 19.17
CA TYR G 100 -16.49 40.29 19.38
C TYR G 100 -15.03 40.34 19.59
N VAL G 101 -14.38 39.35 20.27
CA VAL G 101 -12.91 39.30 20.36
C VAL G 101 -12.19 39.25 19.09
N GLU G 102 -12.72 38.61 18.05
CA GLU G 102 -12.18 38.49 16.75
C GLU G 102 -12.09 39.74 15.99
N GLU G 103 -13.14 40.53 16.20
CA GLU G 103 -13.32 41.81 15.68
C GLU G 103 -12.49 42.86 16.37
N GLY G 104 -12.12 42.67 17.67
CA GLY G 104 -11.44 43.75 18.41
C GLY G 104 -12.29 44.02 19.60
N LEU G 105 -12.07 43.18 20.63
CA LEU G 105 -12.54 43.41 21.94
C LEU G 105 -11.66 42.55 22.94
N HIS G 106 -10.42 42.19 22.42
CA HIS G 106 -9.26 41.67 23.02
C HIS G 106 -8.72 42.57 24.18
N PRO G 107 -8.75 43.89 24.04
CA PRO G 107 -8.25 44.80 25.07
C PRO G 107 -8.91 44.71 26.44
N GLN G 108 -8.04 45.03 27.47
CA GLN G 108 -8.49 44.84 28.84
C GLN G 108 -9.62 45.64 29.35
N ILE G 109 -10.07 46.67 28.57
CA ILE G 109 -11.22 47.53 28.77
C ILE G 109 -12.54 46.94 29.15
N ILE G 110 -12.69 45.71 28.83
CA ILE G 110 -13.80 44.82 29.09
C ILE G 110 -14.25 44.76 30.59
N ILE G 111 -13.26 44.73 31.54
CA ILE G 111 -13.36 44.58 32.98
C ILE G 111 -14.13 45.71 33.52
N ARG G 112 -13.87 46.96 32.97
CA ARG G 112 -14.46 48.30 33.36
C ARG G 112 -15.95 48.30 33.05
N ALA G 113 -16.30 47.73 31.88
CA ALA G 113 -17.68 47.67 31.44
C ALA G 113 -18.54 46.75 32.25
N PHE G 114 -17.94 45.56 32.64
CA PHE G 114 -18.58 44.56 33.50
C PHE G 114 -18.89 45.20 34.81
N ARG G 115 -17.96 46.03 35.41
CA ARG G 115 -18.31 46.78 36.63
C ARG G 115 -19.46 47.75 36.43
N THR G 116 -19.62 48.59 35.36
CA THR G 116 -20.71 49.61 35.32
C THR G 116 -22.07 49.01 35.29
N ALA G 117 -22.19 47.96 34.46
CA ALA G 117 -23.43 47.21 34.27
C ALA G 117 -23.95 46.51 35.54
N THR G 118 -23.00 45.90 36.28
CA THR G 118 -23.22 45.13 37.52
C THR G 118 -23.63 46.12 38.63
N GLN G 119 -22.95 47.32 38.82
CA GLN G 119 -23.23 48.21 39.89
C GLN G 119 -24.67 48.91 39.81
N LEU G 120 -25.06 49.23 38.62
CA LEU G 120 -26.40 49.83 38.36
C LEU G 120 -27.48 48.84 38.62
N ALA G 121 -27.23 47.70 38.12
CA ALA G 121 -28.29 46.70 38.11
C ALA G 121 -28.73 46.22 39.42
N VAL G 122 -27.77 46.09 40.38
CA VAL G 122 -27.99 45.64 41.71
C VAL G 122 -28.89 46.67 42.35
N ASN G 123 -28.60 48.02 42.07
CA ASN G 123 -29.24 49.07 42.78
C ASN G 123 -30.66 49.14 42.36
N LYS G 124 -30.98 48.94 41.08
CA LYS G 124 -32.31 48.89 40.55
C LYS G 124 -33.19 47.85 41.16
N ILE G 125 -32.74 46.63 41.44
CA ILE G 125 -33.42 45.55 42.19
C ILE G 125 -33.84 46.00 43.55
N LYS G 126 -32.87 46.58 44.26
CA LYS G 126 -33.04 46.81 45.67
C LYS G 126 -34.14 47.89 45.91
N GLU G 127 -34.16 48.96 45.03
CA GLU G 127 -35.10 50.04 44.98
C GLU G 127 -36.40 49.56 44.53
N ILE G 128 -36.53 48.69 43.50
CA ILE G 128 -37.83 48.28 43.01
C ILE G 128 -38.60 47.31 43.89
N ALA G 129 -37.81 46.50 44.62
CA ALA G 129 -38.23 45.46 45.57
C ALA G 129 -38.99 46.14 46.67
N VAL G 130 -39.95 45.41 47.25
CA VAL G 130 -40.91 45.96 48.14
C VAL G 130 -40.44 45.51 49.45
N THR G 131 -40.38 46.37 50.47
CA THR G 131 -39.80 46.02 51.81
C THR G 131 -41.12 45.82 52.63
N VAL G 132 -41.22 44.62 53.28
CA VAL G 132 -42.43 44.23 53.92
C VAL G 132 -42.01 43.58 55.24
N LYS G 133 -42.69 44.04 56.37
CA LYS G 133 -42.45 43.59 57.64
C LYS G 133 -42.96 42.20 57.80
N LYS G 134 -42.92 41.65 59.03
CA LYS G 134 -43.49 40.37 59.35
C LYS G 134 -44.78 40.57 60.14
N ALA G 135 -45.19 41.92 60.30
CA ALA G 135 -46.23 42.36 61.21
C ALA G 135 -46.87 43.61 60.62
N ASP G 136 -46.68 43.73 59.27
CA ASP G 136 -47.17 44.81 58.46
C ASP G 136 -48.68 44.83 58.45
N LYS G 137 -49.26 43.71 58.02
CA LYS G 137 -50.63 43.46 58.01
C LYS G 137 -50.79 41.92 57.90
N VAL G 138 -49.73 41.17 58.23
CA VAL G 138 -49.61 39.76 58.13
C VAL G 138 -49.00 39.15 59.33
N GLU G 139 -49.28 37.85 59.61
CA GLU G 139 -48.59 37.02 60.56
C GLU G 139 -47.27 36.70 59.98
N GLN G 140 -46.31 36.22 60.77
CA GLN G 140 -44.98 35.95 60.24
C GLN G 140 -44.96 34.74 59.46
N ARG G 141 -45.84 33.84 59.82
CA ARG G 141 -46.07 32.56 59.20
C ARG G 141 -46.87 32.74 57.89
N LYS G 142 -47.82 33.76 57.76
CA LYS G 142 -48.58 33.93 56.56
C LYS G 142 -47.90 34.69 55.43
N LEU G 143 -46.80 35.40 55.73
CA LEU G 143 -46.03 36.03 54.67
C LEU G 143 -45.26 34.87 53.90
N LEU G 144 -44.62 34.04 54.80
CA LEU G 144 -43.76 32.96 54.45
C LEU G 144 -44.58 31.74 53.96
N GLU G 145 -45.87 31.73 54.18
CA GLU G 145 -46.77 30.74 53.60
C GLU G 145 -46.84 30.88 52.12
N LYS G 146 -47.04 32.15 51.62
CA LYS G 146 -47.14 32.40 50.19
C LYS G 146 -45.86 32.26 49.40
N CYS G 147 -44.69 32.49 50.05
CA CYS G 147 -43.30 32.24 49.58
C CYS G 147 -42.86 30.77 49.51
N ALA G 148 -43.31 29.95 50.43
CA ALA G 148 -43.10 28.50 50.55
C ALA G 148 -43.86 27.65 49.51
N MET G 149 -45.12 28.10 49.11
CA MET G 149 -45.98 27.72 48.05
C MET G 149 -45.32 27.83 46.75
N THR G 150 -44.43 28.82 46.49
CA THR G 150 -43.80 29.14 45.24
C THR G 150 -43.05 27.90 44.79
N ALA G 151 -42.21 27.25 45.71
CA ALA G 151 -41.50 25.96 45.41
C ALA G 151 -42.49 24.80 45.23
N LEU G 152 -43.58 24.77 46.05
CA LEU G 152 -44.48 23.67 46.15
C LEU G 152 -45.35 23.49 44.95
N SER G 153 -45.68 24.60 44.29
CA SER G 153 -46.53 24.55 43.10
C SER G 153 -45.89 23.99 41.87
N SER G 154 -44.52 24.09 41.75
CA SER G 154 -43.84 23.64 40.59
C SER G 154 -43.94 22.19 40.29
N LYS G 155 -43.81 21.33 41.29
CA LYS G 155 -43.93 19.93 41.17
C LYS G 155 -44.32 19.36 42.48
N LEU G 156 -44.88 18.17 42.52
CA LEU G 156 -45.91 17.64 41.59
C LEU G 156 -46.73 16.83 42.55
N ILE G 157 -47.71 17.57 43.22
CA ILE G 157 -48.12 17.22 44.65
C ILE G 157 -49.60 17.64 44.83
N SER G 158 -50.32 18.02 43.75
CA SER G 158 -51.79 18.39 43.78
C SER G 158 -52.15 19.53 44.69
N GLN G 159 -53.34 19.46 45.38
CA GLN G 159 -53.87 20.43 46.28
C GLN G 159 -53.35 20.34 47.61
N GLN G 160 -52.52 19.30 48.01
CA GLN G 160 -52.02 19.25 49.41
C GLN G 160 -50.95 20.39 49.70
N LYS G 161 -50.55 21.06 48.62
CA LYS G 161 -49.47 22.03 48.59
C LYS G 161 -49.65 23.20 49.57
N ALA G 162 -50.87 23.75 49.72
CA ALA G 162 -51.17 24.80 50.69
C ALA G 162 -50.97 24.38 52.10
N PHE G 163 -51.44 23.13 52.47
CA PHE G 163 -51.47 22.62 53.73
C PHE G 163 -50.11 22.38 54.31
N PHE G 164 -49.26 21.75 53.44
CA PHE G 164 -47.85 21.42 53.66
C PHE G 164 -47.02 22.65 53.88
N ALA G 165 -47.38 23.72 53.13
CA ALA G 165 -46.70 24.99 53.21
C ALA G 165 -46.76 25.68 54.54
N LYS G 166 -47.98 25.69 55.13
CA LYS G 166 -48.17 26.38 56.37
C LYS G 166 -47.42 25.55 57.46
N MET G 167 -47.37 24.23 57.26
CA MET G 167 -46.72 23.35 58.18
C MET G 167 -45.22 23.52 58.22
N VAL G 168 -44.60 23.75 57.06
CA VAL G 168 -43.16 23.60 56.85
C VAL G 168 -42.38 24.80 57.43
N VAL G 169 -43.11 25.96 57.54
CA VAL G 169 -42.72 27.17 58.10
C VAL G 169 -42.39 27.11 59.56
N ASP G 170 -43.15 26.33 60.36
CA ASP G 170 -43.22 26.35 61.80
C ASP G 170 -41.84 25.88 62.40
N ALA G 171 -41.31 24.86 61.71
CA ALA G 171 -40.01 24.40 62.00
C ALA G 171 -38.92 25.48 61.82
N VAL G 172 -38.89 26.23 60.72
CA VAL G 172 -37.86 27.23 60.27
C VAL G 172 -37.78 28.39 61.14
N MET G 173 -38.95 29.06 61.60
CA MET G 173 -38.98 30.27 62.42
C MET G 173 -38.28 29.99 63.71
N MET G 174 -38.62 28.92 64.38
CA MET G 174 -38.16 28.55 65.67
C MET G 174 -36.66 28.39 65.76
N LEU G 175 -36.08 27.80 64.70
CA LEU G 175 -34.66 27.60 64.71
C LEU G 175 -33.87 28.86 64.31
N ASP G 176 -34.38 29.72 63.38
CA ASP G 176 -33.72 30.66 62.47
C ASP G 176 -32.47 31.26 63.00
N ASP G 177 -31.36 31.23 62.24
CA ASP G 177 -30.08 31.76 62.54
C ASP G 177 -29.09 31.35 61.44
N LEU G 178 -29.55 30.87 60.23
CA LEU G 178 -28.76 30.34 59.18
C LEU G 178 -29.52 30.61 57.92
N LEU G 179 -28.94 30.28 56.76
CA LEU G 179 -29.73 30.35 55.57
C LEU G 179 -29.85 28.96 54.97
N GLN G 180 -29.44 27.80 55.67
CA GLN G 180 -29.38 26.47 55.17
C GLN G 180 -30.40 25.63 55.88
N LEU G 181 -30.77 24.57 55.10
CA LEU G 181 -31.85 23.72 55.41
C LEU G 181 -31.33 22.60 56.33
N LYS G 182 -30.00 22.63 56.64
CA LYS G 182 -29.30 21.52 57.27
C LYS G 182 -29.88 21.12 58.64
N MET G 183 -30.33 22.16 59.39
CA MET G 183 -30.76 21.82 60.73
C MET G 183 -32.22 21.53 60.77
N ILE G 184 -32.89 21.39 59.59
CA ILE G 184 -34.28 21.13 59.50
C ILE G 184 -34.29 19.74 58.93
N GLY G 185 -34.35 19.60 57.56
CA GLY G 185 -34.56 18.29 56.93
C GLY G 185 -35.99 17.81 56.84
N ILE G 186 -36.36 16.77 56.07
CA ILE G 186 -37.70 16.31 55.98
C ILE G 186 -37.52 14.89 55.93
N LYS G 187 -38.24 14.03 56.64
CA LYS G 187 -38.04 12.65 56.68
C LYS G 187 -39.21 12.03 56.06
N LYS G 188 -39.06 11.24 55.02
CA LYS G 188 -40.08 10.36 54.54
C LYS G 188 -40.38 9.20 55.56
N VAL G 189 -41.69 8.77 55.57
CA VAL G 189 -42.31 7.68 56.24
C VAL G 189 -43.23 6.94 55.36
N GLN G 190 -43.00 5.65 55.26
CA GLN G 190 -43.90 4.73 54.56
C GLN G 190 -45.09 4.41 55.31
N GLY G 191 -46.18 4.30 54.59
CA GLY G 191 -47.50 4.23 55.07
C GLY G 191 -48.00 5.52 55.70
N GLY G 192 -49.26 5.38 56.20
CA GLY G 192 -49.93 6.51 56.74
C GLY G 192 -50.53 7.51 55.72
N ALA G 193 -51.32 8.44 56.32
CA ALA G 193 -52.06 9.43 55.63
C ALA G 193 -51.20 10.46 54.98
N LEU G 194 -51.50 10.75 53.70
CA LEU G 194 -50.94 11.76 52.83
C LEU G 194 -51.83 12.97 52.83
N GLU G 195 -53.00 12.95 53.57
CA GLU G 195 -54.03 13.99 53.70
C GLU G 195 -53.79 14.79 54.86
N ASP G 196 -52.75 14.43 55.73
CA ASP G 196 -52.15 15.20 56.82
C ASP G 196 -50.81 14.60 57.03
N SER G 197 -49.91 15.45 57.57
CA SER G 197 -48.57 15.13 57.82
C SER G 197 -48.36 15.68 59.21
N GLN G 198 -47.13 15.58 59.80
CA GLN G 198 -47.04 15.89 61.24
C GLN G 198 -45.81 16.78 61.25
N LEU G 199 -45.82 17.91 62.10
CA LEU G 199 -44.70 18.80 62.41
C LEU G 199 -44.30 18.33 63.80
N VAL G 200 -43.07 17.89 63.95
CA VAL G 200 -42.57 17.35 65.21
C VAL G 200 -41.44 18.37 65.53
N ALA G 201 -41.41 18.78 66.78
CA ALA G 201 -40.39 19.56 67.37
C ALA G 201 -39.45 18.63 67.99
N GLY G 202 -38.15 18.60 67.50
CA GLY G 202 -37.22 17.66 67.91
C GLY G 202 -36.67 16.83 66.75
N VAL G 203 -36.34 15.53 67.02
CA VAL G 203 -35.69 14.62 66.19
C VAL G 203 -36.58 13.40 66.17
N ALA G 204 -36.32 12.51 65.17
CA ALA G 204 -36.98 11.22 65.01
C ALA G 204 -36.11 10.30 64.27
N PHE G 205 -36.39 8.97 64.30
CA PHE G 205 -35.67 7.99 63.56
C PHE G 205 -36.60 7.27 62.74
N LYS G 206 -36.17 7.10 61.53
CA LYS G 206 -36.84 6.48 60.40
C LYS G 206 -37.20 5.07 60.59
N LYS G 207 -36.24 4.26 61.07
CA LYS G 207 -36.34 2.84 61.33
C LYS G 207 -35.22 2.36 62.27
N THR G 208 -35.69 1.45 63.21
CA THR G 208 -34.83 0.66 64.10
C THR G 208 -35.38 -0.69 63.77
N PHE G 209 -34.44 -1.68 63.45
CA PHE G 209 -34.69 -3.03 63.03
C PHE G 209 -35.29 -3.81 64.24
N SER G 210 -36.13 -4.85 63.97
CA SER G 210 -36.74 -5.60 65.01
C SER G 210 -35.71 -6.68 65.39
N TYR G 211 -35.57 -6.94 66.69
CA TYR G 211 -34.71 -7.83 67.37
C TYR G 211 -35.59 -8.67 68.30
N ALA G 212 -34.98 -9.74 68.77
CA ALA G 212 -35.48 -10.66 69.69
C ALA G 212 -35.94 -10.08 70.98
N GLY G 213 -37.25 -9.84 71.24
CA GLY G 213 -37.85 -9.09 72.36
C GLY G 213 -37.79 -7.61 72.14
N PHE G 214 -38.09 -7.17 70.90
CA PHE G 214 -38.19 -5.79 70.60
C PHE G 214 -39.46 -5.24 71.21
N GLU G 215 -40.58 -6.06 71.36
CA GLU G 215 -41.86 -5.55 71.89
C GLU G 215 -41.87 -5.73 73.42
N MET G 216 -40.89 -6.53 74.02
CA MET G 216 -40.62 -6.82 75.41
C MET G 216 -39.69 -5.74 76.02
N GLN G 217 -39.24 -4.75 75.22
CA GLN G 217 -38.54 -3.58 75.57
C GLN G 217 -39.61 -2.39 75.69
N PRO G 218 -39.43 -1.43 76.55
CA PRO G 218 -40.46 -0.33 76.67
C PRO G 218 -40.35 0.70 75.67
N LYS G 219 -41.56 1.26 75.29
CA LYS G 219 -41.69 2.12 74.15
C LYS G 219 -42.05 3.45 74.56
N LYS G 220 -42.23 3.70 75.91
CA LYS G 220 -42.72 4.97 76.37
C LYS G 220 -41.94 5.27 77.61
N TYR G 221 -41.56 6.53 77.82
CA TYR G 221 -40.89 6.98 78.96
C TYR G 221 -41.31 8.36 79.11
N HIS G 222 -41.23 8.90 80.36
CA HIS G 222 -41.59 10.24 80.62
C HIS G 222 -40.37 11.01 81.07
N ASN G 223 -39.20 10.39 81.14
CA ASN G 223 -37.99 11.13 81.41
C ASN G 223 -36.88 10.21 80.76
N PRO G 224 -37.01 9.86 79.42
CA PRO G 224 -36.02 9.12 78.67
C PRO G 224 -34.62 9.84 78.81
N LYS G 225 -33.57 9.12 79.22
CA LYS G 225 -32.25 9.77 79.28
C LYS G 225 -31.45 8.94 78.26
N ILE G 226 -30.93 9.68 77.27
CA ILE G 226 -30.48 9.19 75.93
C ILE G 226 -28.93 9.05 75.94
N ALA G 227 -28.49 7.77 75.69
CA ALA G 227 -27.07 7.44 75.54
C ALA G 227 -26.68 7.31 74.07
N LEU G 228 -25.79 8.15 73.61
CA LEU G 228 -25.45 8.22 72.18
C LEU G 228 -24.15 7.46 72.01
N LEU G 229 -24.11 6.37 71.22
CA LEU G 229 -23.08 5.43 71.23
C LEU G 229 -22.73 5.31 69.80
N ASN G 230 -21.39 5.39 69.50
CA ASN G 230 -20.93 5.25 68.14
C ASN G 230 -20.14 3.98 68.03
N VAL G 231 -20.38 3.11 69.04
CA VAL G 231 -19.77 1.84 69.21
C VAL G 231 -20.89 0.76 68.89
N GLU G 232 -20.59 -0.53 69.18
CA GLU G 232 -21.59 -1.59 69.17
C GLU G 232 -21.09 -2.71 70.12
N LEU G 233 -22.06 -3.51 70.56
CA LEU G 233 -21.74 -4.80 71.20
C LEU G 233 -22.59 -5.76 70.36
N GLU G 234 -22.06 -6.92 69.98
CA GLU G 234 -22.73 -8.00 69.18
C GLU G 234 -21.66 -9.15 69.38
N LEU G 235 -21.85 -10.29 68.69
CA LEU G 235 -20.94 -11.44 68.67
C LEU G 235 -19.61 -11.20 68.00
N LYS G 236 -19.44 -10.09 67.25
CA LYS G 236 -18.27 -9.89 66.45
C LYS G 236 -17.61 -8.62 66.92
N ALA G 237 -18.28 -7.92 67.91
CA ALA G 237 -17.71 -6.75 68.55
C ALA G 237 -17.05 -7.08 69.92
N GLU G 238 -17.69 -8.05 70.65
CA GLU G 238 -17.14 -8.80 71.81
C GLU G 238 -17.64 -10.24 71.48
N LYS G 239 -16.69 -11.20 71.51
CA LYS G 239 -16.89 -12.58 71.23
C LYS G 239 -17.74 -13.25 72.25
N ASP G 240 -18.34 -14.37 71.82
CA ASP G 240 -19.15 -15.19 72.68
C ASP G 240 -18.84 -16.59 72.28
N ASN G 241 -17.80 -16.78 71.43
CA ASN G 241 -17.28 -18.13 71.02
C ASN G 241 -15.84 -18.04 71.13
N ALA G 242 -15.35 -19.08 71.84
CA ALA G 242 -13.94 -19.26 72.05
C ALA G 242 -13.59 -20.62 72.63
N GLU G 243 -12.33 -21.03 72.25
CA GLU G 243 -11.61 -22.20 72.65
C GLU G 243 -11.46 -22.11 74.21
N ILE G 244 -11.48 -23.31 75.01
CA ILE G 244 -11.31 -23.50 76.42
C ILE G 244 -10.67 -24.86 76.54
N ARG G 245 -9.97 -25.11 77.70
CA ARG G 245 -9.46 -26.47 78.06
C ARG G 245 -10.64 -27.34 78.51
N VAL G 246 -10.58 -28.68 78.36
CA VAL G 246 -11.68 -29.59 78.57
C VAL G 246 -11.14 -30.68 79.42
N HIS G 247 -11.82 -30.92 80.60
CA HIS G 247 -11.51 -32.05 81.42
C HIS G 247 -12.58 -32.19 82.37
N THR G 248 -13.58 -31.32 82.18
CA THR G 248 -14.80 -31.32 82.95
C THR G 248 -15.81 -30.54 82.12
N VAL G 249 -17.15 -30.73 82.38
CA VAL G 249 -18.22 -30.10 81.65
C VAL G 249 -18.28 -28.59 81.95
N GLU G 250 -17.92 -28.16 83.18
CA GLU G 250 -18.10 -26.89 83.74
C GLU G 250 -17.21 -25.90 83.07
N ASP G 251 -16.10 -26.34 82.41
CA ASP G 251 -15.23 -25.49 81.62
C ASP G 251 -15.91 -24.86 80.43
N TYR G 252 -16.83 -25.68 79.85
CA TYR G 252 -17.57 -25.26 78.72
C TYR G 252 -18.53 -24.19 79.15
N GLN G 253 -19.23 -24.38 80.34
CA GLN G 253 -20.25 -23.46 80.86
C GLN G 253 -19.64 -22.11 81.15
N ALA G 254 -18.45 -22.19 81.71
CA ALA G 254 -17.68 -21.06 82.28
C ALA G 254 -17.30 -20.01 81.26
N ILE G 255 -16.88 -20.48 80.03
CA ILE G 255 -16.38 -19.58 79.03
C ILE G 255 -17.49 -18.67 78.45
N VAL G 256 -18.72 -19.25 78.10
CA VAL G 256 -19.87 -18.58 77.60
C VAL G 256 -20.44 -17.66 78.66
N ASP G 257 -20.38 -18.14 79.93
CA ASP G 257 -20.79 -17.36 81.04
C ASP G 257 -19.96 -16.13 81.18
N ALA G 258 -18.65 -16.26 81.10
CA ALA G 258 -17.71 -15.14 81.38
C ALA G 258 -17.79 -14.13 80.33
N GLU G 259 -17.99 -14.58 79.00
CA GLU G 259 -18.18 -13.64 77.90
C GLU G 259 -19.49 -12.79 78.06
N TRP G 260 -20.65 -13.37 78.57
CA TRP G 260 -21.92 -12.68 78.62
C TRP G 260 -21.97 -11.53 79.58
N ASN G 261 -21.09 -11.68 80.57
CA ASN G 261 -20.80 -10.65 81.57
C ASN G 261 -20.26 -9.34 81.02
N ILE G 262 -19.37 -9.39 80.00
CA ILE G 262 -18.66 -8.18 79.48
C ILE G 262 -19.66 -7.38 78.69
N LEU G 263 -20.59 -8.09 78.00
CA LEU G 263 -21.52 -7.43 77.17
C LEU G 263 -22.62 -6.78 78.02
N TYR G 264 -23.04 -7.41 79.14
CA TYR G 264 -23.93 -6.93 80.17
C TYR G 264 -23.34 -5.77 80.92
N ASP G 265 -21.97 -5.70 81.12
CA ASP G 265 -21.37 -4.53 81.77
C ASP G 265 -21.69 -3.21 81.05
N LYS G 266 -21.68 -3.31 79.66
CA LYS G 266 -21.65 -2.13 78.76
C LYS G 266 -22.94 -1.41 78.92
N LEU G 267 -24.12 -2.05 78.97
CA LEU G 267 -25.39 -1.34 79.09
C LEU G 267 -25.57 -0.90 80.52
N GLU G 268 -25.14 -1.73 81.47
CA GLU G 268 -25.33 -1.39 82.88
C GLU G 268 -24.74 -0.17 83.37
N LYS G 269 -23.51 0.14 83.05
CA LYS G 269 -22.67 1.31 83.47
C LYS G 269 -23.27 2.57 82.99
N ILE G 270 -23.79 2.61 81.78
CA ILE G 270 -24.46 3.81 81.29
C ILE G 270 -25.88 3.93 81.85
N HIS G 271 -26.60 2.78 82.12
CA HIS G 271 -27.89 2.75 82.75
C HIS G 271 -27.91 3.26 84.13
N HIS G 272 -26.86 2.93 84.94
CA HIS G 272 -26.71 3.43 86.26
C HIS G 272 -26.36 4.91 86.26
N SER G 273 -25.79 5.51 85.19
CA SER G 273 -25.51 6.96 85.15
C SER G 273 -26.87 7.58 85.05
N GLY G 274 -27.67 7.12 84.09
CA GLY G 274 -29.08 7.40 84.11
C GLY G 274 -29.91 6.81 82.99
N ALA G 275 -29.13 6.29 81.94
CA ALA G 275 -29.61 5.83 80.65
C ALA G 275 -30.78 4.80 80.80
N LYS G 276 -31.63 4.81 79.78
CA LYS G 276 -32.71 3.81 79.65
C LYS G 276 -33.13 3.70 78.19
N VAL G 277 -32.53 4.65 77.40
CA VAL G 277 -32.67 4.75 76.03
C VAL G 277 -31.22 4.60 75.54
N VAL G 278 -31.00 3.69 74.60
CA VAL G 278 -29.71 3.48 74.07
C VAL G 278 -29.83 3.68 72.58
N LEU G 279 -29.10 4.62 71.95
CA LEU G 279 -29.31 4.88 70.52
C LEU G 279 -27.98 4.56 69.92
N SER G 280 -27.93 3.77 68.81
CA SER G 280 -26.69 3.45 68.19
C SER G 280 -26.93 3.35 66.69
N LYS G 281 -26.04 3.82 65.81
CA LYS G 281 -26.01 3.73 64.38
C LYS G 281 -25.24 2.56 63.86
N LEU G 282 -24.48 1.88 64.73
CA LEU G 282 -23.84 0.65 64.34
C LEU G 282 -24.79 -0.47 64.77
N PRO G 283 -24.67 -1.67 64.11
CA PRO G 283 -25.60 -2.75 64.37
C PRO G 283 -25.57 -3.24 65.78
N ILE G 284 -26.72 -3.81 66.21
CA ILE G 284 -26.87 -4.51 67.46
C ILE G 284 -27.40 -5.83 67.01
N GLY G 285 -26.87 -6.91 67.52
CA GLY G 285 -27.05 -8.31 67.13
C GLY G 285 -28.20 -8.94 67.76
N ASP G 286 -27.98 -10.25 68.06
CA ASP G 286 -29.02 -11.14 68.56
C ASP G 286 -28.78 -11.56 69.98
N VAL G 287 -27.44 -11.69 70.28
CA VAL G 287 -26.92 -12.01 71.61
C VAL G 287 -27.09 -10.76 72.45
N ALA G 288 -26.89 -9.57 71.77
CA ALA G 288 -26.82 -8.22 72.31
C ALA G 288 -28.14 -7.81 72.91
N THR G 289 -29.21 -8.18 72.21
CA THR G 289 -30.51 -7.62 72.45
C THR G 289 -31.05 -8.46 73.62
N GLN G 290 -30.51 -9.66 73.96
CA GLN G 290 -30.99 -10.46 75.05
C GLN G 290 -31.01 -9.76 76.36
N TYR G 291 -29.87 -9.05 76.64
CA TYR G 291 -29.66 -8.52 77.97
C TYR G 291 -30.69 -7.43 78.18
N PHE G 292 -30.94 -6.58 77.11
CA PHE G 292 -31.79 -5.43 77.10
C PHE G 292 -33.26 -5.79 77.31
N ALA G 293 -33.73 -6.88 76.63
CA ALA G 293 -35.04 -7.34 76.59
C ALA G 293 -35.45 -7.80 77.93
N ASP G 294 -34.55 -8.56 78.59
CA ASP G 294 -34.68 -9.07 79.92
C ASP G 294 -34.67 -7.96 81.01
N ARG G 295 -33.83 -6.89 80.88
CA ARG G 295 -33.67 -5.77 81.83
C ARG G 295 -34.92 -4.89 81.79
N ASP G 296 -35.65 -4.85 80.67
CA ASP G 296 -36.74 -3.99 80.36
C ASP G 296 -36.30 -2.50 80.23
N MET G 297 -35.16 -2.37 79.45
CA MET G 297 -34.42 -1.17 79.05
C MET G 297 -34.33 -1.27 77.59
N PHE G 298 -34.66 -0.07 77.00
CA PHE G 298 -34.90 0.07 75.57
C PHE G 298 -33.60 0.11 74.82
N CYS G 299 -33.58 -0.52 73.58
CA CYS G 299 -32.48 -0.49 72.71
C CYS G 299 -32.88 -0.18 71.28
N ALA G 300 -31.91 0.33 70.51
CA ALA G 300 -32.10 0.74 69.13
C ALA G 300 -30.76 0.55 68.46
N GLY G 301 -30.79 -0.16 67.29
CA GLY G 301 -29.61 -0.23 66.45
C GLY G 301 -30.03 0.03 65.10
N ARG G 302 -29.09 0.51 64.18
CA ARG G 302 -29.34 0.68 62.74
C ARG G 302 -30.19 1.78 62.35
N VAL G 303 -29.75 2.94 62.85
CA VAL G 303 -30.44 4.26 62.66
C VAL G 303 -29.34 5.17 61.99
N PRO G 304 -29.77 6.06 61.08
CA PRO G 304 -28.83 6.77 60.23
C PRO G 304 -27.82 7.67 61.01
N GLU G 305 -26.64 7.78 60.43
CA GLU G 305 -25.52 8.39 61.06
C GLU G 305 -25.79 9.88 61.30
N GLU G 306 -26.47 10.63 60.33
CA GLU G 306 -26.79 11.97 60.30
C GLU G 306 -27.85 12.22 61.31
N ASP G 307 -28.88 11.34 61.36
CA ASP G 307 -30.01 11.46 62.28
C ASP G 307 -29.58 11.42 63.72
N LEU G 308 -28.56 10.56 64.03
CA LEU G 308 -27.98 10.45 65.39
C LEU G 308 -27.22 11.71 65.83
N LYS G 309 -26.61 12.34 64.85
CA LYS G 309 -25.98 13.59 65.05
C LYS G 309 -26.94 14.79 65.23
N ARG G 310 -28.18 14.73 64.71
CA ARG G 310 -29.20 15.76 65.00
C ARG G 310 -29.62 15.59 66.45
N THR G 311 -29.71 14.35 66.99
CA THR G 311 -30.10 14.03 68.31
C THR G 311 -29.23 14.58 69.33
N MET G 312 -27.95 14.69 69.09
CA MET G 312 -27.07 15.37 69.93
C MET G 312 -27.33 16.81 70.22
N MET G 313 -27.66 17.63 69.13
CA MET G 313 -27.84 19.04 69.29
C MET G 313 -29.09 19.37 70.11
N ALA G 314 -30.23 18.74 69.67
CA ALA G 314 -31.50 19.12 70.20
C ALA G 314 -31.71 18.69 71.74
N CYS G 315 -31.11 17.51 72.14
CA CYS G 315 -31.43 17.02 73.43
C CYS G 315 -30.38 17.34 74.41
N GLY G 316 -29.26 17.90 73.91
CA GLY G 316 -28.08 18.32 74.59
C GLY G 316 -27.13 17.15 75.00
N GLY G 317 -27.39 15.93 74.39
CA GLY G 317 -26.50 14.79 74.55
C GLY G 317 -25.17 15.00 73.93
N SER G 318 -24.26 14.04 74.06
CA SER G 318 -22.94 14.15 73.41
C SER G 318 -22.41 12.77 73.08
N ILE G 319 -21.64 12.71 71.96
CA ILE G 319 -20.91 11.53 71.47
C ILE G 319 -20.08 10.86 72.54
N GLN G 320 -19.90 9.54 72.41
CA GLN G 320 -19.15 8.69 73.35
C GLN G 320 -18.36 7.84 72.45
N THR G 321 -17.42 7.14 73.06
CA THR G 321 -16.67 6.16 72.31
C THR G 321 -16.47 5.00 73.30
N SER G 322 -17.02 5.13 74.52
CA SER G 322 -16.86 4.20 75.65
C SER G 322 -18.11 4.40 76.37
N VAL G 323 -18.65 3.28 76.88
CA VAL G 323 -19.99 3.19 77.41
C VAL G 323 -19.92 2.66 78.80
N ASN G 324 -18.65 2.35 79.12
CA ASN G 324 -18.28 1.99 80.46
C ASN G 324 -17.80 3.14 81.26
N ALA G 325 -18.36 3.34 82.51
CA ALA G 325 -17.79 4.34 83.44
C ALA G 325 -17.71 5.75 82.93
N LEU G 326 -18.84 6.32 82.40
CA LEU G 326 -18.93 7.63 81.85
C LEU G 326 -20.05 8.30 82.50
N SER G 327 -19.83 9.68 82.72
CA SER G 327 -20.67 10.62 83.35
C SER G 327 -22.14 10.58 82.91
N ALA G 328 -22.98 11.43 83.57
CA ALA G 328 -24.35 11.53 83.18
C ALA G 328 -24.57 12.81 82.47
N ASP G 329 -23.53 13.60 82.18
CA ASP G 329 -23.47 14.81 81.46
C ASP G 329 -23.04 14.64 79.96
N VAL G 330 -23.07 13.37 79.55
CA VAL G 330 -22.82 12.91 78.20
C VAL G 330 -24.14 12.41 77.66
N LEU G 331 -25.20 12.52 78.56
CA LEU G 331 -26.55 12.20 78.30
C LEU G 331 -27.36 13.50 78.03
N GLY G 332 -28.41 13.35 77.25
CA GLY G 332 -29.36 14.32 76.92
C GLY G 332 -30.63 13.71 77.40
N ARG G 333 -31.75 14.51 77.43
CA ARG G 333 -33.01 14.17 77.92
C ARG G 333 -34.01 14.69 76.88
N CYS G 334 -35.21 14.07 77.05
CA CYS G 334 -36.41 14.59 76.51
C CYS G 334 -37.45 14.45 77.54
N GLN G 335 -38.70 14.76 77.25
CA GLN G 335 -39.69 14.63 78.23
C GLN G 335 -40.64 13.61 77.69
N VAL G 336 -40.57 13.15 76.41
CA VAL G 336 -41.49 12.32 75.75
C VAL G 336 -40.70 11.48 74.83
N PHE G 337 -40.94 10.16 75.00
CA PHE G 337 -40.46 9.12 74.11
C PHE G 337 -41.76 8.34 73.84
N GLU G 338 -42.05 8.10 72.50
CA GLU G 338 -43.26 7.41 72.15
C GLU G 338 -42.82 6.59 70.99
N GLU G 339 -43.21 5.31 70.86
CA GLU G 339 -42.87 4.56 69.68
C GLU G 339 -44.18 4.12 69.16
N THR G 340 -44.43 4.56 67.87
CA THR G 340 -45.62 4.25 67.11
C THR G 340 -45.10 3.71 65.75
N GLN G 341 -45.54 2.50 65.32
CA GLN G 341 -45.13 1.88 64.08
C GLN G 341 -46.04 2.46 63.06
N ILE G 342 -45.45 3.14 62.05
CA ILE G 342 -46.24 3.81 60.97
C ILE G 342 -45.80 3.14 59.71
N GLY G 343 -46.70 2.57 58.92
CA GLY G 343 -46.45 1.71 57.80
C GLY G 343 -45.68 0.46 58.16
N GLY G 344 -44.78 0.07 57.24
CA GLY G 344 -44.01 -1.07 57.43
C GLY G 344 -42.83 -0.78 58.44
N GLU G 345 -42.47 0.52 58.81
CA GLU G 345 -41.25 0.87 59.49
C GLU G 345 -41.56 1.34 60.86
N ARG G 346 -40.69 1.04 61.85
CA ARG G 346 -40.89 1.33 63.25
C ARG G 346 -40.33 2.76 63.50
N TYR G 347 -41.12 3.60 64.08
CA TYR G 347 -40.79 5.04 64.16
C TYR G 347 -40.66 5.46 65.58
N ASN G 348 -39.45 6.06 65.88
CA ASN G 348 -38.98 6.49 67.22
C ASN G 348 -39.22 7.99 67.23
N PHE G 349 -40.00 8.58 68.16
CA PHE G 349 -40.16 10.00 68.23
C PHE G 349 -39.68 10.55 69.54
N PHE G 350 -38.68 11.45 69.45
CA PHE G 350 -38.10 12.16 70.56
C PHE G 350 -38.59 13.55 70.40
N THR G 351 -39.35 14.09 71.43
CA THR G 351 -39.91 15.33 71.29
C THR G 351 -40.01 15.73 72.74
N GLY G 352 -40.30 17.00 73.10
CA GLY G 352 -40.22 17.51 74.48
C GLY G 352 -38.84 17.87 74.92
N CYS G 353 -38.03 18.14 73.86
CA CYS G 353 -36.62 18.44 73.83
C CYS G 353 -36.30 19.74 74.55
N PRO G 354 -35.27 19.89 75.47
CA PRO G 354 -35.18 20.96 76.50
C PRO G 354 -34.67 22.21 75.84
N LYS G 355 -34.01 22.18 74.63
CA LYS G 355 -33.40 23.36 74.03
C LYS G 355 -33.69 23.43 72.56
N ALA G 356 -34.16 22.30 72.04
CA ALA G 356 -34.95 22.24 70.84
C ALA G 356 -34.23 23.03 69.66
N LYS G 357 -32.98 22.56 69.27
CA LYS G 357 -32.03 23.11 68.29
C LYS G 357 -32.13 22.25 67.05
N THR G 358 -33.11 21.32 67.02
CA THR G 358 -33.61 20.69 65.75
C THR G 358 -35.09 20.74 65.96
N CYS G 359 -35.88 21.17 64.90
CA CYS G 359 -37.30 20.86 64.71
C CYS G 359 -37.40 20.48 63.26
N THR G 360 -38.26 19.50 62.92
CA THR G 360 -38.28 18.89 61.66
C THR G 360 -39.65 18.41 61.24
N PHE G 361 -40.04 18.61 59.92
CA PHE G 361 -41.34 18.26 59.32
C PHE G 361 -41.22 16.80 59.04
N ILE G 362 -42.30 16.00 59.31
CA ILE G 362 -42.32 14.56 59.11
C ILE G 362 -43.48 14.38 58.13
N LEU G 363 -43.19 13.94 56.92
CA LEU G 363 -44.00 13.81 55.76
C LEU G 363 -44.28 12.35 55.49
N ARG G 364 -45.58 12.12 55.57
CA ARG G 364 -46.13 10.78 55.50
C ARG G 364 -46.97 10.74 54.22
N GLY G 365 -46.79 9.69 53.39
CA GLY G 365 -47.34 9.68 52.02
C GLY G 365 -47.69 8.28 51.84
N GLY G 366 -46.68 7.36 52.13
CA GLY G 366 -46.80 5.88 51.90
C GLY G 366 -46.54 5.36 50.51
N ALA G 367 -45.60 6.00 49.76
CA ALA G 367 -45.18 5.65 48.39
C ALA G 367 -43.78 6.05 48.26
N GLU G 368 -43.31 5.81 47.04
CA GLU G 368 -41.99 6.39 46.58
C GLU G 368 -42.16 7.45 45.57
N GLN G 369 -43.22 7.31 44.80
CA GLN G 369 -43.57 8.30 43.86
C GLN G 369 -44.00 9.67 44.44
N PHE G 370 -45.01 9.64 45.37
CA PHE G 370 -45.50 10.90 45.93
C PHE G 370 -44.36 11.57 46.68
N MET G 371 -43.63 10.76 47.52
CA MET G 371 -42.74 11.28 48.53
C MET G 371 -41.50 11.89 47.94
N GLU G 372 -40.88 11.42 46.84
CA GLU G 372 -39.68 12.10 46.40
C GLU G 372 -39.93 13.50 45.81
N GLU G 373 -41.10 13.68 45.15
CA GLU G 373 -41.47 14.98 44.58
C GLU G 373 -41.86 15.95 45.68
N THR G 374 -42.49 15.47 46.77
CA THR G 374 -42.81 16.36 47.94
C THR G 374 -41.56 16.86 48.58
N GLU G 375 -40.56 15.91 48.76
CA GLU G 375 -39.33 16.19 49.39
C GLU G 375 -38.54 17.15 48.59
N ARG G 376 -38.51 16.91 47.22
CA ARG G 376 -37.85 17.85 46.30
C ARG G 376 -38.43 19.30 46.46
N SER G 377 -39.75 19.47 46.60
CA SER G 377 -40.34 20.76 46.74
C SER G 377 -40.20 21.41 48.10
N LEU G 378 -40.28 20.64 49.17
CA LEU G 378 -40.05 21.04 50.50
C LEU G 378 -38.60 21.37 50.76
N HIS G 379 -37.59 20.82 50.09
CA HIS G 379 -36.22 21.26 50.19
C HIS G 379 -36.01 22.65 49.80
N ASP G 380 -36.69 23.14 48.68
CA ASP G 380 -36.52 24.46 48.18
C ASP G 380 -37.43 25.40 48.86
N ALA G 381 -38.58 24.92 49.50
CA ALA G 381 -39.52 25.72 50.33
C ALA G 381 -38.86 26.30 51.52
N ILE G 382 -38.09 25.40 52.23
CA ILE G 382 -37.41 25.69 53.42
C ILE G 382 -36.35 26.71 53.13
N MET G 383 -35.69 26.70 51.88
CA MET G 383 -34.75 27.73 51.46
C MET G 383 -35.37 29.14 51.28
N ILE G 384 -36.58 29.25 50.71
CA ILE G 384 -37.25 30.52 50.43
C ILE G 384 -37.68 31.15 51.72
N VAL G 385 -38.35 30.33 52.65
CA VAL G 385 -38.85 30.95 53.86
C VAL G 385 -37.79 31.45 54.83
N ARG G 386 -36.63 30.66 54.91
CA ARG G 386 -35.57 30.92 55.85
C ARG G 386 -34.92 32.25 55.54
N ARG G 387 -34.64 32.53 54.20
CA ARG G 387 -33.94 33.67 53.63
C ARG G 387 -34.91 34.92 53.67
N ALA G 388 -36.25 34.74 53.79
CA ALA G 388 -37.27 35.82 53.83
C ALA G 388 -37.15 36.48 55.19
N ILE G 389 -36.75 35.86 56.36
CA ILE G 389 -36.46 36.46 57.61
C ILE G 389 -35.22 37.33 57.43
N LYS G 390 -34.17 36.84 56.78
CA LYS G 390 -32.91 37.58 56.71
C LYS G 390 -32.89 38.86 55.83
N ASN G 391 -33.50 38.86 54.61
CA ASN G 391 -33.60 40.02 53.79
C ASN G 391 -35.13 40.20 53.68
N ASP G 392 -35.63 41.35 54.01
CA ASP G 392 -37.00 41.54 54.11
C ASP G 392 -37.53 42.29 52.91
N SER G 393 -36.75 42.38 51.80
CA SER G 393 -37.02 42.96 50.53
C SER G 393 -37.27 41.72 49.69
N VAL G 394 -38.33 41.75 48.84
CA VAL G 394 -38.90 40.66 48.11
C VAL G 394 -39.15 41.23 46.77
N VAL G 395 -38.75 40.47 45.72
CA VAL G 395 -38.97 41.00 44.38
C VAL G 395 -39.58 39.87 43.56
N ALA G 396 -40.11 40.14 42.31
CA ALA G 396 -40.67 39.13 41.41
C ALA G 396 -39.55 38.41 40.85
N GLY G 397 -39.79 37.03 40.70
CA GLY G 397 -38.86 36.16 40.10
C GLY G 397 -39.38 35.86 38.73
N GLY G 398 -39.13 34.61 38.28
CA GLY G 398 -39.44 34.23 36.95
C GLY G 398 -38.57 34.72 35.84
N GLY G 399 -37.49 35.54 36.19
CA GLY G 399 -36.69 36.14 35.18
C GLY G 399 -37.34 37.34 34.74
N ALA G 400 -38.48 37.77 35.31
CA ALA G 400 -39.22 39.02 35.06
C ALA G 400 -38.40 40.25 35.33
N ILE G 401 -37.65 40.37 36.41
CA ILE G 401 -36.80 41.41 36.78
C ILE G 401 -35.57 41.45 35.86
N GLU G 402 -35.05 40.24 35.44
CA GLU G 402 -33.91 40.19 34.51
C GLU G 402 -34.22 40.82 33.18
N MET G 403 -35.45 40.67 32.65
CA MET G 403 -36.00 41.25 31.42
C MET G 403 -36.02 42.78 31.57
N GLU G 404 -36.34 43.28 32.80
CA GLU G 404 -36.19 44.69 33.15
C GLU G 404 -34.87 45.29 33.27
N LEU G 405 -33.88 44.55 33.69
CA LEU G 405 -32.51 44.95 33.66
C LEU G 405 -31.96 45.06 32.31
N SER G 406 -32.40 44.18 31.42
CA SER G 406 -31.98 44.05 30.05
C SER G 406 -32.50 45.27 29.28
N LYS G 407 -33.73 45.77 29.63
CA LYS G 407 -34.35 47.05 29.21
C LYS G 407 -33.61 48.22 29.58
N TYR G 408 -33.27 48.30 30.90
CA TYR G 408 -32.58 49.31 31.54
C TYR G 408 -31.23 49.50 30.99
N LEU G 409 -30.49 48.39 30.69
CA LEU G 409 -29.13 48.37 30.20
C LEU G 409 -29.12 48.71 28.72
N ARG G 410 -30.27 48.52 27.98
CA ARG G 410 -30.38 48.86 26.58
C ARG G 410 -30.38 50.32 26.41
N ASP G 411 -31.03 50.97 27.41
CA ASP G 411 -31.03 52.41 27.46
C ASP G 411 -29.64 53.07 27.64
N TYR G 412 -28.84 52.45 28.57
CA TYR G 412 -27.57 52.86 29.06
C TYR G 412 -26.62 52.72 27.96
N SER G 413 -26.80 51.73 27.11
CA SER G 413 -25.75 51.48 26.07
C SER G 413 -25.60 52.63 25.10
N ARG G 414 -26.55 53.56 25.06
CA ARG G 414 -26.60 54.71 24.20
C ARG G 414 -25.69 55.86 24.62
N THR G 415 -25.34 55.94 25.93
CA THR G 415 -24.56 57.14 26.33
C THR G 415 -23.18 56.72 26.76
N ILE G 416 -22.90 55.44 26.71
CA ILE G 416 -21.71 54.77 27.16
C ILE G 416 -20.92 54.47 25.92
N PRO G 417 -19.57 54.55 25.72
CA PRO G 417 -19.01 54.86 24.42
C PRO G 417 -18.19 53.71 23.90
N GLY G 418 -18.04 53.74 22.57
CA GLY G 418 -17.08 52.87 21.95
C GLY G 418 -17.03 51.39 22.17
N LYS G 419 -15.93 50.85 22.78
CA LYS G 419 -15.70 49.45 22.99
C LYS G 419 -16.57 49.04 24.17
N GLN G 420 -16.97 49.91 25.13
CA GLN G 420 -17.76 49.53 26.24
C GLN G 420 -19.14 49.27 25.91
N GLN G 421 -19.76 49.97 24.90
CA GLN G 421 -21.13 49.76 24.54
C GLN G 421 -21.46 48.37 24.14
N LEU G 422 -20.47 47.82 23.40
CA LEU G 422 -20.56 46.48 22.82
C LEU G 422 -20.62 45.47 23.93
N LEU G 423 -19.83 45.65 24.99
CA LEU G 423 -19.80 44.83 26.13
C LEU G 423 -21.10 44.78 26.88
N ILE G 424 -21.82 45.92 27.04
CA ILE G 424 -23.14 46.13 27.63
C ILE G 424 -24.21 45.38 26.88
N GLY G 425 -24.20 45.30 25.49
CA GLY G 425 -25.16 44.64 24.66
C GLY G 425 -25.14 43.13 24.75
N ALA G 426 -23.98 42.54 25.13
CA ALA G 426 -23.76 41.26 25.44
C ALA G 426 -24.27 40.92 26.84
N TYR G 427 -24.34 41.84 27.77
CA TYR G 427 -24.76 41.68 29.15
C TYR G 427 -26.24 41.52 29.09
N ALA G 428 -26.86 42.44 28.31
CA ALA G 428 -28.33 42.52 28.18
C ALA G 428 -28.87 41.21 27.59
N LYS G 429 -28.17 40.66 26.54
CA LYS G 429 -28.59 39.45 25.79
C LYS G 429 -28.44 38.23 26.66
N ALA G 430 -27.39 38.24 27.52
CA ALA G 430 -27.13 37.20 28.45
C ALA G 430 -28.08 37.01 29.54
N LEU G 431 -28.81 38.06 29.94
CA LEU G 431 -29.76 38.04 31.06
C LEU G 431 -31.01 37.21 30.65
N GLU G 432 -31.35 37.16 29.36
CA GLU G 432 -32.51 36.49 28.80
C GLU G 432 -32.34 35.04 28.71
N ILE G 433 -31.09 34.47 28.92
CA ILE G 433 -30.92 33.02 28.79
C ILE G 433 -31.69 32.26 29.85
N ILE G 434 -31.62 32.71 31.13
CA ILE G 434 -32.26 31.96 32.23
C ILE G 434 -33.71 31.79 32.05
N PRO G 435 -34.54 32.87 31.68
CA PRO G 435 -35.94 32.72 31.34
C PRO G 435 -36.19 31.89 30.10
N ARG G 436 -35.29 31.82 29.15
CA ARG G 436 -35.49 31.01 27.88
C ARG G 436 -35.70 29.56 28.28
N GLN G 437 -34.99 29.05 29.30
CA GLN G 437 -35.05 27.70 29.78
C GLN G 437 -36.28 27.41 30.57
N LEU G 438 -36.89 28.43 31.14
CA LEU G 438 -38.09 28.35 31.86
C LEU G 438 -39.14 28.15 30.78
N CYS G 439 -39.01 28.89 29.64
CA CYS G 439 -39.91 28.70 28.49
C CYS G 439 -39.77 27.30 27.93
N ASP G 440 -38.59 26.67 27.85
CA ASP G 440 -38.36 25.33 27.36
C ASP G 440 -39.05 24.38 28.30
N ASN G 441 -39.02 24.62 29.66
CA ASN G 441 -39.69 23.78 30.69
C ASN G 441 -41.24 23.83 30.76
N ALA G 442 -41.82 25.06 30.66
CA ALA G 442 -43.22 25.25 30.60
C ALA G 442 -43.83 24.72 29.41
N GLY G 443 -43.12 24.72 28.26
CA GLY G 443 -43.54 24.20 26.93
C GLY G 443 -44.19 25.29 26.09
N PHE G 444 -43.31 26.02 25.41
CA PHE G 444 -43.53 27.16 24.60
C PHE G 444 -42.40 27.19 23.66
N ASP G 445 -42.42 28.17 22.73
CA ASP G 445 -41.33 28.55 21.85
C ASP G 445 -40.58 29.64 22.55
N ALA G 446 -39.32 29.34 22.91
CA ALA G 446 -38.68 30.22 23.89
C ALA G 446 -38.42 31.63 23.38
N THR G 447 -37.95 31.75 22.15
CA THR G 447 -37.68 33.06 21.56
C THR G 447 -39.00 33.92 21.41
N ASN G 448 -40.16 33.39 21.12
CA ASN G 448 -41.48 34.05 20.86
C ASN G 448 -41.90 34.74 22.10
N ILE G 449 -41.76 34.03 23.26
CA ILE G 449 -42.14 34.38 24.65
C ILE G 449 -41.37 35.50 25.21
N LEU G 450 -40.05 35.52 25.00
CA LEU G 450 -39.12 36.42 25.68
C LEU G 450 -39.54 37.87 25.23
N ASN G 451 -39.91 37.93 23.94
CA ASN G 451 -40.23 39.15 23.36
C ASN G 451 -41.50 39.78 23.88
N LYS G 452 -42.54 38.98 24.24
CA LYS G 452 -43.76 39.49 24.85
C LYS G 452 -43.67 40.10 26.20
N LEU G 453 -42.61 39.69 27.05
CA LEU G 453 -42.39 40.13 28.44
C LEU G 453 -41.74 41.56 28.44
N ARG G 454 -40.84 41.87 27.36
CA ARG G 454 -40.17 43.09 27.06
C ARG G 454 -41.24 44.09 26.70
N ALA G 455 -42.34 43.59 26.09
CA ALA G 455 -43.40 44.53 25.69
C ALA G 455 -44.02 45.09 26.90
N ARG G 456 -44.22 44.31 28.01
CA ARG G 456 -44.80 44.83 29.21
C ARG G 456 -43.75 45.36 30.21
N HIS G 457 -42.61 45.85 29.65
CA HIS G 457 -41.47 46.40 30.31
C HIS G 457 -41.05 47.58 29.46
N ALA G 458 -42.10 48.00 28.66
CA ALA G 458 -42.12 49.08 27.77
C ALA G 458 -43.55 49.57 27.62
N GLN G 459 -44.45 49.10 28.47
CA GLN G 459 -45.79 49.45 28.52
C GLN G 459 -46.23 49.46 29.98
N GLY G 460 -45.33 49.21 30.88
CA GLY G 460 -45.69 49.49 32.26
C GLY G 460 -44.49 49.39 33.19
N GLY G 461 -43.49 48.55 32.84
CA GLY G 461 -42.37 48.29 33.70
C GLY G 461 -42.74 47.40 34.81
N THR G 462 -43.67 46.46 34.67
CA THR G 462 -44.27 45.64 35.72
C THR G 462 -43.39 44.49 36.07
N TRP G 463 -43.88 43.23 35.98
CA TRP G 463 -43.30 42.10 36.67
C TRP G 463 -43.52 40.96 35.71
N TYR G 464 -43.58 41.24 34.40
CA TYR G 464 -43.88 40.23 33.48
C TYR G 464 -42.76 39.38 33.08
N GLY G 465 -42.97 38.03 33.21
CA GLY G 465 -41.85 37.13 33.14
C GLY G 465 -42.61 35.84 32.84
N VAL G 466 -41.86 34.67 32.86
CA VAL G 466 -42.32 33.39 32.58
C VAL G 466 -42.42 32.57 33.89
N ASP G 467 -43.60 31.87 34.01
CA ASP G 467 -43.94 31.04 35.13
C ASP G 467 -43.78 29.59 34.74
N ILE G 468 -43.21 28.82 35.64
CA ILE G 468 -43.04 27.40 35.68
C ILE G 468 -43.74 26.89 36.90
N ASN G 469 -44.31 27.83 37.71
CA ASN G 469 -44.91 27.64 38.96
C ASN G 469 -46.36 27.62 38.59
N ASN G 470 -46.74 27.96 37.29
CA ASN G 470 -48.06 27.78 36.80
C ASN G 470 -48.01 27.16 35.44
N GLU G 471 -46.93 27.46 34.67
CA GLU G 471 -46.73 27.12 33.27
C GLU G 471 -47.61 27.97 32.34
N ASP G 472 -47.32 29.30 32.47
CA ASP G 472 -47.98 30.36 31.73
C ASP G 472 -47.17 31.57 31.78
N ILE G 473 -47.65 32.69 31.17
CA ILE G 473 -46.95 33.96 31.11
C ILE G 473 -47.88 35.04 31.77
N ALA G 474 -47.29 35.88 32.68
CA ALA G 474 -48.17 36.83 33.45
C ALA G 474 -47.23 37.46 34.48
N ASP G 475 -47.76 38.41 35.29
CA ASP G 475 -47.08 38.98 36.44
C ASP G 475 -46.83 37.91 37.49
N ASN G 476 -45.71 37.96 38.13
CA ASN G 476 -45.20 36.94 39.02
C ASN G 476 -45.28 37.42 40.42
N PHE G 477 -45.52 38.68 40.65
CA PHE G 477 -45.69 39.28 41.96
C PHE G 477 -47.09 39.02 42.41
N GLU G 478 -47.99 39.12 41.47
CA GLU G 478 -49.42 38.89 41.68
C GLU G 478 -49.75 37.43 41.54
N ALA G 479 -48.71 36.60 41.24
CA ALA G 479 -48.89 35.18 41.29
C ALA G 479 -48.22 34.56 42.45
N PHE G 480 -47.75 35.37 43.37
CA PHE G 480 -47.09 35.00 44.59
C PHE G 480 -45.86 34.22 44.41
N VAL G 481 -45.06 34.56 43.32
CA VAL G 481 -43.79 33.95 43.06
C VAL G 481 -42.85 34.99 43.62
N TRP G 482 -42.56 34.71 44.90
CA TRP G 482 -42.01 35.68 45.88
C TRP G 482 -40.83 34.97 46.42
N GLU G 483 -39.62 35.56 46.25
CA GLU G 483 -38.39 35.09 46.69
C GLU G 483 -37.64 36.37 46.94
N PRO G 484 -36.68 36.36 47.82
CA PRO G 484 -35.93 37.53 48.16
C PRO G 484 -35.25 38.22 47.03
N ALA G 485 -34.94 39.53 47.23
CA ALA G 485 -34.05 40.44 46.44
C ALA G 485 -32.65 39.91 46.41
N MET G 486 -32.24 39.38 47.53
CA MET G 486 -30.91 39.01 47.87
C MET G 486 -30.29 37.89 47.08
N VAL G 487 -31.07 36.87 46.60
CA VAL G 487 -30.63 35.77 45.74
C VAL G 487 -30.10 36.38 44.42
N ARG G 488 -30.81 37.37 43.88
CA ARG G 488 -30.59 38.06 42.65
C ARG G 488 -29.34 38.96 42.86
N ILE G 489 -29.12 39.61 43.99
CA ILE G 489 -27.99 40.49 44.30
C ILE G 489 -26.76 39.73 44.24
N ASN G 490 -26.74 38.55 44.91
CA ASN G 490 -25.61 37.66 44.93
C ASN G 490 -25.24 37.10 43.59
N ALA G 491 -26.27 36.65 42.81
CA ALA G 491 -26.07 35.96 41.53
C ALA G 491 -25.45 36.88 40.47
N LEU G 492 -25.89 38.15 40.40
CA LEU G 492 -25.23 39.18 39.49
C LEU G 492 -23.86 39.44 39.75
N THR G 493 -23.54 39.68 41.02
CA THR G 493 -22.18 40.12 41.39
C THR G 493 -21.18 38.93 41.22
N ALA G 494 -21.57 37.75 41.62
CA ALA G 494 -20.79 36.52 41.43
C ALA G 494 -20.57 36.17 39.96
N ALA G 495 -21.64 36.35 39.12
CA ALA G 495 -21.54 36.12 37.64
C ALA G 495 -20.60 37.06 36.95
N SER G 496 -20.54 38.39 37.29
CA SER G 496 -19.58 39.37 36.71
C SER G 496 -18.14 39.00 37.09
N GLU G 497 -17.97 38.64 38.41
CA GLU G 497 -16.67 38.46 39.06
C GLU G 497 -16.00 37.30 38.37
N ALA G 498 -16.78 36.16 38.14
CA ALA G 498 -16.41 34.93 37.57
C ALA G 498 -15.95 35.19 36.10
N ALA G 499 -16.63 36.14 35.39
CA ALA G 499 -16.51 36.43 34.05
C ALA G 499 -15.31 37.10 33.62
N CYS G 500 -14.92 38.11 34.47
CA CYS G 500 -13.88 39.11 34.18
C CYS G 500 -12.57 38.37 34.18
N LEU G 501 -12.41 37.38 35.09
CA LEU G 501 -11.20 36.61 35.16
C LEU G 501 -10.89 35.84 33.88
N ILE G 502 -11.89 35.17 33.31
CA ILE G 502 -11.66 34.30 32.16
C ILE G 502 -11.29 35.14 30.89
N VAL G 503 -12.03 36.27 30.58
CA VAL G 503 -11.80 36.99 29.39
C VAL G 503 -10.44 37.70 29.42
N SER G 504 -9.97 38.03 30.63
CA SER G 504 -8.67 38.61 30.90
C SER G 504 -7.54 37.62 30.61
N VAL G 505 -7.63 36.40 31.12
CA VAL G 505 -6.61 35.47 30.76
C VAL G 505 -6.79 35.11 29.35
N ASP G 506 -5.66 35.13 28.62
CA ASP G 506 -5.64 34.63 27.27
C ASP G 506 -4.17 34.10 27.04
N GLU G 507 -3.38 34.16 28.11
CA GLU G 507 -1.98 33.69 28.07
C GLU G 507 -1.89 32.73 29.25
N THR G 508 -1.83 31.45 28.94
CA THR G 508 -1.79 30.41 29.90
C THR G 508 -0.44 29.67 29.83
N ILE G 509 0.17 29.58 31.03
CA ILE G 509 1.42 28.90 31.20
C ILE G 509 1.01 27.86 32.13
N LYS G 510 1.41 26.55 31.77
CA LYS G 510 0.96 25.31 32.33
C LYS G 510 2.31 24.62 32.62
N ASN G 511 2.33 23.77 33.60
CA ASN G 511 3.48 22.90 33.81
C ASN G 511 2.86 21.51 34.03
N PRO G 512 3.24 20.45 33.31
CA PRO G 512 2.75 19.11 33.58
C PRO G 512 3.76 18.44 34.49
N ARG G 513 4.67 19.25 35.07
CA ARG G 513 5.51 18.80 36.12
C ARG G 513 4.69 18.60 37.41
N MET H 1 24.97 20.95 10.17
CA MET H 1 26.36 21.07 10.22
C MET H 1 27.05 20.36 9.13
N LEU H 2 28.39 20.38 9.27
CA LEU H 2 29.38 19.79 8.39
C LEU H 2 30.26 18.98 9.32
N LYS H 3 29.95 18.99 10.64
CA LYS H 3 30.81 18.51 11.71
C LYS H 3 29.87 17.65 12.50
N GLU H 4 30.52 16.66 13.09
CA GLU H 4 29.91 15.71 13.98
C GLU H 4 30.49 16.03 15.36
N GLY H 5 30.93 17.29 15.54
CA GLY H 5 31.42 17.83 16.74
C GLY H 5 30.72 19.17 16.89
N ALA H 6 31.32 20.15 17.71
CA ALA H 6 31.01 21.53 17.81
C ALA H 6 29.50 21.79 17.91
N LYS H 7 28.90 21.44 19.05
CA LYS H 7 27.55 21.55 19.28
C LYS H 7 27.18 23.01 19.57
N HIS H 8 26.11 23.45 18.90
CA HIS H 8 25.43 24.75 18.98
C HIS H 8 23.97 24.45 18.71
N PHE H 9 23.02 25.31 19.21
CA PHE H 9 21.63 25.31 18.92
C PHE H 9 21.29 26.76 18.34
N SER H 10 22.32 27.66 18.43
CA SER H 10 22.19 29.03 17.98
C SER H 10 23.34 29.26 17.00
N GLY H 11 23.38 30.38 16.24
CA GLY H 11 24.41 30.61 15.26
C GLY H 11 23.81 30.57 13.89
N LEU H 12 24.51 31.36 12.98
CA LEU H 12 24.11 31.60 11.62
C LEU H 12 22.80 32.34 11.60
N GLU H 13 21.78 31.73 10.94
CA GLU H 13 20.39 32.08 10.76
C GLU H 13 19.73 32.06 12.11
N GLU H 14 20.01 31.09 13.00
CA GLU H 14 19.30 30.85 14.21
C GLU H 14 19.62 31.87 15.31
N ALA H 15 20.79 32.54 15.35
CA ALA H 15 21.17 33.60 16.23
C ALA H 15 20.38 34.82 15.88
N VAL H 16 20.41 35.08 14.55
CA VAL H 16 19.85 36.35 14.03
C VAL H 16 18.31 36.36 14.13
N TYR H 17 17.65 35.26 13.62
CA TYR H 17 16.26 35.11 13.64
C TYR H 17 15.74 34.44 14.87
N ARG H 18 16.04 33.19 15.24
CA ARG H 18 15.32 32.44 16.20
C ARG H 18 15.37 32.92 17.63
N ASN H 19 16.47 33.45 18.04
CA ASN H 19 16.71 34.00 19.41
C ASN H 19 15.83 35.15 19.71
N ILE H 20 15.72 36.08 18.71
CA ILE H 20 14.96 37.31 18.84
C ILE H 20 13.41 37.07 19.00
N GLN H 21 12.89 36.10 18.19
CA GLN H 21 11.52 35.66 18.16
C GLN H 21 11.12 35.00 19.47
N ALA H 22 12.09 34.26 20.07
CA ALA H 22 11.89 33.74 21.45
C ALA H 22 11.83 34.78 22.58
N CYS H 23 12.66 35.86 22.52
CA CYS H 23 12.75 36.94 23.51
C CYS H 23 11.42 37.61 23.42
N LYS H 24 10.89 37.81 22.21
CA LYS H 24 9.69 38.43 21.86
C LYS H 24 8.52 37.70 22.54
N GLU H 25 8.46 36.35 22.48
CA GLU H 25 7.42 35.58 23.18
C GLU H 25 7.47 35.74 24.69
N LEU H 26 8.65 35.73 25.38
CA LEU H 26 8.67 35.94 26.85
C LEU H 26 8.06 37.26 27.18
N ALA H 27 8.38 38.35 26.37
CA ALA H 27 8.20 39.70 26.67
C ALA H 27 6.80 40.18 26.18
N GLN H 28 5.92 39.25 25.69
CA GLN H 28 4.59 39.37 25.36
C GLN H 28 3.73 39.40 26.67
N THR H 29 4.32 38.91 27.72
CA THR H 29 3.64 38.85 29.04
C THR H 29 3.89 40.14 29.78
N THR H 30 4.46 41.11 29.11
CA THR H 30 4.83 42.37 29.77
C THR H 30 4.52 43.46 28.74
N ARG H 31 3.67 43.14 27.70
CA ARG H 31 3.18 44.08 26.70
C ARG H 31 1.68 43.98 26.90
N THR H 32 1.28 43.59 28.11
CA THR H 32 0.03 43.55 28.65
C THR H 32 0.16 44.04 30.20
N ALA H 33 1.38 44.43 30.50
CA ALA H 33 1.80 44.65 31.90
C ALA H 33 2.58 45.95 31.84
N TYR H 34 2.66 46.53 33.08
CA TYR H 34 3.42 47.59 33.49
C TYR H 34 2.49 48.71 33.48
N GLY H 35 2.03 49.22 34.61
CA GLY H 35 1.16 50.31 34.75
C GLY H 35 -0.22 49.94 34.46
N PRO H 36 -1.07 50.88 34.03
CA PRO H 36 -2.49 50.61 33.80
C PRO H 36 -2.82 49.42 33.03
N ASN H 37 -3.55 48.43 33.59
CA ASN H 37 -3.87 47.16 32.93
C ASN H 37 -5.09 46.49 33.57
N GLY H 38 -5.70 45.49 32.83
CA GLY H 38 -6.78 44.71 33.44
C GLY H 38 -6.44 43.23 33.22
N MET H 39 -5.28 42.89 32.60
CA MET H 39 -4.75 41.61 32.28
C MET H 39 -4.59 40.82 33.51
N ASN H 40 -4.76 39.54 33.40
CA ASN H 40 -4.50 38.67 34.43
C ASN H 40 -3.87 37.51 33.66
N LYS H 41 -2.85 36.79 34.18
CA LYS H 41 -2.26 35.68 33.58
C LYS H 41 -2.38 34.63 34.64
N MET H 42 -2.99 33.51 34.31
CA MET H 42 -3.13 32.36 35.26
C MET H 42 -2.06 31.39 34.90
N VAL H 43 -1.35 30.94 35.92
CA VAL H 43 -0.35 29.95 35.75
C VAL H 43 -0.49 28.87 36.82
N ILE H 44 -0.45 27.63 36.40
CA ILE H 44 -0.50 26.48 37.25
C ILE H 44 0.71 25.69 37.10
N ASN H 45 0.93 24.73 38.01
CA ASN H 45 2.27 24.31 38.38
C ASN H 45 1.98 23.27 39.45
N HIS H 46 0.71 22.85 39.65
CA HIS H 46 0.34 21.84 40.63
C HIS H 46 0.66 22.23 42.08
N LEU H 47 0.17 23.43 42.42
CA LEU H 47 0.44 24.05 43.70
C LEU H 47 -0.75 24.04 44.55
N GLU H 48 -1.77 23.23 44.13
CA GLU H 48 -3.06 22.99 44.65
C GLU H 48 -3.87 24.25 44.68
N LYS H 49 -3.45 25.22 43.83
CA LYS H 49 -4.25 26.42 43.81
C LYS H 49 -3.97 26.99 42.48
N LEU H 50 -4.73 28.07 42.20
CA LEU H 50 -4.51 28.89 41.01
C LEU H 50 -3.56 30.08 41.36
N PHE H 51 -2.49 30.36 40.57
CA PHE H 51 -1.60 31.39 40.86
C PHE H 51 -1.75 32.53 39.89
N VAL H 52 -2.20 33.74 40.39
CA VAL H 52 -2.55 34.88 39.59
C VAL H 52 -1.50 35.92 39.92
N THR H 53 -0.90 36.46 38.87
CA THR H 53 0.26 37.31 38.98
C THR H 53 0.16 38.25 37.86
N ASN H 54 0.82 39.46 38.01
CA ASN H 54 1.06 40.37 36.85
C ASN H 54 2.46 40.95 37.21
N ASP H 55 3.35 40.06 37.66
CA ASP H 55 4.73 40.27 38.01
C ASP H 55 5.51 39.31 37.21
N ALA H 56 6.68 39.86 36.76
CA ALA H 56 7.60 39.21 35.85
C ALA H 56 8.37 38.02 36.49
N ALA H 57 8.77 38.17 37.80
CA ALA H 57 9.62 37.19 38.54
C ALA H 57 9.02 35.81 38.61
N THR H 58 7.80 35.64 39.00
CA THR H 58 7.02 34.38 39.03
C THR H 58 6.65 33.82 37.65
N ILE H 59 6.33 34.72 36.67
CA ILE H 59 6.06 34.25 35.31
C ILE H 59 7.23 33.52 34.65
N LEU H 60 8.45 34.22 34.71
CA LEU H 60 9.80 33.88 34.25
C LEU H 60 10.37 32.68 34.79
N ARG H 61 10.31 32.47 36.16
CA ARG H 61 10.95 31.29 36.79
C ARG H 61 10.22 29.97 36.38
N GLU H 62 8.83 30.03 36.17
CA GLU H 62 7.96 28.96 35.82
C GLU H 62 8.32 28.40 34.42
N LEU H 63 8.67 29.37 33.57
CA LEU H 63 8.80 29.22 32.12
C LEU H 63 10.27 28.95 31.93
N GLU H 64 10.57 27.76 31.25
CA GLU H 64 11.89 27.32 30.99
C GLU H 64 12.06 27.42 29.58
N VAL H 65 13.28 27.83 29.13
CA VAL H 65 13.64 27.93 27.69
C VAL H 65 14.98 27.27 27.56
N GLN H 66 15.25 26.69 26.39
CA GLN H 66 16.37 25.78 26.20
C GLN H 66 17.51 26.54 25.46
N HIS H 67 17.44 27.87 25.36
CA HIS H 67 18.31 28.71 24.55
C HIS H 67 18.95 29.63 25.46
N PRO H 68 20.20 30.01 25.35
CA PRO H 68 20.87 30.85 26.34
C PRO H 68 20.42 32.33 26.24
N ALA H 69 20.06 32.82 25.09
CA ALA H 69 19.66 34.15 24.73
C ALA H 69 18.43 34.63 25.49
N ALA H 70 17.42 33.75 25.54
CA ALA H 70 16.12 34.02 26.24
C ALA H 70 16.33 33.75 27.72
N LYS H 71 17.12 32.71 28.12
CA LYS H 71 17.31 32.30 29.50
C LYS H 71 18.09 33.38 30.32
N MET H 72 19.07 34.05 29.72
CA MET H 72 19.99 34.99 30.33
C MET H 72 19.21 36.20 30.90
N ILE H 73 18.11 36.66 30.31
CA ILE H 73 17.47 37.96 30.66
C ILE H 73 16.70 37.82 31.92
N VAL H 74 16.23 36.59 32.19
CA VAL H 74 15.46 36.21 33.41
C VAL H 74 16.28 36.52 34.63
N MET H 75 17.62 36.32 34.55
CA MET H 75 18.61 36.63 35.60
C MET H 75 18.73 38.10 35.80
N ALA H 76 18.70 38.94 34.77
CA ALA H 76 18.78 40.38 34.84
C ALA H 76 17.59 41.00 35.48
N SER H 77 16.40 40.38 35.26
CA SER H 77 15.17 40.73 35.87
C SER H 77 15.12 40.41 37.36
N HIS H 78 15.75 39.27 37.76
CA HIS H 78 15.84 38.96 39.12
C HIS H 78 16.71 39.90 39.86
N MET H 79 17.77 40.42 39.20
CA MET H 79 18.76 41.30 39.76
C MET H 79 18.08 42.64 40.11
N GLN H 80 17.22 43.13 39.22
CA GLN H 80 16.53 44.35 39.41
C GLN H 80 15.49 44.13 40.46
N GLU H 81 14.93 42.84 40.65
CA GLU H 81 13.95 42.45 41.72
C GLU H 81 14.56 42.63 43.16
N GLN H 82 15.85 42.27 43.34
CA GLN H 82 16.58 42.42 44.62
C GLN H 82 16.82 43.81 44.94
N GLU H 83 17.27 44.68 43.93
CA GLU H 83 17.74 46.01 44.24
C GLU H 83 16.59 46.95 44.36
N VAL H 84 15.49 46.61 43.70
CA VAL H 84 14.29 47.48 43.64
C VAL H 84 13.08 46.63 43.37
N GLY H 85 11.87 47.17 43.59
CA GLY H 85 10.62 46.54 43.36
C GLY H 85 10.07 46.45 41.97
N ASP H 86 8.86 47.10 41.77
CA ASP H 86 8.21 47.25 40.48
C ASP H 86 9.02 47.98 39.40
N GLY H 87 9.00 47.39 38.16
CA GLY H 87 9.73 47.83 37.02
C GLY H 87 10.33 46.59 36.58
N THR H 88 10.03 45.45 37.18
CA THR H 88 10.60 44.19 36.75
C THR H 88 10.15 43.86 35.35
N ASN H 89 8.83 44.19 35.08
CA ASN H 89 8.23 43.93 33.82
C ASN H 89 8.92 44.72 32.72
N PHE H 90 9.26 46.01 33.04
CA PHE H 90 9.85 47.03 32.20
C PHE H 90 11.23 46.64 31.75
N VAL H 91 11.94 45.87 32.64
CA VAL H 91 13.32 45.38 32.30
C VAL H 91 13.29 44.41 31.08
N LEU H 92 12.40 43.43 31.03
CA LEU H 92 12.24 42.36 30.08
C LEU H 92 11.66 42.87 28.79
N VAL H 93 10.64 43.77 28.83
CA VAL H 93 9.96 44.34 27.61
C VAL H 93 11.01 45.14 26.89
N PHE H 94 11.87 45.90 27.60
CA PHE H 94 12.91 46.74 27.01
C PHE H 94 13.96 46.00 26.28
N ALA H 95 14.44 44.99 26.89
CA ALA H 95 15.51 44.14 26.34
C ALA H 95 14.89 43.50 25.14
N GLY H 96 13.69 42.92 25.28
CA GLY H 96 12.97 42.23 24.22
C GLY H 96 12.51 43.08 23.04
N ALA H 97 12.31 44.37 23.37
CA ALA H 97 11.82 45.26 22.32
C ALA H 97 12.94 45.64 21.43
N LEU H 98 14.09 45.96 22.04
CA LEU H 98 15.39 46.42 21.49
C LEU H 98 15.97 45.41 20.58
N LEU H 99 15.80 44.12 20.98
CA LEU H 99 16.16 43.01 20.17
C LEU H 99 15.36 42.74 18.96
N GLU H 100 14.06 43.05 18.90
CA GLU H 100 13.26 43.07 17.70
C GLU H 100 13.74 44.14 16.78
N LEU H 101 13.95 45.40 17.31
CA LEU H 101 14.49 46.47 16.54
C LEU H 101 15.85 46.12 16.02
N ALA H 102 16.74 45.44 16.78
CA ALA H 102 18.02 45.05 16.33
C ALA H 102 18.14 44.21 15.07
N GLU H 103 17.19 43.18 15.00
CA GLU H 103 17.24 42.23 13.91
C GLU H 103 17.07 42.87 12.52
N GLU H 104 16.22 43.93 12.46
CA GLU H 104 15.96 44.81 11.32
C GLU H 104 17.23 45.50 10.85
N LEU H 105 18.09 45.92 11.80
CA LEU H 105 19.37 46.53 11.50
C LEU H 105 20.20 45.55 10.81
N LEU H 106 20.24 44.28 11.27
CA LEU H 106 21.13 43.21 10.80
C LEU H 106 20.85 42.91 9.35
N ARG H 107 19.51 42.99 8.93
CA ARG H 107 18.93 42.74 7.68
C ARG H 107 19.54 43.63 6.65
N ILE H 108 19.74 44.96 6.95
CA ILE H 108 20.03 46.05 5.99
C ILE H 108 21.43 45.85 5.46
N GLY H 109 22.39 45.43 6.32
CA GLY H 109 23.74 45.31 5.88
C GLY H 109 24.67 45.84 6.97
N LEU H 110 24.10 46.37 8.14
CA LEU H 110 24.81 46.72 9.31
C LEU H 110 25.29 45.48 10.09
N SER H 111 26.50 45.65 10.65
CA SER H 111 27.19 44.65 11.46
C SER H 111 26.67 44.68 12.93
N VAL H 112 26.87 43.49 13.57
CA VAL H 112 26.47 43.21 14.93
C VAL H 112 27.23 44.08 15.90
N SER H 113 28.59 44.15 15.79
CA SER H 113 29.39 44.77 16.75
C SER H 113 29.30 46.27 16.99
N GLU H 114 28.94 47.06 15.94
CA GLU H 114 28.75 48.53 16.12
C GLU H 114 27.49 48.82 16.79
N VAL H 115 26.45 47.96 16.56
CA VAL H 115 25.09 48.08 17.05
C VAL H 115 25.11 47.85 18.50
N ILE H 116 25.94 46.83 18.91
CA ILE H 116 26.30 46.50 20.24
C ILE H 116 26.93 47.70 20.93
N GLU H 117 27.85 48.40 20.29
CA GLU H 117 28.49 49.57 20.79
C GLU H 117 27.56 50.81 21.00
N GLY H 118 26.59 51.02 20.10
CA GLY H 118 25.77 52.18 20.10
C GLY H 118 24.76 52.19 21.20
N TYR H 119 24.38 51.03 21.80
CA TYR H 119 23.46 50.90 22.93
C TYR H 119 24.05 51.37 24.16
N GLU H 120 25.38 51.13 24.44
CA GLU H 120 26.11 51.44 25.62
C GLU H 120 26.19 52.93 25.73
N ILE H 121 26.37 53.57 24.59
CA ILE H 121 26.37 54.99 24.42
C ILE H 121 25.08 55.64 24.73
N ALA H 122 23.92 55.02 24.24
CA ALA H 122 22.55 55.53 24.34
C ALA H 122 22.14 55.39 25.80
N CYS H 123 22.48 54.31 26.44
CA CYS H 123 22.25 54.02 27.88
C CYS H 123 22.95 54.97 28.76
N ARG H 124 24.18 55.34 28.40
CA ARG H 124 24.87 56.32 29.15
C ARG H 124 24.22 57.69 28.98
N LYS H 125 23.74 58.17 27.84
CA LYS H 125 23.19 59.49 27.63
C LYS H 125 21.84 59.64 28.34
N ALA H 126 21.03 58.47 28.37
CA ALA H 126 19.66 58.37 28.92
C ALA H 126 19.76 58.50 30.39
N HIS H 127 20.76 57.81 31.05
CA HIS H 127 20.95 58.01 32.50
C HIS H 127 21.44 59.37 32.96
N GLU H 128 22.24 60.02 32.08
CA GLU H 128 22.81 61.28 32.34
C GLU H 128 21.72 62.42 32.39
N ILE H 129 20.64 62.32 31.50
CA ILE H 129 19.47 63.22 31.39
C ILE H 129 18.37 62.76 32.32
N LEU H 130 18.53 61.58 32.86
CA LEU H 130 17.51 61.06 33.82
C LEU H 130 17.32 61.82 35.15
N PRO H 131 18.25 62.34 35.91
CA PRO H 131 17.99 63.07 37.15
C PRO H 131 17.59 64.49 36.89
N ASN H 132 17.47 64.81 35.63
CA ASN H 132 16.96 66.09 35.18
C ASN H 132 15.54 65.95 34.76
N LEU H 133 14.98 64.70 34.91
CA LEU H 133 13.56 64.49 34.73
C LEU H 133 12.87 64.38 36.09
N VAL H 134 13.54 64.59 37.27
CA VAL H 134 12.94 64.75 38.60
C VAL H 134 12.06 65.95 38.57
N CYS H 135 10.80 65.75 39.04
CA CYS H 135 9.79 66.71 38.97
C CYS H 135 9.19 66.84 40.35
N CYS H 136 9.31 65.72 41.19
CA CYS H 136 8.72 65.69 42.55
C CYS H 136 9.56 64.78 43.39
N SER H 137 9.58 64.93 44.80
CA SER H 137 10.43 64.07 45.70
C SER H 137 9.81 64.27 47.02
N ALA H 138 10.03 63.32 47.89
CA ALA H 138 9.66 63.25 49.30
C ALA H 138 10.71 63.98 50.06
N LYS H 139 10.32 64.40 51.29
CA LYS H 139 11.26 64.83 52.25
C LYS H 139 11.00 64.19 53.59
N ASN H 140 9.72 63.87 53.85
CA ASN H 140 9.42 63.20 55.13
C ASN H 140 8.88 61.84 54.85
N LEU H 141 9.32 60.88 55.67
CA LEU H 141 8.97 59.50 55.37
C LEU H 141 7.90 59.10 56.38
N ARG H 142 7.57 59.94 57.40
CA ARG H 142 6.56 59.67 58.43
C ARG H 142 5.19 60.23 57.99
N ASP H 143 5.13 60.79 56.80
CA ASP H 143 3.96 61.45 56.19
C ASP H 143 3.47 60.53 55.17
N ILE H 144 2.23 60.12 55.38
CA ILE H 144 1.47 59.11 54.63
C ILE H 144 1.25 59.54 53.18
N ASP H 145 0.79 60.78 52.77
CA ASP H 145 0.64 61.11 51.32
C ASP H 145 1.93 61.05 50.42
N GLU H 146 3.08 61.49 50.95
CA GLU H 146 4.34 61.49 50.15
C GLU H 146 4.81 60.11 49.92
N VAL H 147 4.73 59.20 50.87
CA VAL H 147 5.05 57.74 50.67
C VAL H 147 4.01 57.04 49.75
N SER H 148 2.72 57.36 49.91
CA SER H 148 1.74 56.61 49.19
C SER H 148 1.74 56.82 47.67
N SER H 149 2.30 57.92 47.14
CA SER H 149 2.25 58.24 45.79
C SER H 149 3.18 57.33 44.98
N LEU H 150 4.23 56.92 45.70
CA LEU H 150 5.34 56.08 45.23
C LEU H 150 4.82 54.64 45.10
N LEU H 151 4.11 54.22 46.15
CA LEU H 151 3.56 52.89 46.36
C LEU H 151 2.62 52.55 45.33
N ARG H 152 1.86 53.58 44.98
CA ARG H 152 0.78 53.57 44.07
C ARG H 152 1.11 53.01 42.71
N THR H 153 2.18 53.37 42.10
CA THR H 153 2.70 52.83 40.88
C THR H 153 2.99 51.31 40.86
N SER H 154 3.48 50.75 41.96
CA SER H 154 3.66 49.34 42.02
C SER H 154 2.40 48.62 41.93
N ILE H 155 1.39 49.17 42.71
CA ILE H 155 0.01 48.57 42.87
C ILE H 155 -0.69 48.62 41.57
N MET H 156 -0.49 49.74 40.83
CA MET H 156 -1.13 50.05 39.57
C MET H 156 -0.89 49.07 38.47
N SER H 157 0.44 48.67 38.42
CA SER H 157 1.00 47.72 37.53
C SER H 157 0.25 46.44 37.72
N LYS H 158 -0.26 46.05 38.92
CA LYS H 158 -1.01 44.86 39.10
C LYS H 158 -2.40 44.91 38.60
N GLN H 159 -3.26 45.67 39.28
CA GLN H 159 -4.63 45.99 38.87
C GLN H 159 -4.81 47.48 39.05
N TYR H 160 -5.75 47.94 38.26
CA TYR H 160 -6.09 49.40 38.20
C TYR H 160 -7.34 49.69 38.95
N GLY H 161 -7.76 48.65 39.75
CA GLY H 161 -8.87 48.68 40.63
C GLY H 161 -8.44 48.68 42.05
N ASN H 162 -7.15 48.44 42.44
CA ASN H 162 -6.80 48.33 43.86
C ASN H 162 -5.69 49.37 44.31
N GLU H 163 -5.43 50.42 43.51
CA GLU H 163 -4.47 51.47 43.64
C GLU H 163 -4.75 52.30 44.92
N VAL H 164 -5.99 52.72 45.19
CA VAL H 164 -6.25 53.76 46.18
C VAL H 164 -6.03 53.19 47.55
N PHE H 165 -6.62 51.95 47.88
CA PHE H 165 -6.74 51.54 49.31
C PHE H 165 -5.31 51.14 49.81
N LEU H 166 -4.58 50.35 49.00
CA LEU H 166 -3.38 49.68 49.37
C LEU H 166 -2.24 50.57 49.59
N ALA H 167 -2.10 51.61 48.69
CA ALA H 167 -1.03 52.60 48.64
C ALA H 167 -0.99 53.43 49.90
N LYS H 168 -2.21 53.72 50.42
CA LYS H 168 -2.37 54.29 51.77
C LYS H 168 -2.00 53.38 52.89
N LEU H 169 -2.38 52.10 52.75
CA LEU H 169 -2.29 51.07 53.83
C LEU H 169 -0.89 50.73 54.28
N ILE H 170 0.02 50.62 53.26
CA ILE H 170 1.43 50.18 53.55
C ILE H 170 2.16 51.22 54.32
N ALA H 171 2.04 52.50 53.93
CA ALA H 171 2.61 53.64 54.54
C ALA H 171 2.11 53.86 55.95
N GLN H 172 0.78 53.57 56.18
CA GLN H 172 0.06 53.54 57.45
C GLN H 172 0.61 52.48 58.40
N ALA H 173 1.04 51.36 57.82
CA ALA H 173 1.41 50.17 58.65
C ALA H 173 2.92 50.25 58.81
N CYS H 174 3.58 51.25 58.06
CA CYS H 174 4.94 51.46 58.18
C CYS H 174 5.78 50.63 57.33
N VAL H 175 6.60 51.27 56.48
CA VAL H 175 7.85 50.64 56.08
C VAL H 175 8.84 51.80 56.41
N SER H 176 8.51 52.68 57.43
CA SER H 176 9.29 53.82 57.78
C SER H 176 9.86 53.71 59.22
N ILE H 177 9.74 52.50 59.82
CA ILE H 177 10.44 52.07 61.09
C ILE H 177 11.95 52.28 60.90
N PHE H 178 12.56 51.86 59.72
CA PHE H 178 13.97 52.09 59.43
C PHE H 178 14.18 53.49 58.98
N PRO H 179 15.37 54.01 59.07
CA PRO H 179 15.65 55.36 58.52
C PRO H 179 15.66 55.33 57.04
N ASP H 180 16.05 54.18 56.49
CA ASP H 180 16.23 53.84 55.11
C ASP H 180 17.25 54.85 54.58
N SER H 181 18.54 54.70 55.02
CA SER H 181 19.58 55.68 54.74
C SER H 181 20.93 55.02 54.80
N GLY H 182 20.97 53.68 54.84
CA GLY H 182 22.23 53.01 55.00
C GLY H 182 21.88 51.51 55.15
N HIS H 183 20.63 51.37 55.70
CA HIS H 183 20.13 50.15 56.26
C HIS H 183 18.68 50.13 56.01
N PHE H 184 18.24 48.94 55.57
CA PHE H 184 16.81 48.58 55.46
C PHE H 184 16.76 47.04 55.48
N ASN H 185 15.74 46.54 56.16
CA ASN H 185 15.42 45.15 56.16
C ASN H 185 14.10 44.86 55.48
N VAL H 186 14.11 43.79 54.60
CA VAL H 186 12.85 43.40 53.94
C VAL H 186 12.45 41.97 54.32
N ASP H 187 13.20 41.29 55.30
CA ASP H 187 12.74 39.93 55.69
C ASP H 187 12.13 40.15 57.07
N ASN H 188 12.10 41.42 57.60
CA ASN H 188 11.49 41.78 58.87
C ASN H 188 10.15 42.49 58.56
N ILE H 189 9.73 42.52 57.29
CA ILE H 189 8.37 42.78 56.77
C ILE H 189 8.00 41.66 55.82
N ARG H 190 6.82 41.01 56.04
CA ARG H 190 6.29 39.99 55.20
C ARG H 190 4.98 40.49 54.87
N VAL H 191 4.32 39.86 53.86
CA VAL H 191 2.89 40.08 53.54
C VAL H 191 2.21 38.78 53.97
N CYS H 192 1.21 38.87 54.94
CA CYS H 192 0.65 37.76 55.65
C CYS H 192 -0.80 37.76 55.33
N LYS H 193 -1.21 36.64 54.70
CA LYS H 193 -2.50 36.42 54.24
C LYS H 193 -3.30 35.88 55.37
N ILE H 194 -4.47 36.52 55.63
CA ILE H 194 -5.50 36.06 56.57
C ILE H 194 -6.72 35.78 55.78
N LEU H 195 -7.04 34.50 55.61
CA LEU H 195 -8.30 34.16 54.93
C LEU H 195 -9.54 34.55 55.69
N GLY H 196 -10.50 35.20 54.97
CA GLY H 196 -11.79 35.62 55.49
C GLY H 196 -11.92 37.12 55.38
N SER H 197 -13.18 37.70 55.16
CA SER H 197 -13.38 39.14 55.05
C SER H 197 -12.90 39.76 53.77
N GLY H 198 -13.42 40.94 53.38
CA GLY H 198 -13.02 41.63 52.19
C GLY H 198 -11.67 42.28 52.30
N ILE H 199 -11.20 42.73 51.14
CA ILE H 199 -9.80 43.17 50.89
C ILE H 199 -9.75 44.67 51.07
N SER H 200 -10.83 45.37 51.33
CA SER H 200 -10.82 46.73 51.82
C SER H 200 -10.80 46.63 53.34
N SER H 201 -11.06 45.44 53.90
CA SER H 201 -11.04 45.13 55.32
C SER H 201 -9.69 44.70 55.80
N SER H 202 -8.61 44.80 54.91
CA SER H 202 -7.18 44.57 55.10
C SER H 202 -6.76 45.63 56.05
N SER H 203 -5.82 45.29 57.08
CA SER H 203 -5.78 46.06 58.31
C SER H 203 -4.32 46.37 58.59
N VAL H 204 -4.03 47.16 59.65
CA VAL H 204 -2.71 47.52 60.12
C VAL H 204 -2.59 46.76 61.44
N LEU H 205 -1.36 46.12 61.56
CA LEU H 205 -0.87 45.37 62.69
C LEU H 205 0.60 45.61 62.57
N HIS H 206 1.23 45.77 63.75
CA HIS H 206 2.59 46.04 63.87
C HIS H 206 3.27 44.85 64.47
N GLY H 207 4.37 44.38 63.82
CA GLY H 207 5.22 43.27 64.24
C GLY H 207 4.54 42.02 63.70
N MET H 208 5.24 40.81 63.91
CA MET H 208 4.93 39.49 63.40
C MET H 208 3.49 39.03 63.65
N VAL H 209 2.88 38.59 62.51
CA VAL H 209 1.51 38.11 62.44
C VAL H 209 1.77 36.63 62.05
N PHE H 210 1.10 35.64 62.83
CA PHE H 210 1.06 34.20 62.50
C PHE H 210 -0.43 33.87 62.65
N LYS H 211 -1.01 33.17 61.65
CA LYS H 211 -2.43 32.84 61.68
C LYS H 211 -2.91 31.92 62.75
N LYS H 212 -2.09 30.96 63.12
CA LYS H 212 -2.47 29.84 64.01
C LYS H 212 -3.00 30.33 65.36
N GLU H 213 -4.10 29.72 65.79
CA GLU H 213 -4.77 29.92 67.03
C GLU H 213 -3.94 29.64 68.24
N THR H 214 -4.29 30.50 69.25
CA THR H 214 -3.64 30.51 70.50
C THR H 214 -4.41 29.66 71.40
N GLU H 215 -3.74 28.84 72.21
CA GLU H 215 -4.18 27.96 73.20
C GLU H 215 -3.65 28.29 74.55
N GLY H 216 -4.36 27.94 75.66
CA GLY H 216 -3.92 28.15 76.99
C GLY H 216 -4.14 29.63 77.37
N ASP H 217 -3.31 30.00 78.33
CA ASP H 217 -3.27 31.34 78.85
C ASP H 217 -2.47 32.22 77.84
N VAL H 218 -2.54 33.59 77.91
CA VAL H 218 -1.72 34.38 77.05
C VAL H 218 -0.87 35.22 77.94
N THR H 219 0.38 35.49 77.43
CA THR H 219 1.39 36.29 78.21
C THR H 219 1.26 37.67 77.69
N SER H 220 1.90 38.64 78.37
CA SER H 220 1.98 40.08 78.04
C SER H 220 3.27 40.62 78.65
N VAL H 221 4.21 39.69 79.05
CA VAL H 221 5.52 40.01 79.62
C VAL H 221 6.52 40.38 78.62
N LYS H 222 7.59 41.01 79.15
CA LYS H 222 8.70 41.54 78.41
C LYS H 222 9.90 40.64 78.53
N ASP H 223 9.82 39.58 79.30
CA ASP H 223 10.78 38.48 79.39
C ASP H 223 10.56 37.35 78.39
N ALA H 224 9.58 37.55 77.53
CA ALA H 224 9.15 36.60 76.53
C ALA H 224 10.08 36.72 75.30
N LYS H 225 10.92 35.65 75.19
CA LYS H 225 11.90 35.41 74.12
C LYS H 225 11.38 34.19 73.49
N ILE H 226 11.61 34.14 72.19
CA ILE H 226 10.96 33.19 71.35
C ILE H 226 11.80 31.95 71.37
N ALA H 227 11.14 30.73 71.43
CA ALA H 227 11.87 29.46 71.27
C ALA H 227 11.01 28.84 70.13
N VAL H 228 11.70 28.26 69.12
CA VAL H 228 11.04 27.76 67.92
C VAL H 228 11.53 26.33 67.83
N TYR H 229 10.55 25.45 67.64
CA TYR H 229 10.77 24.06 67.44
C TYR H 229 9.79 23.67 66.42
N SER H 230 10.20 22.90 65.36
CA SER H 230 9.36 22.36 64.28
C SER H 230 8.39 21.32 64.89
N CYS H 231 8.94 20.35 65.68
CA CYS H 231 8.20 19.28 66.30
C CYS H 231 8.74 19.05 67.65
N PRO H 232 8.22 19.55 68.76
CA PRO H 232 8.79 19.24 70.06
C PRO H 232 7.90 18.16 70.70
N PHE H 233 6.74 17.83 70.11
CA PHE H 233 5.79 16.78 70.56
C PHE H 233 5.38 15.97 69.38
N ASP H 234 5.37 14.65 69.61
CA ASP H 234 4.88 13.62 68.75
C ASP H 234 4.41 12.44 69.57
N GLY H 235 4.33 12.58 70.94
CA GLY H 235 4.40 11.56 71.90
C GLY H 235 5.90 11.44 72.04
N MET H 236 6.35 11.51 73.31
CA MET H 236 7.74 11.41 73.73
C MET H 236 8.30 10.01 73.55
N ILE H 237 7.39 9.00 73.53
CA ILE H 237 7.69 7.63 73.23
C ILE H 237 6.76 7.26 72.11
N THR H 238 7.33 6.57 71.07
CA THR H 238 6.45 6.06 69.99
C THR H 238 6.03 4.66 70.37
N GLU H 239 4.82 4.26 69.93
CA GLU H 239 4.32 2.92 70.21
C GLU H 239 4.92 2.05 69.14
N THR H 240 5.10 0.76 69.50
CA THR H 240 4.89 -0.38 68.59
C THR H 240 3.61 -1.10 69.08
N LYS H 241 3.01 -1.97 68.24
CA LYS H 241 1.66 -2.47 68.54
C LYS H 241 1.64 -3.90 68.24
N GLY H 242 1.37 -4.81 69.22
CA GLY H 242 1.56 -6.22 69.02
C GLY H 242 0.24 -6.99 68.94
N THR H 243 -0.88 -6.30 69.35
CA THR H 243 -2.18 -6.93 69.27
C THR H 243 -2.86 -6.12 68.21
N VAL H 244 -2.09 -5.39 67.40
CA VAL H 244 -2.54 -4.53 66.37
C VAL H 244 -3.57 -3.54 66.89
N LEU H 245 -3.36 -3.00 68.11
CA LEU H 245 -4.18 -2.03 68.74
C LEU H 245 -3.09 -1.40 69.56
N ILE H 246 -2.51 -2.12 70.61
CA ILE H 246 -1.59 -1.61 71.54
C ILE H 246 -0.58 -2.75 71.78
N LYS H 247 0.59 -2.41 72.41
CA LYS H 247 1.48 -3.51 72.80
C LYS H 247 1.65 -3.18 74.25
N THR H 248 1.05 -4.00 75.16
CA THR H 248 -0.36 -4.25 75.25
C THR H 248 -0.82 -3.42 76.46
N ALA H 249 -1.44 -3.98 77.53
CA ALA H 249 -2.33 -3.28 78.40
C ALA H 249 -1.54 -2.71 79.56
N GLU H 250 -0.61 -3.48 80.16
CA GLU H 250 0.18 -3.08 81.24
C GLU H 250 1.32 -2.11 80.75
N GLU H 251 1.55 -2.26 79.52
CA GLU H 251 2.59 -1.49 78.80
C GLU H 251 2.04 -0.15 78.42
N LEU H 252 0.74 -0.09 78.19
CA LEU H 252 0.05 1.15 77.72
C LEU H 252 0.00 2.13 78.88
N MET H 253 -0.13 1.56 80.12
CA MET H 253 -0.02 2.27 81.34
C MET H 253 1.33 3.01 81.46
N ASN H 254 2.41 2.31 81.04
CA ASN H 254 3.78 2.86 81.23
C ASN H 254 4.16 3.92 80.21
N PHE H 255 3.66 3.74 78.92
CA PHE H 255 3.87 4.56 77.77
C PHE H 255 3.27 5.91 78.03
N SER H 256 1.97 5.98 78.62
CA SER H 256 1.37 7.20 79.09
C SER H 256 2.02 7.89 80.30
N LYS H 257 2.52 7.12 81.32
CA LYS H 257 3.15 7.66 82.55
C LYS H 257 4.44 8.32 82.17
N GLY H 258 5.27 7.69 81.26
CA GLY H 258 6.59 8.16 80.85
C GLY H 258 6.44 9.38 79.99
N GLU H 259 5.39 9.50 79.09
CA GLU H 259 5.09 10.72 78.30
C GLU H 259 4.81 11.98 79.17
N GLU H 260 4.07 11.78 80.25
CA GLU H 260 3.55 12.84 81.04
C GLU H 260 4.67 13.41 81.94
N ASN H 261 5.62 12.51 82.46
CA ASN H 261 6.70 12.88 83.26
C ASN H 261 7.86 13.52 82.38
N LEU H 262 8.14 13.01 81.15
CA LEU H 262 9.10 13.61 80.20
C LEU H 262 8.67 14.94 79.63
N MET H 263 7.35 15.04 79.33
CA MET H 263 6.79 16.35 78.87
C MET H 263 6.81 17.38 79.97
N ASP H 264 6.66 16.99 81.27
CA ASP H 264 6.74 17.86 82.44
C ASP H 264 8.08 18.50 82.53
N ALA H 265 9.12 17.62 82.42
CA ALA H 265 10.50 18.10 82.40
C ALA H 265 10.91 19.03 81.28
N GLN H 266 10.49 18.70 80.04
CA GLN H 266 10.75 19.48 78.83
C GLN H 266 10.19 20.86 78.93
N VAL H 267 8.90 20.97 79.35
CA VAL H 267 8.08 22.18 79.41
C VAL H 267 8.41 22.99 80.63
N LYS H 268 8.94 22.34 81.73
CA LYS H 268 9.50 23.06 82.79
C LYS H 268 10.90 23.63 82.45
N ALA H 269 11.67 23.00 81.52
CA ALA H 269 13.01 23.49 81.11
C ALA H 269 12.90 24.82 80.33
N ILE H 270 11.81 24.94 79.57
CA ILE H 270 11.38 26.08 78.75
C ILE H 270 10.98 27.19 79.53
N ALA H 271 10.29 26.93 80.69
CA ALA H 271 9.80 27.82 81.65
C ALA H 271 10.84 28.53 82.44
N ASP H 272 11.88 27.72 82.82
CA ASP H 272 12.98 28.17 83.61
C ASP H 272 13.94 28.99 82.82
N THR H 273 14.16 28.63 81.50
CA THR H 273 15.33 29.21 80.78
C THR H 273 15.06 30.67 80.34
N GLY H 274 13.87 31.23 80.70
CA GLY H 274 13.42 32.50 80.17
C GLY H 274 12.71 32.40 78.83
N ALA H 275 12.18 31.23 78.42
CA ALA H 275 11.38 31.20 77.21
C ALA H 275 9.88 31.10 77.64
N ASN H 276 9.16 32.21 77.43
CA ASN H 276 7.80 32.34 77.97
C ASN H 276 6.77 32.45 76.84
N VAL H 277 7.26 32.19 75.58
CA VAL H 277 6.43 31.98 74.41
C VAL H 277 7.15 30.98 73.53
N VAL H 278 6.40 29.79 73.42
CA VAL H 278 6.97 28.70 72.63
C VAL H 278 6.08 28.48 71.49
N VAL H 279 6.71 28.43 70.36
CA VAL H 279 6.06 28.16 69.06
C VAL H 279 6.14 26.72 68.72
N THR H 280 4.98 26.01 68.70
CA THR H 280 4.90 24.58 68.45
C THR H 280 4.34 24.32 67.04
N GLY H 281 5.10 23.62 66.23
CA GLY H 281 4.74 23.24 64.88
C GLY H 281 4.31 21.75 64.95
N GLY H 282 4.51 21.12 66.14
CA GLY H 282 4.07 19.82 66.52
C GLY H 282 2.69 19.75 66.80
N LYS H 283 2.30 18.94 67.78
CA LYS H 283 0.90 18.68 68.15
C LYS H 283 0.68 18.91 69.65
N VAL H 284 -0.34 19.65 70.10
CA VAL H 284 -0.50 19.96 71.48
C VAL H 284 -1.37 18.93 72.03
N ALA H 285 -0.80 18.09 72.92
CA ALA H 285 -1.53 17.01 73.56
C ALA H 285 -2.19 17.61 74.75
N ASP H 286 -3.03 16.91 75.55
CA ASP H 286 -3.60 17.43 76.78
C ASP H 286 -2.46 17.65 77.86
N MET H 287 -1.50 16.70 77.91
CA MET H 287 -0.43 16.59 78.90
C MET H 287 0.50 17.81 78.76
N ALA H 288 0.88 18.16 77.51
CA ALA H 288 1.70 19.26 77.13
C ALA H 288 1.09 20.63 77.43
N LEU H 289 -0.27 20.71 77.13
CA LEU H 289 -1.12 21.87 77.43
C LEU H 289 -1.20 22.12 78.89
N HIS H 290 -1.35 21.08 79.71
CA HIS H 290 -1.59 21.06 81.19
C HIS H 290 -0.39 21.62 81.87
N TYR H 291 0.82 21.23 81.38
CA TYR H 291 2.10 21.80 81.84
C TYR H 291 2.27 23.32 81.59
N ALA H 292 1.99 23.78 80.29
CA ALA H 292 2.16 25.15 79.87
C ALA H 292 1.16 26.11 80.56
N ASN H 293 -0.01 25.63 81.00
CA ASN H 293 -0.91 26.48 81.86
C ASN H 293 -0.32 26.80 83.20
N LYS H 294 0.33 25.83 83.81
CA LYS H 294 1.01 26.03 85.12
C LYS H 294 2.17 27.05 85.03
N TYR H 295 3.15 26.90 84.03
CA TYR H 295 4.34 27.72 83.87
C TYR H 295 4.01 29.13 83.30
N ASN H 296 2.79 29.33 82.68
CA ASN H 296 2.41 30.59 82.14
C ASN H 296 3.00 30.88 80.84
N ILE H 297 2.85 30.02 79.80
CA ILE H 297 3.52 30.14 78.50
C ILE H 297 2.43 30.18 77.52
N MET H 298 2.53 31.18 76.55
CA MET H 298 1.64 31.31 75.44
C MET H 298 2.07 30.16 74.49
N LEU H 299 1.03 29.42 73.96
CA LEU H 299 1.18 28.15 73.25
C LEU H 299 0.51 28.41 71.88
N VAL H 300 1.26 27.99 70.79
CA VAL H 300 0.83 28.19 69.42
C VAL H 300 0.72 26.78 68.91
N ARG H 301 -0.62 26.38 68.67
CA ARG H 301 -1.09 25.05 68.40
C ARG H 301 -0.26 24.38 67.36
N LEU H 302 -0.21 24.99 66.19
CA LEU H 302 0.27 24.38 64.97
C LEU H 302 1.11 25.46 64.22
N ASN H 303 1.87 25.01 63.20
CA ASN H 303 2.58 25.96 62.36
C ASN H 303 2.62 25.15 61.09
N SER H 304 2.83 25.77 59.91
CA SER H 304 3.14 25.13 58.65
C SER H 304 4.46 25.68 58.30
N LYS H 305 5.04 25.26 57.13
CA LYS H 305 6.41 25.52 56.69
C LYS H 305 6.74 26.95 56.55
N TRP H 306 5.68 27.69 56.06
CA TRP H 306 5.68 29.08 55.71
C TRP H 306 5.86 29.90 56.96
N ASP H 307 5.15 29.49 58.12
CA ASP H 307 5.17 30.15 59.39
C ASP H 307 6.53 29.97 60.09
N LEU H 308 7.12 28.76 60.01
CA LEU H 308 8.46 28.44 60.54
C LEU H 308 9.57 29.30 59.91
N ARG H 309 9.41 29.58 58.61
CA ARG H 309 10.43 30.24 57.79
C ARG H 309 10.69 31.64 58.23
N ARG H 310 9.65 32.43 58.46
CA ARG H 310 9.64 33.81 58.94
C ARG H 310 10.17 33.87 60.37
N LEU H 311 9.96 32.88 61.26
CA LEU H 311 10.58 32.88 62.53
C LEU H 311 12.08 32.73 62.39
N CYS H 312 12.62 31.79 61.62
CA CYS H 312 14.11 31.63 61.55
C CYS H 312 14.85 32.87 61.02
N LYS H 313 14.35 33.64 59.93
CA LYS H 313 14.93 34.87 59.41
C LYS H 313 14.87 36.05 60.34
N THR H 314 13.66 36.26 60.96
CA THR H 314 13.47 37.45 61.78
C THR H 314 14.09 37.30 63.10
N VAL H 315 13.80 36.22 63.87
CA VAL H 315 14.23 35.96 65.20
C VAL H 315 15.84 35.73 65.28
N GLY H 316 16.43 34.98 64.35
CA GLY H 316 17.79 34.46 64.44
C GLY H 316 17.71 33.18 65.05
N ALA H 317 16.47 32.50 64.76
CA ALA H 317 16.03 31.21 65.29
C ALA H 317 16.46 30.02 64.38
N THR H 318 16.35 28.87 65.04
CA THR H 318 16.49 27.54 64.42
C THR H 318 15.30 26.71 64.90
N ALA H 319 14.91 25.68 64.12
CA ALA H 319 13.70 24.95 64.33
C ALA H 319 14.33 23.56 64.45
N LEU H 320 14.41 23.00 65.63
CA LEU H 320 15.00 21.79 66.01
C LEU H 320 13.93 20.71 66.21
N PRO H 321 14.08 19.48 65.74
CA PRO H 321 13.27 18.38 66.12
C PRO H 321 13.60 17.99 67.59
N ARG H 322 12.61 17.65 68.45
CA ARG H 322 12.83 17.49 69.85
C ARG H 322 11.81 16.46 70.21
N LEU H 323 12.24 15.70 71.31
CA LEU H 323 11.48 14.86 72.19
C LEU H 323 12.38 14.65 73.47
N THR H 324 13.53 15.31 73.56
CA THR H 324 14.40 15.26 74.72
C THR H 324 14.64 16.70 75.18
N PRO H 325 14.46 17.16 76.48
CA PRO H 325 14.38 18.53 76.81
C PRO H 325 15.48 19.47 76.31
N PRO H 326 15.16 20.63 75.79
CA PRO H 326 16.18 21.56 75.21
C PRO H 326 16.26 22.76 76.14
N VAL H 327 16.80 23.92 75.67
CA VAL H 327 17.07 25.21 76.36
C VAL H 327 17.14 26.18 75.19
N LEU H 328 16.98 27.45 75.56
CA LEU H 328 17.17 28.55 74.71
C LEU H 328 18.44 28.61 73.95
N GLU H 329 18.30 28.96 72.63
CA GLU H 329 19.39 29.34 71.78
C GLU H 329 18.88 29.99 70.48
N GLU H 330 17.56 29.96 70.30
CA GLU H 330 16.88 30.60 69.24
C GLU H 330 16.93 32.06 69.40
N MET H 331 16.81 32.48 70.70
CA MET H 331 16.75 33.82 71.27
C MET H 331 15.63 34.66 70.64
N GLY H 332 15.72 36.00 70.54
CA GLY H 332 14.64 36.78 69.94
C GLY H 332 14.98 38.23 70.19
N HIS H 333 14.48 39.19 69.41
CA HIS H 333 14.64 40.58 69.69
C HIS H 333 13.31 41.17 70.20
N CYS H 334 12.29 40.30 70.41
CA CYS H 334 10.87 40.69 70.62
C CYS H 334 10.81 40.63 72.15
N ASP H 335 10.29 41.74 72.78
CA ASP H 335 10.09 41.81 74.18
C ASP H 335 8.68 41.39 74.48
N SER H 336 7.76 42.36 74.14
CA SER H 336 6.32 42.18 74.16
C SER H 336 5.80 41.10 73.28
N VAL H 337 4.75 40.39 73.72
CA VAL H 337 4.05 39.38 72.98
C VAL H 337 2.64 39.69 73.35
N TYR H 338 1.71 40.00 72.43
CA TYR H 338 0.42 40.29 72.84
C TYR H 338 -0.48 39.34 72.09
N LEU H 339 -1.80 39.46 72.25
CA LEU H 339 -2.72 38.60 71.62
C LEU H 339 -3.75 39.48 71.02
N SER H 340 -4.02 39.38 69.75
CA SER H 340 -5.06 40.14 69.09
C SER H 340 -5.59 39.47 67.93
N GLU H 341 -6.94 39.53 67.81
CA GLU H 341 -7.63 38.89 66.81
C GLU H 341 -7.73 39.76 65.62
N VAL H 342 -7.21 39.16 64.51
CA VAL H 342 -7.30 39.69 63.16
C VAL H 342 -8.06 38.61 62.36
N GLY H 343 -9.14 39.04 61.64
CA GLY H 343 -9.98 38.24 60.84
C GLY H 343 -11.01 37.48 61.62
N ASP H 344 -11.17 37.81 62.93
CA ASP H 344 -11.93 37.09 63.85
C ASP H 344 -11.30 35.73 64.16
N THR H 345 -10.08 35.61 63.79
CA THR H 345 -9.25 34.48 64.13
C THR H 345 -8.16 35.00 65.03
N GLN H 346 -7.84 34.19 66.08
CA GLN H 346 -6.85 34.44 67.11
C GLN H 346 -5.49 34.38 66.37
N VAL H 347 -4.72 35.46 66.46
CA VAL H 347 -3.51 35.70 65.77
C VAL H 347 -2.54 36.02 66.87
N VAL H 348 -1.25 35.60 66.66
CA VAL H 348 -0.20 35.88 67.64
C VAL H 348 0.54 37.00 67.15
N VAL H 349 0.70 37.96 68.05
CA VAL H 349 1.19 39.34 67.82
C VAL H 349 2.48 39.44 68.66
N PHE H 350 3.56 39.86 67.91
CA PHE H 350 4.89 40.03 68.48
C PHE H 350 5.11 41.46 68.21
N LYS H 351 5.89 42.14 69.16
CA LYS H 351 6.21 43.51 68.85
C LYS H 351 7.33 43.78 69.79
N HIS H 352 8.12 44.75 69.37
CA HIS H 352 9.07 45.51 70.13
C HIS H 352 9.15 46.83 69.36
N GLU H 353 9.72 47.96 69.93
CA GLU H 353 9.79 49.25 69.33
C GLU H 353 11.22 49.73 69.29
N LYS H 354 11.64 49.93 68.01
CA LYS H 354 13.07 50.29 67.78
C LYS H 354 13.09 50.72 66.32
N GLU H 355 14.25 51.17 65.79
CA GLU H 355 14.33 51.54 64.38
C GLU H 355 14.90 50.42 63.62
N ASP H 356 16.08 49.86 64.13
CA ASP H 356 16.80 48.95 63.36
C ASP H 356 16.48 47.57 63.81
N GLY H 357 15.94 46.67 62.95
CA GLY H 357 15.68 45.32 63.20
C GLY H 357 14.27 45.20 63.71
N ALA H 358 13.52 46.39 63.62
CA ALA H 358 12.17 46.62 64.03
C ALA H 358 11.38 45.94 62.97
N ILE H 359 10.15 45.55 63.34
CA ILE H 359 9.35 44.70 62.51
C ILE H 359 8.08 45.41 62.26
N SER H 360 7.42 45.12 61.07
CA SER H 360 6.12 45.48 60.61
C SER H 360 5.52 44.45 59.71
N THR H 361 4.19 44.58 59.51
CA THR H 361 3.45 43.57 58.77
C THR H 361 2.32 44.30 58.13
N ILE H 362 2.28 44.20 56.76
CA ILE H 362 1.19 44.51 55.92
C ILE H 362 0.44 43.20 55.90
N VAL H 363 -0.74 43.11 56.56
CA VAL H 363 -1.56 41.96 56.72
C VAL H 363 -2.82 42.21 55.98
N LEU H 364 -3.28 41.16 55.29
CA LEU H 364 -4.33 41.22 54.39
C LEU H 364 -5.47 40.32 54.82
N ARG H 365 -6.69 40.59 54.30
CA ARG H 365 -7.88 39.86 54.62
C ARG H 365 -8.52 39.71 53.22
N GLY H 366 -8.99 38.52 52.83
CA GLY H 366 -9.41 38.27 51.46
C GLY H 366 -10.32 37.15 51.41
N SER H 367 -11.15 37.05 50.30
CA SER H 367 -12.14 36.03 50.15
C SER H 367 -11.52 34.69 49.92
N THR H 368 -10.60 34.67 48.98
CA THR H 368 -9.84 33.45 48.77
C THR H 368 -8.37 33.79 48.77
N ASP H 369 -7.59 32.69 48.88
CA ASP H 369 -6.11 32.86 48.88
C ASP H 369 -5.54 33.21 47.50
N ASN H 370 -6.29 32.91 46.42
CA ASN H 370 -5.93 33.37 45.12
C ASN H 370 -5.96 34.89 44.85
N LEU H 371 -6.98 35.52 45.44
CA LEU H 371 -7.22 36.92 45.31
C LEU H 371 -6.08 37.58 46.15
N MET H 372 -5.78 36.99 47.31
CA MET H 372 -4.67 37.46 48.08
C MET H 372 -3.31 37.27 47.46
N ASP H 373 -3.05 36.25 46.61
CA ASP H 373 -1.72 36.14 45.90
C ASP H 373 -1.36 37.23 44.99
N ASP H 374 -2.35 37.87 44.27
CA ASP H 374 -2.04 39.02 43.32
C ASP H 374 -1.78 40.32 44.02
N ILE H 375 -2.54 40.47 45.14
CA ILE H 375 -2.52 41.66 45.97
C ILE H 375 -1.22 41.73 46.61
N GLU H 376 -0.74 40.54 46.93
CA GLU H 376 0.57 40.33 47.55
C GLU H 376 1.79 40.85 46.66
N ARG H 377 1.58 40.73 45.29
CA ARG H 377 2.58 41.14 44.34
C ARG H 377 2.71 42.61 44.36
N ALA H 378 1.56 43.28 44.48
CA ALA H 378 1.41 44.72 44.55
C ALA H 378 2.04 45.19 45.78
N VAL H 379 1.78 44.48 46.95
CA VAL H 379 2.31 44.92 48.22
C VAL H 379 3.78 44.65 48.31
N ASP H 380 4.39 43.45 47.86
CA ASP H 380 5.77 43.18 48.08
C ASP H 380 6.64 44.03 47.27
N ASP H 381 6.24 44.36 46.03
CA ASP H 381 6.89 45.40 45.20
C ASP H 381 6.85 46.72 45.78
N GLY H 382 5.80 47.08 46.58
CA GLY H 382 5.63 48.37 47.23
C GLY H 382 6.62 48.43 48.35
N VAL H 383 6.90 47.41 49.23
CA VAL H 383 8.05 47.42 50.14
C VAL H 383 9.44 47.61 49.41
N ASN H 384 9.67 46.95 48.24
CA ASN H 384 10.98 46.89 47.50
C ASN H 384 11.22 48.16 46.73
N THR H 385 10.19 48.92 46.37
CA THR H 385 10.38 50.28 45.85
C THR H 385 10.74 51.34 46.86
N PHE H 386 10.38 50.97 48.17
CA PHE H 386 10.69 51.88 49.28
C PHE H 386 12.12 51.97 49.47
N LYS H 387 12.79 50.84 49.35
CA LYS H 387 14.21 50.82 49.42
C LYS H 387 14.89 51.60 48.34
N VAL H 388 15.57 52.68 48.72
CA VAL H 388 16.33 53.46 47.84
C VAL H 388 17.53 53.77 48.61
N LEU H 389 17.37 53.91 49.94
CA LEU H 389 18.26 54.20 51.03
C LEU H 389 18.62 55.69 51.11
N THR H 390 17.58 56.53 50.93
CA THR H 390 17.50 57.96 51.10
C THR H 390 16.13 58.31 51.48
N ARG H 391 15.86 59.58 51.78
CA ARG H 391 14.62 60.02 52.32
C ARG H 391 14.12 60.99 51.25
N ASP H 392 15.04 61.38 50.26
CA ASP H 392 14.67 62.13 49.10
C ASP H 392 14.91 61.15 48.04
N LYS H 393 13.87 60.47 47.51
CA LYS H 393 13.93 59.36 46.67
C LYS H 393 14.04 59.75 45.23
N ARG H 394 13.93 61.09 44.95
CA ARG H 394 14.09 61.81 43.70
C ARG H 394 13.13 61.27 42.73
N LEU H 395 11.87 61.37 43.09
CA LEU H 395 10.86 60.75 42.27
C LEU H 395 10.80 61.32 40.80
N VAL H 396 10.66 60.48 39.80
CA VAL H 396 10.61 60.88 38.40
C VAL H 396 9.19 60.44 38.01
N PRO H 397 8.55 60.96 36.94
CA PRO H 397 7.17 60.63 36.54
C PRO H 397 6.97 59.20 36.31
N GLY H 398 6.01 58.52 37.09
CA GLY H 398 5.75 57.11 37.00
C GLY H 398 4.83 56.90 35.88
N GLY H 399 4.63 55.62 35.66
CA GLY H 399 3.57 55.14 34.84
C GLY H 399 3.86 55.05 33.39
N GLY H 400 5.09 55.46 32.98
CA GLY H 400 5.63 55.37 31.67
C GLY H 400 5.64 56.76 31.07
N ALA H 401 5.51 57.81 31.88
CA ALA H 401 5.47 59.20 31.47
C ALA H 401 6.78 59.78 31.16
N THR H 402 7.87 59.17 31.67
CA THR H 402 9.20 59.48 31.37
C THR H 402 9.56 59.03 29.97
N GLU H 403 8.99 57.94 29.48
CA GLU H 403 9.44 57.14 28.37
C GLU H 403 9.55 57.84 27.06
N ILE H 404 8.54 58.65 26.70
CA ILE H 404 8.47 59.43 25.52
C ILE H 404 9.53 60.57 25.57
N GLU H 405 9.86 61.09 26.80
CA GLU H 405 10.77 62.21 27.02
C GLU H 405 12.15 61.77 26.61
N LEU H 406 12.55 60.58 27.07
CA LEU H 406 13.83 59.85 26.87
C LEU H 406 13.94 59.59 25.44
N ALA H 407 12.85 59.14 24.78
CA ALA H 407 12.84 58.73 23.38
C ALA H 407 13.15 59.98 22.45
N LYS H 408 12.56 61.13 22.81
CA LYS H 408 12.70 62.38 21.98
C LYS H 408 14.11 62.89 22.02
N GLN H 409 14.76 62.79 23.22
CA GLN H 409 16.06 63.38 23.43
C GLN H 409 17.07 62.58 22.64
N ILE H 410 16.88 61.22 22.76
CA ILE H 410 17.76 60.19 22.22
C ILE H 410 17.76 60.19 20.72
N THR H 411 16.56 60.31 20.03
CA THR H 411 16.49 60.34 18.62
C THR H 411 17.24 61.60 18.05
N SER H 412 17.10 62.75 18.71
CA SER H 412 17.81 63.95 18.23
C SER H 412 19.30 63.79 18.32
N TYR H 413 19.79 63.17 19.44
CA TYR H 413 21.14 63.00 19.80
C TYR H 413 21.83 62.09 18.83
N GLY H 414 21.03 61.11 18.35
CA GLY H 414 21.48 60.13 17.39
C GLY H 414 21.98 60.74 16.12
N GLU H 415 21.26 61.85 15.67
CA GLU H 415 21.46 62.48 14.43
C GLU H 415 22.82 63.06 14.37
N THR H 416 23.29 63.67 15.57
CA THR H 416 24.52 64.43 15.77
C THR H 416 25.74 63.57 15.55
N CYS H 417 25.73 62.32 16.02
CA CYS H 417 26.92 61.43 15.94
C CYS H 417 26.90 60.80 14.53
N PRO H 418 27.98 60.39 13.97
CA PRO H 418 27.98 59.88 12.56
C PRO H 418 28.05 58.37 12.59
N GLY H 419 28.66 57.68 11.53
CA GLY H 419 28.86 56.27 11.52
C GLY H 419 27.57 55.44 11.67
N LEU H 420 27.67 54.11 12.04
CA LEU H 420 26.65 53.06 12.17
C LEU H 420 26.07 53.04 13.55
N GLU H 421 26.65 53.76 14.52
CA GLU H 421 26.31 53.73 15.90
C GLU H 421 25.00 54.32 16.03
N GLN H 422 24.75 55.34 15.28
CA GLN H 422 23.59 56.18 15.44
C GLN H 422 22.33 55.47 15.23
N TYR H 423 22.22 54.51 14.29
CA TYR H 423 21.04 53.76 14.01
C TYR H 423 20.66 53.04 15.22
N ALA H 424 21.61 52.48 16.02
CA ALA H 424 21.33 51.75 17.26
C ALA H 424 20.75 52.70 18.31
N ILE H 425 21.30 53.92 18.34
CA ILE H 425 20.82 55.02 19.17
C ILE H 425 19.37 55.36 18.83
N LYS H 426 19.02 55.47 17.57
CA LYS H 426 17.63 55.71 17.23
C LYS H 426 16.65 54.60 17.67
N LYS H 427 17.05 53.34 17.48
CA LYS H 427 16.35 52.08 17.84
C LYS H 427 16.09 52.10 19.38
N PHE H 428 17.04 52.66 20.13
CA PHE H 428 17.10 52.73 21.54
C PHE H 428 15.98 53.63 22.05
N ALA H 429 15.61 54.67 21.27
CA ALA H 429 14.48 55.49 21.47
C ALA H 429 13.18 54.79 21.30
N GLU H 430 13.04 54.00 20.24
CA GLU H 430 11.83 53.26 19.86
C GLU H 430 11.63 52.06 20.75
N ALA H 431 12.60 51.55 21.54
CA ALA H 431 12.44 50.48 22.56
C ALA H 431 11.68 50.91 23.82
N PHE H 432 11.91 52.22 24.21
CA PHE H 432 11.18 52.94 25.27
C PHE H 432 9.67 53.08 24.84
N GLU H 433 9.43 53.22 23.49
CA GLU H 433 8.15 53.42 22.91
C GLU H 433 7.31 52.19 23.18
N ALA H 434 7.91 51.01 23.60
CA ALA H 434 7.28 49.71 23.95
C ALA H 434 6.26 49.86 25.02
N ILE H 435 6.67 50.67 25.98
CA ILE H 435 5.79 50.97 27.13
C ILE H 435 4.48 51.74 26.78
N PRO H 436 4.57 52.87 26.02
CA PRO H 436 3.40 53.48 25.48
C PRO H 436 2.52 52.56 24.56
N ARG H 437 3.14 51.59 23.83
CA ARG H 437 2.39 50.63 23.05
C ARG H 437 1.53 49.62 23.82
N ALA H 438 2.05 49.09 24.94
CA ALA H 438 1.36 48.18 25.76
C ALA H 438 0.24 48.81 26.48
N LEU H 439 0.41 50.11 26.89
CA LEU H 439 -0.65 50.86 27.60
C LEU H 439 -1.72 51.14 26.57
N ALA H 440 -1.36 51.44 25.28
CA ALA H 440 -2.34 51.61 24.23
C ALA H 440 -3.24 50.43 23.93
N GLU H 441 -2.59 49.18 23.94
CA GLU H 441 -3.27 47.88 23.60
C GLU H 441 -4.38 47.49 24.52
N ASN H 442 -4.11 47.60 25.85
CA ASN H 442 -5.14 47.49 26.91
C ASN H 442 -6.18 48.58 26.92
N SER H 443 -5.77 49.83 26.54
CA SER H 443 -6.60 51.05 26.54
C SER H 443 -7.62 50.85 25.46
N GLY H 444 -7.25 50.10 24.39
CA GLY H 444 -8.12 49.78 23.26
C GLY H 444 -7.90 50.49 21.97
N VAL H 445 -6.69 51.12 21.74
CA VAL H 445 -6.47 51.83 20.49
C VAL H 445 -5.10 51.67 20.07
N LYS H 446 -4.82 51.91 18.81
CA LYS H 446 -3.55 51.75 18.19
C LYS H 446 -2.46 52.68 18.63
N ALA H 447 -1.27 52.20 18.42
CA ALA H 447 0.02 52.76 18.75
C ALA H 447 0.39 54.11 18.14
N ASN H 448 0.00 54.31 16.88
CA ASN H 448 0.24 55.48 16.06
C ASN H 448 -0.35 56.69 16.80
N GLU H 449 -1.58 56.60 17.35
CA GLU H 449 -2.24 57.69 17.90
C GLU H 449 -1.63 58.15 19.17
N VAL H 450 -1.34 57.23 20.14
CA VAL H 450 -0.75 57.66 21.38
C VAL H 450 0.64 58.29 21.16
N ILE H 451 1.54 57.70 20.31
CA ILE H 451 2.96 58.11 20.43
C ILE H 451 3.11 59.52 19.83
N SER H 452 2.37 59.83 18.73
CA SER H 452 2.31 61.03 18.01
C SER H 452 1.79 62.20 18.84
N LYS H 453 0.74 61.92 19.67
CA LYS H 453 0.02 63.01 20.43
C LYS H 453 0.81 63.37 21.70
N LEU H 454 1.61 62.39 22.26
CA LEU H 454 2.59 62.65 23.31
C LEU H 454 3.76 63.45 22.87
N TYR H 455 4.26 63.13 21.66
CA TYR H 455 5.25 63.90 20.93
C TYR H 455 4.75 65.30 20.58
N ALA H 456 3.42 65.50 20.25
CA ALA H 456 2.85 66.70 19.77
C ALA H 456 2.93 67.80 20.78
N VAL H 457 2.79 67.46 22.12
CA VAL H 457 2.72 68.33 23.25
C VAL H 457 4.15 68.68 23.70
N HIS H 458 5.15 68.08 22.99
CA HIS H 458 6.54 68.43 23.21
C HIS H 458 6.91 67.94 24.63
N GLN H 459 7.94 68.59 25.17
CA GLN H 459 8.47 68.38 26.45
C GLN H 459 7.43 68.75 27.54
N GLU H 460 7.08 67.76 28.36
CA GLU H 460 6.00 67.84 29.28
C GLU H 460 6.50 67.18 30.55
N GLY H 461 6.82 65.92 30.49
CA GLY H 461 7.33 65.10 31.58
C GLY H 461 6.19 64.75 32.54
N ASN H 462 4.94 64.47 31.98
CA ASN H 462 3.81 64.16 32.83
C ASN H 462 3.06 63.10 32.06
N LYS H 463 3.19 63.22 30.69
CA LYS H 463 2.27 62.50 29.82
C LYS H 463 2.47 61.04 29.87
N ASN H 464 1.36 60.40 30.24
CA ASN H 464 1.25 58.95 30.11
C ASN H 464 -0.30 58.85 30.05
N VAL H 465 -0.82 57.55 29.85
CA VAL H 465 -2.20 57.20 29.52
C VAL H 465 -2.60 56.06 30.40
N GLY H 466 -3.95 55.90 30.68
CA GLY H 466 -4.55 54.95 31.55
C GLY H 466 -5.32 53.93 30.78
N LEU H 467 -6.43 53.37 31.36
CA LEU H 467 -7.22 52.27 30.81
C LEU H 467 -8.52 52.93 30.32
N ASP H 468 -8.83 54.12 30.91
CA ASP H 468 -9.96 54.97 30.57
C ASP H 468 -10.33 55.27 29.12
N ILE H 469 -11.52 55.96 29.05
CA ILE H 469 -11.97 56.70 27.91
C ILE H 469 -11.19 58.03 27.55
N GLU H 470 -10.68 58.69 28.51
CA GLU H 470 -9.71 59.81 28.47
C GLU H 470 -8.40 59.28 27.87
N ALA H 471 -8.06 57.95 28.13
CA ALA H 471 -6.90 57.29 27.64
C ALA H 471 -6.92 56.94 26.20
N GLU H 472 -8.06 56.73 25.57
CA GLU H 472 -8.19 56.50 24.22
C GLU H 472 -8.04 57.67 23.30
N VAL H 473 -9.10 58.48 23.00
CA VAL H 473 -9.26 59.47 21.92
C VAL H 473 -8.31 60.66 22.05
N PRO H 474 -8.17 61.51 23.07
CA PRO H 474 -7.30 62.59 22.93
C PRO H 474 -5.89 61.99 23.36
N ALA H 475 -5.87 60.82 24.05
CA ALA H 475 -4.63 60.09 24.41
C ALA H 475 -3.73 60.99 25.26
N VAL H 476 -4.27 61.82 26.20
CA VAL H 476 -3.50 62.75 27.06
C VAL H 476 -3.95 62.50 28.49
N LYS H 477 -3.09 62.12 29.42
CA LYS H 477 -3.37 62.16 30.78
C LYS H 477 -2.19 62.58 31.55
N ASP H 478 -2.39 63.18 32.66
CA ASP H 478 -1.44 63.67 33.63
C ASP H 478 -1.14 62.63 34.63
N MET H 479 0.18 62.12 34.60
CA MET H 479 0.65 61.14 35.56
C MET H 479 1.87 61.68 36.23
N LEU H 480 1.79 63.04 36.63
CA LEU H 480 2.67 63.73 37.51
C LEU H 480 1.88 64.32 38.64
N GLU H 481 0.61 64.58 38.28
CA GLU H 481 -0.32 65.36 39.03
C GLU H 481 -1.47 64.45 39.36
N ALA H 482 -1.38 63.15 39.12
CA ALA H 482 -2.39 62.21 39.55
C ALA H 482 -1.73 61.60 40.75
N GLY H 483 -0.45 61.92 41.06
CA GLY H 483 0.32 61.35 42.13
C GLY H 483 0.73 59.96 41.71
N ILE H 484 1.07 59.87 40.42
CA ILE H 484 1.61 58.64 39.93
C ILE H 484 2.97 59.04 39.76
N LEU H 485 3.90 58.53 40.61
CA LEU H 485 5.30 58.85 40.67
C LEU H 485 5.94 57.40 40.97
N ASP H 486 7.19 57.23 40.56
CA ASP H 486 8.00 56.03 40.77
C ASP H 486 9.32 56.65 41.18
N THR H 487 10.25 55.77 41.64
CA THR H 487 11.53 56.31 42.10
C THR H 487 12.64 56.30 41.05
N TYR H 488 13.60 57.22 41.14
CA TYR H 488 14.67 57.44 40.19
C TYR H 488 15.47 56.18 40.07
N LEU H 489 15.74 55.45 41.20
CA LEU H 489 16.50 54.27 41.38
C LEU H 489 15.84 53.07 40.70
N GLY H 490 14.47 53.06 40.62
CA GLY H 490 13.78 51.95 40.07
C GLY H 490 13.84 51.88 38.55
N LYS H 491 13.70 53.04 37.91
CA LYS H 491 13.87 53.33 36.52
C LYS H 491 15.28 53.18 36.15
N TYR H 492 16.27 53.35 37.14
CA TYR H 492 17.74 53.40 36.74
C TYR H 492 18.18 52.01 36.46
N TRP H 493 17.99 51.10 37.44
CA TRP H 493 18.38 49.73 37.35
C TRP H 493 17.63 49.05 36.25
N ALA H 494 16.33 49.48 35.96
CA ALA H 494 15.50 48.85 34.92
C ALA H 494 16.10 49.01 33.54
N ILE H 495 16.51 50.24 33.21
CA ILE H 495 17.11 50.67 31.93
C ILE H 495 18.53 50.06 31.92
N LYS H 496 19.32 50.07 33.08
CA LYS H 496 20.73 49.73 33.07
C LYS H 496 20.89 48.31 32.73
N LEU H 497 20.18 47.41 33.52
CA LEU H 497 20.29 45.98 33.42
C LEU H 497 19.82 45.46 32.13
N ALA H 498 18.77 46.10 31.56
CA ALA H 498 18.15 45.75 30.31
C ALA H 498 19.05 46.00 29.09
N THR H 499 19.85 47.06 29.17
CA THR H 499 20.80 47.39 28.11
C THR H 499 21.97 46.36 28.18
N ASN H 500 22.43 46.07 29.38
CA ASN H 500 23.48 45.04 29.56
C ASN H 500 23.03 43.65 29.06
N ALA H 501 21.79 43.24 29.34
CA ALA H 501 21.22 41.98 29.00
C ALA H 501 21.11 41.83 27.47
N ALA H 502 20.59 42.89 26.78
CA ALA H 502 20.38 42.99 25.28
C ALA H 502 21.65 42.89 24.53
N VAL H 503 22.79 43.54 25.04
CA VAL H 503 24.09 43.41 24.45
C VAL H 503 24.73 42.03 24.53
N THR H 504 24.71 41.32 25.66
CA THR H 504 25.31 39.97 25.85
C THR H 504 24.64 38.98 25.03
N VAL H 505 23.28 38.98 24.86
CA VAL H 505 22.49 38.03 24.17
C VAL H 505 22.56 38.25 22.64
N LEU H 506 22.88 39.47 22.19
CA LEU H 506 22.97 39.77 20.81
C LEU H 506 24.28 39.25 20.29
N ARG H 507 25.32 39.20 21.13
CA ARG H 507 26.58 38.56 20.87
C ARG H 507 26.58 37.03 20.58
N VAL H 508 25.69 36.25 21.24
CA VAL H 508 25.78 34.80 21.13
C VAL H 508 25.66 34.24 19.77
N ASP H 509 26.25 33.07 19.50
CA ASP H 509 26.06 32.36 18.31
C ASP H 509 26.40 30.85 18.56
N GLN H 510 26.50 30.52 19.86
CA GLN H 510 26.77 29.21 20.37
C GLN H 510 25.69 28.91 21.43
N MET I 1 -20.72 24.64 -3.59
CA MET I 1 -21.51 23.57 -2.94
C MET I 1 -20.93 23.05 -1.68
N GLU I 2 -21.79 22.45 -0.82
CA GLU I 2 -21.46 21.66 0.32
C GLU I 2 -22.71 20.83 0.60
N GLY I 3 -22.65 19.81 1.55
CA GLY I 3 -23.68 18.83 1.67
C GLY I 3 -23.49 17.73 0.75
N PRO I 4 -24.44 16.79 0.74
CA PRO I 4 -24.72 15.81 -0.37
C PRO I 4 -24.75 16.42 -1.75
N LEU I 5 -24.44 15.62 -2.79
CA LEU I 5 -24.49 16.05 -4.23
C LEU I 5 -25.37 15.00 -4.86
N SER I 6 -26.34 14.48 -4.08
CA SER I 6 -27.40 13.61 -4.60
C SER I 6 -28.25 14.26 -5.71
N VAL I 7 -28.41 15.59 -5.63
CA VAL I 7 -29.06 16.37 -6.59
C VAL I 7 -28.15 17.55 -6.88
N PHE I 8 -28.45 18.38 -7.93
CA PHE I 8 -27.44 19.36 -8.34
C PHE I 8 -28.24 20.61 -8.81
N GLY I 9 -27.59 21.65 -9.34
CA GLY I 9 -28.16 22.96 -9.64
C GLY I 9 -28.53 23.72 -8.43
N ASP I 10 -27.74 23.67 -7.34
CA ASP I 10 -27.91 24.50 -6.17
C ASP I 10 -28.98 23.90 -5.27
N ARG I 11 -28.96 22.58 -5.12
CA ARG I 11 -29.90 21.76 -4.33
C ARG I 11 -28.94 20.89 -3.61
N SER I 12 -29.12 20.77 -2.31
CA SER I 12 -28.39 19.94 -1.42
C SER I 12 -29.22 19.66 -0.19
N THR I 13 -30.39 20.44 -0.01
CA THR I 13 -31.52 20.27 0.87
C THR I 13 -31.10 20.53 2.31
N GLY I 14 -32.13 20.71 3.20
CA GLY I 14 -31.76 20.84 4.62
C GLY I 14 -31.12 22.18 4.91
N GLU I 15 -30.30 22.22 5.99
CA GLU I 15 -29.52 23.39 6.44
C GLU I 15 -28.43 23.81 5.46
N THR I 16 -27.76 22.88 4.72
CA THR I 16 -26.48 23.11 4.05
C THR I 16 -26.62 24.06 2.98
N ILE I 17 -27.72 23.96 2.14
CA ILE I 17 -27.89 24.77 0.94
C ILE I 17 -28.19 26.23 1.27
N ARG I 18 -28.89 26.49 2.40
CA ARG I 18 -29.17 27.81 2.91
C ARG I 18 -27.91 28.51 3.36
N SER I 19 -27.02 27.74 4.08
CA SER I 19 -25.77 28.18 4.57
C SER I 19 -24.86 28.61 3.41
N GLN I 20 -24.85 27.90 2.26
CA GLN I 20 -24.02 28.08 1.15
C GLN I 20 -24.38 29.39 0.49
N ASN I 21 -25.72 29.63 0.34
CA ASN I 21 -26.22 30.73 -0.36
C ASN I 21 -25.89 32.07 0.36
N VAL I 22 -26.05 32.11 1.74
CA VAL I 22 -25.82 33.30 2.46
C VAL I 22 -24.38 33.71 2.58
N MET I 23 -23.45 32.75 2.55
CA MET I 23 -22.08 33.11 2.54
C MET I 23 -21.66 33.80 1.25
N ALA I 24 -22.17 33.27 0.14
CA ALA I 24 -21.87 33.80 -1.12
C ALA I 24 -22.38 35.20 -1.30
N ALA I 25 -23.56 35.49 -0.70
CA ALA I 25 -24.28 36.74 -0.75
C ALA I 25 -23.44 37.73 -0.11
N ALA I 26 -22.85 37.37 1.05
CA ALA I 26 -21.92 38.11 1.93
C ALA I 26 -20.63 38.43 1.19
N SER I 27 -20.02 37.59 0.37
CA SER I 27 -18.83 37.86 -0.35
C SER I 27 -18.95 39.07 -1.30
N ILE I 28 -20.17 39.19 -1.95
CA ILE I 28 -20.39 40.34 -2.86
C ILE I 28 -20.37 41.60 -2.16
N ALA I 29 -21.08 41.61 -1.03
CA ALA I 29 -21.25 42.72 -0.17
C ALA I 29 -19.95 43.21 0.37
N ASN I 30 -19.00 42.33 0.66
CA ASN I 30 -17.76 42.69 1.31
C ASN I 30 -16.87 43.48 0.38
N ILE I 31 -16.92 43.24 -0.95
CA ILE I 31 -16.25 43.92 -1.94
C ILE I 31 -16.70 45.45 -1.82
N VAL I 32 -18.05 45.63 -1.64
CA VAL I 32 -18.76 46.92 -1.72
C VAL I 32 -18.68 47.63 -0.38
N LYS I 33 -18.31 46.97 0.72
CA LYS I 33 -18.05 47.64 1.94
C LYS I 33 -16.84 48.50 1.86
N SER I 34 -15.80 48.03 1.24
CA SER I 34 -14.60 48.84 1.08
C SER I 34 -14.76 49.98 0.06
N SER I 35 -15.71 49.78 -0.87
CA SER I 35 -15.93 50.80 -1.98
C SER I 35 -17.01 51.77 -1.62
N LEU I 36 -17.53 51.67 -0.41
CA LEU I 36 -18.63 52.47 0.14
C LEU I 36 -18.26 53.96 0.40
N GLY I 37 -19.16 54.83 -0.12
CA GLY I 37 -19.10 56.28 0.08
C GLY I 37 -18.43 56.97 -1.07
N PRO I 38 -18.14 58.25 -0.84
CA PRO I 38 -17.25 59.08 -1.64
C PRO I 38 -15.83 58.91 -1.20
N VAL I 39 -15.66 58.06 -0.19
CA VAL I 39 -14.36 57.61 0.38
C VAL I 39 -13.99 56.31 -0.15
N GLY I 40 -14.80 55.76 -1.13
CA GLY I 40 -14.62 54.43 -1.65
C GLY I 40 -13.27 54.19 -2.29
N LEU I 41 -12.81 52.93 -2.34
CA LEU I 41 -11.45 52.49 -2.62
C LEU I 41 -11.57 51.84 -3.91
N ASP I 42 -10.47 51.90 -4.68
CA ASP I 42 -10.36 51.28 -6.06
C ASP I 42 -10.22 49.79 -5.84
N LYS I 43 -10.87 49.08 -6.77
CA LYS I 43 -10.68 47.58 -6.83
C LYS I 43 -10.13 47.34 -8.21
N MET I 44 -9.46 46.17 -8.33
CA MET I 44 -9.00 45.57 -9.63
C MET I 44 -9.67 44.25 -9.81
N LEU I 45 -10.44 44.26 -10.87
CA LEU I 45 -11.13 43.16 -11.43
C LEU I 45 -10.42 42.78 -12.67
N VAL I 46 -9.90 41.57 -12.70
CA VAL I 46 -9.23 41.01 -13.87
C VAL I 46 -10.29 40.30 -14.68
N ASP I 47 -10.41 40.60 -15.99
CA ASP I 47 -11.56 40.24 -16.73
C ASP I 47 -11.30 39.09 -17.60
N ASP I 48 -10.04 38.78 -17.86
CA ASP I 48 -9.69 37.58 -18.59
C ASP I 48 -8.47 37.19 -17.80
N ILE I 49 -7.30 37.68 -18.22
CA ILE I 49 -5.98 37.59 -17.66
C ILE I 49 -5.12 38.26 -18.67
N GLY I 50 -5.67 39.16 -19.47
CA GLY I 50 -4.90 40.09 -20.26
C GLY I 50 -5.56 41.45 -20.22
N ASP I 51 -6.55 41.64 -19.33
CA ASP I 51 -7.39 42.82 -19.19
C ASP I 51 -7.65 43.13 -17.79
N VAL I 52 -7.91 44.41 -17.43
CA VAL I 52 -8.17 44.90 -16.14
C VAL I 52 -9.05 46.09 -16.27
N THR I 53 -9.94 46.30 -15.30
CA THR I 53 -10.56 47.56 -15.17
C THR I 53 -10.47 47.91 -13.77
N ILE I 54 -10.47 49.23 -13.47
CA ILE I 54 -10.31 49.87 -12.16
C ILE I 54 -11.58 50.56 -12.05
N THR I 55 -12.25 50.22 -10.94
CA THR I 55 -13.54 50.78 -10.64
C THR I 55 -13.70 51.01 -9.17
N ASN I 56 -14.71 51.83 -8.74
CA ASN I 56 -14.86 52.04 -7.32
C ASN I 56 -16.37 52.31 -7.12
N ASP I 57 -17.21 51.92 -8.10
CA ASP I 57 -18.62 52.10 -8.02
C ASP I 57 -19.21 50.75 -7.84
N GLY I 58 -20.18 50.60 -6.86
CA GLY I 58 -20.81 49.45 -6.32
C GLY I 58 -21.55 48.63 -7.29
N ALA I 59 -22.40 49.26 -8.16
CA ALA I 59 -23.10 48.54 -9.15
C ALA I 59 -22.20 48.04 -10.20
N THR I 60 -21.20 48.82 -10.64
CA THR I 60 -20.31 48.45 -11.74
C THR I 60 -19.53 47.25 -11.54
N ILE I 61 -18.99 47.12 -10.25
CA ILE I 61 -18.14 46.04 -9.85
C ILE I 61 -18.83 44.67 -10.13
N LEU I 62 -20.12 44.71 -9.59
CA LEU I 62 -20.97 43.50 -9.55
C LEU I 62 -21.35 43.08 -10.95
N LYS I 63 -21.49 44.00 -11.91
CA LYS I 63 -21.84 43.59 -13.25
C LYS I 63 -20.82 42.65 -13.88
N LEU I 64 -19.51 42.91 -13.78
CA LEU I 64 -18.50 42.09 -14.45
C LEU I 64 -18.44 40.71 -13.87
N LEU I 65 -18.78 40.53 -12.54
CA LEU I 65 -18.73 39.32 -11.77
C LEU I 65 -19.44 38.21 -12.41
N GLU I 66 -19.13 36.94 -12.10
CA GLU I 66 -19.70 35.69 -12.55
C GLU I 66 -20.59 35.12 -11.52
N VAL I 67 -21.92 35.38 -11.52
CA VAL I 67 -22.83 34.76 -10.58
C VAL I 67 -22.83 33.26 -10.87
N GLU I 68 -23.21 32.41 -9.86
CA GLU I 68 -23.21 30.97 -10.15
C GLU I 68 -24.10 30.39 -9.07
N HIS I 69 -24.90 31.26 -8.39
CA HIS I 69 -25.82 30.84 -7.39
C HIS I 69 -27.06 31.70 -7.46
N PRO I 70 -28.19 31.35 -7.01
CA PRO I 70 -29.45 32.13 -7.04
C PRO I 70 -29.36 33.39 -6.17
N ALA I 71 -28.70 33.25 -5.05
CA ALA I 71 -28.44 34.41 -4.13
C ALA I 71 -27.54 35.41 -4.71
N ALA I 72 -26.55 34.93 -5.48
CA ALA I 72 -25.61 35.74 -6.20
C ALA I 72 -26.30 36.65 -7.19
N LYS I 73 -27.22 35.94 -7.87
CA LYS I 73 -27.92 36.38 -9.04
C LYS I 73 -28.94 37.51 -8.78
N VAL I 74 -29.75 37.29 -7.74
CA VAL I 74 -30.75 38.27 -7.28
C VAL I 74 -30.14 39.53 -6.75
N LEU I 75 -28.94 39.41 -6.03
CA LEU I 75 -28.24 40.54 -5.44
C LEU I 75 -27.57 41.44 -6.42
N CYS I 76 -26.92 40.93 -7.50
CA CYS I 76 -26.32 41.81 -8.53
C CYS I 76 -27.31 42.63 -9.24
N GLU I 77 -28.43 42.01 -9.57
CA GLU I 77 -29.56 42.56 -10.33
C GLU I 77 -30.22 43.66 -9.51
N LEU I 78 -30.24 43.47 -8.13
CA LEU I 78 -30.79 44.52 -7.23
C LEU I 78 -30.03 45.80 -7.25
N ALA I 79 -28.65 45.73 -7.26
CA ALA I 79 -27.76 46.77 -7.44
C ALA I 79 -27.86 47.38 -8.78
N ASP I 80 -28.09 46.62 -9.85
CA ASP I 80 -28.03 47.17 -11.19
C ASP I 80 -29.30 47.89 -11.45
N LEU I 81 -30.41 47.39 -10.86
CA LEU I 81 -31.77 47.96 -10.97
C LEU I 81 -31.86 49.32 -10.34
N GLN I 82 -31.21 49.41 -9.20
CA GLN I 82 -30.95 50.70 -8.47
C GLN I 82 -30.07 51.61 -9.30
N ASP I 83 -29.06 51.11 -10.07
CA ASP I 83 -28.23 51.94 -10.92
C ASP I 83 -29.06 52.59 -12.00
N LYS I 84 -30.04 51.82 -12.56
CA LYS I 84 -30.96 52.31 -13.57
C LYS I 84 -31.86 53.44 -13.07
N GLU I 85 -32.37 53.30 -11.81
CA GLU I 85 -33.25 54.17 -11.14
C GLU I 85 -32.69 55.56 -11.08
N VAL I 86 -31.63 55.78 -10.18
CA VAL I 86 -30.87 57.01 -9.92
C VAL I 86 -29.43 56.83 -10.10
N GLY I 87 -28.82 55.71 -9.54
CA GLY I 87 -27.43 55.48 -9.58
C GLY I 87 -26.84 56.04 -8.31
N ASP I 88 -27.67 56.27 -7.28
CA ASP I 88 -27.26 56.77 -6.02
C ASP I 88 -27.93 55.74 -5.17
N GLY I 89 -27.27 55.31 -4.04
CA GLY I 89 -27.69 54.33 -3.14
C GLY I 89 -26.99 53.00 -3.56
N THR I 90 -26.01 53.06 -4.55
CA THR I 90 -25.71 51.83 -5.24
C THR I 90 -24.73 51.04 -4.41
N THR I 91 -23.86 51.73 -3.65
CA THR I 91 -22.85 51.08 -2.85
C THR I 91 -23.49 50.53 -1.59
N SER I 92 -24.38 51.32 -0.98
CA SER I 92 -25.08 50.98 0.23
C SER I 92 -26.02 49.85 0.21
N VAL I 93 -26.82 49.76 -0.91
CA VAL I 93 -28.03 48.94 -0.98
C VAL I 93 -27.65 47.41 -0.73
N VAL I 94 -26.57 46.99 -1.32
CA VAL I 94 -25.95 45.63 -1.28
C VAL I 94 -25.68 45.24 0.18
N ILE I 95 -25.02 46.18 0.87
CA ILE I 95 -24.44 45.91 2.20
C ILE I 95 -25.48 45.58 3.24
N ILE I 96 -26.57 46.32 3.24
CA ILE I 96 -27.78 46.20 4.15
C ILE I 96 -28.44 44.86 3.86
N ALA I 97 -28.57 44.51 2.57
CA ALA I 97 -29.26 43.40 1.95
C ALA I 97 -28.63 42.08 2.40
N ALA I 98 -27.31 42.03 2.52
CA ALA I 98 -26.55 40.83 2.94
C ALA I 98 -26.89 40.35 4.28
N GLU I 99 -27.08 41.29 5.21
CA GLU I 99 -27.44 40.99 6.55
C GLU I 99 -28.88 40.56 6.65
N LEU I 100 -29.80 41.26 5.93
CA LEU I 100 -31.24 41.01 5.95
C LEU I 100 -31.73 39.64 5.50
N LEU I 101 -31.10 39.06 4.46
CA LEU I 101 -31.54 37.88 3.89
C LEU I 101 -31.33 36.68 4.81
N LYS I 102 -30.14 36.71 5.50
CA LYS I 102 -29.73 35.68 6.46
C LYS I 102 -30.65 35.72 7.60
N ASN I 103 -30.94 36.91 8.17
CA ASN I 103 -31.70 36.95 9.42
C ASN I 103 -33.13 36.47 9.17
N ALA I 104 -33.70 36.98 8.04
CA ALA I 104 -35.08 36.73 7.75
C ALA I 104 -35.48 35.28 7.49
N ASP I 105 -34.72 34.43 6.77
CA ASP I 105 -35.13 33.07 6.53
C ASP I 105 -35.35 32.38 7.81
N GLU I 106 -34.51 32.73 8.83
CA GLU I 106 -34.75 32.24 10.18
C GLU I 106 -36.06 32.65 10.82
N LEU I 107 -36.40 33.91 10.84
CA LEU I 107 -37.61 34.43 11.41
C LEU I 107 -38.91 34.08 10.63
N VAL I 108 -38.88 34.07 9.25
CA VAL I 108 -40.04 33.66 8.42
C VAL I 108 -40.36 32.17 8.68
N LYS I 109 -39.36 31.32 8.80
CA LYS I 109 -39.40 29.91 9.14
C LYS I 109 -40.03 29.71 10.54
N GLN I 110 -39.72 30.59 11.47
CA GLN I 110 -40.20 30.63 12.89
C GLN I 110 -41.53 31.32 12.94
N LYS I 111 -42.39 31.13 11.92
CA LYS I 111 -43.70 31.73 11.58
C LYS I 111 -44.62 31.45 12.79
N ILE I 112 -45.62 32.42 13.01
CA ILE I 112 -47.04 32.18 13.07
C ILE I 112 -47.86 32.31 11.84
N HIS I 113 -47.47 33.32 11.02
CA HIS I 113 -47.91 33.41 9.67
C HIS I 113 -46.75 34.01 8.90
N PRO I 114 -46.42 33.60 7.74
CA PRO I 114 -45.34 34.16 6.94
C PRO I 114 -45.66 35.52 6.35
N THR I 115 -46.89 35.90 6.08
CA THR I 115 -47.14 37.13 5.56
C THR I 115 -46.93 38.11 6.70
N SER I 116 -47.28 37.74 7.99
CA SER I 116 -47.02 38.64 9.10
C SER I 116 -45.54 38.91 9.38
N VAL I 117 -44.68 37.95 9.23
CA VAL I 117 -43.24 38.10 9.52
C VAL I 117 -42.68 39.12 8.55
N ILE I 118 -42.96 39.03 7.25
CA ILE I 118 -42.54 39.99 6.25
C ILE I 118 -43.07 41.38 6.44
N SER I 119 -44.34 41.45 6.93
CA SER I 119 -44.99 42.71 7.29
C SER I 119 -44.34 43.49 8.35
N GLY I 120 -43.72 42.87 9.40
CA GLY I 120 -42.88 43.54 10.38
C GLY I 120 -41.77 44.24 9.80
N TYR I 121 -41.01 43.67 8.85
CA TYR I 121 -39.98 44.36 8.14
C TYR I 121 -40.49 45.62 7.44
N ARG I 122 -41.73 45.46 6.85
CA ARG I 122 -42.44 46.58 6.25
C ARG I 122 -42.78 47.69 7.22
N LEU I 123 -43.18 47.33 8.43
CA LEU I 123 -43.57 48.21 9.55
C LEU I 123 -42.44 48.99 10.00
N ALA I 124 -41.18 48.44 10.03
CA ALA I 124 -39.96 49.17 10.37
C ALA I 124 -39.67 50.25 9.31
N CYS I 125 -39.70 49.89 7.95
CA CYS I 125 -39.51 50.82 6.85
C CYS I 125 -40.61 51.84 6.86
N LYS I 126 -41.91 51.55 7.23
CA LYS I 126 -42.95 52.55 7.23
C LYS I 126 -42.74 53.63 8.24
N GLU I 127 -42.20 53.32 9.48
CA GLU I 127 -41.85 54.32 10.39
C GLU I 127 -40.73 55.16 9.87
N ALA I 128 -39.77 54.48 9.17
CA ALA I 128 -38.52 55.09 8.72
C ALA I 128 -38.72 56.13 7.72
N VAL I 129 -39.57 55.78 6.70
CA VAL I 129 -39.97 56.64 5.71
C VAL I 129 -40.69 57.87 6.20
N ARG I 130 -41.54 57.68 7.25
CA ARG I 130 -42.39 58.67 7.89
C ARG I 130 -41.49 59.64 8.55
N TYR I 131 -40.44 59.13 9.19
CA TYR I 131 -39.47 59.95 9.89
C TYR I 131 -38.77 60.91 9.02
N ILE I 132 -38.36 60.37 7.87
CA ILE I 132 -37.56 60.81 6.75
C ILE I 132 -38.34 61.98 6.14
N ASN I 133 -39.66 61.83 6.04
CA ASN I 133 -40.56 62.86 5.55
C ASN I 133 -40.65 64.00 6.53
N GLU I 134 -40.73 63.67 7.84
CA GLU I 134 -40.86 64.67 8.94
C GLU I 134 -39.72 65.54 9.14
N ASN I 135 -38.50 65.01 8.84
CA ASN I 135 -37.21 65.74 8.97
C ASN I 135 -36.97 66.92 8.02
N LEU I 136 -36.46 68.10 8.50
CA LEU I 136 -35.94 69.19 7.73
C LEU I 136 -34.81 69.80 8.54
N ILE I 137 -34.13 68.96 9.41
CA ILE I 137 -33.13 69.47 10.31
C ILE I 137 -31.79 69.63 9.56
N VAL I 138 -31.38 68.61 8.74
CA VAL I 138 -30.13 68.73 8.03
C VAL I 138 -30.50 68.60 6.55
N ASN I 139 -29.68 69.16 5.54
CA ASN I 139 -29.70 69.02 4.06
C ASN I 139 -30.77 69.84 3.38
N THR I 140 -31.33 70.85 4.15
CA THR I 140 -32.30 71.81 3.66
C THR I 140 -31.51 72.99 3.04
N ASP I 141 -31.82 73.20 1.72
CA ASP I 141 -31.05 74.13 0.94
C ASP I 141 -31.95 75.34 0.57
N GLU I 142 -33.24 75.27 1.09
CA GLU I 142 -34.25 76.11 0.63
C GLU I 142 -34.63 76.98 1.82
N LEU I 143 -34.31 76.46 3.05
CA LEU I 143 -34.37 77.13 4.36
C LEU I 143 -33.01 76.97 5.00
N GLY I 144 -31.82 76.92 4.17
CA GLY I 144 -30.53 76.97 4.68
C GLY I 144 -30.19 78.19 5.39
N ARG I 145 -29.00 78.10 6.06
CA ARG I 145 -28.24 79.22 6.71
C ARG I 145 -28.09 80.36 5.75
N ASP I 146 -27.82 80.07 4.44
CA ASP I 146 -27.70 81.10 3.46
C ASP I 146 -28.34 80.45 2.23
N CYS I 147 -29.32 79.55 2.39
CA CYS I 147 -30.19 79.03 1.31
C CYS I 147 -29.40 78.18 0.40
N LEU I 148 -29.35 78.45 -0.89
CA LEU I 148 -28.39 77.75 -1.77
C LEU I 148 -26.97 78.25 -1.65
N ILE I 149 -26.64 79.41 -0.93
CA ILE I 149 -25.29 79.81 -0.89
C ILE I 149 -24.52 78.88 0.06
N ASN I 150 -25.02 78.63 1.31
CA ASN I 150 -24.49 77.76 2.33
C ASN I 150 -24.42 76.28 1.80
N ALA I 151 -25.46 75.76 1.04
CA ALA I 151 -25.47 74.41 0.66
C ALA I 151 -24.24 74.09 -0.17
N ALA I 152 -24.00 75.02 -1.17
CA ALA I 152 -22.86 74.91 -2.07
C ALA I 152 -21.50 75.06 -1.37
N LYS I 153 -21.39 76.01 -0.36
CA LYS I 153 -20.19 76.22 0.33
C LYS I 153 -19.61 75.00 1.01
N THR I 154 -20.55 74.29 1.71
CA THR I 154 -20.23 73.09 2.49
C THR I 154 -19.91 71.99 1.50
N SER I 155 -20.62 71.89 0.37
CA SER I 155 -20.27 70.92 -0.66
C SER I 155 -18.94 70.97 -1.32
N MET I 156 -18.43 72.17 -1.44
CA MET I 156 -17.13 72.44 -2.05
C MET I 156 -15.96 72.28 -1.09
N SER I 157 -16.26 72.42 0.25
CA SER I 157 -15.32 72.18 1.34
C SER I 157 -15.14 70.71 1.59
N SER I 158 -16.19 69.89 1.32
CA SER I 158 -16.14 68.45 1.43
C SER I 158 -15.38 67.78 0.25
N LYS I 159 -15.22 68.49 -0.87
CA LYS I 159 -14.65 67.99 -2.08
C LYS I 159 -13.67 69.07 -2.59
N ILE I 160 -12.71 69.44 -1.74
CA ILE I 160 -11.79 70.53 -1.80
C ILE I 160 -10.50 70.04 -2.52
N ILE I 161 -10.11 70.80 -3.58
CA ILE I 161 -8.94 70.69 -4.46
C ILE I 161 -8.04 71.89 -4.38
N GLY I 162 -8.15 72.77 -3.32
CA GLY I 162 -7.42 74.05 -3.28
C GLY I 162 -8.16 74.87 -2.23
N ILE I 163 -8.70 76.06 -2.56
CA ILE I 163 -9.57 76.93 -1.69
C ILE I 163 -10.78 77.14 -2.47
N ASN I 164 -11.95 76.72 -1.92
CA ASN I 164 -13.20 76.42 -2.63
C ASN I 164 -14.25 76.61 -1.62
N GLY I 165 -15.57 76.74 -1.97
CA GLY I 165 -16.55 77.35 -1.06
C GLY I 165 -16.42 78.83 -1.04
N ASP I 166 -15.44 79.39 -1.73
CA ASP I 166 -15.22 80.85 -1.78
C ASP I 166 -16.09 81.33 -2.98
N PHE I 167 -15.41 81.36 -4.13
CA PHE I 167 -15.85 81.82 -5.45
C PHE I 167 -16.87 80.81 -5.96
N PHE I 168 -16.55 79.52 -5.63
CA PHE I 168 -17.26 78.32 -6.15
C PHE I 168 -18.65 78.13 -5.48
N ALA I 169 -18.88 78.74 -4.29
CA ALA I 169 -20.19 78.56 -3.65
C ALA I 169 -21.18 79.28 -4.55
N ASN I 170 -20.79 80.49 -5.01
CA ASN I 170 -21.65 81.51 -5.66
C ASN I 170 -22.11 80.94 -6.98
N MET I 171 -21.26 80.13 -7.67
CA MET I 171 -21.49 79.48 -8.95
C MET I 171 -22.70 78.59 -8.97
N VAL I 172 -22.87 77.81 -7.87
CA VAL I 172 -23.90 76.78 -7.75
C VAL I 172 -25.27 77.42 -7.72
N VAL I 173 -25.34 78.57 -7.07
CA VAL I 173 -26.53 79.42 -6.88
C VAL I 173 -26.97 80.03 -8.21
N ASP I 174 -26.00 80.50 -8.99
CA ASP I 174 -26.20 81.05 -10.26
C ASP I 174 -26.75 80.00 -11.26
N ALA I 175 -26.14 78.76 -11.35
CA ALA I 175 -26.41 77.85 -12.45
C ALA I 175 -27.79 77.31 -12.41
N VAL I 176 -28.38 76.95 -11.23
CA VAL I 176 -29.70 76.47 -11.07
C VAL I 176 -30.77 77.50 -11.39
N LEU I 177 -30.46 78.75 -10.95
CA LEU I 177 -31.29 79.88 -11.13
C LEU I 177 -31.21 80.52 -12.52
N ALA I 178 -30.24 80.08 -13.39
CA ALA I 178 -30.03 80.54 -14.76
C ALA I 178 -30.87 79.82 -15.70
N ILE I 179 -31.45 78.66 -15.21
CA ILE I 179 -32.40 77.98 -16.04
C ILE I 179 -33.77 78.33 -15.48
N LYS I 180 -34.67 78.74 -16.42
CA LYS I 180 -35.94 79.31 -16.14
C LYS I 180 -36.93 78.32 -16.76
N TYR I 181 -36.46 77.00 -17.01
CA TYR I 181 -37.26 75.93 -17.47
C TYR I 181 -37.59 75.12 -16.33
N THR I 182 -38.92 75.12 -16.06
CA THR I 182 -39.43 74.34 -14.95
C THR I 182 -39.87 73.05 -15.45
N ASP I 183 -39.45 72.03 -14.73
CA ASP I 183 -39.69 70.69 -15.03
C ASP I 183 -40.34 70.10 -13.86
N ILE I 184 -41.61 69.86 -14.13
CA ILE I 184 -42.61 69.61 -13.11
C ILE I 184 -42.70 68.14 -13.01
N ARG I 185 -42.11 67.61 -11.91
CA ARG I 185 -41.92 66.19 -11.60
C ARG I 185 -42.36 65.98 -10.18
N GLY I 186 -42.67 67.08 -9.50
CA GLY I 186 -43.31 66.99 -8.24
C GLY I 186 -43.37 68.32 -7.59
N GLN I 187 -42.36 69.21 -7.81
CA GLN I 187 -42.33 70.54 -7.39
C GLN I 187 -41.47 71.11 -8.53
N PRO I 188 -41.42 72.38 -8.91
CA PRO I 188 -40.40 72.92 -9.80
C PRO I 188 -38.96 72.73 -9.57
N ARG I 189 -38.25 72.26 -10.67
CA ARG I 189 -36.89 71.71 -10.72
C ARG I 189 -36.30 72.33 -11.94
N TYR I 190 -35.02 72.42 -12.05
CA TYR I 190 -34.24 72.93 -13.15
C TYR I 190 -33.26 71.89 -13.65
N PRO I 191 -32.87 71.68 -14.92
CA PRO I 191 -31.79 70.80 -15.34
C PRO I 191 -30.46 71.47 -14.99
N VAL I 192 -29.48 70.68 -14.61
CA VAL I 192 -28.17 71.23 -14.31
C VAL I 192 -27.19 70.79 -15.31
N ASN I 193 -27.76 70.51 -16.51
CA ASN I 193 -26.98 70.19 -17.65
C ASN I 193 -27.47 71.04 -18.83
N SER I 194 -28.37 71.97 -18.52
CA SER I 194 -28.75 73.02 -19.46
C SER I 194 -27.91 74.24 -19.21
N VAL I 195 -26.91 74.19 -18.30
CA VAL I 195 -26.08 75.23 -17.90
C VAL I 195 -24.89 75.07 -18.78
N ASN I 196 -24.05 76.15 -18.87
CA ASN I 196 -22.86 76.13 -19.64
C ASN I 196 -21.81 76.44 -18.63
N ILE I 197 -20.86 75.52 -18.43
CA ILE I 197 -19.79 75.61 -17.54
C ILE I 197 -18.50 75.49 -18.46
N LEU I 198 -17.57 76.42 -18.44
CA LEU I 198 -16.50 76.46 -19.43
C LEU I 198 -15.18 76.44 -18.69
N LYS I 199 -14.14 75.92 -19.41
CA LYS I 199 -12.82 75.85 -18.87
C LYS I 199 -12.07 76.87 -19.51
N ALA I 200 -11.13 77.51 -18.78
CA ALA I 200 -10.22 78.48 -19.28
C ALA I 200 -8.93 78.30 -18.57
N HIS I 201 -7.78 78.15 -19.26
CA HIS I 201 -6.43 77.96 -18.75
C HIS I 201 -5.73 79.36 -18.88
N GLY I 202 -4.89 79.67 -17.89
CA GLY I 202 -4.23 80.98 -17.75
C GLY I 202 -4.85 81.76 -16.60
N ARG I 203 -4.00 82.57 -15.91
CA ARG I 203 -4.30 83.27 -14.71
C ARG I 203 -4.79 82.42 -13.57
N SER I 204 -5.02 83.22 -12.51
CA SER I 204 -5.34 82.81 -11.12
C SER I 204 -5.98 81.50 -10.98
N GLN I 205 -5.40 80.66 -10.08
CA GLN I 205 -5.64 79.21 -9.93
C GLN I 205 -7.00 78.84 -9.44
N MET I 206 -7.61 79.63 -8.44
CA MET I 206 -8.88 79.27 -7.90
C MET I 206 -9.62 80.54 -7.89
N GLU I 207 -10.52 80.69 -8.94
CA GLU I 207 -11.26 81.83 -9.18
C GLU I 207 -12.42 81.33 -10.00
N SER I 208 -13.43 82.16 -10.24
CA SER I 208 -14.61 82.08 -11.06
C SER I 208 -14.98 83.49 -11.50
N MET I 209 -15.64 83.56 -12.65
CA MET I 209 -16.25 84.77 -13.05
C MET I 209 -17.56 84.40 -13.52
N LEU I 210 -18.58 85.20 -13.14
CA LEU I 210 -19.96 85.02 -13.63
C LEU I 210 -20.10 85.89 -14.84
N ILE I 211 -20.80 85.28 -15.85
CA ILE I 211 -21.08 86.00 -17.12
C ILE I 211 -22.62 86.06 -17.18
N SER I 212 -23.25 87.24 -17.60
CA SER I 212 -24.64 87.39 -17.74
C SER I 212 -24.91 86.91 -19.10
N GLY I 213 -25.72 85.87 -19.33
CA GLY I 213 -25.98 85.25 -20.62
C GLY I 213 -24.97 84.11 -20.99
N TYR I 214 -25.33 83.17 -21.87
CA TYR I 214 -24.50 82.05 -22.33
C TYR I 214 -23.44 82.57 -23.21
N ALA I 215 -22.19 81.88 -23.33
CA ALA I 215 -21.03 82.23 -24.11
C ALA I 215 -20.56 81.05 -24.93
N LEU I 216 -20.01 81.46 -26.14
CA LEU I 216 -19.52 80.63 -27.19
C LEU I 216 -18.03 80.59 -27.05
N ASN I 217 -17.42 79.37 -26.95
CA ASN I 217 -15.98 79.13 -26.90
C ASN I 217 -15.22 79.04 -28.27
N CYS I 218 -14.08 79.75 -28.40
CA CYS I 218 -13.28 79.81 -29.56
C CYS I 218 -12.00 80.32 -29.13
N VAL I 219 -10.96 80.36 -30.04
CA VAL I 219 -9.62 80.81 -29.77
C VAL I 219 -9.05 81.36 -31.07
N VAL I 220 -8.32 82.47 -30.95
CA VAL I 220 -7.64 83.10 -32.05
C VAL I 220 -6.18 82.90 -31.80
N GLY I 221 -5.38 82.60 -32.82
CA GLY I 221 -3.95 82.29 -32.64
C GLY I 221 -3.32 82.00 -33.98
N SER I 222 -4.17 81.73 -35.02
CA SER I 222 -3.59 81.45 -36.31
C SER I 222 -4.64 81.78 -37.25
N GLN I 223 -5.61 82.65 -36.75
CA GLN I 223 -6.65 83.17 -37.64
C GLN I 223 -6.42 84.62 -38.02
N GLY I 224 -6.71 84.87 -39.32
CA GLY I 224 -6.80 86.19 -39.92
C GLY I 224 -8.18 86.58 -40.35
N MET I 225 -9.18 85.69 -40.28
CA MET I 225 -10.56 86.04 -40.55
C MET I 225 -11.14 87.03 -39.60
N PRO I 226 -12.07 88.00 -39.96
CA PRO I 226 -12.77 88.72 -38.91
C PRO I 226 -13.82 87.85 -38.29
N LYS I 227 -14.05 87.97 -36.97
CA LYS I 227 -15.02 87.34 -36.17
C LYS I 227 -15.24 88.11 -34.95
N ARG I 228 -14.44 89.16 -34.70
CA ARG I 228 -14.55 90.00 -33.56
C ARG I 228 -15.04 91.33 -34.04
N ILE I 229 -16.32 91.41 -34.49
CA ILE I 229 -17.01 92.65 -34.92
C ILE I 229 -18.03 92.61 -33.83
N VAL I 230 -18.13 93.74 -32.99
CA VAL I 230 -19.03 93.82 -31.88
C VAL I 230 -20.40 94.21 -32.42
N ASN I 231 -21.43 93.46 -32.09
CA ASN I 231 -22.72 93.67 -32.66
C ASN I 231 -23.82 93.36 -31.60
N ALA I 232 -24.97 92.79 -31.97
CA ALA I 232 -25.99 92.50 -30.97
C ALA I 232 -26.88 91.44 -31.52
N LYS I 233 -26.56 91.00 -32.71
CA LYS I 233 -27.37 90.06 -33.40
C LYS I 233 -26.56 89.02 -34.14
N ILE I 234 -26.98 87.72 -33.93
CA ILE I 234 -26.36 86.43 -34.29
C ILE I 234 -27.38 85.72 -35.16
N ALA I 235 -26.80 85.12 -36.18
CA ALA I 235 -27.49 84.31 -37.12
C ALA I 235 -26.92 82.99 -36.86
N CYS I 236 -27.73 82.05 -36.43
CA CYS I 236 -27.35 80.74 -36.05
C CYS I 236 -27.76 79.82 -37.13
N LEU I 237 -26.71 79.23 -37.76
CA LEU I 237 -26.73 78.33 -38.88
C LEU I 237 -26.31 77.03 -38.17
N ASP I 238 -27.27 76.18 -37.74
CA ASP I 238 -27.10 74.77 -38.11
C ASP I 238 -27.15 74.71 -39.60
N PHE I 239 -26.04 74.25 -40.22
CA PHE I 239 -25.73 74.14 -41.62
C PHE I 239 -24.17 73.94 -41.48
N SER I 240 -23.49 73.04 -42.20
CA SER I 240 -22.08 72.88 -42.19
C SER I 240 -21.63 73.83 -43.32
N LEU I 241 -20.39 74.35 -43.15
CA LEU I 241 -19.78 75.18 -44.16
C LEU I 241 -18.44 74.67 -44.24
N GLN I 242 -17.90 74.39 -45.40
CA GLN I 242 -16.59 74.03 -45.68
C GLN I 242 -16.33 74.46 -47.09
N LYS I 243 -15.16 74.99 -47.38
CA LYS I 243 -14.77 75.50 -48.60
C LYS I 243 -14.44 74.39 -49.55
N THR I 244 -13.84 73.26 -49.04
CA THR I 244 -13.51 72.06 -49.80
C THR I 244 -14.69 71.14 -49.96
N LYS I 245 -15.37 70.71 -48.88
CA LYS I 245 -16.46 69.67 -49.04
C LYS I 245 -17.69 70.15 -48.37
N MET I 246 -18.79 70.40 -49.20
CA MET I 246 -20.09 70.75 -48.73
C MET I 246 -20.99 70.40 -49.90
N LYS I 247 -20.43 69.71 -51.00
CA LYS I 247 -21.24 69.26 -52.18
C LYS I 247 -20.41 67.99 -52.69
N LEU I 248 -19.09 68.02 -52.45
CA LEU I 248 -18.15 67.08 -52.92
C LEU I 248 -18.06 65.90 -51.94
N GLY I 249 -17.72 64.72 -52.49
CA GLY I 249 -17.51 63.54 -51.74
C GLY I 249 -16.77 62.68 -52.73
N VAL I 250 -15.99 61.72 -52.16
CA VAL I 250 -15.24 60.82 -52.97
C VAL I 250 -16.12 59.81 -53.72
N GLN I 251 -15.94 59.76 -55.08
CA GLN I 251 -16.48 58.82 -56.01
C GLN I 251 -15.32 58.25 -56.61
N VAL I 252 -15.34 56.93 -56.86
CA VAL I 252 -14.27 56.22 -57.51
C VAL I 252 -14.93 55.47 -58.64
N VAL I 253 -16.22 55.83 -59.02
CA VAL I 253 -16.97 55.16 -60.08
C VAL I 253 -17.03 55.95 -61.39
N ILE I 254 -16.86 57.27 -61.24
CA ILE I 254 -16.84 58.23 -62.34
C ILE I 254 -15.36 58.33 -62.78
N THR I 255 -15.19 58.01 -64.13
CA THR I 255 -13.94 57.97 -64.82
C THR I 255 -13.39 59.30 -65.06
N ASP I 256 -14.23 60.27 -65.32
CA ASP I 256 -13.91 61.63 -65.67
C ASP I 256 -13.47 62.34 -64.44
N PRO I 257 -12.31 63.01 -64.44
CA PRO I 257 -11.82 63.81 -63.30
C PRO I 257 -12.56 65.14 -63.16
N GLU I 258 -13.36 65.51 -64.24
CA GLU I 258 -14.02 66.79 -64.31
C GLU I 258 -15.02 67.06 -63.23
N LYS I 259 -15.86 66.05 -62.86
CA LYS I 259 -17.02 66.29 -62.06
C LYS I 259 -16.68 66.68 -60.66
N LEU I 260 -15.66 66.00 -60.09
CA LEU I 260 -15.05 66.22 -58.79
C LEU I 260 -14.38 67.50 -58.75
N ASP I 261 -13.64 67.83 -59.83
CA ASP I 261 -12.81 69.04 -59.89
C ASP I 261 -13.60 70.35 -59.86
N GLN I 262 -14.64 70.46 -60.69
CA GLN I 262 -15.46 71.61 -61.09
C GLN I 262 -16.30 72.13 -59.98
N ILE I 263 -16.84 71.21 -59.17
CA ILE I 263 -17.62 71.50 -58.06
C ILE I 263 -16.68 72.09 -56.98
N ARG I 264 -15.36 71.67 -56.97
CA ARG I 264 -14.46 72.17 -55.98
C ARG I 264 -14.12 73.64 -56.21
N GLN I 265 -13.87 74.11 -57.47
CA GLN I 265 -13.51 75.49 -57.82
C GLN I 265 -14.61 76.45 -57.40
N ARG I 266 -15.82 75.98 -57.73
CA ARG I 266 -17.08 76.64 -57.50
C ARG I 266 -17.34 76.83 -56.02
N GLU I 267 -16.99 75.90 -55.08
CA GLU I 267 -17.21 75.91 -53.62
C GLU I 267 -16.23 76.85 -52.88
N SER I 268 -15.12 77.36 -53.48
CA SER I 268 -14.33 78.44 -52.97
C SER I 268 -15.07 79.73 -53.25
N ASP I 269 -15.74 79.80 -54.44
CA ASP I 269 -16.45 81.08 -54.89
C ASP I 269 -17.67 81.41 -54.04
N ILE I 270 -18.44 80.38 -53.80
CA ILE I 270 -19.80 80.46 -53.22
C ILE I 270 -19.85 80.68 -51.76
N THR I 271 -18.74 80.29 -51.07
CA THR I 271 -18.54 80.63 -49.69
C THR I 271 -18.47 82.12 -49.46
N LYS I 272 -17.74 82.77 -50.36
CA LYS I 272 -17.63 84.20 -50.31
C LYS I 272 -18.92 84.84 -50.55
N GLU I 273 -19.78 84.28 -51.46
CA GLU I 273 -21.12 84.81 -51.80
C GLU I 273 -22.18 84.70 -50.69
N ARG I 274 -22.13 83.54 -49.97
CA ARG I 274 -23.04 83.03 -48.98
C ARG I 274 -22.99 83.89 -47.77
N ILE I 275 -21.79 84.29 -47.36
CA ILE I 275 -21.58 85.13 -46.15
C ILE I 275 -22.15 86.53 -46.28
N GLN I 276 -22.02 87.23 -47.42
CA GLN I 276 -22.51 88.53 -47.61
C GLN I 276 -23.98 88.61 -47.49
N LYS I 277 -24.69 87.61 -47.98
CA LYS I 277 -26.10 87.61 -47.87
C LYS I 277 -26.67 87.45 -46.56
N ILE I 278 -26.03 86.56 -45.71
CA ILE I 278 -26.40 86.39 -44.31
C ILE I 278 -26.22 87.72 -43.57
N LEU I 279 -25.04 88.40 -43.72
CA LEU I 279 -24.71 89.65 -43.08
C LEU I 279 -25.56 90.87 -43.32
N ALA I 280 -26.02 90.98 -44.58
CA ALA I 280 -26.83 92.02 -45.02
C ALA I 280 -28.12 92.14 -44.28
N THR I 281 -28.58 90.99 -43.79
CA THR I 281 -29.91 90.81 -43.16
C THR I 281 -30.07 91.57 -41.89
N GLY I 282 -29.03 91.37 -41.03
CA GLY I 282 -28.90 92.19 -39.83
C GLY I 282 -27.64 91.88 -39.01
N ALA I 283 -26.87 90.76 -39.46
CA ALA I 283 -25.91 90.20 -38.49
C ALA I 283 -24.60 90.89 -38.79
N ASN I 284 -23.65 90.90 -37.89
CA ASN I 284 -22.27 91.13 -38.26
C ASN I 284 -21.47 90.03 -37.67
N VAL I 285 -22.07 89.07 -36.94
CA VAL I 285 -21.41 87.90 -36.37
C VAL I 285 -22.33 86.80 -36.78
N ILE I 286 -21.73 85.71 -37.24
CA ILE I 286 -22.38 84.45 -37.58
C ILE I 286 -21.76 83.30 -36.83
N LEU I 287 -22.58 82.39 -36.33
CA LEU I 287 -22.18 81.27 -35.55
C LEU I 287 -22.55 80.05 -36.41
N THR I 288 -21.58 79.21 -36.86
CA THR I 288 -21.76 78.17 -37.85
C THR I 288 -21.37 76.96 -37.19
N THR I 289 -22.28 75.95 -37.13
CA THR I 289 -22.12 74.73 -36.40
C THR I 289 -21.00 73.87 -36.88
N GLY I 290 -20.97 73.45 -38.16
CA GLY I 290 -19.85 72.62 -38.66
C GLY I 290 -18.48 72.97 -38.20
N GLY I 291 -17.63 71.97 -38.17
CA GLY I 291 -16.26 71.82 -37.73
C GLY I 291 -15.39 72.07 -38.94
N ILE I 292 -14.11 72.05 -38.74
CA ILE I 292 -13.15 72.31 -39.75
C ILE I 292 -11.93 71.45 -39.65
N ASP I 293 -11.32 71.15 -40.81
CA ASP I 293 -10.07 70.39 -40.80
C ASP I 293 -8.94 71.36 -40.66
N ASP I 294 -7.77 70.88 -40.21
CA ASP I 294 -6.52 71.57 -40.01
C ASP I 294 -6.01 72.00 -41.43
N MET I 295 -6.19 71.18 -42.44
CA MET I 295 -5.88 71.39 -43.87
C MET I 295 -6.76 72.50 -44.40
N CYS I 296 -8.08 72.53 -44.14
CA CYS I 296 -9.03 73.51 -44.51
C CYS I 296 -8.94 74.91 -43.84
N LEU I 297 -8.32 74.94 -42.65
CA LEU I 297 -8.10 76.12 -41.78
C LEU I 297 -7.40 77.25 -42.51
N LYS I 298 -6.37 76.92 -43.35
CA LYS I 298 -5.65 77.84 -44.14
C LYS I 298 -6.51 78.48 -45.18
N TYR I 299 -7.48 77.87 -45.85
CA TYR I 299 -8.29 78.51 -46.83
C TYR I 299 -9.18 79.58 -46.27
N PHE I 300 -9.83 79.29 -45.14
CA PHE I 300 -10.80 80.29 -44.59
C PHE I 300 -10.03 81.59 -44.18
N VAL I 301 -8.79 81.42 -43.65
CA VAL I 301 -7.96 82.47 -43.15
C VAL I 301 -7.52 83.40 -44.29
N GLU I 302 -7.03 82.76 -45.39
CA GLU I 302 -6.56 83.38 -46.60
C GLU I 302 -7.57 84.11 -47.41
N ALA I 303 -8.78 83.60 -47.50
CA ALA I 303 -9.86 84.23 -48.32
C ALA I 303 -10.38 85.45 -47.50
N GLY I 304 -10.30 85.34 -46.12
CA GLY I 304 -10.62 86.55 -45.35
C GLY I 304 -12.01 86.55 -44.89
N ALA I 305 -12.62 85.31 -45.10
CA ALA I 305 -14.03 85.05 -44.89
C ALA I 305 -14.46 85.22 -43.48
N MET I 306 -15.61 85.98 -43.27
CA MET I 306 -16.21 86.38 -42.03
C MET I 306 -17.02 85.20 -41.44
N ALA I 307 -16.47 84.50 -40.44
CA ALA I 307 -17.07 83.28 -39.88
C ALA I 307 -16.49 83.18 -38.53
N VAL I 308 -17.26 82.51 -37.65
CA VAL I 308 -16.83 82.20 -36.29
C VAL I 308 -16.54 80.75 -36.37
N ARG I 309 -15.29 80.33 -36.03
CA ARG I 309 -14.93 78.94 -36.02
C ARG I 309 -14.19 78.60 -34.75
N ARG I 310 -13.95 77.30 -34.61
CA ARG I 310 -13.36 76.54 -33.49
C ARG I 310 -14.45 76.58 -32.46
N VAL I 311 -15.69 76.45 -32.99
CA VAL I 311 -16.97 76.59 -32.27
C VAL I 311 -17.16 75.25 -31.44
N LEU I 312 -18.13 75.26 -30.44
CA LEU I 312 -18.50 74.09 -29.68
C LEU I 312 -20.00 74.14 -29.91
N LYS I 313 -20.60 73.01 -30.35
CA LYS I 313 -21.94 72.91 -30.77
C LYS I 313 -22.85 73.11 -29.64
N ARG I 314 -22.53 72.55 -28.42
CA ARG I 314 -23.28 72.57 -27.24
C ARG I 314 -23.45 74.01 -26.76
N ASP I 315 -22.44 74.84 -26.91
CA ASP I 315 -22.49 76.25 -26.54
C ASP I 315 -23.40 77.08 -27.40
N LEU I 316 -23.32 76.75 -28.66
CA LEU I 316 -24.00 77.35 -29.79
C LEU I 316 -25.54 77.09 -29.75
N LYS I 317 -25.84 75.87 -29.29
CA LYS I 317 -27.12 75.29 -29.16
C LYS I 317 -27.93 76.01 -28.07
N ARG I 318 -27.20 76.37 -26.97
CA ARG I 318 -27.79 77.15 -25.91
C ARG I 318 -28.07 78.59 -26.32
N ILE I 319 -27.13 79.22 -27.14
CA ILE I 319 -27.32 80.55 -27.56
C ILE I 319 -28.48 80.73 -28.45
N ALA I 320 -28.71 79.73 -29.38
CA ALA I 320 -29.67 79.92 -30.45
C ALA I 320 -31.03 80.06 -29.81
N LYS I 321 -31.34 79.15 -28.75
CA LYS I 321 -32.63 79.10 -28.09
C LYS I 321 -32.94 80.41 -27.34
N ALA I 322 -31.91 80.90 -26.65
CA ALA I 322 -31.99 82.00 -25.70
C ALA I 322 -32.10 83.28 -26.47
N SER I 323 -31.34 83.41 -27.60
CA SER I 323 -31.45 84.59 -28.44
C SER I 323 -32.73 84.66 -29.19
N GLY I 324 -33.25 83.47 -29.49
CA GLY I 324 -34.50 83.27 -30.13
C GLY I 324 -34.32 83.03 -31.61
N ALA I 325 -33.03 82.87 -32.02
CA ALA I 325 -32.74 82.39 -33.30
C ALA I 325 -33.29 80.98 -33.49
N THR I 326 -33.45 80.54 -34.77
CA THR I 326 -33.69 79.15 -35.10
C THR I 326 -32.49 78.78 -35.93
N ILE I 327 -32.01 77.63 -35.66
CA ILE I 327 -30.83 77.03 -36.38
C ILE I 327 -31.21 76.47 -37.70
N LEU I 328 -32.49 75.98 -37.81
CA LEU I 328 -32.94 75.49 -39.06
C LEU I 328 -34.42 75.93 -39.17
N SER I 329 -34.94 76.62 -40.31
CA SER I 329 -36.38 77.04 -40.43
C SER I 329 -36.65 77.42 -41.90
N THR I 330 -35.65 77.39 -42.84
CA THR I 330 -35.95 77.72 -44.27
C THR I 330 -34.80 77.17 -45.18
N LEU I 331 -33.58 76.88 -44.68
CA LEU I 331 -32.51 76.40 -45.51
C LEU I 331 -32.67 74.98 -46.07
N ALA I 332 -32.15 74.81 -47.32
CA ALA I 332 -32.34 73.61 -48.11
C ALA I 332 -31.48 73.72 -49.30
N ASN I 333 -30.37 74.57 -49.30
CA ASN I 333 -29.53 74.58 -50.53
C ASN I 333 -28.13 74.30 -50.10
N LEU I 334 -27.26 74.39 -51.07
CA LEU I 334 -25.84 74.32 -50.85
C LEU I 334 -25.04 75.19 -51.85
N GLU I 335 -25.75 76.14 -52.46
CA GLU I 335 -25.24 77.23 -53.29
C GLU I 335 -25.15 78.48 -52.35
N GLY I 336 -24.43 79.46 -52.81
CA GLY I 336 -24.13 80.66 -52.08
C GLY I 336 -25.15 81.75 -52.38
N GLU I 337 -26.27 81.39 -52.99
CA GLU I 337 -27.31 82.19 -53.40
C GLU I 337 -28.48 81.83 -52.58
N GLU I 338 -28.27 80.96 -51.54
CA GLU I 338 -29.21 80.43 -50.64
C GLU I 338 -29.95 81.44 -49.85
N THR I 339 -31.30 81.22 -49.75
CA THR I 339 -32.16 82.04 -48.97
C THR I 339 -31.73 82.14 -47.53
N PHE I 340 -32.10 83.17 -46.84
CA PHE I 340 -31.71 83.34 -45.47
C PHE I 340 -32.95 84.11 -44.90
N GLU I 341 -33.20 84.08 -43.57
CA GLU I 341 -34.43 84.62 -42.92
C GLU I 341 -34.01 85.72 -42.03
N ALA I 342 -35.00 86.47 -41.45
CA ALA I 342 -34.82 87.53 -40.47
C ALA I 342 -35.34 87.12 -39.17
N ALA I 343 -35.67 85.79 -39.04
CA ALA I 343 -36.23 85.12 -37.85
C ALA I 343 -35.26 84.04 -37.38
N MET I 344 -34.23 83.70 -38.26
CA MET I 344 -33.12 82.85 -37.94
C MET I 344 -32.07 83.69 -37.26
N LEU I 345 -32.33 85.04 -37.18
CA LEU I 345 -31.51 85.98 -36.34
C LEU I 345 -32.06 85.97 -35.02
N GLY I 346 -31.26 86.08 -33.96
CA GLY I 346 -31.70 86.15 -32.66
C GLY I 346 -31.21 87.46 -32.14
N GLN I 347 -31.68 87.83 -30.93
CA GLN I 347 -31.42 89.06 -30.30
C GLN I 347 -30.79 88.91 -28.95
N ALA I 348 -29.75 89.74 -28.73
CA ALA I 348 -29.14 89.87 -27.38
C ALA I 348 -29.04 91.34 -27.02
N GLU I 349 -28.58 91.73 -25.77
CA GLU I 349 -28.42 93.11 -25.45
C GLU I 349 -27.18 93.57 -26.22
N GLU I 350 -26.09 92.80 -26.22
CA GLU I 350 -24.87 93.02 -27.08
C GLU I 350 -24.21 91.69 -27.19
N VAL I 351 -23.42 91.61 -28.31
CA VAL I 351 -22.70 90.42 -28.74
C VAL I 351 -21.34 91.08 -28.81
N VAL I 352 -20.55 91.01 -27.77
CA VAL I 352 -19.29 91.73 -27.57
C VAL I 352 -18.28 90.63 -27.35
N GLN I 353 -17.00 90.82 -27.84
CA GLN I 353 -15.90 89.86 -27.78
C GLN I 353 -14.88 90.37 -26.80
N GLU I 354 -14.69 89.70 -25.71
CA GLU I 354 -13.66 89.98 -24.78
C GLU I 354 -12.66 88.84 -24.71
N ARG I 355 -11.42 89.09 -24.45
CA ARG I 355 -10.46 88.01 -24.29
C ARG I 355 -10.01 88.20 -22.93
N ILE I 356 -10.30 87.22 -22.04
CA ILE I 356 -9.98 87.15 -20.66
C ILE I 356 -9.44 85.77 -20.32
N CYS I 357 -8.25 85.83 -19.73
CA CYS I 357 -7.47 84.79 -19.13
C CYS I 357 -6.66 83.99 -20.13
N ASP I 358 -6.39 84.38 -21.46
CA ASP I 358 -5.76 83.67 -22.58
C ASP I 358 -6.79 82.79 -23.31
N ASP I 359 -8.08 83.12 -23.18
CA ASP I 359 -9.07 82.49 -23.98
C ASP I 359 -10.08 83.50 -24.58
N GLU I 360 -10.26 83.44 -25.96
CA GLU I 360 -11.05 84.46 -26.58
C GLU I 360 -12.46 83.93 -26.43
N LEU I 361 -13.43 84.82 -26.17
CA LEU I 361 -14.79 84.34 -25.96
C LEU I 361 -15.53 85.39 -26.70
N ILE I 362 -16.70 84.93 -27.34
CA ILE I 362 -17.73 85.83 -27.72
C ILE I 362 -18.73 85.57 -26.70
N LEU I 363 -19.16 86.67 -26.08
CA LEU I 363 -20.04 86.63 -24.92
C LEU I 363 -21.34 87.28 -25.33
N ILE I 364 -22.49 86.65 -25.09
CA ILE I 364 -23.78 87.06 -25.45
C ILE I 364 -24.26 87.64 -24.11
N LYS I 365 -24.25 89.01 -23.90
CA LYS I 365 -24.71 89.62 -22.64
C LYS I 365 -26.14 89.74 -22.76
N ASN I 366 -26.84 89.37 -21.64
CA ASN I 366 -28.23 89.42 -21.46
C ASN I 366 -29.06 89.02 -22.68
N THR I 367 -29.21 87.69 -22.88
CA THR I 367 -30.01 87.00 -23.81
C THR I 367 -31.47 87.34 -23.74
N LYS I 368 -32.24 87.42 -24.88
CA LYS I 368 -33.62 87.89 -24.81
C LYS I 368 -34.40 86.93 -25.62
N ALA I 369 -35.42 86.42 -24.89
CA ALA I 369 -36.44 85.41 -25.14
C ALA I 369 -36.39 84.44 -23.95
N ARG I 370 -35.44 84.75 -23.01
CA ARG I 370 -35.19 84.06 -21.69
C ARG I 370 -33.76 84.48 -21.26
N THR I 371 -33.47 84.55 -19.96
CA THR I 371 -32.18 84.99 -19.39
C THR I 371 -31.40 83.79 -18.85
N SER I 372 -30.08 83.78 -18.93
CA SER I 372 -29.19 82.68 -18.46
C SER I 372 -27.96 83.41 -17.92
N ALA I 373 -26.96 82.57 -17.56
CA ALA I 373 -25.72 82.80 -17.02
C ALA I 373 -24.91 81.55 -17.35
N SER I 374 -23.57 81.75 -17.38
CA SER I 374 -22.59 80.85 -17.85
C SER I 374 -21.51 81.23 -16.90
N ILE I 375 -20.84 80.24 -16.30
CA ILE I 375 -19.83 80.49 -15.30
C ILE I 375 -18.66 79.84 -15.96
N ILE I 376 -17.46 80.56 -15.96
CA ILE I 376 -16.30 80.11 -16.67
C ILE I 376 -15.31 79.97 -15.50
N LEU I 377 -14.85 78.71 -15.25
CA LEU I 377 -13.89 78.51 -14.15
C LEU I 377 -12.61 79.01 -14.71
N ARG I 378 -11.75 79.42 -13.74
CA ARG I 378 -10.47 79.98 -13.96
C ARG I 378 -9.47 79.17 -13.11
N GLY I 379 -8.41 78.53 -13.83
CA GLY I 379 -7.35 77.75 -13.28
C GLY I 379 -6.15 78.21 -13.88
N ALA I 380 -4.98 77.62 -13.45
CA ALA I 380 -3.69 78.05 -13.95
C ALA I 380 -3.31 77.02 -15.06
N ASN I 381 -4.30 76.07 -15.40
CA ASN I 381 -4.08 74.92 -16.29
C ASN I 381 -5.57 74.55 -16.54
N ASP I 382 -5.72 73.87 -17.64
CA ASP I 382 -6.93 73.21 -18.16
C ASP I 382 -7.34 72.04 -17.27
N PHE I 383 -6.31 71.21 -16.79
CA PHE I 383 -6.37 70.07 -15.83
C PHE I 383 -6.97 70.47 -14.51
N MET I 384 -6.63 71.68 -14.04
CA MET I 384 -7.16 72.16 -12.74
C MET I 384 -8.65 72.29 -12.83
N CYS I 385 -9.15 72.74 -13.97
CA CYS I 385 -10.51 72.99 -14.16
C CYS I 385 -11.33 71.70 -14.24
N ASP I 386 -10.81 70.57 -14.60
CA ASP I 386 -11.56 69.31 -14.69
C ASP I 386 -12.02 68.91 -13.30
N GLU I 387 -11.08 69.06 -12.28
CA GLU I 387 -11.29 68.67 -10.90
C GLU I 387 -12.39 69.49 -10.22
N MET I 388 -12.26 70.82 -10.46
CA MET I 388 -13.14 71.84 -9.93
C MET I 388 -14.59 71.56 -10.50
N GLU I 389 -14.69 71.19 -11.81
CA GLU I 389 -15.94 70.97 -12.43
C GLU I 389 -16.75 69.73 -11.84
N ARG I 390 -15.99 68.64 -11.59
CA ARG I 390 -16.54 67.39 -11.25
C ARG I 390 -17.14 67.48 -9.82
N SER I 391 -16.39 68.21 -8.92
CA SER I 391 -16.80 68.45 -7.59
C SER I 391 -18.07 69.34 -7.52
N LEU I 392 -18.18 70.38 -8.37
CA LEU I 392 -19.24 71.35 -8.52
C LEU I 392 -20.46 70.61 -9.04
N HIS I 393 -20.26 69.65 -9.95
CA HIS I 393 -21.40 68.94 -10.53
C HIS I 393 -22.24 68.20 -9.48
N ASP I 394 -21.44 67.63 -8.49
CA ASP I 394 -22.03 66.91 -7.35
C ASP I 394 -22.86 67.75 -6.51
N ALA I 395 -22.46 69.05 -6.38
CA ALA I 395 -23.05 70.04 -5.57
C ALA I 395 -24.41 70.41 -6.18
N LEU I 396 -24.41 70.61 -7.47
CA LEU I 396 -25.53 70.93 -8.37
C LEU I 396 -26.58 69.81 -8.43
N CYS I 397 -26.16 68.54 -8.39
CA CYS I 397 -27.10 67.43 -8.38
C CYS I 397 -27.80 67.30 -7.07
N VAL I 398 -27.05 67.41 -5.97
CA VAL I 398 -27.72 67.36 -4.68
C VAL I 398 -28.74 68.49 -4.48
N VAL I 399 -28.44 69.75 -4.93
CA VAL I 399 -29.35 70.84 -4.89
C VAL I 399 -30.65 70.64 -5.66
N LYS I 400 -30.55 69.98 -6.90
CA LYS I 400 -31.73 69.78 -7.71
C LYS I 400 -32.81 68.87 -7.26
N ARG I 401 -32.36 67.77 -6.61
CA ARG I 401 -33.07 66.76 -5.90
C ARG I 401 -33.75 67.23 -4.69
N VAL I 402 -33.13 68.18 -3.97
CA VAL I 402 -33.65 68.92 -2.86
C VAL I 402 -34.86 69.70 -3.30
N LEU I 403 -34.89 70.35 -4.47
CA LEU I 403 -36.06 71.11 -5.01
C LEU I 403 -37.28 70.23 -5.23
N GLU I 404 -37.09 69.00 -5.70
CA GLU I 404 -38.19 68.10 -5.98
C GLU I 404 -38.99 67.63 -4.78
N SER I 405 -38.22 67.34 -3.71
CA SER I 405 -38.82 66.88 -2.50
C SER I 405 -38.45 67.72 -1.40
N LYS I 406 -39.43 68.36 -0.80
CA LYS I 406 -39.22 69.48 0.16
C LYS I 406 -38.50 68.98 1.32
N SER I 407 -39.03 67.84 1.75
CA SER I 407 -38.54 66.97 2.83
C SER I 407 -37.12 66.56 2.52
N VAL I 408 -36.22 66.39 3.52
CA VAL I 408 -34.82 66.18 3.31
C VAL I 408 -34.40 65.43 4.57
N VAL I 409 -33.19 64.85 4.52
CA VAL I 409 -32.61 64.13 5.61
C VAL I 409 -31.16 64.33 5.42
N PRO I 410 -30.28 64.11 6.42
CA PRO I 410 -28.87 63.92 6.23
C PRO I 410 -28.75 62.49 5.69
N GLY I 411 -28.40 62.45 4.40
CA GLY I 411 -28.38 61.19 3.71
C GLY I 411 -27.02 60.44 3.88
N GLY I 412 -26.90 59.27 3.14
CA GLY I 412 -25.89 58.30 3.33
C GLY I 412 -26.39 57.38 4.32
N GLY I 413 -25.46 56.88 5.16
CA GLY I 413 -25.74 56.11 6.37
C GLY I 413 -26.18 56.88 7.56
N ALA I 414 -26.34 58.18 7.52
CA ALA I 414 -26.72 59.00 8.71
C ALA I 414 -28.15 59.00 9.18
N VAL I 415 -29.08 58.80 8.20
CA VAL I 415 -30.46 58.71 8.49
C VAL I 415 -30.65 57.46 9.17
N GLU I 416 -29.88 56.41 8.73
CA GLU I 416 -29.80 55.13 9.17
C GLU I 416 -29.37 54.95 10.58
N ALA I 417 -28.35 55.76 10.98
CA ALA I 417 -27.79 55.71 12.33
C ALA I 417 -28.80 56.18 13.35
N ALA I 418 -29.56 57.25 13.00
CA ALA I 418 -30.71 57.73 13.82
C ALA I 418 -31.84 56.74 14.02
N LEU I 419 -32.29 56.13 12.88
CA LEU I 419 -33.41 55.28 12.78
C LEU I 419 -33.24 54.00 13.56
N SER I 420 -32.04 53.47 13.72
CA SER I 420 -31.70 52.28 14.48
C SER I 420 -32.22 52.29 15.89
N ILE I 421 -31.99 53.46 16.53
CA ILE I 421 -32.42 53.58 17.91
C ILE I 421 -33.93 53.64 17.97
N TYR I 422 -34.59 54.39 17.07
CA TYR I 422 -36.06 54.64 17.10
C TYR I 422 -36.88 53.34 16.80
N LEU I 423 -36.45 52.52 15.75
CA LEU I 423 -37.06 51.33 15.34
C LEU I 423 -36.90 50.20 16.34
N GLU I 424 -35.72 50.23 17.09
CA GLU I 424 -35.58 49.54 18.38
C GLU I 424 -36.53 50.00 19.47
N ASN I 425 -36.89 51.30 19.75
CA ASN I 425 -37.73 51.64 20.84
C ASN I 425 -39.12 51.02 20.47
N TYR I 426 -39.48 51.05 19.22
CA TYR I 426 -40.75 50.63 18.64
C TYR I 426 -40.85 49.12 18.66
N ALA I 427 -39.73 48.40 18.46
CA ALA I 427 -39.69 46.95 18.36
C ALA I 427 -40.13 46.32 19.67
N THR I 428 -39.50 46.84 20.72
CA THR I 428 -39.69 46.48 22.13
C THR I 428 -41.11 46.62 22.53
N SER I 429 -41.68 47.78 22.17
CA SER I 429 -43.01 48.24 22.49
C SER I 429 -44.08 47.28 21.98
N MET I 430 -43.98 46.88 20.68
CA MET I 430 -44.84 45.93 20.03
C MET I 430 -44.72 44.53 20.66
N GLY I 431 -43.52 44.00 20.90
CA GLY I 431 -43.40 42.66 21.48
C GLY I 431 -43.65 41.53 20.50
N SER I 432 -43.78 40.26 20.98
CA SER I 432 -44.02 39.11 20.11
C SER I 432 -43.01 38.91 18.97
N ARG I 433 -43.49 38.28 17.93
CA ARG I 433 -42.71 37.97 16.73
C ARG I 433 -42.18 39.28 16.06
N GLU I 434 -42.98 40.38 16.00
CA GLU I 434 -42.67 41.70 15.38
C GLU I 434 -41.52 42.43 16.03
N GLN I 435 -41.22 42.13 17.31
CA GLN I 435 -40.12 42.73 17.97
C GLN I 435 -38.84 42.30 17.31
N LEU I 436 -38.69 41.00 16.95
CA LEU I 436 -37.53 40.50 16.19
C LEU I 436 -37.43 41.04 14.83
N ALA I 437 -38.59 41.20 14.17
CA ALA I 437 -38.66 41.60 12.75
C ALA I 437 -38.08 42.95 12.49
N ILE I 438 -38.49 43.93 13.37
CA ILE I 438 -38.01 45.31 13.40
C ILE I 438 -36.66 45.35 13.92
N ALA I 439 -36.32 44.52 14.98
CA ALA I 439 -35.02 44.61 15.68
C ALA I 439 -33.89 44.16 14.77
N GLU I 440 -34.05 43.14 13.83
CA GLU I 440 -33.07 42.71 12.92
C GLU I 440 -32.99 43.80 11.90
N PHE I 441 -34.12 44.41 11.47
CA PHE I 441 -34.15 45.53 10.52
C PHE I 441 -33.38 46.68 11.01
N ALA I 442 -33.49 46.95 12.32
CA ALA I 442 -32.89 48.14 12.98
C ALA I 442 -31.29 48.07 13.01
N ARG I 443 -30.75 46.83 13.41
CA ARG I 443 -29.34 46.69 13.64
C ARG I 443 -28.55 46.69 12.39
N SER I 444 -29.23 46.47 11.23
CA SER I 444 -28.69 46.51 9.96
C SER I 444 -28.39 47.90 9.47
N LEU I 445 -29.02 48.94 10.02
CA LEU I 445 -28.93 50.35 9.78
C LEU I 445 -27.79 50.93 10.46
N LEU I 446 -27.40 50.31 11.62
CA LEU I 446 -26.29 50.89 12.36
C LEU I 446 -24.95 50.60 11.78
N VAL I 447 -24.88 49.43 11.16
CA VAL I 447 -23.65 48.91 10.60
C VAL I 447 -23.11 49.69 9.44
N ILE I 448 -23.93 50.28 8.51
CA ILE I 448 -23.41 50.93 7.33
C ILE I 448 -22.57 52.14 7.67
N PRO I 449 -22.81 53.12 8.60
CA PRO I 449 -21.95 54.30 8.72
C PRO I 449 -20.66 53.85 9.38
N ASN I 450 -20.67 52.74 10.14
CA ASN I 450 -19.49 52.19 10.86
C ASN I 450 -18.53 51.64 9.80
N THR I 451 -18.98 50.98 8.73
CA THR I 451 -18.20 50.29 7.74
C THR I 451 -17.52 51.30 6.80
N LEU I 452 -18.33 52.37 6.49
CA LEU I 452 -17.93 53.57 5.80
C LEU I 452 -16.78 54.21 6.52
N ALA I 453 -16.76 54.22 7.90
CA ALA I 453 -15.80 54.93 8.72
C ALA I 453 -14.47 54.30 8.51
N VAL I 454 -14.50 52.96 8.44
CA VAL I 454 -13.32 52.14 8.36
C VAL I 454 -12.54 52.54 7.14
N ASN I 455 -13.23 52.87 6.01
CA ASN I 455 -12.71 53.12 4.75
C ASN I 455 -11.81 54.35 4.66
N ALA I 456 -12.20 55.36 5.44
CA ALA I 456 -11.50 56.61 5.61
C ALA I 456 -10.66 56.43 6.85
N ALA I 457 -10.60 55.29 7.54
CA ALA I 457 -9.64 54.91 8.64
C ALA I 457 -9.89 55.77 9.90
N GLN I 458 -11.20 55.98 10.28
CA GLN I 458 -11.61 56.70 11.48
C GLN I 458 -12.20 55.68 12.38
N ASP I 459 -12.37 54.43 11.88
CA ASP I 459 -12.87 53.30 12.61
C ASP I 459 -14.29 53.34 13.23
N SER I 460 -14.87 52.08 13.33
CA SER I 460 -16.17 51.78 13.77
C SER I 460 -16.42 52.21 15.19
N THR I 461 -15.38 51.95 16.03
CA THR I 461 -15.46 52.11 17.48
C THR I 461 -15.66 53.65 17.83
N ASP I 462 -14.87 54.47 17.11
CA ASP I 462 -14.87 55.92 17.27
C ASP I 462 -16.18 56.52 16.85
N LEU I 463 -16.77 55.99 15.73
CA LEU I 463 -17.98 56.45 15.13
C LEU I 463 -19.24 56.33 15.93
N VAL I 464 -19.53 55.10 16.40
CA VAL I 464 -20.70 54.74 17.26
C VAL I 464 -20.69 55.49 18.57
N ALA I 465 -19.50 55.65 19.13
CA ALA I 465 -19.33 56.20 20.44
C ALA I 465 -19.83 57.66 20.59
N LYS I 466 -19.33 58.47 19.61
CA LYS I 466 -19.64 59.93 19.54
C LYS I 466 -21.14 60.24 19.23
N LEU I 467 -21.68 59.53 18.19
CA LEU I 467 -23.00 59.59 17.57
C LEU I 467 -24.25 59.20 18.42
N ARG I 468 -24.18 58.07 19.20
CA ARG I 468 -25.42 57.57 19.82
C ARG I 468 -25.76 58.43 20.99
N ALA I 469 -24.80 59.18 21.56
CA ALA I 469 -25.00 60.01 22.66
C ALA I 469 -26.00 61.15 22.39
N PHE I 470 -25.91 61.79 21.26
CA PHE I 470 -26.64 62.94 20.84
C PHE I 470 -28.06 62.48 20.78
N HIS I 471 -28.30 61.30 20.13
CA HIS I 471 -29.72 60.72 20.18
C HIS I 471 -30.11 60.32 21.62
N ASN I 472 -31.32 60.56 21.99
CA ASN I 472 -31.76 60.25 23.32
C ASN I 472 -33.22 59.89 23.18
N GLU I 473 -33.90 59.62 24.31
CA GLU I 473 -35.23 59.17 24.39
C GLU I 473 -36.22 60.32 24.45
N ALA I 474 -35.66 61.53 24.56
CA ALA I 474 -36.48 62.68 24.61
C ALA I 474 -35.90 63.57 23.54
N GLN I 475 -34.87 63.07 22.77
CA GLN I 475 -34.30 63.67 21.53
C GLN I 475 -34.57 62.62 20.47
N VAL I 476 -35.88 62.35 20.25
CA VAL I 476 -36.37 61.55 19.14
C VAL I 476 -36.90 62.45 18.10
N ASN I 477 -36.82 63.77 18.33
CA ASN I 477 -37.45 64.83 17.63
C ASN I 477 -36.83 64.99 16.30
N PRO I 478 -37.62 65.40 15.28
CA PRO I 478 -37.05 65.73 14.03
C PRO I 478 -36.46 67.11 13.91
N GLU I 479 -36.94 68.07 14.77
CA GLU I 479 -36.72 69.46 14.74
C GLU I 479 -36.60 70.14 13.41
N ARG I 480 -35.77 71.21 13.39
CA ARG I 480 -35.34 71.87 12.20
C ARG I 480 -34.00 72.57 12.50
N LYS I 481 -33.45 72.38 13.72
CA LYS I 481 -32.24 72.89 14.26
C LYS I 481 -31.72 72.02 15.27
N ASN I 482 -30.38 72.02 15.34
CA ASN I 482 -29.47 71.23 16.16
C ASN I 482 -29.58 71.63 17.65
N LEU I 483 -29.79 70.53 18.40
CA LEU I 483 -29.88 70.39 19.81
C LEU I 483 -29.48 68.99 20.11
N LYS I 484 -29.60 68.13 19.05
CA LYS I 484 -29.04 66.80 19.06
C LYS I 484 -28.52 66.73 17.66
N TRP I 485 -27.39 66.07 17.39
CA TRP I 485 -26.93 65.89 16.06
C TRP I 485 -27.62 64.66 15.49
N ILE I 486 -27.71 64.48 14.12
CA ILE I 486 -28.37 63.46 13.39
C ILE I 486 -27.67 63.24 12.10
N GLY I 487 -26.96 64.29 11.53
CA GLY I 487 -26.16 64.13 10.32
C GLY I 487 -24.93 63.41 10.64
N LEU I 488 -24.00 63.35 9.65
CA LEU I 488 -22.77 62.58 9.71
C LEU I 488 -22.18 62.81 8.33
N ASP I 489 -21.17 63.64 8.36
CA ASP I 489 -20.36 63.89 7.14
C ASP I 489 -19.61 62.64 6.82
N LEU I 490 -19.43 62.29 5.57
CA LEU I 490 -19.14 60.85 5.26
C LEU I 490 -17.78 60.79 4.66
N SER I 491 -17.31 62.01 4.25
CA SER I 491 -15.95 62.22 3.87
C SER I 491 -14.95 62.35 5.06
N ASN I 492 -15.37 63.05 6.14
CA ASN I 492 -14.79 63.31 7.38
C ASN I 492 -14.76 61.97 8.08
N GLY I 493 -15.83 61.22 7.99
CA GLY I 493 -15.99 59.94 8.63
C GLY I 493 -16.04 60.14 10.16
N LYS I 494 -16.40 61.37 10.67
CA LYS I 494 -16.75 61.48 12.04
C LYS I 494 -17.80 62.58 12.04
N PRO I 495 -18.85 62.61 12.95
CA PRO I 495 -19.91 63.57 12.89
C PRO I 495 -19.42 64.96 13.22
N ARG I 496 -19.84 65.98 12.40
CA ARG I 496 -19.39 67.40 12.48
C ARG I 496 -20.63 68.20 12.87
N ASP I 497 -20.92 69.41 12.32
CA ASP I 497 -22.06 70.18 12.59
C ASP I 497 -22.42 71.04 11.36
N ASN I 498 -21.71 70.70 10.17
CA ASN I 498 -22.09 71.15 8.82
C ASN I 498 -23.36 70.45 8.46
N LYS I 499 -24.48 71.21 8.35
CA LYS I 499 -25.79 70.57 8.23
C LYS I 499 -26.37 70.80 6.90
N GLN I 500 -25.53 70.99 5.87
CA GLN I 500 -26.05 71.08 4.57
C GLN I 500 -25.08 70.61 3.54
N ALA I 501 -24.11 69.81 3.98
CA ALA I 501 -23.06 69.27 3.09
C ALA I 501 -23.62 68.57 1.82
N GLY I 502 -22.84 68.33 0.76
CA GLY I 502 -23.29 67.64 -0.40
C GLY I 502 -22.97 66.18 -0.34
N VAL I 503 -22.57 65.69 0.84
CA VAL I 503 -22.41 64.25 1.17
C VAL I 503 -23.75 63.79 1.82
N PHE I 504 -24.81 64.63 1.89
CA PHE I 504 -26.13 64.30 2.33
C PHE I 504 -26.85 64.14 1.08
N GLU I 505 -27.94 63.36 1.13
CA GLU I 505 -28.66 63.12 -0.09
C GLU I 505 -30.07 63.12 0.45
N PRO I 506 -31.09 63.64 -0.23
CA PRO I 506 -32.43 63.84 0.30
C PRO I 506 -33.25 62.55 0.49
N THR I 507 -34.58 62.76 0.74
CA THR I 507 -35.58 61.76 0.96
C THR I 507 -35.74 60.82 -0.25
N ILE I 508 -35.55 61.29 -1.48
CA ILE I 508 -35.94 60.60 -2.72
C ILE I 508 -35.10 59.38 -2.87
N VAL I 509 -33.78 59.48 -2.73
CA VAL I 509 -32.91 58.32 -2.79
C VAL I 509 -32.96 57.41 -1.55
N LYS I 510 -33.14 58.01 -0.37
CA LYS I 510 -32.99 57.28 0.85
C LYS I 510 -34.21 56.44 1.15
N VAL I 511 -35.42 56.77 0.61
CA VAL I 511 -36.57 55.89 0.81
C VAL I 511 -36.47 54.61 0.06
N LYS I 512 -36.02 54.67 -1.24
CA LYS I 512 -35.78 53.58 -2.05
C LYS I 512 -34.58 52.67 -1.76
N SER I 513 -33.55 53.18 -1.01
CA SER I 513 -32.53 52.43 -0.38
C SER I 513 -33.07 51.50 0.61
N LEU I 514 -34.10 51.94 1.48
CA LEU I 514 -34.65 51.08 2.54
C LEU I 514 -35.42 49.91 1.88
N LYS I 515 -36.28 50.17 0.88
CA LYS I 515 -37.18 49.27 0.20
C LYS I 515 -36.38 48.21 -0.57
N PHE I 516 -35.34 48.60 -1.27
CA PHE I 516 -34.51 47.65 -2.02
C PHE I 516 -33.76 46.71 -1.18
N ALA I 517 -33.25 47.11 0.04
CA ALA I 517 -32.57 46.19 0.98
C ALA I 517 -33.57 45.20 1.51
N THR I 518 -34.90 45.53 1.81
CA THR I 518 -35.82 44.61 2.33
C THR I 518 -36.26 43.54 1.28
N GLU I 519 -36.40 44.03 0.05
CA GLU I 519 -36.95 43.31 -1.07
C GLU I 519 -36.16 42.06 -1.36
N ALA I 520 -34.81 42.22 -1.10
CA ALA I 520 -33.88 41.13 -1.40
C ALA I 520 -34.22 39.91 -0.54
N ALA I 521 -34.58 40.08 0.76
CA ALA I 521 -35.12 39.04 1.71
C ALA I 521 -36.44 38.38 1.31
N ILE I 522 -37.35 39.20 0.75
CA ILE I 522 -38.70 38.77 0.28
C ILE I 522 -38.64 37.88 -0.88
N THR I 523 -37.80 38.27 -1.83
CA THR I 523 -37.67 37.71 -3.09
C THR I 523 -37.02 36.34 -3.13
N ILE I 524 -35.94 36.17 -2.26
CA ILE I 524 -35.13 34.93 -2.29
C ILE I 524 -36.06 33.88 -1.67
N LEU I 525 -36.86 34.33 -0.67
CA LEU I 525 -37.90 33.63 -0.04
C LEU I 525 -39.01 33.32 -0.96
N ARG I 526 -39.33 34.07 -2.07
CA ARG I 526 -40.65 34.06 -2.79
C ARG I 526 -40.97 32.72 -3.39
N ILE I 527 -39.92 31.91 -3.65
CA ILE I 527 -39.98 30.60 -4.24
C ILE I 527 -40.96 29.77 -3.44
N ASP I 528 -41.63 28.90 -4.13
CA ASP I 528 -42.26 27.76 -3.52
C ASP I 528 -41.71 26.63 -4.35
N ASP I 529 -41.32 25.51 -3.61
CA ASP I 529 -40.79 24.34 -4.24
C ASP I 529 -39.38 24.49 -4.73
N LEU I 530 -38.56 23.37 -4.62
CA LEU I 530 -37.20 23.26 -5.04
C LEU I 530 -37.13 21.94 -5.77
N ILE I 531 -36.60 22.01 -7.03
CA ILE I 531 -36.38 20.83 -7.80
C ILE I 531 -35.00 20.98 -8.57
N LYS I 532 -34.42 19.80 -8.99
CA LYS I 532 -33.34 19.64 -9.83
C LYS I 532 -34.00 19.19 -11.06
N LEU I 533 -33.48 19.71 -12.24
CA LEU I 533 -33.98 19.30 -13.55
C LEU I 533 -32.80 18.75 -14.25
N HIS I 534 -32.96 17.49 -14.71
CA HIS I 534 -31.93 16.72 -15.41
C HIS I 534 -32.14 17.09 -16.82
N ALA J 1 -16.56 -22.72 -26.22
CA ALA J 1 -17.83 -22.66 -25.48
C ALA J 1 -17.88 -22.52 -23.92
N ASP J 2 -19.13 -22.24 -23.39
CA ASP J 2 -19.37 -21.95 -22.01
C ASP J 2 -20.02 -23.17 -21.50
N GLU J 3 -19.60 -23.79 -20.37
CA GLU J 3 -20.34 -24.90 -19.75
C GLU J 3 -20.71 -24.60 -18.31
N GLU J 4 -22.01 -24.52 -17.91
CA GLU J 4 -22.54 -24.24 -16.67
C GLU J 4 -22.88 -25.61 -16.10
N ARG J 5 -22.20 -25.93 -14.99
CA ARG J 5 -22.01 -27.34 -14.53
C ARG J 5 -23.19 -27.81 -13.73
N ALA J 6 -23.10 -29.09 -13.20
CA ALA J 6 -24.32 -29.82 -12.83
C ALA J 6 -25.19 -29.19 -11.71
N GLU J 7 -24.58 -28.65 -10.51
CA GLU J 7 -25.33 -28.01 -9.49
C GLU J 7 -25.95 -26.74 -10.01
N THR J 8 -25.14 -25.89 -10.75
CA THR J 8 -25.31 -24.48 -11.05
C THR J 8 -26.46 -24.24 -11.98
N ALA J 9 -26.64 -25.12 -12.95
CA ALA J 9 -27.71 -25.14 -13.93
C ALA J 9 -29.13 -25.26 -13.28
N ARG J 10 -29.19 -26.15 -12.29
CA ARG J 10 -30.36 -26.33 -11.56
C ARG J 10 -30.67 -25.11 -10.69
N LEU J 11 -29.67 -24.46 -10.04
CA LEU J 11 -29.89 -23.20 -9.29
C LEU J 11 -30.43 -22.01 -10.03
N THR J 12 -29.97 -21.78 -11.32
CA THR J 12 -30.42 -20.75 -12.25
C THR J 12 -31.90 -20.92 -12.67
N SER J 13 -32.27 -22.22 -12.86
CA SER J 13 -33.52 -22.78 -13.14
C SER J 13 -34.56 -22.55 -12.12
N PHE J 14 -34.17 -22.62 -10.76
CA PHE J 14 -35.01 -22.31 -9.65
C PHE J 14 -35.19 -20.79 -9.39
N ILE J 15 -34.18 -20.02 -9.30
CA ILE J 15 -34.35 -18.54 -8.92
C ILE J 15 -35.02 -17.71 -9.94
N GLY J 16 -34.75 -18.01 -11.19
CA GLY J 16 -35.20 -17.28 -12.42
C GLY J 16 -36.72 -17.44 -12.50
N ALA J 17 -37.16 -18.77 -12.37
CA ALA J 17 -38.56 -19.03 -12.50
C ALA J 17 -39.38 -18.47 -11.27
N ILE J 18 -38.79 -18.44 -10.06
CA ILE J 18 -39.30 -17.88 -8.86
C ILE J 18 -39.55 -16.38 -8.95
N ALA J 19 -38.62 -15.60 -9.52
CA ALA J 19 -38.73 -14.21 -9.68
C ALA J 19 -39.82 -13.79 -10.57
N ILE J 20 -40.01 -14.49 -11.81
CA ILE J 20 -41.04 -14.19 -12.75
C ILE J 20 -42.34 -14.59 -12.13
N GLY J 21 -42.31 -15.74 -11.39
CA GLY J 21 -43.43 -16.27 -10.66
C GLY J 21 -44.08 -15.37 -9.71
N ASP J 22 -43.30 -14.63 -8.88
CA ASP J 22 -43.77 -13.72 -7.92
C ASP J 22 -44.43 -12.53 -8.58
N LEU J 23 -44.22 -12.23 -9.86
CA LEU J 23 -44.98 -11.08 -10.50
C LEU J 23 -46.45 -11.30 -10.74
N VAL J 24 -46.88 -12.54 -11.26
CA VAL J 24 -48.24 -12.90 -11.60
C VAL J 24 -48.94 -13.45 -10.39
N LYS J 25 -48.23 -13.75 -9.23
CA LYS J 25 -48.96 -14.29 -8.12
C LYS J 25 -49.80 -13.34 -7.30
N SER J 26 -49.45 -12.07 -7.29
CA SER J 26 -50.25 -11.11 -6.59
C SER J 26 -51.68 -10.98 -7.09
N THR J 27 -51.91 -10.86 -8.50
CA THR J 27 -53.20 -10.65 -9.15
C THR J 27 -54.10 -11.82 -9.12
N LEU J 28 -53.49 -13.02 -9.08
CA LEU J 28 -54.11 -14.34 -9.14
C LEU J 28 -55.03 -14.55 -7.91
N GLY J 29 -56.16 -15.34 -7.92
CA GLY J 29 -57.07 -15.43 -6.83
C GLY J 29 -57.90 -14.20 -6.63
N PRO J 30 -58.63 -14.06 -5.54
CA PRO J 30 -59.43 -12.86 -5.10
C PRO J 30 -58.47 -11.72 -4.89
N LYS J 31 -59.10 -10.58 -4.66
CA LYS J 31 -58.38 -9.28 -4.52
C LYS J 31 -57.48 -9.37 -3.27
N GLY J 32 -56.23 -9.01 -3.61
CA GLY J 32 -55.00 -8.98 -2.85
C GLY J 32 -54.19 -7.94 -3.51
N MET J 33 -52.93 -8.27 -3.95
CA MET J 33 -51.96 -7.26 -4.37
C MET J 33 -52.11 -7.19 -5.85
N ASP J 34 -51.63 -6.13 -6.49
CA ASP J 34 -51.64 -6.01 -7.92
C ASP J 34 -50.22 -5.75 -8.30
N LYS J 35 -49.97 -5.74 -9.63
CA LYS J 35 -48.78 -5.26 -10.24
C LYS J 35 -49.05 -3.99 -10.88
N ILE J 36 -48.09 -3.11 -10.75
CA ILE J 36 -47.97 -1.80 -11.43
C ILE J 36 -46.53 -1.98 -11.91
N LEU J 37 -46.40 -2.12 -13.18
CA LEU J 37 -45.22 -2.38 -13.85
C LEU J 37 -44.54 -1.12 -14.14
N LEU J 38 -43.20 -1.15 -13.97
CA LEU J 38 -42.27 -0.02 -13.89
C LEU J 38 -41.47 -0.28 -15.08
N SER J 39 -41.50 0.69 -16.01
CA SER J 39 -40.85 0.66 -17.32
C SER J 39 -39.88 1.76 -17.34
N SER J 40 -38.54 1.41 -17.64
CA SER J 40 -37.54 2.48 -17.67
C SER J 40 -36.54 2.13 -18.69
N GLY J 41 -36.37 0.82 -19.05
CA GLY J 41 -35.33 0.31 -19.86
C GLY J 41 -35.75 0.38 -21.33
N ARG J 42 -37.10 0.30 -21.58
CA ARG J 42 -37.52 0.54 -22.99
C ARG J 42 -37.78 1.95 -22.98
N ASP J 43 -38.74 2.38 -22.13
CA ASP J 43 -39.18 3.75 -22.19
C ASP J 43 -39.71 4.15 -20.93
N ALA J 44 -39.75 5.47 -20.57
CA ALA J 44 -39.94 5.74 -19.22
C ALA J 44 -41.39 6.07 -18.87
N SER J 45 -42.05 5.15 -18.18
CA SER J 45 -43.47 5.16 -18.07
C SER J 45 -43.74 4.26 -16.96
N LEU J 46 -45.00 4.29 -16.50
CA LEU J 46 -45.43 3.36 -15.56
C LEU J 46 -46.59 2.71 -16.20
N MET J 47 -47.01 1.46 -15.85
CA MET J 47 -48.09 0.84 -16.56
C MET J 47 -48.83 0.18 -15.41
N VAL J 48 -50.19 0.13 -15.57
CA VAL J 48 -51.21 -0.44 -14.66
C VAL J 48 -51.64 -1.71 -15.25
N THR J 49 -51.26 -2.87 -14.65
CA THR J 49 -51.36 -4.15 -15.20
C THR J 49 -52.14 -4.91 -14.22
N ASN J 50 -52.88 -5.93 -14.71
CA ASN J 50 -53.51 -6.85 -13.85
C ASN J 50 -53.56 -8.18 -14.52
N ASP J 51 -53.41 -8.20 -15.87
CA ASP J 51 -53.43 -9.36 -16.71
C ASP J 51 -52.01 -9.88 -16.71
N GLY J 52 -51.93 -11.25 -16.70
CA GLY J 52 -50.65 -11.93 -16.56
C GLY J 52 -49.79 -11.87 -17.85
N ALA J 53 -50.55 -11.68 -18.96
CA ALA J 53 -50.08 -11.62 -20.37
C ALA J 53 -49.12 -10.45 -20.58
N THR J 54 -49.53 -9.32 -19.95
CA THR J 54 -48.88 -8.01 -20.06
C THR J 54 -47.61 -8.09 -19.23
N ILE J 55 -47.69 -8.63 -17.99
CA ILE J 55 -46.68 -8.63 -17.01
C ILE J 55 -45.46 -9.49 -17.46
N LEU J 56 -45.78 -10.74 -17.78
CA LEU J 56 -44.84 -11.72 -18.25
C LEU J 56 -44.17 -11.39 -19.58
N LYS J 57 -44.88 -10.95 -20.66
CA LYS J 57 -44.27 -10.69 -21.95
C LYS J 57 -43.35 -9.45 -21.92
N ASN J 58 -43.85 -8.32 -21.34
CA ASN J 58 -43.23 -7.06 -21.37
C ASN J 58 -41.85 -7.01 -20.72
N ILE J 59 -41.67 -7.77 -19.65
CA ILE J 59 -40.37 -8.01 -19.04
C ILE J 59 -39.75 -9.17 -19.74
N GLY J 60 -38.57 -8.97 -20.37
CA GLY J 60 -37.76 -10.03 -20.98
C GLY J 60 -37.35 -11.10 -20.03
N VAL J 61 -36.84 -12.14 -20.65
CA VAL J 61 -36.27 -13.34 -20.15
C VAL J 61 -34.87 -13.40 -20.77
N ASP J 62 -33.84 -13.66 -19.90
CA ASP J 62 -32.44 -13.58 -20.11
C ASP J 62 -31.87 -14.67 -19.20
N ASN J 63 -32.81 -15.42 -18.61
CA ASN J 63 -32.53 -16.63 -17.76
C ASN J 63 -33.20 -17.71 -18.57
N PRO J 64 -32.44 -18.75 -18.91
CA PRO J 64 -32.78 -19.65 -20.02
C PRO J 64 -33.96 -20.53 -19.66
N ALA J 65 -34.21 -20.92 -18.37
CA ALA J 65 -35.28 -21.70 -17.89
C ALA J 65 -36.54 -20.91 -17.96
N ALA J 66 -36.48 -19.61 -17.73
CA ALA J 66 -37.55 -18.65 -17.68
C ALA J 66 -38.33 -18.47 -19.02
N LYS J 67 -37.58 -18.53 -20.15
CA LYS J 67 -38.03 -18.48 -21.58
C LYS J 67 -39.04 -19.49 -21.87
N VAL J 68 -38.83 -20.69 -21.42
CA VAL J 68 -39.68 -21.83 -21.82
C VAL J 68 -41.05 -21.69 -21.25
N LEU J 69 -41.12 -21.22 -20.01
CA LEU J 69 -42.37 -21.21 -19.29
C LEU J 69 -43.29 -20.13 -19.74
N VAL J 70 -42.77 -18.92 -20.13
CA VAL J 70 -43.53 -17.74 -20.46
C VAL J 70 -44.20 -17.98 -21.77
N ASP J 71 -43.54 -18.75 -22.69
CA ASP J 71 -44.07 -19.17 -24.03
C ASP J 71 -45.16 -20.19 -23.82
N MET J 72 -45.06 -21.25 -22.97
CA MET J 72 -46.10 -22.25 -22.79
C MET J 72 -47.33 -21.71 -22.20
N SER J 73 -47.16 -20.85 -21.18
CA SER J 73 -48.31 -20.22 -20.51
C SER J 73 -49.15 -19.18 -21.30
N ARG J 74 -48.49 -18.47 -22.23
CA ARG J 74 -49.10 -17.37 -23.02
C ARG J 74 -50.13 -17.99 -23.96
N VAL J 75 -49.77 -19.12 -24.63
CA VAL J 75 -50.65 -19.94 -25.60
C VAL J 75 -51.81 -20.58 -24.87
N GLN J 76 -51.57 -21.06 -23.62
CA GLN J 76 -52.59 -21.62 -22.77
C GLN J 76 -53.64 -20.61 -22.45
N ASP J 77 -53.23 -19.27 -22.29
CA ASP J 77 -54.19 -18.18 -22.01
C ASP J 77 -55.11 -18.02 -23.21
N ASP J 78 -54.57 -18.12 -24.47
CA ASP J 78 -55.47 -17.94 -25.56
C ASP J 78 -56.58 -18.94 -25.71
N GLU J 79 -56.13 -20.23 -25.46
CA GLU J 79 -57.00 -21.36 -25.70
C GLU J 79 -57.92 -21.54 -24.54
N VAL J 80 -57.33 -21.69 -23.36
CA VAL J 80 -57.96 -22.14 -22.20
C VAL J 80 -58.66 -20.96 -21.58
N GLY J 81 -57.94 -19.86 -21.53
CA GLY J 81 -58.43 -18.65 -20.89
C GLY J 81 -57.92 -18.68 -19.56
N ASP J 82 -57.17 -17.67 -19.13
CA ASP J 82 -56.57 -17.49 -17.81
C ASP J 82 -55.58 -18.55 -17.54
N GLY J 83 -54.60 -18.69 -18.41
CA GLY J 83 -53.51 -19.59 -18.41
C GLY J 83 -52.19 -18.89 -18.15
N THR J 84 -52.19 -17.55 -18.26
CA THR J 84 -51.05 -16.68 -18.00
C THR J 84 -50.60 -16.59 -16.57
N THR J 85 -51.50 -16.27 -15.63
CA THR J 85 -51.22 -16.26 -14.23
C THR J 85 -51.12 -17.65 -13.68
N SER J 86 -52.06 -18.52 -13.96
CA SER J 86 -52.23 -19.83 -13.36
C SER J 86 -51.13 -20.86 -13.52
N VAL J 87 -50.66 -21.01 -14.76
CA VAL J 87 -49.61 -22.02 -15.21
C VAL J 87 -48.24 -21.63 -14.57
N THR J 88 -47.80 -20.33 -14.58
CA THR J 88 -46.53 -19.70 -14.24
C THR J 88 -46.31 -19.75 -12.74
N VAL J 89 -47.39 -19.49 -11.99
CA VAL J 89 -47.32 -19.45 -10.49
C VAL J 89 -47.10 -20.79 -9.94
N LEU J 90 -47.92 -21.86 -10.42
CA LEU J 90 -47.78 -23.22 -9.98
C LEU J 90 -46.44 -23.78 -10.45
N ALA J 91 -45.95 -23.44 -11.64
CA ALA J 91 -44.68 -23.99 -12.10
C ALA J 91 -43.52 -23.49 -11.24
N ALA J 92 -43.57 -22.24 -10.87
CA ALA J 92 -42.62 -21.65 -10.00
C ALA J 92 -42.57 -22.20 -8.60
N GLU J 93 -43.76 -22.45 -8.07
CA GLU J 93 -43.93 -23.00 -6.69
C GLU J 93 -43.39 -24.38 -6.58
N LEU J 94 -43.50 -25.21 -7.68
CA LEU J 94 -42.96 -26.59 -7.68
C LEU J 94 -41.46 -26.64 -7.64
N LEU J 95 -40.72 -25.63 -8.28
CA LEU J 95 -39.26 -25.60 -8.41
C LEU J 95 -38.63 -25.29 -7.12
N ARG J 96 -39.39 -24.56 -6.26
CA ARG J 96 -38.97 -24.15 -4.94
C ARG J 96 -38.77 -25.42 -4.12
N GLU J 97 -39.73 -26.34 -4.27
CA GLU J 97 -39.72 -27.55 -3.50
C GLU J 97 -38.78 -28.51 -4.09
N ALA J 98 -38.30 -28.33 -5.38
CA ALA J 98 -37.24 -29.12 -5.96
C ALA J 98 -35.90 -28.82 -5.42
N GLU J 99 -35.75 -27.55 -5.09
CA GLU J 99 -34.55 -26.95 -4.54
C GLU J 99 -34.17 -27.66 -3.28
N SER J 100 -35.21 -27.86 -2.44
CA SER J 100 -35.16 -28.62 -1.19
C SER J 100 -34.70 -30.06 -1.33
N LEU J 101 -35.34 -30.72 -2.40
CA LEU J 101 -35.17 -32.06 -2.61
C LEU J 101 -33.74 -32.38 -2.95
N ILE J 102 -33.18 -31.61 -3.86
CA ILE J 102 -31.97 -31.81 -4.48
C ILE J 102 -30.78 -31.67 -3.46
N ALA J 103 -30.86 -30.61 -2.51
CA ALA J 103 -29.82 -30.38 -1.53
C ALA J 103 -29.80 -31.56 -0.59
N LYS J 104 -30.98 -32.10 -0.26
CA LYS J 104 -31.14 -33.28 0.49
C LYS J 104 -30.50 -34.48 -0.21
N LYS J 105 -30.79 -34.64 -1.49
CA LYS J 105 -30.19 -35.51 -2.49
C LYS J 105 -31.21 -36.63 -2.75
N ILE J 106 -32.10 -36.30 -3.65
CA ILE J 106 -33.05 -37.10 -4.20
C ILE J 106 -32.64 -36.84 -5.70
N HIS J 107 -32.70 -37.86 -6.58
CA HIS J 107 -32.41 -37.78 -8.00
C HIS J 107 -33.46 -37.04 -8.76
N PRO J 108 -33.27 -36.32 -9.88
CA PRO J 108 -34.27 -35.53 -10.57
C PRO J 108 -35.41 -36.43 -11.11
N GLN J 109 -35.22 -37.73 -11.48
CA GLN J 109 -36.25 -38.55 -12.01
C GLN J 109 -37.26 -38.96 -10.96
N THR J 110 -36.85 -39.19 -9.67
CA THR J 110 -37.81 -39.45 -8.60
C THR J 110 -38.80 -38.32 -8.51
N ILE J 111 -38.33 -37.05 -8.69
CA ILE J 111 -39.04 -35.85 -8.49
C ILE J 111 -40.04 -35.66 -9.61
N ILE J 112 -39.56 -35.96 -10.85
CA ILE J 112 -40.27 -35.85 -12.07
C ILE J 112 -41.40 -36.86 -12.03
N ALA J 113 -41.22 -38.13 -11.60
CA ALA J 113 -42.28 -39.13 -11.64
C ALA J 113 -43.27 -38.92 -10.51
N GLY J 114 -42.79 -38.37 -9.33
CA GLY J 114 -43.62 -38.06 -8.21
C GLY J 114 -44.55 -36.95 -8.45
N TRP J 115 -44.08 -35.89 -9.19
CA TRP J 115 -44.90 -34.84 -9.49
C TRP J 115 -45.93 -35.36 -10.51
N ARG J 116 -45.52 -36.18 -11.44
CA ARG J 116 -46.38 -36.56 -12.53
C ARG J 116 -47.53 -37.41 -12.17
N GLU J 117 -47.33 -38.45 -11.29
CA GLU J 117 -48.29 -39.34 -10.73
C GLU J 117 -49.21 -38.69 -9.77
N ALA J 118 -48.66 -37.71 -9.13
CA ALA J 118 -49.41 -36.78 -8.31
C ALA J 118 -50.30 -35.82 -9.13
N THR J 119 -49.94 -35.37 -10.33
CA THR J 119 -50.78 -34.64 -11.24
C THR J 119 -51.92 -35.57 -11.60
N LYS J 120 -51.65 -36.89 -11.90
CA LYS J 120 -52.74 -37.83 -12.26
C LYS J 120 -53.71 -38.00 -11.11
N ALA J 121 -53.26 -37.95 -9.85
CA ALA J 121 -54.08 -38.00 -8.64
C ALA J 121 -54.87 -36.75 -8.44
N ALA J 122 -54.43 -35.55 -8.83
CA ALA J 122 -55.08 -34.33 -8.68
C ALA J 122 -56.22 -34.16 -9.59
N ARG J 123 -55.98 -34.62 -10.84
CA ARG J 123 -56.92 -34.61 -11.88
C ARG J 123 -58.14 -35.49 -11.60
N GLU J 124 -57.88 -36.76 -11.04
CA GLU J 124 -58.86 -37.66 -10.55
C GLU J 124 -59.68 -37.19 -9.37
N ALA J 125 -59.00 -36.50 -8.49
CA ALA J 125 -59.72 -35.83 -7.40
C ALA J 125 -60.56 -34.52 -7.81
N LEU J 126 -60.11 -33.74 -8.84
CA LEU J 126 -60.79 -32.57 -9.40
C LEU J 126 -62.02 -33.13 -10.04
N LEU J 127 -62.04 -34.34 -10.72
CA LEU J 127 -63.17 -34.87 -11.37
C LEU J 127 -64.19 -35.21 -10.34
N SER J 128 -63.77 -35.76 -9.18
CA SER J 128 -64.59 -36.09 -8.06
C SER J 128 -65.37 -34.93 -7.46
N SER J 129 -64.70 -33.80 -7.36
CA SER J 129 -65.26 -32.67 -6.78
C SER J 129 -66.14 -31.86 -7.66
N ALA J 130 -65.94 -32.11 -8.99
CA ALA J 130 -66.73 -31.47 -9.95
C ALA J 130 -67.99 -32.23 -10.27
N VAL J 131 -69.12 -31.41 -10.27
CA VAL J 131 -70.46 -31.86 -10.43
C VAL J 131 -71.17 -30.80 -11.26
N ASP J 132 -72.23 -31.23 -12.02
CA ASP J 132 -73.02 -30.49 -12.91
C ASP J 132 -73.77 -29.44 -12.17
N HIS J 133 -74.07 -28.33 -12.98
CA HIS J 133 -74.82 -27.21 -12.59
C HIS J 133 -75.33 -26.67 -13.87
N GLY J 134 -75.34 -27.50 -14.92
CA GLY J 134 -75.97 -27.15 -16.20
C GLY J 134 -76.93 -28.24 -16.61
N SER J 135 -77.93 -28.63 -15.72
CA SER J 135 -78.80 -29.74 -16.01
C SER J 135 -80.15 -29.20 -16.48
N ASP J 136 -80.44 -27.85 -16.25
CA ASP J 136 -81.48 -27.15 -16.93
C ASP J 136 -80.68 -26.07 -17.52
N GLU J 137 -81.03 -25.56 -18.75
CA GLU J 137 -80.36 -24.59 -19.44
C GLU J 137 -80.43 -23.24 -18.82
N VAL J 138 -81.49 -22.86 -18.12
CA VAL J 138 -81.60 -21.64 -17.33
C VAL J 138 -80.68 -21.70 -16.07
N LYS J 139 -80.53 -22.90 -15.47
CA LYS J 139 -79.57 -23.21 -14.43
C LYS J 139 -78.19 -23.19 -14.95
N PHE J 140 -78.00 -23.63 -16.26
CA PHE J 140 -76.79 -23.49 -16.91
C PHE J 140 -76.34 -22.09 -17.11
N ARG J 141 -77.28 -21.16 -17.39
CA ARG J 141 -77.00 -19.74 -17.54
C ARG J 141 -76.39 -19.15 -16.34
N GLN J 142 -76.96 -19.50 -15.17
CA GLN J 142 -76.52 -19.10 -13.86
C GLN J 142 -75.15 -19.63 -13.48
N ASP J 143 -74.88 -20.90 -13.93
CA ASP J 143 -73.56 -21.51 -13.64
C ASP J 143 -72.47 -20.75 -14.27
N LEU J 144 -72.67 -20.39 -15.56
CA LEU J 144 -71.87 -19.54 -16.37
C LEU J 144 -71.71 -18.13 -15.87
N MET J 145 -72.69 -17.48 -15.24
CA MET J 145 -72.54 -16.21 -14.58
C MET J 145 -71.52 -16.18 -13.45
N ASN J 146 -71.42 -17.22 -12.62
CA ASN J 146 -70.52 -17.37 -11.54
C ASN J 146 -69.07 -17.45 -12.03
N ILE J 147 -68.86 -18.29 -13.02
CA ILE J 147 -67.56 -18.61 -13.61
C ILE J 147 -67.00 -17.29 -14.24
N ALA J 148 -67.89 -16.64 -14.99
CA ALA J 148 -67.63 -15.39 -15.65
C ALA J 148 -67.28 -14.34 -14.62
N GLY J 149 -68.01 -14.23 -13.55
CA GLY J 149 -67.89 -13.23 -12.49
C GLY J 149 -66.56 -13.25 -11.84
N THR J 150 -66.04 -14.52 -11.71
CA THR J 150 -64.78 -14.74 -11.04
C THR J 150 -63.58 -14.20 -11.82
N THR J 151 -63.60 -14.39 -13.17
CA THR J 151 -62.49 -14.03 -14.06
C THR J 151 -62.25 -12.51 -14.17
N LEU J 152 -63.43 -11.89 -14.34
CA LEU J 152 -63.59 -10.51 -14.54
C LEU J 152 -63.11 -9.72 -13.42
N SER J 153 -63.35 -10.11 -12.17
CA SER J 153 -62.95 -9.32 -10.98
C SER J 153 -61.48 -9.67 -10.77
N SER J 154 -60.74 -8.80 -10.05
CA SER J 154 -59.31 -8.89 -9.74
C SER J 154 -58.57 -8.65 -10.97
N LYS J 155 -59.22 -7.81 -11.85
CA LYS J 155 -58.72 -7.17 -13.02
C LYS J 155 -59.50 -5.87 -13.12
N LEU J 156 -58.72 -4.75 -13.16
CA LEU J 156 -59.17 -3.44 -12.96
C LEU J 156 -60.06 -3.06 -14.13
N LEU J 157 -61.38 -2.76 -13.80
CA LEU J 157 -62.35 -2.32 -14.78
C LEU J 157 -63.33 -1.55 -13.95
N THR J 158 -63.89 -0.52 -14.49
CA THR J 158 -64.58 0.42 -13.63
C THR J 158 -66.00 0.05 -13.47
N HIS J 159 -66.70 -0.15 -14.56
CA HIS J 159 -68.07 -0.56 -14.52
C HIS J 159 -68.34 -1.45 -15.80
N HIS J 160 -67.28 -1.74 -16.58
CA HIS J 160 -67.37 -2.59 -17.75
C HIS J 160 -67.48 -4.06 -17.39
N LYS J 161 -67.09 -4.44 -16.16
CA LYS J 161 -67.21 -5.76 -15.66
C LYS J 161 -68.69 -6.19 -15.59
N ASP J 162 -69.60 -5.27 -15.15
CA ASP J 162 -70.92 -5.63 -14.71
C ASP J 162 -71.76 -6.12 -15.86
N HIS J 163 -71.45 -5.49 -17.06
CA HIS J 163 -72.07 -5.74 -18.37
C HIS J 163 -71.60 -7.05 -18.91
N PHE J 164 -70.27 -7.25 -18.81
CA PHE J 164 -69.50 -8.39 -19.42
C PHE J 164 -69.90 -9.73 -18.92
N THR J 165 -70.31 -9.82 -17.57
CA THR J 165 -70.80 -11.10 -16.95
C THR J 165 -71.91 -11.57 -17.83
N LYS J 166 -72.92 -10.67 -18.05
CA LYS J 166 -74.18 -11.03 -18.73
C LYS J 166 -73.90 -11.34 -20.28
N LEU J 167 -72.93 -10.48 -20.80
CA LEU J 167 -72.55 -10.39 -22.22
C LEU J 167 -72.01 -11.67 -22.79
N ALA J 168 -71.05 -12.23 -22.03
CA ALA J 168 -70.20 -13.37 -22.34
C ALA J 168 -71.06 -14.59 -22.24
N VAL J 169 -71.92 -14.62 -21.22
CA VAL J 169 -72.79 -15.73 -20.95
C VAL J 169 -73.75 -15.82 -22.12
N GLU J 170 -74.27 -14.68 -22.67
CA GLU J 170 -75.24 -14.64 -23.79
C GLU J 170 -74.63 -15.17 -25.08
N ALA J 171 -73.44 -14.73 -25.36
CA ALA J 171 -72.68 -15.01 -26.54
C ALA J 171 -72.22 -16.43 -26.83
N VAL J 172 -71.69 -17.05 -25.76
CA VAL J 172 -71.31 -18.42 -25.68
C VAL J 172 -72.48 -19.36 -25.82
N LEU J 173 -73.61 -19.03 -25.08
CA LEU J 173 -74.77 -19.88 -24.80
C LEU J 173 -75.51 -20.18 -26.06
N ARG J 174 -75.79 -19.15 -26.85
CA ARG J 174 -76.51 -19.22 -28.09
C ARG J 174 -75.80 -19.91 -29.20
N LEU J 175 -74.47 -19.76 -29.26
CA LEU J 175 -73.61 -20.26 -30.31
C LEU J 175 -73.30 -21.70 -30.17
N LYS J 176 -73.09 -22.19 -28.88
CA LYS J 176 -72.74 -23.52 -28.50
C LYS J 176 -71.23 -23.90 -28.82
N GLY J 177 -70.41 -23.89 -27.76
CA GLY J 177 -68.97 -24.09 -28.00
C GLY J 177 -68.22 -22.98 -28.76
N SER J 178 -67.11 -23.52 -29.43
CA SER J 178 -66.24 -22.89 -30.39
C SER J 178 -65.68 -21.55 -29.85
N GLY J 179 -65.15 -20.76 -30.84
CA GLY J 179 -64.72 -19.39 -30.65
C GLY J 179 -65.95 -18.53 -30.52
N ASN J 180 -65.61 -17.31 -30.09
CA ASN J 180 -66.65 -16.37 -29.72
C ASN J 180 -66.06 -14.96 -29.95
N LEU J 181 -65.14 -14.84 -30.91
CA LEU J 181 -64.72 -13.61 -31.46
C LEU J 181 -65.37 -13.44 -32.82
N GLU J 182 -66.34 -14.37 -33.06
CA GLU J 182 -67.14 -14.45 -34.25
C GLU J 182 -68.60 -14.34 -33.89
N ALA J 183 -68.84 -14.50 -32.59
CA ALA J 183 -70.20 -14.41 -32.12
C ALA J 183 -70.35 -13.12 -31.37
N ILE J 184 -69.25 -12.40 -31.16
CA ILE J 184 -69.23 -11.04 -30.56
C ILE J 184 -67.91 -10.50 -30.92
N HIS J 185 -67.96 -9.44 -31.89
CA HIS J 185 -66.81 -8.70 -32.50
C HIS J 185 -66.63 -7.43 -31.73
N ILE J 186 -65.35 -7.16 -31.35
CA ILE J 186 -65.06 -6.25 -30.26
C ILE J 186 -64.53 -5.06 -31.05
N ILE J 187 -65.37 -3.93 -31.18
CA ILE J 187 -64.98 -2.70 -31.77
C ILE J 187 -64.74 -1.84 -30.52
N LYS J 188 -63.61 -1.15 -30.52
CA LYS J 188 -63.15 -0.41 -29.36
C LYS J 188 -62.99 1.07 -29.83
N LYS J 189 -63.59 2.01 -29.14
CA LYS J 189 -63.51 3.41 -29.41
C LYS J 189 -63.75 4.06 -28.13
N LEU J 190 -63.45 5.40 -28.14
CA LEU J 190 -63.73 6.25 -27.04
C LEU J 190 -65.10 6.91 -27.25
N GLY J 191 -65.88 7.08 -26.14
CA GLY J 191 -67.14 7.75 -26.20
C GLY J 191 -67.31 8.64 -24.98
N GLY J 192 -68.54 9.24 -24.84
CA GLY J 192 -68.88 10.16 -23.75
C GLY J 192 -69.30 9.48 -22.51
N SER J 193 -69.40 8.14 -22.58
CA SER J 193 -69.72 7.16 -21.59
C SER J 193 -68.49 6.69 -21.06
N LEU J 194 -68.39 6.78 -19.74
CA LEU J 194 -67.10 6.67 -19.08
C LEU J 194 -66.57 5.27 -19.03
N ALA J 195 -67.46 4.23 -18.88
CA ALA J 195 -67.05 2.88 -18.92
C ALA J 195 -68.26 2.06 -19.04
N ASP J 196 -68.90 2.06 -20.21
CA ASP J 196 -70.10 1.41 -20.55
C ASP J 196 -69.89 0.75 -21.90
N SER J 197 -70.52 -0.42 -22.08
CA SER J 197 -70.44 -1.18 -23.24
C SER J 197 -71.88 -1.79 -23.46
N TYR J 198 -72.24 -1.84 -24.74
CA TYR J 198 -73.60 -2.19 -25.15
C TYR J 198 -73.49 -3.05 -26.43
N LEU J 199 -74.62 -3.71 -26.81
CA LEU J 199 -74.76 -4.53 -27.96
C LEU J 199 -75.31 -3.65 -29.04
N ASP J 200 -74.56 -3.47 -30.15
CA ASP J 200 -74.98 -2.72 -31.34
C ASP J 200 -75.85 -3.69 -32.19
N GLU J 201 -76.87 -3.09 -32.88
CA GLU J 201 -77.63 -3.84 -33.84
C GLU J 201 -77.32 -3.21 -35.18
N GLY J 202 -76.42 -3.86 -35.89
CA GLY J 202 -75.74 -3.39 -37.11
C GLY J 202 -74.28 -3.52 -36.78
N PHE J 203 -73.37 -2.90 -37.56
CA PHE J 203 -71.93 -2.79 -37.44
C PHE J 203 -71.87 -1.31 -37.59
N LEU J 204 -71.07 -0.62 -36.75
CA LEU J 204 -70.82 0.82 -36.82
C LEU J 204 -69.34 0.98 -36.97
N LEU J 205 -68.96 1.97 -37.84
CA LEU J 205 -67.65 2.35 -38.27
C LEU J 205 -67.31 3.78 -37.92
N ASP J 206 -66.14 3.98 -37.27
CA ASP J 206 -65.56 5.26 -36.93
C ASP J 206 -64.94 5.82 -38.15
N LYS J 207 -65.25 7.11 -38.46
CA LYS J 207 -64.58 7.97 -39.46
C LYS J 207 -65.70 8.90 -39.81
N LYS J 208 -65.43 10.26 -39.97
CA LYS J 208 -66.45 11.20 -40.39
C LYS J 208 -66.53 11.08 -41.92
N ILE J 209 -67.76 11.26 -42.47
CA ILE J 209 -68.02 11.37 -43.92
C ILE J 209 -68.36 12.75 -44.22
N GLY J 210 -67.47 13.39 -45.01
CA GLY J 210 -67.51 14.76 -45.31
C GLY J 210 -67.82 14.91 -46.72
N VAL J 211 -67.45 15.97 -47.34
CA VAL J 211 -67.51 16.26 -48.78
C VAL J 211 -68.84 16.04 -49.47
N ASN J 212 -68.77 15.92 -50.80
CA ASN J 212 -69.98 15.68 -51.60
C ASN J 212 -70.51 14.25 -51.53
N GLN J 213 -69.71 13.29 -50.98
CA GLN J 213 -70.26 11.92 -50.76
C GLN J 213 -71.35 12.01 -49.66
N PRO J 214 -72.62 11.50 -49.84
CA PRO J 214 -73.69 11.83 -48.93
C PRO J 214 -73.60 10.88 -47.73
N LYS J 215 -73.99 11.38 -46.54
CA LYS J 215 -73.84 10.78 -45.28
C LYS J 215 -74.95 9.73 -45.00
N ARG J 216 -76.04 9.82 -45.81
CA ARG J 216 -77.16 8.94 -45.71
C ARG J 216 -77.24 8.20 -47.03
N ILE J 217 -77.04 6.91 -47.04
CA ILE J 217 -77.22 6.08 -48.24
C ILE J 217 -78.60 5.41 -48.03
N GLU J 218 -79.49 5.35 -49.05
CA GLU J 218 -80.78 4.69 -48.82
C GLU J 218 -80.74 3.60 -49.82
N ASN J 219 -81.21 2.43 -49.43
CA ASN J 219 -81.27 1.18 -50.20
C ASN J 219 -79.92 0.59 -50.51
N ALA J 220 -79.10 0.31 -49.45
CA ALA J 220 -77.74 -0.17 -49.65
C ALA J 220 -77.77 -1.61 -50.19
N LYS J 221 -76.88 -1.87 -51.19
CA LYS J 221 -76.53 -3.25 -51.56
C LYS J 221 -75.05 -3.15 -51.55
N ILE J 222 -74.37 -4.02 -50.84
CA ILE J 222 -72.93 -3.86 -50.45
C ILE J 222 -72.25 -4.89 -51.26
N LEU J 223 -71.13 -4.40 -51.85
CA LEU J 223 -70.25 -5.24 -52.62
C LEU J 223 -69.03 -5.37 -51.81
N ILE J 224 -68.62 -6.64 -51.44
CA ILE J 224 -67.62 -6.97 -50.46
C ILE J 224 -66.45 -7.31 -51.26
N ALA J 225 -65.33 -6.71 -50.87
CA ALA J 225 -64.08 -6.89 -51.48
C ALA J 225 -63.14 -6.58 -50.32
N ASN J 226 -62.02 -7.33 -50.15
CA ASN J 226 -61.05 -7.19 -49.12
C ASN J 226 -59.82 -6.40 -49.57
N THR J 227 -59.62 -6.00 -50.83
CA THR J 227 -58.44 -5.26 -51.30
C THR J 227 -59.03 -4.00 -51.97
N GLY J 228 -58.22 -3.11 -52.52
CA GLY J 228 -58.69 -1.94 -53.26
C GLY J 228 -57.55 -1.04 -53.36
N MET J 229 -57.68 0.17 -53.87
CA MET J 229 -56.55 1.10 -53.93
C MET J 229 -56.17 1.67 -52.59
N ASP J 230 -54.81 1.86 -52.36
CA ASP J 230 -54.29 2.42 -51.14
C ASP J 230 -54.68 3.85 -51.18
N THR J 231 -54.46 4.52 -52.34
CA THR J 231 -54.96 5.85 -52.65
C THR J 231 -54.90 6.14 -54.18
N ASP J 232 -54.33 5.13 -54.86
CA ASP J 232 -54.03 5.23 -56.28
C ASP J 232 -54.02 3.81 -56.81
N LYS J 233 -54.58 3.68 -58.02
CA LYS J 233 -54.77 2.35 -58.55
C LYS J 233 -53.90 2.34 -59.73
N ILE J 234 -53.19 1.19 -59.92
CA ILE J 234 -52.36 0.88 -61.05
C ILE J 234 -53.10 -0.15 -61.88
N LYS J 235 -52.96 -0.04 -63.25
CA LYS J 235 -53.77 -0.72 -64.22
C LYS J 235 -53.08 -0.52 -65.52
N ILE J 236 -53.71 -1.20 -66.55
CA ILE J 236 -53.31 -1.34 -67.93
C ILE J 236 -53.02 -0.03 -68.60
N PHE J 237 -53.86 0.97 -68.31
CA PHE J 237 -53.78 2.34 -68.82
C PHE J 237 -53.54 3.23 -67.65
N GLY J 238 -52.81 2.78 -66.64
CA GLY J 238 -52.56 3.37 -65.38
C GLY J 238 -51.11 3.53 -65.28
N SER J 239 -50.37 2.70 -66.06
CA SER J 239 -48.95 2.68 -66.00
C SER J 239 -48.47 3.78 -66.90
N ARG J 240 -47.74 4.79 -66.31
CA ARG J 240 -47.11 5.78 -67.18
C ARG J 240 -45.87 6.30 -66.47
N VAL J 241 -45.04 7.11 -67.17
CA VAL J 241 -43.83 7.75 -66.83
C VAL J 241 -44.05 9.14 -67.36
N ARG J 242 -43.79 10.20 -66.47
CA ARG J 242 -44.14 11.59 -66.65
C ARG J 242 -43.22 12.40 -65.85
N VAL J 243 -42.07 11.82 -65.28
CA VAL J 243 -41.16 12.43 -64.30
C VAL J 243 -39.74 12.12 -64.75
N ASP J 244 -38.93 13.18 -64.96
CA ASP J 244 -37.53 13.16 -65.29
C ASP J 244 -36.82 14.48 -65.31
N SER J 245 -37.49 15.52 -64.89
CA SER J 245 -36.91 16.80 -64.69
C SER J 245 -37.66 17.29 -63.47
N THR J 246 -37.20 18.48 -62.90
CA THR J 246 -37.62 19.02 -61.58
C THR J 246 -39.04 19.64 -61.50
N ALA J 247 -39.43 20.21 -62.67
CA ALA J 247 -40.83 20.68 -62.92
C ALA J 247 -41.75 19.57 -63.14
N LYS J 248 -41.23 18.43 -63.63
CA LYS J 248 -41.92 17.20 -63.92
C LYS J 248 -42.28 16.43 -62.71
N VAL J 249 -41.67 16.83 -61.55
CA VAL J 249 -42.12 16.40 -60.23
C VAL J 249 -43.55 16.83 -59.91
N ALA J 250 -44.06 18.05 -60.19
CA ALA J 250 -45.45 18.39 -59.97
C ALA J 250 -46.34 17.71 -60.92
N GLU J 251 -46.00 17.48 -62.25
CA GLU J 251 -46.80 16.87 -63.35
C GLU J 251 -47.19 15.46 -63.10
N ILE J 252 -46.30 14.61 -62.51
CA ILE J 252 -46.66 13.27 -62.12
C ILE J 252 -47.66 13.20 -61.03
N GLU J 253 -47.58 14.12 -60.04
CA GLU J 253 -48.52 14.33 -58.95
C GLU J 253 -49.88 14.69 -59.43
N HIS J 254 -50.06 15.54 -60.50
CA HIS J 254 -51.23 15.83 -61.28
C HIS J 254 -51.81 14.53 -61.79
N ALA J 255 -50.91 13.68 -62.33
CA ALA J 255 -51.24 12.43 -62.97
C ALA J 255 -51.82 11.39 -62.08
N GLU J 256 -51.23 11.42 -60.80
CA GLU J 256 -51.76 10.52 -59.78
C GLU J 256 -53.15 10.83 -59.36
N LYS J 257 -53.51 12.17 -59.36
CA LYS J 257 -54.90 12.54 -59.16
C LYS J 257 -55.81 11.99 -60.15
N GLU J 258 -55.34 11.83 -61.35
CA GLU J 258 -56.14 11.25 -62.44
C GLU J 258 -56.43 9.75 -62.37
N LYS J 259 -55.43 9.00 -61.84
CA LYS J 259 -55.48 7.59 -61.58
C LYS J 259 -56.59 7.25 -60.57
N MET J 260 -56.87 8.13 -59.59
CA MET J 260 -58.00 8.01 -58.61
C MET J 260 -59.35 7.91 -59.25
N LYS J 261 -59.63 8.74 -60.34
CA LYS J 261 -60.84 8.77 -61.19
C LYS J 261 -60.95 7.46 -61.97
N GLU J 262 -59.86 6.83 -62.41
CA GLU J 262 -59.96 5.57 -63.08
C GLU J 262 -60.53 4.43 -62.28
N LYS J 263 -60.31 4.33 -60.95
CA LYS J 263 -60.79 3.35 -60.06
C LYS J 263 -62.25 3.49 -59.78
N VAL J 264 -62.78 4.77 -59.84
CA VAL J 264 -64.15 5.09 -59.56
C VAL J 264 -65.05 4.33 -60.61
N GLU J 265 -64.62 4.28 -61.92
CA GLU J 265 -65.45 3.83 -63.10
C GLU J 265 -65.58 2.35 -63.14
N ARG J 266 -64.62 1.69 -62.36
CA ARG J 266 -64.54 0.27 -62.18
C ARG J 266 -65.73 -0.20 -61.39
N ILE J 267 -66.12 0.60 -60.34
CA ILE J 267 -67.20 0.21 -59.51
C ILE J 267 -68.42 0.60 -60.22
N LEU J 268 -68.38 1.73 -60.98
CA LEU J 268 -69.53 2.33 -61.65
C LEU J 268 -70.22 1.36 -62.58
N LYS J 269 -69.45 0.49 -63.24
CA LYS J 269 -69.81 -0.64 -64.07
C LYS J 269 -70.68 -1.65 -63.39
N HIS J 270 -70.36 -2.01 -62.15
CA HIS J 270 -71.12 -2.95 -61.36
C HIS J 270 -72.55 -2.45 -61.08
N GLY J 271 -72.59 -1.15 -60.67
CA GLY J 271 -73.84 -0.54 -60.32
C GLY J 271 -74.16 -0.78 -58.86
N ILE J 272 -73.09 -1.15 -58.09
CA ILE J 272 -73.27 -1.39 -56.66
C ILE J 272 -72.83 -0.12 -55.95
N ASN J 273 -73.84 0.44 -55.23
CA ASN J 273 -73.82 1.78 -54.73
C ASN J 273 -72.95 1.78 -53.45
N CYS J 274 -72.70 0.65 -52.80
CA CYS J 274 -71.87 0.70 -51.58
C CYS J 274 -70.78 -0.25 -51.90
N PHE J 275 -69.55 0.29 -51.88
CA PHE J 275 -68.28 -0.40 -52.13
C PHE J 275 -67.52 -0.21 -50.87
N ILE J 276 -67.08 -1.35 -50.36
CA ILE J 276 -66.20 -1.37 -49.23
C ILE J 276 -64.83 -1.87 -49.61
N ASN J 277 -63.84 -0.97 -49.10
CA ASN J 277 -62.44 -1.23 -49.20
C ASN J 277 -61.94 -1.05 -47.76
N ARG J 278 -61.00 -1.93 -47.43
CA ARG J 278 -60.47 -2.08 -46.10
C ARG J 278 -59.48 -1.11 -45.72
N GLN J 279 -58.97 -0.36 -46.68
CA GLN J 279 -57.92 0.68 -46.47
C GLN J 279 -58.48 2.03 -46.67
N LEU J 280 -57.78 3.05 -46.05
CA LEU J 280 -58.24 4.40 -46.03
C LEU J 280 -57.57 5.10 -47.12
N ILE J 281 -58.29 6.14 -47.63
CA ILE J 281 -57.78 6.91 -48.76
C ILE J 281 -57.81 8.24 -48.09
N TYR J 282 -57.70 9.35 -48.85
CA TYR J 282 -57.72 10.67 -48.27
C TYR J 282 -58.99 11.33 -48.63
N ASN J 283 -59.15 12.52 -48.15
CA ASN J 283 -60.45 13.31 -48.25
C ASN J 283 -60.73 13.77 -49.72
N TYR J 284 -59.60 13.98 -50.41
CA TYR J 284 -59.61 14.49 -51.78
C TYR J 284 -60.09 13.46 -52.77
N PRO J 285 -59.58 12.15 -52.77
CA PRO J 285 -60.12 11.10 -53.57
C PRO J 285 -61.61 10.84 -53.35
N GLU J 286 -62.15 11.18 -52.13
CA GLU J 286 -63.51 10.82 -51.71
C GLU J 286 -64.60 11.51 -52.53
N GLN J 287 -64.30 12.76 -52.96
CA GLN J 287 -65.14 13.62 -53.80
C GLN J 287 -65.55 12.99 -55.14
N LEU J 288 -64.64 12.14 -55.73
CA LEU J 288 -64.83 11.45 -56.95
C LEU J 288 -65.78 10.34 -56.87
N PHE J 289 -65.71 9.57 -55.70
CA PHE J 289 -66.62 8.50 -55.50
C PHE J 289 -68.04 8.88 -55.35
N GLY J 290 -68.23 9.96 -54.54
CA GLY J 290 -69.52 10.55 -54.05
C GLY J 290 -70.29 11.25 -55.24
N ALA J 291 -69.49 11.88 -56.08
CA ALA J 291 -69.91 12.51 -57.33
C ALA J 291 -70.51 11.49 -58.30
N ALA J 292 -69.82 10.37 -58.49
CA ALA J 292 -70.29 9.38 -59.41
C ALA J 292 -71.67 8.75 -58.95
N GLY J 293 -71.69 8.37 -57.61
CA GLY J 293 -72.88 7.87 -56.99
C GLY J 293 -72.76 6.39 -56.61
N VAL J 294 -71.55 5.85 -56.68
CA VAL J 294 -71.07 4.63 -56.16
C VAL J 294 -70.12 5.15 -55.16
N MET J 295 -70.55 5.02 -53.88
CA MET J 295 -70.01 5.59 -52.69
C MET J 295 -68.90 4.58 -52.29
N ALA J 296 -67.77 5.09 -51.77
CA ALA J 296 -66.66 4.34 -51.24
C ALA J 296 -66.81 4.64 -49.76
N ILE J 297 -66.70 3.52 -49.01
CA ILE J 297 -66.66 3.56 -47.53
C ILE J 297 -65.34 2.90 -47.29
N GLU J 298 -64.46 3.73 -46.69
CA GLU J 298 -63.08 3.36 -46.43
C GLU J 298 -62.85 3.30 -45.02
N HIS J 299 -61.88 2.40 -44.71
CA HIS J 299 -61.31 2.14 -43.40
C HIS J 299 -62.11 1.05 -42.71
N ALA J 300 -62.76 0.23 -43.58
CA ALA J 300 -63.64 -0.83 -43.16
C ALA J 300 -62.93 -1.89 -42.49
N ASP J 301 -63.63 -2.68 -41.66
CA ASP J 301 -63.10 -3.71 -40.85
C ASP J 301 -63.52 -5.01 -41.49
N PHE J 302 -62.80 -6.05 -41.34
CA PHE J 302 -63.14 -7.40 -41.71
C PHE J 302 -64.11 -7.98 -40.75
N ALA J 303 -64.11 -7.56 -39.50
CA ALA J 303 -64.85 -8.21 -38.47
C ALA J 303 -66.32 -7.83 -38.58
N GLY J 304 -66.62 -6.51 -38.88
CA GLY J 304 -67.87 -5.90 -39.05
C GLY J 304 -68.64 -6.49 -40.19
N VAL J 305 -67.90 -6.60 -41.31
CA VAL J 305 -68.41 -7.03 -42.57
C VAL J 305 -68.85 -8.42 -42.42
N GLU J 306 -68.05 -9.25 -41.69
CA GLU J 306 -68.28 -10.66 -41.47
C GLU J 306 -69.59 -10.82 -40.71
N ARG J 307 -69.88 -9.88 -39.79
CA ARG J 307 -71.11 -9.86 -39.01
C ARG J 307 -72.37 -9.78 -40.02
N LEU J 308 -72.38 -8.92 -41.02
CA LEU J 308 -73.46 -8.74 -41.96
C LEU J 308 -73.58 -9.87 -42.89
N ALA J 309 -72.48 -10.43 -43.38
CA ALA J 309 -72.38 -11.47 -44.38
C ALA J 309 -73.13 -12.78 -43.96
N LEU J 310 -73.05 -13.13 -42.64
CA LEU J 310 -73.59 -14.31 -42.12
C LEU J 310 -75.12 -14.33 -42.14
N VAL J 311 -75.77 -13.21 -41.74
CA VAL J 311 -77.24 -13.07 -41.67
C VAL J 311 -77.83 -13.01 -43.15
N THR J 312 -77.24 -12.31 -44.13
CA THR J 312 -77.73 -12.02 -45.42
C THR J 312 -77.42 -13.03 -46.46
N GLY J 313 -76.44 -13.90 -46.07
CA GLY J 313 -75.99 -14.90 -47.02
C GLY J 313 -74.95 -14.41 -48.06
N GLY J 314 -74.40 -13.14 -47.86
CA GLY J 314 -73.25 -12.65 -48.61
C GLY J 314 -71.97 -13.48 -48.41
N GLU J 315 -70.83 -13.06 -49.04
CA GLU J 315 -69.60 -13.80 -48.89
C GLU J 315 -68.55 -12.75 -48.72
N ILE J 316 -67.66 -13.03 -47.80
CA ILE J 316 -66.49 -12.17 -47.59
C ILE J 316 -65.30 -12.73 -48.33
N ALA J 317 -64.88 -12.08 -49.46
CA ALA J 317 -63.93 -12.59 -50.40
C ALA J 317 -63.68 -11.49 -51.43
N SER J 318 -62.41 -11.39 -51.95
CA SER J 318 -61.98 -10.35 -52.91
C SER J 318 -62.34 -10.87 -54.29
N THR J 319 -62.06 -10.03 -55.32
CA THR J 319 -62.34 -10.25 -56.74
C THR J 319 -63.61 -9.58 -57.10
N PHE J 320 -63.50 -8.62 -57.98
CA PHE J 320 -64.63 -7.90 -58.39
C PHE J 320 -64.34 -7.41 -59.80
N ASP J 321 -65.34 -7.66 -60.69
CA ASP J 321 -65.26 -7.15 -62.04
C ASP J 321 -66.69 -7.08 -62.48
N HIS J 322 -67.51 -7.82 -61.70
CA HIS J 322 -68.92 -7.91 -61.69
C HIS J 322 -69.27 -8.37 -60.33
N PRO J 323 -70.57 -8.25 -59.98
CA PRO J 323 -70.97 -8.43 -58.62
C PRO J 323 -71.48 -9.86 -58.52
N GLU J 324 -71.35 -10.71 -59.54
CA GLU J 324 -71.87 -12.03 -59.63
C GLU J 324 -70.75 -12.97 -59.19
N LEU J 325 -69.51 -12.50 -59.07
CA LEU J 325 -68.41 -13.18 -58.61
C LEU J 325 -68.46 -13.34 -57.10
N VAL J 326 -68.92 -12.27 -56.37
CA VAL J 326 -68.91 -12.09 -54.92
C VAL J 326 -70.27 -11.73 -54.55
N LYS J 327 -70.93 -12.62 -53.80
CA LYS J 327 -72.31 -12.50 -53.25
C LYS J 327 -72.42 -11.19 -52.39
N LEU J 328 -73.63 -10.52 -52.41
CA LEU J 328 -74.02 -9.24 -51.81
C LEU J 328 -74.55 -9.40 -50.42
N GLY J 329 -74.29 -8.39 -49.58
CA GLY J 329 -74.74 -8.28 -48.22
C GLY J 329 -75.69 -7.16 -48.28
N SER J 330 -76.55 -6.91 -47.25
CA SER J 330 -77.57 -5.88 -47.29
C SER J 330 -77.65 -5.15 -46.00
N CYS J 331 -78.02 -3.87 -46.14
CA CYS J 331 -78.44 -3.01 -45.01
C CYS J 331 -79.37 -1.98 -45.70
N LYS J 332 -80.27 -1.26 -45.00
CA LYS J 332 -81.25 -0.38 -45.51
C LYS J 332 -80.61 1.00 -45.66
N LEU J 333 -79.96 1.49 -44.54
CA LEU J 333 -79.55 2.81 -44.35
C LEU J 333 -78.21 2.60 -43.88
N ILE J 334 -77.34 3.51 -44.27
CA ILE J 334 -76.04 3.63 -43.68
C ILE J 334 -76.03 5.10 -43.36
N GLU J 335 -76.28 5.36 -42.08
CA GLU J 335 -76.63 6.70 -41.70
C GLU J 335 -75.56 7.17 -40.68
N GLU J 336 -75.17 8.48 -40.83
CA GLU J 336 -74.21 9.07 -39.94
C GLU J 336 -74.95 9.36 -38.62
N VAL J 337 -74.47 8.61 -37.55
CA VAL J 337 -74.98 8.74 -36.19
C VAL J 337 -73.85 9.43 -35.41
N MET J 338 -74.15 10.09 -34.28
CA MET J 338 -73.09 10.49 -33.35
C MET J 338 -73.41 9.74 -32.11
N ILE J 339 -72.42 8.97 -31.64
CA ILE J 339 -72.42 8.15 -30.43
C ILE J 339 -71.25 8.65 -29.67
N GLY J 340 -71.50 9.07 -28.37
CA GLY J 340 -70.45 9.58 -27.54
C GLY J 340 -70.43 11.04 -27.73
N GLU J 341 -69.38 11.50 -28.51
CA GLU J 341 -69.35 12.76 -29.12
C GLU J 341 -68.55 12.64 -30.39
N ASP J 342 -68.37 11.46 -30.96
CA ASP J 342 -67.51 11.07 -32.15
C ASP J 342 -68.53 10.59 -33.20
N LYS J 343 -68.30 11.02 -34.44
CA LYS J 343 -69.26 10.89 -35.57
C LYS J 343 -68.80 9.76 -36.37
N LEU J 344 -69.82 8.86 -36.66
CA LEU J 344 -69.66 7.50 -36.99
C LEU J 344 -70.53 7.29 -38.11
N ILE J 345 -70.13 6.44 -39.06
CA ILE J 345 -71.04 6.02 -40.10
C ILE J 345 -71.56 4.62 -39.71
N HIS J 346 -72.86 4.52 -39.50
CA HIS J 346 -73.50 3.34 -38.89
C HIS J 346 -74.39 2.57 -39.87
N PHE J 347 -74.02 1.43 -40.25
CA PHE J 347 -74.75 0.42 -40.95
C PHE J 347 -75.79 -0.25 -40.10
N SER J 348 -77.04 -0.25 -40.51
CA SER J 348 -78.23 -0.69 -39.81
C SER J 348 -79.11 -1.25 -40.94
N GLY J 349 -79.72 -2.43 -40.62
CA GLY J 349 -80.61 -3.09 -41.54
C GLY J 349 -80.88 -4.52 -41.04
N VAL J 350 -79.81 -5.17 -40.50
CA VAL J 350 -79.94 -6.58 -40.01
C VAL J 350 -79.49 -6.50 -38.55
N ALA J 351 -79.99 -7.43 -37.78
CA ALA J 351 -79.67 -7.55 -36.38
C ALA J 351 -79.47 -9.00 -36.06
N LEU J 352 -78.41 -9.27 -35.23
CA LEU J 352 -78.13 -10.51 -34.58
C LEU J 352 -78.14 -11.73 -35.47
N GLY J 353 -78.34 -12.85 -34.76
CA GLY J 353 -78.37 -14.20 -35.31
C GLY J 353 -77.04 -14.80 -35.00
N GLU J 354 -76.04 -14.72 -35.92
CA GLU J 354 -74.81 -15.53 -35.83
C GLU J 354 -73.69 -14.61 -35.30
N ALA J 355 -73.97 -13.37 -35.07
CA ALA J 355 -72.96 -12.41 -34.73
C ALA J 355 -73.67 -11.15 -34.36
N CYS J 356 -73.00 -10.44 -33.41
CA CYS J 356 -73.40 -9.16 -32.88
C CYS J 356 -72.11 -8.43 -33.04
N THR J 357 -72.15 -7.06 -32.84
CA THR J 357 -70.96 -6.19 -32.71
C THR J 357 -71.19 -5.48 -31.44
N ILE J 358 -70.12 -5.45 -30.66
CA ILE J 358 -70.10 -4.80 -29.31
C ILE J 358 -69.20 -3.63 -29.33
N VAL J 359 -69.76 -2.48 -28.92
CA VAL J 359 -69.14 -1.19 -28.96
C VAL J 359 -68.91 -0.81 -27.58
N LEU J 360 -67.62 -0.55 -27.13
CA LEU J 360 -67.17 -0.21 -25.84
C LEU J 360 -66.86 1.28 -25.87
N ARG J 361 -67.07 1.98 -24.79
CA ARG J 361 -66.93 3.43 -24.68
C ARG J 361 -66.19 3.70 -23.41
N GLY J 362 -65.04 4.49 -23.49
CA GLY J 362 -64.28 4.86 -22.27
C GLY J 362 -63.93 6.28 -22.29
N ALA J 363 -62.64 6.60 -22.24
CA ALA J 363 -62.08 7.90 -22.48
C ALA J 363 -60.65 7.70 -22.51
N THR J 364 -60.11 6.51 -22.29
CA THR J 364 -58.66 6.26 -22.33
C THR J 364 -58.70 5.11 -23.31
N GLN J 365 -57.67 4.89 -24.15
CA GLN J 365 -57.50 3.69 -24.98
C GLN J 365 -57.10 2.54 -24.10
N GLN J 366 -56.41 2.76 -22.89
CA GLN J 366 -55.86 1.70 -22.10
C GLN J 366 -56.99 0.81 -21.59
N ILE J 367 -58.15 1.41 -21.21
CA ILE J 367 -59.33 0.81 -20.64
C ILE J 367 -59.95 -0.20 -21.59
N LEU J 368 -59.94 0.08 -22.91
CA LEU J 368 -60.56 -0.79 -23.92
C LEU J 368 -59.92 -2.08 -24.19
N ASP J 369 -58.57 -1.99 -24.09
CA ASP J 369 -57.55 -3.03 -24.46
C ASP J 369 -57.48 -4.03 -23.29
N GLU J 370 -57.63 -3.43 -22.06
CA GLU J 370 -57.54 -4.08 -20.82
C GLU J 370 -58.74 -4.92 -20.59
N ALA J 371 -59.87 -4.30 -20.97
CA ALA J 371 -61.20 -4.85 -21.01
C ALA J 371 -61.35 -6.01 -21.95
N GLU J 372 -60.74 -5.93 -23.12
CA GLU J 372 -60.79 -7.00 -24.06
C GLU J 372 -60.08 -8.24 -23.62
N ARG J 373 -58.90 -8.04 -23.01
CA ARG J 373 -58.11 -9.18 -22.56
C ARG J 373 -58.77 -9.93 -21.38
N SER J 374 -59.39 -9.22 -20.39
CA SER J 374 -60.16 -9.78 -19.28
C SER J 374 -61.29 -10.65 -19.76
N LEU J 375 -61.95 -10.10 -20.74
CA LEU J 375 -63.18 -10.60 -21.32
C LEU J 375 -62.86 -11.86 -22.05
N HIS J 376 -61.76 -11.78 -22.85
CA HIS J 376 -61.20 -12.82 -23.69
C HIS J 376 -60.93 -14.07 -22.98
N ASP J 377 -60.22 -14.01 -21.87
CA ASP J 377 -59.97 -15.18 -21.10
C ASP J 377 -61.25 -15.83 -20.61
N ALA J 378 -62.26 -15.02 -20.23
CA ALA J 378 -63.57 -15.45 -19.78
C ALA J 378 -64.37 -16.25 -20.73
N LEU J 379 -64.49 -15.78 -22.01
CA LEU J 379 -65.20 -16.31 -23.16
C LEU J 379 -64.59 -17.64 -23.44
N CYS J 380 -63.22 -17.82 -23.26
CA CYS J 380 -62.58 -19.09 -23.50
C CYS J 380 -62.96 -20.17 -22.48
N VAL J 381 -63.04 -19.79 -21.19
CA VAL J 381 -63.47 -20.67 -20.13
C VAL J 381 -64.91 -21.07 -20.32
N LEU J 382 -65.75 -20.08 -20.76
CA LEU J 382 -67.13 -20.39 -20.97
C LEU J 382 -67.39 -21.24 -22.21
N ALA J 383 -66.47 -21.24 -23.16
CA ALA J 383 -66.52 -22.05 -24.34
C ALA J 383 -66.46 -23.53 -23.96
N GLN J 384 -65.57 -23.95 -23.01
CA GLN J 384 -65.31 -25.23 -22.52
C GLN J 384 -66.37 -25.77 -21.63
N THR J 385 -67.16 -24.76 -20.99
CA THR J 385 -68.21 -25.19 -20.04
C THR J 385 -69.45 -25.72 -20.85
N VAL J 386 -69.61 -25.41 -22.16
CA VAL J 386 -70.69 -25.88 -22.96
C VAL J 386 -70.51 -27.38 -23.14
N LYS J 387 -69.24 -27.86 -23.35
CA LYS J 387 -68.90 -29.24 -23.58
C LYS J 387 -69.00 -30.08 -22.38
N ASP J 388 -68.49 -29.56 -21.21
CA ASP J 388 -68.45 -30.29 -19.98
C ASP J 388 -69.04 -29.30 -19.02
N SER J 389 -70.40 -29.50 -18.64
CA SER J 389 -71.04 -28.37 -17.89
C SER J 389 -70.78 -28.48 -16.41
N ARG J 390 -69.77 -29.37 -16.02
CA ARG J 390 -69.25 -29.50 -14.68
C ARG J 390 -68.51 -28.27 -14.39
N THR J 391 -68.44 -28.04 -13.02
CA THR J 391 -67.97 -26.79 -12.48
C THR J 391 -67.43 -27.30 -11.20
N VAL J 392 -66.31 -26.69 -10.64
CA VAL J 392 -65.69 -27.15 -9.38
C VAL J 392 -65.29 -25.93 -8.61
N TYR J 393 -65.52 -25.97 -7.24
CA TYR J 393 -65.48 -24.85 -6.37
C TYR J 393 -64.02 -24.56 -6.06
N GLY J 394 -63.58 -23.30 -6.28
CA GLY J 394 -62.26 -22.81 -6.13
C GLY J 394 -62.27 -21.54 -5.30
N GLY J 395 -61.18 -20.78 -5.56
CA GLY J 395 -60.81 -19.63 -4.71
C GLY J 395 -59.56 -20.02 -3.89
N GLY J 396 -59.27 -21.35 -3.90
CA GLY J 396 -58.13 -21.97 -3.35
C GLY J 396 -58.70 -23.16 -2.64
N CYS J 397 -60.01 -23.35 -2.61
CA CYS J 397 -60.65 -24.46 -2.06
C CYS J 397 -60.45 -25.70 -2.86
N SER J 398 -60.51 -25.56 -4.21
CA SER J 398 -60.19 -26.73 -5.03
C SER J 398 -58.76 -27.36 -4.71
N GLU J 399 -57.75 -26.46 -4.69
CA GLU J 399 -56.32 -26.72 -4.68
C GLU J 399 -55.77 -27.41 -3.46
N MET J 400 -56.37 -27.07 -2.28
CA MET J 400 -56.25 -27.83 -1.05
C MET J 400 -56.88 -29.22 -1.04
N LEU J 401 -58.02 -29.40 -1.69
CA LEU J 401 -58.74 -30.67 -1.75
C LEU J 401 -58.00 -31.70 -2.47
N MET J 402 -57.49 -31.34 -3.70
CA MET J 402 -56.67 -32.20 -4.51
C MET J 402 -55.38 -32.57 -3.79
N ALA J 403 -54.78 -31.57 -3.10
CA ALA J 403 -53.60 -31.72 -2.27
C ALA J 403 -53.78 -32.69 -1.09
N HIS J 404 -54.97 -32.75 -0.41
CA HIS J 404 -55.31 -33.65 0.66
C HIS J 404 -55.29 -35.08 0.16
N ALA J 405 -55.93 -35.38 -1.03
CA ALA J 405 -56.05 -36.57 -1.74
C ALA J 405 -54.63 -36.94 -2.21
N VAL J 406 -53.83 -35.96 -2.63
CA VAL J 406 -52.45 -36.33 -3.04
C VAL J 406 -51.50 -36.72 -1.85
N THR J 407 -51.73 -36.09 -0.63
CA THR J 407 -51.01 -36.39 0.61
C THR J 407 -51.36 -37.83 1.10
N GLN J 408 -52.66 -38.22 1.04
CA GLN J 408 -53.12 -39.58 1.43
C GLN J 408 -52.46 -40.70 0.66
N LEU J 409 -52.44 -40.44 -0.70
CA LEU J 409 -51.82 -41.38 -1.63
C LEU J 409 -50.27 -41.32 -1.51
N ALA J 410 -49.69 -40.17 -1.09
CA ALA J 410 -48.31 -39.91 -1.00
C ALA J 410 -47.68 -40.84 0.06
N ASN J 411 -48.40 -41.16 1.14
CA ASN J 411 -47.99 -42.04 2.17
C ASN J 411 -48.08 -43.45 1.64
N ARG J 412 -49.31 -43.84 1.14
CA ARG J 412 -49.46 -45.24 0.79
C ARG J 412 -48.70 -45.77 -0.41
N THR J 413 -48.89 -45.19 -1.62
CA THR J 413 -48.59 -45.79 -2.86
C THR J 413 -47.10 -45.94 -3.12
N PRO J 414 -46.12 -45.03 -2.92
CA PRO J 414 -44.94 -45.31 -3.71
C PRO J 414 -43.85 -45.79 -2.93
N GLY J 415 -42.81 -46.30 -3.66
CA GLY J 415 -41.65 -46.91 -3.10
C GLY J 415 -40.49 -46.00 -2.76
N LYS J 416 -40.39 -44.78 -3.35
CA LYS J 416 -39.43 -43.77 -3.12
C LYS J 416 -39.87 -42.39 -3.45
N GLU J 417 -41.09 -42.20 -4.06
CA GLU J 417 -41.51 -40.95 -4.54
C GLU J 417 -42.36 -40.26 -3.52
N ALA J 418 -42.52 -40.80 -2.26
CA ALA J 418 -43.34 -40.26 -1.18
C ALA J 418 -43.17 -38.79 -0.87
N VAL J 419 -41.90 -38.40 -0.79
CA VAL J 419 -41.36 -37.13 -0.46
C VAL J 419 -41.79 -36.23 -1.59
N ALA J 420 -41.80 -36.73 -2.81
CA ALA J 420 -42.05 -35.92 -3.95
C ALA J 420 -43.54 -35.74 -4.15
N MET J 421 -44.41 -36.72 -3.85
CA MET J 421 -45.85 -36.62 -3.96
C MET J 421 -46.32 -35.51 -2.96
N GLU J 422 -45.67 -35.50 -1.80
CA GLU J 422 -46.03 -34.50 -0.77
C GLU J 422 -45.67 -33.05 -1.16
N SER J 423 -44.50 -32.90 -1.81
CA SER J 423 -44.00 -31.70 -2.30
C SER J 423 -44.89 -31.11 -3.33
N TYR J 424 -45.48 -31.95 -4.20
CA TYR J 424 -46.48 -31.60 -5.16
C TYR J 424 -47.76 -31.05 -4.46
N ALA J 425 -48.21 -31.76 -3.34
CA ALA J 425 -49.31 -31.30 -2.60
C ALA J 425 -49.22 -29.96 -1.86
N LYS J 426 -48.04 -29.69 -1.29
CA LYS J 426 -47.66 -28.50 -0.63
C LYS J 426 -47.52 -27.35 -1.53
N ALA J 427 -47.03 -27.51 -2.78
CA ALA J 427 -46.99 -26.49 -3.78
C ALA J 427 -48.36 -25.98 -4.21
N LEU J 428 -49.45 -26.85 -4.32
CA LEU J 428 -50.80 -26.38 -4.60
C LEU J 428 -51.28 -25.41 -3.41
N ARG J 429 -50.98 -25.73 -2.17
CA ARG J 429 -51.33 -25.02 -0.97
C ARG J 429 -50.55 -23.77 -0.77
N MET J 430 -49.45 -23.49 -1.44
CA MET J 430 -48.72 -22.30 -1.46
C MET J 430 -49.47 -21.18 -2.00
N LEU J 431 -50.37 -21.42 -2.99
CA LEU J 431 -51.10 -20.39 -3.59
C LEU J 431 -52.09 -19.77 -2.61
N PRO J 432 -52.94 -20.59 -1.82
CA PRO J 432 -53.83 -20.11 -0.73
C PRO J 432 -53.09 -19.49 0.49
N THR J 433 -51.74 -19.64 0.78
CA THR J 433 -51.10 -18.94 1.87
C THR J 433 -50.82 -17.54 1.41
N ILE J 434 -50.43 -17.38 0.11
CA ILE J 434 -49.84 -16.09 -0.23
C ILE J 434 -51.03 -15.07 -0.15
N ILE J 435 -52.19 -15.55 -0.62
CA ILE J 435 -53.33 -14.66 -0.66
C ILE J 435 -53.94 -14.34 0.71
N ALA J 436 -53.66 -15.25 1.71
CA ALA J 436 -54.13 -15.04 3.05
C ALA J 436 -53.62 -13.82 3.80
N ASP J 437 -52.35 -13.63 3.67
CA ASP J 437 -51.77 -12.41 4.29
C ASP J 437 -52.05 -11.10 3.63
N ASN J 438 -52.40 -11.16 2.27
CA ASN J 438 -52.87 -9.95 1.59
C ASN J 438 -54.24 -9.65 2.18
N ALA J 439 -55.10 -10.68 2.38
CA ALA J 439 -56.41 -10.57 2.95
C ALA J 439 -56.53 -10.15 4.39
N GLY J 440 -55.55 -10.57 5.28
CA GLY J 440 -55.66 -10.30 6.73
C GLY J 440 -56.27 -11.46 7.42
N TYR J 441 -55.76 -12.72 7.09
CA TYR J 441 -55.86 -14.01 7.75
C TYR J 441 -54.48 -14.71 7.80
N ASP J 442 -54.34 -15.63 8.75
CA ASP J 442 -53.09 -16.30 9.10
C ASP J 442 -53.00 -17.47 8.15
N SER J 443 -51.85 -17.46 7.33
CA SER J 443 -51.54 -18.43 6.30
C SER J 443 -51.48 -19.74 6.82
N ALA J 444 -50.84 -19.96 8.01
CA ALA J 444 -50.52 -21.23 8.54
C ALA J 444 -51.80 -21.92 8.99
N ASP J 445 -52.66 -21.10 9.58
CA ASP J 445 -53.86 -21.61 10.21
C ASP J 445 -54.91 -22.10 9.16
N LEU J 446 -54.98 -21.33 8.04
CA LEU J 446 -55.84 -21.59 6.92
C LEU J 446 -55.65 -22.97 6.20
N VAL J 447 -54.37 -23.30 5.96
CA VAL J 447 -53.95 -24.50 5.26
C VAL J 447 -53.92 -25.82 6.12
N ALA J 448 -53.55 -25.79 7.43
CA ALA J 448 -53.22 -26.92 8.30
C ALA J 448 -54.40 -27.89 8.57
N GLN J 449 -55.61 -27.25 8.98
CA GLN J 449 -58.63 -27.25 9.40
C GLN J 449 -59.85 -27.35 8.36
N LEU J 450 -60.09 -26.34 7.48
CA LEU J 450 -61.16 -26.39 6.45
C LEU J 450 -60.97 -27.38 5.36
N ARG J 451 -59.66 -27.65 5.03
CA ARG J 451 -59.14 -28.67 4.12
C ARG J 451 -59.68 -30.06 4.49
N ALA J 452 -59.70 -30.47 5.76
CA ALA J 452 -60.33 -31.64 6.13
C ALA J 452 -61.82 -31.61 5.96
N ALA J 453 -62.44 -30.45 6.29
CA ALA J 453 -63.91 -30.18 6.12
C ALA J 453 -64.42 -30.32 4.73
N HIS J 454 -63.83 -29.71 3.70
CA HIS J 454 -64.33 -29.65 2.38
C HIS J 454 -64.14 -31.00 1.73
N SER J 455 -63.04 -31.72 2.09
CA SER J 455 -62.74 -33.07 1.62
C SER J 455 -63.65 -34.17 2.06
N GLU J 456 -64.35 -34.00 3.24
CA GLU J 456 -65.19 -34.92 3.87
C GLU J 456 -66.56 -34.75 3.31
N GLY J 457 -66.91 -33.52 2.87
CA GLY J 457 -68.05 -33.38 2.07
C GLY J 457 -68.74 -32.21 2.54
N ASN J 458 -68.04 -31.05 2.29
CA ASN J 458 -68.49 -29.69 2.48
C ASN J 458 -67.82 -28.91 1.44
N THR J 459 -67.89 -29.43 0.21
CA THR J 459 -67.22 -28.89 -0.93
C THR J 459 -67.60 -27.48 -1.21
N THR J 460 -68.86 -27.10 -0.71
CA THR J 460 -69.37 -25.75 -0.94
C THR J 460 -68.45 -24.80 -0.29
N ALA J 461 -68.15 -24.90 1.03
CA ALA J 461 -67.41 -23.94 1.74
C ALA J 461 -66.04 -23.96 1.26
N GLY J 462 -65.47 -22.74 1.08
CA GLY J 462 -64.20 -22.68 0.48
C GLY J 462 -63.69 -21.37 0.95
N LEU J 463 -62.67 -20.96 0.25
CA LEU J 463 -61.78 -19.90 0.61
C LEU J 463 -62.49 -18.69 -0.04
N ASP J 464 -62.92 -17.71 0.86
CA ASP J 464 -63.19 -16.36 0.43
C ASP J 464 -62.09 -15.48 1.04
N MET J 465 -60.98 -15.19 0.31
CA MET J 465 -59.81 -14.48 0.81
C MET J 465 -59.68 -13.12 0.14
N ARG J 466 -60.79 -12.39 -0.04
CA ARG J 466 -60.91 -10.95 -0.36
C ARG J 466 -61.48 -10.30 0.92
N GLU J 467 -61.66 -11.13 2.00
CA GLU J 467 -62.13 -10.69 3.25
C GLU J 467 -61.52 -11.50 4.40
N GLY J 468 -61.01 -12.72 4.05
CA GLY J 468 -60.08 -13.42 4.94
C GLY J 468 -60.87 -14.32 5.69
N THR J 469 -62.01 -14.87 5.12
CA THR J 469 -63.07 -15.55 5.80
C THR J 469 -63.50 -16.82 5.08
N ILE J 470 -64.33 -17.66 5.75
CA ILE J 470 -64.77 -18.91 5.16
C ILE J 470 -66.14 -18.45 4.65
N GLY J 471 -66.52 -18.66 3.36
CA GLY J 471 -67.78 -18.32 2.85
C GLY J 471 -68.23 -19.42 1.97
N ASP J 472 -69.53 -19.46 1.76
CA ASP J 472 -70.14 -20.43 0.78
C ASP J 472 -69.80 -19.99 -0.59
N MET J 473 -69.37 -20.97 -1.50
CA MET J 473 -68.85 -20.62 -2.83
C MET J 473 -69.98 -20.88 -3.85
N ALA J 474 -71.07 -21.54 -3.43
CA ALA J 474 -72.20 -21.78 -4.23
C ALA J 474 -73.02 -20.50 -4.19
N ILE J 475 -72.91 -19.71 -3.08
CA ILE J 475 -73.83 -18.57 -2.90
C ILE J 475 -73.05 -17.26 -3.27
N LEU J 476 -71.69 -17.19 -2.96
CA LEU J 476 -70.80 -16.06 -3.20
C LEU J 476 -70.29 -16.07 -4.63
N GLY J 477 -70.08 -17.29 -5.20
CA GLY J 477 -69.91 -17.44 -6.68
C GLY J 477 -68.47 -17.42 -7.05
N ILE J 478 -67.54 -17.93 -6.19
CA ILE J 478 -66.11 -17.94 -6.42
C ILE J 478 -65.84 -19.38 -6.79
N THR J 479 -66.37 -19.79 -7.99
CA THR J 479 -66.41 -21.13 -8.52
C THR J 479 -65.98 -20.98 -10.03
N GLU J 480 -65.00 -21.74 -10.52
CA GLU J 480 -64.67 -21.79 -11.96
C GLU J 480 -64.80 -23.15 -12.38
N SER J 481 -64.92 -23.24 -13.74
CA SER J 481 -65.28 -24.52 -14.44
C SER J 481 -64.26 -25.54 -14.30
N PHE J 482 -64.77 -26.77 -14.54
CA PHE J 482 -63.88 -27.91 -14.49
C PHE J 482 -62.71 -27.92 -15.41
N GLN J 483 -63.05 -27.54 -16.70
CA GLN J 483 -62.06 -27.53 -17.74
C GLN J 483 -60.92 -26.64 -17.61
N VAL J 484 -61.11 -25.39 -17.18
CA VAL J 484 -60.03 -24.44 -17.23
C VAL J 484 -58.94 -24.85 -16.25
N LYS J 485 -59.33 -25.43 -15.11
CA LYS J 485 -58.36 -25.71 -14.12
C LYS J 485 -57.54 -26.99 -14.40
N ARG J 486 -58.19 -27.95 -15.06
CA ARG J 486 -57.63 -29.24 -15.33
C ARG J 486 -56.37 -29.16 -16.19
N GLN J 487 -56.46 -28.32 -17.27
CA GLN J 487 -55.46 -27.97 -18.30
C GLN J 487 -54.30 -27.07 -17.91
N VAL J 488 -54.50 -26.13 -16.95
CA VAL J 488 -53.46 -25.26 -16.48
C VAL J 488 -52.59 -26.01 -15.49
N LEU J 489 -53.20 -26.99 -14.71
CA LEU J 489 -52.50 -27.88 -13.85
C LEU J 489 -51.56 -28.78 -14.64
N LEU J 490 -52.05 -29.32 -15.75
CA LEU J 490 -51.33 -30.23 -16.58
C LEU J 490 -50.09 -29.59 -17.07
N SER J 491 -50.30 -28.32 -17.59
CA SER J 491 -49.36 -27.45 -18.25
C SER J 491 -48.23 -27.05 -17.36
N ALA J 492 -48.56 -26.57 -16.12
CA ALA J 492 -47.66 -26.10 -15.13
C ALA J 492 -46.74 -27.27 -14.66
N ALA J 493 -47.27 -28.49 -14.40
CA ALA J 493 -46.44 -29.62 -14.02
C ALA J 493 -45.47 -29.95 -15.09
N GLU J 494 -45.93 -29.96 -16.36
CA GLU J 494 -44.99 -30.28 -17.48
C GLU J 494 -43.92 -29.28 -17.59
N ALA J 495 -44.19 -28.02 -17.43
CA ALA J 495 -43.28 -26.91 -17.67
C ALA J 495 -42.14 -26.81 -16.71
N ALA J 496 -42.50 -27.05 -15.45
CA ALA J 496 -41.50 -27.18 -14.34
C ALA J 496 -40.62 -28.36 -14.58
N GLU J 497 -41.26 -29.52 -14.97
CA GLU J 497 -40.49 -30.69 -15.14
C GLU J 497 -39.47 -30.55 -16.25
N VAL J 498 -39.84 -29.93 -17.35
CA VAL J 498 -38.94 -29.73 -18.45
C VAL J 498 -37.63 -29.09 -18.08
N ILE J 499 -37.71 -28.13 -17.17
CA ILE J 499 -36.51 -27.28 -16.83
C ILE J 499 -35.78 -27.93 -15.59
N LEU J 500 -36.50 -28.88 -14.90
CA LEU J 500 -36.02 -29.61 -13.78
C LEU J 500 -35.17 -30.72 -14.26
N ARG J 501 -35.46 -31.24 -15.50
CA ARG J 501 -34.74 -32.28 -16.17
C ARG J 501 -33.33 -31.85 -16.51
N VAL J 502 -33.15 -30.51 -16.86
CA VAL J 502 -31.91 -29.85 -17.30
C VAL J 502 -30.87 -29.83 -16.26
N ASP J 503 -29.75 -30.66 -16.45
CA ASP J 503 -28.65 -30.61 -15.56
C ASP J 503 -27.34 -29.94 -16.13
N ASN J 504 -27.28 -29.70 -17.43
CA ASN J 504 -26.25 -28.87 -17.95
C ASN J 504 -26.89 -27.97 -18.96
N ILE J 505 -26.41 -26.69 -18.97
CA ILE J 505 -26.81 -25.69 -19.94
C ILE J 505 -25.53 -25.44 -20.65
N ILE J 506 -25.50 -25.58 -22.03
CA ILE J 506 -24.30 -25.22 -22.81
C ILE J 506 -24.76 -23.99 -23.65
N LYS J 507 -23.81 -23.05 -23.82
CA LYS J 507 -24.13 -21.87 -24.43
C LYS J 507 -23.04 -21.76 -25.46
N ALA J 508 -23.53 -21.80 -26.72
CA ALA J 508 -22.77 -21.68 -27.94
C ALA J 508 -23.74 -20.97 -28.95
N ASN K 1 -13.79 33.53 -12.80
CA ASN K 1 -14.92 33.77 -11.86
C ASN K 1 -14.50 34.56 -10.66
N THR K 2 -15.44 34.86 -9.71
CA THR K 2 -15.22 35.49 -8.48
C THR K 2 -14.27 34.78 -7.49
N LYS K 3 -13.28 35.53 -7.04
CA LYS K 3 -12.35 34.96 -6.01
C LYS K 3 -12.32 36.06 -4.90
N ARG K 4 -12.46 35.64 -3.65
CA ARG K 4 -12.52 36.57 -2.49
C ARG K 4 -11.43 36.21 -1.47
N GLU K 5 -10.70 37.25 -1.21
CA GLU K 5 -9.55 37.39 -0.37
C GLU K 5 -9.60 38.88 -0.07
N SER K 6 -9.40 39.19 1.27
CA SER K 6 -9.69 40.44 1.89
C SER K 6 -8.41 40.94 2.61
N GLY K 7 -8.32 42.28 2.62
CA GLY K 7 -7.39 43.12 3.47
C GLY K 7 -5.89 43.00 3.11
N ARG K 8 -5.11 42.75 4.24
CA ARG K 8 -3.66 42.74 4.30
C ARG K 8 -3.10 41.57 3.50
N LYS K 9 -3.84 40.47 3.39
CA LYS K 9 -3.58 39.27 2.54
C LYS K 9 -3.35 39.56 1.08
N VAL K 10 -4.19 40.43 0.47
CA VAL K 10 -4.13 40.90 -0.87
C VAL K 10 -2.97 41.83 -1.08
N GLN K 11 -2.67 42.71 -0.01
CA GLN K 11 -1.72 43.78 0.02
C GLN K 11 -0.24 43.24 0.09
N SER K 12 0.03 42.10 0.74
CA SER K 12 1.30 41.41 0.60
C SER K 12 1.66 40.85 -0.77
N GLY K 13 0.60 40.31 -1.46
CA GLY K 13 0.75 39.77 -2.82
C GLY K 13 1.24 40.89 -3.74
N ASN K 14 0.88 42.09 -3.45
CA ASN K 14 1.29 43.22 -4.25
C ASN K 14 2.79 43.54 -4.10
N ILE K 15 3.28 43.52 -2.85
CA ILE K 15 4.68 43.68 -2.50
C ILE K 15 5.53 42.65 -3.14
N ASN K 16 5.11 41.42 -3.07
CA ASN K 16 5.77 40.26 -3.53
C ASN K 16 6.09 40.39 -4.99
N ALA K 17 5.10 40.76 -5.84
CA ALA K 17 5.17 41.01 -7.21
C ALA K 17 5.97 42.18 -7.61
N ALA K 18 5.88 43.33 -6.91
CA ALA K 18 6.55 44.54 -7.34
C ALA K 18 8.05 44.48 -7.11
N LYS K 19 8.51 44.07 -5.88
CA LYS K 19 9.89 44.23 -5.40
C LYS K 19 10.86 43.44 -6.23
N THR K 20 10.47 42.26 -6.73
CA THR K 20 11.29 41.31 -7.46
C THR K 20 11.85 41.85 -8.76
N ILE K 21 11.03 42.71 -9.44
CA ILE K 21 11.26 43.53 -10.63
C ILE K 21 12.17 44.67 -10.35
N ALA K 22 11.81 45.36 -9.19
CA ALA K 22 12.43 46.60 -8.77
C ALA K 22 13.86 46.35 -8.47
N ASP K 23 14.38 45.25 -7.86
CA ASP K 23 15.69 45.07 -7.31
C ASP K 23 16.82 45.18 -8.35
N ILE K 24 16.79 44.49 -9.49
CA ILE K 24 17.87 44.48 -10.36
C ILE K 24 17.92 45.87 -11.10
N ILE K 25 16.76 46.49 -11.29
CA ILE K 25 16.68 47.74 -12.05
C ILE K 25 17.11 48.81 -11.20
N ARG K 26 17.00 48.59 -9.87
CA ARG K 26 17.59 49.49 -8.86
C ARG K 26 19.10 49.48 -8.95
N THR K 27 19.73 48.35 -9.35
CA THR K 27 21.13 48.31 -9.66
C THR K 27 21.47 48.88 -11.07
N CYS K 28 20.63 48.62 -12.12
CA CYS K 28 20.75 49.07 -13.52
C CYS K 28 20.71 50.51 -13.74
N LEU K 29 20.00 51.26 -12.89
CA LEU K 29 20.01 52.70 -12.98
C LEU K 29 21.26 53.24 -12.32
N GLY K 30 21.76 54.38 -12.79
CA GLY K 30 22.96 55.01 -12.28
C GLY K 30 23.94 55.03 -13.41
N PRO K 31 25.29 55.24 -13.03
CA PRO K 31 26.39 55.18 -13.93
C PRO K 31 27.23 54.01 -13.66
N LYS K 32 26.58 53.06 -12.96
CA LYS K 32 27.05 51.71 -12.80
C LYS K 32 25.88 50.88 -13.09
N SER K 33 25.96 49.60 -13.52
CA SER K 33 24.83 48.83 -14.03
C SER K 33 25.01 47.32 -13.99
N MET K 34 23.87 46.61 -14.15
CA MET K 34 23.78 45.15 -13.99
C MET K 34 22.99 44.76 -15.22
N MET K 35 22.71 43.48 -15.31
CA MET K 35 22.02 42.82 -16.39
C MET K 35 20.97 41.95 -15.83
N LYS K 36 19.74 42.10 -16.30
CA LYS K 36 18.69 41.17 -16.04
C LYS K 36 18.55 40.14 -17.14
N MET K 37 19.03 38.91 -16.85
CA MET K 37 19.08 37.86 -17.84
C MET K 37 17.69 37.17 -17.92
N LEU K 38 17.18 36.99 -19.13
CA LEU K 38 16.00 36.19 -19.35
C LEU K 38 16.54 34.83 -19.77
N LEU K 39 15.95 33.78 -19.15
CA LEU K 39 16.08 32.46 -19.73
C LEU K 39 14.74 32.24 -20.42
N ASP K 40 14.74 32.14 -21.78
CA ASP K 40 13.56 32.09 -22.54
C ASP K 40 12.95 30.71 -22.56
N PRO K 41 11.69 30.62 -22.87
CA PRO K 41 10.97 29.37 -22.95
C PRO K 41 11.32 28.60 -24.22
N MET K 42 11.96 29.28 -25.25
CA MET K 42 12.36 28.78 -26.49
C MET K 42 13.88 28.63 -26.45
N GLY K 43 14.44 29.09 -25.35
CA GLY K 43 15.87 29.15 -25.11
C GLY K 43 16.57 30.28 -25.65
N GLY K 44 17.84 30.36 -25.47
CA GLY K 44 18.59 31.42 -26.02
C GLY K 44 18.65 32.51 -25.01
N ILE K 45 19.33 33.70 -25.30
CA ILE K 45 19.66 34.72 -24.36
C ILE K 45 19.11 36.00 -24.83
N VAL K 46 18.55 36.80 -23.94
CA VAL K 46 18.18 38.16 -24.17
C VAL K 46 18.45 38.75 -22.81
N MET K 47 19.15 39.83 -22.77
CA MET K 47 19.54 40.53 -21.51
C MET K 47 19.66 42.05 -21.71
N THR K 48 18.99 42.75 -20.76
CA THR K 48 18.77 44.21 -20.93
C THR K 48 19.03 44.93 -19.66
N ASN K 49 19.06 46.25 -19.68
CA ASN K 49 19.23 47.06 -18.47
C ASN K 49 17.82 47.54 -18.14
N ASP K 50 16.79 47.05 -18.89
CA ASP K 50 15.42 47.53 -18.76
C ASP K 50 14.52 46.37 -18.52
N GLY K 51 13.77 46.48 -17.34
CA GLY K 51 12.97 45.40 -16.71
C GLY K 51 11.72 45.16 -17.49
N ASN K 52 11.08 46.17 -18.06
CA ASN K 52 9.86 46.05 -18.79
C ASN K 52 10.05 45.14 -19.99
N ALA K 53 11.23 45.14 -20.69
CA ALA K 53 11.47 44.39 -21.87
C ALA K 53 11.24 42.91 -21.63
N ILE K 54 11.87 42.48 -20.46
CA ILE K 54 11.99 41.13 -20.00
C ILE K 54 10.66 40.63 -19.52
N LEU K 55 9.83 41.46 -18.82
CA LEU K 55 8.44 41.18 -18.39
C LEU K 55 7.56 40.93 -19.57
N ARG K 56 7.72 41.72 -20.62
CA ARG K 56 6.95 41.63 -21.86
C ARG K 56 7.16 40.38 -22.60
N GLU K 57 8.35 39.84 -22.67
CA GLU K 57 8.68 38.72 -23.43
C GLU K 57 8.19 37.48 -22.67
N ILE K 58 7.96 37.57 -21.33
CA ILE K 58 7.36 36.50 -20.60
C ILE K 58 7.28 36.92 -19.16
N GLN K 59 6.24 36.59 -18.44
CA GLN K 59 5.93 36.77 -17.08
C GLN K 59 5.07 38.03 -16.96
N VAL K 60 3.75 37.87 -16.81
CA VAL K 60 2.82 38.90 -16.46
C VAL K 60 2.01 38.34 -15.31
N GLN K 61 1.71 39.18 -14.29
CA GLN K 61 1.05 38.74 -13.12
C GLN K 61 0.00 39.75 -12.84
N HIS K 62 -0.98 39.39 -12.07
CA HIS K 62 -2.16 40.16 -11.80
C HIS K 62 -1.98 41.55 -11.18
N PRO K 63 -1.05 41.85 -10.22
CA PRO K 63 -1.28 43.08 -9.52
C PRO K 63 -0.36 44.07 -10.03
N ALA K 64 0.85 44.20 -9.43
CA ALA K 64 1.92 45.08 -9.76
C ALA K 64 2.52 44.95 -11.13
N ALA K 65 2.62 43.70 -11.63
CA ALA K 65 3.38 43.46 -12.82
C ALA K 65 2.78 44.12 -13.97
N LYS K 66 1.40 44.10 -14.10
CA LYS K 66 0.70 44.71 -15.18
C LYS K 66 0.71 46.20 -14.98
N SER K 67 0.76 46.71 -13.77
CA SER K 67 0.71 48.13 -13.55
C SER K 67 1.99 48.78 -13.98
N MET K 68 3.14 48.03 -13.77
CA MET K 68 4.48 48.54 -14.09
C MET K 68 4.68 48.62 -15.60
N ILE K 69 4.22 47.59 -16.33
CA ILE K 69 4.26 47.66 -17.76
C ILE K 69 3.50 48.83 -18.34
N GLU K 70 2.31 49.10 -17.88
CA GLU K 70 1.34 50.19 -18.38
C GLU K 70 1.85 51.56 -18.00
N ILE K 71 2.35 51.91 -16.80
CA ILE K 71 2.79 53.28 -16.52
C ILE K 71 4.02 53.66 -17.32
N SER K 72 4.92 52.75 -17.55
CA SER K 72 6.27 52.91 -18.14
C SER K 72 6.17 53.21 -19.61
N ARG K 73 5.08 52.70 -20.30
CA ARG K 73 4.76 52.88 -21.73
C ARG K 73 4.36 54.37 -22.02
N THR K 74 3.62 54.99 -20.98
CA THR K 74 3.07 56.36 -21.00
C THR K 74 4.32 57.24 -20.89
N GLN K 75 5.24 56.78 -20.00
CA GLN K 75 6.51 57.47 -19.77
C GLN K 75 7.33 57.62 -21.05
N ASP K 76 7.46 56.61 -21.92
CA ASP K 76 8.21 56.65 -23.20
C ASP K 76 7.72 57.60 -24.19
N GLU K 77 6.36 57.68 -24.27
CA GLU K 77 5.62 58.59 -25.11
C GLU K 77 5.87 60.03 -24.73
N GLU K 78 5.99 60.38 -23.37
CA GLU K 78 6.08 61.69 -22.77
C GLU K 78 7.39 62.37 -23.03
N VAL K 79 8.36 62.05 -22.12
CA VAL K 79 9.74 62.60 -22.17
C VAL K 79 10.60 61.65 -23.04
N GLY K 80 10.56 60.32 -22.81
CA GLY K 80 11.29 59.41 -23.57
C GLY K 80 12.41 58.70 -22.89
N ASP K 81 12.47 58.94 -21.56
CA ASP K 81 13.48 58.55 -20.65
C ASP K 81 12.87 58.51 -19.31
N GLY K 82 13.39 57.54 -18.43
CA GLY K 82 12.88 57.46 -17.07
C GLY K 82 11.90 56.38 -16.90
N THR K 83 11.93 55.46 -17.92
CA THR K 83 11.09 54.25 -18.09
C THR K 83 11.47 53.27 -17.11
N THR K 84 12.81 53.24 -16.90
CA THR K 84 13.64 52.56 -15.88
C THR K 84 13.30 53.04 -14.49
N SER K 85 13.13 54.36 -14.33
CA SER K 85 13.02 55.01 -13.05
C SER K 85 11.71 54.72 -12.39
N VAL K 86 10.62 54.67 -13.13
CA VAL K 86 9.28 54.60 -12.54
C VAL K 86 9.10 53.37 -11.69
N ILE K 87 9.52 52.22 -12.25
CA ILE K 87 9.28 50.97 -11.70
C ILE K 87 9.94 50.78 -10.38
N ILE K 88 11.12 51.31 -10.20
CA ILE K 88 11.80 51.24 -8.94
C ILE K 88 11.14 52.03 -7.88
N LEU K 89 10.71 53.29 -8.19
CA LEU K 89 10.07 54.16 -7.23
C LEU K 89 8.83 53.48 -6.76
N ALA K 90 7.92 52.97 -7.64
CA ALA K 90 6.68 52.36 -7.28
C ALA K 90 6.82 51.18 -6.36
N GLY K 91 7.74 50.24 -6.57
CA GLY K 91 7.97 49.06 -5.79
C GLY K 91 8.64 49.36 -4.41
N GLU K 92 9.54 50.36 -4.27
CA GLU K 92 10.30 50.57 -3.01
C GLU K 92 9.35 51.22 -2.00
N MET K 93 8.47 52.13 -2.52
CA MET K 93 7.52 52.75 -1.69
C MET K 93 6.47 51.84 -1.10
N LEU K 94 5.97 50.93 -1.89
CA LEU K 94 4.91 49.96 -1.54
C LEU K 94 5.59 48.93 -0.57
N SER K 95 6.88 48.57 -0.72
CA SER K 95 7.60 47.63 0.01
C SER K 95 7.76 47.94 1.43
N VAL K 96 8.29 49.17 1.65
CA VAL K 96 8.74 49.72 2.90
C VAL K 96 7.63 50.31 3.68
N ALA K 97 6.65 51.02 3.01
CA ALA K 97 5.55 51.67 3.71
C ALA K 97 4.57 50.75 4.30
N GLU K 98 4.16 49.69 3.60
CA GLU K 98 2.92 49.01 3.81
C GLU K 98 2.99 48.23 5.11
N HIS K 99 4.05 47.49 5.35
CA HIS K 99 4.00 46.45 6.38
C HIS K 99 3.85 46.91 7.82
N PHE K 100 4.60 48.01 8.21
CA PHE K 100 4.70 48.60 9.55
C PHE K 100 3.44 49.39 9.92
N LEU K 101 2.86 50.08 8.91
CA LEU K 101 1.67 50.82 9.02
C LEU K 101 0.42 50.01 8.91
N GLU K 102 0.42 48.78 8.30
CA GLU K 102 -0.66 47.84 8.43
C GLU K 102 -0.69 47.16 9.76
N GLN K 103 0.41 46.72 10.47
CA GLN K 103 0.39 46.06 11.69
C GLN K 103 -0.11 46.95 12.83
N GLN K 104 0.26 48.22 12.75
CA GLN K 104 -0.26 49.29 13.47
C GLN K 104 -1.68 49.47 13.17
N MET K 105 -2.06 49.31 11.89
CA MET K 105 -3.48 49.43 11.48
C MET K 105 -3.86 50.80 11.17
N HIS K 106 -3.63 51.13 9.86
CA HIS K 106 -4.08 52.41 9.29
C HIS K 106 -3.63 52.31 7.87
N PRO K 107 -4.53 51.83 6.93
CA PRO K 107 -4.26 51.93 5.54
C PRO K 107 -4.50 53.26 4.93
N THR K 108 -5.60 53.99 5.32
CA THR K 108 -6.09 55.15 4.52
C THR K 108 -5.27 56.35 4.86
N VAL K 109 -4.50 56.29 6.03
CA VAL K 109 -3.68 57.37 6.51
C VAL K 109 -2.45 57.41 5.64
N VAL K 110 -2.03 56.23 5.18
CA VAL K 110 -0.84 56.03 4.42
C VAL K 110 -1.03 56.68 3.07
N ILE K 111 -2.27 56.56 2.52
CA ILE K 111 -2.63 57.17 1.23
C ILE K 111 -2.49 58.72 1.35
N SER K 112 -2.91 59.28 2.47
CA SER K 112 -2.75 60.70 2.72
C SER K 112 -1.31 61.11 2.98
N ALA K 113 -0.47 60.23 3.52
CA ALA K 113 0.98 60.50 3.63
C ALA K 113 1.67 60.63 2.25
N TYR K 114 1.17 59.85 1.25
CA TYR K 114 1.77 59.91 -0.07
C TYR K 114 1.57 61.27 -0.62
N ARG K 115 0.44 61.92 -0.38
CA ARG K 115 0.20 63.30 -0.84
C ARG K 115 1.18 64.25 -0.14
N LYS K 116 1.37 63.99 1.19
CA LYS K 116 2.15 65.00 1.85
C LYS K 116 3.60 64.95 1.48
N ALA K 117 4.11 63.76 1.08
CA ALA K 117 5.39 63.59 0.51
C ALA K 117 5.50 64.08 -0.97
N LEU K 118 4.38 64.07 -1.76
CA LEU K 118 4.31 64.64 -3.12
C LEU K 118 4.49 66.15 -3.02
N ASP K 119 3.72 66.85 -2.07
CA ASP K 119 3.77 68.26 -1.89
C ASP K 119 5.04 68.73 -1.46
N ASP K 120 5.67 68.09 -0.45
CA ASP K 120 7.02 68.46 -0.01
C ASP K 120 8.06 68.41 -1.20
N MET K 121 8.11 67.24 -1.92
CA MET K 121 9.10 66.88 -2.86
C MET K 121 9.19 67.89 -3.95
N ILE K 122 8.05 68.46 -4.43
CA ILE K 122 8.02 69.42 -5.62
C ILE K 122 8.74 70.66 -5.17
N SER K 123 8.44 71.19 -3.95
CA SER K 123 8.92 72.47 -3.43
C SER K 123 10.40 72.47 -3.23
N THR K 124 10.93 71.44 -2.53
CA THR K 124 12.28 71.38 -2.12
C THR K 124 13.13 71.12 -3.39
N LEU K 125 12.69 70.27 -4.35
CA LEU K 125 13.52 69.86 -5.47
C LEU K 125 13.70 71.05 -6.48
N LYS K 126 12.69 71.93 -6.61
CA LYS K 126 12.63 73.11 -7.43
C LYS K 126 13.58 74.16 -6.85
N LYS K 127 13.75 74.29 -5.54
CA LYS K 127 14.69 75.26 -4.97
C LYS K 127 16.06 74.98 -5.32
N ILE K 128 16.43 73.72 -5.33
CA ILE K 128 17.83 73.41 -5.71
C ILE K 128 18.05 73.50 -7.22
N SER K 129 17.04 73.52 -8.09
CA SER K 129 17.15 73.66 -9.55
C SER K 129 17.80 74.97 -9.91
N ILE K 130 18.84 74.89 -10.74
CA ILE K 130 19.70 75.93 -11.05
C ILE K 130 19.45 76.41 -12.46
N PRO K 131 19.20 77.68 -12.72
CA PRO K 131 18.89 78.25 -14.05
C PRO K 131 20.12 78.21 -14.85
N VAL K 132 20.08 77.78 -16.12
CA VAL K 132 21.14 77.89 -17.08
C VAL K 132 20.47 78.46 -18.29
N ASP K 133 21.24 79.00 -19.28
CA ASP K 133 20.62 79.63 -20.45
C ASP K 133 20.47 78.58 -21.50
N ILE K 134 19.55 78.86 -22.46
CA ILE K 134 19.35 78.07 -23.66
C ILE K 134 19.73 78.84 -24.89
N SER K 135 20.23 80.08 -24.67
CA SER K 135 21.01 80.83 -25.63
C SER K 135 22.49 80.54 -25.50
N ASP K 136 22.99 79.79 -24.47
CA ASP K 136 24.39 79.40 -24.35
C ASP K 136 24.50 77.98 -24.50
N SER K 137 25.14 77.54 -25.64
CA SER K 137 25.27 76.19 -25.99
C SER K 137 26.14 75.34 -25.12
N ASP K 138 27.21 75.97 -24.59
CA ASP K 138 28.25 75.29 -23.83
C ASP K 138 27.65 74.82 -22.53
N MET K 139 26.64 75.50 -21.95
CA MET K 139 25.85 75.17 -20.76
C MET K 139 24.96 74.00 -21.03
N MET K 140 24.27 73.94 -22.17
CA MET K 140 23.39 72.86 -22.59
C MET K 140 24.15 71.64 -23.00
N LEU K 141 25.43 71.86 -23.29
CA LEU K 141 26.32 70.78 -23.68
C LEU K 141 26.55 69.79 -22.52
N ASN K 142 26.73 70.32 -21.31
CA ASN K 142 27.02 69.58 -20.11
C ASN K 142 25.88 68.73 -19.69
N ILE K 143 24.62 69.23 -19.79
CA ILE K 143 23.54 68.50 -19.33
C ILE K 143 23.19 67.35 -20.26
N ILE K 144 23.41 67.61 -21.60
CA ILE K 144 22.91 66.63 -22.63
C ILE K 144 23.80 65.51 -22.67
N ASN K 145 25.10 65.68 -22.38
CA ASN K 145 26.10 64.65 -22.39
C ASN K 145 25.94 63.59 -21.36
N SER K 146 25.31 63.90 -20.17
CA SER K 146 25.10 63.01 -19.12
C SER K 146 24.09 61.97 -19.47
N SER K 147 23.07 62.32 -20.25
CA SER K 147 21.92 61.52 -20.61
C SER K 147 22.34 60.39 -21.47
N ILE K 148 23.38 60.65 -22.29
CA ILE K 148 24.00 59.67 -23.18
C ILE K 148 24.77 58.57 -22.46
N THR K 149 25.55 58.97 -21.42
CA THR K 149 26.55 58.11 -20.82
C THR K 149 25.91 57.52 -19.60
N THR K 150 24.60 57.78 -19.37
CA THR K 150 23.67 57.00 -18.47
C THR K 150 23.29 55.68 -19.18
N LYS K 151 23.43 55.59 -20.54
CA LYS K 151 23.24 54.36 -21.24
C LYS K 151 24.61 53.66 -21.43
N ALA K 152 25.65 54.44 -21.02
CA ALA K 152 27.05 54.12 -21.20
C ALA K 152 27.49 54.13 -22.63
N ILE K 153 27.24 55.21 -23.29
CA ILE K 153 27.72 55.52 -24.60
C ILE K 153 28.47 56.81 -24.44
N SER K 154 29.72 56.79 -25.00
CA SER K 154 30.55 57.98 -25.06
C SER K 154 31.10 58.30 -26.50
N ARG K 155 31.10 57.24 -27.42
CA ARG K 155 31.41 57.26 -28.82
C ARG K 155 30.52 58.04 -29.71
N TRP K 156 29.21 57.87 -29.41
CA TRP K 156 28.20 58.47 -30.19
C TRP K 156 27.51 59.59 -29.45
N SER K 157 28.16 60.03 -28.34
CA SER K 157 27.65 61.08 -27.47
C SER K 157 27.71 62.38 -28.16
N SER K 158 28.91 62.71 -28.74
CA SER K 158 29.22 63.94 -29.38
C SER K 158 28.33 64.13 -30.57
N LEU K 159 28.06 63.11 -31.33
CA LEU K 159 27.24 63.31 -32.49
C LEU K 159 25.86 63.64 -32.21
N ALA K 160 25.25 62.99 -31.20
CA ALA K 160 23.84 63.25 -30.72
C ALA K 160 23.57 64.66 -30.32
N CYS K 161 24.62 65.27 -29.61
CA CYS K 161 24.54 66.59 -29.12
C CYS K 161 24.28 67.63 -30.18
N ASN K 162 25.13 67.52 -31.29
CA ASN K 162 25.15 68.65 -32.27
C ASN K 162 23.87 68.69 -32.98
N ILE K 163 23.27 67.56 -33.40
CA ILE K 163 21.99 67.51 -34.00
C ILE K 163 20.83 67.95 -33.09
N ALA K 164 20.79 67.35 -31.85
CA ALA K 164 19.57 67.52 -31.02
C ALA K 164 19.34 68.91 -30.57
N LEU K 165 20.41 69.65 -30.03
CA LEU K 165 20.36 70.88 -29.36
C LEU K 165 19.70 71.97 -30.09
N ASP K 166 20.05 72.18 -31.36
CA ASP K 166 19.45 73.21 -32.13
C ASP K 166 18.08 72.85 -32.58
N ALA K 167 17.86 71.54 -32.84
CA ALA K 167 16.73 71.09 -33.56
C ALA K 167 15.40 71.18 -32.87
N VAL K 168 15.28 70.74 -31.59
CA VAL K 168 14.11 70.73 -30.75
C VAL K 168 13.55 72.11 -30.46
N LYS K 169 14.48 73.06 -30.38
CA LYS K 169 14.19 74.52 -30.09
C LYS K 169 13.32 75.06 -31.18
N MET K 170 13.47 74.68 -32.41
CA MET K 170 12.75 75.15 -33.59
C MET K 170 11.36 74.56 -33.73
N VAL K 171 11.21 73.37 -33.18
CA VAL K 171 9.87 72.79 -32.96
C VAL K 171 9.03 73.71 -32.12
N GLN K 172 7.84 74.08 -32.63
CA GLN K 172 6.84 74.85 -31.89
C GLN K 172 5.70 73.90 -31.87
N PHE K 173 4.50 74.44 -31.36
CA PHE K 173 3.26 73.67 -31.45
C PHE K 173 2.50 74.68 -32.25
N GLU K 174 1.23 74.50 -32.41
CA GLU K 174 0.44 75.15 -33.32
C GLU K 174 -0.45 76.22 -32.59
N GLU K 175 -0.01 76.44 -31.28
CA GLU K 175 -0.27 77.65 -30.55
C GLU K 175 0.68 78.66 -31.02
N ASN K 176 1.90 78.23 -31.37
CA ASN K 176 3.06 78.92 -31.93
C ASN K 176 3.93 79.68 -30.96
N GLY K 177 3.31 80.03 -29.77
CA GLY K 177 4.05 80.77 -28.78
C GLY K 177 4.99 79.90 -28.01
N ARG K 178 4.87 78.63 -28.07
CA ARG K 178 5.61 77.62 -27.32
C ARG K 178 6.01 76.70 -28.48
N LYS K 179 7.32 76.36 -28.67
CA LYS K 179 8.38 75.96 -27.70
C LYS K 179 7.91 74.96 -26.70
N GLU K 180 8.47 75.05 -25.44
CA GLU K 180 8.41 74.25 -24.26
C GLU K 180 8.57 72.83 -24.58
N ILE K 181 7.64 72.01 -24.08
CA ILE K 181 7.60 70.63 -24.38
C ILE K 181 7.24 70.48 -25.76
N ASP K 182 7.96 69.53 -26.44
CA ASP K 182 7.84 69.26 -27.90
C ASP K 182 7.65 67.80 -28.04
N ILE K 183 6.84 67.16 -27.17
CA ILE K 183 6.42 65.74 -27.20
C ILE K 183 6.28 65.10 -28.58
N LYS K 184 6.74 63.79 -28.63
CA LYS K 184 7.03 63.08 -29.85
C LYS K 184 5.85 63.01 -30.80
N LYS K 185 6.17 63.19 -32.03
CA LYS K 185 5.41 63.29 -33.26
C LYS K 185 5.76 64.66 -33.81
N TYR K 186 5.80 65.74 -32.87
CA TYR K 186 6.38 67.10 -33.25
C TYR K 186 7.93 67.04 -33.19
N ALA K 187 8.57 65.99 -32.65
CA ALA K 187 9.91 65.66 -32.81
C ALA K 187 9.94 64.16 -32.99
N ARG K 188 10.87 63.69 -33.94
CA ARG K 188 11.00 62.37 -34.41
C ARG K 188 12.37 62.19 -34.90
N VAL K 189 12.75 60.94 -35.19
CA VAL K 189 13.97 60.51 -35.78
C VAL K 189 13.73 59.36 -36.66
N GLU K 190 14.27 59.28 -37.91
CA GLU K 190 14.08 58.23 -38.83
C GLU K 190 15.43 58.04 -39.39
N LYS K 191 15.79 56.78 -39.80
CA LYS K 191 17.13 56.47 -40.10
C LYS K 191 17.25 56.21 -41.57
N ILE K 192 18.48 56.31 -42.18
CA ILE K 192 18.72 56.05 -43.61
C ILE K 192 19.80 54.98 -43.62
N PRO K 193 19.79 53.87 -44.39
CA PRO K 193 20.86 52.85 -44.46
C PRO K 193 22.33 53.37 -44.46
N GLY K 194 23.22 52.52 -43.96
CA GLY K 194 24.65 52.70 -43.78
C GLY K 194 25.08 54.08 -43.37
N GLY K 195 25.79 54.85 -44.30
CA GLY K 195 26.23 56.15 -43.89
C GLY K 195 27.59 56.11 -43.08
N ILE K 196 28.13 57.28 -42.66
CA ILE K 196 29.26 57.34 -41.77
C ILE K 196 29.09 58.73 -41.24
N ILE K 197 29.90 59.30 -40.32
CA ILE K 197 29.62 60.58 -39.70
C ILE K 197 30.04 61.76 -40.49
N GLU K 198 30.60 61.51 -41.63
CA GLU K 198 30.99 62.63 -42.47
C GLU K 198 29.81 62.81 -43.45
N ASP K 199 28.77 61.91 -43.44
CA ASP K 199 27.59 61.89 -44.30
C ASP K 199 26.46 62.38 -43.49
N SER K 200 26.66 62.77 -42.18
CA SER K 200 25.75 63.35 -41.27
C SER K 200 25.68 64.84 -41.47
N CYS K 201 24.44 65.39 -41.45
CA CYS K 201 24.06 66.72 -41.62
C CYS K 201 23.32 67.04 -40.44
N VAL K 202 23.43 68.31 -40.04
CA VAL K 202 22.53 68.84 -38.97
C VAL K 202 21.33 69.34 -39.71
N LEU K 203 20.17 69.06 -39.14
CA LEU K 203 18.91 69.10 -39.73
C LEU K 203 18.16 69.56 -38.56
N ARG K 204 17.51 70.81 -38.68
CA ARG K 204 16.70 71.39 -37.61
C ARG K 204 15.27 71.36 -38.11
N GLY K 205 15.04 71.02 -39.36
CA GLY K 205 13.79 70.71 -39.85
C GLY K 205 13.45 69.27 -39.93
N VAL K 206 12.68 68.92 -40.90
CA VAL K 206 12.05 67.71 -41.20
C VAL K 206 12.60 67.24 -42.53
N MET K 207 12.64 65.86 -42.66
CA MET K 207 13.11 65.23 -43.85
C MET K 207 12.01 64.31 -44.26
N ILE K 208 11.81 64.15 -45.61
CA ILE K 208 10.85 63.39 -46.30
C ILE K 208 11.72 62.69 -47.22
N ASN K 209 11.48 61.37 -47.19
CA ASN K 209 12.35 60.43 -47.86
C ASN K 209 11.61 59.74 -48.91
N LYS K 210 10.38 60.20 -49.16
CA LYS K 210 9.47 59.67 -50.24
C LYS K 210 8.97 60.89 -51.00
N ASP K 211 9.89 61.91 -51.09
CA ASP K 211 9.78 63.14 -51.81
C ASP K 211 10.45 62.96 -53.18
N VAL K 212 11.70 63.39 -53.34
CA VAL K 212 12.59 63.32 -54.44
C VAL K 212 13.29 62.04 -54.21
N THR K 213 13.04 60.98 -54.98
CA THR K 213 13.51 59.62 -54.94
C THR K 213 14.13 59.36 -56.32
N HIS K 214 14.27 60.45 -57.20
CA HIS K 214 14.70 60.17 -58.61
C HIS K 214 15.38 61.40 -59.11
N PRO K 215 16.12 61.34 -60.19
CA PRO K 215 16.99 62.46 -60.55
C PRO K 215 16.36 63.19 -61.64
N ARG K 216 15.06 63.08 -61.67
CA ARG K 216 14.20 63.77 -62.62
C ARG K 216 12.99 64.22 -61.89
N MET K 217 13.07 64.37 -60.57
CA MET K 217 12.01 64.93 -59.76
C MET K 217 12.78 66.00 -59.03
N ARG K 218 12.10 67.16 -58.67
CA ARG K 218 12.67 68.40 -58.14
C ARG K 218 14.03 68.33 -57.50
N ARG K 219 14.88 69.21 -58.09
CA ARG K 219 16.17 69.44 -57.62
C ARG K 219 16.10 70.31 -56.44
N TYR K 220 16.48 71.61 -56.52
CA TYR K 220 16.59 72.45 -55.32
C TYR K 220 15.72 73.69 -55.58
N ILE K 221 14.67 73.92 -54.73
CA ILE K 221 13.88 75.17 -54.71
C ILE K 221 13.86 75.40 -53.25
N LYS K 222 14.36 76.60 -52.86
CA LYS K 222 14.55 77.03 -51.48
C LYS K 222 13.27 77.03 -50.77
N ASN K 223 12.10 77.49 -51.34
CA ASN K 223 10.88 77.36 -50.71
C ASN K 223 9.84 76.74 -51.63
N PRO K 224 9.30 75.47 -51.43
CA PRO K 224 8.41 74.83 -52.37
C PRO K 224 7.10 75.23 -51.96
N ARG K 225 6.08 74.96 -52.87
CA ARG K 225 4.66 75.05 -52.61
C ARG K 225 4.10 73.72 -52.90
N ILE K 226 3.35 73.19 -51.85
CA ILE K 226 2.77 71.85 -51.86
C ILE K 226 1.33 72.08 -52.11
N VAL K 227 0.84 71.31 -53.05
CA VAL K 227 -0.45 71.42 -53.73
C VAL K 227 -1.25 70.27 -53.24
N LEU K 228 -2.40 70.55 -52.56
CA LEU K 228 -3.30 69.55 -51.98
C LEU K 228 -4.36 69.27 -52.91
N LEU K 229 -4.55 67.96 -53.19
CA LEU K 229 -5.51 67.37 -54.15
C LEU K 229 -6.22 68.39 -55.07
N ASP K 230 -7.56 68.29 -55.17
CA ASP K 230 -8.54 69.34 -55.12
C ASP K 230 -8.90 69.65 -56.56
N SER K 231 -7.92 70.23 -57.31
CA SER K 231 -8.17 70.88 -58.58
C SER K 231 -6.94 70.89 -59.42
N SER K 232 -6.00 69.96 -59.08
CA SER K 232 -4.76 69.81 -59.71
C SER K 232 -4.38 68.40 -59.52
N LEU K 233 -5.20 67.60 -58.75
CA LEU K 233 -5.13 66.18 -58.70
C LEU K 233 -6.58 65.81 -58.58
N GLU K 234 -6.93 64.69 -57.94
CA GLU K 234 -8.31 64.36 -57.68
C GLU K 234 -8.33 63.56 -56.43
N TYR K 235 -9.53 63.29 -55.85
CA TYR K 235 -9.74 62.43 -54.70
C TYR K 235 -9.88 60.96 -55.21
N LYS K 236 -10.30 60.76 -56.45
CA LYS K 236 -10.60 59.43 -56.97
C LYS K 236 -9.37 58.61 -57.10
N LYS K 237 -9.50 57.28 -56.93
CA LYS K 237 -8.48 56.31 -57.15
C LYS K 237 -9.10 54.93 -56.85
N GLY K 238 -9.80 54.39 -57.82
CA GLY K 238 -10.30 53.08 -57.62
C GLY K 238 -10.91 52.56 -58.97
N GLU K 239 -11.38 51.27 -58.94
CA GLU K 239 -11.98 50.50 -59.96
C GLU K 239 -13.49 50.62 -59.82
N SER K 240 -14.17 50.48 -60.98
CA SER K 240 -15.59 50.60 -61.22
C SER K 240 -16.10 49.25 -61.49
N GLN K 241 -17.33 49.05 -60.92
CA GLN K 241 -18.00 47.76 -60.92
C GLN K 241 -19.42 48.08 -61.24
N THR K 242 -19.59 48.92 -62.35
CA THR K 242 -20.84 49.30 -62.89
C THR K 242 -21.67 48.09 -63.36
N ASP K 243 -21.05 47.08 -64.12
CA ASP K 243 -21.64 45.87 -64.55
C ASP K 243 -20.43 44.95 -64.78
N ILE K 244 -20.55 43.67 -64.23
CA ILE K 244 -19.47 42.70 -64.12
C ILE K 244 -20.04 41.37 -64.25
N GLU K 245 -19.22 40.53 -64.93
CA GLU K 245 -19.59 39.16 -65.30
C GLU K 245 -18.30 38.44 -65.23
N ILE K 246 -18.19 37.20 -64.59
CA ILE K 246 -17.10 36.34 -64.73
C ILE K 246 -17.11 35.54 -66.02
N THR K 247 -18.36 35.49 -66.57
CA THR K 247 -18.62 34.80 -67.82
C THR K 247 -17.86 35.56 -68.96
N ARG K 248 -18.01 36.90 -68.92
CA ARG K 248 -17.30 37.72 -69.83
C ARG K 248 -15.75 37.71 -69.68
N GLU K 249 -15.17 37.56 -70.84
CA GLU K 249 -13.83 37.50 -71.08
C GLU K 249 -13.21 38.87 -71.04
N GLU K 250 -13.88 39.84 -71.67
CA GLU K 250 -13.39 41.22 -71.82
C GLU K 250 -13.51 41.94 -70.46
N ASP K 251 -14.26 41.42 -69.53
CA ASP K 251 -14.47 41.91 -68.18
C ASP K 251 -13.13 41.89 -67.40
N PHE K 252 -12.32 40.77 -67.63
CA PHE K 252 -11.07 40.60 -66.86
C PHE K 252 -10.07 41.72 -67.29
N THR K 253 -10.09 42.05 -68.66
CA THR K 253 -9.28 43.13 -69.19
C THR K 253 -9.64 44.53 -68.77
N ARG K 254 -11.02 44.77 -68.69
CA ARG K 254 -11.61 46.05 -68.37
C ARG K 254 -11.30 46.45 -66.93
N ILE K 255 -11.48 45.50 -65.99
CA ILE K 255 -11.39 45.76 -64.61
C ILE K 255 -9.94 46.21 -64.27
N LEU K 256 -8.85 45.62 -64.85
CA LEU K 256 -7.47 45.88 -64.46
C LEU K 256 -6.88 47.10 -65.00
N GLN K 257 -7.35 47.50 -66.21
CA GLN K 257 -6.92 48.77 -66.75
C GLN K 257 -7.60 50.00 -66.08
N MET K 258 -8.77 49.78 -65.44
CA MET K 258 -9.60 50.83 -64.88
C MET K 258 -8.81 51.45 -63.70
N GLU K 259 -7.96 50.64 -62.95
CA GLU K 259 -7.03 51.13 -61.97
C GLU K 259 -5.92 52.02 -62.51
N GLU K 260 -5.39 51.59 -63.69
CA GLU K 260 -4.33 52.26 -64.31
C GLU K 260 -4.73 53.47 -65.01
N GLU K 261 -5.92 53.49 -65.64
CA GLU K 261 -6.50 54.58 -66.37
C GLU K 261 -6.72 55.78 -65.41
N TYR K 262 -7.24 55.51 -64.20
CA TYR K 262 -7.54 56.46 -63.17
C TYR K 262 -6.37 57.21 -62.68
N ILE K 263 -5.28 56.50 -62.51
CA ILE K 263 -3.98 57.03 -62.09
C ILE K 263 -3.41 57.94 -63.09
N GLN K 264 -3.63 57.62 -64.38
CA GLN K 264 -3.14 58.52 -65.50
C GLN K 264 -3.95 59.86 -65.55
N GLN K 265 -5.23 59.86 -65.26
CA GLN K 265 -6.09 61.05 -65.14
C GLN K 265 -5.68 61.95 -64.02
N LEU K 266 -5.21 61.43 -62.92
CA LEU K 266 -4.71 62.21 -61.74
C LEU K 266 -3.43 62.94 -62.17
N CYS K 267 -2.46 62.11 -62.78
CA CYS K 267 -1.13 62.53 -63.09
C CYS K 267 -1.14 63.45 -64.26
N GLU K 268 -2.09 63.40 -65.17
CA GLU K 268 -2.22 64.38 -66.22
C GLU K 268 -2.56 65.83 -65.76
N ASP K 269 -3.32 66.00 -64.67
CA ASP K 269 -3.71 67.26 -64.07
C ASP K 269 -2.53 68.11 -63.59
N ILE K 270 -1.50 67.48 -62.98
CA ILE K 270 -0.29 68.04 -62.39
C ILE K 270 0.54 68.56 -63.55
N ILE K 271 0.51 67.82 -64.67
CA ILE K 271 1.31 68.16 -65.85
C ILE K 271 0.85 69.44 -66.52
N GLN K 272 -0.47 69.59 -66.58
CA GLN K 272 -1.17 70.70 -67.30
C GLN K 272 -1.10 71.99 -66.51
N LEU K 273 -0.95 71.96 -65.17
CA LEU K 273 -1.06 73.13 -64.42
C LEU K 273 0.31 73.58 -63.96
N LYS K 274 1.25 72.65 -63.76
CA LYS K 274 2.57 72.95 -63.19
C LYS K 274 2.55 73.42 -61.76
N PRO K 275 2.32 72.62 -60.72
CA PRO K 275 3.05 72.59 -59.47
C PRO K 275 4.54 72.55 -59.53
N ASP K 276 5.18 72.63 -58.26
CA ASP K 276 6.52 72.06 -58.14
C ASP K 276 6.58 70.96 -57.09
N VAL K 277 5.50 70.87 -56.20
CA VAL K 277 5.32 69.75 -55.34
C VAL K 277 3.86 69.49 -55.18
N VAL K 278 3.57 68.21 -55.20
CA VAL K 278 2.28 67.69 -54.94
C VAL K 278 2.37 66.71 -53.82
N ILE K 279 1.21 66.73 -53.03
CA ILE K 279 1.02 65.91 -51.81
C ILE K 279 -0.22 65.08 -52.04
N THR K 280 -0.10 63.80 -51.63
CA THR K 280 -1.22 62.86 -51.75
C THR K 280 -1.08 62.22 -50.46
N GLU K 281 -2.28 62.14 -49.87
CA GLU K 281 -2.45 61.39 -48.62
C GLU K 281 -2.97 59.98 -48.84
N LYS K 282 -3.54 59.67 -50.02
CA LYS K 282 -3.92 58.35 -50.40
C LYS K 282 -2.72 57.42 -50.55
N GLY K 283 -1.62 57.91 -51.17
CA GLY K 283 -0.41 57.06 -51.30
C GLY K 283 -0.34 56.61 -52.73
N ILE K 284 0.44 57.29 -53.64
CA ILE K 284 0.80 56.72 -54.96
C ILE K 284 1.99 55.84 -54.88
N SER K 285 2.15 55.21 -56.06
CA SER K 285 3.04 54.17 -56.40
C SER K 285 4.15 54.80 -57.20
N ASP K 286 5.08 53.86 -57.48
CA ASP K 286 6.22 54.02 -58.41
C ASP K 286 5.80 54.34 -59.73
N LEU K 287 4.76 53.58 -60.13
CA LEU K 287 4.36 53.60 -61.50
C LEU K 287 3.59 54.84 -61.79
N ALA K 288 2.73 55.34 -60.80
CA ALA K 288 2.01 56.57 -60.80
C ALA K 288 3.01 57.73 -60.77
N GLN K 289 4.08 57.55 -60.03
CA GLN K 289 5.09 58.58 -59.84
C GLN K 289 5.69 59.00 -61.16
N HIS K 290 5.78 58.06 -62.13
CA HIS K 290 6.63 58.15 -63.30
C HIS K 290 6.21 59.29 -64.19
N TYR K 291 4.92 59.41 -64.36
CA TYR K 291 4.25 60.37 -65.17
C TYR K 291 4.45 61.78 -64.67
N LEU K 292 4.66 61.96 -63.35
CA LEU K 292 4.98 63.21 -62.73
C LEU K 292 6.42 63.72 -63.04
N MET K 293 7.40 62.77 -63.16
CA MET K 293 8.73 63.02 -63.38
C MET K 293 9.03 63.65 -64.79
N ARG K 294 8.30 63.32 -65.86
CA ARG K 294 8.56 64.00 -67.09
C ARG K 294 8.24 65.54 -67.00
N ALA K 295 7.23 65.93 -66.16
CA ALA K 295 6.96 67.34 -66.05
C ALA K 295 7.97 68.00 -65.16
N ASN K 296 8.76 67.15 -64.41
CA ASN K 296 9.81 67.47 -63.44
C ASN K 296 9.15 68.00 -62.21
N ILE K 297 8.17 67.23 -61.66
CA ILE K 297 7.47 67.63 -60.46
C ILE K 297 7.63 66.48 -59.41
N THR K 298 8.01 66.87 -58.20
CA THR K 298 8.19 65.83 -57.16
C THR K 298 6.82 65.48 -56.51
N ALA K 299 6.75 64.23 -56.08
CA ALA K 299 5.65 63.74 -55.45
C ALA K 299 6.13 63.43 -54.09
N ILE K 300 5.20 63.66 -53.12
CA ILE K 300 5.29 63.25 -51.71
C ILE K 300 4.09 62.38 -51.62
N ARG K 301 4.23 61.19 -51.06
CA ARG K 301 3.37 60.09 -51.13
C ARG K 301 3.56 59.35 -49.76
N ARG K 302 2.43 58.65 -49.26
CA ARG K 302 2.40 57.83 -48.06
C ARG K 302 2.66 58.63 -46.84
N VAL K 303 1.78 59.60 -46.72
CA VAL K 303 1.86 60.61 -45.69
C VAL K 303 0.52 60.69 -45.01
N ARG K 304 0.34 61.77 -44.20
CA ARG K 304 -0.87 61.93 -43.44
C ARG K 304 -0.95 63.38 -43.25
N LYS K 305 -2.20 63.81 -43.03
CA LYS K 305 -2.70 65.16 -43.11
C LYS K 305 -2.10 66.11 -42.11
N THR K 306 -2.00 65.64 -40.91
CA THR K 306 -1.32 66.35 -39.74
C THR K 306 0.17 66.56 -40.15
N ASP K 307 0.90 65.58 -40.64
CA ASP K 307 2.26 65.85 -41.17
C ASP K 307 2.27 66.88 -42.32
N ASN K 308 1.46 66.88 -43.37
CA ASN K 308 1.50 67.84 -44.46
C ASN K 308 1.15 69.26 -44.10
N ASN K 309 0.36 69.49 -43.04
CA ASN K 309 -0.07 70.81 -42.69
C ASN K 309 1.04 71.41 -41.87
N ARG K 310 1.71 70.77 -40.96
CA ARG K 310 2.85 71.25 -40.19
C ARG K 310 4.08 71.53 -41.04
N ILE K 311 4.30 70.62 -42.04
CA ILE K 311 5.32 70.62 -43.02
C ILE K 311 5.08 71.79 -43.94
N ALA K 312 3.85 72.25 -44.15
CA ALA K 312 3.56 73.39 -45.06
C ALA K 312 4.04 74.62 -44.42
N ARG K 313 3.80 74.85 -43.06
CA ARG K 313 4.43 75.92 -42.28
C ARG K 313 5.91 76.01 -42.33
N ALA K 314 6.58 74.84 -42.29
CA ALA K 314 8.03 74.60 -42.33
C ALA K 314 8.59 74.95 -43.71
N CYS K 315 7.98 74.51 -44.80
CA CYS K 315 8.50 74.61 -46.13
C CYS K 315 8.53 76.05 -46.62
N GLY K 316 7.58 76.88 -46.20
CA GLY K 316 7.58 78.27 -46.49
C GLY K 316 6.41 78.69 -47.36
N ALA K 317 5.38 77.78 -47.45
CA ALA K 317 4.21 78.10 -48.22
C ALA K 317 2.99 77.42 -47.60
N ARG K 318 1.85 78.10 -47.58
CA ARG K 318 0.62 77.53 -47.13
C ARG K 318 -0.09 76.58 -48.14
N ILE K 319 -1.24 75.98 -47.67
CA ILE K 319 -1.99 74.99 -48.38
C ILE K 319 -2.85 75.69 -49.42
N VAL K 320 -2.69 75.32 -50.67
CA VAL K 320 -3.38 75.92 -51.85
C VAL K 320 -3.88 74.77 -52.61
N SER K 321 -5.07 74.93 -53.23
CA SER K 321 -5.73 73.93 -53.95
C SER K 321 -5.04 73.63 -55.26
N ARG K 322 -4.53 74.63 -55.94
CA ARG K 322 -3.93 74.51 -57.25
C ARG K 322 -2.99 75.64 -57.35
N PRO K 323 -2.06 75.67 -58.37
CA PRO K 323 -1.05 76.70 -58.50
C PRO K 323 -1.68 77.97 -59.10
N GLU K 324 -2.98 78.10 -59.26
CA GLU K 324 -3.61 79.27 -59.87
C GLU K 324 -4.51 79.99 -58.81
N GLU K 325 -4.55 79.39 -57.57
CA GLU K 325 -5.15 79.93 -56.44
C GLU K 325 -4.08 80.50 -55.63
N LEU K 326 -3.98 81.83 -55.56
CA LEU K 326 -3.00 82.43 -54.80
C LEU K 326 -3.79 83.47 -54.00
N ARG K 327 -3.69 83.34 -52.63
CA ARG K 327 -4.30 84.33 -51.78
C ARG K 327 -3.39 84.45 -50.65
N GLU K 328 -3.70 85.42 -49.73
CA GLU K 328 -2.95 85.74 -48.46
C GLU K 328 -2.17 84.64 -47.87
N ASP K 329 -0.91 84.95 -47.48
CA ASP K 329 0.10 84.00 -47.09
C ASP K 329 0.01 83.73 -45.59
N ASP K 330 -0.15 82.47 -45.14
CA ASP K 330 -0.10 82.09 -43.77
C ASP K 330 1.34 81.94 -43.28
N VAL K 331 2.26 81.54 -44.21
CA VAL K 331 3.72 81.48 -43.98
C VAL K 331 4.12 81.89 -45.38
N GLY K 332 5.09 82.82 -45.43
CA GLY K 332 5.60 83.32 -46.67
C GLY K 332 7.06 82.89 -46.85
N THR K 333 7.69 82.48 -45.71
CA THR K 333 9.06 82.01 -45.66
C THR K 333 9.06 81.02 -44.56
N GLY K 334 9.96 79.99 -44.60
CA GLY K 334 10.02 79.05 -43.50
C GLY K 334 11.21 78.17 -43.68
N ALA K 335 11.66 77.94 -45.01
CA ALA K 335 12.86 77.09 -45.20
C ALA K 335 14.09 77.90 -45.62
N GLY K 336 15.16 77.58 -44.85
CA GLY K 336 16.43 78.27 -44.95
C GLY K 336 17.37 77.58 -45.97
N LEU K 337 17.19 76.26 -46.21
CA LEU K 337 18.06 75.48 -47.13
C LEU K 337 17.22 74.35 -47.70
N LEU K 338 17.60 73.78 -48.91
CA LEU K 338 17.05 72.56 -49.51
C LEU K 338 18.29 71.87 -49.99
N GLU K 339 18.41 70.60 -49.54
CA GLU K 339 19.63 69.81 -49.72
C GLU K 339 19.12 68.42 -50.08
N ILE K 340 19.87 67.66 -50.97
CA ILE K 340 19.42 66.32 -51.44
C ILE K 340 20.75 65.51 -51.57
N LYS K 341 20.75 64.26 -50.97
CA LYS K 341 21.97 63.41 -50.92
C LYS K 341 21.46 62.07 -51.19
N LYS K 342 22.24 61.30 -51.95
CA LYS K 342 21.74 60.04 -52.54
C LYS K 342 22.58 58.99 -52.00
N ILE K 343 21.87 57.91 -51.53
CA ILE K 343 22.41 56.68 -51.05
C ILE K 343 21.46 55.74 -51.72
N GLY K 344 22.05 54.72 -52.46
CA GLY K 344 21.45 53.86 -53.45
C GLY K 344 20.89 54.79 -54.60
N ASP K 345 19.73 54.34 -55.16
CA ASP K 345 18.91 55.01 -56.14
C ASP K 345 17.78 55.75 -55.53
N GLU K 346 17.82 55.95 -54.18
CA GLU K 346 16.75 56.60 -53.42
C GLU K 346 17.37 57.90 -52.97
N TYR K 347 16.65 59.04 -53.12
CA TYR K 347 17.22 60.34 -52.88
C TYR K 347 16.39 60.69 -51.70
N PHE K 348 16.97 61.51 -50.83
CA PHE K 348 16.44 61.82 -49.53
C PHE K 348 16.49 63.32 -49.53
N THR K 349 15.31 63.93 -49.29
CA THR K 349 15.22 65.36 -49.32
C THR K 349 15.15 65.90 -47.92
N PHE K 350 16.17 66.74 -47.63
CA PHE K 350 16.49 67.41 -46.38
C PHE K 350 16.02 68.78 -46.61
N ILE K 351 15.42 69.39 -45.59
CA ILE K 351 14.89 70.70 -45.77
C ILE K 351 15.04 71.27 -44.40
N THR K 352 15.88 72.33 -44.23
CA THR K 352 16.24 72.89 -42.96
C THR K 352 15.08 73.82 -42.69
N ASP K 353 14.49 73.96 -41.48
CA ASP K 353 13.33 74.79 -41.20
C ASP K 353 13.53 75.38 -39.77
N CYS K 354 13.15 76.66 -39.60
CA CYS K 354 13.35 77.24 -38.33
C CYS K 354 12.05 77.74 -37.82
N LYS K 355 11.62 77.42 -36.58
CA LYS K 355 10.53 78.05 -35.86
C LYS K 355 9.17 77.90 -36.49
N ASP K 356 8.78 76.60 -36.74
CA ASP K 356 7.57 76.12 -37.26
C ASP K 356 7.25 74.83 -36.52
N PRO K 357 6.01 74.39 -36.41
CA PRO K 357 5.68 73.19 -35.68
C PRO K 357 6.37 72.01 -36.32
N LYS K 358 6.34 71.81 -37.65
CA LYS K 358 6.85 70.67 -38.38
C LYS K 358 6.59 69.29 -37.80
N ALA K 359 7.57 68.35 -37.95
CA ALA K 359 7.58 67.03 -37.39
C ALA K 359 8.99 66.83 -36.87
N CYS K 360 9.92 67.67 -37.39
CA CYS K 360 11.34 67.62 -37.11
C CYS K 360 12.05 66.29 -37.09
N THR K 361 12.14 65.60 -38.30
CA THR K 361 12.75 64.32 -38.36
C THR K 361 14.16 64.65 -38.76
N ILE K 362 15.16 64.26 -37.89
CA ILE K 362 16.46 64.70 -38.07
C ILE K 362 17.17 63.49 -38.70
N LEU K 363 18.24 63.75 -39.53
CA LEU K 363 19.10 62.74 -40.13
C LEU K 363 19.95 62.17 -39.07
N LEU K 364 20.37 60.92 -39.26
CA LEU K 364 21.45 60.36 -38.43
C LEU K 364 22.20 59.41 -39.30
N ARG K 365 23.46 59.00 -38.85
CA ARG K 365 24.19 58.04 -39.61
C ARG K 365 25.00 57.33 -38.63
N GLY K 366 24.99 56.06 -38.72
CA GLY K 366 25.72 55.09 -37.93
C GLY K 366 26.91 54.74 -38.71
N ALA K 367 27.73 53.74 -38.25
CA ALA K 367 28.93 53.32 -38.87
C ALA K 367 28.55 52.32 -39.82
N SER K 368 27.39 51.69 -39.68
CA SER K 368 26.90 50.61 -40.50
C SER K 368 25.40 50.71 -40.39
N LYS K 369 24.68 49.75 -41.10
CA LYS K 369 23.21 49.69 -41.04
C LYS K 369 22.71 49.31 -39.66
N GLU K 370 23.49 48.40 -38.95
CA GLU K 370 23.18 47.97 -37.59
C GLU K 370 23.29 49.14 -36.59
N ILE K 371 24.27 50.04 -36.89
CA ILE K 371 24.63 51.08 -35.93
C ILE K 371 23.56 52.26 -35.99
N LEU K 372 22.80 52.44 -37.11
CA LEU K 372 21.74 53.35 -37.22
C LEU K 372 20.75 53.19 -36.08
N SER K 373 20.58 51.92 -35.61
CA SER K 373 19.71 51.62 -34.54
C SER K 373 20.05 52.10 -33.15
N GLU K 374 21.32 51.97 -32.80
CA GLU K 374 21.88 52.40 -31.57
C GLU K 374 22.00 53.89 -31.47
N VAL K 375 22.31 54.55 -32.62
CA VAL K 375 22.42 56.02 -32.79
C VAL K 375 21.01 56.63 -32.56
N GLU K 376 19.95 56.00 -33.12
CA GLU K 376 18.60 56.47 -33.01
C GLU K 376 18.06 56.48 -31.55
N ARG K 377 18.52 55.50 -30.71
CA ARG K 377 18.22 55.41 -29.31
C ARG K 377 18.87 56.57 -28.51
N ASN K 378 20.14 56.97 -28.82
CA ASN K 378 20.90 58.00 -28.17
C ASN K 378 20.20 59.34 -28.46
N LEU K 379 19.78 59.58 -29.74
CA LEU K 379 18.97 60.75 -30.00
C LEU K 379 17.59 60.82 -29.29
N GLN K 380 16.88 59.71 -29.07
CA GLN K 380 15.71 59.79 -28.31
C GLN K 380 15.86 60.35 -26.83
N ASP K 381 17.05 60.05 -26.26
CA ASP K 381 17.51 60.54 -24.97
C ASP K 381 18.00 61.95 -25.04
N ALA K 382 18.58 62.37 -26.18
CA ALA K 382 19.17 63.68 -26.35
C ALA K 382 18.02 64.67 -26.57
N MET K 383 17.05 64.33 -27.37
CA MET K 383 15.96 65.33 -27.71
C MET K 383 15.07 65.59 -26.54
N GLN K 384 15.06 64.64 -25.58
CA GLN K 384 14.47 64.81 -24.30
C GLN K 384 15.00 65.83 -23.46
N VAL K 385 16.33 66.08 -23.49
CA VAL K 385 16.90 67.11 -22.61
C VAL K 385 16.69 68.48 -23.16
N CYS K 386 16.46 68.63 -24.50
CA CYS K 386 16.18 69.81 -25.13
C CYS K 386 14.79 70.30 -24.81
N ARG K 387 13.72 69.41 -24.76
CA ARG K 387 12.38 69.75 -24.37
C ARG K 387 12.36 70.11 -22.90
N ASN K 388 13.20 69.48 -22.03
CA ASN K 388 13.34 69.72 -20.58
C ASN K 388 13.82 71.16 -20.36
N VAL K 389 14.95 71.59 -21.02
CA VAL K 389 15.57 72.85 -20.86
C VAL K 389 14.75 73.94 -21.42
N LEU K 390 14.10 73.69 -22.55
CA LEU K 390 13.23 74.59 -23.25
C LEU K 390 11.97 74.89 -22.49
N LEU K 391 11.43 73.95 -21.74
CA LEU K 391 10.31 74.07 -20.81
C LEU K 391 10.68 74.89 -19.57
N ASP K 392 11.74 74.44 -18.89
CA ASP K 392 12.25 75.00 -17.62
C ASP K 392 13.71 75.11 -17.86
N PRO K 393 14.34 76.32 -17.95
CA PRO K 393 15.74 76.50 -17.80
C PRO K 393 16.24 76.05 -16.41
N GLN K 394 15.42 75.91 -15.42
CA GLN K 394 15.82 75.36 -14.13
C GLN K 394 15.85 73.83 -14.15
N LEU K 395 17.03 73.30 -13.80
CA LEU K 395 17.15 71.90 -13.64
C LEU K 395 18.08 71.56 -12.60
N VAL K 396 17.81 70.39 -11.97
CA VAL K 396 18.66 69.84 -10.88
C VAL K 396 20.08 69.53 -11.26
N PRO K 397 21.13 69.83 -10.41
CA PRO K 397 22.42 69.26 -10.57
C PRO K 397 22.50 67.89 -9.92
N GLY K 398 21.51 66.96 -10.11
CA GLY K 398 21.50 65.71 -9.38
C GLY K 398 22.51 64.74 -9.93
N GLY K 399 22.37 63.51 -9.50
CA GLY K 399 23.13 62.43 -9.94
C GLY K 399 22.90 61.36 -8.96
N GLY K 400 21.65 61.15 -8.52
CA GLY K 400 21.36 60.19 -7.48
C GLY K 400 21.47 60.90 -6.16
N ALA K 401 22.06 62.12 -6.21
CA ALA K 401 22.11 63.11 -5.24
C ALA K 401 20.70 63.58 -4.99
N SER K 402 19.91 63.60 -6.12
CA SER K 402 18.55 64.08 -6.15
C SER K 402 17.59 63.22 -5.36
N GLU K 403 17.63 61.85 -5.39
CA GLU K 403 16.74 61.02 -4.66
C GLU K 403 16.98 61.15 -3.22
N MET K 404 18.25 61.28 -2.98
CA MET K 404 18.82 61.36 -1.64
C MET K 404 18.38 62.64 -0.96
N ALA K 405 18.36 63.69 -1.80
CA ALA K 405 18.07 65.13 -1.36
C ALA K 405 16.70 65.25 -0.79
N VAL K 406 15.68 64.67 -1.44
CA VAL K 406 14.37 64.60 -1.01
C VAL K 406 14.15 63.70 0.24
N ALA K 407 14.85 62.58 0.30
CA ALA K 407 14.74 61.54 1.36
C ALA K 407 15.07 62.13 2.71
N HIS K 408 16.19 62.94 2.81
CA HIS K 408 16.63 63.57 3.98
C HIS K 408 15.73 64.78 4.30
N ALA K 409 15.21 65.42 3.20
CA ALA K 409 14.38 66.56 3.39
C ALA K 409 13.18 66.32 4.19
N LEU K 410 12.59 65.04 3.94
CA LEU K 410 11.28 64.62 4.50
C LEU K 410 11.49 64.27 6.01
N THR K 411 12.65 63.63 6.41
CA THR K 411 12.98 63.23 7.70
C THR K 411 13.04 64.41 8.69
N GLU K 412 13.52 65.52 8.20
CA GLU K 412 13.66 66.74 8.91
C GLU K 412 12.27 67.30 9.30
N LYS K 413 11.40 67.31 8.27
CA LYS K 413 9.98 67.82 8.37
C LYS K 413 9.06 66.95 9.29
N SER K 414 9.25 65.63 9.33
CA SER K 414 8.41 64.69 10.06
C SER K 414 8.55 65.03 11.55
N LYS K 415 9.81 65.37 12.01
CA LYS K 415 10.23 65.62 13.32
C LYS K 415 9.61 66.91 13.73
N ALA K 416 9.68 68.00 12.87
CA ALA K 416 9.19 69.35 13.17
C ALA K 416 7.73 69.42 13.35
N MET K 417 6.97 68.80 12.41
CA MET K 417 5.55 68.97 12.38
C MET K 417 4.86 68.29 13.51
N THR K 418 5.28 67.10 13.86
CA THR K 418 4.74 66.25 14.86
C THR K 418 3.38 65.82 14.25
N GLY K 419 2.40 65.38 15.06
CA GLY K 419 1.00 65.16 14.56
C GLY K 419 0.99 63.78 14.09
N VAL K 420 -0.20 63.28 13.70
CA VAL K 420 -0.54 61.87 13.49
C VAL K 420 0.06 61.40 12.14
N GLU K 421 0.30 62.37 11.28
CA GLU K 421 0.96 62.27 10.03
C GLU K 421 2.46 61.80 10.08
N GLN K 422 3.19 62.10 11.23
CA GLN K 422 4.61 61.93 11.26
C GLN K 422 5.15 60.59 11.05
N TRP K 423 4.49 59.49 11.59
CA TRP K 423 4.91 58.06 11.39
C TRP K 423 4.71 57.59 9.86
N PRO K 424 3.63 57.80 9.15
CA PRO K 424 3.50 57.32 7.72
C PRO K 424 4.46 58.16 6.86
N TYR K 425 4.68 59.43 7.19
CA TYR K 425 5.52 60.37 6.43
C TYR K 425 7.05 60.04 6.51
N ARG K 426 7.49 59.54 7.69
CA ARG K 426 8.79 59.06 8.08
C ARG K 426 8.90 57.73 7.34
N ALA K 427 7.75 56.97 7.12
CA ALA K 427 7.96 55.64 6.47
C ALA K 427 8.39 55.78 5.04
N VAL K 428 7.84 56.74 4.27
CA VAL K 428 8.05 56.98 2.87
C VAL K 428 9.38 57.64 2.69
N ALA K 429 9.89 58.38 3.69
CA ALA K 429 11.16 59.13 3.68
C ALA K 429 12.33 58.17 3.38
N GLN K 430 12.29 57.04 4.04
CA GLN K 430 13.22 55.95 4.04
C GLN K 430 13.26 55.12 2.79
N ALA K 431 12.13 54.94 2.05
CA ALA K 431 11.88 54.20 0.81
C ALA K 431 12.60 54.78 -0.33
N LEU K 432 12.63 56.11 -0.34
CA LEU K 432 13.34 56.89 -1.26
C LEU K 432 14.88 56.71 -1.08
N GLU K 433 15.31 56.55 0.15
CA GLU K 433 16.73 56.37 0.46
C GLU K 433 17.39 55.05 0.15
N VAL K 434 16.55 53.98 -0.10
CA VAL K 434 17.04 52.66 -0.45
C VAL K 434 17.77 52.63 -1.73
N ILE K 435 17.25 53.38 -2.69
CA ILE K 435 17.70 53.57 -4.09
C ILE K 435 19.10 54.15 -4.27
N PRO K 436 19.52 55.25 -3.68
CA PRO K 436 20.87 55.84 -3.91
C PRO K 436 21.86 54.97 -3.16
N ARG K 437 21.45 54.23 -2.09
CA ARG K 437 22.28 53.31 -1.38
C ARG K 437 22.86 52.12 -2.22
N THR K 438 22.05 51.63 -3.20
CA THR K 438 22.32 50.56 -4.12
C THR K 438 23.38 51.01 -5.14
N LEU K 439 23.47 52.33 -5.38
CA LEU K 439 24.40 52.85 -6.32
C LEU K 439 25.80 52.71 -5.73
N ILE K 440 25.93 52.93 -4.34
CA ILE K 440 27.13 52.81 -3.56
C ILE K 440 27.59 51.31 -3.39
N GLN K 441 26.62 50.37 -3.44
CA GLN K 441 26.81 48.90 -3.42
C GLN K 441 27.69 48.47 -4.51
N ASN K 442 27.52 49.01 -5.75
CA ASN K 442 28.41 48.70 -6.91
C ASN K 442 29.86 49.16 -6.72
N CYS K 443 30.02 50.33 -6.12
CA CYS K 443 31.33 51.01 -5.75
C CYS K 443 32.11 50.31 -4.70
N GLY K 444 31.49 49.78 -3.56
CA GLY K 444 32.16 49.00 -2.50
C GLY K 444 31.82 49.54 -1.16
N ALA K 445 32.53 48.92 -0.19
CA ALA K 445 32.45 49.16 1.24
C ALA K 445 31.03 49.12 1.75
N SER K 446 30.86 49.43 3.10
CA SER K 446 29.67 49.55 3.86
C SER K 446 28.89 50.77 3.38
N THR K 447 27.79 50.47 2.67
CA THR K 447 27.01 51.40 1.93
C THR K 447 26.45 52.39 2.86
N ILE K 448 25.96 51.95 4.08
CA ILE K 448 25.16 52.73 4.96
C ILE K 448 26.08 53.81 5.57
N ARG K 449 27.44 53.49 5.84
CA ARG K 449 28.36 54.44 6.44
C ARG K 449 28.63 55.64 5.59
N LEU K 450 28.82 55.41 4.30
CA LEU K 450 28.94 56.39 3.25
C LEU K 450 27.74 57.30 3.10
N LEU K 451 26.51 56.74 3.16
CA LEU K 451 25.18 57.33 3.13
C LEU K 451 25.02 58.26 4.28
N THR K 452 25.60 57.91 5.46
CA THR K 452 25.56 58.81 6.65
C THR K 452 26.27 60.11 6.44
N SER K 453 27.39 60.03 5.72
CA SER K 453 28.16 61.29 5.42
C SER K 453 27.37 62.23 4.55
N LEU K 454 26.47 61.67 3.69
CA LEU K 454 25.52 62.39 2.84
C LEU K 454 24.49 63.05 3.63
N ARG K 455 23.99 62.35 4.71
CA ARG K 455 22.97 62.85 5.60
C ARG K 455 23.42 64.10 6.32
N ALA K 456 24.64 64.18 6.81
CA ALA K 456 25.29 65.24 7.55
C ALA K 456 25.58 66.33 6.62
N LYS K 457 25.92 65.96 5.33
CA LYS K 457 26.29 66.90 4.29
C LYS K 457 25.12 67.70 3.82
N HIS K 458 23.86 67.15 3.90
CA HIS K 458 22.64 67.77 3.38
C HIS K 458 22.26 68.99 4.21
N THR K 459 22.24 68.89 5.53
CA THR K 459 21.90 70.00 6.38
C THR K 459 23.00 71.00 6.32
N GLN K 460 24.30 70.55 6.39
CA GLN K 460 25.50 71.39 6.54
C GLN K 460 25.95 72.15 5.32
N GLU K 461 26.08 71.59 4.12
CA GLU K 461 26.67 72.15 2.95
C GLU K 461 25.45 72.34 2.10
N ASN K 462 25.19 71.24 1.30
CA ASN K 462 24.19 71.46 0.27
C ASN K 462 23.46 70.12 0.18
N CYS K 463 22.18 70.17 -0.37
CA CYS K 463 21.30 69.03 -0.60
C CYS K 463 21.79 68.22 -1.65
N GLU K 464 22.16 68.88 -2.83
CA GLU K 464 22.48 68.09 -4.00
C GLU K 464 23.26 68.90 -4.99
N THR K 465 23.75 70.13 -4.63
CA THR K 465 24.68 70.82 -5.54
C THR K 465 26.01 70.12 -5.28
N TRP K 466 26.29 69.98 -3.95
CA TRP K 466 27.24 69.03 -3.43
C TRP K 466 26.30 67.92 -3.07
N GLY K 467 26.45 66.76 -3.82
CA GLY K 467 25.70 65.59 -3.63
C GLY K 467 26.64 64.42 -3.69
N VAL K 468 26.08 63.25 -4.04
CA VAL K 468 26.75 61.99 -4.20
C VAL K 468 26.63 61.50 -5.64
N ASN K 469 27.64 60.78 -6.19
CA ASN K 469 27.60 60.24 -7.52
C ASN K 469 27.67 58.78 -7.34
N GLY K 470 26.95 57.99 -8.17
CA GLY K 470 27.02 56.60 -7.91
C GLY K 470 28.25 55.85 -8.42
N GLU K 471 29.24 56.52 -9.02
CA GLU K 471 30.38 55.92 -9.63
C GLU K 471 31.59 55.99 -8.76
N THR K 472 31.54 56.82 -7.74
CA THR K 472 32.56 57.16 -6.77
C THR K 472 32.03 56.61 -5.47
N GLY K 473 30.66 56.67 -5.23
CA GLY K 473 29.98 56.27 -4.09
C GLY K 473 30.33 57.08 -2.85
N THR K 474 30.86 58.28 -3.09
CA THR K 474 31.29 59.19 -2.17
C THR K 474 30.74 60.48 -2.72
N LEU K 475 30.79 61.55 -1.87
CA LEU K 475 30.39 62.92 -2.06
C LEU K 475 31.37 63.56 -2.97
N VAL K 476 30.85 64.33 -3.96
CA VAL K 476 31.52 64.96 -5.03
C VAL K 476 30.64 66.08 -5.23
N ASP K 477 31.28 67.25 -5.53
CA ASP K 477 30.53 68.41 -5.88
C ASP K 477 30.05 68.12 -7.28
N MET K 478 28.75 67.98 -7.34
CA MET K 478 27.98 67.51 -8.48
C MET K 478 27.88 68.50 -9.60
N LYS K 479 27.92 69.75 -9.24
CA LYS K 479 28.05 70.82 -10.20
C LYS K 479 29.35 70.89 -10.88
N GLU K 480 30.52 70.81 -10.13
CA GLU K 480 31.80 70.72 -10.78
C GLU K 480 31.98 69.50 -11.68
N LEU K 481 31.48 68.31 -11.27
CA LEU K 481 31.49 67.03 -11.90
C LEU K 481 30.72 67.07 -13.24
N GLY K 482 29.61 67.83 -13.35
CA GLY K 482 29.01 68.10 -14.64
C GLY K 482 28.09 66.97 -14.99
N ILE K 483 27.64 66.29 -13.89
CA ILE K 483 26.57 65.36 -13.89
C ILE K 483 25.30 65.91 -13.33
N TRP K 484 24.33 66.09 -14.32
CA TRP K 484 23.16 66.74 -14.01
C TRP K 484 22.06 65.91 -14.49
N GLU K 485 21.02 65.75 -13.61
CA GLU K 485 19.83 64.93 -14.02
C GLU K 485 18.76 65.83 -14.55
N PRO K 486 18.07 65.47 -15.63
CA PRO K 486 17.06 66.24 -16.22
C PRO K 486 15.87 66.45 -15.32
N LEU K 487 15.47 67.72 -15.01
CA LEU K 487 14.38 67.92 -14.04
C LEU K 487 13.07 67.27 -14.52
N ALA K 488 12.82 67.27 -15.87
CA ALA K 488 11.52 66.88 -16.36
C ALA K 488 11.25 65.40 -16.11
N VAL K 489 12.31 64.56 -16.28
CA VAL K 489 12.22 63.17 -15.98
C VAL K 489 11.93 62.90 -14.52
N LYS K 490 12.64 63.64 -13.58
CA LYS K 490 12.51 63.40 -12.17
C LYS K 490 11.12 63.84 -11.67
N LEU K 491 10.48 64.89 -12.25
CA LEU K 491 9.21 65.45 -11.80
C LEU K 491 8.04 64.41 -12.03
N GLN K 492 8.02 63.82 -13.20
CA GLN K 492 6.97 62.94 -13.72
C GLN K 492 6.99 61.52 -13.21
N THR K 493 8.22 61.00 -13.00
CA THR K 493 8.57 59.67 -12.59
C THR K 493 8.00 59.53 -11.13
N TYR K 494 8.20 60.67 -10.32
CA TYR K 494 7.89 60.73 -8.94
C TYR K 494 6.39 60.92 -8.80
N LYS K 495 5.71 61.58 -9.79
CA LYS K 495 4.26 61.78 -9.73
C LYS K 495 3.51 60.53 -9.95
N THR K 496 3.94 59.73 -11.03
CA THR K 496 3.25 58.50 -11.41
C THR K 496 3.44 57.33 -10.33
N ALA K 497 4.70 57.35 -9.75
CA ALA K 497 5.08 56.27 -8.83
C ALA K 497 4.21 56.24 -7.59
N VAL K 498 3.88 57.42 -7.01
CA VAL K 498 3.01 57.54 -5.88
C VAL K 498 1.61 57.05 -6.12
N GLU K 499 1.10 57.33 -7.31
CA GLU K 499 -0.17 56.95 -7.76
C GLU K 499 -0.32 55.43 -8.01
N THR K 500 0.64 54.70 -8.52
CA THR K 500 0.62 53.32 -8.87
C THR K 500 0.73 52.53 -7.51
N ALA K 501 1.54 53.05 -6.56
CA ALA K 501 1.69 52.47 -5.25
C ALA K 501 0.46 52.68 -4.43
N VAL K 502 -0.24 53.86 -4.61
CA VAL K 502 -1.45 54.31 -3.98
C VAL K 502 -2.67 53.43 -4.53
N LEU K 503 -2.68 53.10 -5.83
CA LEU K 503 -3.72 52.27 -6.47
C LEU K 503 -3.73 50.90 -5.79
N LEU K 504 -2.56 50.31 -5.52
CA LEU K 504 -2.46 48.93 -5.05
C LEU K 504 -2.86 48.84 -3.64
N LEU K 505 -2.59 49.90 -2.83
CA LEU K 505 -3.02 49.96 -1.50
C LEU K 505 -4.45 49.96 -1.37
N ARG K 506 -5.20 50.65 -2.33
CA ARG K 506 -6.63 50.78 -2.40
C ARG K 506 -7.23 49.40 -2.72
N ILE K 507 -6.60 48.59 -3.58
CA ILE K 507 -7.14 47.29 -3.95
C ILE K 507 -7.00 46.31 -2.83
N ASP K 508 -8.15 45.61 -2.58
CA ASP K 508 -8.23 44.51 -1.62
C ASP K 508 -9.23 43.47 -2.09
N ASP K 509 -9.30 43.33 -3.46
CA ASP K 509 -10.03 42.25 -4.13
C ASP K 509 -9.26 42.05 -5.38
N ILE K 510 -9.00 40.80 -5.71
CA ILE K 510 -8.59 40.37 -7.05
C ILE K 510 -9.56 39.26 -7.43
N VAL K 511 -10.38 39.45 -8.54
CA VAL K 511 -11.30 38.41 -9.00
C VAL K 511 -10.62 38.11 -10.27
N SER K 512 -11.06 37.04 -10.92
CA SER K 512 -10.45 36.52 -12.12
C SER K 512 -11.55 36.48 -13.18
N GLY K 513 -12.66 37.23 -12.97
CA GLY K 513 -13.72 37.33 -13.94
C GLY K 513 -14.21 38.71 -14.04
N ARG L 2 -39.52 -12.29 -1.40
CA ARG L 2 -38.02 -12.48 -1.24
C ARG L 2 -37.45 -11.25 -0.58
N ASP L 3 -36.19 -10.86 -0.94
CA ASP L 3 -35.63 -9.70 -0.41
C ASP L 3 -35.92 -8.51 -1.36
N LYS L 4 -36.27 -8.79 -2.69
CA LYS L 4 -36.70 -7.82 -3.74
C LYS L 4 -37.98 -7.09 -3.29
N PRO L 5 -39.10 -7.71 -2.71
CA PRO L 5 -40.13 -6.86 -2.25
C PRO L 5 -39.94 -5.99 -1.07
N ALA L 6 -39.08 -6.42 -0.13
CA ALA L 6 -38.88 -5.60 1.08
C ALA L 6 -38.08 -4.42 0.66
N GLN L 7 -36.96 -4.58 -0.02
CA GLN L 7 -36.16 -3.39 -0.23
C GLN L 7 -36.72 -2.42 -1.19
N ILE L 8 -37.48 -2.81 -2.21
CA ILE L 8 -38.02 -1.83 -3.09
C ILE L 8 -38.99 -0.92 -2.36
N ARG L 9 -39.91 -1.45 -1.49
CA ARG L 9 -40.94 -0.59 -0.95
C ARG L 9 -40.38 0.51 -0.07
N PHE L 10 -39.36 0.19 0.71
CA PHE L 10 -38.71 1.08 1.68
C PHE L 10 -38.00 2.23 0.98
N SER L 11 -37.21 1.97 -0.16
CA SER L 11 -36.53 2.97 -0.92
C SER L 11 -37.45 3.82 -1.72
N ASN L 12 -38.52 3.32 -2.38
CA ASN L 12 -39.34 4.11 -3.19
C ASN L 12 -40.13 5.12 -2.45
N ILE L 13 -40.58 4.64 -1.28
CA ILE L 13 -41.18 5.48 -0.29
C ILE L 13 -40.23 6.52 0.32
N SER L 14 -38.93 6.16 0.63
CA SER L 14 -37.92 7.05 1.05
C SER L 14 -37.73 8.15 -0.05
N ALA L 15 -37.56 7.72 -1.35
CA ALA L 15 -37.12 8.52 -2.44
C ALA L 15 -38.22 9.55 -2.82
N ALA L 16 -39.56 9.24 -2.89
CA ALA L 16 -40.61 10.27 -3.17
C ALA L 16 -40.77 11.24 -2.05
N LYS L 17 -40.75 10.66 -0.78
CA LYS L 17 -41.00 11.36 0.38
C LYS L 17 -40.05 12.47 0.75
N ALA L 18 -38.73 12.20 0.50
CA ALA L 18 -37.55 13.05 0.63
C ALA L 18 -37.59 14.20 -0.32
N VAL L 19 -38.11 13.99 -1.56
CA VAL L 19 -38.32 15.03 -2.54
C VAL L 19 -39.49 15.84 -2.22
N ALA L 20 -40.56 15.21 -1.62
CA ALA L 20 -41.80 15.81 -1.14
C ALA L 20 -41.50 16.67 0.04
N ASP L 21 -40.45 16.28 0.94
CA ASP L 21 -39.95 17.13 2.05
C ASP L 21 -39.38 18.45 1.56
N ALA L 22 -38.62 18.43 0.49
CA ALA L 22 -37.98 19.56 -0.18
C ALA L 22 -38.97 20.48 -0.81
N ILE L 23 -39.91 19.86 -1.53
CA ILE L 23 -41.01 20.43 -2.19
C ILE L 23 -41.98 21.11 -1.28
N ARG L 24 -42.29 20.58 -0.10
CA ARG L 24 -43.07 21.15 0.92
C ARG L 24 -42.34 22.35 1.46
N THR L 25 -42.52 23.50 0.83
CA THR L 25 -42.09 24.82 1.32
C THR L 25 -43.23 25.81 0.96
N SER L 26 -44.36 25.26 0.44
CA SER L 26 -45.51 25.84 -0.13
C SER L 26 -46.17 26.93 0.71
N LEU L 27 -47.00 27.83 0.06
CA LEU L 27 -47.77 28.90 0.58
C LEU L 27 -46.86 30.01 1.06
N GLY L 28 -46.96 31.22 0.53
CA GLY L 28 -46.22 32.30 1.10
C GLY L 28 -44.70 32.25 0.85
N PRO L 29 -43.93 33.14 1.41
CA PRO L 29 -42.56 33.23 1.10
C PRO L 29 -41.78 32.35 2.06
N LYS L 30 -41.15 31.26 1.58
CA LYS L 30 -40.45 30.26 2.38
C LYS L 30 -39.44 29.56 1.41
N GLY L 31 -38.38 28.99 1.93
CA GLY L 31 -37.24 28.32 1.31
C GLY L 31 -36.41 29.40 0.62
N MET L 32 -35.42 28.91 -0.17
CA MET L 32 -34.46 29.81 -0.78
C MET L 32 -34.50 29.38 -2.21
N ASP L 33 -34.47 30.40 -3.16
CA ASP L 33 -34.59 30.31 -4.62
C ASP L 33 -33.70 29.29 -5.22
N LYS L 34 -34.13 28.83 -6.43
CA LYS L 34 -33.26 27.98 -7.27
C LYS L 34 -32.96 28.56 -8.61
N MET L 35 -31.64 28.58 -8.93
CA MET L 35 -31.01 28.88 -10.26
C MET L 35 -30.44 27.54 -10.48
N ILE L 36 -30.67 26.90 -11.64
CA ILE L 36 -30.54 25.43 -11.71
C ILE L 36 -29.62 25.13 -12.79
N GLN L 37 -28.54 24.40 -12.56
CA GLN L 37 -27.58 23.96 -13.56
C GLN L 37 -28.10 22.58 -13.85
N ASP L 38 -28.40 22.32 -15.17
CA ASP L 38 -29.15 21.17 -15.57
C ASP L 38 -28.16 20.13 -15.85
N GLY L 39 -28.73 18.97 -16.06
CA GLY L 39 -28.00 17.81 -16.45
C GLY L 39 -27.64 17.80 -17.89
N LYS L 40 -28.04 18.88 -18.64
CA LYS L 40 -27.77 19.17 -20.00
C LYS L 40 -27.14 20.53 -20.21
N GLY L 41 -26.84 21.22 -19.12
CA GLY L 41 -25.98 22.35 -19.16
C GLY L 41 -26.66 23.63 -19.47
N ASP L 42 -27.99 23.70 -19.16
CA ASP L 42 -28.74 24.97 -19.43
C ASP L 42 -29.06 25.73 -18.18
N VAL L 43 -29.31 27.07 -18.23
CA VAL L 43 -29.58 27.86 -17.01
C VAL L 43 -31.07 27.97 -17.06
N THR L 44 -31.73 27.59 -15.92
CA THR L 44 -33.16 27.64 -15.72
C THR L 44 -33.39 28.22 -14.35
N ILE L 45 -34.42 29.14 -14.24
CA ILE L 45 -34.82 29.83 -13.02
C ILE L 45 -36.25 29.49 -12.72
N THR L 46 -36.62 29.13 -11.49
CA THR L 46 -38.03 28.69 -11.24
C THR L 46 -38.50 29.39 -9.94
N ASN L 47 -39.82 29.58 -9.92
CA ASN L 47 -40.63 30.09 -8.88
C ASN L 47 -41.96 29.51 -9.17
N ASP L 48 -42.78 29.47 -8.06
CA ASP L 48 -44.09 28.94 -7.92
C ASP L 48 -44.11 27.45 -7.87
N GLY L 49 -44.80 26.88 -6.89
CA GLY L 49 -44.86 25.48 -6.64
C GLY L 49 -45.59 24.71 -7.70
N ALA L 50 -46.66 25.26 -8.27
CA ALA L 50 -47.55 24.65 -9.22
C ALA L 50 -46.86 24.51 -10.47
N THR L 51 -46.23 25.68 -10.91
CA THR L 51 -45.59 25.62 -12.23
C THR L 51 -44.42 24.57 -12.30
N ILE L 52 -43.70 24.44 -11.15
CA ILE L 52 -42.58 23.50 -11.00
C ILE L 52 -42.98 22.10 -11.11
N LEU L 53 -44.06 21.69 -10.44
CA LEU L 53 -44.46 20.31 -10.37
C LEU L 53 -44.90 19.65 -11.64
N LYS L 54 -45.56 20.41 -12.52
CA LYS L 54 -45.93 20.02 -13.82
C LYS L 54 -44.77 19.86 -14.73
N GLN L 55 -43.75 20.75 -14.53
CA GLN L 55 -42.55 20.83 -15.33
C GLN L 55 -41.53 19.73 -14.94
N MET L 56 -41.44 19.44 -13.66
CA MET L 56 -40.48 18.48 -13.05
C MET L 56 -40.11 17.25 -13.87
N GLN L 57 -38.80 16.96 -14.11
CA GLN L 57 -38.36 15.96 -15.01
C GLN L 57 -37.58 14.95 -14.20
N VAL L 58 -38.27 13.77 -13.99
CA VAL L 58 -37.69 12.75 -13.13
C VAL L 58 -37.72 11.48 -13.87
N LEU L 59 -36.89 10.50 -13.32
CA LEU L 59 -36.78 9.15 -13.89
C LEU L 59 -36.86 8.10 -12.86
N HIS L 60 -37.19 8.50 -11.64
CA HIS L 60 -37.42 7.53 -10.48
C HIS L 60 -38.93 7.18 -10.53
N PRO L 61 -39.32 5.92 -10.73
CA PRO L 61 -40.77 5.60 -11.02
C PRO L 61 -41.72 6.09 -10.01
N ALA L 62 -41.24 6.12 -8.71
CA ALA L 62 -42.11 6.53 -7.60
C ALA L 62 -42.33 8.00 -7.64
N ALA L 63 -41.25 8.79 -7.92
CA ALA L 63 -41.38 10.30 -8.06
C ALA L 63 -42.19 10.88 -9.26
N ARG L 64 -42.26 10.14 -10.44
CA ARG L 64 -43.07 10.50 -11.55
C ARG L 64 -44.57 10.68 -11.17
N MET L 65 -44.95 9.90 -10.08
CA MET L 65 -46.36 9.96 -9.64
C MET L 65 -46.73 11.36 -9.26
N LEU L 66 -45.83 12.09 -8.62
CA LEU L 66 -45.96 13.49 -8.25
C LEU L 66 -46.14 14.47 -9.32
N VAL L 67 -45.55 14.21 -10.48
CA VAL L 67 -45.66 15.10 -11.60
C VAL L 67 -47.09 15.10 -12.12
N GLU L 68 -47.60 13.90 -12.37
CA GLU L 68 -48.88 13.66 -13.03
C GLU L 68 -50.02 13.88 -12.09
N LEU L 69 -49.86 13.82 -10.79
CA LEU L 69 -50.88 14.02 -9.79
C LEU L 69 -51.42 15.40 -9.87
N SER L 70 -50.52 16.39 -10.21
CA SER L 70 -50.74 17.83 -10.25
C SER L 70 -51.64 18.12 -11.45
N LYS L 71 -51.39 17.31 -12.55
CA LYS L 71 -52.05 17.60 -13.83
C LYS L 71 -53.47 17.23 -13.78
N ALA L 72 -53.85 16.06 -13.19
CA ALA L 72 -55.25 15.59 -13.00
C ALA L 72 -55.98 16.57 -12.17
N GLN L 73 -55.40 17.10 -11.13
CA GLN L 73 -56.01 18.05 -10.24
C GLN L 73 -56.44 19.28 -10.94
N ASP L 74 -55.50 19.78 -11.87
CA ASP L 74 -55.84 20.99 -12.64
C ASP L 74 -57.13 20.80 -13.47
N ILE L 75 -57.25 19.60 -14.15
CA ILE L 75 -58.36 19.25 -15.04
C ILE L 75 -59.70 19.18 -14.35
N GLU L 76 -59.82 18.55 -13.13
CA GLU L 76 -61.05 18.50 -12.31
C GLU L 76 -61.31 19.70 -11.55
N ALA L 77 -60.32 20.23 -10.71
CA ALA L 77 -60.48 21.40 -9.84
C ALA L 77 -60.01 22.65 -10.61
N GLY L 78 -58.68 22.69 -10.87
CA GLY L 78 -57.87 23.80 -11.44
C GLY L 78 -57.44 24.64 -10.28
N ASP L 79 -57.47 24.06 -9.08
CA ASP L 79 -57.24 24.68 -7.82
C ASP L 79 -56.59 23.55 -7.08
N GLY L 80 -55.81 23.94 -6.10
CA GLY L 80 -55.14 22.98 -5.28
C GLY L 80 -54.04 22.04 -5.93
N THR L 81 -53.34 22.47 -6.97
CA THR L 81 -52.38 21.75 -7.82
C THR L 81 -51.11 21.45 -7.16
N THR L 82 -50.65 22.37 -6.27
CA THR L 82 -49.53 22.12 -5.41
C THR L 82 -49.98 21.36 -4.14
N SER L 83 -51.20 21.70 -3.70
CA SER L 83 -51.76 21.15 -2.47
C SER L 83 -51.87 19.62 -2.36
N VAL L 84 -52.20 19.04 -3.48
CA VAL L 84 -52.54 17.62 -3.66
C VAL L 84 -51.34 16.76 -3.56
N VAL L 85 -50.19 17.25 -4.01
CA VAL L 85 -48.88 16.63 -3.82
C VAL L 85 -48.36 16.61 -2.39
N ILE L 86 -48.46 17.74 -1.68
CA ILE L 86 -47.97 17.82 -0.34
C ILE L 86 -48.74 16.91 0.53
N ILE L 87 -50.06 16.77 0.43
CA ILE L 87 -50.81 15.94 1.31
C ILE L 87 -50.57 14.46 0.99
N ALA L 88 -50.24 14.15 -0.29
CA ALA L 88 -49.87 12.82 -0.73
C ALA L 88 -48.59 12.42 -0.02
N GLY L 89 -47.58 13.33 0.19
CA GLY L 89 -46.38 13.05 0.91
C GLY L 89 -46.67 12.64 2.37
N SER L 90 -47.79 13.19 2.98
CA SER L 90 -48.25 12.78 4.31
C SER L 90 -48.61 11.33 4.39
N LEU L 91 -49.28 10.87 3.30
CA LEU L 91 -49.76 9.44 3.30
C LEU L 91 -48.59 8.47 3.26
N LEU L 92 -47.45 8.84 2.53
CA LEU L 92 -46.22 8.14 2.41
C LEU L 92 -45.59 8.01 3.81
N ASP L 93 -45.66 9.08 4.64
CA ASP L 93 -45.13 9.12 6.01
C ASP L 93 -45.76 8.16 6.94
N SER L 94 -47.03 7.92 6.68
CA SER L 94 -47.81 6.91 7.33
C SER L 94 -47.32 5.45 6.99
N CYS L 95 -47.10 5.12 5.70
CA CYS L 95 -46.71 3.87 5.25
C CYS L 95 -45.47 3.19 5.85
N THR L 96 -44.37 3.91 6.19
CA THR L 96 -43.19 3.35 6.86
C THR L 96 -43.40 2.88 8.26
N LYS L 97 -44.24 3.66 9.03
CA LYS L 97 -44.28 3.49 10.49
C LYS L 97 -45.04 2.19 10.70
N LEU L 98 -46.06 1.89 9.78
CA LEU L 98 -46.95 0.76 9.83
C LEU L 98 -46.24 -0.51 9.42
N LEU L 99 -45.27 -0.47 8.43
CA LEU L 99 -44.42 -1.59 8.02
C LEU L 99 -43.63 -2.10 9.18
N GLN L 100 -43.10 -1.22 10.08
CA GLN L 100 -42.39 -1.59 11.24
C GLN L 100 -43.30 -2.26 12.26
N LYS L 101 -44.55 -1.82 12.36
CA LYS L 101 -45.47 -2.44 13.22
C LYS L 101 -45.90 -3.85 12.82
N GLY L 102 -45.92 -4.14 11.51
CA GLY L 102 -46.07 -5.52 11.06
C GLY L 102 -47.48 -5.57 10.45
N ILE L 103 -47.91 -4.43 9.92
CA ILE L 103 -49.14 -4.35 9.23
C ILE L 103 -48.65 -4.44 7.86
N HIS L 104 -49.16 -5.46 7.10
CA HIS L 104 -48.89 -5.78 5.76
C HIS L 104 -49.34 -4.73 4.76
N PRO L 105 -48.70 -4.53 3.62
CA PRO L 105 -48.88 -3.54 2.57
C PRO L 105 -50.24 -3.57 1.91
N THR L 106 -50.87 -4.73 1.85
CA THR L 106 -52.18 -4.78 1.16
C THR L 106 -53.16 -4.12 2.03
N ILE L 107 -53.06 -4.34 3.36
CA ILE L 107 -53.89 -3.73 4.40
C ILE L 107 -53.84 -2.21 4.36
N ILE L 108 -52.61 -1.61 4.24
CA ILE L 108 -52.39 -0.15 4.18
C ILE L 108 -53.07 0.33 2.92
N SER L 109 -53.17 -0.35 1.73
CA SER L 109 -53.92 0.11 0.63
C SER L 109 -55.39 0.29 0.92
N GLU L 110 -55.99 -0.77 1.59
CA GLU L 110 -57.41 -0.85 1.91
C GLU L 110 -57.82 0.33 2.66
N SER L 111 -56.94 0.80 3.58
CA SER L 111 -57.22 1.81 4.54
C SER L 111 -57.30 3.15 3.96
N PHE L 112 -56.58 3.40 2.88
CA PHE L 112 -56.71 4.60 2.13
C PHE L 112 -58.07 4.93 1.56
N GLN L 113 -58.74 3.82 1.16
CA GLN L 113 -60.16 3.90 0.65
C GLN L 113 -61.06 4.26 1.81
N LYS L 114 -60.78 3.66 2.98
CA LYS L 114 -61.65 3.88 4.07
C LYS L 114 -61.44 5.19 4.71
N ALA L 115 -60.23 5.72 4.62
CA ALA L 115 -59.84 7.09 4.95
C ALA L 115 -60.58 8.12 4.03
N LEU L 116 -60.69 7.78 2.66
CA LEU L 116 -61.30 8.61 1.68
C LEU L 116 -62.76 8.72 1.88
N GLU L 117 -63.43 7.57 2.07
CA GLU L 117 -64.89 7.48 2.21
C GLU L 117 -65.47 8.28 3.31
N LYS L 118 -64.83 8.17 4.54
CA LYS L 118 -65.15 8.92 5.72
C LYS L 118 -64.73 10.40 5.56
N GLY L 119 -63.60 10.65 5.10
CA GLY L 119 -63.10 11.99 5.10
C GLY L 119 -63.88 13.00 4.33
N ILE L 120 -64.37 12.58 3.11
CA ILE L 120 -65.01 13.47 2.20
C ILE L 120 -66.39 13.79 2.67
N GLU L 121 -66.99 12.80 3.39
CA GLU L 121 -68.34 12.95 4.00
C GLU L 121 -68.30 14.02 5.08
N ILE L 122 -67.23 14.10 5.93
CA ILE L 122 -66.98 15.06 6.94
C ILE L 122 -66.66 16.44 6.44
N LEU L 123 -65.99 16.56 5.25
CA LEU L 123 -65.80 17.73 4.47
C LEU L 123 -67.11 18.27 4.00
N THR L 124 -68.02 17.46 3.53
CA THR L 124 -69.30 17.92 3.12
C THR L 124 -70.09 18.45 4.33
N ASP L 125 -69.98 17.83 5.53
CA ASP L 125 -70.61 18.24 6.80
C ASP L 125 -70.24 19.64 7.27
N MET L 126 -68.88 19.92 7.29
CA MET L 126 -68.48 21.22 7.76
C MET L 126 -68.80 22.35 6.84
N SER L 127 -68.85 22.06 5.54
CA SER L 127 -69.06 22.96 4.38
C SER L 127 -70.40 23.65 4.51
N ARG L 128 -70.49 24.94 4.03
CA ARG L 128 -71.66 25.75 3.96
C ARG L 128 -72.05 25.70 2.49
N PRO L 129 -73.26 25.31 2.12
CA PRO L 129 -73.62 24.95 0.75
C PRO L 129 -74.15 26.16 0.08
N VAL L 130 -73.22 26.77 -0.75
CA VAL L 130 -73.56 27.95 -1.64
C VAL L 130 -74.09 27.42 -2.89
N GLU L 131 -74.90 28.19 -3.59
CA GLU L 131 -75.55 27.84 -4.84
C GLU L 131 -74.66 28.08 -6.00
N LEU L 132 -74.71 27.20 -7.00
CA LEU L 132 -73.75 27.21 -8.09
C LEU L 132 -74.18 27.99 -9.26
N SER L 133 -75.37 28.59 -9.24
CA SER L 133 -76.02 29.32 -10.25
C SER L 133 -76.27 30.71 -9.75
N ASP L 134 -75.87 31.01 -8.49
CA ASP L 134 -76.14 32.27 -7.85
C ASP L 134 -74.81 33.04 -7.88
N ARG L 135 -74.87 34.26 -8.47
CA ARG L 135 -73.81 35.13 -8.74
C ARG L 135 -73.04 35.75 -7.61
N GLU L 136 -73.69 36.16 -6.47
CA GLU L 136 -73.16 36.88 -5.32
C GLU L 136 -72.15 36.07 -4.60
N THR L 137 -72.41 34.76 -4.35
CA THR L 137 -71.55 33.94 -3.62
C THR L 137 -70.40 33.53 -4.46
N LEU L 138 -70.59 33.45 -5.77
CA LEU L 138 -69.64 33.09 -6.80
C LEU L 138 -68.59 34.26 -6.83
N LEU L 139 -69.07 35.50 -6.65
CA LEU L 139 -68.29 36.69 -6.76
C LEU L 139 -67.34 36.91 -5.68
N ASN L 140 -67.78 36.59 -4.45
CA ASN L 140 -66.90 36.50 -3.23
C ASN L 140 -65.87 35.50 -3.38
N SER L 141 -66.24 34.27 -3.90
CA SER L 141 -65.33 33.08 -3.93
C SER L 141 -64.11 33.32 -4.90
N ALA L 142 -64.35 33.99 -6.02
CA ALA L 142 -63.52 34.35 -7.12
C ALA L 142 -62.48 35.35 -6.68
N THR L 143 -62.86 36.26 -5.74
CA THR L 143 -61.99 37.25 -5.07
C THR L 143 -60.95 36.56 -4.24
N THR L 144 -61.37 35.44 -3.62
CA THR L 144 -60.55 34.65 -2.69
C THR L 144 -59.34 34.12 -3.46
N SER L 145 -59.64 33.47 -4.61
CA SER L 145 -58.60 32.95 -5.51
C SER L 145 -57.66 34.00 -6.25
N LEU L 146 -58.17 35.08 -6.70
CA LEU L 146 -57.48 36.22 -7.29
C LEU L 146 -56.54 36.84 -6.29
N ASN L 147 -56.99 37.00 -5.01
CA ASN L 147 -56.30 37.84 -4.03
C ASN L 147 -55.25 37.03 -3.48
N SER L 148 -55.33 35.67 -3.60
CA SER L 148 -54.30 34.72 -3.20
C SER L 148 -53.29 34.61 -4.28
N LYS L 149 -53.55 34.96 -5.53
CA LYS L 149 -52.53 35.09 -6.58
C LYS L 149 -52.04 36.50 -6.69
N VAL L 150 -51.25 36.74 -7.74
CA VAL L 150 -50.31 37.75 -7.88
C VAL L 150 -50.99 39.10 -7.94
N VAL L 151 -52.11 39.14 -8.64
CA VAL L 151 -53.04 40.24 -8.75
C VAL L 151 -53.74 40.51 -7.39
N SER L 152 -54.09 41.82 -7.23
CA SER L 152 -54.59 42.51 -6.04
C SER L 152 -55.16 43.79 -6.58
N GLN L 153 -55.10 44.14 -7.87
CA GLN L 153 -55.60 45.42 -8.42
C GLN L 153 -56.19 45.23 -9.78
N TYR L 154 -55.83 44.08 -10.45
CA TYR L 154 -56.50 43.68 -11.69
C TYR L 154 -57.59 42.72 -11.34
N SER L 155 -57.74 42.37 -10.05
CA SER L 155 -58.73 41.54 -9.40
C SER L 155 -60.20 41.97 -9.55
N SER L 156 -60.33 43.35 -9.58
CA SER L 156 -61.52 44.14 -9.75
C SER L 156 -62.29 43.92 -11.03
N LEU L 157 -61.58 43.79 -12.09
CA LEU L 157 -62.02 43.53 -13.46
C LEU L 157 -62.37 42.09 -13.67
N LEU L 158 -61.56 41.22 -13.09
CA LEU L 158 -61.53 39.80 -13.32
C LEU L 158 -62.66 39.05 -12.61
N SER L 159 -63.08 39.39 -11.40
CA SER L 159 -64.11 38.68 -10.67
C SER L 159 -65.37 38.62 -11.39
N PRO L 160 -65.93 39.75 -11.98
CA PRO L 160 -67.21 39.66 -12.63
C PRO L 160 -67.16 38.94 -13.94
N MET L 161 -66.06 38.95 -14.73
CA MET L 161 -66.03 38.30 -16.04
C MET L 161 -66.12 36.84 -15.96
N SER L 162 -65.57 36.29 -14.87
CA SER L 162 -65.59 34.86 -14.59
C SER L 162 -66.95 34.34 -14.26
N VAL L 163 -67.82 35.08 -13.55
CA VAL L 163 -69.11 34.61 -13.13
C VAL L 163 -69.92 34.50 -14.40
N ASN L 164 -69.85 35.50 -15.32
CA ASN L 164 -70.53 35.54 -16.64
C ASN L 164 -70.15 34.43 -17.60
N ALA L 165 -68.83 34.05 -17.76
CA ALA L 165 -68.25 33.12 -18.67
C ALA L 165 -68.73 31.71 -18.50
N VAL L 166 -68.68 31.22 -17.19
CA VAL L 166 -69.08 29.93 -16.74
C VAL L 166 -70.59 29.82 -16.85
N MET L 167 -71.34 30.99 -16.67
CA MET L 167 -72.79 31.03 -16.79
C MET L 167 -73.29 30.63 -18.13
N LYS L 168 -72.46 30.90 -19.18
CA LYS L 168 -72.82 30.56 -20.51
C LYS L 168 -72.77 29.05 -20.69
N VAL L 169 -71.79 28.32 -20.18
CA VAL L 169 -71.61 26.89 -20.47
C VAL L 169 -72.59 26.00 -19.62
N ILE L 170 -72.96 26.52 -18.45
CA ILE L 170 -73.54 25.85 -17.22
C ILE L 170 -74.70 24.91 -17.53
N ASP L 171 -74.89 24.01 -16.53
CA ASP L 171 -75.92 23.07 -16.56
C ASP L 171 -76.46 23.13 -15.12
N PRO L 172 -77.78 23.08 -14.82
CA PRO L 172 -78.31 23.39 -13.51
C PRO L 172 -77.78 22.48 -12.36
N ALA L 173 -77.46 21.19 -12.62
CA ALA L 173 -77.24 20.15 -11.68
C ALA L 173 -76.02 20.37 -10.85
N THR L 174 -75.83 19.54 -9.84
CA THR L 174 -74.58 19.38 -9.01
C THR L 174 -73.70 18.29 -9.58
N ALA L 175 -74.05 17.80 -10.82
CA ALA L 175 -73.33 16.75 -11.43
C ALA L 175 -72.29 17.42 -12.26
N THR L 176 -71.35 16.54 -12.70
CA THR L 176 -70.15 16.92 -13.42
C THR L 176 -70.39 17.48 -14.72
N SER L 177 -70.18 18.79 -14.83
CA SER L 177 -70.40 19.58 -16.12
C SER L 177 -69.47 20.80 -16.18
N VAL L 178 -69.13 21.30 -17.36
CA VAL L 178 -68.33 22.49 -17.47
C VAL L 178 -66.90 22.11 -17.37
N ASP L 179 -66.14 22.59 -18.31
CA ASP L 179 -64.83 21.97 -18.55
C ASP L 179 -64.04 23.03 -19.18
N LEU L 180 -62.77 22.75 -19.46
CA LEU L 180 -61.94 23.69 -20.21
C LEU L 180 -61.67 23.06 -21.55
N ARG L 181 -62.59 22.19 -21.91
CA ARG L 181 -62.75 21.68 -23.25
C ARG L 181 -63.92 22.45 -23.85
N ASP L 182 -64.44 23.47 -23.16
CA ASP L 182 -65.63 24.16 -23.68
C ASP L 182 -65.27 25.53 -23.35
N ILE L 183 -64.56 25.76 -22.21
CA ILE L 183 -64.09 27.11 -21.91
C ILE L 183 -62.84 27.21 -22.75
N LYS L 184 -62.88 28.09 -23.79
CA LYS L 184 -61.76 28.24 -24.58
C LYS L 184 -61.00 29.48 -24.25
N ILE L 185 -59.67 29.31 -24.11
CA ILE L 185 -58.83 30.31 -23.54
C ILE L 185 -57.90 30.60 -24.73
N VAL L 186 -58.01 31.85 -25.15
CA VAL L 186 -57.13 32.39 -26.17
C VAL L 186 -56.38 33.62 -25.60
N LYS L 187 -55.09 33.73 -26.05
CA LYS L 187 -54.24 34.95 -25.84
C LYS L 187 -54.35 35.74 -27.09
N LYS L 188 -54.13 37.13 -26.95
CA LYS L 188 -54.04 38.13 -27.99
C LYS L 188 -53.07 39.20 -27.54
N LEU L 189 -51.99 39.47 -28.34
CA LEU L 189 -51.16 40.68 -28.10
C LEU L 189 -52.07 41.91 -28.44
N GLY L 190 -51.95 42.90 -27.56
CA GLY L 190 -52.71 44.12 -27.54
C GLY L 190 -53.94 43.94 -26.77
N GLY L 191 -54.76 45.02 -26.66
CA GLY L 191 -55.70 45.26 -25.58
C GLY L 191 -54.98 45.35 -24.26
N THR L 192 -55.77 45.50 -23.09
CA THR L 192 -55.23 45.65 -21.76
C THR L 192 -56.17 44.71 -21.03
N ILE L 193 -55.89 44.55 -19.72
CA ILE L 193 -56.59 43.68 -18.80
C ILE L 193 -58.02 44.26 -18.60
N ASP L 194 -58.10 45.60 -18.84
CA ASP L 194 -59.42 46.26 -18.83
C ASP L 194 -60.29 45.76 -19.95
N ASP L 195 -59.68 45.51 -21.16
CA ASP L 195 -60.43 45.34 -22.42
C ASP L 195 -60.79 43.90 -22.80
N CYS L 196 -60.31 42.93 -22.00
CA CYS L 196 -60.59 41.53 -22.03
C CYS L 196 -62.07 41.24 -22.33
N GLU L 197 -62.35 40.31 -23.26
CA GLU L 197 -63.69 40.27 -23.77
C GLU L 197 -64.12 38.86 -23.87
N LEU L 198 -65.32 38.77 -23.29
CA LEU L 198 -66.11 37.63 -23.17
C LEU L 198 -67.05 37.70 -24.28
N VAL L 199 -66.96 36.69 -25.21
CA VAL L 199 -67.87 36.39 -26.35
C VAL L 199 -68.44 35.11 -26.04
N GLU L 200 -69.78 35.11 -26.04
CA GLU L 200 -70.59 33.96 -25.56
C GLU L 200 -70.54 32.71 -26.53
N GLY L 201 -70.08 32.96 -27.82
CA GLY L 201 -70.06 32.00 -28.86
C GLY L 201 -68.75 31.33 -28.86
N LEU L 202 -68.15 31.19 -30.09
CA LEU L 202 -66.88 30.53 -30.24
C LEU L 202 -66.00 31.49 -30.99
N VAL L 203 -64.81 31.79 -30.43
CA VAL L 203 -63.79 32.65 -31.05
C VAL L 203 -62.58 31.85 -31.11
N LEU L 204 -61.79 31.83 -32.20
CA LEU L 204 -60.61 30.99 -32.43
C LEU L 204 -59.46 31.87 -32.57
N THR L 205 -58.28 31.24 -32.13
CA THR L 205 -57.02 32.03 -32.09
C THR L 205 -56.11 31.47 -33.25
N GLN L 206 -55.71 32.45 -34.08
CA GLN L 206 -55.16 32.18 -35.40
C GLN L 206 -54.51 33.45 -35.79
N LYS L 207 -53.84 33.50 -36.93
CA LYS L 207 -53.14 34.69 -37.45
C LYS L 207 -53.63 34.79 -38.84
N VAL L 208 -53.99 36.02 -39.19
CA VAL L 208 -54.64 36.46 -40.43
C VAL L 208 -53.73 37.51 -41.08
N SER L 209 -53.37 37.27 -42.38
CA SER L 209 -52.48 38.02 -43.26
C SER L 209 -53.03 39.37 -43.53
N ASN L 210 -52.13 40.41 -43.56
CA ASN L 210 -52.43 41.81 -43.70
C ASN L 210 -53.53 42.36 -42.71
N SER L 211 -53.84 43.65 -42.78
CA SER L 211 -54.98 44.35 -42.17
C SER L 211 -55.68 45.14 -43.17
N GLY L 212 -56.94 44.79 -43.33
CA GLY L 212 -57.76 45.31 -44.41
C GLY L 212 -58.72 44.24 -44.78
N ILE L 213 -59.54 43.76 -43.88
CA ILE L 213 -60.33 42.54 -44.20
C ILE L 213 -61.69 42.66 -43.36
N THR L 214 -62.73 41.79 -43.64
CA THR L 214 -63.95 41.71 -43.10
C THR L 214 -63.88 41.85 -41.61
N ARG L 215 -64.78 42.75 -41.12
CA ARG L 215 -64.96 43.19 -39.71
C ARG L 215 -66.39 43.45 -39.60
N VAL L 216 -67.29 42.72 -40.35
CA VAL L 216 -68.67 42.94 -40.45
C VAL L 216 -69.34 41.64 -40.40
N GLU L 217 -70.70 41.75 -40.40
CA GLU L 217 -71.64 40.67 -40.14
C GLU L 217 -71.98 39.94 -41.41
N LYS L 218 -72.32 38.62 -41.28
CA LYS L 218 -72.64 37.70 -42.33
C LYS L 218 -71.37 36.93 -42.58
N ALA L 219 -71.35 35.58 -42.59
CA ALA L 219 -70.20 34.77 -42.79
C ALA L 219 -70.80 33.36 -42.99
N LYS L 220 -70.12 32.46 -43.73
CA LYS L 220 -70.41 31.06 -43.76
C LYS L 220 -69.02 30.62 -43.35
N ILE L 221 -68.96 29.91 -42.17
CA ILE L 221 -67.74 29.37 -41.57
C ILE L 221 -67.28 28.13 -42.29
N GLY L 222 -65.97 28.20 -42.70
CA GLY L 222 -65.32 27.32 -43.62
C GLY L 222 -64.51 26.30 -42.91
N LEU L 223 -64.78 24.99 -43.08
CA LEU L 223 -63.88 23.94 -42.59
C LEU L 223 -63.67 23.08 -43.83
N ILE L 224 -62.44 23.17 -44.39
CA ILE L 224 -62.13 22.67 -45.72
C ILE L 224 -61.07 21.70 -45.47
N GLN L 225 -61.05 20.68 -46.42
CA GLN L 225 -59.90 19.77 -46.49
C GLN L 225 -59.56 19.48 -47.94
N PHE L 226 -59.09 20.56 -48.66
CA PHE L 226 -58.80 20.41 -50.07
C PHE L 226 -57.80 21.38 -50.51
N CYS L 227 -57.05 20.95 -51.55
CA CYS L 227 -55.90 21.66 -52.19
C CYS L 227 -56.53 22.02 -53.56
N LEU L 228 -56.05 23.21 -54.22
CA LEU L 228 -56.51 23.68 -55.48
C LEU L 228 -56.09 22.88 -56.62
N SER L 229 -56.79 23.09 -57.77
CA SER L 229 -56.46 22.58 -59.08
C SER L 229 -56.18 23.75 -59.88
N ALA L 230 -54.95 23.90 -60.43
CA ALA L 230 -54.43 25.00 -61.21
C ALA L 230 -53.23 24.34 -61.85
N PRO L 231 -52.74 25.00 -62.95
CA PRO L 231 -51.48 24.65 -63.61
C PRO L 231 -50.29 24.64 -62.65
N LYS L 232 -49.58 23.52 -62.63
CA LYS L 232 -48.46 23.23 -61.71
C LYS L 232 -48.91 23.23 -60.33
N THR L 233 -50.08 22.70 -60.03
CA THR L 233 -50.66 22.48 -58.72
C THR L 233 -51.23 21.09 -58.79
N ASP L 234 -52.56 20.89 -59.21
CA ASP L 234 -53.18 19.63 -59.21
C ASP L 234 -53.92 19.51 -60.51
N MET L 235 -53.73 20.39 -61.49
CA MET L 235 -54.42 20.38 -62.84
C MET L 235 -53.22 20.21 -63.80
N ASP L 236 -53.40 19.63 -65.01
CA ASP L 236 -52.37 19.45 -66.03
C ASP L 236 -51.79 20.72 -66.68
N ASN L 237 -50.46 20.79 -66.95
CA ASN L 237 -49.79 21.80 -67.73
C ASN L 237 -48.82 21.00 -68.48
N GLN L 238 -48.57 21.51 -69.71
CA GLN L 238 -47.70 20.85 -70.65
C GLN L 238 -46.46 21.76 -70.86
N ILE L 239 -46.37 22.83 -70.02
CA ILE L 239 -45.29 23.78 -70.09
C ILE L 239 -44.27 23.46 -69.06
N VAL L 240 -43.10 23.06 -69.53
CA VAL L 240 -42.05 22.51 -68.69
C VAL L 240 -40.98 23.55 -68.65
N VAL L 241 -40.50 24.01 -67.51
CA VAL L 241 -39.56 25.08 -67.32
C VAL L 241 -38.15 24.59 -67.15
N SER L 242 -37.25 25.43 -67.75
CA SER L 242 -35.84 25.20 -67.74
C SER L 242 -35.27 26.57 -67.80
N ASP L 243 -36.14 27.67 -67.61
CA ASP L 243 -35.72 28.97 -67.66
C ASP L 243 -36.49 29.72 -66.61
N TYR L 244 -35.89 30.93 -66.27
CA TYR L 244 -36.47 31.92 -65.34
C TYR L 244 -37.68 32.51 -65.94
N ALA L 245 -37.66 32.66 -67.25
CA ALA L 245 -38.74 33.22 -68.03
C ALA L 245 -39.97 32.29 -68.10
N GLN L 246 -39.65 31.01 -68.32
CA GLN L 246 -40.63 29.89 -68.43
C GLN L 246 -41.23 29.62 -67.07
N MET L 247 -40.44 29.76 -65.98
CA MET L 247 -40.88 29.78 -64.64
C MET L 247 -41.87 30.89 -64.36
N ASP L 248 -41.54 32.08 -64.96
CA ASP L 248 -42.44 33.16 -64.74
C ASP L 248 -43.81 32.92 -65.37
N ARG L 249 -43.81 32.24 -66.55
CA ARG L 249 -45.15 32.02 -67.16
C ARG L 249 -46.10 31.09 -66.43
N VAL L 250 -45.58 29.93 -65.94
CA VAL L 250 -46.27 28.93 -65.29
C VAL L 250 -46.98 29.39 -63.98
N LEU L 251 -46.34 30.35 -63.21
CA LEU L 251 -46.67 30.89 -61.96
C LEU L 251 -47.69 31.92 -62.27
N ARG L 252 -47.58 32.66 -63.42
CA ARG L 252 -48.55 33.70 -63.69
C ARG L 252 -49.94 33.18 -63.99
N GLU L 253 -50.01 32.06 -64.86
CA GLU L 253 -51.19 31.45 -65.25
C GLU L 253 -51.75 30.71 -63.99
N GLU L 254 -50.87 30.19 -63.08
CA GLU L 254 -51.27 29.49 -61.87
C GLU L 254 -51.99 30.35 -60.94
N ARG L 255 -51.48 31.61 -60.60
CA ARG L 255 -52.06 32.60 -59.71
C ARG L 255 -53.31 33.17 -60.27
N ALA L 256 -53.43 33.43 -61.60
CA ALA L 256 -54.55 33.95 -62.36
C ALA L 256 -55.81 33.14 -62.22
N TYR L 257 -55.64 31.79 -62.31
CA TYR L 257 -56.82 30.93 -62.28
C TYR L 257 -57.40 30.96 -60.87
N ILE L 258 -56.51 31.03 -59.86
CA ILE L 258 -56.88 31.12 -58.46
C ILE L 258 -57.72 32.44 -58.18
N LEU L 259 -57.51 33.60 -58.87
CA LEU L 259 -58.18 34.81 -58.67
C LEU L 259 -59.66 34.60 -59.02
N ASN L 260 -59.94 33.84 -60.08
CA ASN L 260 -61.29 33.32 -60.45
C ASN L 260 -61.92 32.41 -59.41
N LEU L 261 -61.12 31.52 -58.84
CA LEU L 261 -61.55 30.48 -57.92
C LEU L 261 -62.12 30.95 -56.67
N VAL L 262 -61.43 32.01 -56.09
CA VAL L 262 -61.80 32.61 -54.81
C VAL L 262 -63.12 33.29 -54.91
N LYS L 263 -63.64 33.62 -56.13
CA LYS L 263 -64.99 34.21 -56.33
C LYS L 263 -66.09 33.15 -56.04
N GLN L 264 -65.83 31.90 -56.45
CA GLN L 264 -66.76 30.78 -56.12
C GLN L 264 -66.81 30.44 -54.62
N ILE L 265 -65.67 30.64 -53.90
CA ILE L 265 -65.55 30.55 -52.48
C ILE L 265 -66.44 31.64 -51.80
N LYS L 266 -66.40 32.89 -52.35
CA LYS L 266 -67.21 33.99 -51.90
C LYS L 266 -68.64 33.89 -52.23
N LYS L 267 -69.02 33.15 -53.35
CA LYS L 267 -70.35 32.96 -53.79
C LYS L 267 -71.14 32.25 -52.73
N THR L 268 -70.49 31.33 -52.06
CA THR L 268 -70.96 30.50 -50.95
C THR L 268 -71.45 31.33 -49.81
N GLY L 269 -70.68 32.40 -49.46
CA GLY L 269 -71.05 33.37 -48.44
C GLY L 269 -69.86 33.51 -47.57
N CYS L 270 -68.77 32.83 -47.89
CA CYS L 270 -67.55 32.76 -47.08
C CYS L 270 -67.03 34.21 -46.90
N ASN L 271 -66.60 34.51 -45.66
CA ASN L 271 -66.04 35.72 -45.22
C ASN L 271 -65.00 35.14 -44.18
N VAL L 272 -64.99 33.80 -43.90
CA VAL L 272 -64.19 33.00 -42.99
C VAL L 272 -63.98 31.81 -43.82
N LEU L 273 -62.73 31.44 -43.87
CA LEU L 273 -62.42 30.13 -44.41
C LEU L 273 -61.36 29.75 -43.55
N LEU L 274 -61.34 28.49 -43.14
CA LEU L 274 -60.24 28.05 -42.32
C LEU L 274 -59.77 26.74 -42.86
N ILE L 275 -58.45 26.72 -43.27
CA ILE L 275 -57.73 25.74 -43.95
C ILE L 275 -57.35 24.66 -42.97
N GLN L 276 -57.27 23.39 -43.46
CA GLN L 276 -56.82 22.19 -42.76
C GLN L 276 -55.43 22.31 -42.20
N LYS L 277 -55.01 21.45 -41.29
CA LYS L 277 -53.66 21.54 -40.66
C LYS L 277 -52.58 20.98 -41.56
N SER L 278 -52.90 19.82 -42.21
CA SER L 278 -51.93 19.11 -42.95
C SER L 278 -52.39 19.04 -44.35
N ILE L 279 -51.42 19.47 -45.12
CA ILE L 279 -51.44 19.52 -46.61
C ILE L 279 -51.76 18.27 -47.25
N LEU L 280 -52.25 18.35 -48.51
CA LEU L 280 -52.37 17.27 -49.41
C LEU L 280 -51.52 17.52 -50.66
N ARG L 281 -50.72 18.62 -50.57
CA ARG L 281 -49.67 18.88 -51.54
C ARG L 281 -48.92 20.04 -51.05
N ASP L 282 -49.64 21.17 -50.81
CA ASP L 282 -49.26 22.43 -50.26
C ASP L 282 -50.61 22.97 -49.70
N ALA L 283 -51.75 22.18 -49.81
CA ALA L 283 -53.06 22.72 -49.40
C ALA L 283 -53.46 23.75 -50.38
N LEU L 284 -54.22 24.77 -49.96
CA LEU L 284 -54.45 26.00 -50.76
C LEU L 284 -53.10 26.60 -50.81
N SER L 285 -52.64 26.97 -52.02
CA SER L 285 -51.27 27.51 -52.20
C SER L 285 -51.03 28.81 -51.51
N ASP L 286 -49.67 29.20 -51.41
CA ASP L 286 -49.35 30.47 -50.72
C ASP L 286 -49.78 31.63 -51.50
N LEU L 287 -49.96 31.45 -52.81
CA LEU L 287 -50.59 32.41 -53.68
C LEU L 287 -52.03 32.48 -53.34
N ALA L 288 -52.81 31.41 -53.11
CA ALA L 288 -54.25 31.47 -52.85
C ALA L 288 -54.63 32.35 -51.71
N LEU L 289 -53.76 32.36 -50.62
CA LEU L 289 -54.06 33.09 -49.40
C LEU L 289 -54.15 34.56 -49.62
N HIS L 290 -53.31 35.15 -50.48
CA HIS L 290 -53.37 36.62 -50.77
C HIS L 290 -54.61 37.06 -51.53
N PHE L 291 -55.02 36.16 -52.49
CA PHE L 291 -56.26 36.30 -53.28
C PHE L 291 -57.50 36.22 -52.52
N LEU L 292 -57.60 35.29 -51.55
CA LEU L 292 -58.66 35.11 -50.57
C LEU L 292 -58.84 36.33 -49.75
N ASN L 293 -57.70 37.00 -49.42
CA ASN L 293 -57.67 38.18 -48.53
C ASN L 293 -58.52 39.27 -49.24
N LYS L 294 -58.38 39.38 -50.60
CA LYS L 294 -59.02 40.28 -51.49
C LYS L 294 -60.50 40.15 -51.53
N MET L 295 -61.04 38.91 -51.50
CA MET L 295 -62.51 38.55 -51.57
C MET L 295 -63.29 38.96 -50.29
N LYS L 296 -62.44 39.17 -49.28
CA LYS L 296 -62.66 39.61 -47.90
C LYS L 296 -62.75 38.29 -47.05
N ILE L 297 -61.85 37.31 -47.32
CA ILE L 297 -62.07 35.98 -46.73
C ILE L 297 -60.79 35.61 -45.96
N MET L 298 -60.91 35.21 -44.63
CA MET L 298 -59.94 35.00 -43.60
C MET L 298 -59.10 33.81 -43.88
N VAL L 299 -57.85 33.77 -43.33
CA VAL L 299 -56.92 32.67 -43.55
C VAL L 299 -56.30 32.15 -42.34
N ILE L 300 -55.78 30.94 -42.41
CA ILE L 300 -54.88 30.24 -41.49
C ILE L 300 -54.71 28.82 -42.06
N LYS L 301 -53.41 28.67 -42.50
CA LYS L 301 -52.85 27.42 -42.96
C LYS L 301 -51.86 27.02 -41.90
N ASP L 302 -51.87 25.66 -41.62
CA ASP L 302 -51.08 25.12 -40.56
C ASP L 302 -51.68 25.48 -39.23
N ILE L 303 -53.06 25.37 -39.25
CA ILE L 303 -54.01 25.59 -38.08
C ILE L 303 -53.67 24.72 -36.85
N GLU L 304 -53.82 25.26 -35.60
CA GLU L 304 -53.59 24.46 -34.41
C GLU L 304 -54.75 23.46 -34.28
N ARG L 305 -54.50 22.44 -33.45
CA ARG L 305 -55.24 21.21 -33.16
C ARG L 305 -56.52 21.56 -32.45
N GLU L 306 -56.47 22.54 -31.57
CA GLU L 306 -57.50 23.00 -30.70
C GLU L 306 -58.68 23.50 -31.51
N ASP L 307 -58.37 24.24 -32.64
CA ASP L 307 -59.42 24.84 -33.44
C ASP L 307 -60.28 23.87 -34.19
N ILE L 308 -59.65 22.71 -34.53
CA ILE L 308 -60.23 21.73 -35.42
C ILE L 308 -61.26 20.99 -34.53
N GLU L 309 -60.89 20.74 -33.22
CA GLU L 309 -61.76 20.07 -32.31
C GLU L 309 -62.98 20.85 -31.96
N PHE L 310 -62.75 22.14 -31.62
CA PHE L 310 -63.89 23.07 -31.30
C PHE L 310 -64.87 23.37 -32.40
N ILE L 311 -64.40 23.54 -33.70
CA ILE L 311 -65.28 23.87 -34.79
C ILE L 311 -66.30 22.86 -35.20
N CYS L 312 -65.80 21.61 -35.25
CA CYS L 312 -66.61 20.57 -35.59
C CYS L 312 -67.66 20.27 -34.51
N LYS L 313 -67.26 20.29 -33.20
CA LYS L 313 -68.12 19.93 -32.18
C LYS L 313 -69.31 20.88 -31.98
N THR L 314 -68.95 22.16 -31.79
CA THR L 314 -69.90 23.22 -31.36
C THR L 314 -70.75 23.61 -32.52
N ILE L 315 -70.18 23.99 -33.65
CA ILE L 315 -70.92 24.59 -34.79
C ILE L 315 -71.41 23.49 -35.80
N GLY L 316 -70.96 22.23 -35.68
CA GLY L 316 -71.41 21.18 -36.55
C GLY L 316 -70.80 21.24 -37.91
N THR L 317 -69.54 21.74 -37.95
CA THR L 317 -68.99 22.12 -39.19
C THR L 317 -68.26 20.93 -39.76
N LYS L 318 -68.56 20.55 -41.07
CA LYS L 318 -68.05 19.30 -41.56
C LYS L 318 -67.23 19.64 -42.85
N PRO L 319 -66.15 18.91 -43.24
CA PRO L 319 -65.43 19.07 -44.52
C PRO L 319 -66.31 19.23 -45.78
N VAL L 320 -65.82 19.93 -46.89
CA VAL L 320 -66.54 20.26 -48.15
C VAL L 320 -65.66 20.07 -49.23
N ALA L 321 -66.34 19.76 -50.41
CA ALA L 321 -65.77 19.27 -51.70
C ALA L 321 -65.01 20.43 -52.32
N HIS L 322 -64.08 20.06 -53.25
CA HIS L 322 -63.27 20.89 -54.11
C HIS L 322 -64.08 22.08 -54.76
N ILE L 323 -63.37 23.22 -55.13
CA ILE L 323 -64.13 24.40 -55.52
C ILE L 323 -64.57 24.34 -56.94
N ASP L 324 -63.84 23.66 -57.81
CA ASP L 324 -64.13 23.49 -59.24
C ASP L 324 -65.30 22.59 -59.42
N GLN L 325 -65.57 21.75 -58.39
CA GLN L 325 -66.60 20.77 -58.18
C GLN L 325 -67.70 21.34 -57.28
N PHE L 326 -67.49 22.59 -56.75
CA PHE L 326 -68.23 23.36 -55.84
C PHE L 326 -68.40 22.78 -54.48
N THR L 327 -68.45 23.60 -53.46
CA THR L 327 -68.56 23.26 -52.08
C THR L 327 -69.87 22.60 -51.75
N ALA L 328 -69.82 21.58 -50.83
CA ALA L 328 -70.88 20.65 -50.56
C ALA L 328 -71.96 21.26 -49.70
N ASP L 329 -71.62 22.40 -49.05
CA ASP L 329 -72.56 23.09 -48.14
C ASP L 329 -72.91 22.25 -46.94
N MET L 330 -71.90 21.61 -46.22
CA MET L 330 -72.25 20.94 -44.94
C MET L 330 -71.79 21.82 -43.82
N LEU L 331 -71.22 23.00 -44.11
CA LEU L 331 -70.83 24.05 -43.16
C LEU L 331 -71.91 24.56 -42.30
N GLY L 332 -71.50 24.91 -41.04
CA GLY L 332 -72.34 25.40 -40.03
C GLY L 332 -72.81 26.84 -40.27
N SER L 333 -73.63 27.35 -39.34
CA SER L 333 -74.11 28.67 -39.39
C SER L 333 -73.11 29.61 -38.67
N ALA L 334 -73.10 30.89 -39.16
CA ALA L 334 -72.26 31.92 -38.72
C ALA L 334 -72.80 33.26 -39.11
N GLU L 335 -72.32 34.39 -38.60
CA GLU L 335 -72.81 35.73 -38.84
C GLU L 335 -71.75 36.76 -38.42
N LEU L 336 -70.48 36.34 -38.00
CA LEU L 336 -69.50 37.33 -37.77
C LEU L 336 -68.12 36.89 -38.27
N ALA L 337 -67.35 37.71 -39.02
CA ALA L 337 -66.01 37.50 -39.41
C ALA L 337 -65.43 38.76 -38.96
N GLU L 338 -64.73 38.71 -37.79
CA GLU L 338 -64.09 39.87 -37.22
C GLU L 338 -62.63 39.62 -37.05
N GLU L 339 -61.81 40.55 -37.63
CA GLU L 339 -60.37 40.63 -37.39
C GLU L 339 -60.20 41.64 -36.41
N VAL L 340 -59.81 41.17 -35.20
CA VAL L 340 -59.71 41.96 -33.99
C VAL L 340 -58.36 42.56 -33.99
N ASN L 341 -58.30 43.89 -34.19
CA ASN L 341 -57.07 44.67 -34.04
C ASN L 341 -57.39 45.50 -32.76
N LEU L 342 -56.41 45.89 -31.99
CA LEU L 342 -56.75 46.58 -30.75
C LEU L 342 -55.43 47.10 -30.31
N ASN L 343 -55.34 48.49 -30.18
CA ASN L 343 -54.10 49.18 -29.94
C ASN L 343 -52.97 48.76 -30.85
N GLY L 344 -53.23 48.70 -32.19
CA GLY L 344 -52.28 48.53 -33.23
C GLY L 344 -51.71 47.18 -33.46
N SER L 345 -52.32 46.10 -32.93
CA SER L 345 -51.70 44.76 -32.93
C SER L 345 -52.74 43.73 -32.69
N GLY L 346 -52.50 42.43 -33.18
CA GLY L 346 -53.40 41.36 -32.94
C GLY L 346 -54.26 41.02 -34.16
N LYS L 347 -54.47 39.70 -34.37
CA LYS L 347 -55.11 39.21 -35.51
C LYS L 347 -55.98 38.12 -34.90
N LEU L 348 -57.32 38.03 -35.16
CA LEU L 348 -58.12 37.09 -34.44
C LEU L 348 -59.34 36.83 -35.30
N LEU L 349 -60.08 35.70 -35.10
CA LEU L 349 -61.30 35.37 -35.73
C LEU L 349 -62.31 35.27 -34.55
N LYS L 350 -63.50 35.90 -34.64
CA LYS L 350 -64.69 35.76 -33.82
C LYS L 350 -65.74 35.27 -34.68
N ILE L 351 -66.51 34.31 -34.21
CA ILE L 351 -67.66 33.69 -34.89
C ILE L 351 -68.80 33.88 -33.92
N THR L 352 -69.79 34.80 -34.30
CA THR L 352 -71.02 35.14 -33.54
C THR L 352 -72.25 34.81 -34.32
N GLY L 353 -73.28 34.15 -33.62
CA GLY L 353 -74.42 33.60 -34.32
C GLY L 353 -74.15 32.28 -34.73
N CYS L 354 -73.14 31.68 -34.08
CA CYS L 354 -72.86 30.26 -34.27
C CYS L 354 -73.86 29.49 -33.57
N ALA L 355 -74.14 28.27 -34.07
CA ALA L 355 -74.89 27.21 -33.39
C ALA L 355 -74.02 26.61 -32.33
N SER L 356 -74.77 26.18 -31.36
CA SER L 356 -74.17 25.70 -30.07
C SER L 356 -74.99 24.49 -29.58
N PRO L 357 -74.42 23.72 -28.69
CA PRO L 357 -75.12 22.69 -28.02
C PRO L 357 -75.51 23.21 -26.66
N GLY L 358 -75.38 24.52 -26.39
CA GLY L 358 -75.79 25.00 -25.11
C GLY L 358 -74.57 24.99 -24.20
N LYS L 359 -73.37 25.01 -24.87
CA LYS L 359 -72.12 25.10 -24.18
C LYS L 359 -71.19 25.89 -25.06
N THR L 360 -70.02 26.15 -24.45
CA THR L 360 -68.86 26.61 -25.16
C THR L 360 -68.88 28.11 -25.06
N VAL L 361 -67.95 28.70 -24.25
CA VAL L 361 -67.74 30.11 -24.15
C VAL L 361 -66.37 30.30 -24.53
N THR L 362 -65.97 31.55 -24.91
CA THR L 362 -64.57 31.81 -25.12
C THR L 362 -64.27 33.11 -24.48
N ILE L 363 -63.14 33.30 -23.82
CA ILE L 363 -62.67 34.49 -23.17
C ILE L 363 -61.43 34.70 -23.95
N VAL L 364 -61.25 36.05 -24.23
CA VAL L 364 -60.09 36.56 -24.89
C VAL L 364 -59.30 37.29 -23.89
N VAL L 365 -57.98 36.95 -23.83
CA VAL L 365 -57.09 37.43 -22.88
C VAL L 365 -56.13 38.44 -23.43
N ARG L 366 -56.15 39.73 -22.92
CA ARG L 366 -55.50 40.79 -23.61
C ARG L 366 -54.55 41.45 -22.67
N GLY L 367 -53.49 42.05 -23.20
CA GLY L 367 -52.42 42.66 -22.50
C GLY L 367 -51.55 43.33 -23.52
N SER L 368 -51.08 44.56 -23.19
CA SER L 368 -50.37 45.42 -24.14
C SER L 368 -48.95 44.93 -24.34
N ASN L 369 -48.40 44.01 -23.53
CA ASN L 369 -47.07 43.56 -23.62
C ASN L 369 -47.13 42.06 -23.41
N LYS L 370 -46.16 41.27 -23.87
CA LYS L 370 -46.22 39.82 -23.78
C LYS L 370 -46.23 39.44 -22.34
N LEU L 371 -45.57 40.13 -21.39
CA LEU L 371 -45.65 39.69 -19.98
C LEU L 371 -47.03 40.04 -19.39
N VAL L 372 -47.64 41.14 -19.86
CA VAL L 372 -48.83 41.66 -19.28
C VAL L 372 -50.04 40.79 -19.58
N ILE L 373 -50.03 40.03 -20.72
CA ILE L 373 -50.96 39.03 -21.10
C ILE L 373 -50.91 37.85 -20.16
N GLU L 374 -49.69 37.40 -19.75
CA GLU L 374 -49.31 36.32 -18.85
C GLU L 374 -49.87 36.50 -17.47
N GLU L 375 -49.87 37.75 -16.98
CA GLU L 375 -50.42 38.23 -15.73
C GLU L 375 -51.93 38.21 -15.64
N ALA L 376 -52.65 38.57 -16.74
CA ALA L 376 -54.05 38.35 -16.79
C ALA L 376 -54.36 36.86 -16.75
N GLU L 377 -53.60 36.08 -17.58
CA GLU L 377 -53.88 34.73 -18.00
C GLU L 377 -53.94 33.76 -16.88
N ARG L 378 -52.96 33.79 -15.94
CA ARG L 378 -52.88 32.83 -14.80
C ARG L 378 -53.97 33.08 -13.84
N SER L 379 -54.21 34.32 -13.62
CA SER L 379 -55.12 34.82 -12.58
C SER L 379 -56.56 34.52 -12.92
N ILE L 380 -56.93 34.77 -14.18
CA ILE L 380 -58.22 34.46 -14.72
C ILE L 380 -58.43 32.98 -14.73
N HIS L 381 -57.28 32.20 -14.97
CA HIS L 381 -57.49 30.78 -15.16
C HIS L 381 -58.07 30.28 -13.89
N ASP L 382 -57.50 30.65 -12.72
CA ASP L 382 -57.83 30.17 -11.42
C ASP L 382 -59.24 30.71 -11.05
N ALA L 383 -59.61 32.03 -11.39
CA ALA L 383 -60.87 32.57 -11.10
C ALA L 383 -62.06 31.88 -11.83
N LEU L 384 -61.83 31.39 -13.12
CA LEU L 384 -62.84 30.75 -13.95
C LEU L 384 -63.12 29.42 -13.20
N CYS L 385 -61.98 28.75 -12.86
CA CYS L 385 -61.93 27.38 -12.37
C CYS L 385 -62.59 27.25 -11.03
N VAL L 386 -62.44 28.24 -10.13
CA VAL L 386 -63.08 28.22 -8.82
C VAL L 386 -64.61 28.19 -8.82
N ILE L 387 -65.27 28.91 -9.69
CA ILE L 387 -66.69 28.99 -9.93
C ILE L 387 -67.13 27.70 -10.61
N ARG L 388 -66.23 27.12 -11.50
CA ARG L 388 -66.40 25.92 -12.21
C ARG L 388 -66.61 24.75 -11.27
N CYS L 389 -65.89 24.79 -10.16
CA CYS L 389 -65.74 23.66 -9.27
C CYS L 389 -67.02 23.51 -8.54
N LEU L 390 -67.76 24.66 -8.43
CA LEU L 390 -69.05 24.64 -7.73
C LEU L 390 -70.10 23.86 -8.51
N VAL L 391 -70.20 24.01 -9.87
CA VAL L 391 -71.17 23.28 -10.72
C VAL L 391 -70.98 21.82 -10.67
N LYS L 392 -69.72 21.39 -10.77
CA LYS L 392 -69.27 19.97 -10.72
C LYS L 392 -69.60 19.29 -9.40
N LYS L 393 -69.48 20.08 -8.34
CA LYS L 393 -69.85 19.69 -6.97
C LYS L 393 -69.64 20.93 -6.07
N ARG L 394 -70.82 21.34 -5.45
CA ARG L 394 -70.92 22.61 -4.79
C ARG L 394 -70.52 22.60 -3.40
N ALA L 395 -70.45 23.84 -2.83
CA ALA L 395 -70.32 24.11 -1.41
C ALA L 395 -69.04 24.86 -1.14
N LEU L 396 -68.83 25.42 0.04
CA LEU L 396 -67.55 25.99 0.41
C LEU L 396 -67.19 25.46 1.81
N ILE L 397 -65.89 25.11 1.86
CA ILE L 397 -65.18 24.67 3.02
C ILE L 397 -64.01 25.68 3.19
N ALA L 398 -63.13 25.51 4.25
CA ALA L 398 -61.92 26.30 4.52
C ALA L 398 -60.96 26.17 3.40
N GLY L 399 -60.10 27.22 3.19
CA GLY L 399 -59.22 27.22 2.10
C GLY L 399 -57.89 27.29 2.63
N GLY L 400 -56.92 27.15 1.75
CA GLY L 400 -55.51 27.08 1.92
C GLY L 400 -55.08 25.68 2.29
N GLY L 401 -55.98 24.67 2.40
CA GLY L 401 -55.65 23.40 2.93
C GLY L 401 -55.80 23.24 4.41
N ALA L 402 -56.50 24.20 5.06
CA ALA L 402 -56.94 24.30 6.39
C ALA L 402 -57.98 23.29 6.76
N PRO L 403 -58.86 22.81 5.92
CA PRO L 403 -59.80 21.75 6.38
C PRO L 403 -59.03 20.44 6.44
N GLU L 404 -57.85 20.18 5.80
CA GLU L 404 -57.14 18.90 5.98
C GLU L 404 -56.55 18.80 7.37
N ILE L 405 -56.17 19.95 7.97
CA ILE L 405 -55.79 20.09 9.35
C ILE L 405 -56.99 19.94 10.32
N GLU L 406 -58.15 20.49 9.95
CA GLU L 406 -59.38 20.43 10.67
C GLU L 406 -60.04 19.04 10.75
N LEU L 407 -59.97 18.32 9.65
CA LEU L 407 -60.44 17.02 9.27
C LEU L 407 -59.77 15.97 10.19
N ALA L 408 -58.43 16.15 10.46
CA ALA L 408 -57.64 15.39 11.39
C ALA L 408 -58.21 15.15 12.77
N LEU L 409 -58.82 16.13 13.36
CA LEU L 409 -59.46 15.98 14.68
C LEU L 409 -60.67 15.18 14.64
N ARG L 410 -61.51 15.41 13.65
CA ARG L 410 -62.88 14.79 13.52
C ARG L 410 -62.63 13.32 13.17
N LEU L 411 -61.60 13.06 12.33
CA LEU L 411 -61.28 11.82 11.74
C LEU L 411 -60.64 10.83 12.69
N THR L 412 -59.90 11.33 13.67
CA THR L 412 -59.24 10.36 14.67
C THR L 412 -60.33 9.59 15.36
N GLU L 413 -61.40 10.35 15.70
CA GLU L 413 -62.53 9.81 16.52
C GLU L 413 -63.27 8.63 15.80
N TYR L 414 -63.49 8.88 14.50
CA TYR L 414 -64.14 7.96 13.64
C TYR L 414 -63.33 6.68 13.42
N SER L 415 -61.97 6.76 13.35
CA SER L 415 -61.10 5.58 13.37
C SER L 415 -61.24 4.75 14.61
N ARG L 416 -61.29 5.39 15.85
CA ARG L 416 -61.32 4.62 17.10
C ARG L 416 -62.55 3.83 17.34
N THR L 417 -63.64 4.44 17.04
CA THR L 417 -64.87 3.77 17.07
C THR L 417 -65.01 2.77 15.89
N LEU L 418 -64.28 2.92 14.72
CA LEU L 418 -64.32 1.97 13.63
C LEU L 418 -63.77 0.65 14.08
N SER L 419 -62.64 0.68 14.82
CA SER L 419 -62.11 -0.45 15.53
C SER L 419 -61.80 -1.64 14.61
N GLY L 420 -61.20 -1.32 13.43
CA GLY L 420 -60.74 -2.33 12.50
C GLY L 420 -59.24 -2.53 12.62
N MET L 421 -58.68 -3.19 11.56
CA MET L 421 -57.30 -3.38 11.19
C MET L 421 -56.98 -2.02 10.64
N GLU L 422 -57.92 -1.33 9.93
CA GLU L 422 -57.73 -0.15 9.17
C GLU L 422 -57.67 1.05 10.03
N SER L 423 -58.16 0.99 11.28
CA SER L 423 -58.24 2.09 12.16
C SER L 423 -56.85 2.72 12.41
N TYR L 424 -55.86 1.94 12.66
CA TYR L 424 -54.53 2.38 13.02
C TYR L 424 -53.84 3.17 11.92
N CYS L 425 -54.02 2.77 10.63
CA CYS L 425 -53.52 3.37 9.47
C CYS L 425 -54.18 4.69 9.40
N VAL L 426 -55.52 4.85 9.55
CA VAL L 426 -56.17 6.13 9.35
C VAL L 426 -55.85 7.14 10.46
N ARG L 427 -55.79 6.65 11.77
CA ARG L 427 -55.40 7.50 12.89
C ARG L 427 -54.10 8.18 12.79
N ALA L 428 -53.09 7.44 12.26
CA ALA L 428 -51.77 7.85 11.98
C ALA L 428 -51.76 8.85 10.81
N PHE L 429 -52.61 8.69 9.78
CA PHE L 429 -52.77 9.70 8.74
C PHE L 429 -53.38 11.03 9.31
N ALA L 430 -54.29 10.97 10.35
CA ALA L 430 -54.91 12.18 10.91
C ALA L 430 -53.73 13.03 11.40
N ASP L 431 -52.74 12.47 12.15
CA ASP L 431 -51.59 13.18 12.73
C ASP L 431 -50.59 13.76 11.66
N ALA L 432 -50.43 13.10 10.56
CA ALA L 432 -49.67 13.43 9.39
C ALA L 432 -50.36 14.64 8.69
N MET L 433 -51.75 14.83 8.63
CA MET L 433 -52.31 15.95 7.93
C MET L 433 -52.04 17.21 8.71
N GLU L 434 -51.59 17.12 10.00
CA GLU L 434 -51.34 18.25 10.81
C GLU L 434 -50.03 18.84 10.67
N VAL L 435 -49.10 18.10 9.94
CA VAL L 435 -47.75 18.48 9.70
C VAL L 435 -47.72 19.48 8.55
N ILE L 436 -48.82 19.60 7.69
CA ILE L 436 -48.66 20.37 6.44
C ILE L 436 -48.33 21.88 6.76
N PRO L 437 -48.76 22.75 7.65
CA PRO L 437 -48.20 24.12 7.75
C PRO L 437 -46.83 24.07 8.32
N SER L 438 -46.46 23.03 9.09
CA SER L 438 -45.24 22.82 9.80
C SER L 438 -44.00 22.63 8.99
N THR L 439 -44.13 21.64 8.09
CA THR L 439 -43.18 21.17 7.18
C THR L 439 -42.89 22.17 6.16
N LEU L 440 -43.95 22.95 5.80
CA LEU L 440 -43.82 24.05 4.92
C LEU L 440 -42.79 25.13 5.30
N ALA L 441 -42.89 25.54 6.56
CA ALA L 441 -42.00 26.49 7.19
C ALA L 441 -40.59 25.97 7.44
N GLU L 442 -40.44 24.68 7.88
CA GLU L 442 -39.31 24.06 8.48
C GLU L 442 -38.03 24.22 7.75
N ASN L 443 -38.13 23.99 6.41
CA ASN L 443 -36.98 23.93 5.61
C ASN L 443 -36.22 25.26 5.43
N ALA L 444 -36.97 26.41 5.54
CA ALA L 444 -36.49 27.70 5.16
C ALA L 444 -35.28 28.16 5.82
N GLY L 445 -35.20 27.94 7.15
CA GLY L 445 -34.29 28.57 8.14
C GLY L 445 -33.65 27.61 9.04
N LEU L 446 -33.67 28.05 10.36
CA LEU L 446 -32.85 27.45 11.43
C LEU L 446 -33.61 27.57 12.66
N ASN L 447 -33.43 26.57 13.59
CA ASN L 447 -34.29 26.50 14.82
C ASN L 447 -35.62 25.74 14.57
N PRO L 448 -35.74 24.65 13.82
CA PRO L 448 -37.01 24.09 13.39
C PRO L 448 -38.12 23.69 14.39
N ILE L 449 -37.68 23.03 15.43
CA ILE L 449 -38.57 22.20 16.30
C ILE L 449 -39.72 22.93 16.96
N SER L 450 -39.38 24.12 17.53
CA SER L 450 -40.30 24.87 18.39
C SER L 450 -41.56 25.35 17.66
N THR L 451 -41.37 26.01 16.51
CA THR L 451 -42.51 26.51 15.79
C THR L 451 -43.44 25.38 15.31
N VAL L 452 -42.73 24.29 14.94
CA VAL L 452 -43.37 23.10 14.29
C VAL L 452 -44.49 22.53 15.13
N THR L 453 -44.26 22.38 16.49
CA THR L 453 -45.25 21.83 17.43
C THR L 453 -46.45 22.72 17.72
N GLU L 454 -46.17 24.03 17.80
CA GLU L 454 -47.01 25.16 18.08
C GLU L 454 -48.14 25.40 17.08
N LEU L 455 -47.91 25.22 15.78
CA LEU L 455 -48.96 25.54 14.80
C LEU L 455 -50.18 24.57 14.86
N ARG L 456 -49.89 23.26 15.13
CA ARG L 456 -50.78 22.15 15.47
C ARG L 456 -51.49 22.39 16.75
N ASN L 457 -50.92 23.07 17.76
CA ASN L 457 -51.73 23.33 18.93
C ASN L 457 -52.84 24.32 18.73
N ARG L 458 -52.47 25.44 18.05
CA ARG L 458 -53.33 26.59 17.78
C ARG L 458 -54.43 26.21 16.92
N HIS L 459 -54.27 25.37 15.85
CA HIS L 459 -55.35 24.92 15.02
C HIS L 459 -56.34 23.96 15.63
N ALA L 460 -55.86 22.94 16.38
CA ALA L 460 -56.58 21.90 17.09
C ALA L 460 -57.53 22.30 18.12
N GLN L 461 -57.05 23.30 18.98
CA GLN L 461 -57.75 23.83 20.14
C GLN L 461 -58.92 24.64 19.81
N GLY L 462 -58.95 25.20 18.62
CA GLY L 462 -60.12 25.89 18.19
C GLY L 462 -61.38 25.10 17.98
N GLU L 463 -61.15 23.77 17.76
CA GLU L 463 -62.15 22.76 17.75
C GLU L 463 -62.51 22.49 16.30
N LYS L 464 -63.73 22.03 16.04
CA LYS L 464 -64.18 21.45 14.88
C LYS L 464 -64.71 22.48 13.90
N THR L 465 -64.61 23.78 14.25
CA THR L 465 -65.29 24.91 13.62
C THR L 465 -64.20 26.07 13.54
N ALA L 466 -63.04 25.95 14.17
CA ALA L 466 -62.06 26.98 14.15
C ALA L 466 -60.70 26.46 14.26
N GLY L 467 -59.70 27.34 13.89
CA GLY L 467 -58.27 27.00 14.07
C GLY L 467 -57.50 28.22 13.57
N ILE L 468 -56.17 28.06 13.35
CA ILE L 468 -55.36 29.02 12.71
C ILE L 468 -55.72 29.15 11.23
N ASN L 469 -55.84 30.38 10.73
CA ASN L 469 -55.87 30.60 9.29
C ASN L 469 -54.51 30.55 8.69
N VAL L 470 -54.53 30.28 7.35
CA VAL L 470 -53.41 29.88 6.52
C VAL L 470 -53.24 30.78 5.35
N ARG L 471 -53.82 32.01 5.55
CA ARG L 471 -53.81 33.10 4.61
C ARG L 471 -53.94 34.34 5.47
N LYS L 472 -53.97 34.29 6.81
CA LYS L 472 -53.89 35.49 7.61
C LYS L 472 -53.21 35.25 8.98
N GLY L 473 -53.23 33.97 9.35
CA GLY L 473 -52.71 33.61 10.63
C GLY L 473 -53.86 33.92 11.63
N GLY L 474 -53.65 33.78 12.91
CA GLY L 474 -54.57 34.14 13.97
C GLY L 474 -55.63 33.06 14.07
N ILE L 475 -56.07 32.69 15.28
CA ILE L 475 -57.09 31.69 15.54
C ILE L 475 -58.41 32.53 15.39
N SER L 476 -59.24 32.19 14.36
CA SER L 476 -60.48 32.78 14.05
C SER L 476 -61.11 31.73 13.28
N ASN L 477 -62.46 31.81 13.12
CA ASN L 477 -63.39 30.97 12.39
C ASN L 477 -62.80 30.89 10.99
N ILE L 478 -62.78 29.65 10.37
CA ILE L 478 -62.05 29.42 9.11
C ILE L 478 -63.11 29.03 8.06
N LEU L 479 -64.33 28.64 8.46
CA LEU L 479 -65.35 28.11 7.58
C LEU L 479 -65.97 29.15 6.66
N GLU L 480 -65.97 30.46 6.97
CA GLU L 480 -66.47 31.46 6.12
C GLU L 480 -65.84 32.64 6.72
N GLU L 481 -65.06 33.43 5.99
CA GLU L 481 -64.33 34.59 6.55
C GLU L 481 -63.55 35.11 5.34
N LEU L 482 -63.71 34.43 4.14
CA LEU L 482 -62.97 34.70 2.88
C LEU L 482 -61.71 33.92 2.90
N VAL L 483 -61.58 32.75 3.63
CA VAL L 483 -60.47 31.92 3.51
C VAL L 483 -61.22 30.67 3.22
N VAL L 484 -61.74 30.50 1.98
CA VAL L 484 -62.58 29.41 1.57
C VAL L 484 -61.98 28.80 0.36
N GLN L 485 -62.28 27.56 0.08
CA GLN L 485 -62.09 27.09 -1.27
C GLN L 485 -63.37 26.11 -1.54
N PRO L 486 -63.70 25.68 -2.78
CA PRO L 486 -64.80 24.83 -3.19
C PRO L 486 -64.75 23.55 -2.47
N LEU L 487 -65.86 22.74 -2.33
CA LEU L 487 -65.78 21.38 -1.73
C LEU L 487 -64.91 20.52 -2.60
N LEU L 488 -65.04 20.65 -3.92
CA LEU L 488 -64.42 19.93 -4.95
C LEU L 488 -62.92 19.88 -4.85
N VAL L 489 -62.31 20.96 -4.42
CA VAL L 489 -60.82 21.10 -4.41
C VAL L 489 -60.17 20.09 -3.38
N SER L 490 -60.74 20.00 -2.13
CA SER L 490 -60.12 19.21 -1.10
C SER L 490 -60.57 17.82 -1.20
N VAL L 491 -61.79 17.46 -1.75
CA VAL L 491 -62.21 16.13 -1.86
C VAL L 491 -61.43 15.54 -3.02
N SER L 492 -61.21 16.36 -4.05
CA SER L 492 -60.49 15.91 -5.18
C SER L 492 -59.07 15.67 -4.81
N ALA L 493 -58.47 16.41 -3.98
CA ALA L 493 -57.17 16.22 -3.64
C ALA L 493 -56.83 14.99 -2.87
N LEU L 494 -57.76 14.64 -1.89
CA LEU L 494 -57.71 13.42 -1.13
C LEU L 494 -57.80 12.20 -1.98
N THR L 495 -58.79 12.21 -2.91
CA THR L 495 -59.09 11.16 -3.90
C THR L 495 -57.91 10.86 -4.74
N LEU L 496 -57.21 11.82 -5.34
CA LEU L 496 -56.13 11.59 -6.22
C LEU L 496 -54.91 11.03 -5.56
N ALA L 497 -54.59 11.53 -4.35
CA ALA L 497 -53.59 11.13 -3.47
C ALA L 497 -53.71 9.68 -3.05
N THR L 498 -54.93 9.29 -2.60
CA THR L 498 -55.28 7.96 -2.17
C THR L 498 -55.03 6.89 -3.24
N GLU L 499 -55.30 7.25 -4.50
CA GLU L 499 -54.94 6.33 -5.59
C GLU L 499 -53.52 6.19 -5.98
N THR L 500 -52.82 7.34 -6.12
CA THR L 500 -51.40 7.27 -6.55
C THR L 500 -50.42 6.56 -5.55
N VAL L 501 -50.58 6.93 -4.24
CA VAL L 501 -49.81 6.41 -3.14
C VAL L 501 -49.96 4.91 -2.97
N ARG L 502 -51.22 4.53 -3.12
CA ARG L 502 -51.65 3.11 -2.88
C ARG L 502 -50.91 2.17 -3.80
N SER L 503 -50.63 2.68 -5.00
CA SER L 503 -49.99 1.96 -5.99
C SER L 503 -48.64 1.56 -5.59
N ILE L 504 -47.81 2.44 -4.89
CA ILE L 504 -46.42 2.10 -4.39
C ILE L 504 -46.55 0.90 -3.51
N LEU L 505 -47.50 0.77 -2.63
CA LEU L 505 -47.62 -0.37 -1.77
C LEU L 505 -47.89 -1.69 -2.45
N LYS L 506 -48.68 -1.60 -3.51
CA LYS L 506 -49.08 -2.77 -4.24
C LYS L 506 -47.97 -3.61 -4.92
N ILE L 507 -46.93 -3.04 -5.53
CA ILE L 507 -45.89 -3.80 -6.23
C ILE L 507 -45.19 -4.83 -5.36
N ASP L 508 -44.62 -5.84 -6.06
CA ASP L 508 -43.75 -6.75 -5.37
C ASP L 508 -42.66 -7.14 -6.36
N ASP L 509 -41.40 -7.25 -5.83
CA ASP L 509 -40.22 -7.65 -6.53
C ASP L 509 -39.81 -6.63 -7.61
N VAL L 510 -38.50 -6.66 -7.92
CA VAL L 510 -38.08 -5.77 -8.99
C VAL L 510 -38.78 -5.99 -10.35
N VAL L 511 -39.00 -4.93 -11.18
CA VAL L 511 -39.58 -5.07 -12.46
C VAL L 511 -38.91 -4.03 -13.26
N ASN L 512 -38.41 -4.38 -14.46
CA ASN L 512 -37.77 -3.45 -15.40
C ASN L 512 -37.82 -4.17 -16.76
N THR L 513 -38.66 -3.59 -17.63
CA THR L 513 -38.82 -4.09 -18.98
C THR L 513 -37.47 -3.99 -19.73
N ARG L 514 -37.18 -5.03 -20.51
CA ARG L 514 -35.96 -5.30 -21.25
C ARG L 514 -36.40 -5.22 -22.73
N LYS M 1 5.23 -20.42 -28.68
CA LYS M 1 4.41 -21.57 -28.23
C LYS M 1 5.04 -22.43 -27.22
N SER M 2 4.25 -23.31 -26.50
CA SER M 2 4.68 -24.24 -25.48
C SER M 2 4.61 -25.63 -26.07
N ARG M 3 5.49 -26.49 -25.48
CA ARG M 3 5.56 -27.94 -25.76
C ARG M 3 5.03 -28.58 -24.54
N LEU M 4 3.92 -29.32 -24.79
CA LEU M 4 3.13 -30.11 -23.79
C LEU M 4 3.50 -31.55 -24.09
N MET M 5 3.86 -32.38 -23.06
CA MET M 5 4.36 -33.75 -23.34
C MET M 5 3.86 -34.42 -22.20
N GLY M 6 3.60 -35.72 -22.35
CA GLY M 6 3.52 -36.68 -21.20
C GLY M 6 2.31 -36.43 -20.42
N LEU M 7 2.58 -35.90 -19.18
CA LEU M 7 1.60 -35.63 -18.15
C LEU M 7 0.78 -34.36 -18.53
N GLU M 8 1.48 -33.37 -19.13
CA GLU M 8 0.85 -32.19 -19.57
C GLU M 8 -0.16 -32.51 -20.67
N ALA M 9 0.21 -33.38 -21.65
CA ALA M 9 -0.60 -33.86 -22.69
C ALA M 9 -1.81 -34.62 -22.17
N LEU M 10 -1.64 -35.55 -21.17
CA LEU M 10 -2.74 -36.37 -20.72
C LEU M 10 -3.65 -35.69 -19.76
N LYS M 11 -3.19 -34.76 -18.95
CA LYS M 11 -4.00 -33.94 -18.12
C LYS M 11 -5.05 -33.09 -18.90
N SER M 12 -4.62 -32.47 -19.96
CA SER M 12 -5.44 -31.70 -20.86
C SER M 12 -6.57 -32.53 -21.49
N HIS M 13 -6.24 -33.78 -21.80
CA HIS M 13 -7.11 -34.70 -22.50
C HIS M 13 -8.30 -35.17 -21.61
N ILE M 14 -8.07 -35.41 -20.27
CA ILE M 14 -9.10 -35.72 -19.38
C ILE M 14 -10.01 -34.54 -19.21
N MET M 15 -9.47 -33.28 -19.05
CA MET M 15 -10.18 -32.03 -18.77
C MET M 15 -11.22 -31.72 -19.89
N ALA M 16 -10.80 -31.85 -21.20
CA ALA M 16 -11.63 -31.70 -22.40
C ALA M 16 -12.63 -32.81 -22.51
N ALA M 17 -12.20 -34.08 -22.27
CA ALA M 17 -13.05 -35.22 -22.61
C ALA M 17 -14.30 -35.29 -21.74
N LYS M 18 -14.04 -35.02 -20.44
CA LYS M 18 -15.04 -35.14 -19.39
C LYS M 18 -16.16 -34.19 -19.63
N ALA M 19 -15.90 -32.94 -20.10
CA ALA M 19 -16.96 -32.00 -20.19
C ALA M 19 -18.14 -32.45 -21.07
N VAL M 20 -17.78 -33.10 -22.23
CA VAL M 20 -18.72 -33.66 -23.16
C VAL M 20 -19.46 -34.84 -22.54
N ALA M 21 -18.66 -35.67 -21.80
CA ALA M 21 -19.12 -36.96 -21.25
C ALA M 21 -20.24 -36.83 -20.23
N ASN M 22 -20.15 -35.75 -19.37
CA ASN M 22 -21.09 -35.43 -18.33
C ASN M 22 -22.59 -35.11 -18.79
N THR M 23 -22.73 -34.36 -19.95
CA THR M 23 -24.02 -34.05 -20.54
C THR M 23 -24.65 -35.31 -21.09
N MET M 24 -23.75 -36.16 -21.73
CA MET M 24 -24.21 -37.31 -22.49
C MET M 24 -24.79 -38.24 -21.45
N ARG M 25 -24.09 -38.57 -20.32
CA ARG M 25 -24.43 -39.56 -19.30
C ARG M 25 -25.67 -39.13 -18.70
N THR M 26 -26.04 -37.83 -18.51
CA THR M 26 -27.26 -37.42 -17.94
C THR M 26 -28.34 -37.31 -18.93
N SER M 27 -28.16 -37.72 -20.23
CA SER M 27 -29.17 -37.86 -21.29
C SER M 27 -29.17 -39.26 -21.88
N LEU M 28 -28.60 -40.28 -21.14
CA LEU M 28 -28.48 -41.59 -21.65
C LEU M 28 -29.69 -42.44 -21.51
N GLY M 29 -30.00 -43.30 -22.47
CA GLY M 29 -31.07 -44.30 -22.38
C GLY M 29 -32.52 -43.77 -22.50
N PRO M 30 -33.59 -44.58 -22.38
CA PRO M 30 -35.06 -44.23 -22.43
C PRO M 30 -35.42 -43.63 -21.12
N ASN M 31 -34.66 -43.66 -20.04
CA ASN M 31 -35.01 -42.97 -18.78
C ASN M 31 -34.41 -41.59 -18.90
N GLY M 32 -33.70 -41.30 -20.00
CA GLY M 32 -33.08 -40.07 -20.38
C GLY M 32 -33.76 -38.75 -20.34
N LEU M 33 -33.01 -37.68 -20.13
CA LEU M 33 -33.61 -36.46 -19.71
C LEU M 33 -33.23 -35.42 -20.70
N ASP M 34 -34.23 -34.55 -20.99
CA ASP M 34 -34.15 -33.43 -21.92
C ASP M 34 -33.17 -32.33 -21.46
N LYS M 35 -32.44 -31.67 -22.35
CA LYS M 35 -31.50 -30.68 -22.00
C LYS M 35 -31.88 -29.50 -22.82
N MET M 36 -32.18 -28.45 -22.09
CA MET M 36 -32.63 -27.23 -22.68
C MET M 36 -31.51 -26.25 -22.52
N MET M 37 -30.97 -25.87 -23.66
CA MET M 37 -29.76 -25.12 -23.87
C MET M 37 -30.07 -23.85 -24.61
N VAL M 38 -29.39 -22.72 -24.32
CA VAL M 38 -29.63 -21.44 -25.09
C VAL M 38 -28.37 -21.16 -25.78
N ASP M 39 -28.56 -20.69 -27.01
CA ASP M 39 -27.54 -20.01 -27.80
C ASP M 39 -27.46 -18.54 -27.43
N LYS M 40 -26.42 -17.89 -28.01
CA LYS M 40 -26.09 -16.54 -27.79
C LYS M 40 -26.87 -15.65 -28.77
N ASP M 41 -27.78 -16.27 -29.57
CA ASP M 41 -28.67 -15.73 -30.62
C ASP M 41 -30.01 -15.43 -30.03
N GLY M 42 -30.14 -15.65 -28.69
CA GLY M 42 -31.34 -15.39 -27.93
C GLY M 42 -32.33 -16.58 -28.03
N ASP M 43 -31.91 -17.63 -28.78
CA ASP M 43 -32.71 -18.71 -29.07
C ASP M 43 -32.51 -19.82 -28.26
N VAL M 44 -33.49 -20.73 -28.26
CA VAL M 44 -33.46 -21.82 -27.44
C VAL M 44 -33.66 -23.06 -28.18
N THR M 45 -32.75 -24.04 -27.87
CA THR M 45 -32.66 -25.35 -28.58
C THR M 45 -32.67 -26.38 -27.55
N VAL M 46 -33.64 -27.28 -27.73
CA VAL M 46 -33.95 -28.36 -26.79
C VAL M 46 -33.60 -29.58 -27.46
N THR M 47 -32.62 -30.24 -26.84
CA THR M 47 -31.81 -31.33 -27.42
C THR M 47 -31.87 -32.52 -26.48
N ASN M 48 -31.53 -33.76 -27.02
CA ASN M 48 -31.28 -34.89 -26.11
C ASN M 48 -30.40 -35.95 -26.77
N ASP M 49 -30.42 -35.92 -28.11
CA ASP M 49 -29.71 -36.93 -28.91
C ASP M 49 -28.21 -36.50 -28.89
N GLY M 50 -27.25 -37.47 -28.81
CA GLY M 50 -25.87 -37.20 -28.53
C GLY M 50 -25.26 -36.43 -29.68
N ALA M 51 -25.72 -36.66 -30.98
CA ALA M 51 -25.17 -35.96 -32.10
C ALA M 51 -25.44 -34.44 -32.14
N THR M 52 -26.68 -34.01 -31.75
CA THR M 52 -27.08 -32.64 -31.80
C THR M 52 -26.34 -31.84 -30.75
N ILE M 53 -25.98 -32.56 -29.63
CA ILE M 53 -25.24 -32.01 -28.57
C ILE M 53 -23.80 -31.71 -29.01
N LEU M 54 -23.21 -32.58 -29.80
CA LEU M 54 -21.86 -32.43 -30.38
C LEU M 54 -21.88 -31.29 -31.41
N SER M 55 -22.93 -31.14 -32.21
CA SER M 55 -23.08 -30.03 -33.18
C SER M 55 -23.22 -28.68 -32.48
N MET M 56 -23.94 -28.73 -31.31
CA MET M 56 -24.25 -27.52 -30.59
C MET M 56 -23.00 -26.86 -29.96
N MET M 57 -22.14 -27.70 -29.34
CA MET M 57 -21.13 -27.21 -28.51
C MET M 57 -19.85 -27.14 -29.32
N ASP M 58 -18.98 -26.20 -28.97
CA ASP M 58 -17.73 -26.00 -29.66
C ASP M 58 -16.79 -25.77 -28.48
N VAL M 59 -16.89 -26.60 -27.43
CA VAL M 59 -16.00 -26.52 -26.27
C VAL M 59 -14.56 -26.64 -26.69
N ASP M 60 -13.58 -26.03 -25.97
CA ASP M 60 -12.14 -26.04 -26.23
C ASP M 60 -11.50 -27.41 -26.34
N HIS M 61 -10.31 -27.42 -27.03
CA HIS M 61 -9.52 -28.59 -27.25
C HIS M 61 -10.01 -29.44 -28.42
N GLN M 62 -9.04 -30.05 -29.16
CA GLN M 62 -9.24 -30.87 -30.32
C GLN M 62 -10.13 -32.06 -30.02
N ILE M 63 -9.94 -32.66 -28.82
CA ILE M 63 -10.51 -33.98 -28.34
C ILE M 63 -12.05 -33.87 -28.45
N ALA M 64 -12.61 -32.65 -28.22
CA ALA M 64 -14.05 -32.50 -28.38
C ALA M 64 -14.59 -32.82 -29.79
N LYS M 65 -13.88 -32.26 -30.78
CA LYS M 65 -14.13 -32.39 -32.20
C LYS M 65 -13.93 -33.75 -32.71
N LEU M 66 -12.96 -34.50 -32.18
CA LEU M 66 -12.67 -35.91 -32.64
C LEU M 66 -13.88 -36.89 -32.29
N MET M 67 -14.52 -36.62 -31.15
CA MET M 67 -15.74 -37.32 -30.74
C MET M 67 -16.91 -36.95 -31.72
N VAL M 68 -16.93 -35.64 -32.06
CA VAL M 68 -17.97 -35.14 -33.04
C VAL M 68 -17.96 -35.90 -34.36
N GLU M 69 -16.77 -36.13 -34.98
CA GLU M 69 -16.68 -36.79 -36.27
C GLU M 69 -17.16 -38.25 -36.29
N LEU M 70 -16.73 -38.91 -35.19
CA LEU M 70 -16.90 -40.33 -34.83
C LEU M 70 -18.43 -40.61 -34.77
N SER M 71 -19.17 -39.67 -34.10
CA SER M 71 -20.57 -39.85 -33.93
C SER M 71 -21.37 -39.71 -35.24
N LYS M 72 -20.84 -38.84 -36.14
CA LYS M 72 -21.47 -38.69 -37.41
C LYS M 72 -21.50 -39.84 -38.37
N SER M 73 -20.35 -40.59 -38.47
CA SER M 73 -20.27 -41.82 -39.26
C SER M 73 -21.28 -42.86 -38.71
N GLN M 74 -21.32 -42.96 -37.36
CA GLN M 74 -22.15 -43.88 -36.67
C GLN M 74 -23.61 -43.61 -36.71
N ASP M 75 -24.08 -42.34 -36.87
CA ASP M 75 -25.50 -42.05 -37.09
C ASP M 75 -26.06 -42.75 -38.39
N ASP M 76 -25.23 -42.73 -39.48
CA ASP M 76 -25.52 -43.37 -40.77
C ASP M 76 -25.42 -44.85 -40.62
N GLU M 77 -24.38 -45.43 -40.00
CA GLU M 77 -24.11 -46.91 -39.96
C GLU M 77 -24.99 -47.72 -39.00
N ILE M 78 -24.94 -47.20 -37.71
CA ILE M 78 -25.74 -47.86 -36.73
C ILE M 78 -27.04 -47.07 -36.66
N GLY M 79 -26.93 -45.81 -36.39
CA GLY M 79 -27.93 -44.93 -35.86
C GLY M 79 -27.56 -44.59 -34.45
N ASP M 80 -28.40 -44.97 -33.45
CA ASP M 80 -28.26 -44.70 -32.03
C ASP M 80 -27.04 -45.33 -31.46
N GLY M 81 -26.50 -44.75 -30.45
CA GLY M 81 -25.31 -45.24 -29.84
C GLY M 81 -24.42 -44.02 -29.62
N THR M 82 -24.89 -42.85 -30.09
CA THR M 82 -24.30 -41.49 -30.07
C THR M 82 -24.01 -41.00 -28.66
N THR M 83 -24.97 -41.22 -27.73
CA THR M 83 -24.74 -40.92 -26.30
C THR M 83 -23.74 -41.95 -25.75
N GLY M 84 -23.97 -43.26 -26.10
CA GLY M 84 -23.31 -44.32 -25.49
C GLY M 84 -21.81 -44.41 -25.69
N VAL M 85 -21.29 -43.96 -26.87
CA VAL M 85 -19.95 -44.17 -27.36
C VAL M 85 -19.07 -43.20 -26.58
N VAL M 86 -19.54 -41.94 -26.38
CA VAL M 86 -18.79 -40.85 -25.79
C VAL M 86 -18.63 -41.04 -24.26
N VAL M 87 -19.71 -41.38 -23.55
CA VAL M 87 -19.62 -41.63 -22.12
C VAL M 87 -18.66 -42.74 -21.82
N LEU M 88 -18.55 -43.78 -22.68
CA LEU M 88 -17.66 -44.92 -22.53
C LEU M 88 -16.28 -44.48 -22.75
N ALA M 89 -16.01 -43.58 -23.71
CA ALA M 89 -14.72 -42.97 -23.96
C ALA M 89 -14.03 -42.20 -22.88
N GLY M 90 -14.74 -41.33 -22.12
CA GLY M 90 -14.34 -40.61 -20.95
C GLY M 90 -14.04 -41.59 -19.77
N ALA M 91 -14.80 -42.74 -19.60
CA ALA M 91 -14.54 -43.73 -18.61
C ALA M 91 -13.10 -44.27 -18.85
N LEU M 92 -12.73 -44.59 -20.13
CA LEU M 92 -11.41 -45.08 -20.38
C LEU M 92 -10.33 -44.15 -19.89
N LEU M 93 -10.48 -42.80 -20.10
CA LEU M 93 -9.54 -41.78 -19.75
C LEU M 93 -9.45 -41.50 -18.24
N GLU M 94 -10.59 -41.72 -17.49
CA GLU M 94 -10.59 -41.61 -16.03
C GLU M 94 -9.75 -42.77 -15.41
N GLU M 95 -9.97 -44.06 -15.83
CA GLU M 95 -9.27 -45.21 -15.47
C GLU M 95 -7.84 -45.11 -15.85
N ALA M 96 -7.52 -44.59 -17.09
CA ALA M 96 -6.13 -44.51 -17.56
C ALA M 96 -5.21 -43.67 -16.67
N GLU M 97 -5.80 -42.55 -16.10
CA GLU M 97 -5.31 -41.61 -15.14
C GLU M 97 -5.05 -42.21 -13.81
N GLN M 98 -5.96 -43.04 -13.26
CA GLN M 98 -5.79 -43.85 -12.08
C GLN M 98 -4.56 -44.80 -12.21
N LEU M 99 -4.43 -45.52 -13.39
CA LEU M 99 -3.30 -46.35 -13.65
C LEU M 99 -2.06 -45.45 -13.96
N LEU M 100 -2.21 -44.20 -14.53
CA LEU M 100 -1.06 -43.34 -14.96
C LEU M 100 -0.29 -42.80 -13.77
N ASP M 101 -0.95 -42.47 -12.65
CA ASP M 101 -0.35 -41.94 -11.44
C ASP M 101 0.35 -43.09 -10.64
N ARG M 102 -0.02 -44.40 -10.82
CA ARG M 102 0.54 -45.62 -10.27
C ARG M 102 1.83 -45.85 -10.91
N GLY M 103 2.00 -45.42 -12.18
CA GLY M 103 3.23 -45.40 -12.96
C GLY M 103 3.04 -46.24 -14.10
N ILE M 104 2.08 -46.06 -14.89
CA ILE M 104 1.82 -46.91 -16.07
C ILE M 104 1.78 -45.85 -17.17
N HIS M 105 2.65 -46.11 -18.18
CA HIS M 105 2.86 -45.46 -19.47
C HIS M 105 1.58 -45.59 -20.26
N PRO M 106 1.22 -44.66 -21.19
CA PRO M 106 -0.01 -44.74 -21.93
C PRO M 106 0.06 -45.80 -23.04
N ILE M 107 1.23 -46.33 -23.52
CA ILE M 107 1.23 -47.33 -24.59
C ILE M 107 0.77 -48.69 -24.11
N ARG M 108 1.07 -48.99 -22.77
CA ARG M 108 0.56 -50.10 -22.05
C ARG M 108 -0.93 -50.11 -21.95
N ILE M 109 -1.50 -48.91 -21.76
CA ILE M 109 -2.94 -48.69 -21.60
C ILE M 109 -3.63 -48.96 -22.92
N ALA M 110 -2.99 -48.39 -24.02
CA ALA M 110 -3.43 -48.44 -25.38
C ALA M 110 -3.60 -49.76 -25.91
N ASP M 111 -2.63 -50.74 -25.74
CA ASP M 111 -2.67 -52.12 -26.26
C ASP M 111 -3.56 -52.94 -25.48
N GLY M 112 -3.57 -52.87 -24.12
CA GLY M 112 -4.45 -53.58 -23.30
C GLY M 112 -5.90 -53.24 -23.42
N TYR M 113 -6.25 -51.98 -23.83
CA TYR M 113 -7.63 -51.48 -24.05
C TYR M 113 -8.23 -52.03 -25.31
N GLU M 114 -7.45 -52.06 -26.43
CA GLU M 114 -7.69 -52.65 -27.72
C GLU M 114 -7.89 -54.15 -27.64
N GLN M 115 -7.04 -54.83 -26.79
CA GLN M 115 -7.12 -56.29 -26.46
C GLN M 115 -8.32 -56.65 -25.62
N ALA M 116 -8.70 -55.85 -24.63
CA ALA M 116 -9.94 -56.01 -23.87
C ALA M 116 -11.21 -55.91 -24.63
N ALA M 117 -11.32 -54.91 -25.57
CA ALA M 117 -12.45 -54.73 -26.42
C ALA M 117 -12.58 -55.96 -27.32
N ARG M 118 -11.47 -56.65 -27.74
CA ARG M 118 -11.71 -57.85 -28.48
C ARG M 118 -12.33 -59.00 -27.73
N VAL M 119 -12.23 -59.03 -26.37
CA VAL M 119 -12.83 -59.96 -25.47
C VAL M 119 -14.33 -59.68 -25.42
N ALA M 120 -14.63 -58.34 -25.40
CA ALA M 120 -16.00 -57.99 -25.27
C ALA M 120 -16.89 -58.30 -26.55
N ILE M 121 -16.40 -58.10 -27.76
CA ILE M 121 -17.04 -58.34 -29.10
C ILE M 121 -17.24 -59.80 -29.19
N GLU M 122 -16.31 -60.59 -28.64
CA GLU M 122 -16.56 -62.04 -28.70
C GLU M 122 -17.73 -62.46 -27.79
N HIS M 123 -17.97 -61.73 -26.65
CA HIS M 123 -18.97 -62.09 -25.70
C HIS M 123 -20.40 -61.81 -26.24
N LEU M 124 -20.50 -60.67 -26.97
CA LEU M 124 -21.63 -60.11 -27.59
C LEU M 124 -21.96 -60.82 -28.78
N ASP M 125 -21.03 -61.53 -29.44
CA ASP M 125 -21.39 -62.39 -30.55
C ASP M 125 -22.22 -63.61 -30.11
N LYS M 126 -22.11 -64.09 -28.89
CA LYS M 126 -22.78 -65.27 -28.41
C LYS M 126 -24.32 -65.20 -28.33
N ILE M 127 -24.85 -64.00 -27.97
CA ILE M 127 -26.22 -63.76 -27.59
C ILE M 127 -27.24 -64.12 -28.70
N SER M 128 -26.94 -63.73 -29.99
CA SER M 128 -27.72 -64.17 -31.15
C SER M 128 -26.78 -64.42 -32.30
N ASP M 129 -27.32 -65.05 -33.36
CA ASP M 129 -26.57 -65.34 -34.51
C ASP M 129 -27.53 -65.62 -35.62
N SER M 130 -28.83 -65.34 -35.41
CA SER M 130 -29.95 -65.61 -36.29
C SER M 130 -29.93 -64.56 -37.37
N VAL M 131 -30.45 -64.86 -38.55
CA VAL M 131 -30.54 -63.99 -39.70
C VAL M 131 -31.85 -64.64 -40.09
N LEU M 132 -32.92 -63.85 -40.42
CA LEU M 132 -34.18 -64.48 -40.70
C LEU M 132 -34.73 -63.56 -41.86
N VAL M 133 -35.77 -64.12 -42.62
CA VAL M 133 -36.42 -63.44 -43.77
C VAL M 133 -37.23 -62.33 -43.24
N ASP M 134 -37.55 -61.39 -44.18
CA ASP M 134 -38.04 -60.01 -43.93
C ASP M 134 -39.35 -59.88 -43.16
N ILE M 135 -40.33 -60.79 -43.50
CA ILE M 135 -41.60 -60.94 -42.88
C ILE M 135 -41.58 -61.33 -41.45
N LYS M 136 -40.69 -62.29 -41.09
CA LYS M 136 -40.51 -62.85 -39.76
C LYS M 136 -39.91 -61.81 -38.83
N ASP M 137 -38.99 -60.96 -39.41
CA ASP M 137 -38.32 -59.87 -38.78
C ASP M 137 -39.24 -58.83 -38.16
N THR M 138 -40.39 -58.54 -38.80
CA THR M 138 -41.31 -57.42 -38.60
C THR M 138 -41.70 -57.36 -37.13
N GLU M 139 -42.03 -58.47 -36.38
CA GLU M 139 -42.34 -58.33 -34.93
C GLU M 139 -41.21 -57.99 -33.99
N PRO M 140 -40.04 -58.73 -34.05
CA PRO M 140 -38.84 -58.23 -33.36
C PRO M 140 -38.45 -56.75 -33.69
N LEU M 141 -38.62 -56.29 -34.96
CA LEU M 141 -38.18 -55.00 -35.46
C LEU M 141 -38.90 -53.87 -34.75
N ILE M 142 -40.30 -54.00 -34.63
CA ILE M 142 -41.25 -53.07 -34.00
C ILE M 142 -40.86 -52.98 -32.50
N GLN M 143 -40.48 -54.05 -31.81
CA GLN M 143 -40.13 -54.01 -30.42
C GLN M 143 -38.77 -53.15 -30.17
N THR M 144 -37.79 -53.39 -31.05
CA THR M 144 -36.55 -52.62 -31.11
C THR M 144 -36.84 -51.13 -31.31
N ALA M 145 -37.79 -50.80 -32.24
CA ALA M 145 -38.16 -49.46 -32.60
C ALA M 145 -38.67 -48.61 -31.44
N LYS M 146 -39.36 -49.28 -30.45
CA LYS M 146 -39.93 -48.59 -29.31
C LYS M 146 -38.84 -47.97 -28.50
N THR M 147 -37.75 -48.73 -28.37
CA THR M 147 -36.69 -48.36 -27.53
C THR M 147 -35.89 -47.19 -27.94
N THR M 148 -35.63 -47.21 -29.26
CA THR M 148 -34.84 -46.27 -29.98
C THR M 148 -35.59 -44.96 -30.06
N LEU M 149 -36.89 -44.99 -30.30
CA LEU M 149 -37.78 -43.87 -30.37
C LEU M 149 -37.92 -43.30 -28.96
N GLY M 150 -37.87 -44.18 -27.96
CA GLY M 150 -37.97 -43.87 -26.50
C GLY M 150 -36.74 -43.07 -26.01
N SER M 151 -35.54 -43.24 -26.66
CA SER M 151 -34.26 -42.61 -26.26
C SER M 151 -34.06 -41.31 -26.96
N LYS M 152 -35.16 -40.73 -27.53
CA LYS M 152 -35.23 -39.37 -27.93
C LYS M 152 -36.44 -38.69 -27.24
N VAL M 153 -36.99 -39.42 -26.28
CA VAL M 153 -38.03 -39.01 -25.33
C VAL M 153 -39.43 -39.10 -25.91
N VAL M 154 -40.24 -39.96 -25.20
CA VAL M 154 -41.64 -40.29 -25.43
C VAL M 154 -41.77 -41.36 -26.54
N ASN M 155 -42.73 -42.26 -26.40
CA ASN M 155 -42.81 -43.33 -27.30
C ASN M 155 -44.25 -43.82 -27.28
N SER M 156 -45.19 -43.00 -26.73
CA SER M 156 -46.57 -43.35 -26.50
C SER M 156 -47.30 -42.88 -27.74
N CYS M 157 -47.83 -43.81 -28.65
CA CYS M 157 -48.57 -43.48 -29.82
C CYS M 157 -47.54 -43.13 -30.86
N HIS M 158 -46.37 -43.82 -30.79
CA HIS M 158 -45.23 -43.64 -31.68
C HIS M 158 -45.00 -44.97 -32.46
N ARG M 159 -45.99 -45.90 -32.38
CA ARG M 159 -46.12 -47.22 -32.97
C ARG M 159 -46.38 -47.21 -34.45
N GLN M 160 -46.86 -46.11 -34.98
CA GLN M 160 -46.98 -45.80 -36.39
C GLN M 160 -45.65 -45.62 -36.97
N MET M 161 -44.76 -44.90 -36.26
CA MET M 161 -43.41 -44.54 -36.68
C MET M 161 -42.58 -45.78 -36.83
N ALA M 162 -42.82 -46.81 -35.88
CA ALA M 162 -42.13 -48.05 -36.01
C ALA M 162 -42.56 -48.92 -37.14
N GLU M 163 -43.89 -49.02 -37.42
CA GLU M 163 -44.46 -49.85 -38.43
C GLU M 163 -44.22 -49.32 -39.82
N ILE M 164 -44.20 -48.00 -40.08
CA ILE M 164 -43.79 -47.36 -41.36
C ILE M 164 -42.30 -47.61 -41.62
N ALA M 165 -41.45 -47.83 -40.55
CA ALA M 165 -40.05 -47.94 -40.78
C ALA M 165 -39.69 -49.24 -41.36
N VAL M 166 -40.38 -50.34 -41.05
CA VAL M 166 -40.13 -51.67 -41.59
C VAL M 166 -40.38 -51.60 -43.11
N ASN M 167 -41.39 -50.85 -43.54
CA ASN M 167 -41.71 -50.76 -45.01
C ASN M 167 -40.55 -49.99 -45.66
N ALA M 168 -40.08 -48.89 -45.01
CA ALA M 168 -39.15 -47.98 -45.46
C ALA M 168 -37.77 -48.66 -45.74
N VAL M 169 -37.29 -49.62 -44.81
CA VAL M 169 -35.98 -50.26 -45.05
C VAL M 169 -36.11 -51.30 -46.12
N LEU M 170 -37.28 -51.98 -46.30
CA LEU M 170 -37.50 -53.04 -47.27
C LEU M 170 -37.42 -52.66 -48.74
N THR M 171 -38.13 -51.49 -49.08
CA THR M 171 -38.27 -50.91 -50.43
C THR M 171 -36.88 -50.50 -51.03
N VAL M 172 -36.05 -49.77 -50.27
CA VAL M 172 -34.81 -49.15 -50.71
C VAL M 172 -33.69 -50.14 -50.80
N ALA M 173 -33.85 -51.28 -50.03
CA ALA M 173 -32.77 -52.16 -49.64
C ALA M 173 -33.03 -53.56 -50.03
N ASP M 174 -31.95 -54.30 -50.14
CA ASP M 174 -31.91 -55.71 -50.31
C ASP M 174 -31.54 -56.28 -49.04
N MET M 175 -31.60 -57.61 -48.98
CA MET M 175 -31.27 -58.34 -47.71
C MET M 175 -29.79 -58.62 -47.44
N GLU M 176 -28.95 -58.70 -48.53
CA GLU M 176 -27.58 -59.08 -48.43
C GLU M 176 -26.87 -58.19 -49.38
N ARG M 177 -27.39 -56.90 -49.60
CA ARG M 177 -26.69 -55.98 -50.33
C ARG M 177 -25.36 -55.57 -49.69
N ARG M 178 -25.43 -55.27 -48.38
CA ARG M 178 -24.40 -54.79 -47.52
C ARG M 178 -23.96 -53.39 -47.91
N ASP M 179 -24.93 -52.45 -48.12
CA ASP M 179 -24.59 -51.09 -48.36
C ASP M 179 -25.72 -50.26 -47.77
N VAL M 180 -25.45 -48.95 -47.76
CA VAL M 180 -26.27 -47.95 -47.08
C VAL M 180 -27.29 -47.50 -47.97
N ASP M 181 -28.45 -47.06 -47.35
CA ASP M 181 -29.58 -46.68 -48.14
C ASP M 181 -30.18 -45.41 -47.55
N PHE M 182 -29.41 -44.65 -46.80
CA PHE M 182 -29.93 -43.49 -46.11
C PHE M 182 -29.62 -42.20 -46.93
N GLU M 183 -29.16 -42.37 -48.25
CA GLU M 183 -29.00 -41.28 -49.18
C GLU M 183 -30.11 -41.51 -50.20
N LEU M 184 -30.89 -42.56 -50.02
CA LEU M 184 -32.07 -42.82 -50.76
C LEU M 184 -33.30 -42.41 -49.99
N ILE M 185 -33.09 -42.10 -48.68
CA ILE M 185 -34.13 -41.79 -47.77
C ILE M 185 -34.23 -40.30 -47.53
N LYS M 186 -35.44 -39.77 -47.73
CA LYS M 186 -35.60 -38.36 -47.55
C LYS M 186 -36.36 -38.24 -46.28
N VAL M 187 -35.93 -37.52 -45.23
CA VAL M 187 -36.73 -37.22 -44.04
C VAL M 187 -37.44 -35.86 -44.32
N GLU M 188 -38.71 -35.82 -43.97
CA GLU M 188 -39.55 -34.68 -44.17
C GLU M 188 -40.28 -34.46 -42.90
N GLY M 189 -40.44 -33.20 -42.52
CA GLY M 189 -41.15 -32.67 -41.31
C GLY M 189 -41.89 -31.40 -41.71
N LYS M 190 -43.19 -31.25 -41.25
CA LYS M 190 -43.88 -30.00 -41.41
C LYS M 190 -44.76 -29.75 -40.20
N VAL M 191 -44.73 -28.51 -39.75
CA VAL M 191 -45.34 -27.94 -38.56
C VAL M 191 -46.82 -27.76 -38.81
N GLY M 192 -47.62 -28.28 -37.77
CA GLY M 192 -49.07 -28.14 -37.66
C GLY M 192 -49.62 -29.48 -37.55
N GLY M 193 -48.81 -30.57 -37.79
CA GLY M 193 -49.34 -31.91 -37.75
C GLY M 193 -49.62 -32.45 -36.32
N ARG M 194 -49.42 -33.80 -36.18
CA ARG M 194 -49.54 -34.52 -34.95
C ARG M 194 -48.43 -35.50 -34.98
N LEU M 195 -47.93 -36.03 -33.85
CA LEU M 195 -47.00 -37.08 -33.68
C LEU M 195 -47.68 -38.42 -33.71
N GLU M 196 -49.02 -38.46 -33.74
CA GLU M 196 -49.99 -39.56 -33.80
C GLU M 196 -50.42 -39.98 -35.20
N ASP M 197 -49.86 -39.22 -36.20
CA ASP M 197 -50.07 -39.49 -37.59
C ASP M 197 -48.61 -39.51 -38.18
N THR M 198 -48.30 -40.62 -38.83
CA THR M 198 -47.05 -40.90 -39.45
C THR M 198 -47.48 -41.60 -40.70
N LYS M 199 -46.96 -41.18 -41.86
CA LYS M 199 -47.41 -41.68 -43.14
C LYS M 199 -46.25 -42.17 -43.91
N LEU M 200 -46.50 -43.14 -44.83
CA LEU M 200 -45.38 -43.75 -45.64
C LEU M 200 -45.80 -43.28 -46.99
N ILE M 201 -44.90 -42.59 -47.68
CA ILE M 201 -45.04 -41.96 -48.94
C ILE M 201 -44.14 -42.80 -49.85
N LYS M 202 -44.71 -43.46 -50.78
CA LYS M 202 -44.08 -44.39 -51.71
C LYS M 202 -43.77 -43.56 -52.90
N GLY M 203 -43.77 -42.24 -52.87
CA GLY M 203 -43.17 -41.41 -53.87
C GLY M 203 -42.39 -40.30 -53.21
N VAL M 204 -42.82 -39.06 -53.66
CA VAL M 204 -42.15 -37.88 -53.20
C VAL M 204 -43.21 -36.79 -53.00
N ILE M 205 -42.84 -35.85 -52.07
CA ILE M 205 -43.67 -34.73 -51.78
C ILE M 205 -42.86 -33.46 -51.99
N VAL M 206 -43.61 -32.49 -52.65
CA VAL M 206 -43.21 -31.14 -52.94
C VAL M 206 -44.25 -30.43 -52.08
N ASP M 207 -43.83 -29.31 -51.53
CA ASP M 207 -44.54 -28.57 -50.48
C ASP M 207 -45.53 -27.62 -51.16
N LYS M 208 -45.45 -27.48 -52.48
CA LYS M 208 -46.19 -26.74 -53.38
C LYS M 208 -47.43 -27.42 -53.69
N ASP M 209 -48.42 -26.68 -54.15
CA ASP M 209 -49.76 -27.16 -54.51
C ASP M 209 -50.08 -26.74 -55.96
N PHE M 210 -51.24 -27.16 -56.42
CA PHE M 210 -51.78 -26.73 -57.67
C PHE M 210 -51.90 -25.15 -57.80
N SER M 211 -51.79 -24.63 -59.05
CA SER M 211 -51.78 -23.27 -59.40
C SER M 211 -53.17 -22.60 -59.18
N HIS M 212 -54.23 -23.46 -59.39
CA HIS M 212 -55.59 -23.19 -59.15
C HIS M 212 -56.19 -24.30 -58.44
N PRO M 213 -57.18 -24.19 -57.69
CA PRO M 213 -58.00 -25.34 -57.23
C PRO M 213 -58.87 -25.78 -58.44
N GLN M 214 -59.16 -24.93 -59.40
CA GLN M 214 -60.04 -25.19 -60.51
C GLN M 214 -59.47 -26.21 -61.49
N MET M 215 -58.08 -26.27 -61.48
CA MET M 215 -57.45 -27.29 -62.24
C MET M 215 -57.72 -28.66 -61.50
N PRO M 216 -57.95 -29.79 -62.14
CA PRO M 216 -58.16 -31.11 -61.53
C PRO M 216 -57.21 -31.52 -60.43
N LYS M 217 -57.69 -32.27 -59.42
CA LYS M 217 -56.92 -32.65 -58.23
C LYS M 217 -56.39 -34.04 -58.36
N LYS M 218 -56.49 -34.60 -59.58
CA LYS M 218 -56.02 -35.99 -59.89
C LYS M 218 -55.26 -35.78 -61.20
N VAL M 219 -54.24 -36.63 -61.46
CA VAL M 219 -53.56 -36.64 -62.70
C VAL M 219 -53.39 -38.14 -62.83
N GLU M 220 -53.54 -38.63 -64.06
CA GLU M 220 -53.21 -39.99 -64.53
C GLU M 220 -51.89 -40.56 -64.08
N ASP M 221 -51.76 -41.95 -64.23
CA ASP M 221 -50.55 -42.74 -64.08
C ASP M 221 -49.58 -42.30 -65.17
N ALA M 222 -48.32 -41.98 -64.77
CA ALA M 222 -47.28 -41.48 -65.61
C ALA M 222 -47.62 -40.17 -66.33
N LYS M 223 -46.85 -39.90 -67.40
CA LYS M 223 -46.98 -38.70 -68.27
C LYS M 223 -46.76 -37.45 -67.47
N ILE M 224 -45.49 -37.26 -67.00
CA ILE M 224 -45.04 -36.08 -66.21
C ILE M 224 -43.98 -35.49 -67.02
N ALA M 225 -44.26 -34.18 -67.34
CA ALA M 225 -43.34 -33.45 -68.17
C ALA M 225 -42.39 -32.70 -67.26
N ILE M 226 -41.08 -33.05 -67.21
CA ILE M 226 -40.17 -32.47 -66.33
C ILE M 226 -39.57 -31.34 -67.11
N LEU M 227 -39.57 -30.10 -66.52
CA LEU M 227 -39.35 -28.95 -67.34
C LEU M 227 -38.50 -27.94 -66.60
N THR M 228 -37.72 -27.15 -67.43
CA THR M 228 -37.06 -26.01 -66.95
C THR M 228 -37.39 -24.92 -67.97
N CYS M 229 -38.44 -24.14 -67.68
CA CYS M 229 -38.93 -23.16 -68.64
C CYS M 229 -39.57 -22.18 -67.72
N PRO M 230 -39.57 -20.95 -68.02
CA PRO M 230 -40.28 -19.95 -67.11
C PRO M 230 -41.69 -19.73 -67.49
N PHE M 231 -42.61 -19.58 -66.52
CA PHE M 231 -43.90 -18.94 -66.73
C PHE M 231 -44.07 -17.73 -65.77
N GLU M 232 -42.93 -17.50 -65.05
CA GLU M 232 -42.80 -16.33 -64.32
C GLU M 232 -41.44 -15.81 -64.60
N PRO M 233 -40.94 -14.73 -64.02
CA PRO M 233 -39.62 -14.21 -64.15
C PRO M 233 -38.52 -15.24 -63.80
N PRO M 234 -37.49 -15.51 -64.67
CA PRO M 234 -36.57 -16.62 -64.30
C PRO M 234 -35.38 -16.01 -63.60
N LYS M 235 -35.25 -14.63 -63.28
CA LYS M 235 -34.13 -14.03 -62.72
C LYS M 235 -32.82 -14.28 -63.47
N PRO M 236 -32.67 -13.74 -64.67
CA PRO M 236 -31.46 -14.02 -65.49
C PRO M 236 -30.14 -13.44 -64.99
N LYS M 237 -29.02 -14.16 -65.26
CA LYS M 237 -27.68 -13.90 -64.98
C LYS M 237 -27.10 -12.92 -65.98
N THR M 238 -28.00 -12.57 -66.93
CA THR M 238 -27.83 -11.48 -67.75
C THR M 238 -28.29 -10.26 -66.97
N LYS M 239 -27.25 -9.57 -66.43
CA LYS M 239 -26.77 -8.26 -66.74
C LYS M 239 -27.80 -7.16 -66.67
N HIS M 240 -27.46 -6.02 -67.42
CA HIS M 240 -28.23 -4.84 -67.50
C HIS M 240 -29.57 -5.12 -68.01
N LYS M 241 -30.57 -4.66 -67.19
CA LYS M 241 -31.95 -4.81 -67.39
C LYS M 241 -32.49 -3.43 -67.69
N LEU M 242 -33.67 -3.49 -68.34
CA LEU M 242 -34.28 -2.31 -68.85
C LEU M 242 -35.71 -2.61 -68.52
N ASP M 243 -36.56 -1.60 -68.28
CA ASP M 243 -38.00 -1.64 -67.98
C ASP M 243 -38.69 -0.90 -69.07
N VAL M 244 -39.97 -1.37 -69.32
CA VAL M 244 -41.00 -0.64 -70.11
C VAL M 244 -41.33 0.81 -69.62
N THR M 245 -41.65 1.83 -70.49
CA THR M 245 -42.13 3.12 -70.09
C THR M 245 -43.49 3.37 -70.81
N SER M 246 -44.44 4.06 -70.18
CA SER M 246 -45.63 4.42 -70.82
C SER M 246 -46.58 3.26 -71.12
N VAL M 247 -47.76 3.60 -71.67
CA VAL M 247 -48.91 2.71 -71.85
C VAL M 247 -48.61 1.74 -72.91
N GLU M 248 -47.84 2.19 -74.04
CA GLU M 248 -47.71 1.36 -75.19
C GLU M 248 -46.75 0.13 -75.03
N ASP M 249 -45.60 0.24 -74.31
CA ASP M 249 -44.67 -0.77 -74.10
C ASP M 249 -45.05 -1.68 -73.00
N TYR M 250 -45.93 -1.18 -72.13
CA TYR M 250 -46.47 -1.95 -71.11
C TYR M 250 -47.34 -3.00 -71.66
N LYS M 251 -48.25 -2.60 -72.63
CA LYS M 251 -49.24 -3.42 -73.31
C LYS M 251 -48.62 -4.44 -74.18
N ALA M 252 -47.57 -4.06 -74.89
CA ALA M 252 -46.84 -4.93 -75.81
C ALA M 252 -46.13 -6.08 -75.19
N LEU M 253 -45.53 -5.74 -74.01
CA LEU M 253 -44.92 -6.75 -73.22
C LEU M 253 -45.89 -7.81 -72.64
N GLN M 254 -47.04 -7.32 -72.19
CA GLN M 254 -47.99 -8.15 -71.53
C GLN M 254 -48.58 -9.16 -72.45
N LYS M 255 -48.93 -8.75 -73.69
CA LYS M 255 -49.55 -9.54 -74.71
C LYS M 255 -48.45 -10.56 -75.19
N TYR M 256 -47.14 -10.06 -75.29
CA TYR M 256 -46.02 -10.98 -75.70
C TYR M 256 -45.79 -12.15 -74.77
N GLU M 257 -45.71 -11.86 -73.46
CA GLU M 257 -45.45 -12.92 -72.54
C GLU M 257 -46.65 -13.89 -72.38
N LYS M 258 -47.89 -13.39 -72.50
CA LYS M 258 -49.11 -14.17 -72.51
C LYS M 258 -49.13 -15.16 -73.71
N GLU M 259 -48.69 -14.64 -74.95
CA GLU M 259 -48.69 -15.34 -76.19
C GLU M 259 -47.74 -16.50 -76.18
N LYS M 260 -46.52 -16.26 -75.63
CA LYS M 260 -45.51 -17.26 -75.51
C LYS M 260 -45.82 -18.32 -74.49
N PHE M 261 -46.50 -17.89 -73.32
CA PHE M 261 -46.89 -18.87 -72.33
C PHE M 261 -47.95 -19.87 -72.90
N GLU M 262 -48.94 -19.46 -73.80
CA GLU M 262 -49.91 -20.35 -74.34
C GLU M 262 -49.34 -21.38 -75.29
N GLU M 263 -48.34 -20.95 -76.14
CA GLU M 263 -47.66 -21.83 -77.06
C GLU M 263 -46.94 -22.91 -76.31
N MET M 264 -46.26 -22.60 -75.14
CA MET M 264 -45.50 -23.49 -74.33
C MET M 264 -46.36 -24.65 -73.70
N ILE M 265 -47.64 -24.33 -73.23
CA ILE M 265 -48.60 -25.16 -72.57
C ILE M 265 -49.01 -26.13 -73.53
N GLN M 266 -49.18 -25.65 -74.86
CA GLN M 266 -49.65 -26.55 -75.95
C GLN M 266 -48.64 -27.54 -76.33
N GLN M 267 -47.32 -27.17 -76.47
CA GLN M 267 -46.37 -28.17 -76.84
C GLN M 267 -46.17 -29.28 -75.77
N ILE M 268 -46.32 -28.91 -74.46
CA ILE M 268 -46.19 -29.87 -73.38
C ILE M 268 -47.32 -30.90 -73.46
N LYS M 269 -48.55 -30.44 -73.69
CA LYS M 269 -49.75 -31.18 -73.68
C LYS M 269 -49.76 -32.11 -74.90
N GLU M 270 -49.17 -31.68 -76.01
CA GLU M 270 -49.16 -32.46 -77.28
C GLU M 270 -48.25 -33.68 -77.12
N THR M 271 -47.00 -33.58 -76.47
CA THR M 271 -46.08 -34.70 -76.36
C THR M 271 -46.58 -35.64 -75.26
N GLY M 272 -47.51 -35.16 -74.39
CA GLY M 272 -48.35 -36.08 -73.54
C GLY M 272 -48.01 -35.79 -72.14
N ALA M 273 -48.78 -35.03 -71.47
CA ALA M 273 -48.54 -34.72 -70.08
C ALA M 273 -49.80 -34.17 -69.55
N ASN M 274 -49.84 -34.06 -68.19
CA ASN M 274 -51.02 -33.63 -67.56
C ASN M 274 -50.52 -33.12 -66.20
N LEU M 275 -49.15 -33.08 -66.09
CA LEU M 275 -48.48 -32.49 -64.98
C LEU M 275 -47.28 -31.89 -65.67
N ALA M 276 -47.15 -30.59 -65.48
CA ALA M 276 -45.97 -29.76 -65.64
C ALA M 276 -45.30 -29.47 -64.29
N ILE M 277 -44.01 -29.86 -64.21
CA ILE M 277 -43.23 -29.49 -63.05
C ILE M 277 -42.26 -28.63 -63.66
N CYS M 278 -42.26 -27.38 -63.17
CA CYS M 278 -41.48 -26.35 -63.86
C CYS M 278 -40.60 -25.82 -62.77
N GLN M 279 -39.25 -25.66 -63.01
CA GLN M 279 -38.21 -25.06 -62.16
C GLN M 279 -38.62 -23.72 -61.72
N TRP M 280 -39.03 -22.85 -62.70
CA TRP M 280 -39.40 -21.44 -62.53
C TRP M 280 -40.90 -21.54 -62.76
N GLY M 281 -41.68 -21.32 -61.65
CA GLY M 281 -43.12 -21.55 -61.58
C GLY M 281 -43.99 -20.64 -62.31
N PHE M 282 -45.20 -20.48 -61.81
CA PHE M 282 -46.29 -19.77 -62.37
C PHE M 282 -46.65 -18.57 -61.65
N ASP M 283 -46.87 -17.56 -62.51
CA ASP M 283 -47.30 -16.16 -62.25
C ASP M 283 -48.84 -16.16 -62.38
N ASP M 284 -49.46 -15.09 -61.91
CA ASP M 284 -50.89 -14.75 -62.01
C ASP M 284 -51.34 -14.71 -63.42
N GLU M 285 -50.47 -14.17 -64.29
CA GLU M 285 -50.70 -14.12 -65.70
C GLU M 285 -50.82 -15.52 -66.37
N ALA M 286 -49.83 -16.30 -65.95
CA ALA M 286 -49.57 -17.62 -66.51
C ALA M 286 -50.68 -18.61 -66.20
N ASN M 287 -51.41 -18.33 -65.09
CA ASN M 287 -52.55 -19.16 -64.53
C ASN M 287 -53.70 -19.26 -65.54
N HIS M 288 -53.89 -18.07 -66.19
CA HIS M 288 -54.98 -17.83 -67.14
C HIS M 288 -54.93 -18.79 -68.39
N LEU M 289 -53.77 -18.90 -69.00
CA LEU M 289 -53.48 -19.79 -70.14
C LEU M 289 -53.52 -21.26 -69.76
N LEU M 290 -53.14 -21.60 -68.53
CA LEU M 290 -52.94 -22.95 -68.15
C LEU M 290 -54.25 -23.69 -67.84
N LEU M 291 -55.21 -23.00 -67.18
CA LEU M 291 -56.61 -23.43 -66.96
C LEU M 291 -57.30 -23.49 -68.29
N GLN M 292 -57.08 -22.58 -69.19
CA GLN M 292 -57.74 -22.40 -70.47
C GLN M 292 -57.37 -23.57 -71.40
N ASN M 293 -56.13 -24.08 -71.41
CA ASN M 293 -55.64 -25.30 -72.07
C ASN M 293 -55.42 -26.44 -71.09
N ASN M 294 -56.15 -26.36 -69.97
CA ASN M 294 -56.39 -27.32 -68.90
C ASN M 294 -55.34 -28.35 -68.60
N LEU M 295 -54.33 -27.95 -67.79
CA LEU M 295 -53.23 -28.96 -67.48
C LEU M 295 -52.73 -28.72 -66.09
N PRO M 296 -53.03 -29.51 -65.03
CA PRO M 296 -52.52 -29.34 -63.67
C PRO M 296 -51.04 -29.16 -63.70
N ALA M 297 -50.53 -28.31 -62.79
CA ALA M 297 -49.12 -27.95 -62.75
C ALA M 297 -48.77 -27.47 -61.34
N VAL M 298 -47.47 -27.77 -61.05
CA VAL M 298 -46.91 -27.32 -59.88
C VAL M 298 -46.11 -26.11 -60.17
N ARG M 299 -46.29 -25.03 -59.24
CA ARG M 299 -45.59 -23.85 -59.46
C ARG M 299 -44.32 -23.94 -58.51
N TRP M 300 -43.17 -23.79 -59.22
CA TRP M 300 -41.89 -23.84 -58.54
C TRP M 300 -41.53 -25.25 -57.89
N VAL M 301 -40.31 -25.73 -58.19
CA VAL M 301 -39.54 -26.86 -57.86
C VAL M 301 -38.16 -26.23 -57.79
N GLY M 302 -37.36 -26.56 -56.70
CA GLY M 302 -35.99 -26.06 -56.47
C GLY M 302 -35.05 -26.53 -57.69
N GLY M 303 -33.81 -25.85 -57.91
CA GLY M 303 -32.79 -26.09 -58.89
C GLY M 303 -32.29 -27.54 -58.77
N PRO M 304 -31.80 -27.98 -57.62
CA PRO M 304 -31.39 -29.32 -57.41
C PRO M 304 -32.56 -30.28 -57.14
N GLU M 305 -33.65 -29.78 -56.55
CA GLU M 305 -34.78 -30.53 -56.13
C GLU M 305 -35.45 -31.28 -57.27
N ILE M 306 -35.28 -30.88 -58.54
CA ILE M 306 -35.84 -31.45 -59.69
C ILE M 306 -35.26 -32.78 -60.13
N GLU M 307 -33.93 -32.95 -59.86
CA GLU M 307 -33.12 -34.14 -59.89
C GLU M 307 -33.59 -35.13 -58.87
N LEU M 308 -33.88 -34.72 -57.62
CA LEU M 308 -34.26 -35.62 -56.58
C LEU M 308 -35.58 -36.35 -56.78
N ILE M 309 -36.60 -35.62 -57.35
CA ILE M 309 -37.89 -36.06 -57.78
C ILE M 309 -37.71 -37.10 -59.00
N ALA M 310 -36.85 -36.86 -59.98
CA ALA M 310 -36.56 -37.80 -61.11
C ALA M 310 -36.05 -39.17 -60.79
N ILE M 311 -34.95 -39.25 -59.88
CA ILE M 311 -34.35 -40.47 -59.46
C ILE M 311 -35.35 -41.25 -58.62
N ALA M 312 -36.13 -40.54 -57.79
CA ALA M 312 -37.00 -41.22 -56.84
C ALA M 312 -38.09 -41.99 -57.49
N THR M 313 -38.68 -41.35 -58.52
CA THR M 313 -39.84 -41.89 -59.26
C THR M 313 -39.34 -42.90 -60.33
N GLY M 314 -38.02 -42.85 -60.70
CA GLY M 314 -37.45 -43.66 -61.69
C GLY M 314 -37.78 -43.09 -63.05
N GLY M 315 -38.50 -41.90 -63.10
CA GLY M 315 -39.05 -41.36 -64.30
C GLY M 315 -37.93 -40.98 -65.26
N ARG M 316 -38.26 -40.86 -66.61
CA ARG M 316 -37.19 -40.63 -67.57
C ARG M 316 -37.09 -39.16 -67.91
N ILE M 317 -35.86 -38.62 -67.92
CA ILE M 317 -35.64 -37.15 -67.83
C ILE M 317 -36.00 -36.46 -69.10
N VAL M 318 -36.41 -35.19 -68.94
CA VAL M 318 -36.57 -34.27 -69.98
C VAL M 318 -36.04 -33.04 -69.21
N PRO M 319 -34.92 -32.47 -69.64
CA PRO M 319 -34.14 -31.46 -68.93
C PRO M 319 -34.88 -30.15 -68.94
N ARG M 320 -35.48 -29.82 -70.10
CA ARG M 320 -35.99 -28.48 -70.50
C ARG M 320 -37.11 -28.59 -71.54
N PHE M 321 -37.72 -27.45 -71.82
CA PHE M 321 -38.79 -27.33 -72.80
C PHE M 321 -38.20 -27.57 -74.17
N SER M 322 -36.89 -27.35 -74.39
CA SER M 322 -36.17 -27.47 -75.68
C SER M 322 -35.90 -28.90 -76.03
N GLU M 323 -36.23 -29.75 -75.04
CA GLU M 323 -35.86 -31.16 -75.02
C GLU M 323 -37.04 -32.06 -74.96
N LEU M 324 -38.29 -31.52 -75.17
CA LEU M 324 -39.61 -32.25 -75.16
C LEU M 324 -39.69 -33.33 -76.23
N THR M 325 -40.22 -34.55 -75.76
CA THR M 325 -40.29 -35.77 -76.53
C THR M 325 -41.48 -36.45 -75.88
N ALA M 326 -42.04 -37.57 -76.52
CA ALA M 326 -43.07 -38.42 -75.87
C ALA M 326 -42.59 -39.79 -75.42
N GLU M 327 -41.23 -39.92 -75.50
CA GLU M 327 -40.55 -41.15 -75.29
C GLU M 327 -39.84 -41.11 -73.95
N LYS M 328 -39.93 -39.95 -73.25
CA LYS M 328 -39.28 -39.68 -72.05
C LYS M 328 -40.18 -38.82 -71.33
N LEU M 329 -40.71 -39.32 -70.21
CA LEU M 329 -41.72 -38.63 -69.38
C LEU M 329 -41.48 -39.37 -68.05
N GLY M 330 -41.86 -38.68 -66.94
CA GLY M 330 -41.54 -39.21 -65.63
C GLY M 330 -42.65 -40.22 -65.23
N PHE M 331 -42.56 -40.83 -64.05
CA PHE M 331 -43.40 -41.84 -63.56
C PHE M 331 -44.26 -41.27 -62.50
N ALA M 332 -45.49 -41.78 -62.43
CA ALA M 332 -46.47 -41.60 -61.35
C ALA M 332 -47.46 -42.68 -61.37
N GLY M 333 -48.23 -42.78 -60.23
CA GLY M 333 -49.43 -43.59 -60.05
C GLY M 333 -50.60 -42.56 -60.05
N LEU M 334 -50.44 -41.42 -59.34
CA LEU M 334 -51.52 -40.46 -59.27
C LEU M 334 -50.80 -39.17 -58.81
N VAL M 335 -51.34 -37.99 -59.16
CA VAL M 335 -50.82 -36.74 -58.60
C VAL M 335 -51.98 -36.00 -58.07
N GLN M 336 -51.92 -35.94 -56.71
CA GLN M 336 -52.98 -35.44 -55.94
C GLN M 336 -52.43 -34.70 -54.74
N GLU M 337 -53.10 -33.59 -54.31
CA GLU M 337 -52.72 -32.92 -53.03
C GLU M 337 -53.35 -33.61 -51.85
N ILE M 338 -52.58 -33.84 -50.75
CA ILE M 338 -52.93 -34.66 -49.69
C ILE M 338 -53.05 -33.79 -48.50
N SER M 339 -54.12 -34.03 -47.71
CA SER M 339 -54.32 -33.43 -46.40
C SER M 339 -54.27 -34.65 -45.54
N PHE M 340 -53.25 -34.68 -44.66
CA PHE M 340 -52.88 -35.76 -43.85
C PHE M 340 -53.77 -36.06 -42.69
N GLY M 341 -54.30 -35.01 -42.11
CA GLY M 341 -55.08 -35.12 -40.94
C GLY M 341 -55.53 -33.77 -40.51
N THR M 342 -54.98 -32.68 -41.12
CA THR M 342 -55.24 -31.34 -40.86
C THR M 342 -55.07 -30.67 -42.19
N THR M 343 -55.65 -29.45 -42.30
CA THR M 343 -55.40 -28.60 -43.49
C THR M 343 -54.24 -27.64 -43.24
N LYS M 344 -53.55 -27.92 -42.10
CA LYS M 344 -52.34 -27.14 -41.81
C LYS M 344 -51.09 -27.79 -42.44
N ASP M 345 -51.25 -29.03 -42.81
CA ASP M 345 -50.24 -29.79 -43.46
C ASP M 345 -50.80 -29.96 -44.83
N LYS M 346 -50.13 -29.39 -45.86
CA LYS M 346 -50.54 -29.48 -47.23
C LYS M 346 -49.23 -29.75 -47.84
N MET M 347 -49.11 -30.93 -48.45
CA MET M 347 -47.99 -31.33 -49.25
C MET M 347 -48.71 -31.92 -50.49
N LEU M 348 -48.08 -31.95 -51.63
CA LEU M 348 -48.72 -32.48 -52.82
C LEU M 348 -47.85 -33.63 -53.20
N VAL M 349 -48.49 -34.85 -53.32
CA VAL M 349 -47.81 -36.08 -53.47
C VAL M 349 -47.84 -36.49 -54.90
N ILE M 350 -46.66 -37.04 -55.40
CA ILE M 350 -46.51 -37.67 -56.74
C ILE M 350 -46.18 -39.00 -56.20
N GLU M 351 -47.12 -39.95 -56.10
CA GLU M 351 -46.98 -41.14 -55.33
C GLU M 351 -46.81 -42.18 -56.38
N GLN M 352 -46.28 -43.33 -56.03
CA GLN M 352 -45.88 -44.39 -57.01
C GLN M 352 -46.65 -45.64 -56.57
N CYS M 353 -47.27 -46.24 -57.64
CA CYS M 353 -47.74 -47.63 -57.70
C CYS M 353 -46.94 -48.35 -58.75
N LYS M 354 -45.85 -47.65 -59.28
CA LYS M 354 -44.84 -48.28 -60.19
C LYS M 354 -43.58 -48.48 -59.37
N ASN M 355 -42.47 -48.46 -60.05
CA ASN M 355 -41.09 -48.51 -59.58
C ASN M 355 -40.96 -47.37 -58.60
N SER M 356 -40.34 -47.69 -57.43
CA SER M 356 -39.98 -46.71 -56.44
C SER M 356 -38.62 -47.12 -56.12
N ARG M 357 -37.72 -46.15 -56.11
CA ARG M 357 -36.32 -46.34 -55.86
C ARG M 357 -35.88 -45.42 -54.70
N ALA M 358 -36.84 -44.72 -54.06
CA ALA M 358 -36.66 -44.01 -52.85
C ALA M 358 -37.96 -43.99 -52.15
N VAL M 359 -37.84 -43.70 -50.87
CA VAL M 359 -38.96 -43.66 -49.95
C VAL M 359 -38.70 -42.37 -49.18
N THR M 360 -39.76 -41.57 -49.09
CA THR M 360 -39.90 -40.40 -48.29
C THR M 360 -40.58 -40.70 -47.01
N ILE M 361 -39.91 -40.57 -45.82
CA ILE M 361 -40.63 -40.86 -44.61
C ILE M 361 -41.20 -39.61 -44.06
N PHE M 362 -42.53 -39.43 -44.21
CA PHE M 362 -43.25 -38.15 -43.85
C PHE M 362 -43.73 -38.30 -42.45
N ILE M 363 -43.15 -37.56 -41.53
CA ILE M 363 -43.54 -37.47 -40.08
C ILE M 363 -43.89 -36.04 -39.86
N ARG M 364 -44.94 -35.83 -38.99
CA ARG M 364 -45.52 -34.63 -38.64
C ARG M 364 -45.54 -34.54 -37.10
N GLY M 365 -45.84 -33.26 -36.69
CA GLY M 365 -45.86 -32.81 -35.36
C GLY M 365 -46.32 -31.37 -35.49
N GLY M 366 -46.96 -30.89 -34.38
CA GLY M 366 -47.71 -29.66 -34.40
C GLY M 366 -46.85 -28.36 -34.25
N ASN M 367 -45.52 -28.46 -33.80
CA ASN M 367 -44.68 -27.29 -33.52
C ASN M 367 -43.27 -27.73 -33.83
N LYS M 368 -42.32 -26.75 -33.89
CA LYS M 368 -41.02 -26.80 -34.46
C LYS M 368 -40.17 -27.75 -33.72
N MET M 369 -40.25 -27.78 -32.37
CA MET M 369 -39.49 -28.64 -31.54
C MET M 369 -39.93 -30.05 -31.74
N ILE M 370 -41.33 -30.21 -31.85
CA ILE M 370 -41.99 -31.54 -31.95
C ILE M 370 -41.59 -32.22 -33.22
N ILE M 371 -41.44 -31.59 -34.40
CA ILE M 371 -40.98 -32.21 -35.62
C ILE M 371 -39.50 -32.47 -35.45
N GLU M 372 -38.70 -31.58 -34.81
CA GLU M 372 -37.27 -31.83 -34.74
C GLU M 372 -36.97 -33.16 -34.14
N GLU M 373 -37.67 -33.40 -32.98
CA GLU M 373 -37.49 -34.48 -32.04
C GLU M 373 -37.89 -35.78 -32.73
N ALA M 374 -39.03 -35.73 -33.40
CA ALA M 374 -39.64 -36.83 -34.18
C ALA M 374 -38.85 -37.32 -35.39
N LYS M 375 -38.17 -36.40 -36.11
CA LYS M 375 -37.30 -36.69 -37.27
C LYS M 375 -36.07 -37.43 -36.74
N ARG M 376 -35.44 -36.99 -35.70
CA ARG M 376 -34.27 -37.59 -35.16
C ARG M 376 -34.54 -38.96 -34.50
N SER M 377 -35.77 -39.12 -33.90
CA SER M 377 -36.13 -40.42 -33.35
C SER M 377 -36.21 -41.43 -34.40
N LEU M 378 -36.92 -41.06 -35.48
CA LEU M 378 -37.29 -41.90 -36.61
C LEU M 378 -36.10 -42.28 -37.53
N HIS M 379 -35.18 -41.37 -37.87
CA HIS M 379 -34.00 -41.64 -38.67
C HIS M 379 -33.09 -42.57 -38.02
N ASP M 380 -32.79 -42.39 -36.72
CA ASP M 380 -31.94 -43.25 -35.98
C ASP M 380 -32.50 -44.64 -35.77
N ALA M 381 -33.87 -44.71 -35.56
CA ALA M 381 -34.67 -45.85 -35.46
C ALA M 381 -34.60 -46.66 -36.72
N LEU M 382 -34.61 -46.02 -37.95
CA LEU M 382 -34.63 -46.60 -39.27
C LEU M 382 -33.33 -47.31 -39.54
N CYS M 383 -32.22 -46.65 -39.11
CA CYS M 383 -30.87 -47.11 -39.29
C CYS M 383 -30.50 -48.33 -38.49
N VAL M 384 -30.95 -48.34 -37.19
CA VAL M 384 -30.72 -49.51 -36.38
C VAL M 384 -31.45 -50.71 -36.95
N ILE M 385 -32.68 -50.48 -37.50
CA ILE M 385 -33.54 -51.48 -38.09
C ILE M 385 -33.00 -52.04 -39.42
N ARG M 386 -32.31 -51.20 -40.29
CA ARG M 386 -31.53 -51.65 -41.47
C ARG M 386 -30.40 -52.56 -41.21
N ASN M 387 -29.65 -52.43 -40.08
CA ASN M 387 -28.60 -53.37 -39.62
C ASN M 387 -29.31 -54.71 -39.33
N LEU M 388 -30.55 -54.66 -38.66
CA LEU M 388 -31.30 -55.84 -38.27
C LEU M 388 -32.02 -56.48 -39.40
N ILE M 389 -32.39 -55.84 -40.54
CA ILE M 389 -33.10 -56.51 -41.61
C ILE M 389 -32.24 -57.44 -42.32
N ARG M 390 -30.95 -57.04 -42.42
CA ARG M 390 -29.93 -57.73 -43.09
C ARG M 390 -29.61 -58.99 -42.31
N ASP M 391 -29.39 -58.76 -40.96
CA ASP M 391 -29.05 -59.85 -40.09
C ASP M 391 -29.69 -59.41 -38.83
N ASN M 392 -30.65 -60.29 -38.39
CA ASN M 392 -31.56 -60.08 -37.33
C ASN M 392 -30.92 -60.66 -36.03
N ARG M 393 -29.77 -60.18 -35.68
CA ARG M 393 -29.04 -60.57 -34.55
C ARG M 393 -29.34 -59.47 -33.56
N VAL M 394 -29.88 -59.83 -32.41
CA VAL M 394 -30.37 -58.83 -31.45
C VAL M 394 -29.78 -59.14 -30.04
N VAL M 395 -29.51 -58.05 -29.28
CA VAL M 395 -29.00 -58.13 -27.92
C VAL M 395 -29.83 -57.16 -27.10
N TYR M 396 -29.99 -57.43 -25.74
CA TYR M 396 -30.83 -56.56 -24.96
C TYR M 396 -29.99 -55.53 -24.28
N GLY M 397 -30.33 -54.22 -24.60
CA GLY M 397 -29.64 -53.09 -24.06
C GLY M 397 -30.06 -52.88 -22.66
N GLY M 398 -29.63 -51.72 -22.14
CA GLY M 398 -29.90 -51.18 -20.82
C GLY M 398 -28.74 -51.38 -19.96
N GLY M 399 -27.63 -51.95 -20.55
CA GLY M 399 -26.44 -52.12 -19.80
C GLY M 399 -26.30 -53.51 -19.32
N ALA M 400 -27.32 -54.35 -19.53
CA ALA M 400 -27.21 -55.75 -19.21
C ALA M 400 -26.09 -56.50 -19.92
N ALA M 401 -25.98 -56.15 -21.22
CA ALA M 401 -24.99 -56.77 -22.10
C ALA M 401 -23.58 -56.43 -21.66
N GLU M 402 -23.31 -55.20 -21.25
CA GLU M 402 -22.10 -54.66 -20.83
C GLU M 402 -21.62 -55.33 -19.53
N ILE M 403 -22.58 -55.69 -18.61
CA ILE M 403 -22.20 -56.29 -17.36
C ILE M 403 -21.66 -57.67 -17.52
N SER M 404 -22.37 -58.38 -18.48
CA SER M 404 -21.89 -59.71 -18.79
C SER M 404 -20.52 -59.71 -19.37
N CYS M 405 -20.23 -58.70 -20.19
CA CYS M 405 -19.06 -58.58 -20.91
C CYS M 405 -18.00 -58.21 -19.93
N ALA M 406 -18.31 -57.42 -18.87
CA ALA M 406 -17.37 -56.90 -17.89
C ALA M 406 -16.81 -58.07 -17.14
N LEU M 407 -17.70 -59.07 -16.80
CA LEU M 407 -17.26 -60.36 -16.18
C LEU M 407 -16.31 -61.13 -17.08
N ALA M 408 -16.62 -61.27 -18.36
CA ALA M 408 -15.82 -62.00 -19.35
C ALA M 408 -14.41 -61.40 -19.55
N VAL M 409 -14.29 -60.03 -19.75
CA VAL M 409 -13.07 -59.18 -19.88
C VAL M 409 -12.23 -59.25 -18.66
N SER M 410 -12.74 -59.16 -17.44
CA SER M 410 -12.04 -59.05 -16.21
C SER M 410 -11.26 -60.32 -16.01
N GLN M 411 -11.83 -61.53 -16.40
CA GLN M 411 -11.14 -62.84 -16.25
C GLN M 411 -10.07 -63.00 -17.22
N GLU M 412 -10.33 -62.76 -18.49
CA GLU M 412 -9.37 -62.84 -19.65
C GLU M 412 -8.23 -61.91 -19.61
N ALA M 413 -8.40 -60.79 -18.77
CA ALA M 413 -7.47 -59.70 -18.55
C ALA M 413 -6.15 -60.11 -18.00
N ASP M 414 -6.19 -61.12 -17.11
CA ASP M 414 -5.10 -61.55 -16.30
C ASP M 414 -4.46 -62.81 -16.74
N LYS M 415 -4.70 -63.26 -17.94
CA LYS M 415 -4.23 -64.62 -18.26
C LYS M 415 -3.23 -64.53 -19.42
N CYS M 416 -2.78 -63.31 -19.57
CA CYS M 416 -1.76 -62.91 -20.50
C CYS M 416 -0.55 -62.39 -19.64
N PRO M 417 0.72 -62.44 -20.16
CA PRO M 417 1.92 -62.33 -19.34
C PRO M 417 2.49 -60.94 -19.38
N THR M 418 2.31 -60.30 -20.56
CA THR M 418 2.50 -58.89 -20.89
C THR M 418 1.94 -57.92 -19.93
N LEU M 419 2.39 -56.67 -19.98
CA LEU M 419 2.16 -55.71 -19.03
C LEU M 419 0.82 -55.03 -19.19
N GLU M 420 -0.09 -55.49 -20.03
CA GLU M 420 -1.38 -55.00 -20.31
C GLU M 420 -2.44 -55.33 -19.34
N GLN M 421 -2.19 -56.32 -18.44
CA GLN M 421 -3.14 -56.93 -17.56
C GLN M 421 -3.95 -56.01 -16.75
N TYR M 422 -3.30 -54.93 -16.16
CA TYR M 422 -3.91 -53.85 -15.41
C TYR M 422 -4.85 -53.06 -16.27
N ALA M 423 -4.50 -52.79 -17.56
CA ALA M 423 -5.40 -52.07 -18.44
C ALA M 423 -6.66 -52.77 -18.68
N MET M 424 -6.52 -54.06 -18.93
CA MET M 424 -7.59 -54.98 -19.38
C MET M 424 -8.71 -55.08 -18.37
N ARG M 425 -8.37 -55.13 -17.04
CA ARG M 425 -9.31 -55.13 -15.89
C ARG M 425 -9.96 -53.81 -15.74
N ALA M 426 -9.25 -52.72 -15.98
CA ALA M 426 -9.87 -51.36 -15.95
C ALA M 426 -10.83 -51.31 -17.08
N PHE M 427 -10.57 -51.95 -18.17
CA PHE M 427 -11.54 -52.05 -19.23
C PHE M 427 -12.88 -52.63 -18.79
N ALA M 428 -12.93 -53.64 -17.82
CA ALA M 428 -14.02 -54.32 -17.37
C ALA M 428 -14.88 -53.35 -16.55
N ASP M 429 -14.32 -52.48 -15.68
CA ASP M 429 -15.04 -51.47 -14.94
C ASP M 429 -15.57 -50.40 -15.84
N ALA M 430 -14.84 -50.08 -16.93
CA ALA M 430 -15.16 -49.06 -17.92
C ALA M 430 -16.45 -49.46 -18.74
N LEU M 431 -16.74 -50.78 -19.07
CA LEU M 431 -17.95 -51.29 -19.68
C LEU M 431 -19.10 -51.05 -18.71
N GLU M 432 -18.86 -51.05 -17.39
CA GLU M 432 -19.89 -50.85 -16.45
C GLU M 432 -20.46 -49.51 -16.24
N VAL M 433 -19.72 -48.51 -16.91
CA VAL M 433 -20.04 -47.10 -16.88
C VAL M 433 -21.45 -46.91 -17.37
N ILE M 434 -21.90 -47.70 -18.35
CA ILE M 434 -23.21 -47.47 -19.03
C ILE M 434 -24.41 -47.85 -18.27
N PRO M 435 -24.66 -48.95 -17.58
CA PRO M 435 -25.79 -49.12 -16.63
C PRO M 435 -25.55 -48.23 -15.46
N MET M 436 -24.33 -47.76 -15.08
CA MET M 436 -24.17 -46.83 -13.99
C MET M 436 -24.76 -45.44 -14.18
N ALA M 437 -24.59 -44.94 -15.48
CA ALA M 437 -25.04 -43.71 -15.98
C ALA M 437 -26.51 -43.73 -16.33
N LEU M 438 -27.06 -44.91 -16.64
CA LEU M 438 -28.47 -45.14 -16.86
C LEU M 438 -29.23 -44.94 -15.57
N SER M 439 -28.58 -45.37 -14.51
CA SER M 439 -29.14 -45.33 -13.16
C SER M 439 -29.39 -43.91 -12.74
N GLU M 440 -28.47 -42.93 -13.16
CA GLU M 440 -28.57 -41.55 -12.81
C GLU M 440 -29.81 -40.93 -13.39
N ASN M 441 -30.14 -41.36 -14.63
CA ASN M 441 -31.32 -41.08 -15.43
C ASN M 441 -32.59 -41.67 -14.85
N SER M 442 -32.55 -42.92 -14.31
CA SER M 442 -33.71 -43.65 -13.73
C SER M 442 -34.26 -43.11 -12.53
N GLY M 443 -33.41 -42.55 -11.66
CA GLY M 443 -33.77 -41.99 -10.39
C GLY M 443 -33.21 -42.88 -9.28
N MET M 444 -32.15 -43.62 -9.53
CA MET M 444 -31.62 -44.67 -8.70
C MET M 444 -30.20 -44.37 -8.49
N ASN M 445 -29.60 -44.85 -7.37
CA ASN M 445 -28.26 -44.64 -6.97
C ASN M 445 -27.32 -45.38 -7.92
N PRO M 446 -26.19 -44.84 -8.40
CA PRO M 446 -25.46 -45.53 -9.51
C PRO M 446 -24.91 -46.97 -9.17
N ILE M 447 -24.45 -47.12 -7.89
CA ILE M 447 -23.68 -48.21 -7.53
C ILE M 447 -24.49 -49.50 -7.36
N GLN M 448 -25.62 -49.45 -6.57
CA GLN M 448 -26.30 -50.74 -6.21
C GLN M 448 -27.05 -51.30 -7.40
N THR M 449 -27.50 -50.41 -8.34
CA THR M 449 -28.15 -50.81 -9.59
C THR M 449 -27.25 -51.76 -10.44
N MET M 450 -25.96 -51.39 -10.63
CA MET M 450 -25.08 -52.28 -11.41
C MET M 450 -24.90 -53.65 -10.81
N THR M 451 -24.76 -53.79 -9.51
CA THR M 451 -24.50 -55.04 -8.84
C THR M 451 -25.71 -55.97 -8.67
N GLU M 452 -26.93 -55.45 -8.81
CA GLU M 452 -28.13 -56.21 -8.90
C GLU M 452 -28.23 -56.99 -10.22
N VAL M 453 -27.80 -56.29 -11.33
CA VAL M 453 -27.77 -56.76 -12.70
C VAL M 453 -26.68 -57.85 -12.75
N ARG M 454 -25.58 -57.62 -12.07
CA ARG M 454 -24.45 -58.47 -12.14
C ARG M 454 -24.67 -59.79 -11.63
N ALA M 455 -25.51 -59.99 -10.54
CA ALA M 455 -25.76 -61.29 -9.91
C ALA M 455 -26.56 -62.03 -10.88
N ARG M 456 -27.52 -61.36 -11.55
CA ARG M 456 -28.33 -62.02 -12.49
C ARG M 456 -27.58 -62.51 -13.76
N GLN M 457 -26.45 -61.84 -14.16
CA GLN M 457 -25.54 -62.27 -15.20
C GLN M 457 -24.60 -63.33 -14.73
N VAL M 458 -24.39 -63.48 -13.41
CA VAL M 458 -23.62 -64.69 -12.94
C VAL M 458 -24.42 -65.97 -13.21
N LYS M 459 -25.71 -65.96 -12.99
CA LYS M 459 -26.57 -67.08 -13.31
C LYS M 459 -26.56 -67.42 -14.70
N GLU M 460 -27.17 -66.57 -15.55
CA GLU M 460 -27.36 -66.94 -17.00
C GLU M 460 -26.20 -66.88 -17.95
N MET M 461 -25.55 -65.74 -17.86
CA MET M 461 -24.44 -65.31 -18.68
C MET M 461 -24.98 -64.74 -19.96
N ASN M 462 -26.21 -64.14 -19.95
CA ASN M 462 -26.92 -63.63 -21.10
C ASN M 462 -27.77 -62.47 -20.67
N PRO M 463 -27.79 -61.31 -21.35
CA PRO M 463 -28.74 -60.30 -21.06
C PRO M 463 -30.11 -60.62 -21.52
N ALA M 464 -31.07 -60.63 -20.59
CA ALA M 464 -32.46 -60.83 -20.88
C ALA M 464 -33.06 -60.65 -19.50
N LEU M 465 -32.26 -60.34 -18.45
CA LEU M 465 -32.74 -60.04 -17.13
C LEU M 465 -31.77 -58.92 -16.68
N GLY M 466 -32.25 -57.98 -15.79
CA GLY M 466 -31.51 -56.81 -15.49
C GLY M 466 -32.36 -56.03 -14.56
N ILE M 467 -32.41 -54.73 -14.84
CA ILE M 467 -33.06 -53.68 -14.11
C ILE M 467 -33.98 -52.87 -15.02
N ASP M 468 -34.55 -51.76 -14.50
CA ASP M 468 -35.46 -50.90 -15.16
C ASP M 468 -34.86 -49.91 -16.14
N CYS M 469 -35.53 -49.85 -17.34
CA CYS M 469 -35.03 -49.12 -18.46
C CYS M 469 -36.16 -48.33 -19.13
N LEU M 470 -37.46 -48.70 -18.73
CA LEU M 470 -38.67 -47.99 -19.07
C LEU M 470 -39.17 -47.47 -17.79
N HIS M 471 -38.99 -48.20 -16.64
CA HIS M 471 -39.56 -47.86 -15.31
C HIS M 471 -40.98 -48.34 -15.23
N LYS M 472 -41.19 -49.43 -14.52
CA LYS M 472 -42.46 -50.06 -14.40
C LYS M 472 -42.42 -51.02 -13.34
N GLY M 473 -41.20 -51.23 -12.70
CA GLY M 473 -41.08 -52.00 -11.47
C GLY M 473 -40.99 -53.50 -11.74
N THR M 474 -40.24 -53.81 -12.87
CA THR M 474 -39.92 -55.09 -13.32
C THR M 474 -38.35 -55.12 -13.27
N ASN M 475 -37.78 -56.32 -13.16
CA ASN M 475 -36.36 -56.56 -13.18
C ASN M 475 -36.04 -57.41 -14.35
N ASP M 476 -36.35 -56.97 -15.60
CA ASP M 476 -36.33 -57.79 -16.78
C ASP M 476 -35.85 -56.89 -17.85
N MET M 477 -35.18 -57.46 -18.81
CA MET M 477 -34.89 -56.78 -20.09
C MET M 477 -35.63 -57.54 -21.18
N LYS M 478 -36.35 -58.68 -20.91
CA LYS M 478 -37.09 -59.41 -21.93
C LYS M 478 -38.59 -59.29 -21.73
N GLN M 479 -39.03 -58.61 -20.62
CA GLN M 479 -40.46 -58.28 -20.39
C GLN M 479 -40.50 -56.82 -20.58
N GLN M 480 -39.35 -56.10 -20.85
CA GLN M 480 -39.36 -54.70 -21.18
C GLN M 480 -39.10 -54.47 -22.60
N HIS M 481 -38.40 -55.42 -23.28
CA HIS M 481 -38.14 -55.39 -24.70
C HIS M 481 -37.29 -54.26 -25.07
N VAL M 482 -36.25 -54.13 -24.27
CA VAL M 482 -35.22 -53.12 -24.45
C VAL M 482 -34.23 -53.79 -25.36
N ILE M 483 -34.27 -53.36 -26.61
CA ILE M 483 -33.48 -54.12 -27.63
C ILE M 483 -32.72 -53.10 -28.56
N GLU M 484 -31.39 -53.36 -28.86
CA GLU M 484 -30.51 -52.55 -29.69
C GLU M 484 -29.92 -53.56 -30.62
N THR M 485 -29.47 -53.21 -31.94
CA THR M 485 -28.73 -54.15 -32.80
C THR M 485 -27.43 -54.62 -32.21
N LEU M 486 -27.07 -55.90 -32.47
CA LEU M 486 -25.83 -56.53 -32.04
C LEU M 486 -24.64 -55.84 -32.65
N ILE M 487 -24.75 -55.54 -33.99
CA ILE M 487 -23.67 -54.78 -34.63
C ILE M 487 -23.58 -53.46 -33.97
N GLY M 488 -24.67 -52.86 -33.51
CA GLY M 488 -24.66 -51.50 -32.93
C GLY M 488 -23.95 -51.24 -31.67
N LYS M 489 -24.18 -52.11 -30.67
CA LYS M 489 -23.38 -52.02 -29.48
C LYS M 489 -21.87 -52.30 -29.68
N LYS M 490 -21.65 -53.29 -30.61
CA LYS M 490 -20.31 -53.81 -30.95
C LYS M 490 -19.57 -52.69 -31.59
N GLN M 491 -20.29 -51.87 -32.42
CA GLN M 491 -19.82 -50.68 -32.93
C GLN M 491 -19.46 -49.57 -31.96
N GLN M 492 -20.28 -49.28 -30.91
CA GLN M 492 -19.94 -48.32 -29.84
C GLN M 492 -18.72 -48.77 -29.05
N ILE M 493 -18.46 -50.07 -29.02
CA ILE M 493 -17.40 -50.52 -28.13
C ILE M 493 -16.08 -50.42 -28.87
N SER M 494 -16.02 -50.93 -30.12
CA SER M 494 -14.87 -50.88 -31.01
C SER M 494 -14.52 -49.49 -31.42
N LEU M 495 -15.49 -48.62 -31.78
CA LEU M 495 -15.16 -47.25 -32.19
C LEU M 495 -14.56 -46.48 -31.08
N ALA M 496 -15.10 -46.67 -29.81
CA ALA M 496 -14.64 -45.84 -28.72
C ALA M 496 -13.22 -46.09 -28.29
N THR M 497 -12.83 -47.37 -28.35
CA THR M 497 -11.47 -47.84 -28.09
C THR M 497 -10.53 -47.35 -29.22
N GLN M 498 -11.00 -47.36 -30.46
CA GLN M 498 -10.15 -47.00 -31.56
C GLN M 498 -9.76 -45.54 -31.50
N MET M 499 -10.72 -44.70 -31.15
CA MET M 499 -10.55 -43.32 -30.96
C MET M 499 -9.66 -42.90 -29.80
N VAL M 500 -9.88 -43.54 -28.61
CA VAL M 500 -9.22 -43.20 -27.40
C VAL M 500 -7.82 -43.68 -27.48
N ARG M 501 -7.53 -44.82 -28.20
CA ARG M 501 -6.21 -45.28 -28.56
C ARG M 501 -5.38 -44.29 -29.36
N MET M 502 -6.01 -43.52 -30.28
CA MET M 502 -5.22 -42.44 -30.86
C MET M 502 -4.82 -41.40 -29.84
N ILE M 503 -5.73 -40.99 -28.96
CA ILE M 503 -5.59 -40.00 -27.90
C ILE M 503 -4.50 -40.40 -26.86
N LEU M 504 -4.41 -41.69 -26.41
CA LEU M 504 -3.35 -42.20 -25.54
C LEU M 504 -2.04 -42.20 -26.29
N LYS M 505 -2.08 -42.54 -27.60
CA LYS M 505 -0.83 -42.62 -28.41
C LYS M 505 -0.14 -41.32 -28.59
N ILE M 506 -0.91 -40.27 -28.98
CA ILE M 506 -0.45 -38.89 -29.16
C ILE M 506 -0.19 -38.33 -27.79
N ASP M 507 1.05 -37.93 -27.44
CA ASP M 507 1.38 -37.17 -26.26
C ASP M 507 2.32 -36.09 -26.71
N ASP M 508 2.12 -35.59 -27.92
CA ASP M 508 3.00 -34.69 -28.55
C ASP M 508 2.01 -33.71 -29.01
N ILE M 509 2.13 -32.58 -28.36
CA ILE M 509 1.17 -31.52 -28.45
C ILE M 509 1.86 -30.15 -28.54
N ARG M 510 1.54 -29.38 -29.58
CA ARG M 510 2.16 -28.03 -29.76
C ARG M 510 0.96 -27.28 -29.64
N LYS M 511 0.80 -26.55 -28.49
CA LYS M 511 -0.26 -25.55 -28.37
C LYS M 511 0.43 -24.43 -27.62
N PRO M 512 -0.03 -23.14 -27.64
CA PRO M 512 0.50 -22.09 -26.75
C PRO M 512 0.03 -22.28 -25.35
N GLY M 513 -1.24 -22.65 -25.23
CA GLY M 513 -1.94 -22.88 -24.00
C GLY M 513 -1.88 -24.35 -23.72
N GLU M 514 -3.11 -24.94 -23.79
CA GLU M 514 -3.47 -26.26 -23.25
C GLU M 514 -4.56 -26.78 -24.07
N SER M 515 -5.18 -25.84 -24.86
CA SER M 515 -6.25 -26.29 -25.70
C SER M 515 -6.38 -25.23 -26.76
N GLU M 516 -6.66 -25.68 -28.06
CA GLU M 516 -7.00 -24.73 -29.11
C GLU M 516 -7.94 -25.51 -30.04
N GLU M 517 -8.92 -24.85 -30.67
CA GLU M 517 -9.96 -25.58 -31.34
C GLU M 517 -9.58 -25.99 -32.79
N ALA N 1 8.54 33.10 -14.38
CA ALA N 1 7.88 32.72 -13.06
C ALA N 1 8.88 32.87 -11.93
N GLU N 2 9.69 31.71 -11.60
CA GLU N 2 10.67 31.79 -10.52
C GLU N 2 11.82 32.70 -10.88
N VAL N 3 12.48 33.25 -9.81
CA VAL N 3 13.45 34.31 -10.00
C VAL N 3 14.48 34.06 -9.00
N ALA N 4 15.75 34.14 -9.40
CA ALA N 4 16.82 33.84 -8.47
C ALA N 4 17.49 35.17 -8.28
N ARG N 5 17.73 35.71 -7.05
CA ARG N 5 18.37 37.07 -6.90
C ARG N 5 19.64 37.03 -6.15
N ALA N 6 20.50 38.04 -6.33
CA ALA N 6 21.69 38.23 -5.54
C ALA N 6 22.77 37.28 -5.83
N GLN N 7 23.77 37.03 -4.93
CA GLN N 7 24.88 36.09 -5.17
C GLN N 7 24.46 34.72 -5.39
N ALA N 8 23.32 34.26 -4.76
CA ALA N 8 22.83 32.96 -5.11
C ALA N 8 22.62 32.76 -6.61
N ALA N 9 21.96 33.76 -7.26
CA ALA N 9 21.55 33.73 -8.65
C ALA N 9 22.78 33.74 -9.57
N LEU N 10 23.81 34.51 -9.22
CA LEU N 10 25.11 34.62 -9.93
C LEU N 10 25.85 33.31 -9.91
N ALA N 11 25.63 32.49 -8.87
CA ALA N 11 26.28 31.20 -8.80
C ALA N 11 25.89 30.30 -9.88
N VAL N 12 24.66 30.31 -10.32
CA VAL N 12 23.96 29.46 -11.24
C VAL N 12 24.52 29.65 -12.63
N ASN N 13 24.79 30.89 -12.98
CA ASN N 13 25.58 31.31 -14.17
C ASN N 13 27.03 30.95 -14.21
N ILE N 14 27.81 31.20 -13.12
CA ILE N 14 29.23 30.97 -13.24
C ILE N 14 29.60 29.54 -13.16
N SER N 15 28.80 28.75 -12.37
CA SER N 15 29.09 27.29 -12.18
C SER N 15 28.88 26.53 -13.54
N ALA N 16 27.90 26.93 -14.34
CA ALA N 16 27.60 26.32 -15.60
C ALA N 16 28.77 26.54 -16.56
N ALA N 17 29.29 27.81 -16.51
CA ALA N 17 30.28 28.38 -17.46
C ALA N 17 31.61 27.77 -17.31
N ARG N 18 31.97 27.56 -16.04
CA ARG N 18 33.15 26.83 -15.61
C ARG N 18 33.07 25.35 -16.06
N GLY N 19 31.93 24.74 -15.95
CA GLY N 19 31.73 23.37 -16.38
C GLY N 19 31.83 23.10 -17.84
N LEU N 20 31.43 24.06 -18.70
CA LEU N 20 31.67 23.90 -20.14
C LEU N 20 33.10 24.00 -20.47
N GLN N 21 33.82 25.00 -19.85
CA GLN N 21 35.17 25.09 -20.09
C GLN N 21 35.92 23.88 -19.61
N ASP N 22 35.45 23.20 -18.51
CA ASP N 22 36.10 21.99 -18.02
C ASP N 22 36.05 20.92 -18.93
N VAL N 23 34.95 20.73 -19.65
CA VAL N 23 34.86 19.66 -20.62
C VAL N 23 35.84 19.84 -21.78
N LEU N 24 35.96 21.11 -22.30
CA LEU N 24 36.75 21.44 -23.42
C LEU N 24 38.21 21.60 -23.07
N ARG N 25 38.58 21.39 -21.80
CA ARG N 25 39.89 21.56 -21.26
C ARG N 25 40.85 20.56 -21.86
N THR N 26 40.27 19.41 -22.26
CA THR N 26 40.91 18.28 -22.87
C THR N 26 41.62 18.76 -24.13
N ASN N 27 41.03 19.71 -24.89
CA ASN N 27 41.58 20.22 -26.16
C ASN N 27 42.56 21.32 -25.88
N LEU N 28 43.33 21.75 -26.92
CA LEU N 28 44.39 22.67 -26.92
C LEU N 28 45.65 21.91 -27.00
N GLY N 29 46.53 22.47 -27.86
CA GLY N 29 47.84 21.97 -28.38
C GLY N 29 47.67 20.68 -29.10
N PRO N 30 48.72 20.04 -29.48
CA PRO N 30 48.60 18.80 -30.16
C PRO N 30 48.74 17.74 -29.16
N LYS N 31 48.96 18.10 -27.81
CA LYS N 31 49.13 17.10 -26.79
C LYS N 31 47.77 16.91 -26.14
N GLY N 32 46.82 17.67 -26.66
CA GLY N 32 45.37 17.51 -26.53
C GLY N 32 44.92 16.46 -27.42
N THR N 33 43.57 16.27 -27.42
CA THR N 33 42.84 15.10 -27.99
C THR N 33 41.63 15.46 -28.71
N MET N 34 41.28 14.74 -29.80
CA MET N 34 39.97 14.98 -30.50
C MET N 34 38.86 14.52 -29.61
N LYS N 35 37.75 15.21 -29.80
CA LYS N 35 36.54 15.02 -29.11
C LYS N 35 35.62 14.56 -30.17
N MET N 36 34.77 13.58 -29.83
CA MET N 36 33.84 12.97 -30.69
C MET N 36 32.59 13.79 -30.48
N LEU N 37 31.94 14.27 -31.59
CA LEU N 37 30.68 14.96 -31.55
C LEU N 37 29.76 14.25 -32.50
N VAL N 38 28.59 13.93 -31.91
CA VAL N 38 27.46 13.34 -32.69
C VAL N 38 26.34 14.30 -32.34
N SER N 39 25.68 15.01 -33.33
CA SER N 39 24.54 15.89 -33.05
C SER N 39 23.37 14.96 -33.05
N GLY N 40 22.23 15.42 -33.60
CA GLY N 40 21.08 14.61 -33.69
C GLY N 40 20.84 14.08 -35.11
N ALA N 41 21.94 14.09 -35.90
CA ALA N 41 21.88 13.86 -37.36
C ALA N 41 22.73 12.73 -37.82
N GLY N 42 23.21 11.85 -36.90
CA GLY N 42 24.18 10.89 -37.16
C GLY N 42 25.51 11.48 -37.48
N ASP N 43 26.42 10.58 -38.08
CA ASP N 43 27.73 10.89 -38.58
C ASP N 43 28.70 11.22 -37.42
N ILE N 44 29.96 10.76 -37.56
CA ILE N 44 30.90 10.98 -36.53
C ILE N 44 31.71 12.11 -36.97
N LYS N 45 31.59 13.25 -36.22
CA LYS N 45 32.49 14.38 -36.49
C LYS N 45 33.51 14.23 -35.47
N LEU N 46 34.80 14.23 -35.83
CA LEU N 46 35.85 14.07 -34.83
C LEU N 46 36.54 15.40 -35.00
N THR N 47 36.30 16.29 -34.09
CA THR N 47 36.86 17.61 -34.15
C THR N 47 37.43 18.01 -32.81
N LYS N 48 38.64 18.65 -32.83
CA LYS N 48 39.17 19.18 -31.56
C LYS N 48 38.89 20.68 -31.62
N ASP N 49 38.59 21.27 -32.80
CA ASP N 49 38.32 22.68 -33.17
C ASP N 49 37.03 23.16 -32.38
N GLY N 50 37.24 24.18 -31.51
CA GLY N 50 36.27 24.56 -30.45
C GLY N 50 35.04 25.17 -31.09
N ASN N 51 35.26 25.91 -32.27
CA ASN N 51 34.18 26.66 -32.94
C ASN N 51 33.15 25.74 -33.49
N VAL N 52 33.58 24.58 -34.05
CA VAL N 52 32.77 23.48 -34.68
C VAL N 52 31.93 22.78 -33.59
N LEU N 53 32.53 22.49 -32.44
CA LEU N 53 31.99 21.79 -31.30
C LEU N 53 30.87 22.57 -30.56
N LEU N 54 30.98 23.94 -30.38
CA LEU N 54 30.07 24.90 -29.85
C LEU N 54 28.88 24.96 -30.79
N HIS N 55 29.07 25.15 -32.13
CA HIS N 55 27.91 25.26 -32.99
C HIS N 55 27.08 24.00 -33.19
N GLU N 56 27.69 22.83 -33.50
CA GLU N 56 26.99 21.63 -33.93
C GLU N 56 26.14 21.13 -32.73
N MET N 57 26.61 21.02 -31.50
CA MET N 57 25.77 20.74 -30.41
C MET N 57 26.57 20.88 -29.14
N GLN N 58 25.92 21.37 -28.11
CA GLN N 58 26.62 21.62 -26.83
C GLN N 58 25.63 21.71 -25.77
N ILE N 59 26.11 21.64 -24.55
CA ILE N 59 25.36 21.48 -23.35
C ILE N 59 24.52 22.72 -23.20
N GLN N 60 23.21 22.52 -22.71
CA GLN N 60 22.28 23.66 -22.61
C GLN N 60 22.58 24.31 -21.31
N HIS N 61 22.69 25.59 -21.46
CA HIS N 61 22.79 26.46 -20.33
C HIS N 61 22.47 27.83 -20.87
N PRO N 62 22.36 28.95 -20.20
CA PRO N 62 22.40 30.29 -20.76
C PRO N 62 23.78 30.66 -21.19
N THR N 63 24.80 30.08 -20.53
CA THR N 63 26.25 30.41 -20.77
C THR N 63 26.79 29.68 -21.97
N ALA N 64 26.07 28.63 -22.40
CA ALA N 64 26.30 27.90 -23.67
C ALA N 64 26.14 28.79 -24.90
N SER N 65 25.14 29.63 -24.78
CA SER N 65 24.98 30.67 -25.76
C SER N 65 26.10 31.71 -25.75
N LEU N 66 26.58 32.11 -24.56
CA LEU N 66 27.67 33.09 -24.52
C LEU N 66 28.99 32.52 -25.03
N ILE N 67 29.36 31.28 -24.70
CA ILE N 67 30.69 30.80 -25.13
C ILE N 67 30.73 30.66 -26.63
N ALA N 68 29.62 30.33 -27.31
CA ALA N 68 29.46 30.28 -28.75
C ALA N 68 29.45 31.59 -29.40
N LYS N 69 28.81 32.67 -28.78
CA LYS N 69 28.71 34.04 -29.34
C LYS N 69 30.10 34.62 -29.45
N VAL N 70 30.94 34.42 -28.43
CA VAL N 70 32.27 34.96 -28.58
C VAL N 70 33.21 34.21 -29.51
N ALA N 71 32.87 32.90 -29.64
CA ALA N 71 33.50 31.93 -30.58
C ALA N 71 33.23 32.34 -31.99
N THR N 72 31.99 32.79 -32.28
CA THR N 72 31.44 33.34 -33.51
C THR N 72 32.23 34.65 -33.92
N ALA N 73 32.49 35.51 -32.93
CA ALA N 73 33.08 36.84 -33.18
C ALA N 73 34.56 36.61 -33.60
N GLN N 74 35.23 35.74 -32.85
CA GLN N 74 36.65 35.36 -32.94
C GLN N 74 37.01 34.71 -34.24
N ASP N 75 36.22 33.70 -34.63
CA ASP N 75 36.37 32.94 -35.80
C ASP N 75 36.26 33.78 -37.02
N ASP N 76 35.29 34.75 -37.07
CA ASP N 76 34.92 35.49 -38.27
C ASP N 76 36.13 36.40 -38.61
N ILE N 77 36.74 37.13 -37.59
CA ILE N 77 37.81 38.11 -37.75
C ILE N 77 39.14 37.42 -38.04
N THR N 78 39.51 36.66 -37.02
CA THR N 78 40.78 35.98 -37.01
C THR N 78 40.73 34.60 -37.59
N GLY N 79 39.80 33.75 -37.12
CA GLY N 79 39.69 32.42 -37.71
C GLY N 79 40.71 31.44 -37.14
N ASP N 80 41.11 31.59 -35.86
CA ASP N 80 41.96 30.79 -34.96
C ASP N 80 41.61 31.13 -33.53
N GLY N 81 41.91 30.26 -32.55
CA GLY N 81 41.92 30.68 -31.19
C GLY N 81 40.60 30.45 -30.45
N THR N 82 39.69 29.63 -31.01
CA THR N 82 38.40 29.53 -30.43
C THR N 82 38.43 28.49 -29.35
N THR N 83 39.46 27.61 -29.31
CA THR N 83 39.73 26.70 -28.22
C THR N 83 40.31 27.49 -27.04
N SER N 84 41.21 28.39 -27.37
CA SER N 84 42.01 29.17 -26.49
C SER N 84 41.22 30.08 -25.62
N ASN N 85 40.17 30.65 -26.23
CA ASN N 85 39.26 31.61 -25.70
C ASN N 85 38.55 31.19 -24.45
N VAL N 86 38.02 29.87 -24.52
CA VAL N 86 37.18 29.14 -23.57
C VAL N 86 37.83 29.04 -22.20
N LEU N 87 39.13 28.75 -22.20
CA LEU N 87 39.81 28.33 -21.01
C LEU N 87 40.14 29.52 -20.12
N ILE N 88 40.53 30.74 -20.67
CA ILE N 88 40.84 31.92 -19.90
C ILE N 88 39.68 32.54 -19.16
N ILE N 89 38.44 32.50 -19.81
CA ILE N 89 37.21 33.02 -19.29
C ILE N 89 36.82 32.30 -18.03
N GLY N 90 37.01 30.98 -18.08
CA GLY N 90 36.75 30.09 -17.05
C GLY N 90 37.50 30.35 -15.78
N GLU N 91 38.80 30.48 -15.94
CA GLU N 91 39.82 30.67 -14.87
C GLU N 91 39.78 32.02 -14.25
N LEU N 92 39.26 32.95 -15.01
CA LEU N 92 38.92 34.26 -14.53
C LEU N 92 37.79 34.22 -13.55
N LEU N 93 36.74 33.45 -13.89
CA LEU N 93 35.61 33.24 -13.02
C LEU N 93 35.93 32.57 -11.71
N LYS N 94 36.84 31.59 -11.72
CA LYS N 94 37.20 30.89 -10.57
C LYS N 94 37.69 31.77 -9.44
N GLN N 95 38.58 32.68 -9.85
CA GLN N 95 39.25 33.65 -9.00
C GLN N 95 38.24 34.61 -8.44
N ALA N 96 37.31 35.14 -9.31
CA ALA N 96 36.27 36.07 -9.00
C ALA N 96 35.31 35.49 -7.97
N ASP N 97 35.16 34.16 -7.98
CA ASP N 97 34.30 33.48 -7.07
C ASP N 97 34.75 33.55 -5.68
N LEU N 98 36.10 33.36 -5.49
CA LEU N 98 36.67 33.26 -4.12
C LEU N 98 36.34 34.51 -3.23
N TYR N 99 36.47 35.72 -3.82
CA TYR N 99 36.24 37.07 -3.26
C TYR N 99 34.81 37.34 -2.99
N ILE N 100 33.85 37.08 -3.94
CA ILE N 100 32.39 37.27 -3.77
C ILE N 100 31.91 36.37 -2.66
N SER N 101 32.39 35.14 -2.63
CA SER N 101 32.04 34.17 -1.61
C SER N 101 32.50 34.50 -0.21
N GLU N 102 33.62 35.35 -0.14
CA GLU N 102 34.14 35.90 1.08
C GLU N 102 33.17 36.93 1.59
N GLY N 103 32.57 37.77 0.70
CA GLY N 103 31.56 38.66 1.06
C GLY N 103 31.95 39.89 0.45
N LEU N 104 31.92 39.94 -0.89
CA LEU N 104 32.25 40.99 -1.76
C LEU N 104 31.28 41.04 -2.91
N HIS N 105 31.46 42.10 -3.71
CA HIS N 105 30.47 42.46 -4.74
C HIS N 105 30.95 41.91 -6.07
N PRO N 106 30.12 41.41 -6.92
CA PRO N 106 30.44 41.01 -8.23
C PRO N 106 30.97 42.15 -9.03
N ARG N 107 30.43 43.35 -8.78
CA ARG N 107 30.64 44.50 -9.64
C ARG N 107 32.00 45.09 -9.49
N ILE N 108 32.59 45.00 -8.26
CA ILE N 108 33.93 45.53 -8.04
C ILE N 108 34.98 44.70 -8.69
N ILE N 109 34.69 43.37 -8.79
CA ILE N 109 35.64 42.45 -9.46
C ILE N 109 35.68 42.82 -10.96
N THR N 110 34.45 43.05 -11.54
CA THR N 110 34.20 43.39 -12.93
C THR N 110 34.96 44.63 -13.33
N GLU N 111 34.81 45.75 -12.56
CA GLU N 111 35.51 47.03 -12.90
C GLU N 111 37.03 46.78 -12.96
N GLY N 112 37.56 45.95 -12.00
CA GLY N 112 39.02 45.71 -11.93
C GLY N 112 39.48 44.99 -13.08
N PHE N 113 38.65 44.15 -13.82
CA PHE N 113 38.98 43.47 -15.06
C PHE N 113 39.21 44.42 -16.17
N GLU N 114 38.42 45.55 -16.21
CA GLU N 114 38.62 46.54 -17.27
C GLU N 114 39.96 47.24 -17.18
N ALA N 115 40.38 47.62 -15.93
CA ALA N 115 41.68 48.24 -15.68
C ALA N 115 42.73 47.25 -16.06
N ALA N 116 42.51 45.98 -15.68
CA ALA N 116 43.57 44.99 -15.80
C ALA N 116 43.94 44.71 -17.30
N LYS N 117 42.90 44.65 -18.10
CA LYS N 117 42.85 44.29 -19.48
C LYS N 117 43.53 45.33 -20.31
N GLU N 118 43.26 46.60 -20.00
CA GLU N 118 43.82 47.79 -20.73
C GLU N 118 45.34 47.83 -20.69
N LYS N 119 45.98 47.57 -19.52
CA LYS N 119 47.43 47.39 -19.33
C LYS N 119 47.98 46.25 -20.22
N ALA N 120 47.23 45.14 -20.42
CA ALA N 120 47.60 43.98 -21.17
C ALA N 120 47.57 44.18 -22.72
N LEU N 121 46.72 45.08 -23.28
CA LEU N 121 46.74 45.38 -24.71
C LEU N 121 47.99 46.15 -25.06
N GLN N 122 48.34 47.06 -24.15
CA GLN N 122 49.48 47.86 -24.15
C GLN N 122 50.71 47.08 -23.95
N PHE N 123 50.61 45.83 -23.33
CA PHE N 123 51.70 44.99 -23.06
C PHE N 123 52.07 44.29 -24.27
N LEU N 124 51.12 44.04 -25.13
CA LEU N 124 51.28 43.30 -26.37
C LEU N 124 52.19 44.09 -27.33
N GLU N 125 52.06 45.45 -27.40
CA GLU N 125 52.65 46.40 -28.30
C GLU N 125 54.12 46.49 -28.13
N GLU N 126 54.52 46.22 -26.85
CA GLU N 126 55.95 46.09 -26.55
C GLU N 126 56.54 44.78 -26.91
N VAL N 127 55.91 43.60 -26.60
CA VAL N 127 56.40 42.29 -26.51
C VAL N 127 56.53 41.67 -27.91
N LYS N 128 55.76 42.19 -28.88
CA LYS N 128 55.67 41.88 -30.24
C LYS N 128 56.90 42.36 -30.92
N VAL N 129 57.33 41.69 -32.00
CA VAL N 129 58.48 42.20 -32.73
C VAL N 129 58.21 41.73 -34.15
N SER N 130 58.59 42.59 -35.13
CA SER N 130 58.47 42.37 -36.58
C SER N 130 59.24 41.12 -37.02
N ARG N 131 58.58 40.30 -37.82
CA ARG N 131 59.25 39.14 -38.32
C ARG N 131 58.85 39.04 -39.68
N GLU N 132 59.61 38.23 -40.43
CA GLU N 132 59.47 38.24 -41.88
C GLU N 132 58.12 37.76 -42.40
N MET N 133 57.72 38.12 -43.66
CA MET N 133 56.66 37.65 -44.43
C MET N 133 57.14 36.76 -45.50
N ASP N 134 58.43 36.37 -45.48
CA ASP N 134 59.06 35.38 -46.29
C ASP N 134 58.62 33.95 -45.91
N ARG N 135 58.69 32.98 -46.89
CA ARG N 135 57.96 31.71 -46.81
C ARG N 135 58.24 30.83 -45.56
N GLU N 136 59.56 30.74 -45.19
CA GLU N 136 60.04 29.87 -44.16
C GLU N 136 59.75 30.39 -42.77
N THR N 137 59.65 31.74 -42.64
CA THR N 137 59.26 32.26 -41.37
C THR N 137 57.83 31.93 -41.16
N LEU N 138 57.00 31.92 -42.20
CA LEU N 138 55.59 31.70 -42.05
C LEU N 138 55.38 30.24 -41.81
N ILE N 139 56.30 29.27 -42.19
CA ILE N 139 56.23 27.87 -41.83
C ILE N 139 56.19 27.72 -40.38
N ASP N 140 57.09 28.48 -39.59
CA ASP N 140 57.21 28.34 -38.14
C ASP N 140 55.95 28.78 -37.39
N VAL N 141 55.26 29.84 -37.95
CA VAL N 141 53.90 30.24 -37.43
C VAL N 141 52.81 29.27 -37.86
N ALA N 142 52.85 28.85 -39.09
CA ALA N 142 51.84 27.93 -39.56
C ALA N 142 51.85 26.67 -38.78
N ARG N 143 53.06 26.13 -38.40
CA ARG N 143 53.25 24.90 -37.64
C ARG N 143 52.60 25.00 -36.29
N THR N 144 52.64 26.19 -35.71
CA THR N 144 52.11 26.42 -34.40
C THR N 144 50.60 26.63 -34.41
N SER N 145 50.09 27.34 -35.41
CA SER N 145 48.66 27.72 -35.50
C SER N 145 47.83 26.46 -35.75
N LEU N 146 48.31 25.57 -36.64
CA LEU N 146 47.72 24.28 -36.90
C LEU N 146 47.67 23.32 -35.69
N ARG N 147 48.69 23.41 -34.87
CA ARG N 147 48.86 22.55 -33.68
C ARG N 147 47.79 22.90 -32.59
N THR N 148 47.23 24.19 -32.46
CA THR N 148 46.30 24.53 -31.39
C THR N 148 44.96 24.11 -31.74
N LYS N 149 44.66 23.91 -33.10
CA LYS N 149 43.47 23.44 -33.65
C LYS N 149 43.38 21.91 -33.55
N VAL N 150 44.35 21.18 -34.08
CA VAL N 150 44.19 19.78 -34.33
C VAL N 150 45.47 19.08 -33.87
N HIS N 151 45.55 17.71 -33.90
CA HIS N 151 46.64 16.83 -33.48
C HIS N 151 47.98 17.06 -34.29
N ALA N 152 49.08 16.47 -33.71
CA ALA N 152 50.42 16.65 -34.19
C ALA N 152 50.64 16.21 -35.63
N GLU N 153 50.17 14.97 -36.04
CA GLU N 153 50.52 14.37 -37.31
C GLU N 153 49.81 15.11 -38.42
N LEU N 154 48.52 15.51 -38.14
CA LEU N 154 47.64 16.17 -39.00
C LEU N 154 48.13 17.59 -39.38
N ALA N 155 48.75 18.23 -38.30
CA ALA N 155 49.44 19.54 -38.27
C ALA N 155 50.66 19.53 -39.14
N ASP N 156 51.47 18.48 -39.11
CA ASP N 156 52.70 18.36 -39.84
C ASP N 156 52.52 18.29 -41.36
N VAL N 157 51.49 17.50 -41.87
CA VAL N 157 51.29 17.32 -43.28
C VAL N 157 50.97 18.70 -43.94
N LEU N 158 50.09 19.54 -43.28
CA LEU N 158 49.50 20.72 -43.78
C LEU N 158 50.38 21.98 -43.74
N THR N 159 51.57 21.93 -43.09
CA THR N 159 52.36 23.11 -42.79
C THR N 159 52.78 23.85 -44.04
N GLU N 160 53.48 23.09 -44.90
CA GLU N 160 54.07 23.51 -46.15
C GLU N 160 53.02 23.89 -47.11
N ALA N 161 51.92 23.10 -47.22
CA ALA N 161 50.82 23.31 -48.16
C ALA N 161 50.00 24.56 -48.01
N VAL N 162 49.63 24.83 -46.73
CA VAL N 162 48.82 26.01 -46.30
C VAL N 162 49.64 27.26 -46.57
N VAL N 163 51.00 27.28 -46.29
CA VAL N 163 51.90 28.44 -46.50
C VAL N 163 51.89 28.77 -47.91
N ASP N 164 51.89 27.78 -48.85
CA ASP N 164 52.05 28.13 -50.30
C ASP N 164 50.77 28.70 -50.86
N SER N 165 49.59 28.41 -50.17
CA SER N 165 48.32 28.92 -50.60
C SER N 165 48.20 30.39 -50.45
N ILE N 166 48.46 30.91 -49.18
CA ILE N 166 48.41 32.27 -48.74
C ILE N 166 49.53 33.17 -49.31
N LEU N 167 50.71 32.67 -49.64
CA LEU N 167 51.84 33.28 -50.31
C LEU N 167 51.57 33.64 -51.70
N ALA N 168 50.63 33.04 -52.37
CA ALA N 168 50.33 33.29 -53.72
C ALA N 168 49.24 34.40 -53.92
N ILE N 169 49.07 35.26 -52.96
CA ILE N 169 48.45 36.62 -53.08
C ILE N 169 49.07 37.48 -54.13
N LYS N 170 48.59 38.72 -54.26
CA LYS N 170 49.17 39.76 -55.16
C LYS N 170 49.71 40.88 -54.34
N LYS N 171 49.94 40.53 -53.01
CA LYS N 171 50.24 41.53 -52.00
C LYS N 171 49.03 42.27 -51.65
N GLN N 172 48.06 41.38 -51.32
CA GLN N 172 46.67 41.65 -50.88
C GLN N 172 46.59 41.01 -49.54
N ASP N 173 46.58 41.88 -48.53
CA ASP N 173 46.79 41.44 -47.19
C ASP N 173 45.58 41.67 -46.48
N GLU N 174 45.00 40.52 -46.07
CA GLU N 174 43.69 40.61 -45.35
C GLU N 174 43.90 39.61 -44.19
N PRO N 175 42.99 39.59 -43.14
CA PRO N 175 43.10 38.63 -42.05
C PRO N 175 42.62 37.28 -42.45
N ILE N 176 41.68 37.26 -43.44
CA ILE N 176 41.02 36.07 -43.90
C ILE N 176 41.10 35.95 -45.36
N ASP N 177 40.86 34.64 -45.76
CA ASP N 177 40.76 34.10 -47.12
C ASP N 177 39.31 34.14 -47.46
N LEU N 178 39.06 34.48 -48.77
CA LEU N 178 37.70 34.67 -49.15
C LEU N 178 37.49 33.78 -50.38
N PHE N 179 38.47 33.77 -51.29
CA PHE N 179 38.38 33.14 -52.52
C PHE N 179 39.48 32.11 -52.74
N MET N 180 40.31 31.80 -51.67
CA MET N 180 41.37 30.83 -51.75
C MET N 180 40.88 29.61 -51.02
N ILE N 181 39.59 29.60 -50.71
CA ILE N 181 38.93 28.49 -50.14
C ILE N 181 38.45 27.74 -51.41
N GLU N 182 38.94 26.52 -51.61
CA GLU N 182 38.21 25.59 -52.45
C GLU N 182 38.43 24.16 -51.79
N ILE N 183 37.29 23.49 -51.57
CA ILE N 183 37.26 22.24 -50.96
C ILE N 183 37.02 21.25 -52.02
N MET N 184 37.98 20.30 -52.23
CA MET N 184 37.70 19.23 -53.17
C MET N 184 37.91 18.02 -52.27
N GLU N 185 37.06 16.97 -52.36
CA GLU N 185 37.21 15.88 -51.42
C GLU N 185 37.16 14.61 -52.20
N MET N 186 37.92 13.63 -51.72
CA MET N 186 38.22 12.45 -52.53
C MET N 186 38.34 11.26 -51.59
N LYS N 187 37.75 10.10 -51.95
CA LYS N 187 37.95 8.89 -51.29
C LYS N 187 38.98 8.15 -52.13
N HIS N 188 40.20 7.83 -51.56
CA HIS N 188 41.38 7.49 -52.31
C HIS N 188 42.22 6.47 -51.51
N LYS N 189 43.30 6.02 -52.05
CA LYS N 189 44.19 5.17 -51.26
C LYS N 189 44.81 5.84 -50.07
N SER N 190 45.41 7.03 -50.27
CA SER N 190 46.01 7.65 -49.17
C SER N 190 44.94 8.08 -48.19
N GLU N 191 45.05 7.51 -46.95
CA GLU N 191 44.18 7.65 -45.80
C GLU N 191 44.04 9.04 -45.31
N THR N 192 45.16 9.75 -45.33
CA THR N 192 45.14 11.16 -45.06
C THR N 192 46.31 11.76 -45.86
N ASP N 193 46.02 12.86 -46.53
CA ASP N 193 46.91 13.57 -47.41
C ASP N 193 46.17 14.78 -47.84
N THR N 194 46.94 15.82 -48.17
CA THR N 194 46.52 17.05 -48.79
C THR N 194 47.55 17.33 -49.82
N SER N 195 47.10 17.70 -51.11
CA SER N 195 47.88 17.95 -52.25
C SER N 195 47.73 19.44 -52.64
N LEU N 196 48.86 20.05 -53.10
CA LEU N 196 48.85 21.39 -53.46
C LEU N 196 48.60 21.38 -55.01
N ILE N 197 47.55 22.13 -55.40
CA ILE N 197 47.25 22.40 -56.82
C ILE N 197 47.06 23.90 -56.80
N ARG N 198 47.94 24.65 -57.56
CA ARG N 198 47.87 26.06 -57.61
C ARG N 198 46.94 26.43 -58.73
N GLY N 199 46.15 27.52 -58.54
CA GLY N 199 45.03 27.83 -59.36
C GLY N 199 43.89 26.97 -59.19
N LEU N 200 42.82 27.40 -59.87
CA LEU N 200 41.48 26.94 -59.56
C LEU N 200 41.35 25.61 -60.22
N VAL N 201 40.78 24.61 -59.57
CA VAL N 201 40.66 23.27 -60.14
C VAL N 201 39.17 23.04 -60.34
N LEU N 202 38.71 22.20 -61.32
CA LEU N 202 37.30 22.07 -61.70
C LEU N 202 36.87 20.77 -61.21
N ASP N 203 35.61 20.66 -60.85
CA ASP N 203 35.07 19.54 -60.14
C ASP N 203 35.28 18.19 -60.87
N HIS N 204 34.97 18.14 -62.17
CA HIS N 204 35.09 16.92 -63.03
C HIS N 204 35.38 17.43 -64.43
N GLY N 205 35.70 16.49 -65.42
CA GLY N 205 36.02 16.92 -66.70
C GLY N 205 35.51 15.92 -67.63
N ALA N 206 35.30 16.23 -68.94
CA ALA N 206 35.01 15.20 -69.97
C ALA N 206 36.28 14.97 -70.77
N ARG N 207 36.42 13.78 -71.40
CA ARG N 207 37.62 13.43 -72.15
C ARG N 207 37.18 12.60 -73.25
N HIS N 208 37.85 12.73 -74.41
CA HIS N 208 37.46 12.03 -75.60
C HIS N 208 38.81 11.59 -76.21
N PRO N 209 38.92 10.68 -77.21
CA PRO N 209 40.08 10.27 -77.81
C PRO N 209 40.80 11.33 -78.57
N ASP N 210 40.01 12.33 -79.05
CA ASP N 210 40.55 13.32 -79.99
C ASP N 210 40.84 14.62 -79.31
N MET N 211 40.34 14.74 -78.07
CA MET N 211 40.46 15.91 -77.28
C MET N 211 41.95 16.20 -77.01
N LYS N 212 42.22 17.48 -76.76
CA LYS N 212 43.57 17.87 -76.54
C LYS N 212 43.82 17.74 -75.04
N LYS N 213 44.67 16.77 -74.62
CA LYS N 213 45.02 16.52 -73.23
C LYS N 213 45.86 17.63 -72.65
N ARG N 214 46.87 18.15 -73.47
CA ARG N 214 47.73 19.19 -72.97
C ARG N 214 47.44 20.35 -73.88
N VAL N 215 47.16 21.57 -73.24
CA VAL N 215 46.69 22.75 -73.98
C VAL N 215 47.50 23.82 -73.35
N GLU N 216 48.16 24.71 -74.17
CA GLU N 216 49.26 25.59 -73.77
C GLU N 216 48.90 27.09 -73.95
N ASP N 217 47.63 27.40 -74.34
CA ASP N 217 47.21 28.67 -74.80
C ASP N 217 45.71 28.57 -74.75
N ALA N 218 45.15 28.48 -73.59
CA ALA N 218 43.69 28.18 -73.40
C ALA N 218 42.88 29.47 -73.25
N TYR N 219 41.96 29.64 -74.24
CA TYR N 219 41.04 30.75 -74.29
C TYR N 219 39.79 30.11 -73.81
N ILE N 220 39.53 30.50 -72.55
CA ILE N 220 38.33 30.09 -71.87
C ILE N 220 37.15 30.90 -72.24
N LEU N 221 36.03 30.29 -72.56
CA LEU N 221 34.69 30.93 -72.62
C LEU N 221 34.04 30.05 -71.57
N THR N 222 33.41 30.68 -70.53
CA THR N 222 32.70 30.10 -69.46
C THR N 222 31.25 30.22 -69.78
N CYS N 223 30.53 29.06 -69.82
CA CYS N 223 29.12 28.88 -70.22
C CYS N 223 28.58 28.09 -69.08
N ASN N 224 27.21 27.83 -69.03
CA ASN N 224 26.48 27.41 -67.86
C ASN N 224 25.46 26.39 -68.30
N VAL N 225 24.36 26.81 -69.00
CA VAL N 225 23.32 25.96 -69.46
C VAL N 225 23.20 26.25 -70.94
N SER N 226 22.80 25.24 -71.70
CA SER N 226 23.35 23.89 -71.86
C SER N 226 23.22 23.63 -73.32
N LEU N 227 23.82 22.48 -73.76
CA LEU N 227 23.83 21.92 -75.06
C LEU N 227 22.56 21.07 -75.20
N GLU N 228 21.82 20.77 -74.07
CA GLU N 228 20.54 20.00 -74.18
C GLU N 228 19.40 20.86 -74.77
N TYR N 229 19.40 22.19 -74.50
CA TYR N 229 18.34 23.13 -74.85
C TYR N 229 19.03 24.36 -75.34
N GLU N 230 18.55 25.01 -76.46
CA GLU N 230 18.99 26.27 -76.91
C GLU N 230 18.18 27.25 -76.07
N LYS N 231 18.74 28.52 -76.00
CA LYS N 231 18.28 29.81 -75.42
C LYS N 231 17.94 29.56 -73.95
N THR N 232 18.93 29.17 -73.10
CA THR N 232 18.63 28.82 -71.73
C THR N 232 19.79 29.30 -70.86
N GLU N 233 19.51 29.47 -69.55
CA GLU N 233 20.36 30.01 -68.52
C GLU N 233 19.87 29.37 -67.20
N VAL N 234 18.76 28.63 -67.41
CA VAL N 234 18.18 27.79 -66.42
C VAL N 234 17.48 26.70 -67.17
N ASN N 235 17.36 25.51 -66.61
CA ASN N 235 16.80 24.46 -67.40
C ASN N 235 15.35 24.53 -67.78
N SER N 236 15.00 24.03 -69.02
CA SER N 236 13.68 23.78 -69.56
C SER N 236 12.98 22.54 -69.05
N GLY N 237 11.64 22.44 -69.20
CA GLY N 237 11.00 21.27 -68.70
C GLY N 237 11.32 19.95 -69.44
N PHE N 238 10.61 18.87 -69.03
CA PHE N 238 10.78 17.57 -69.61
C PHE N 238 9.47 17.05 -70.00
N PHE N 239 9.48 16.07 -70.93
CA PHE N 239 8.33 15.31 -71.34
C PHE N 239 8.79 13.79 -71.32
N TYR N 240 8.13 12.88 -70.54
CA TYR N 240 8.45 11.40 -70.50
C TYR N 240 7.43 10.70 -69.74
N LYS N 241 6.47 11.46 -69.04
CA LYS N 241 5.45 10.98 -68.13
C LYS N 241 4.54 10.02 -68.75
N SER N 242 4.24 10.13 -70.07
CA SER N 242 3.65 9.09 -70.85
C SER N 242 4.65 8.43 -71.76
N ALA N 243 4.29 7.30 -72.41
CA ALA N 243 5.05 6.58 -73.36
C ALA N 243 5.43 7.50 -74.54
N GLU N 244 4.45 8.29 -75.02
CA GLU N 244 4.50 9.17 -76.20
C GLU N 244 5.42 10.37 -76.02
N GLU N 245 5.46 10.78 -74.70
CA GLU N 245 6.26 11.94 -74.28
C GLU N 245 7.72 11.75 -74.41
N ARG N 246 8.24 10.53 -74.18
CA ARG N 246 9.65 10.14 -74.27
C ARG N 246 10.29 10.38 -75.58
N GLU N 247 9.58 9.94 -76.59
CA GLU N 247 10.02 10.03 -77.94
C GLU N 247 10.18 11.44 -78.40
N LYS N 248 9.26 12.30 -77.98
CA LYS N 248 9.25 13.72 -78.35
C LYS N 248 10.44 14.43 -77.77
N LEU N 249 10.78 14.14 -76.47
CA LEU N 249 11.81 14.91 -75.75
C LEU N 249 13.15 14.73 -76.44
N VAL N 250 13.43 13.45 -76.81
CA VAL N 250 14.69 13.09 -77.53
C VAL N 250 14.78 13.64 -78.89
N LYS N 251 13.62 13.68 -79.59
CA LYS N 251 13.59 14.13 -80.99
C LYS N 251 13.88 15.61 -81.15
N ALA N 252 13.47 16.49 -80.22
CA ALA N 252 13.58 17.92 -80.35
C ALA N 252 14.76 18.40 -79.66
N GLU N 253 15.49 17.54 -78.94
CA GLU N 253 16.88 17.77 -78.46
C GLU N 253 17.81 17.85 -79.67
N ARG N 254 17.52 17.21 -80.89
CA ARG N 254 18.29 17.27 -82.10
C ARG N 254 18.32 18.71 -82.60
N LYS N 255 17.18 19.46 -82.57
CA LYS N 255 17.11 20.81 -83.03
C LYS N 255 17.95 21.75 -82.15
N PHE N 256 17.85 21.51 -80.82
CA PHE N 256 18.38 22.29 -79.76
C PHE N 256 19.92 22.18 -79.87
N ILE N 257 20.40 20.93 -80.09
CA ILE N 257 21.80 20.55 -80.16
C ILE N 257 22.48 21.24 -81.38
N GLU N 258 21.79 21.16 -82.57
CA GLU N 258 22.13 21.63 -83.83
C GLU N 258 22.37 23.12 -83.91
N ASP N 259 21.53 23.91 -83.23
CA ASP N 259 21.64 25.40 -83.12
C ASP N 259 22.90 25.71 -82.33
N ARG N 260 23.20 25.09 -81.20
CA ARG N 260 24.26 25.42 -80.28
C ARG N 260 25.70 25.28 -80.76
N VAL N 261 26.04 24.11 -81.42
CA VAL N 261 27.43 23.70 -81.67
C VAL N 261 28.03 24.69 -82.63
N LYS N 262 27.23 25.28 -83.53
CA LYS N 262 27.66 26.19 -84.57
C LYS N 262 28.40 27.36 -84.10
N LYS N 263 27.92 27.98 -83.02
CA LYS N 263 28.40 29.23 -82.38
C LYS N 263 29.86 29.17 -82.00
N ILE N 264 30.16 27.99 -81.44
CA ILE N 264 31.41 27.61 -80.78
C ILE N 264 32.44 27.32 -81.87
N ILE N 265 32.15 26.57 -82.92
CA ILE N 265 33.16 26.25 -83.89
C ILE N 265 33.63 27.51 -84.64
N GLU N 266 32.69 28.56 -84.92
CA GLU N 266 32.96 29.80 -85.56
C GLU N 266 33.73 30.71 -84.66
N LEU N 267 33.46 30.62 -83.32
CA LEU N 267 34.28 31.46 -82.45
C LEU N 267 35.72 30.97 -82.32
N LYS N 268 35.93 29.64 -82.38
CA LYS N 268 37.22 28.99 -82.27
C LYS N 268 38.14 29.39 -83.34
N ARG N 269 37.56 29.54 -84.55
CA ARG N 269 38.37 29.87 -85.70
C ARG N 269 38.99 31.28 -85.63
N LYS N 270 38.24 32.32 -85.14
CA LYS N 270 38.72 33.74 -84.92
C LYS N 270 39.86 33.70 -83.98
N VAL N 271 39.70 33.03 -82.85
CA VAL N 271 40.65 33.19 -81.84
C VAL N 271 41.95 32.42 -82.04
N CYS N 272 41.81 31.16 -82.45
CA CYS N 272 42.92 30.20 -82.36
C CYS N 272 43.69 29.93 -83.63
N GLY N 273 43.25 30.51 -84.80
CA GLY N 273 43.21 29.72 -86.04
C GLY N 273 42.46 28.48 -86.06
N ASP N 274 42.88 27.49 -86.93
CA ASP N 274 42.14 26.29 -87.22
C ASP N 274 42.14 25.35 -86.03
N SER N 275 43.38 25.18 -85.50
CA SER N 275 43.66 24.26 -84.40
C SER N 275 44.96 24.76 -83.79
N ASP N 276 45.38 26.05 -83.97
CA ASP N 276 46.78 26.42 -83.73
C ASP N 276 46.91 26.92 -82.31
N LYS N 277 45.79 27.05 -81.55
CA LYS N 277 45.76 27.37 -80.09
C LYS N 277 44.60 26.66 -79.57
N GLY N 278 44.34 26.52 -78.25
CA GLY N 278 43.37 25.67 -77.79
C GLY N 278 42.25 26.40 -77.20
N PHE N 279 41.04 25.76 -77.08
CA PHE N 279 39.81 26.48 -76.76
C PHE N 279 39.18 25.62 -75.63
N VAL N 280 38.63 26.23 -74.54
CA VAL N 280 38.12 25.50 -73.40
C VAL N 280 36.67 26.04 -73.28
N VAL N 281 35.70 25.13 -73.04
CA VAL N 281 34.27 25.34 -72.85
C VAL N 281 33.88 24.63 -71.57
N ILE N 282 33.02 25.33 -70.73
CA ILE N 282 32.72 25.00 -69.41
C ILE N 282 31.25 24.66 -69.45
N ASN N 283 30.95 23.33 -69.27
CA ASN N 283 29.56 22.95 -69.24
C ASN N 283 29.40 22.76 -67.74
N GLN N 284 28.37 23.27 -67.13
CA GLN N 284 28.05 23.15 -65.75
C GLN N 284 26.88 22.06 -65.66
N LYS N 285 26.43 21.37 -66.76
CA LYS N 285 25.32 20.45 -66.77
C LYS N 285 25.70 19.38 -67.70
N GLY N 286 24.71 18.40 -68.06
CA GLY N 286 24.92 17.36 -69.04
C GLY N 286 25.51 17.84 -70.33
N ILE N 287 26.33 16.98 -71.00
CA ILE N 287 26.96 17.14 -72.30
C ILE N 287 26.48 15.95 -73.08
N ASP N 288 25.91 16.23 -74.24
CA ASP N 288 25.16 15.29 -75.04
C ASP N 288 26.21 14.58 -75.87
N PRO N 289 26.08 13.38 -76.28
CA PRO N 289 27.08 12.59 -76.96
C PRO N 289 27.41 13.09 -78.31
N PHE N 290 26.43 13.69 -78.99
CA PHE N 290 26.49 14.18 -80.33
C PHE N 290 27.45 15.43 -80.36
N SER N 291 27.37 16.28 -79.36
CA SER N 291 28.10 17.46 -79.15
C SER N 291 29.52 17.17 -78.63
N LEU N 292 29.74 16.06 -77.83
CA LEU N 292 30.99 15.62 -77.35
C LEU N 292 31.78 15.19 -78.61
N ASP N 293 31.18 14.55 -79.61
CA ASP N 293 31.93 14.12 -80.75
C ASP N 293 32.44 15.29 -81.56
N ALA N 294 31.54 16.21 -81.93
CA ALA N 294 31.95 17.43 -82.66
C ALA N 294 32.91 18.40 -82.05
N LEU N 295 32.78 18.64 -80.72
CA LEU N 295 33.61 19.65 -80.08
C LEU N 295 35.06 19.12 -79.94
N SER N 296 35.18 17.78 -79.61
CA SER N 296 36.38 17.09 -79.32
C SER N 296 37.28 16.98 -80.51
N LYS N 297 36.73 16.72 -81.65
CA LYS N 297 37.40 16.48 -82.93
C LYS N 297 37.99 17.77 -83.35
N GLU N 298 37.25 18.89 -83.06
CA GLU N 298 37.46 20.20 -83.64
C GLU N 298 38.74 20.73 -83.02
N GLY N 299 39.05 20.42 -81.73
CA GLY N 299 40.15 21.02 -81.00
C GLY N 299 39.66 21.81 -79.84
N ILE N 300 38.48 21.46 -79.38
CA ILE N 300 37.77 22.20 -78.28
C ILE N 300 37.72 21.24 -77.18
N VAL N 301 38.14 21.68 -75.95
CA VAL N 301 38.18 20.86 -74.81
C VAL N 301 36.88 21.18 -74.11
N ALA N 302 35.99 20.15 -74.02
CA ALA N 302 34.76 20.24 -73.22
C ALA N 302 35.01 19.80 -71.85
N LEU N 303 34.43 20.43 -70.84
CA LEU N 303 34.56 20.00 -69.46
C LEU N 303 33.12 19.77 -68.91
N ARG N 304 32.91 18.63 -68.22
CA ARG N 304 31.58 18.19 -67.73
C ARG N 304 31.62 18.22 -66.22
N ARG N 305 30.66 18.95 -65.62
CA ARG N 305 30.41 19.15 -64.21
C ARG N 305 31.41 20.17 -63.72
N ALA N 306 30.90 21.35 -63.48
CA ALA N 306 31.51 22.46 -62.84
C ALA N 306 30.35 22.96 -62.02
N LYS N 307 30.71 23.79 -61.06
CA LYS N 307 29.88 24.38 -60.08
C LYS N 307 29.59 25.78 -60.42
N ARG N 308 28.66 26.50 -59.71
CA ARG N 308 28.48 27.94 -59.60
C ARG N 308 29.66 28.51 -58.74
N ARG N 309 30.23 27.69 -57.77
CA ARG N 309 31.33 28.11 -57.00
C ARG N 309 32.62 28.19 -57.84
N ASN N 310 32.81 27.29 -58.79
CA ASN N 310 33.93 27.35 -59.78
C ASN N 310 33.81 28.54 -60.70
N MET N 311 32.49 28.82 -61.04
CA MET N 311 32.22 29.85 -61.98
C MET N 311 32.73 31.17 -61.42
N GLU N 312 32.57 31.48 -60.14
CA GLU N 312 33.02 32.77 -59.56
C GLU N 312 34.53 32.91 -59.56
N ARG N 313 35.14 31.82 -59.08
CA ARG N 313 36.59 31.80 -58.98
C ARG N 313 37.33 31.87 -60.30
N LEU N 314 36.73 31.18 -61.34
CA LEU N 314 37.30 30.99 -62.69
C LEU N 314 37.48 32.42 -63.28
N THR N 315 36.38 33.25 -63.11
CA THR N 315 36.38 34.59 -63.68
C THR N 315 37.52 35.45 -63.21
N LEU N 316 37.89 35.41 -61.93
CA LEU N 316 39.01 36.12 -61.36
C LEU N 316 40.27 35.57 -61.85
N ALA N 317 40.41 34.23 -61.93
CA ALA N 317 41.66 33.60 -62.30
C ALA N 317 41.99 33.78 -63.74
N CYS N 318 41.00 33.57 -64.65
CA CYS N 318 41.38 33.73 -66.04
C CYS N 318 41.38 35.17 -66.57
N GLY N 319 40.58 36.09 -65.95
CA GLY N 319 40.34 37.51 -66.44
C GLY N 319 39.18 37.60 -67.34
N GLY N 320 38.62 36.43 -67.73
CA GLY N 320 37.33 36.31 -68.49
C GLY N 320 36.21 36.66 -67.58
N VAL N 321 34.97 36.70 -68.19
CA VAL N 321 33.75 37.07 -67.47
C VAL N 321 32.80 35.97 -67.80
N ALA N 322 31.93 35.62 -66.84
CA ALA N 322 30.87 34.66 -67.14
C ALA N 322 29.81 34.96 -68.18
N LEU N 323 29.32 33.89 -68.90
CA LEU N 323 28.29 33.90 -69.93
C LEU N 323 27.47 32.72 -69.37
N ASN N 324 26.13 32.72 -69.66
CA ASN N 324 25.35 31.58 -69.26
C ASN N 324 24.73 30.86 -70.39
N SER N 325 25.25 31.01 -71.59
CA SER N 325 24.62 30.50 -72.74
C SER N 325 25.87 30.06 -73.48
N PHE N 326 25.72 29.16 -74.49
CA PHE N 326 26.77 28.77 -75.34
C PHE N 326 26.51 29.54 -76.54
N ASP N 327 27.31 30.61 -76.74
CA ASP N 327 27.15 31.54 -77.79
C ASP N 327 28.47 32.14 -78.06
N ASP N 328 28.49 32.91 -79.14
CA ASP N 328 29.67 33.67 -79.45
C ASP N 328 29.91 34.80 -78.41
N LEU N 329 31.20 35.07 -78.19
CA LEU N 329 31.69 36.13 -77.28
C LEU N 329 32.97 36.63 -77.76
N SER N 330 33.19 38.01 -77.57
CA SER N 330 34.33 38.70 -78.18
C SER N 330 35.66 38.16 -77.64
N PRO N 331 36.76 38.02 -78.43
CA PRO N 331 38.06 37.51 -77.98
C PRO N 331 38.69 38.20 -76.73
N ASP N 332 38.32 39.51 -76.64
CA ASP N 332 38.75 40.39 -75.64
C ASP N 332 38.36 39.99 -74.29
N CYS N 333 37.10 39.56 -74.15
CA CYS N 333 36.39 39.30 -72.94
C CYS N 333 36.63 37.83 -72.61
N LEU N 334 37.29 37.01 -73.44
CA LEU N 334 37.70 35.66 -73.02
C LEU N 334 38.92 35.72 -72.11
N GLY N 335 39.03 34.82 -71.08
CA GLY N 335 40.10 34.71 -70.18
C GLY N 335 41.12 33.90 -70.82
N HIS N 336 42.32 34.02 -70.28
CA HIS N 336 43.50 33.32 -70.70
C HIS N 336 43.97 32.60 -69.48
N ALA N 337 44.22 31.30 -69.57
CA ALA N 337 44.94 30.51 -68.68
C ALA N 337 45.97 29.89 -69.64
N GLY N 338 47.27 29.81 -69.16
CA GLY N 338 48.37 29.47 -70.09
C GLY N 338 48.70 28.04 -70.00
N LEU N 339 47.99 27.34 -69.11
CA LEU N 339 48.05 25.88 -69.08
C LEU N 339 46.74 25.28 -68.60
N VAL N 340 46.24 24.20 -69.18
CA VAL N 340 45.07 23.45 -68.71
C VAL N 340 45.53 22.01 -68.83
N TYR N 341 45.47 21.14 -67.77
CA TYR N 341 45.83 19.75 -67.99
C TYR N 341 45.03 18.96 -67.04
N GLU N 342 44.67 17.73 -67.42
CA GLU N 342 43.75 16.93 -66.67
C GLU N 342 44.56 15.72 -66.15
N TYR N 343 44.54 15.61 -64.81
CA TYR N 343 45.03 14.50 -64.05
C TYR N 343 43.78 13.80 -63.61
N THR N 344 43.74 12.46 -63.91
CA THR N 344 42.67 11.58 -63.68
C THR N 344 43.38 10.68 -62.66
N LEU N 345 42.77 10.80 -61.47
CA LEU N 345 43.18 10.05 -60.30
C LEU N 345 41.90 9.48 -59.71
N GLY N 346 41.93 8.19 -59.32
CA GLY N 346 40.88 7.46 -58.59
C GLY N 346 39.65 7.16 -59.47
N GLU N 347 38.55 7.99 -59.34
CA GLU N 347 37.35 7.91 -60.21
C GLU N 347 36.85 9.28 -60.52
N GLU N 348 37.75 10.25 -60.27
CA GLU N 348 37.37 11.60 -60.53
C GLU N 348 38.39 12.18 -61.38
N LYS N 349 38.02 13.30 -62.03
CA LYS N 349 38.92 13.94 -62.93
C LYS N 349 39.04 15.29 -62.37
N PHE N 350 40.32 15.74 -62.23
CA PHE N 350 40.61 17.06 -61.77
C PHE N 350 41.30 17.71 -62.98
N THR N 351 40.58 18.71 -63.52
CA THR N 351 41.24 19.48 -64.52
C THR N 351 41.71 20.78 -63.93
N PHE N 352 43.03 21.03 -64.08
CA PHE N 352 43.65 22.22 -63.47
C PHE N 352 43.67 23.41 -64.43
N ILE N 353 43.74 24.62 -63.84
CA ILE N 353 44.08 25.77 -64.63
C ILE N 353 45.22 26.41 -63.91
N GLU N 354 46.28 26.56 -64.63
CA GLU N 354 47.54 26.98 -64.17
C GLU N 354 47.99 28.09 -65.11
N LYS N 355 49.02 28.87 -64.65
CA LYS N 355 49.35 30.18 -65.10
C LYS N 355 48.24 31.17 -64.90
N CYS N 356 47.76 31.38 -63.63
CA CYS N 356 46.61 32.21 -63.35
C CYS N 356 47.14 33.56 -63.46
N ASN N 357 46.30 34.40 -64.08
CA ASN N 357 46.63 35.75 -64.38
C ASN N 357 46.67 36.49 -63.10
N ASN N 358 45.59 36.26 -62.25
CA ASN N 358 45.45 36.87 -60.92
C ASN N 358 45.21 35.79 -59.85
N PRO N 359 46.22 35.44 -58.97
CA PRO N 359 46.12 34.31 -58.03
C PRO N 359 45.59 34.89 -56.69
N ARG N 360 44.37 34.45 -56.39
CA ARG N 360 43.52 34.72 -55.27
C ARG N 360 42.68 33.52 -55.20
N SER N 361 43.02 32.45 -55.97
CA SER N 361 42.40 31.15 -55.81
C SER N 361 43.44 30.15 -55.95
N VAL N 362 43.35 29.18 -55.04
CA VAL N 362 44.24 28.06 -54.95
C VAL N 362 43.30 26.96 -54.55
N THR N 363 43.79 25.67 -54.68
CA THR N 363 43.00 24.54 -54.38
C THR N 363 43.85 23.56 -53.60
N LEU N 364 43.24 23.03 -52.52
CA LEU N 364 43.78 21.99 -51.70
C LEU N 364 42.76 20.81 -51.98
N LEU N 365 43.38 19.61 -52.17
CA LEU N 365 42.73 18.41 -52.58
C LEU N 365 42.85 17.48 -51.43
N ILE N 366 41.67 17.25 -50.83
CA ILE N 366 41.57 16.45 -49.62
C ILE N 366 41.42 15.01 -49.99
N LYS N 367 42.33 14.10 -49.53
CA LYS N 367 42.23 12.70 -49.66
C LYS N 367 41.76 12.21 -48.33
N GLY N 368 41.13 11.01 -48.35
CA GLY N 368 40.63 10.36 -47.21
C GLY N 368 39.55 9.47 -47.70
N PRO N 369 39.71 8.15 -47.83
CA PRO N 369 38.59 7.27 -48.15
C PRO N 369 37.49 7.37 -47.00
N ASN N 370 37.92 7.22 -45.70
CA ASN N 370 37.07 7.17 -44.57
C ASN N 370 36.47 8.52 -44.20
N LYS N 371 35.21 8.42 -43.68
CA LYS N 371 34.45 9.55 -43.25
C LYS N 371 35.14 10.20 -42.05
N HIS N 372 35.69 9.31 -41.14
CA HIS N 372 36.37 9.79 -39.94
C HIS N 372 37.64 10.56 -40.19
N THR N 373 38.41 10.15 -41.19
CA THR N 373 39.63 10.92 -41.64
C THR N 373 39.32 12.21 -42.33
N LEU N 374 38.28 12.25 -43.23
CA LEU N 374 38.00 13.33 -44.13
C LEU N 374 37.64 14.58 -43.32
N THR N 375 36.87 14.38 -42.24
CA THR N 375 36.29 15.36 -41.36
C THR N 375 37.44 16.04 -40.55
N GLN N 376 38.43 15.28 -40.06
CA GLN N 376 39.67 15.75 -39.40
C GLN N 376 40.56 16.63 -40.21
N ILE N 377 40.97 16.12 -41.41
CA ILE N 377 41.92 16.80 -42.24
C ILE N 377 41.38 18.07 -42.88
N LYS N 378 40.12 18.09 -43.43
CA LYS N 378 39.37 19.07 -44.13
C LYS N 378 39.02 20.29 -43.24
N ASP N 379 38.58 20.06 -41.99
CA ASP N 379 38.26 21.13 -41.09
C ASP N 379 39.49 21.82 -40.48
N ALA N 380 40.64 21.09 -40.37
CA ALA N 380 41.89 21.74 -40.15
C ALA N 380 42.35 22.74 -41.26
N VAL N 381 42.05 22.45 -42.57
CA VAL N 381 42.45 23.34 -43.60
C VAL N 381 41.86 24.76 -43.48
N ARG N 382 40.60 24.87 -43.18
CA ARG N 382 39.93 26.13 -43.18
C ARG N 382 40.49 27.02 -42.14
N ASP N 383 40.66 26.54 -40.88
CA ASP N 383 41.13 27.36 -39.78
C ASP N 383 42.57 27.57 -39.86
N GLY N 384 43.22 26.68 -40.62
CA GLY N 384 44.58 26.84 -41.01
C GLY N 384 44.93 27.95 -42.06
N LEU N 385 44.12 28.12 -43.14
CA LEU N 385 44.40 29.10 -44.21
C LEU N 385 44.32 30.55 -43.69
N ARG N 386 43.31 30.75 -42.85
CA ARG N 386 42.99 31.99 -42.18
C ARG N 386 43.92 32.30 -41.00
N ALA N 387 44.55 31.32 -40.43
CA ALA N 387 45.51 31.51 -39.38
C ALA N 387 46.79 32.13 -39.91
N VAL N 388 47.30 31.58 -41.05
CA VAL N 388 48.52 32.01 -41.63
C VAL N 388 48.34 33.32 -42.34
N LYS N 389 47.10 33.58 -42.90
CA LYS N 389 46.62 34.72 -43.50
C LYS N 389 46.74 35.87 -42.51
N ASN N 390 46.46 35.61 -41.21
CA ASN N 390 46.58 36.70 -40.22
C ASN N 390 48.00 37.13 -40.08
N ALA N 391 48.94 36.19 -40.09
CA ALA N 391 50.35 36.43 -39.99
C ALA N 391 50.93 37.18 -41.11
N ILE N 392 50.49 36.91 -42.37
CA ILE N 392 51.06 37.69 -43.50
C ILE N 392 50.63 39.16 -43.44
N ASP N 393 49.33 39.50 -43.18
CA ASP N 393 48.76 40.83 -42.95
C ASP N 393 49.39 41.53 -41.79
N ASP N 394 49.52 40.90 -40.63
CA ASP N 394 50.15 41.39 -39.45
C ASP N 394 51.65 41.63 -39.76
N GLY N 395 52.14 42.79 -39.31
CA GLY N 395 53.53 43.17 -39.55
C GLY N 395 54.40 42.71 -38.41
N CYS N 396 53.82 42.62 -37.29
CA CYS N 396 54.40 42.18 -36.00
C CYS N 396 53.58 40.94 -35.57
N VAL N 397 54.27 39.91 -34.99
CA VAL N 397 53.81 38.71 -34.37
C VAL N 397 54.42 38.55 -33.07
N VAL N 398 53.62 37.80 -32.26
CA VAL N 398 53.86 37.78 -30.78
C VAL N 398 54.43 36.47 -30.48
N PRO N 399 55.42 36.21 -29.63
CA PRO N 399 55.86 34.91 -29.20
C PRO N 399 54.83 34.06 -28.48
N GLY N 400 54.88 32.82 -28.71
CA GLY N 400 53.79 31.91 -28.60
C GLY N 400 53.98 30.78 -27.74
N ALA N 401 52.87 30.08 -27.40
CA ALA N 401 52.94 28.88 -26.55
C ALA N 401 53.07 29.30 -25.09
N GLY N 402 52.27 30.30 -24.64
CA GLY N 402 52.23 30.86 -23.33
C GLY N 402 53.41 31.72 -23.02
N ALA N 403 54.12 32.35 -24.02
CA ALA N 403 55.35 33.07 -23.75
C ALA N 403 54.98 34.39 -23.09
N VAL N 404 53.96 35.11 -23.63
CA VAL N 404 53.53 36.39 -23.30
C VAL N 404 52.66 36.41 -22.11
N GLU N 405 51.95 35.29 -21.81
CA GLU N 405 51.00 35.15 -20.74
C GLU N 405 51.67 35.35 -19.41
N VAL N 406 52.86 34.68 -19.19
CA VAL N 406 53.55 34.67 -17.91
C VAL N 406 54.24 36.01 -17.57
N ALA N 407 54.72 36.67 -18.65
CA ALA N 407 55.30 38.03 -18.62
C ALA N 407 54.33 39.08 -18.23
N MET N 408 53.08 38.93 -18.77
CA MET N 408 52.14 39.98 -18.52
C MET N 408 51.71 39.86 -17.11
N ALA N 409 51.60 38.61 -16.65
CA ALA N 409 51.11 38.34 -15.31
C ALA N 409 52.05 38.91 -14.22
N GLU N 410 53.40 38.71 -14.39
CA GLU N 410 54.35 39.15 -13.36
C GLU N 410 54.44 40.64 -13.29
N ALA N 411 54.48 41.36 -14.47
CA ALA N 411 54.59 42.83 -14.62
C ALA N 411 53.51 43.63 -14.03
N LEU N 412 52.34 43.00 -13.96
CA LEU N 412 51.11 43.63 -13.56
C LEU N 412 51.00 43.68 -12.02
N ILE N 413 52.09 43.11 -11.37
CA ILE N 413 52.54 43.16 -10.00
C ILE N 413 51.61 43.65 -8.93
N LYS N 414 51.35 42.76 -7.90
CA LYS N 414 50.29 42.96 -6.93
C LYS N 414 50.73 44.06 -6.01
N HIS N 415 49.70 44.86 -5.65
CA HIS N 415 49.86 45.98 -4.74
C HIS N 415 50.42 47.20 -5.47
N LYS N 416 50.27 47.29 -6.81
CA LYS N 416 50.43 48.43 -7.74
C LYS N 416 49.24 49.40 -7.72
N PRO N 417 47.96 48.96 -7.68
CA PRO N 417 46.83 49.77 -7.35
C PRO N 417 46.70 49.86 -5.89
N SER N 418 45.98 51.00 -5.46
CA SER N 418 45.85 51.41 -4.05
C SER N 418 44.62 52.35 -3.90
N VAL N 419 43.81 52.43 -4.95
CA VAL N 419 42.73 53.41 -5.25
C VAL N 419 41.56 53.17 -4.36
N LYS N 420 41.22 51.93 -4.04
CA LYS N 420 40.08 51.61 -3.20
C LYS N 420 40.21 50.13 -2.91
N GLY N 421 41.11 49.53 -3.71
CA GLY N 421 41.18 48.10 -3.88
C GLY N 421 40.18 47.43 -4.71
N ARG N 422 39.24 48.16 -5.34
CA ARG N 422 38.34 47.63 -6.38
C ARG N 422 39.03 47.21 -7.61
N ALA N 423 40.05 47.94 -7.94
CA ALA N 423 40.95 47.58 -9.00
C ALA N 423 41.85 46.40 -8.65
N GLN N 424 42.24 46.29 -7.34
CA GLN N 424 43.11 45.24 -6.89
C GLN N 424 42.48 43.83 -7.12
N LEU N 425 41.13 43.62 -6.92
CA LEU N 425 40.56 42.31 -7.09
C LEU N 425 40.67 41.77 -8.49
N GLY N 426 40.42 42.60 -9.51
CA GLY N 426 40.45 42.35 -10.86
C GLY N 426 41.78 42.11 -11.37
N VAL N 427 42.80 42.98 -10.98
CA VAL N 427 44.09 42.83 -11.55
C VAL N 427 44.71 41.54 -11.03
N GLN N 428 44.34 41.14 -9.80
CA GLN N 428 44.79 39.89 -9.21
C GLN N 428 44.15 38.65 -9.86
N ALA N 429 42.85 38.65 -10.20
CA ALA N 429 42.14 37.51 -10.78
C ALA N 429 42.65 37.18 -12.22
N PHE N 430 42.94 38.30 -13.00
CA PHE N 430 43.26 38.37 -14.41
C PHE N 430 44.62 37.78 -14.61
N ALA N 431 45.50 37.86 -13.57
CA ALA N 431 46.93 37.31 -13.53
C ALA N 431 46.87 35.81 -13.65
N ASP N 432 46.02 35.13 -12.85
CA ASP N 432 45.80 33.74 -12.77
C ASP N 432 45.00 33.21 -13.90
N ALA N 433 44.24 34.07 -14.64
CA ALA N 433 43.44 33.63 -15.76
C ALA N 433 44.31 33.36 -16.99
N LEU N 434 45.34 34.19 -17.13
CA LEU N 434 46.26 34.09 -18.20
C LEU N 434 47.06 32.85 -18.08
N LEU N 435 47.42 32.44 -16.87
CA LEU N 435 48.25 31.33 -16.59
C LEU N 435 47.59 30.00 -16.72
N ILE N 436 46.33 29.96 -17.12
CA ILE N 436 45.63 28.77 -17.65
C ILE N 436 46.39 28.19 -18.82
N ILE N 437 46.97 28.97 -19.79
CA ILE N 437 47.57 28.38 -20.96
C ILE N 437 48.81 27.42 -20.79
N PRO N 438 49.78 27.79 -19.88
CA PRO N 438 50.75 26.85 -19.26
C PRO N 438 50.12 25.63 -18.69
N LYS N 439 48.99 25.83 -17.95
CA LYS N 439 48.47 24.85 -17.02
C LYS N 439 47.88 23.68 -17.83
N VAL N 440 47.20 24.07 -18.98
CA VAL N 440 46.51 23.02 -19.75
C VAL N 440 47.50 22.23 -20.63
N LEU N 441 48.62 22.82 -21.01
CA LEU N 441 49.64 22.08 -21.75
C LEU N 441 50.28 21.01 -20.83
N ALA N 442 50.59 21.46 -19.53
CA ALA N 442 51.16 20.73 -18.42
C ALA N 442 50.36 19.57 -17.90
N GLN N 443 49.01 19.75 -17.97
CA GLN N 443 47.94 18.75 -17.70
C GLN N 443 47.99 17.64 -18.72
N ASN N 444 48.10 18.03 -20.02
CA ASN N 444 48.13 17.16 -21.18
C ASN N 444 49.43 16.30 -21.18
N SER N 445 50.50 16.91 -20.67
CA SER N 445 51.83 16.34 -20.64
C SER N 445 52.14 15.82 -19.23
N GLY N 446 53.32 15.21 -19.12
CA GLY N 446 53.76 14.61 -17.90
C GLY N 446 54.12 15.74 -16.92
N PHE N 447 54.13 15.43 -15.59
CA PHE N 447 54.31 16.30 -14.48
C PHE N 447 52.99 17.00 -14.16
N ASP N 448 52.96 17.69 -12.95
CA ASP N 448 51.77 18.22 -12.41
C ASP N 448 51.53 19.66 -12.95
N LEU N 449 50.31 20.16 -13.11
CA LEU N 449 49.99 21.35 -13.83
C LEU N 449 50.67 22.61 -13.25
N GLN N 450 50.69 22.81 -11.93
CA GLN N 450 51.43 23.86 -11.32
C GLN N 450 52.92 23.63 -11.17
N GLU N 451 53.31 22.32 -11.23
CA GLU N 451 54.71 21.99 -11.04
C GLU N 451 55.62 22.54 -12.14
N THR N 452 55.14 22.49 -13.43
CA THR N 452 55.77 23.06 -14.59
C THR N 452 55.62 24.52 -14.62
N LEU N 453 54.49 25.12 -14.20
CA LEU N 453 54.25 26.56 -14.18
C LEU N 453 55.22 27.41 -13.33
N VAL N 454 55.63 27.00 -12.05
CA VAL N 454 56.59 27.71 -11.20
C VAL N 454 57.99 27.77 -11.75
N LYS N 455 58.35 26.77 -12.67
CA LYS N 455 59.60 26.77 -13.33
C LYS N 455 59.49 27.83 -14.43
N ILE N 456 58.30 28.08 -15.02
CA ILE N 456 58.13 29.10 -16.06
C ILE N 456 58.23 30.48 -15.49
N GLN N 457 57.74 30.68 -14.30
CA GLN N 457 57.85 31.94 -13.62
C GLN N 457 59.27 32.30 -13.29
N ALA N 458 60.02 31.24 -12.78
CA ALA N 458 61.41 31.39 -12.51
C ALA N 458 62.31 31.75 -13.65
N GLU N 459 62.08 31.20 -14.84
CA GLU N 459 62.92 31.35 -16.02
C GLU N 459 62.53 32.75 -16.61
N HIS N 460 61.24 33.15 -16.30
CA HIS N 460 60.76 34.42 -16.78
C HIS N 460 61.45 35.56 -16.14
N SER N 461 61.88 35.42 -14.83
CA SER N 461 62.66 36.29 -14.03
C SER N 461 63.97 36.65 -14.74
N GLU N 462 64.63 35.72 -15.42
CA GLU N 462 65.72 35.94 -16.29
C GLU N 462 65.15 36.53 -17.50
N SER N 463 65.66 37.74 -17.70
CA SER N 463 65.26 38.69 -18.73
C SER N 463 65.88 38.22 -20.03
N GLY N 464 65.47 38.80 -21.20
CA GLY N 464 66.02 38.39 -22.46
C GLY N 464 65.43 37.10 -22.86
N GLN N 465 64.36 36.60 -22.12
CA GLN N 465 63.80 35.33 -22.45
C GLN N 465 62.35 35.41 -22.23
N LEU N 466 61.50 34.80 -23.13
CA LEU N 466 60.10 34.66 -22.92
C LEU N 466 60.00 33.22 -22.87
N VAL N 467 59.37 32.74 -21.83
CA VAL N 467 59.46 31.34 -21.51
C VAL N 467 58.03 30.90 -21.41
N GLY N 468 57.72 29.69 -21.94
CA GLY N 468 56.36 29.07 -21.86
C GLY N 468 56.58 27.62 -21.93
N VAL N 469 55.41 26.95 -21.99
CA VAL N 469 55.38 25.48 -21.96
C VAL N 469 55.31 25.05 -23.33
N ASP N 470 56.18 24.08 -23.77
CA ASP N 470 56.25 23.62 -25.13
C ASP N 470 54.96 22.86 -25.43
N LEU N 471 54.65 22.77 -26.79
CA LEU N 471 53.49 22.18 -27.30
C LEU N 471 53.79 20.74 -27.56
N ASN N 472 55.05 20.35 -27.62
CA ASN N 472 55.50 19.07 -28.14
C ASN N 472 56.31 18.24 -27.08
N THR N 473 56.47 18.78 -25.91
CA THR N 473 56.98 17.99 -24.79
C THR N 473 56.46 18.40 -23.43
N GLY N 474 55.84 19.55 -23.31
CA GLY N 474 55.25 20.15 -22.13
C GLY N 474 56.32 20.50 -21.09
N GLU N 475 57.45 21.05 -21.51
CA GLU N 475 58.50 21.40 -20.66
C GLU N 475 58.80 22.85 -20.78
N PRO N 476 59.50 23.51 -19.90
CA PRO N 476 59.93 24.90 -20.12
C PRO N 476 60.92 25.10 -21.25
N MET N 477 60.89 26.24 -21.94
CA MET N 477 61.80 26.58 -23.02
C MET N 477 61.72 28.07 -23.33
N VAL N 478 62.77 28.49 -24.13
CA VAL N 478 62.72 29.83 -24.70
C VAL N 478 61.97 29.63 -25.98
N ALA N 479 60.71 30.07 -26.11
CA ALA N 479 59.79 29.83 -27.19
C ALA N 479 60.33 30.34 -28.47
N ALA N 480 60.98 31.49 -28.36
CA ALA N 480 61.52 32.30 -29.44
C ALA N 480 62.61 31.54 -30.25
N GLU N 481 63.50 30.80 -29.57
CA GLU N 481 64.59 30.13 -30.12
C GLU N 481 64.14 28.93 -30.84
N VAL N 482 63.13 28.18 -30.36
CA VAL N 482 62.51 27.03 -31.07
C VAL N 482 61.76 27.49 -32.31
N GLY N 483 61.16 28.70 -32.25
CA GLY N 483 60.42 29.29 -33.37
C GLY N 483 58.96 29.30 -33.18
N VAL N 484 58.49 28.85 -32.04
CA VAL N 484 57.08 28.73 -31.85
C VAL N 484 56.43 30.09 -31.41
N TRP N 485 55.93 30.75 -32.45
CA TRP N 485 55.35 32.07 -32.36
C TRP N 485 53.97 31.94 -32.94
N ASP N 486 53.05 32.84 -32.42
CA ASP N 486 51.68 32.84 -32.82
C ASP N 486 51.47 34.24 -33.39
N ASN N 487 50.55 34.41 -34.35
CA ASN N 487 50.20 35.67 -34.99
C ASN N 487 49.76 36.62 -33.92
N TYR N 488 49.79 37.92 -34.19
CA TYR N 488 49.30 39.03 -33.36
C TYR N 488 47.77 38.99 -33.21
N CYS N 489 47.03 38.73 -34.30
CA CYS N 489 45.59 38.77 -34.35
C CYS N 489 44.84 37.94 -33.39
N VAL N 490 45.28 36.68 -33.18
CA VAL N 490 44.83 35.79 -32.11
C VAL N 490 44.93 36.47 -30.78
N LYS N 491 46.15 36.89 -30.45
CA LYS N 491 46.53 37.45 -29.13
C LYS N 491 45.89 38.79 -28.74
N LYS N 492 45.56 39.63 -29.75
CA LYS N 492 44.83 40.92 -29.62
C LYS N 492 43.33 40.85 -29.46
N GLN N 493 42.75 39.96 -30.29
CA GLN N 493 41.33 39.78 -30.29
C GLN N 493 40.94 38.88 -29.13
N LEU N 494 41.80 38.06 -28.58
CA LEU N 494 41.61 37.24 -27.38
C LEU N 494 41.23 38.11 -26.21
N LEU N 495 41.95 39.17 -25.97
CA LEU N 495 41.76 39.98 -24.80
C LEU N 495 40.48 40.73 -24.74
N HIS N 496 40.08 41.36 -25.87
CA HIS N 496 38.85 42.03 -26.00
C HIS N 496 37.67 41.04 -25.77
N SER N 497 37.71 39.79 -26.33
CA SER N 497 36.62 38.92 -26.33
C SER N 497 36.44 38.17 -25.06
N CYS N 498 37.50 37.83 -24.38
CA CYS N 498 37.45 37.18 -23.11
C CYS N 498 36.91 38.11 -21.99
N THR N 499 37.37 39.40 -21.99
CA THR N 499 37.03 40.31 -20.90
C THR N 499 35.56 40.54 -20.96
N VAL N 500 34.93 40.84 -22.13
CA VAL N 500 33.52 41.27 -22.26
C VAL N 500 32.56 40.19 -21.79
N ILE N 501 32.93 38.89 -22.07
CA ILE N 501 32.02 37.84 -21.87
C ILE N 501 31.84 37.57 -20.41
N ALA N 502 33.02 37.51 -19.79
CA ALA N 502 33.02 37.12 -18.43
C ALA N 502 32.60 38.28 -17.53
N THR N 503 32.66 39.50 -18.02
CA THR N 503 32.20 40.69 -17.35
C THR N 503 30.68 40.56 -17.25
N ASN N 504 30.05 40.13 -18.37
CA ASN N 504 28.58 40.13 -18.39
C ASN N 504 27.97 39.12 -17.44
N ILE N 505 28.65 37.97 -17.22
CA ILE N 505 28.24 36.87 -16.38
C ILE N 505 28.06 37.39 -14.99
N LEU N 506 28.99 38.21 -14.46
CA LEU N 506 28.95 38.78 -13.07
C LEU N 506 27.92 39.85 -12.92
N LEU N 507 27.59 40.61 -14.02
CA LEU N 507 26.56 41.62 -14.08
C LEU N 507 25.19 41.00 -13.94
N VAL N 508 25.01 39.76 -14.46
CA VAL N 508 23.76 38.99 -14.30
C VAL N 508 23.62 38.57 -12.88
N ASP N 509 22.65 39.09 -12.10
CA ASP N 509 22.30 38.73 -10.75
C ASP N 509 20.76 38.57 -10.74
N GLU N 510 20.09 38.61 -11.94
CA GLU N 510 18.70 38.26 -12.01
C GLU N 510 18.55 37.52 -13.24
N ILE N 511 18.13 36.20 -13.05
CA ILE N 511 17.83 35.24 -14.09
C ILE N 511 16.39 34.79 -13.91
N MET N 512 15.52 35.10 -14.90
CA MET N 512 14.07 35.00 -14.86
C MET N 512 13.78 33.73 -15.70
N ARG N 513 12.78 32.96 -15.23
CA ARG N 513 12.28 31.78 -15.95
C ARG N 513 11.02 32.21 -16.89
N GLY O 1 18.66 -0.77 -34.08
CA GLY O 1 18.26 -1.85 -33.07
C GLY O 1 18.80 -3.14 -33.56
N THR O 2 19.61 -3.83 -32.82
CA THR O 2 20.19 -5.12 -33.16
C THR O 2 20.45 -5.84 -31.84
N ASP O 3 20.07 -7.12 -31.75
CA ASP O 3 20.34 -7.91 -30.55
C ASP O 3 21.48 -8.81 -30.88
N SER O 4 22.51 -8.82 -30.00
CA SER O 4 23.70 -9.50 -30.22
C SER O 4 23.99 -9.93 -28.81
N SER O 5 24.29 -11.26 -28.72
CA SER O 5 24.70 -11.77 -27.43
C SER O 5 25.88 -12.70 -27.68
N GLN O 6 26.86 -12.88 -26.79
CA GLN O 6 28.04 -13.71 -27.16
C GLN O 6 28.34 -14.67 -25.96
N GLY O 7 29.45 -15.36 -26.16
CA GLY O 7 30.19 -16.09 -25.13
C GLY O 7 29.37 -17.31 -24.79
N ILE O 8 29.56 -17.71 -23.57
CA ILE O 8 28.81 -18.80 -23.05
C ILE O 8 27.30 -18.61 -23.00
N PRO O 9 26.65 -17.48 -22.63
CA PRO O 9 25.19 -17.41 -22.52
C PRO O 9 24.56 -17.64 -23.84
N GLN O 10 25.18 -17.28 -25.01
CA GLN O 10 24.67 -17.53 -26.35
C GLN O 10 24.84 -19.05 -26.65
N LEU O 11 25.97 -19.64 -26.24
CA LEU O 11 26.30 -21.05 -26.51
C LEU O 11 25.28 -21.99 -25.86
N VAL O 12 24.92 -21.72 -24.60
CA VAL O 12 23.88 -22.45 -23.90
C VAL O 12 22.46 -22.07 -24.46
N SER O 13 22.28 -20.85 -25.05
CA SER O 13 20.92 -20.57 -25.62
C SER O 13 20.67 -21.48 -26.83
N ASN O 14 21.67 -21.63 -27.67
CA ASN O 14 21.59 -22.35 -28.87
C ASN O 14 21.28 -23.81 -28.72
N ILE O 15 22.00 -24.49 -27.82
CA ILE O 15 21.84 -25.86 -27.55
C ILE O 15 20.56 -26.34 -27.00
N SER O 16 20.01 -25.47 -26.06
CA SER O 16 18.85 -25.69 -25.26
C SER O 16 17.61 -25.69 -26.13
N ALA O 17 17.61 -24.70 -27.14
CA ALA O 17 16.55 -24.44 -28.10
C ALA O 17 16.29 -25.70 -28.83
N CYS O 18 17.34 -26.42 -29.21
CA CYS O 18 17.34 -27.58 -30.09
C CYS O 18 16.58 -28.74 -29.50
N GLN O 19 16.76 -28.96 -28.16
CA GLN O 19 16.19 -29.98 -27.31
C GLN O 19 14.69 -29.97 -27.21
N VAL O 20 14.04 -28.77 -27.10
CA VAL O 20 12.63 -28.58 -27.02
C VAL O 20 11.87 -29.05 -28.29
N ILE O 21 12.48 -28.73 -29.43
CA ILE O 21 11.97 -29.08 -30.74
C ILE O 21 12.03 -30.59 -30.99
N ALA O 22 13.15 -31.28 -30.52
CA ALA O 22 13.28 -32.67 -30.55
C ALA O 22 12.27 -33.52 -29.82
N GLU O 23 11.77 -33.02 -28.63
CA GLU O 23 10.80 -33.75 -27.82
C GLU O 23 9.62 -34.26 -28.55
N ALA O 24 9.22 -33.53 -29.55
CA ALA O 24 8.12 -33.78 -30.47
C ALA O 24 8.28 -35.10 -31.23
N VAL O 25 9.53 -35.35 -31.78
CA VAL O 25 9.85 -36.37 -32.74
C VAL O 25 10.70 -37.50 -32.12
N ARG O 26 10.79 -37.45 -30.81
CA ARG O 26 11.63 -38.28 -29.97
C ARG O 26 11.07 -39.58 -29.65
N THR O 27 9.80 -39.55 -29.20
CA THR O 27 9.10 -40.72 -28.76
C THR O 27 8.43 -41.49 -29.83
N THR O 28 8.59 -41.03 -31.13
CA THR O 28 7.68 -41.40 -32.23
C THR O 28 8.29 -42.51 -33.04
N LEU O 29 7.42 -43.05 -33.92
CA LEU O 29 7.59 -43.97 -34.96
C LEU O 29 7.41 -45.33 -34.34
N GLY O 30 6.23 -45.98 -34.58
CA GLY O 30 5.98 -47.32 -34.19
C GLY O 30 4.58 -47.54 -33.97
N PRO O 31 4.20 -48.84 -33.65
CA PRO O 31 2.90 -49.15 -33.21
C PRO O 31 2.87 -48.91 -31.67
N ARG O 32 4.15 -48.98 -31.11
CA ARG O 32 4.38 -48.75 -29.68
C ARG O 32 5.05 -47.47 -29.56
N GLY O 33 5.02 -46.72 -30.71
CA GLY O 33 5.66 -45.42 -30.76
C GLY O 33 4.56 -44.44 -30.57
N MET O 34 4.55 -43.17 -31.14
CA MET O 34 3.66 -42.13 -31.00
C MET O 34 3.37 -41.51 -32.36
N ASP O 35 2.29 -40.72 -32.34
CA ASP O 35 1.90 -39.85 -33.40
C ASP O 35 1.94 -38.48 -32.91
N LYS O 36 1.84 -37.44 -33.78
CA LYS O 36 2.08 -36.07 -33.40
C LYS O 36 0.91 -35.34 -33.94
N LEU O 37 0.44 -34.41 -33.01
CA LEU O 37 -0.68 -33.54 -33.20
C LEU O 37 -0.22 -32.15 -32.79
N ILE O 38 -0.24 -31.26 -33.81
CA ILE O 38 0.29 -29.94 -33.66
C ILE O 38 -0.92 -29.11 -34.17
N VAL O 39 -1.37 -28.13 -33.31
CA VAL O 39 -2.31 -27.07 -33.70
C VAL O 39 -1.51 -25.78 -33.55
N ASP O 40 -1.40 -24.98 -34.60
CA ASP O 40 -0.52 -23.81 -34.59
C ASP O 40 -1.36 -22.57 -34.87
N GLY O 41 -2.68 -22.79 -34.73
CA GLY O 41 -3.71 -21.79 -34.84
C GLY O 41 -4.95 -22.59 -35.26
N ARG O 42 -6.21 -22.03 -35.04
CA ARG O 42 -7.40 -22.84 -35.21
C ARG O 42 -7.62 -23.26 -36.64
N GLY O 43 -7.96 -24.55 -36.83
CA GLY O 43 -8.13 -25.25 -38.07
C GLY O 43 -6.81 -25.30 -38.83
N LYS O 44 -5.70 -25.74 -38.11
CA LYS O 44 -4.39 -25.97 -38.70
C LYS O 44 -3.79 -27.15 -37.98
N ALA O 45 -4.61 -28.23 -37.91
CA ALA O 45 -4.23 -29.43 -37.18
C ALA O 45 -4.08 -30.49 -38.16
N THR O 46 -3.01 -31.34 -37.95
CA THR O 46 -2.61 -32.41 -38.76
C THR O 46 -2.29 -33.49 -37.77
N ILE O 47 -2.36 -34.80 -38.27
CA ILE O 47 -1.82 -35.94 -37.59
C ILE O 47 -0.80 -36.42 -38.64
N SER O 48 0.33 -36.85 -38.04
CA SER O 48 1.47 -37.22 -38.70
C SER O 48 2.21 -38.14 -37.86
N ASN O 49 3.30 -38.80 -38.44
CA ASN O 49 4.24 -39.69 -37.81
C ASN O 49 5.54 -39.50 -38.63
N ASP O 50 5.61 -38.35 -39.35
CA ASP O 50 6.76 -38.02 -40.22
C ASP O 50 7.13 -36.76 -39.49
N GLY O 51 8.43 -36.71 -39.22
CA GLY O 51 9.10 -35.61 -38.47
C GLY O 51 9.04 -34.30 -39.11
N ALA O 52 9.17 -34.33 -40.50
CA ALA O 52 9.32 -33.18 -41.39
C ALA O 52 8.12 -32.26 -41.46
N THR O 53 6.96 -32.93 -41.56
CA THR O 53 5.66 -32.28 -41.64
C THR O 53 5.38 -31.31 -40.56
N ILE O 54 5.52 -31.73 -39.30
CA ILE O 54 5.25 -30.91 -38.07
C ILE O 54 6.19 -29.78 -38.05
N LEU O 55 7.52 -30.01 -38.39
CA LEU O 55 8.49 -29.11 -37.99
C LEU O 55 8.32 -27.88 -38.89
N LYS O 56 7.80 -28.01 -40.11
CA LYS O 56 7.64 -26.89 -41.07
C LYS O 56 6.59 -25.98 -40.56
N LEU O 57 5.46 -26.55 -40.03
CA LEU O 57 4.39 -25.81 -39.52
C LEU O 57 4.62 -25.12 -38.21
N LEU O 58 5.48 -25.76 -37.40
CA LEU O 58 6.03 -25.27 -36.12
C LEU O 58 6.76 -24.02 -36.35
N ASP O 59 6.62 -23.11 -35.37
CA ASP O 59 7.48 -21.91 -35.39
C ASP O 59 8.91 -22.19 -34.93
N VAL O 60 9.91 -21.42 -35.47
CA VAL O 60 11.28 -21.47 -35.06
C VAL O 60 11.73 -20.11 -34.84
N VAL O 61 12.69 -19.88 -33.86
CA VAL O 61 13.23 -18.53 -33.58
C VAL O 61 14.74 -18.67 -33.31
N HIS O 62 15.24 -19.92 -33.09
CA HIS O 62 16.63 -20.10 -32.80
C HIS O 62 17.37 -20.60 -34.03
N PRO O 63 18.65 -20.37 -34.17
CA PRO O 63 19.33 -20.80 -35.44
C PRO O 63 19.56 -22.31 -35.41
N ALA O 64 19.72 -22.88 -34.14
CA ALA O 64 19.82 -24.28 -33.83
C ALA O 64 18.52 -24.91 -34.25
N ALA O 65 17.32 -24.35 -33.96
CA ALA O 65 16.00 -24.81 -34.38
C ALA O 65 15.71 -24.63 -35.85
N LYS O 66 16.33 -23.66 -36.52
CA LYS O 66 16.14 -23.46 -37.92
C LYS O 66 16.91 -24.43 -38.72
N THR O 67 18.01 -24.98 -38.20
CA THR O 67 19.02 -25.82 -38.80
C THR O 67 18.26 -27.10 -39.14
N LEU O 68 17.36 -27.54 -38.27
CA LEU O 68 16.76 -28.83 -38.33
C LEU O 68 15.86 -28.98 -39.47
N VAL O 69 15.29 -27.95 -40.14
CA VAL O 69 14.39 -27.99 -41.28
C VAL O 69 15.03 -28.63 -42.49
N ASP O 70 16.29 -28.22 -42.74
CA ASP O 70 17.05 -28.63 -43.90
C ASP O 70 17.44 -30.07 -43.74
N ILE O 71 17.78 -30.57 -42.51
CA ILE O 71 18.05 -31.94 -42.20
C ILE O 71 16.87 -32.88 -42.39
N ALA O 72 15.64 -32.49 -41.91
CA ALA O 72 14.50 -33.39 -41.93
C ALA O 72 14.03 -33.57 -43.35
N LYS O 73 13.98 -32.43 -44.15
CA LYS O 73 13.41 -32.41 -45.53
C LYS O 73 14.09 -33.30 -46.59
N SER O 74 15.48 -33.32 -46.45
CA SER O 74 16.19 -34.07 -47.46
C SER O 74 16.12 -35.56 -47.25
N GLN O 75 15.98 -36.01 -45.98
CA GLN O 75 15.72 -37.36 -45.58
C GLN O 75 14.36 -37.89 -46.08
N ASP O 76 13.29 -37.05 -45.86
CA ASP O 76 11.93 -37.34 -46.09
C ASP O 76 11.66 -37.52 -47.59
N ALA O 77 12.35 -36.69 -48.41
CA ALA O 77 12.12 -36.70 -49.85
C ALA O 77 12.52 -38.02 -50.51
N GLU O 78 13.60 -38.60 -49.97
CA GLU O 78 14.28 -39.69 -50.55
C GLU O 78 13.74 -41.02 -50.03
N VAL O 79 13.74 -41.19 -48.68
CA VAL O 79 13.28 -42.41 -48.10
C VAL O 79 11.79 -42.27 -47.77
N GLY O 80 11.38 -41.24 -47.01
CA GLY O 80 10.00 -41.16 -46.58
C GLY O 80 9.82 -41.87 -45.25
N ASP O 81 10.88 -42.42 -44.65
CA ASP O 81 10.89 -43.29 -43.48
C ASP O 81 12.14 -42.85 -42.71
N GLY O 82 12.17 -42.81 -41.40
CA GLY O 82 13.36 -42.51 -40.57
C GLY O 82 13.66 -40.99 -40.48
N THR O 83 12.68 -40.21 -40.87
CA THR O 83 12.73 -38.75 -40.86
C THR O 83 12.91 -38.26 -39.44
N THR O 84 12.15 -38.90 -38.50
CA THR O 84 12.20 -38.46 -37.11
C THR O 84 13.57 -38.64 -36.43
N SER O 85 14.22 -39.71 -36.86
CA SER O 85 15.48 -40.11 -36.37
C SER O 85 16.62 -39.20 -36.59
N VAL O 86 16.65 -38.50 -37.75
CA VAL O 86 17.73 -37.61 -38.02
C VAL O 86 17.72 -36.38 -37.14
N THR O 87 16.45 -35.90 -36.87
CA THR O 87 16.29 -34.67 -36.11
C THR O 87 16.54 -34.97 -34.70
N LEU O 88 16.22 -36.22 -34.24
CA LEU O 88 16.47 -36.67 -32.88
C LEU O 88 17.93 -36.73 -32.54
N LEU O 89 18.71 -37.27 -33.50
CA LEU O 89 20.13 -37.46 -33.51
C LEU O 89 20.86 -36.12 -33.59
N ALA O 90 20.31 -35.17 -34.43
CA ALA O 90 20.92 -33.87 -34.59
C ALA O 90 20.96 -33.13 -33.24
N ALA O 91 19.89 -33.21 -32.46
CA ALA O 91 19.75 -32.65 -31.23
C ALA O 91 20.49 -33.41 -30.18
N GLU O 92 20.48 -34.69 -30.20
CA GLU O 92 21.12 -35.60 -29.23
C GLU O 92 22.67 -35.35 -29.06
N PHE O 93 23.43 -35.06 -30.20
CA PHE O 93 24.85 -34.83 -30.11
C PHE O 93 25.08 -33.69 -29.14
N LEU O 94 24.36 -32.61 -29.32
CA LEU O 94 24.45 -31.40 -28.41
C LEU O 94 24.24 -31.63 -26.93
N LYS O 95 23.36 -32.54 -26.54
CA LYS O 95 22.86 -32.79 -25.14
C LYS O 95 24.04 -33.23 -24.31
N GLN O 96 24.86 -34.12 -24.82
CA GLN O 96 25.92 -34.75 -24.09
C GLN O 96 27.04 -33.78 -24.11
N VAL O 97 27.08 -32.72 -24.98
CA VAL O 97 28.19 -31.74 -25.06
C VAL O 97 27.97 -30.74 -23.91
N LYS O 98 26.76 -30.59 -23.37
CA LYS O 98 26.36 -29.46 -22.59
C LYS O 98 27.13 -29.11 -21.24
N PRO O 99 27.60 -30.00 -20.30
CA PRO O 99 28.50 -29.66 -19.24
C PRO O 99 29.83 -29.17 -19.57
N TYR O 100 30.45 -29.54 -20.72
CA TYR O 100 31.79 -28.95 -20.98
C TYR O 100 31.72 -27.50 -21.31
N VAL O 101 30.76 -27.07 -22.14
CA VAL O 101 30.62 -25.69 -22.60
C VAL O 101 30.26 -24.65 -21.60
N GLU O 102 29.51 -25.14 -20.57
CA GLU O 102 29.11 -24.36 -19.37
C GLU O 102 30.36 -24.05 -18.56
N GLU O 103 31.27 -25.03 -18.48
CA GLU O 103 32.48 -24.94 -17.78
C GLU O 103 33.39 -23.93 -18.49
N GLY O 104 33.35 -23.79 -19.84
CA GLY O 104 34.15 -22.79 -20.60
C GLY O 104 35.30 -23.41 -21.25
N LEU O 105 35.29 -24.80 -21.06
CA LEU O 105 36.25 -25.60 -21.82
C LEU O 105 35.54 -25.99 -23.11
N HIS O 106 35.98 -25.22 -24.16
CA HIS O 106 35.41 -25.35 -25.48
C HIS O 106 36.44 -25.08 -26.59
N PRO O 107 37.39 -25.92 -26.97
CA PRO O 107 38.06 -25.99 -28.23
C PRO O 107 37.10 -26.02 -29.37
N GLN O 108 37.49 -25.64 -30.60
CA GLN O 108 36.81 -25.86 -31.80
C GLN O 108 37.38 -27.06 -32.48
N ILE O 109 38.29 -27.73 -31.72
CA ILE O 109 38.75 -29.06 -31.95
C ILE O 109 37.78 -30.06 -31.55
N ILE O 110 36.80 -29.69 -30.70
CA ILE O 110 35.61 -30.41 -30.35
C ILE O 110 34.65 -30.74 -31.48
N ILE O 111 34.40 -29.84 -32.46
CA ILE O 111 33.57 -30.14 -33.58
C ILE O 111 34.21 -31.06 -34.57
N ARG O 112 35.54 -30.94 -34.64
CA ARG O 112 36.51 -31.71 -35.47
C ARG O 112 36.67 -33.06 -34.91
N ALA O 113 36.31 -33.24 -33.62
CA ALA O 113 36.32 -34.60 -32.98
C ALA O 113 35.14 -35.38 -33.44
N PHE O 114 33.95 -34.71 -33.60
CA PHE O 114 32.76 -35.26 -34.24
C PHE O 114 32.98 -35.69 -35.69
N ARG O 115 33.62 -34.88 -36.52
CA ARG O 115 33.77 -35.17 -37.92
C ARG O 115 34.51 -36.48 -38.20
N THR O 116 35.51 -36.79 -37.36
CA THR O 116 36.29 -38.07 -37.21
C THR O 116 35.46 -39.21 -36.82
N ALA O 117 34.55 -39.06 -35.82
CA ALA O 117 33.61 -40.16 -35.49
C ALA O 117 32.70 -40.54 -36.63
N THR O 118 32.26 -39.50 -37.38
CA THR O 118 31.24 -39.76 -38.39
C THR O 118 31.79 -40.66 -39.40
N GLN O 119 33.11 -40.53 -39.69
CA GLN O 119 33.84 -41.30 -40.63
C GLN O 119 33.90 -42.76 -40.29
N LEU O 120 34.19 -43.10 -39.04
CA LEU O 120 34.36 -44.51 -38.62
C LEU O 120 33.03 -45.18 -38.57
N ALA O 121 32.02 -44.43 -38.21
CA ALA O 121 30.68 -44.83 -37.98
C ALA O 121 30.07 -45.35 -39.28
N VAL O 122 30.34 -44.63 -40.42
CA VAL O 122 29.75 -44.94 -41.69
C VAL O 122 30.28 -46.17 -42.47
N ASN O 123 31.62 -46.42 -42.27
CA ASN O 123 32.41 -47.48 -42.88
C ASN O 123 31.82 -48.80 -42.43
N LYS O 124 31.37 -48.84 -41.18
CA LYS O 124 30.88 -50.03 -40.47
C LYS O 124 29.53 -50.56 -41.10
N ILE O 125 28.63 -49.52 -41.40
CA ILE O 125 27.31 -49.83 -41.82
C ILE O 125 27.38 -50.49 -43.13
N LYS O 126 28.22 -50.04 -44.09
CA LYS O 126 28.37 -50.63 -45.41
C LYS O 126 28.95 -52.01 -45.32
N GLU O 127 29.96 -52.13 -44.43
CA GLU O 127 30.74 -53.31 -44.14
C GLU O 127 29.88 -54.44 -43.61
N ILE O 128 28.85 -54.07 -42.85
CA ILE O 128 27.95 -55.02 -42.30
C ILE O 128 26.74 -55.10 -43.16
N ALA O 129 26.65 -54.37 -44.26
CA ALA O 129 25.56 -54.42 -45.16
C ALA O 129 25.78 -55.69 -46.03
N VAL O 130 24.63 -56.43 -46.28
CA VAL O 130 24.59 -57.65 -47.00
C VAL O 130 23.49 -57.37 -48.01
N THR O 131 23.93 -57.37 -49.30
CA THR O 131 23.08 -57.17 -50.42
C THR O 131 22.09 -58.26 -50.57
N VAL O 132 20.78 -57.90 -50.50
CA VAL O 132 19.77 -58.90 -50.32
C VAL O 132 19.28 -59.58 -51.60
N LYS O 133 19.43 -58.96 -52.81
CA LYS O 133 19.08 -59.32 -54.15
C LYS O 133 19.94 -60.50 -54.57
N LYS O 134 21.25 -60.47 -54.17
CA LYS O 134 22.17 -61.59 -54.43
C LYS O 134 21.95 -62.78 -53.49
N ALA O 135 21.91 -62.39 -52.18
CA ALA O 135 21.92 -63.27 -51.01
C ALA O 135 20.68 -64.15 -51.13
N ASP O 136 19.54 -63.61 -51.54
CA ASP O 136 18.36 -64.37 -51.44
C ASP O 136 17.60 -64.23 -52.71
N LYS O 137 16.68 -65.20 -53.02
CA LYS O 137 15.76 -65.37 -54.13
C LYS O 137 16.43 -65.24 -55.40
N VAL O 138 15.61 -65.16 -56.48
CA VAL O 138 16.04 -65.10 -57.86
C VAL O 138 14.86 -64.59 -58.58
N GLU O 139 13.67 -64.66 -58.00
CA GLU O 139 12.45 -64.17 -58.48
C GLU O 139 12.31 -62.79 -57.83
N GLN O 140 12.87 -62.59 -56.62
CA GLN O 140 12.99 -61.39 -55.81
C GLN O 140 11.69 -60.69 -55.55
N ARG O 141 10.45 -61.30 -55.72
CA ARG O 141 9.30 -60.55 -55.29
C ARG O 141 8.99 -60.99 -53.85
N LYS O 142 9.39 -62.26 -53.54
CA LYS O 142 9.11 -62.85 -52.25
C LYS O 142 10.08 -62.27 -51.24
N LEU O 143 11.22 -61.78 -51.81
CA LEU O 143 12.23 -61.06 -51.04
C LEU O 143 11.62 -59.80 -50.54
N LEU O 144 10.87 -59.12 -51.39
CA LEU O 144 10.27 -57.76 -51.20
C LEU O 144 9.07 -57.83 -50.22
N GLU O 145 8.38 -59.03 -50.19
CA GLU O 145 7.30 -59.42 -49.43
C GLU O 145 7.63 -59.45 -47.98
N LYS O 146 8.82 -59.85 -47.59
CA LYS O 146 9.25 -59.91 -46.26
C LYS O 146 9.48 -58.54 -45.63
N CYS O 147 10.02 -57.52 -46.36
CA CYS O 147 10.25 -56.16 -45.99
C CYS O 147 8.89 -55.58 -45.70
N ALA O 148 7.87 -55.91 -46.54
CA ALA O 148 6.55 -55.44 -46.52
C ALA O 148 5.86 -55.76 -45.27
N MET O 149 6.09 -57.02 -44.78
CA MET O 149 5.42 -57.55 -43.58
C MET O 149 5.89 -56.84 -42.36
N THR O 150 7.22 -56.62 -42.24
CA THR O 150 7.75 -56.01 -41.10
C THR O 150 7.42 -54.56 -41.05
N ALA O 151 7.41 -53.86 -42.17
CA ALA O 151 7.08 -52.44 -42.41
C ALA O 151 5.62 -52.07 -42.12
N LEU O 152 4.70 -53.01 -42.40
CA LEU O 152 3.30 -52.93 -42.06
C LEU O 152 3.21 -53.01 -40.48
N SER O 153 4.07 -53.86 -39.86
CA SER O 153 4.20 -54.02 -38.40
C SER O 153 5.15 -53.00 -37.73
N SER O 154 5.47 -51.85 -38.33
CA SER O 154 6.13 -50.81 -37.66
C SER O 154 5.30 -49.47 -37.59
N LYS O 155 4.04 -49.57 -37.87
CA LYS O 155 3.14 -48.46 -37.78
C LYS O 155 1.90 -49.07 -37.12
N LEU O 156 1.49 -50.33 -37.37
CA LEU O 156 0.25 -50.87 -36.78
C LEU O 156 0.13 -52.36 -36.74
N ILE O 157 -0.66 -52.93 -37.69
CA ILE O 157 -1.18 -54.29 -37.68
C ILE O 157 -0.10 -55.37 -37.64
N SER O 158 -0.41 -56.50 -36.92
CA SER O 158 0.58 -57.55 -36.80
C SER O 158 0.00 -58.88 -37.23
N GLN O 159 -1.24 -58.85 -37.79
CA GLN O 159 -2.01 -60.11 -38.15
C GLN O 159 -2.80 -59.95 -39.42
N GLN O 160 -3.21 -58.69 -39.75
CA GLN O 160 -3.93 -58.52 -40.98
C GLN O 160 -2.95 -58.35 -42.05
N LYS O 161 -1.73 -58.05 -41.69
CA LYS O 161 -0.61 -57.69 -42.43
C LYS O 161 -0.22 -58.69 -43.39
N ALA O 162 -0.32 -60.02 -43.08
CA ALA O 162 0.19 -61.11 -43.95
C ALA O 162 -0.58 -61.00 -45.28
N PHE O 163 -1.89 -60.63 -45.25
CA PHE O 163 -2.80 -60.55 -46.46
C PHE O 163 -2.44 -59.26 -47.29
N PHE O 164 -2.29 -58.12 -46.50
CA PHE O 164 -2.02 -56.81 -47.03
C PHE O 164 -0.60 -56.89 -47.71
N ALA O 165 0.44 -57.70 -47.25
CA ALA O 165 1.77 -57.60 -47.75
C ALA O 165 1.99 -57.99 -49.21
N LYS O 166 1.18 -58.93 -49.86
CA LYS O 166 1.37 -59.21 -51.32
C LYS O 166 0.92 -58.12 -52.33
N MET O 167 -0.02 -57.29 -51.90
CA MET O 167 -0.54 -56.20 -52.66
C MET O 167 0.51 -55.15 -52.91
N VAL O 168 1.24 -54.79 -51.82
CA VAL O 168 2.38 -53.88 -51.77
C VAL O 168 3.46 -54.25 -52.75
N VAL O 169 3.75 -55.52 -52.95
CA VAL O 169 4.78 -56.05 -53.82
C VAL O 169 4.51 -55.67 -55.21
N ASP O 170 3.20 -55.87 -55.60
CA ASP O 170 2.80 -55.55 -56.96
C ASP O 170 2.84 -54.12 -57.24
N ALA O 171 2.36 -53.28 -56.31
CA ALA O 171 2.22 -51.87 -56.45
C ALA O 171 3.65 -51.26 -56.63
N VAL O 172 4.54 -51.79 -55.78
CA VAL O 172 5.93 -51.27 -55.59
C VAL O 172 6.70 -51.32 -56.95
N MET O 173 6.57 -52.45 -57.73
CA MET O 173 7.17 -52.64 -59.02
C MET O 173 6.59 -51.67 -60.04
N MET O 174 5.23 -51.44 -60.08
CA MET O 174 4.58 -50.44 -61.00
C MET O 174 5.15 -49.00 -60.73
N LEU O 175 5.17 -48.73 -59.47
CA LEU O 175 5.54 -47.43 -58.98
C LEU O 175 7.05 -47.09 -59.11
N ASP O 176 7.94 -48.10 -58.90
CA ASP O 176 9.40 -47.89 -58.83
C ASP O 176 10.05 -47.43 -60.14
N ASP O 177 10.50 -46.15 -59.97
CA ASP O 177 11.07 -45.42 -61.09
C ASP O 177 11.42 -44.09 -60.53
N LEU O 178 11.01 -43.82 -59.25
CA LEU O 178 11.20 -42.61 -58.46
C LEU O 178 10.09 -42.60 -57.46
N LEU O 179 10.31 -42.38 -56.09
CA LEU O 179 9.29 -42.54 -55.12
C LEU O 179 8.22 -41.47 -55.18
N GLN O 180 6.93 -41.86 -55.18
CA GLN O 180 5.87 -40.94 -55.25
C GLN O 180 5.21 -41.07 -53.96
N LEU O 181 4.67 -39.95 -53.39
CA LEU O 181 4.17 -39.93 -52.01
C LEU O 181 2.73 -39.47 -52.22
N LYS O 182 2.30 -39.59 -53.53
CA LYS O 182 1.04 -39.00 -53.97
C LYS O 182 0.47 -39.72 -55.20
N MET O 183 0.79 -41.03 -55.37
CA MET O 183 0.30 -41.86 -56.42
C MET O 183 0.29 -43.26 -55.86
N ILE O 184 0.53 -43.28 -54.53
CA ILE O 184 0.44 -44.36 -53.75
C ILE O 184 -0.73 -44.08 -52.81
N GLY O 185 -1.51 -42.94 -52.86
CA GLY O 185 -2.62 -42.65 -52.02
C GLY O 185 -3.73 -43.65 -51.98
N ILE O 186 -4.44 -43.71 -50.82
CA ILE O 186 -5.29 -44.79 -50.31
C ILE O 186 -6.56 -44.05 -49.97
N LYS O 187 -7.71 -44.71 -50.36
CA LYS O 187 -9.03 -44.20 -50.23
C LYS O 187 -9.71 -45.02 -49.16
N LYS O 188 -10.73 -44.31 -48.49
CA LYS O 188 -11.24 -44.72 -47.22
C LYS O 188 -12.67 -45.13 -47.43
N VAL O 189 -13.08 -46.23 -46.84
CA VAL O 189 -14.49 -46.65 -46.75
C VAL O 189 -14.55 -47.60 -45.62
N GLN O 190 -15.76 -47.75 -45.10
CA GLN O 190 -16.06 -48.69 -44.01
C GLN O 190 -17.56 -48.88 -44.11
N GLY O 191 -18.13 -49.99 -43.46
CA GLY O 191 -19.50 -50.28 -43.32
C GLY O 191 -20.16 -51.28 -44.28
N GLY O 192 -19.41 -51.84 -45.34
CA GLY O 192 -19.79 -52.91 -46.21
C GLY O 192 -18.79 -54.02 -46.13
N ALA O 193 -17.59 -53.75 -45.63
CA ALA O 193 -16.70 -54.79 -45.16
C ALA O 193 -15.82 -54.10 -44.16
N LEU O 194 -15.26 -54.87 -43.19
CA LEU O 194 -14.38 -54.27 -42.25
C LEU O 194 -13.13 -55.17 -42.25
N GLU O 195 -11.99 -54.50 -42.20
CA GLU O 195 -10.61 -55.05 -42.18
C GLU O 195 -10.23 -55.90 -43.36
N ASP O 196 -10.41 -55.40 -44.60
CA ASP O 196 -10.08 -56.13 -45.80
C ASP O 196 -9.59 -55.03 -46.68
N SER O 197 -8.74 -55.40 -47.61
CA SER O 197 -8.22 -54.43 -48.56
C SER O 197 -8.20 -55.05 -49.97
N GLN O 198 -8.31 -54.24 -51.04
CA GLN O 198 -8.13 -54.55 -52.39
C GLN O 198 -7.15 -53.65 -53.09
N LEU O 199 -6.42 -54.26 -53.99
CA LEU O 199 -5.44 -53.57 -54.78
C LEU O 199 -6.23 -53.14 -55.98
N VAL O 200 -6.14 -51.88 -56.45
CA VAL O 200 -6.70 -51.42 -57.71
C VAL O 200 -5.46 -50.84 -58.43
N ALA O 201 -5.28 -51.14 -59.72
CA ALA O 201 -4.00 -50.93 -60.38
C ALA O 201 -3.97 -49.64 -61.03
N GLY O 202 -5.08 -48.91 -61.08
CA GLY O 202 -5.31 -47.66 -61.77
C GLY O 202 -5.49 -46.56 -60.87
N VAL O 203 -6.63 -45.78 -61.02
CA VAL O 203 -6.89 -44.68 -60.15
C VAL O 203 -8.31 -44.89 -59.66
N ALA O 204 -8.78 -44.00 -58.90
CA ALA O 204 -10.11 -43.88 -58.36
C ALA O 204 -10.24 -42.47 -58.04
N PHE O 205 -11.53 -42.03 -57.91
CA PHE O 205 -11.96 -40.74 -57.51
C PHE O 205 -13.12 -40.87 -56.52
N LYS O 206 -12.98 -40.34 -55.35
CA LYS O 206 -13.96 -40.39 -54.34
C LYS O 206 -15.25 -39.57 -54.69
N LYS O 207 -15.04 -38.46 -55.37
CA LYS O 207 -16.06 -37.48 -55.56
C LYS O 207 -16.56 -37.57 -56.98
N THR O 208 -17.96 -37.61 -57.04
CA THR O 208 -18.69 -37.63 -58.22
C THR O 208 -19.97 -36.96 -57.76
N PHE O 209 -20.64 -36.24 -58.62
CA PHE O 209 -21.89 -35.54 -58.45
C PHE O 209 -22.80 -35.87 -59.63
N SER O 210 -23.94 -36.55 -59.29
CA SER O 210 -24.99 -36.85 -60.31
C SER O 210 -26.11 -37.37 -59.44
N TYR O 211 -27.39 -36.80 -59.59
CA TYR O 211 -28.56 -37.28 -58.92
C TYR O 211 -29.74 -37.29 -59.90
N ALA O 212 -29.56 -37.00 -61.17
CA ALA O 212 -30.66 -36.98 -62.12
C ALA O 212 -30.84 -38.36 -62.79
N GLY O 213 -29.87 -39.27 -62.54
CA GLY O 213 -29.81 -40.64 -63.05
C GLY O 213 -28.62 -41.38 -62.48
N PHE O 214 -28.66 -42.70 -62.54
CA PHE O 214 -27.69 -43.54 -61.94
C PHE O 214 -27.82 -44.91 -62.56
N GLU O 215 -29.06 -45.52 -62.48
CA GLU O 215 -29.50 -46.71 -63.14
C GLU O 215 -29.84 -46.43 -64.57
N MET O 216 -30.47 -45.24 -64.88
CA MET O 216 -30.75 -44.82 -66.17
C MET O 216 -29.51 -44.17 -66.85
N GLN O 217 -28.43 -43.80 -66.09
CA GLN O 217 -27.24 -43.18 -66.73
C GLN O 217 -26.20 -44.26 -66.88
N PRO O 218 -25.56 -44.54 -68.09
CA PRO O 218 -24.46 -45.54 -68.22
C PRO O 218 -23.24 -45.17 -67.43
N LYS O 219 -22.47 -46.21 -66.92
CA LYS O 219 -21.35 -45.98 -66.10
C LYS O 219 -20.38 -47.12 -66.33
N LYS O 220 -20.48 -47.86 -67.46
CA LYS O 220 -19.59 -48.88 -67.79
C LYS O 220 -19.27 -48.57 -69.19
N TYR O 221 -17.98 -48.28 -69.42
CA TYR O 221 -17.35 -48.10 -70.71
C TYR O 221 -16.21 -49.05 -70.92
N HIS O 222 -15.88 -49.40 -72.14
CA HIS O 222 -14.81 -50.33 -72.38
C HIS O 222 -13.77 -49.61 -73.19
N ASN O 223 -13.96 -48.32 -73.47
CA ASN O 223 -13.04 -47.48 -74.16
C ASN O 223 -13.53 -46.08 -73.75
N PRO O 224 -13.36 -45.63 -72.47
CA PRO O 224 -13.76 -44.29 -72.07
C PRO O 224 -12.99 -43.24 -72.88
N LYS O 225 -13.47 -41.97 -72.87
CA LYS O 225 -12.74 -40.77 -73.30
C LYS O 225 -12.98 -39.91 -72.09
N ILE O 226 -11.90 -39.56 -71.34
CA ILE O 226 -11.90 -38.89 -70.05
C ILE O 226 -11.54 -37.44 -70.36
N ALA O 227 -12.48 -36.59 -69.83
CA ALA O 227 -12.27 -35.11 -69.90
C ALA O 227 -11.92 -34.80 -68.52
N LEU O 228 -10.72 -34.20 -68.35
CA LEU O 228 -10.15 -33.88 -67.09
C LEU O 228 -10.22 -32.42 -66.98
N LEU O 229 -11.41 -31.90 -66.63
CA LEU O 229 -11.72 -30.52 -66.65
C LEU O 229 -11.51 -29.94 -65.21
N ASN O 230 -11.45 -28.58 -65.17
CA ASN O 230 -11.39 -27.72 -63.98
C ASN O 230 -12.36 -26.64 -64.12
N VAL O 231 -13.26 -26.68 -65.12
CA VAL O 231 -14.14 -25.55 -65.42
C VAL O 231 -15.35 -25.85 -64.64
N GLU O 232 -16.33 -24.84 -64.53
CA GLU O 232 -17.63 -24.98 -63.88
C GLU O 232 -18.81 -25.07 -64.85
N LEU O 233 -19.88 -25.86 -64.59
CA LEU O 233 -21.07 -25.77 -65.28
C LEU O 233 -22.07 -25.05 -64.33
N GLU O 234 -22.95 -24.31 -64.99
CA GLU O 234 -23.84 -23.36 -64.41
C GLU O 234 -25.25 -23.71 -64.81
N LEU O 235 -26.28 -23.06 -64.31
CA LEU O 235 -27.64 -23.35 -64.48
C LEU O 235 -27.98 -23.02 -65.93
N LYS O 236 -27.69 -21.79 -66.25
CA LYS O 236 -27.64 -21.15 -67.55
C LYS O 236 -26.27 -20.44 -67.52
N ALA O 237 -25.72 -20.25 -68.77
CA ALA O 237 -24.40 -19.78 -68.96
C ALA O 237 -24.44 -18.26 -69.22
N GLU O 238 -23.43 -17.59 -68.58
CA GLU O 238 -23.27 -16.21 -68.73
C GLU O 238 -22.75 -15.93 -70.14
N LYS O 239 -23.17 -14.82 -70.67
CA LYS O 239 -22.88 -14.30 -71.98
C LYS O 239 -21.71 -13.30 -71.81
N ASP O 240 -21.14 -12.88 -72.92
CA ASP O 240 -19.99 -12.01 -72.93
C ASP O 240 -20.53 -10.66 -72.85
N ASN O 241 -19.60 -9.76 -72.44
CA ASN O 241 -19.82 -8.38 -72.11
C ASN O 241 -20.33 -7.62 -73.27
N ALA O 242 -21.10 -6.52 -72.96
CA ALA O 242 -21.82 -5.49 -73.71
C ALA O 242 -23.08 -6.08 -74.34
N GLU O 243 -24.19 -5.36 -74.40
CA GLU O 243 -25.48 -5.75 -74.89
C GLU O 243 -26.19 -6.97 -74.27
N ILE O 244 -27.46 -7.14 -74.65
CA ILE O 244 -28.45 -8.07 -74.25
C ILE O 244 -29.16 -7.68 -72.96
N ARG O 245 -30.49 -7.60 -73.03
CA ARG O 245 -31.30 -6.90 -72.02
C ARG O 245 -32.53 -7.81 -71.77
N VAL O 246 -33.26 -7.56 -70.66
CA VAL O 246 -34.32 -8.47 -70.31
C VAL O 246 -35.31 -7.58 -69.61
N HIS O 247 -36.60 -7.81 -69.83
CA HIS O 247 -37.40 -7.37 -70.99
C HIS O 247 -36.95 -6.01 -71.64
N THR O 248 -37.41 -5.83 -72.86
CA THR O 248 -38.34 -4.69 -73.12
C THR O 248 -39.60 -5.16 -73.76
N VAL O 249 -39.52 -5.86 -74.95
CA VAL O 249 -40.70 -6.46 -75.56
C VAL O 249 -40.39 -7.88 -75.85
N GLU O 250 -39.69 -8.04 -77.01
CA GLU O 250 -39.16 -9.29 -77.57
C GLU O 250 -38.19 -10.00 -76.65
N ASP O 251 -37.24 -9.27 -75.88
CA ASP O 251 -36.17 -9.88 -75.12
C ASP O 251 -36.72 -10.72 -73.95
N TYR O 252 -38.00 -10.68 -73.53
CA TYR O 252 -38.42 -11.32 -72.29
C TYR O 252 -38.21 -12.81 -72.21
N GLN O 253 -38.63 -13.59 -73.21
CA GLN O 253 -38.44 -15.06 -73.26
C GLN O 253 -37.25 -15.33 -74.17
N ALA O 254 -36.81 -14.36 -75.05
CA ALA O 254 -35.76 -14.59 -76.10
C ALA O 254 -34.38 -15.00 -75.51
N ILE O 255 -33.98 -14.15 -74.58
CA ILE O 255 -32.63 -14.09 -73.97
C ILE O 255 -32.37 -15.37 -73.21
N VAL O 256 -33.47 -15.91 -72.63
CA VAL O 256 -33.58 -17.02 -71.71
C VAL O 256 -33.25 -18.27 -72.37
N ASP O 257 -33.74 -18.41 -73.60
CA ASP O 257 -33.56 -19.60 -74.45
C ASP O 257 -32.12 -19.55 -75.06
N ALA O 258 -31.56 -18.30 -75.29
CA ALA O 258 -30.20 -18.20 -75.77
C ALA O 258 -29.12 -18.72 -74.79
N GLU O 259 -29.34 -18.41 -73.47
CA GLU O 259 -28.49 -18.76 -72.38
C GLU O 259 -28.35 -20.28 -72.33
N TRP O 260 -29.49 -20.91 -72.58
CA TRP O 260 -29.66 -22.32 -72.66
C TRP O 260 -28.83 -22.93 -73.79
N ASN O 261 -28.76 -22.27 -74.95
CA ASN O 261 -27.92 -22.65 -76.10
C ASN O 261 -26.43 -22.50 -75.85
N ILE O 262 -25.96 -21.47 -75.07
CA ILE O 262 -24.55 -21.32 -74.78
C ILE O 262 -24.09 -22.47 -73.84
N LEU O 263 -24.92 -22.84 -72.89
CA LEU O 263 -24.70 -23.84 -71.89
C LEU O 263 -24.59 -25.15 -72.47
N TYR O 264 -25.50 -25.38 -73.42
CA TYR O 264 -25.48 -26.46 -74.31
C TYR O 264 -24.21 -26.49 -75.16
N ASP O 265 -23.68 -25.39 -75.76
CA ASP O 265 -22.46 -25.34 -76.52
C ASP O 265 -21.30 -25.75 -75.71
N LYS O 266 -21.15 -25.39 -74.40
CA LYS O 266 -19.93 -25.63 -73.66
C LYS O 266 -19.82 -27.10 -73.41
N LEU O 267 -21.02 -27.76 -73.14
CA LEU O 267 -21.25 -29.16 -73.03
C LEU O 267 -20.90 -29.95 -74.30
N GLU O 268 -21.33 -29.40 -75.45
CA GLU O 268 -21.15 -30.05 -76.74
C GLU O 268 -19.75 -30.03 -77.25
N LYS O 269 -19.01 -28.95 -76.89
CA LYS O 269 -17.53 -28.87 -77.10
C LYS O 269 -16.83 -29.92 -76.27
N ILE O 270 -17.20 -30.18 -75.06
CA ILE O 270 -16.65 -31.18 -74.25
C ILE O 270 -16.83 -32.58 -74.87
N HIS O 271 -18.07 -32.83 -75.37
CA HIS O 271 -18.52 -34.10 -75.82
C HIS O 271 -17.80 -34.46 -77.07
N HIS O 272 -17.64 -33.50 -78.03
CA HIS O 272 -17.27 -33.82 -79.37
C HIS O 272 -15.78 -33.90 -79.59
N SER O 273 -14.97 -33.29 -78.67
CA SER O 273 -13.53 -33.52 -78.49
C SER O 273 -13.34 -34.95 -78.10
N GLY O 274 -14.06 -35.46 -77.13
CA GLY O 274 -13.93 -36.77 -76.59
C GLY O 274 -14.47 -36.81 -75.21
N ALA O 275 -15.76 -37.28 -75.07
CA ALA O 275 -16.36 -37.39 -73.76
C ALA O 275 -17.37 -38.50 -73.85
N LYS O 276 -17.19 -39.40 -72.91
CA LYS O 276 -18.24 -40.37 -72.46
C LYS O 276 -18.29 -40.29 -71.00
N VAL O 277 -17.15 -39.89 -70.36
CA VAL O 277 -16.94 -39.87 -68.92
C VAL O 277 -16.32 -38.55 -68.65
N VAL O 278 -16.99 -37.80 -67.70
CA VAL O 278 -16.60 -36.44 -67.35
C VAL O 278 -16.32 -36.41 -65.84
N LEU O 279 -15.06 -35.79 -65.53
CA LEU O 279 -14.55 -35.45 -64.24
C LEU O 279 -14.34 -33.96 -64.43
N SER O 280 -14.69 -33.13 -63.42
CA SER O 280 -14.56 -31.72 -63.51
C SER O 280 -14.37 -31.24 -62.05
N LYS O 281 -13.27 -30.49 -61.80
CA LYS O 281 -12.80 -29.97 -60.50
C LYS O 281 -13.82 -29.22 -59.75
N LEU O 282 -14.64 -28.40 -60.53
CA LEU O 282 -15.64 -27.53 -59.97
C LEU O 282 -16.98 -28.00 -60.25
N PRO O 283 -18.01 -27.77 -59.46
CA PRO O 283 -19.37 -28.27 -59.62
C PRO O 283 -19.95 -28.37 -61.05
N ILE O 284 -20.70 -29.52 -61.33
CA ILE O 284 -21.47 -29.72 -62.49
C ILE O 284 -22.83 -29.17 -62.04
N GLY O 285 -23.32 -28.25 -62.93
CA GLY O 285 -24.56 -27.56 -62.69
C GLY O 285 -25.77 -28.46 -62.63
N ASP O 286 -26.96 -27.90 -62.32
CA ASP O 286 -28.20 -28.66 -62.03
C ASP O 286 -28.82 -29.16 -63.29
N VAL O 287 -28.94 -28.22 -64.34
CA VAL O 287 -29.51 -28.47 -65.64
C VAL O 287 -28.46 -29.16 -66.47
N ALA O 288 -27.22 -29.01 -66.10
CA ALA O 288 -26.12 -29.70 -66.72
C ALA O 288 -26.00 -31.24 -66.59
N THR O 289 -26.32 -31.67 -65.36
CA THR O 289 -26.34 -33.05 -64.98
C THR O 289 -27.49 -33.69 -65.54
N GLN O 290 -28.66 -32.96 -65.65
CA GLN O 290 -29.90 -33.41 -66.27
C GLN O 290 -29.58 -33.63 -67.71
N TYR O 291 -28.77 -32.70 -68.39
CA TYR O 291 -28.45 -32.78 -69.79
C TYR O 291 -27.66 -33.96 -70.12
N PHE O 292 -26.66 -34.31 -69.21
CA PHE O 292 -25.75 -35.34 -69.45
C PHE O 292 -26.52 -36.67 -69.41
N ALA O 293 -27.43 -36.94 -68.45
CA ALA O 293 -28.33 -38.09 -68.28
C ALA O 293 -29.22 -38.15 -69.46
N ASP O 294 -29.70 -37.06 -70.05
CA ASP O 294 -30.58 -37.05 -71.19
C ASP O 294 -29.87 -37.71 -72.44
N ARG O 295 -28.58 -37.31 -72.71
CA ARG O 295 -27.79 -37.76 -73.80
C ARG O 295 -27.19 -39.13 -73.53
N ASP O 296 -27.22 -39.65 -72.29
CA ASP O 296 -26.70 -40.94 -71.90
C ASP O 296 -25.25 -40.93 -71.70
N MET O 297 -24.79 -40.04 -70.87
CA MET O 297 -23.40 -39.85 -70.61
C MET O 297 -23.28 -39.66 -69.12
N PHE O 298 -22.21 -40.19 -68.51
CA PHE O 298 -21.86 -40.18 -67.11
C PHE O 298 -21.24 -38.81 -66.83
N CYS O 299 -21.33 -38.17 -65.60
CA CYS O 299 -20.70 -36.94 -65.23
C CYS O 299 -20.36 -37.00 -63.71
N ALA O 300 -19.35 -36.22 -63.22
CA ALA O 300 -18.81 -36.28 -61.92
C ALA O 300 -18.31 -34.91 -61.58
N GLY O 301 -18.71 -34.23 -60.49
CA GLY O 301 -18.16 -32.98 -60.05
C GLY O 301 -17.59 -33.18 -58.70
N ARG O 302 -17.03 -32.04 -58.09
CA ARG O 302 -16.46 -31.87 -56.80
C ARG O 302 -15.14 -32.61 -56.76
N VAL O 303 -14.41 -32.86 -57.88
CA VAL O 303 -13.15 -33.57 -57.91
C VAL O 303 -12.13 -32.71 -57.19
N PRO O 304 -11.22 -33.16 -56.37
CA PRO O 304 -10.06 -32.41 -55.91
C PRO O 304 -9.08 -32.26 -57.06
N GLU O 305 -8.24 -31.23 -57.00
CA GLU O 305 -7.10 -30.96 -57.88
C GLU O 305 -6.07 -32.03 -57.92
N GLU O 306 -5.79 -32.62 -56.70
CA GLU O 306 -4.80 -33.67 -56.56
C GLU O 306 -5.09 -34.94 -57.37
N ASP O 307 -6.35 -35.44 -57.37
CA ASP O 307 -6.83 -36.61 -57.98
C ASP O 307 -6.73 -36.57 -59.47
N LEU O 308 -7.01 -35.43 -60.07
CA LEU O 308 -6.82 -35.25 -61.44
C LEU O 308 -5.39 -35.39 -61.89
N LYS O 309 -4.41 -35.05 -61.03
CA LYS O 309 -3.02 -35.09 -61.38
C LYS O 309 -2.53 -36.53 -61.38
N ARG O 310 -3.10 -37.41 -60.53
CA ARG O 310 -2.75 -38.82 -60.52
C ARG O 310 -3.10 -39.52 -61.85
N THR O 311 -4.39 -39.26 -62.36
CA THR O 311 -5.06 -39.91 -63.48
C THR O 311 -4.40 -39.73 -64.83
N MET O 312 -3.94 -38.45 -65.07
CA MET O 312 -3.15 -38.04 -66.22
C MET O 312 -1.86 -38.78 -66.45
N MET O 313 -1.15 -39.24 -65.42
CA MET O 313 0.08 -39.91 -65.48
C MET O 313 -0.12 -41.32 -65.86
N ALA O 314 -1.30 -41.89 -65.48
CA ALA O 314 -1.76 -43.12 -65.79
C ALA O 314 -2.20 -43.14 -67.19
N CYS O 315 -2.94 -42.09 -67.66
CA CYS O 315 -3.41 -41.99 -69.03
C CYS O 315 -2.29 -41.68 -70.03
N GLY O 316 -1.32 -40.85 -69.61
CA GLY O 316 -0.31 -40.36 -70.51
C GLY O 316 -0.68 -38.97 -70.95
N GLY O 317 -1.90 -38.58 -70.62
CA GLY O 317 -2.69 -37.40 -70.86
C GLY O 317 -2.26 -36.26 -70.06
N SER O 318 -3.22 -35.27 -69.86
CA SER O 318 -2.92 -34.08 -69.06
C SER O 318 -4.23 -33.53 -68.55
N ILE O 319 -4.14 -32.50 -67.65
CA ILE O 319 -5.31 -31.73 -67.23
C ILE O 319 -5.59 -30.77 -68.36
N GLN O 320 -6.87 -30.41 -68.56
CA GLN O 320 -7.32 -29.43 -69.59
C GLN O 320 -8.04 -28.34 -68.78
N THR O 321 -7.58 -27.05 -69.08
CA THR O 321 -8.09 -25.85 -68.57
C THR O 321 -9.03 -25.36 -69.65
N SER O 322 -9.00 -26.02 -70.83
CA SER O 322 -9.82 -25.81 -72.04
C SER O 322 -11.00 -26.80 -72.05
N VAL O 323 -11.92 -26.56 -72.97
CA VAL O 323 -13.17 -27.30 -73.08
C VAL O 323 -13.17 -28.18 -74.29
N ASN O 324 -11.98 -28.21 -75.04
CA ASN O 324 -11.74 -29.06 -76.11
C ASN O 324 -10.38 -29.69 -76.05
N ALA O 325 -10.06 -30.71 -76.87
CA ALA O 325 -8.78 -31.34 -76.84
C ALA O 325 -8.51 -31.55 -78.28
N LEU O 326 -7.22 -31.31 -78.67
CA LEU O 326 -6.71 -31.43 -79.96
C LEU O 326 -5.55 -32.40 -79.89
N SER O 327 -5.27 -33.09 -78.73
CA SER O 327 -4.15 -34.02 -78.68
C SER O 327 -4.62 -35.14 -77.72
N ALA O 328 -3.90 -36.34 -77.84
CA ALA O 328 -4.13 -37.50 -77.08
C ALA O 328 -3.05 -37.56 -75.97
N ASP O 329 -2.27 -36.50 -75.81
CA ASP O 329 -1.46 -36.37 -74.61
C ASP O 329 -2.07 -35.30 -73.83
N VAL O 330 -3.29 -34.83 -74.18
CA VAL O 330 -3.98 -33.82 -73.43
C VAL O 330 -5.32 -34.48 -73.13
N LEU O 331 -5.89 -35.36 -74.00
CA LEU O 331 -7.15 -36.10 -73.64
C LEU O 331 -6.68 -37.37 -72.98
N GLY O 332 -7.55 -38.06 -72.27
CA GLY O 332 -7.20 -39.23 -71.51
C GLY O 332 -8.07 -40.30 -72.01
N ARG O 333 -7.55 -41.52 -71.97
CA ARG O 333 -8.31 -42.69 -72.40
C ARG O 333 -7.74 -43.76 -71.48
N CYS O 334 -8.55 -44.82 -71.35
CA CYS O 334 -8.28 -46.00 -70.52
C CYS O 334 -9.03 -47.04 -71.30
N GLN O 335 -9.03 -48.31 -70.81
CA GLN O 335 -9.64 -49.42 -71.61
C GLN O 335 -10.75 -50.01 -70.76
N VAL O 336 -10.90 -49.47 -69.50
CA VAL O 336 -11.98 -49.80 -68.58
C VAL O 336 -12.23 -48.53 -67.85
N PHE O 337 -13.58 -48.21 -67.77
CA PHE O 337 -14.27 -47.37 -66.83
C PHE O 337 -15.31 -48.28 -66.20
N GLU O 338 -15.46 -48.32 -64.85
CA GLU O 338 -16.61 -48.87 -64.21
C GLU O 338 -16.83 -48.07 -63.01
N GLU O 339 -18.12 -48.08 -62.53
CA GLU O 339 -18.45 -47.39 -61.28
C GLU O 339 -19.09 -48.46 -60.40
N THR O 340 -18.41 -48.79 -59.29
CA THR O 340 -18.88 -49.80 -58.36
C THR O 340 -18.84 -49.26 -56.97
N GLN O 341 -19.86 -49.67 -56.18
CA GLN O 341 -20.03 -49.20 -54.86
C GLN O 341 -19.30 -50.19 -53.87
N ILE O 342 -18.29 -49.70 -53.07
CA ILE O 342 -17.69 -50.52 -52.00
C ILE O 342 -17.90 -49.74 -50.73
N GLY O 343 -18.60 -50.36 -49.76
CA GLY O 343 -18.95 -49.71 -48.56
C GLY O 343 -20.20 -48.78 -48.70
N GLY O 344 -20.84 -48.77 -49.91
CA GLY O 344 -21.85 -47.82 -50.30
C GLY O 344 -21.32 -46.43 -50.50
N GLU O 345 -20.20 -46.34 -51.17
CA GLU O 345 -19.71 -45.03 -51.57
C GLU O 345 -19.10 -45.31 -52.94
N ARG O 346 -19.51 -44.47 -53.91
CA ARG O 346 -19.21 -44.38 -55.25
C ARG O 346 -17.71 -44.11 -55.49
N TYR O 347 -17.10 -45.01 -56.33
CA TYR O 347 -15.73 -44.96 -56.75
C TYR O 347 -15.69 -45.02 -58.25
N ASN O 348 -15.03 -44.04 -58.91
CA ASN O 348 -14.93 -44.02 -60.31
C ASN O 348 -13.63 -44.70 -60.56
N PHE O 349 -13.65 -45.95 -61.06
CA PHE O 349 -12.45 -46.69 -61.40
C PHE O 349 -12.09 -46.61 -62.85
N PHE O 350 -10.83 -46.32 -63.11
CA PHE O 350 -10.26 -46.40 -64.35
C PHE O 350 -9.16 -47.24 -64.14
N THR O 351 -9.11 -48.38 -64.95
CA THR O 351 -8.23 -49.47 -64.87
C THR O 351 -8.00 -49.90 -66.30
N GLY O 352 -6.87 -50.59 -66.57
CA GLY O 352 -6.40 -51.05 -67.92
C GLY O 352 -5.63 -49.95 -68.57
N CYS O 353 -5.38 -48.87 -67.80
CA CYS O 353 -4.67 -47.61 -68.05
C CYS O 353 -3.47 -47.94 -68.91
N PRO O 354 -3.13 -47.12 -69.89
CA PRO O 354 -2.02 -47.36 -70.77
C PRO O 354 -0.78 -47.47 -70.02
N LYS O 355 -0.53 -46.63 -69.03
CA LYS O 355 0.80 -46.52 -68.42
C LYS O 355 0.80 -47.31 -67.10
N ALA O 356 -0.04 -46.92 -66.11
CA ALA O 356 -0.48 -47.68 -64.95
C ALA O 356 0.68 -47.69 -63.98
N LYS O 357 1.11 -46.43 -63.68
CA LYS O 357 2.26 -46.09 -62.88
C LYS O 357 1.69 -45.43 -61.73
N THR O 358 0.41 -45.52 -61.52
CA THR O 358 -0.31 -45.07 -60.37
C THR O 358 -1.04 -46.27 -59.82
N CYS O 359 -1.35 -46.32 -58.45
CA CYS O 359 -2.15 -47.35 -57.74
C CYS O 359 -3.04 -46.64 -56.72
N THR O 360 -4.11 -47.40 -56.34
CA THR O 360 -5.15 -46.98 -55.48
C THR O 360 -5.42 -48.22 -54.65
N PHE O 361 -5.49 -48.01 -53.33
CA PHE O 361 -5.79 -49.11 -52.40
C PHE O 361 -7.08 -48.63 -51.87
N ILE O 362 -8.09 -49.55 -51.87
CA ILE O 362 -9.37 -49.23 -51.24
C ILE O 362 -9.40 -50.08 -49.96
N LEU O 363 -9.33 -49.30 -48.82
CA LEU O 363 -8.99 -49.84 -47.58
C LEU O 363 -10.14 -49.60 -46.69
N ARG O 364 -10.49 -50.61 -45.89
CA ARG O 364 -11.50 -50.67 -44.94
C ARG O 364 -10.74 -51.04 -43.69
N GLY O 365 -10.80 -50.15 -42.62
CA GLY O 365 -10.21 -50.35 -41.36
C GLY O 365 -11.35 -50.72 -40.52
N GLY O 366 -11.41 -50.37 -39.19
CA GLY O 366 -12.49 -50.90 -38.35
C GLY O 366 -13.17 -49.60 -37.94
N ALA O 367 -12.42 -48.50 -37.90
CA ALA O 367 -13.01 -47.20 -37.55
C ALA O 367 -12.34 -46.18 -38.47
N GLU O 368 -12.87 -44.89 -38.51
CA GLU O 368 -12.29 -43.81 -39.23
C GLU O 368 -10.98 -43.44 -38.61
N GLN O 369 -10.89 -43.51 -37.24
CA GLN O 369 -9.73 -43.21 -36.48
C GLN O 369 -8.71 -44.32 -36.67
N PHE O 370 -9.24 -45.57 -36.81
CA PHE O 370 -8.42 -46.76 -37.00
C PHE O 370 -7.70 -46.72 -38.36
N MET O 371 -8.38 -46.22 -39.45
CA MET O 371 -8.03 -46.22 -40.83
C MET O 371 -6.82 -45.38 -41.01
N GLU O 372 -6.71 -44.34 -40.20
CA GLU O 372 -5.67 -43.27 -40.36
C GLU O 372 -4.28 -43.87 -40.20
N GLU O 373 -4.15 -44.76 -39.23
CA GLU O 373 -2.92 -45.53 -38.95
C GLU O 373 -2.70 -46.73 -39.80
N THR O 374 -3.77 -47.39 -40.26
CA THR O 374 -3.71 -48.49 -41.17
C THR O 374 -3.29 -48.08 -42.59
N GLU O 375 -3.75 -46.86 -43.01
CA GLU O 375 -3.24 -46.21 -44.18
C GLU O 375 -1.80 -45.92 -44.04
N ARG O 376 -1.31 -45.40 -42.90
CA ARG O 376 0.08 -45.17 -42.68
C ARG O 376 0.97 -46.35 -42.72
N SER O 377 0.43 -47.56 -42.33
CA SER O 377 1.18 -48.79 -42.40
C SER O 377 1.53 -49.23 -43.78
N LEU O 378 0.52 -49.11 -44.73
CA LEU O 378 0.60 -49.50 -46.15
C LEU O 378 1.58 -48.50 -46.75
N HIS O 379 1.46 -47.22 -46.32
CA HIS O 379 2.30 -46.20 -46.90
C HIS O 379 3.75 -46.35 -46.52
N ASP O 380 4.05 -46.70 -45.22
CA ASP O 380 5.34 -46.96 -44.81
C ASP O 380 5.90 -48.13 -45.60
N ALA O 381 5.06 -49.18 -45.93
CA ALA O 381 5.40 -50.39 -46.64
C ALA O 381 5.88 -50.01 -47.99
N ILE O 382 5.16 -49.10 -48.77
CA ILE O 382 5.50 -48.85 -50.15
C ILE O 382 6.82 -48.13 -50.29
N MET O 383 7.07 -47.14 -49.41
CA MET O 383 8.28 -46.37 -49.46
C MET O 383 9.59 -47.13 -49.28
N ILE O 384 9.54 -47.89 -48.22
CA ILE O 384 10.71 -48.54 -47.71
C ILE O 384 11.16 -49.70 -48.66
N VAL O 385 10.15 -50.48 -49.26
CA VAL O 385 10.41 -51.62 -50.06
C VAL O 385 10.99 -51.10 -51.36
N ARG O 386 10.42 -49.96 -51.85
CA ARG O 386 10.97 -49.32 -53.01
C ARG O 386 12.46 -48.89 -52.94
N ARG O 387 12.75 -48.34 -51.76
CA ARG O 387 14.06 -47.82 -51.38
C ARG O 387 15.02 -48.91 -51.21
N ALA O 388 14.43 -50.15 -50.93
CA ALA O 388 15.23 -51.45 -50.99
C ALA O 388 15.64 -51.90 -52.34
N ILE O 389 14.77 -51.71 -53.38
CA ILE O 389 15.17 -51.98 -54.77
C ILE O 389 16.29 -51.10 -55.22
N LYS O 390 16.14 -49.79 -54.90
CA LYS O 390 17.10 -48.82 -55.30
C LYS O 390 18.50 -48.96 -54.66
N ASN O 391 18.61 -49.33 -53.38
CA ASN O 391 19.83 -49.47 -52.67
C ASN O 391 19.66 -50.85 -52.22
N ASP O 392 20.23 -51.73 -53.04
CA ASP O 392 20.14 -53.16 -52.79
C ASP O 392 20.90 -53.64 -51.56
N SER O 393 21.90 -52.84 -51.09
CA SER O 393 22.53 -53.06 -49.77
C SER O 393 21.57 -52.84 -48.61
N VAL O 394 21.39 -53.78 -47.72
CA VAL O 394 20.34 -53.68 -46.72
C VAL O 394 20.96 -54.23 -45.53
N VAL O 395 20.66 -53.57 -44.40
CA VAL O 395 21.27 -53.90 -43.12
C VAL O 395 19.99 -54.20 -42.29
N ALA O 396 20.19 -54.71 -41.01
CA ALA O 396 19.21 -54.98 -39.98
C ALA O 396 18.65 -53.70 -39.45
N GLY O 397 17.31 -53.74 -39.27
CA GLY O 397 16.51 -52.66 -38.73
C GLY O 397 16.47 -52.82 -37.25
N GLY O 398 15.45 -52.17 -36.63
CA GLY O 398 15.28 -52.32 -35.18
C GLY O 398 16.20 -51.39 -34.34
N GLY O 399 17.15 -50.64 -34.94
CA GLY O 399 18.13 -49.78 -34.23
C GLY O 399 19.28 -50.61 -33.66
N ALA O 400 19.32 -51.84 -34.27
CA ALA O 400 20.31 -52.93 -34.05
C ALA O 400 21.70 -52.57 -34.39
N ILE O 401 21.83 -51.89 -35.56
CA ILE O 401 23.16 -51.47 -35.99
C ILE O 401 23.81 -50.48 -35.05
N GLU O 402 22.99 -49.49 -34.49
CA GLU O 402 23.37 -48.39 -33.74
C GLU O 402 24.00 -48.83 -32.49
N MET O 403 23.53 -49.92 -31.85
CA MET O 403 24.14 -50.40 -30.63
C MET O 403 25.55 -50.90 -30.88
N GLU O 404 25.82 -51.47 -32.10
CA GLU O 404 27.12 -51.95 -32.45
C GLU O 404 28.06 -50.77 -32.70
N LEU O 405 27.54 -49.68 -33.28
CA LEU O 405 28.33 -48.40 -33.55
C LEU O 405 28.65 -47.68 -32.32
N SER O 406 27.76 -47.65 -31.31
CA SER O 406 27.99 -47.08 -30.01
C SER O 406 29.24 -47.76 -29.44
N LYS O 407 29.23 -49.10 -29.50
CA LYS O 407 30.28 -49.98 -29.01
C LYS O 407 31.61 -49.81 -29.84
N TYR O 408 31.53 -49.69 -31.18
CA TYR O 408 32.61 -49.49 -32.06
C TYR O 408 33.30 -48.18 -31.73
N LEU O 409 32.48 -47.11 -31.51
CA LEU O 409 32.97 -45.73 -31.20
C LEU O 409 33.49 -45.69 -29.82
N ARG O 410 32.92 -46.54 -28.86
CA ARG O 410 33.48 -46.72 -27.55
C ARG O 410 34.87 -47.35 -27.55
N ASP O 411 35.21 -48.27 -28.42
CA ASP O 411 36.46 -48.94 -28.55
C ASP O 411 37.50 -47.96 -29.02
N TYR O 412 37.18 -47.12 -30.06
CA TYR O 412 38.01 -46.06 -30.60
C TYR O 412 38.19 -44.91 -29.65
N SER O 413 37.16 -44.63 -28.82
CA SER O 413 37.22 -43.66 -27.74
C SER O 413 38.30 -43.95 -26.79
N ARG O 414 38.44 -45.25 -26.45
CA ARG O 414 39.54 -45.69 -25.64
C ARG O 414 40.87 -45.42 -26.28
N THR O 415 41.08 -45.75 -27.63
CA THR O 415 42.33 -45.76 -28.33
C THR O 415 42.91 -44.40 -28.66
N ILE O 416 42.11 -43.49 -29.18
CA ILE O 416 42.38 -42.22 -29.86
C ILE O 416 42.91 -41.08 -28.98
N PRO O 417 42.50 -40.83 -27.71
CA PRO O 417 42.25 -39.40 -27.37
C PRO O 417 43.37 -38.63 -26.62
N GLY O 418 43.55 -37.32 -26.87
CA GLY O 418 44.31 -36.48 -26.04
C GLY O 418 43.39 -35.63 -25.25
N LYS O 419 42.04 -35.60 -25.57
CA LYS O 419 40.98 -34.90 -24.87
C LYS O 419 39.81 -35.42 -25.61
N GLN O 420 39.98 -36.13 -26.71
CA GLN O 420 38.87 -36.51 -27.59
C GLN O 420 37.84 -37.46 -26.91
N GLN O 421 38.16 -38.15 -25.79
CA GLN O 421 37.44 -39.23 -25.14
C GLN O 421 36.08 -38.83 -24.76
N LEU O 422 35.94 -37.54 -24.30
CA LEU O 422 34.67 -37.03 -23.78
C LEU O 422 33.70 -36.94 -24.92
N LEU O 423 34.23 -36.45 -26.07
CA LEU O 423 33.46 -36.07 -27.31
C LEU O 423 33.10 -37.25 -28.27
N ILE O 424 34.01 -38.25 -28.39
CA ILE O 424 33.76 -39.42 -29.15
C ILE O 424 32.81 -40.28 -28.40
N GLY O 425 32.91 -40.25 -27.03
CA GLY O 425 31.99 -40.93 -26.21
C GLY O 425 30.65 -40.34 -26.14
N ALA O 426 30.57 -39.02 -26.42
CA ALA O 426 29.33 -38.32 -26.52
C ALA O 426 28.52 -38.73 -27.76
N TYR O 427 29.26 -38.91 -28.89
CA TYR O 427 28.77 -39.38 -30.15
C TYR O 427 28.22 -40.75 -30.02
N ALA O 428 28.91 -41.67 -29.29
CA ALA O 428 28.48 -42.99 -29.11
C ALA O 428 27.21 -43.14 -28.31
N LYS O 429 27.13 -42.35 -27.19
CA LYS O 429 26.00 -42.35 -26.23
C LYS O 429 24.78 -41.86 -26.93
N ALA O 430 24.97 -40.93 -27.82
CA ALA O 430 23.94 -40.30 -28.51
C ALA O 430 23.12 -41.24 -29.39
N LEU O 431 23.75 -42.22 -29.98
CA LEU O 431 23.17 -43.24 -30.81
C LEU O 431 22.22 -44.09 -30.10
N GLU O 432 22.51 -44.48 -28.89
CA GLU O 432 21.72 -45.44 -28.13
C GLU O 432 20.35 -44.97 -27.66
N ILE O 433 20.06 -43.67 -27.71
CA ILE O 433 18.86 -43.07 -27.18
C ILE O 433 17.69 -43.43 -28.04
N ILE O 434 18.05 -43.56 -29.40
CA ILE O 434 17.08 -43.70 -30.45
C ILE O 434 16.21 -44.97 -30.40
N PRO O 435 16.75 -46.20 -30.14
CA PRO O 435 15.97 -47.39 -29.80
C PRO O 435 15.55 -47.35 -28.31
N ARG O 436 16.31 -46.80 -27.32
CA ARG O 436 16.06 -46.77 -25.90
C ARG O 436 14.82 -46.00 -25.55
N GLN O 437 14.51 -44.92 -26.29
CA GLN O 437 13.38 -44.11 -26.10
C GLN O 437 12.15 -44.92 -26.43
N LEU O 438 12.19 -45.78 -27.52
CA LEU O 438 11.00 -46.48 -27.93
C LEU O 438 10.59 -47.54 -26.91
N CYS O 439 11.59 -48.02 -26.14
CA CYS O 439 11.32 -48.91 -25.01
C CYS O 439 10.70 -48.16 -23.86
N ASP O 440 11.30 -46.97 -23.58
CA ASP O 440 10.92 -46.17 -22.49
C ASP O 440 9.58 -45.60 -22.50
N ASN O 441 9.06 -45.07 -23.71
CA ASN O 441 7.70 -44.50 -23.83
C ASN O 441 6.67 -45.51 -23.85
N ALA O 442 7.08 -46.71 -24.32
CA ALA O 442 6.34 -47.92 -24.34
C ALA O 442 6.06 -48.48 -22.95
N GLY O 443 7.02 -48.25 -22.00
CA GLY O 443 6.87 -48.62 -20.67
C GLY O 443 7.54 -49.98 -20.26
N PHE O 444 8.47 -50.44 -21.14
CA PHE O 444 9.35 -51.51 -20.87
C PHE O 444 10.70 -50.98 -20.66
N ASP O 445 11.52 -51.85 -20.02
CA ASP O 445 12.85 -51.51 -19.56
C ASP O 445 13.82 -51.47 -20.69
N ALA O 446 14.28 -50.23 -20.98
CA ALA O 446 15.22 -49.93 -22.05
C ALA O 446 16.61 -50.50 -21.69
N THR O 447 17.06 -50.51 -20.44
CA THR O 447 18.36 -51.03 -19.97
C THR O 447 18.40 -52.48 -20.10
N ASN O 448 17.18 -53.10 -19.78
CA ASN O 448 17.06 -54.52 -19.88
C ASN O 448 17.11 -55.05 -21.30
N ILE O 449 16.57 -54.37 -22.33
CA ILE O 449 16.63 -54.78 -23.71
C ILE O 449 17.91 -54.40 -24.41
N LEU O 450 18.44 -53.17 -24.37
CA LEU O 450 19.59 -52.86 -25.17
C LEU O 450 20.95 -53.50 -24.70
N ASN O 451 21.11 -53.45 -23.40
CA ASN O 451 22.38 -53.82 -22.82
C ASN O 451 22.68 -55.31 -22.91
N LYS O 452 21.62 -56.09 -22.96
CA LYS O 452 21.59 -57.54 -23.13
C LYS O 452 22.05 -57.85 -24.59
N LEU O 453 21.60 -57.06 -25.56
CA LEU O 453 21.97 -57.15 -26.95
C LEU O 453 23.38 -56.84 -27.25
N ARG O 454 23.95 -55.76 -26.62
CA ARG O 454 25.33 -55.41 -26.71
C ARG O 454 26.29 -56.53 -26.29
N ALA O 455 25.80 -57.29 -25.30
CA ALA O 455 26.44 -58.41 -24.71
C ALA O 455 26.60 -59.63 -25.63
N ARG O 456 25.53 -59.89 -26.44
CA ARG O 456 25.41 -60.96 -27.41
C ARG O 456 26.31 -60.55 -28.63
N HIS O 457 26.37 -59.20 -28.90
CA HIS O 457 27.24 -58.66 -29.99
C HIS O 457 28.66 -59.12 -29.72
N ALA O 458 29.03 -59.15 -28.36
CA ALA O 458 30.39 -59.39 -27.91
C ALA O 458 30.88 -60.79 -28.11
N GLN O 459 30.00 -61.78 -27.98
CA GLN O 459 30.27 -63.16 -28.31
C GLN O 459 30.40 -63.23 -29.82
N GLY O 460 29.57 -62.49 -30.61
CA GLY O 460 29.61 -62.47 -32.05
C GLY O 460 28.20 -62.20 -32.56
N GLY O 461 28.13 -61.10 -33.40
CA GLY O 461 26.83 -60.78 -34.00
C GLY O 461 26.71 -59.27 -33.90
N THR O 462 25.66 -58.69 -34.53
CA THR O 462 25.61 -57.34 -34.81
C THR O 462 24.20 -56.87 -35.17
N TRP O 463 23.20 -57.81 -35.32
CA TRP O 463 21.92 -57.59 -35.88
C TRP O 463 20.95 -57.90 -34.78
N TYR O 464 21.36 -57.94 -33.53
CA TYR O 464 20.40 -58.20 -32.45
C TYR O 464 19.90 -56.83 -31.93
N GLY O 465 18.60 -56.61 -32.06
CA GLY O 465 17.97 -55.27 -32.01
C GLY O 465 16.69 -55.35 -31.32
N VAL O 466 15.84 -54.31 -31.36
CA VAL O 466 14.67 -54.28 -30.64
C VAL O 466 13.52 -54.44 -31.61
N ASP O 467 12.67 -55.52 -31.38
CA ASP O 467 11.44 -55.72 -31.99
C ASP O 467 10.44 -54.88 -31.25
N ILE O 468 9.83 -53.87 -31.90
CA ILE O 468 9.00 -52.86 -31.20
C ILE O 468 7.51 -53.24 -31.24
N ASN O 469 7.29 -54.46 -31.78
CA ASN O 469 5.96 -55.10 -31.87
C ASN O 469 5.42 -55.35 -30.48
N ASN O 470 6.36 -55.66 -29.57
CA ASN O 470 6.03 -55.85 -28.16
C ASN O 470 7.13 -55.17 -27.31
N GLU O 471 8.10 -54.48 -27.97
CA GLU O 471 9.21 -53.88 -27.27
C GLU O 471 10.01 -54.82 -26.35
N ASP O 472 10.69 -55.82 -26.93
CA ASP O 472 11.54 -56.79 -26.24
C ASP O 472 12.48 -57.17 -27.26
N ILE O 473 13.54 -57.86 -26.78
CA ILE O 473 14.68 -58.33 -27.56
C ILE O 473 14.33 -59.32 -28.62
N ALA O 474 14.98 -59.21 -29.69
CA ALA O 474 14.70 -60.07 -30.81
C ALA O 474 15.88 -59.94 -31.75
N ASP O 475 16.05 -61.00 -32.62
CA ASP O 475 16.89 -61.02 -33.84
C ASP O 475 16.02 -60.31 -34.85
N ASN O 476 16.53 -59.32 -35.57
CA ASN O 476 15.81 -58.38 -36.38
C ASN O 476 16.49 -58.45 -37.72
N PHE O 477 17.00 -59.64 -38.01
CA PHE O 477 17.46 -59.98 -39.30
C PHE O 477 16.96 -61.37 -39.54
N GLU O 478 16.57 -62.15 -38.52
CA GLU O 478 16.03 -63.44 -38.63
C GLU O 478 14.59 -63.31 -38.46
N ALA O 479 14.13 -62.13 -38.03
CA ALA O 479 12.70 -61.76 -37.87
C ALA O 479 12.33 -60.93 -39.12
N PHE O 480 13.43 -60.60 -39.96
CA PHE O 480 13.43 -60.02 -41.22
C PHE O 480 13.04 -58.55 -41.04
N VAL O 481 13.43 -57.88 -39.99
CA VAL O 481 13.36 -56.48 -39.87
C VAL O 481 14.44 -55.79 -40.64
N TRP O 482 14.10 -55.08 -41.69
CA TRP O 482 15.04 -54.64 -42.65
C TRP O 482 14.69 -53.22 -43.03
N GLU O 483 15.83 -52.46 -43.08
CA GLU O 483 15.80 -51.14 -43.75
C GLU O 483 17.14 -50.96 -44.41
N PRO O 484 17.22 -50.30 -45.59
CA PRO O 484 18.45 -50.18 -46.23
C PRO O 484 19.58 -49.62 -45.46
N ALA O 485 20.77 -49.98 -45.98
CA ALA O 485 22.01 -49.43 -45.40
C ALA O 485 22.17 -48.00 -45.64
N MET O 486 21.81 -47.43 -46.81
CA MET O 486 22.01 -46.01 -47.10
C MET O 486 21.26 -45.05 -46.22
N VAL O 487 20.11 -45.46 -45.63
CA VAL O 487 19.27 -44.62 -44.82
C VAL O 487 19.99 -44.03 -43.65
N ARG O 488 20.68 -44.95 -42.93
CA ARG O 488 21.52 -44.68 -41.79
C ARG O 488 22.72 -43.83 -42.13
N ILE O 489 23.36 -43.97 -43.29
CA ILE O 489 24.53 -43.36 -43.62
C ILE O 489 24.31 -41.91 -43.86
N ASN O 490 23.16 -41.52 -44.54
CA ASN O 490 22.65 -40.24 -44.91
C ASN O 490 22.30 -39.50 -43.71
N ALA O 491 21.69 -40.32 -42.74
CA ALA O 491 21.29 -39.80 -41.38
C ALA O 491 22.53 -39.29 -40.67
N LEU O 492 23.69 -39.98 -40.63
CA LEU O 492 24.81 -39.70 -39.85
C LEU O 492 25.60 -38.42 -40.29
N THR O 493 25.72 -38.34 -41.66
CA THR O 493 26.42 -37.20 -42.15
C THR O 493 25.68 -35.92 -41.96
N ALA O 494 24.38 -35.99 -42.34
CA ALA O 494 23.53 -34.79 -42.23
C ALA O 494 23.44 -34.39 -40.81
N ALA O 495 23.20 -35.33 -39.85
CA ALA O 495 23.04 -35.01 -38.44
C ALA O 495 24.16 -34.33 -37.75
N SER O 496 25.44 -34.80 -38.12
CA SER O 496 26.70 -34.36 -37.58
C SER O 496 27.08 -32.98 -38.09
N GLU O 497 26.70 -32.58 -39.34
CA GLU O 497 26.80 -31.26 -39.93
C GLU O 497 25.91 -30.28 -39.23
N ALA O 498 24.66 -30.72 -38.82
CA ALA O 498 23.78 -29.80 -38.08
C ALA O 498 24.34 -29.40 -36.73
N ALA O 499 24.88 -30.39 -35.95
CA ALA O 499 25.38 -30.26 -34.63
C ALA O 499 26.61 -29.42 -34.50
N CYS O 500 27.53 -29.64 -35.51
CA CYS O 500 28.84 -29.03 -35.63
C CYS O 500 28.59 -27.54 -35.79
N LEU O 501 27.60 -27.23 -36.64
CA LEU O 501 27.30 -25.87 -37.06
C LEU O 501 26.93 -25.06 -35.85
N ILE O 502 26.11 -25.65 -34.93
CA ILE O 502 25.57 -24.93 -33.86
C ILE O 502 26.65 -24.52 -32.85
N VAL O 503 27.52 -25.50 -32.51
CA VAL O 503 28.65 -25.37 -31.55
C VAL O 503 29.69 -24.35 -32.08
N SER O 504 29.81 -24.24 -33.42
CA SER O 504 30.74 -23.26 -34.01
C SER O 504 30.37 -21.84 -33.71
N VAL O 505 28.99 -21.62 -33.71
CA VAL O 505 28.35 -20.39 -33.49
C VAL O 505 28.39 -20.10 -32.05
N ASP O 506 28.94 -18.88 -31.62
CA ASP O 506 28.87 -18.38 -30.30
C ASP O 506 28.28 -16.93 -30.35
N GLU O 507 27.81 -16.47 -31.55
CA GLU O 507 27.26 -15.22 -31.80
C GLU O 507 26.12 -15.36 -32.74
N THR O 508 24.96 -14.84 -32.36
CA THR O 508 23.87 -14.72 -33.18
C THR O 508 23.51 -13.27 -33.22
N ILE O 509 23.47 -12.75 -34.47
CA ILE O 509 23.14 -11.33 -34.69
C ILE O 509 21.74 -11.29 -35.33
N LYS O 510 20.81 -10.71 -34.58
CA LYS O 510 19.52 -10.41 -35.06
C LYS O 510 19.49 -8.97 -35.46
N ASN O 511 19.79 -8.65 -36.75
CA ASN O 511 19.78 -7.33 -37.38
C ASN O 511 18.33 -6.60 -37.38
N PRO O 512 17.17 -7.24 -37.42
CA PRO O 512 15.90 -6.47 -37.38
C PRO O 512 15.52 -6.10 -36.03
N ARG O 513 16.14 -6.88 -35.03
CA ARG O 513 15.86 -6.77 -33.62
C ARG O 513 14.51 -7.49 -33.29
N SER O 514 13.75 -7.92 -34.29
CA SER O 514 12.37 -8.42 -34.11
C SER O 514 12.31 -9.88 -33.71
N ALA P 6 22.69 11.14 -31.18
CA ALA P 6 23.30 10.47 -29.99
C ALA P 6 22.57 10.92 -28.72
N LYS P 7 23.22 10.70 -27.50
CA LYS P 7 22.65 10.95 -26.23
C LYS P 7 23.82 11.61 -25.50
N HIS P 8 23.51 12.22 -24.27
CA HIS P 8 24.52 12.97 -23.64
C HIS P 8 25.44 12.15 -22.70
N PHE P 9 26.72 12.59 -22.60
CA PHE P 9 27.69 11.90 -21.85
C PHE P 9 28.51 12.91 -21.04
N SER P 10 29.20 12.49 -19.97
CA SER P 10 29.80 13.31 -18.95
C SER P 10 30.93 12.53 -18.24
N GLY P 11 31.96 13.18 -17.69
CA GLY P 11 33.07 12.49 -17.08
C GLY P 11 33.98 11.77 -18.01
N LEU P 12 34.06 12.05 -19.27
CA LEU P 12 34.98 11.48 -20.24
C LEU P 12 34.92 9.95 -20.38
N GLU P 13 33.61 9.53 -20.40
CA GLU P 13 33.13 8.21 -20.38
C GLU P 13 33.46 7.52 -21.64
N GLU P 14 33.46 8.23 -22.78
CA GLU P 14 33.59 7.64 -24.05
C GLU P 14 34.93 6.97 -24.30
N ALA P 15 35.96 7.53 -23.58
CA ALA P 15 37.29 6.97 -23.60
C ALA P 15 37.43 5.71 -22.74
N VAL P 16 37.03 5.73 -21.47
CA VAL P 16 37.17 4.51 -20.62
C VAL P 16 36.21 3.42 -20.87
N TYR P 17 34.96 3.85 -21.15
CA TYR P 17 33.83 3.02 -21.20
C TYR P 17 33.55 2.51 -22.54
N ARG P 18 33.30 3.39 -23.55
CA ARG P 18 32.81 3.04 -24.93
C ARG P 18 33.86 2.24 -25.68
N ASN P 19 35.21 2.58 -25.46
CA ASN P 19 36.33 1.96 -26.20
C ASN P 19 36.34 0.48 -25.87
N ILE P 20 36.28 0.02 -24.53
CA ILE P 20 36.33 -1.36 -24.15
C ILE P 20 35.06 -2.10 -24.56
N GLN P 21 33.77 -1.42 -24.64
CA GLN P 21 32.50 -2.09 -25.02
C GLN P 21 32.70 -2.63 -26.44
N ALA P 22 33.25 -1.84 -27.40
CA ALA P 22 33.46 -2.14 -28.79
C ALA P 22 34.43 -3.27 -28.93
N CYS P 23 35.44 -3.25 -28.10
CA CYS P 23 36.52 -4.22 -28.18
C CYS P 23 36.09 -5.67 -28.17
N LYS P 24 35.17 -5.89 -27.19
CA LYS P 24 34.50 -7.08 -26.99
C LYS P 24 33.53 -7.49 -28.06
N GLU P 25 32.82 -6.50 -28.64
CA GLU P 25 31.79 -6.65 -29.65
C GLU P 25 32.38 -7.19 -30.88
N LEU P 26 33.57 -6.74 -31.27
CA LEU P 26 34.50 -7.16 -32.26
C LEU P 26 35.07 -8.51 -32.11
N ALA P 27 35.47 -8.89 -30.85
CA ALA P 27 36.12 -10.06 -30.37
C ALA P 27 35.29 -11.29 -30.72
N GLN P 28 35.97 -12.42 -31.07
CA GLN P 28 35.34 -13.66 -31.23
C GLN P 28 34.42 -13.82 -32.36
N THR P 29 34.69 -12.96 -33.43
CA THR P 29 33.98 -13.06 -34.66
C THR P 29 35.09 -12.93 -35.74
N THR P 30 36.38 -13.08 -35.24
CA THR P 30 37.63 -12.97 -35.94
C THR P 30 38.68 -13.44 -34.98
N ARG P 31 38.39 -13.85 -33.69
CA ARG P 31 39.34 -14.41 -32.76
C ARG P 31 39.21 -15.95 -32.85
N THR P 32 38.57 -16.57 -33.95
CA THR P 32 38.45 -17.95 -34.11
C THR P 32 38.20 -18.29 -35.57
N ALA P 33 37.83 -17.30 -36.41
CA ALA P 33 37.54 -17.39 -37.87
C ALA P 33 38.70 -16.73 -38.60
N TYR P 34 39.83 -16.55 -37.89
CA TYR P 34 40.98 -16.15 -38.54
C TYR P 34 42.00 -17.22 -38.36
N GLY P 35 42.93 -17.42 -39.32
CA GLY P 35 43.93 -18.46 -39.46
C GLY P 35 43.47 -19.72 -40.20
N PRO P 36 44.24 -20.79 -40.12
CA PRO P 36 44.09 -21.98 -40.89
C PRO P 36 42.82 -22.79 -40.83
N ASN P 37 41.85 -22.53 -39.92
CA ASN P 37 40.49 -23.07 -40.02
C ASN P 37 39.63 -21.86 -39.62
N GLY P 38 38.58 -21.65 -40.59
CA GLY P 38 37.57 -20.65 -40.46
C GLY P 38 36.49 -21.18 -39.59
N MET P 39 35.58 -20.34 -38.94
CA MET P 39 34.48 -20.78 -38.16
C MET P 39 33.23 -19.97 -38.38
N ASN P 40 32.10 -20.76 -38.57
CA ASN P 40 30.80 -20.19 -38.82
C ASN P 40 30.21 -19.44 -37.71
N LYS P 41 29.53 -18.26 -38.05
CA LYS P 41 28.80 -17.40 -37.15
C LYS P 41 27.52 -17.19 -37.85
N MET P 42 26.44 -17.11 -37.06
CA MET P 42 25.12 -16.98 -37.57
C MET P 42 24.67 -15.53 -37.43
N VAL P 43 24.23 -14.89 -38.57
CA VAL P 43 23.73 -13.62 -38.77
C VAL P 43 22.35 -13.87 -39.41
N ILE P 44 21.28 -13.21 -38.99
CA ILE P 44 19.91 -13.24 -39.43
C ILE P 44 19.67 -11.87 -39.91
N ASN P 45 19.16 -11.66 -41.12
CA ASN P 45 19.04 -10.33 -41.71
C ASN P 45 17.63 -9.96 -41.63
N HIS P 46 17.32 -8.77 -42.18
CA HIS P 46 15.99 -8.12 -41.90
C HIS P 46 14.98 -8.99 -42.59
N LEU P 47 15.20 -9.37 -43.94
CA LEU P 47 14.55 -10.56 -44.54
C LEU P 47 15.35 -11.70 -43.96
N GLU P 48 14.76 -12.40 -42.97
CA GLU P 48 15.38 -13.41 -42.07
C GLU P 48 15.73 -14.57 -42.87
N LYS P 49 16.95 -15.08 -42.67
CA LYS P 49 17.33 -16.29 -43.34
C LYS P 49 18.61 -16.59 -42.58
N LEU P 50 19.19 -17.81 -42.75
CA LEU P 50 20.45 -18.15 -42.15
C LEU P 50 21.55 -17.73 -43.06
N PHE P 51 22.55 -17.05 -42.45
CA PHE P 51 23.63 -16.52 -43.20
C PHE P 51 24.79 -16.82 -42.35
N VAL P 52 25.77 -17.55 -42.94
CA VAL P 52 27.01 -17.90 -42.25
C VAL P 52 28.07 -17.00 -42.83
N THR P 53 28.85 -16.35 -41.97
CA THR P 53 29.95 -15.41 -42.17
C THR P 53 31.16 -16.07 -41.49
N ASN P 54 32.32 -15.84 -42.08
CA ASN P 54 33.61 -16.26 -41.65
C ASN P 54 34.56 -15.13 -42.09
N ASP P 55 34.07 -13.92 -42.34
CA ASP P 55 34.77 -12.79 -42.93
C ASP P 55 34.32 -11.56 -42.18
N ALA P 56 35.37 -10.65 -41.89
CA ALA P 56 35.33 -9.54 -40.95
C ALA P 56 34.51 -8.35 -41.44
N ALA P 57 34.71 -8.07 -42.73
CA ALA P 57 34.05 -6.98 -43.46
C ALA P 57 32.60 -7.13 -43.68
N THR P 58 32.16 -8.37 -44.02
CA THR P 58 30.75 -8.78 -44.25
C THR P 58 29.95 -8.70 -42.98
N ILE P 59 30.41 -9.19 -41.91
CA ILE P 59 29.59 -9.29 -40.67
C ILE P 59 29.29 -7.90 -40.16
N LEU P 60 30.22 -6.91 -40.29
CA LEU P 60 30.04 -5.51 -39.93
C LEU P 60 29.08 -4.77 -40.86
N ARG P 61 29.09 -5.10 -42.19
CA ARG P 61 28.16 -4.38 -43.12
C ARG P 61 26.75 -4.68 -42.67
N GLU P 62 26.51 -5.99 -42.32
CA GLU P 62 25.25 -6.50 -41.92
C GLU P 62 24.88 -6.00 -40.58
N LEU P 63 25.77 -5.82 -39.61
CA LEU P 63 25.43 -5.24 -38.32
C LEU P 63 25.16 -3.79 -38.37
N GLU P 64 24.29 -3.40 -37.50
CA GLU P 64 24.04 -1.95 -37.29
C GLU P 64 24.89 -1.57 -36.16
N VAL P 65 26.00 -0.83 -36.27
CA VAL P 65 26.88 -0.36 -35.19
C VAL P 65 26.21 0.74 -34.44
N GLN P 66 26.04 0.53 -33.09
CA GLN P 66 25.30 1.44 -32.24
C GLN P 66 26.35 2.26 -31.41
N HIS P 67 27.54 1.62 -31.35
CA HIS P 67 28.65 2.25 -30.75
C HIS P 67 29.26 3.20 -31.76
N PRO P 68 29.52 4.43 -31.54
CA PRO P 68 30.24 5.39 -32.37
C PRO P 68 31.74 5.10 -32.29
N ALA P 69 32.22 4.48 -31.23
CA ALA P 69 33.64 4.08 -31.03
C ALA P 69 34.04 3.05 -32.08
N ALA P 70 33.08 2.04 -32.34
CA ALA P 70 33.37 0.99 -33.32
C ALA P 70 33.40 1.45 -34.75
N LYS P 71 32.69 2.52 -35.07
CA LYS P 71 32.34 2.84 -36.43
C LYS P 71 33.56 3.16 -37.23
N MET P 72 34.61 3.75 -36.63
CA MET P 72 35.89 4.07 -37.28
C MET P 72 36.57 2.89 -37.73
N ILE P 73 36.50 1.82 -36.89
CA ILE P 73 37.19 0.63 -37.07
C ILE P 73 36.55 -0.13 -38.21
N VAL P 74 35.20 -0.02 -38.33
CA VAL P 74 34.43 -0.50 -39.44
C VAL P 74 34.87 0.01 -40.74
N MET P 75 35.09 1.33 -40.88
CA MET P 75 35.56 1.90 -42.11
C MET P 75 36.91 1.40 -42.59
N ALA P 76 37.94 1.28 -41.72
CA ALA P 76 39.23 0.78 -42.00
C ALA P 76 39.18 -0.72 -42.36
N SER P 77 38.25 -1.52 -41.80
CA SER P 77 38.15 -2.91 -42.23
C SER P 77 37.76 -3.00 -43.67
N HIS P 78 36.88 -2.02 -44.14
CA HIS P 78 36.30 -1.96 -45.44
C HIS P 78 37.22 -1.57 -46.47
N MET P 79 38.31 -0.73 -46.15
CA MET P 79 39.36 -0.40 -47.01
C MET P 79 40.20 -1.63 -47.28
N GLN P 80 40.44 -2.33 -46.22
CA GLN P 80 41.16 -3.57 -46.20
C GLN P 80 40.53 -4.74 -46.85
N GLU P 81 39.16 -4.78 -46.97
CA GLU P 81 38.41 -5.69 -47.77
C GLU P 81 38.69 -5.45 -49.26
N GLN P 82 38.86 -4.17 -49.67
CA GLN P 82 39.09 -3.85 -51.04
C GLN P 82 40.50 -4.21 -51.41
N GLU P 83 41.41 -3.99 -50.45
CA GLU P 83 42.82 -4.04 -50.74
C GLU P 83 43.59 -5.37 -50.59
N VAL P 84 43.04 -6.25 -49.67
CA VAL P 84 43.79 -7.46 -49.34
C VAL P 84 42.95 -8.71 -49.23
N GLY P 85 42.01 -8.65 -48.33
CA GLY P 85 41.07 -9.69 -48.01
C GLY P 85 41.66 -10.65 -47.09
N ASP P 86 42.54 -10.19 -46.18
CA ASP P 86 43.00 -10.99 -45.18
C ASP P 86 43.68 -10.01 -44.16
N GLY P 87 43.81 -8.75 -44.61
CA GLY P 87 44.19 -7.66 -43.77
C GLY P 87 42.92 -7.06 -43.13
N THR P 88 41.73 -7.60 -43.52
CA THR P 88 40.47 -7.16 -43.13
C THR P 88 40.15 -7.79 -41.73
N ASN P 89 40.65 -9.02 -41.50
CA ASN P 89 40.49 -9.85 -40.33
C ASN P 89 41.40 -9.27 -39.21
N PHE P 90 42.61 -8.77 -39.70
CA PHE P 90 43.62 -8.15 -38.90
C PHE P 90 43.24 -6.80 -38.16
N VAL P 91 42.42 -5.91 -38.84
CA VAL P 91 42.05 -4.56 -38.41
C VAL P 91 41.43 -4.70 -37.04
N LEU P 92 40.51 -5.66 -36.85
CA LEU P 92 39.77 -5.84 -35.67
C LEU P 92 40.63 -6.27 -34.53
N VAL P 93 41.41 -7.36 -34.69
CA VAL P 93 42.07 -8.07 -33.64
C VAL P 93 43.23 -7.25 -33.14
N PHE P 94 44.07 -6.60 -34.02
CA PHE P 94 45.16 -5.79 -33.62
C PHE P 94 44.66 -4.58 -32.90
N ALA P 95 43.60 -3.96 -33.38
CA ALA P 95 43.08 -2.72 -32.87
C ALA P 95 42.48 -2.83 -31.49
N GLY P 96 41.64 -3.93 -31.24
CA GLY P 96 40.90 -4.24 -29.95
C GLY P 96 41.87 -4.58 -28.85
N ALA P 97 42.89 -5.36 -29.23
CA ALA P 97 43.86 -5.68 -28.29
C ALA P 97 44.68 -4.55 -27.79
N LEU P 98 45.12 -3.64 -28.66
CA LEU P 98 45.88 -2.46 -28.30
C LEU P 98 45.09 -1.56 -27.32
N LEU P 99 43.75 -1.34 -27.46
CA LEU P 99 42.97 -0.53 -26.58
C LEU P 99 42.83 -1.18 -25.22
N GLU P 100 42.70 -2.54 -25.08
CA GLU P 100 42.54 -3.17 -23.82
C GLU P 100 43.75 -2.91 -22.92
N LEU P 101 44.95 -3.01 -23.58
CA LEU P 101 46.27 -2.88 -22.94
C LEU P 101 46.48 -1.38 -22.65
N ALA P 102 45.98 -0.49 -23.59
CA ALA P 102 46.23 0.92 -23.53
C ALA P 102 45.44 1.51 -22.37
N GLU P 103 44.26 0.87 -22.00
CA GLU P 103 43.46 1.27 -20.91
C GLU P 103 44.32 1.12 -19.63
N GLU P 104 45.12 -0.01 -19.42
CA GLU P 104 45.94 -0.31 -18.23
C GLU P 104 46.95 0.73 -17.93
N LEU P 105 47.52 1.29 -19.07
CA LEU P 105 48.53 2.31 -19.02
C LEU P 105 48.05 3.62 -18.48
N LEU P 106 46.72 3.89 -18.84
CA LEU P 106 46.05 5.12 -18.46
C LEU P 106 45.98 5.24 -16.97
N ARG P 107 45.74 4.16 -16.27
CA ARG P 107 45.53 4.15 -14.86
C ARG P 107 46.66 4.53 -14.07
N ILE P 108 47.85 4.14 -14.55
CA ILE P 108 49.09 4.44 -13.96
C ILE P 108 49.31 5.89 -13.99
N GLY P 109 48.78 6.64 -15.06
CA GLY P 109 48.86 8.08 -15.12
C GLY P 109 49.35 8.53 -16.44
N LEU P 110 49.60 7.57 -17.41
CA LEU P 110 50.05 7.90 -18.70
C LEU P 110 48.97 8.70 -19.46
N SER P 111 49.38 9.75 -20.11
CA SER P 111 48.45 10.65 -20.78
C SER P 111 48.15 10.02 -22.16
N VAL P 112 46.99 10.31 -22.66
CA VAL P 112 46.35 9.58 -23.79
C VAL P 112 47.21 9.74 -25.00
N SER P 113 47.73 10.97 -25.29
CA SER P 113 48.59 11.34 -26.38
C SER P 113 50.00 10.95 -26.18
N GLU P 114 50.52 10.75 -24.95
CA GLU P 114 51.91 10.37 -24.76
C GLU P 114 52.12 8.97 -25.25
N VAL P 115 51.05 8.08 -25.05
CA VAL P 115 51.03 6.74 -25.52
C VAL P 115 50.92 6.62 -27.06
N ILE P 116 50.14 7.54 -27.71
CA ILE P 116 49.91 7.68 -29.11
C ILE P 116 51.16 8.05 -29.81
N GLU P 117 52.04 8.84 -29.15
CA GLU P 117 53.37 8.99 -29.72
C GLU P 117 54.17 7.78 -29.92
N GLY P 118 54.13 6.87 -28.85
CA GLY P 118 54.86 5.65 -28.78
C GLY P 118 54.38 4.58 -29.69
N TYR P 119 53.06 4.54 -30.09
CA TYR P 119 52.47 3.61 -30.96
C TYR P 119 52.88 3.94 -32.37
N GLU P 120 53.01 5.20 -32.68
CA GLU P 120 53.40 5.70 -34.01
C GLU P 120 54.83 5.53 -34.40
N ILE P 121 55.80 5.73 -33.46
CA ILE P 121 57.21 5.44 -33.76
C ILE P 121 57.43 3.95 -33.85
N ALA P 122 56.64 3.18 -33.07
CA ALA P 122 56.67 1.70 -33.08
C ALA P 122 56.18 1.27 -34.42
N CYS P 123 55.16 1.88 -35.03
CA CYS P 123 54.54 1.42 -36.33
C CYS P 123 55.40 1.63 -37.44
N ARG P 124 56.20 2.72 -37.50
CA ARG P 124 57.09 2.98 -38.46
C ARG P 124 58.21 1.97 -38.42
N LYS P 125 58.70 1.64 -37.17
CA LYS P 125 59.63 0.63 -36.84
C LYS P 125 59.22 -0.76 -37.26
N ALA P 126 57.87 -1.10 -37.13
CA ALA P 126 57.30 -2.43 -37.41
C ALA P 126 57.52 -2.70 -38.85
N HIS P 127 57.29 -1.65 -39.67
CA HIS P 127 57.41 -1.60 -41.13
C HIS P 127 58.81 -1.81 -41.62
N GLU P 128 59.82 -1.30 -40.78
CA GLU P 128 61.24 -1.60 -40.99
C GLU P 128 61.61 -3.04 -40.79
N ILE P 129 60.96 -3.81 -39.93
CA ILE P 129 61.17 -5.21 -39.67
C ILE P 129 60.62 -6.04 -40.75
N LEU P 130 59.54 -5.63 -41.43
CA LEU P 130 58.81 -6.42 -42.42
C LEU P 130 59.69 -6.79 -43.59
N PRO P 131 60.68 -6.02 -44.08
CA PRO P 131 61.63 -6.60 -45.06
C PRO P 131 62.59 -7.66 -44.46
N ASN P 132 62.47 -8.07 -43.19
CA ASN P 132 63.31 -9.14 -42.62
C ASN P 132 62.40 -10.28 -42.63
N LEU P 133 61.09 -10.06 -42.85
CA LEU P 133 60.04 -11.07 -42.91
C LEU P 133 59.66 -11.22 -44.32
N VAL P 134 60.56 -10.91 -45.26
CA VAL P 134 60.45 -11.33 -46.65
C VAL P 134 61.30 -12.62 -46.72
N CYS P 135 60.63 -13.72 -46.62
CA CYS P 135 61.21 -15.10 -46.63
C CYS P 135 60.62 -15.72 -47.91
N CYS P 136 61.59 -15.90 -48.88
CA CYS P 136 61.46 -16.40 -50.20
C CYS P 136 60.63 -15.49 -51.06
N SER P 137 60.69 -15.60 -52.42
CA SER P 137 59.84 -14.83 -53.30
C SER P 137 59.47 -15.74 -54.40
N ALA P 138 58.09 -15.90 -54.57
CA ALA P 138 57.53 -16.63 -55.67
C ALA P 138 56.35 -15.87 -56.30
N LYS P 139 56.14 -16.01 -57.64
CA LYS P 139 55.09 -15.23 -58.34
C LYS P 139 55.10 -15.80 -59.74
N ASN P 140 54.18 -16.68 -60.07
CA ASN P 140 53.89 -17.03 -61.45
C ASN P 140 52.41 -16.80 -61.62
N LEU P 141 52.02 -15.99 -62.57
CA LEU P 141 50.62 -15.60 -62.78
C LEU P 141 50.16 -16.22 -64.08
N ARG P 142 51.01 -17.13 -64.58
CA ARG P 142 50.86 -18.06 -65.71
C ARG P 142 50.66 -19.39 -65.09
N ASP P 143 50.95 -19.62 -63.79
CA ASP P 143 50.82 -20.89 -63.13
C ASP P 143 49.74 -20.80 -62.13
N ILE P 144 48.81 -21.79 -62.33
CA ILE P 144 47.69 -22.09 -61.42
C ILE P 144 48.35 -22.66 -60.15
N ASP P 145 49.42 -23.42 -60.29
CA ASP P 145 50.11 -24.16 -59.22
C ASP P 145 50.69 -23.23 -58.15
N GLU P 146 51.41 -22.15 -58.52
CA GLU P 146 51.96 -21.18 -57.62
C GLU P 146 50.93 -20.32 -56.88
N VAL P 147 49.88 -19.93 -57.58
CA VAL P 147 48.81 -19.03 -57.16
C VAL P 147 47.99 -19.62 -56.12
N SER P 148 47.59 -20.91 -56.25
CA SER P 148 46.74 -21.58 -55.28
C SER P 148 47.22 -21.72 -53.82
N SER P 149 48.54 -21.93 -53.62
CA SER P 149 49.26 -22.04 -52.33
C SER P 149 49.21 -20.63 -51.69
N LEU P 150 49.31 -19.53 -52.53
CA LEU P 150 49.41 -18.20 -51.94
C LEU P 150 48.08 -17.78 -51.41
N LEU P 151 46.95 -18.13 -52.10
CA LEU P 151 45.60 -17.76 -51.72
C LEU P 151 45.16 -18.57 -50.58
N ARG P 152 45.95 -19.71 -50.28
CA ARG P 152 45.45 -20.85 -49.54
C ARG P 152 45.13 -20.55 -48.07
N THR P 153 45.97 -19.71 -47.45
CA THR P 153 45.82 -19.24 -46.07
C THR P 153 44.62 -18.21 -46.02
N SER P 154 44.32 -17.43 -47.12
CA SER P 154 43.19 -16.49 -47.13
C SER P 154 41.87 -17.19 -47.11
N ILE P 155 41.76 -18.19 -48.04
CA ILE P 155 40.51 -18.89 -48.16
C ILE P 155 40.30 -19.77 -46.95
N MET P 156 41.34 -20.23 -46.24
CA MET P 156 41.36 -21.07 -45.08
C MET P 156 40.62 -20.43 -43.97
N SER P 157 40.80 -19.09 -43.92
CA SER P 157 40.25 -18.29 -42.80
C SER P 157 38.83 -18.08 -43.05
N LYS P 158 38.48 -18.09 -44.37
CA LYS P 158 37.12 -17.87 -44.72
C LYS P 158 36.38 -19.10 -45.00
N GLN P 159 36.81 -20.31 -44.59
CA GLN P 159 36.01 -21.51 -44.90
C GLN P 159 36.41 -22.56 -43.95
N TYR P 160 35.57 -23.54 -43.71
CA TYR P 160 35.77 -24.65 -42.90
C TYR P 160 35.65 -25.87 -43.75
N GLY P 161 35.33 -25.68 -45.05
CA GLY P 161 34.96 -26.66 -46.00
C GLY P 161 36.04 -27.33 -46.68
N ASN P 162 35.93 -27.46 -48.01
CA ASN P 162 36.95 -27.98 -48.81
C ASN P 162 37.95 -26.97 -49.19
N GLU P 163 39.05 -26.91 -48.38
CA GLU P 163 40.04 -25.86 -48.59
C GLU P 163 40.76 -26.02 -49.92
N VAL P 164 41.11 -27.31 -50.23
CA VAL P 164 42.08 -27.60 -51.34
C VAL P 164 41.45 -27.40 -52.71
N PHE P 165 40.18 -27.86 -52.86
CA PHE P 165 39.40 -27.83 -54.04
C PHE P 165 38.98 -26.39 -54.39
N LEU P 166 38.57 -25.51 -53.45
CA LEU P 166 38.20 -24.11 -53.63
C LEU P 166 39.37 -23.34 -54.13
N ALA P 167 40.59 -23.76 -53.61
CA ALA P 167 41.84 -23.07 -53.99
C ALA P 167 42.19 -23.21 -55.45
N LYS P 168 41.81 -24.35 -56.05
CA LYS P 168 42.04 -24.59 -57.45
C LYS P 168 41.00 -23.81 -58.28
N LEU P 169 39.72 -23.69 -57.85
CA LEU P 169 38.76 -22.99 -58.63
C LEU P 169 39.10 -21.48 -58.66
N ILE P 170 39.50 -20.86 -57.54
CA ILE P 170 39.73 -19.38 -57.47
C ILE P 170 41.01 -19.04 -58.35
N ALA P 171 42.02 -19.92 -58.35
CA ALA P 171 43.31 -19.83 -58.95
C ALA P 171 43.09 -19.91 -60.42
N GLN P 172 42.18 -20.80 -60.90
CA GLN P 172 41.91 -21.12 -62.26
C GLN P 172 41.27 -19.99 -62.90
N ALA P 173 40.30 -19.28 -62.21
CA ALA P 173 39.64 -18.10 -62.70
C ALA P 173 40.56 -16.95 -62.86
N CYS P 174 41.32 -16.63 -61.79
CA CYS P 174 42.07 -15.38 -61.64
C CYS P 174 43.29 -15.30 -62.54
N VAL P 175 43.99 -16.45 -62.82
CA VAL P 175 45.18 -16.59 -63.65
C VAL P 175 44.78 -16.57 -65.05
N SER P 176 43.72 -17.32 -65.37
CA SER P 176 43.40 -17.58 -66.68
C SER P 176 42.91 -16.32 -67.40
N ILE P 177 42.17 -15.43 -66.64
CA ILE P 177 41.66 -14.20 -67.26
C ILE P 177 42.66 -13.18 -67.83
N PHE P 178 43.81 -13.01 -67.10
CA PHE P 178 44.84 -12.10 -67.49
C PHE P 178 46.11 -12.63 -66.91
N PRO P 179 46.99 -13.37 -67.76
CA PRO P 179 48.21 -13.91 -67.18
C PRO P 179 49.44 -12.94 -67.51
N ASP P 180 49.16 -11.80 -68.11
CA ASP P 180 50.17 -10.83 -68.44
C ASP P 180 49.93 -9.44 -67.89
N SER P 181 48.81 -9.28 -67.11
CA SER P 181 48.41 -8.01 -66.43
C SER P 181 49.39 -7.86 -65.37
N GLY P 182 49.56 -6.51 -65.04
CA GLY P 182 50.43 -5.91 -63.99
C GLY P 182 49.68 -5.32 -62.84
N HIS P 183 48.35 -5.22 -63.09
CA HIS P 183 47.38 -4.87 -62.04
C HIS P 183 46.15 -5.60 -62.35
N PHE P 184 45.31 -5.88 -61.37
CA PHE P 184 44.14 -6.73 -61.52
C PHE P 184 43.02 -5.90 -60.96
N ASN P 185 41.79 -6.40 -61.14
CA ASN P 185 40.61 -5.63 -60.62
C ASN P 185 39.94 -6.32 -59.43
N VAL P 186 38.99 -5.64 -58.74
CA VAL P 186 38.33 -5.93 -57.49
C VAL P 186 37.05 -6.67 -57.83
N ASP P 187 36.51 -6.38 -59.03
CA ASP P 187 35.23 -6.92 -59.56
C ASP P 187 35.67 -7.59 -60.85
N ASN P 188 36.97 -8.02 -60.93
CA ASN P 188 37.49 -8.88 -61.97
C ASN P 188 36.84 -10.24 -62.02
N ILE P 189 36.46 -10.75 -60.83
CA ILE P 189 35.67 -11.98 -60.73
C ILE P 189 34.36 -11.60 -60.09
N ARG P 190 33.22 -12.03 -60.67
CA ARG P 190 31.91 -11.91 -60.24
C ARG P 190 31.37 -13.21 -59.95
N VAL P 191 30.53 -13.26 -58.89
CA VAL P 191 30.04 -14.55 -58.43
C VAL P 191 28.80 -14.74 -59.26
N CYS P 192 28.50 -16.04 -59.50
CA CYS P 192 27.17 -16.49 -59.92
C CYS P 192 26.78 -17.55 -58.98
N LYS P 193 25.62 -17.47 -58.32
CA LYS P 193 25.21 -18.36 -57.22
C LYS P 193 23.93 -19.11 -57.75
N ILE P 194 24.19 -20.35 -58.17
CA ILE P 194 23.24 -21.26 -58.77
C ILE P 194 23.18 -22.48 -57.82
N LEU P 195 21.91 -22.84 -57.42
CA LEU P 195 21.38 -23.90 -56.61
C LEU P 195 21.75 -25.20 -57.15
N GLY P 196 21.80 -26.30 -56.39
CA GLY P 196 22.01 -27.70 -56.72
C GLY P 196 23.37 -28.10 -56.35
N SER P 197 23.59 -29.41 -56.51
CA SER P 197 24.89 -30.15 -56.43
C SER P 197 25.76 -29.95 -55.22
N GLY P 198 26.92 -30.63 -55.27
CA GLY P 198 27.94 -30.47 -54.25
C GLY P 198 28.65 -29.12 -54.25
N ILE P 199 29.47 -28.88 -53.22
CA ILE P 199 30.41 -27.74 -53.03
C ILE P 199 31.61 -27.93 -53.93
N SER P 200 32.13 -29.19 -54.04
CA SER P 200 33.23 -29.60 -54.84
C SER P 200 32.72 -30.01 -56.19
N SER P 201 31.52 -29.54 -56.57
CA SER P 201 30.95 -29.66 -57.89
C SER P 201 30.80 -28.24 -58.56
N SER P 202 31.35 -27.24 -57.89
CA SER P 202 31.57 -25.93 -58.39
C SER P 202 32.73 -25.98 -59.44
N SER P 203 32.73 -25.06 -60.41
CA SER P 203 33.46 -25.00 -61.61
C SER P 203 33.82 -23.59 -61.99
N VAL P 204 34.53 -23.39 -63.10
CA VAL P 204 35.02 -22.09 -63.54
C VAL P 204 34.65 -21.97 -64.99
N LEU P 205 34.07 -20.76 -65.28
CA LEU P 205 33.70 -20.33 -66.62
C LEU P 205 34.39 -18.96 -66.64
N HIS P 206 34.33 -18.25 -67.80
CA HIS P 206 34.85 -16.98 -67.90
C HIS P 206 33.72 -16.17 -68.44
N GLY P 207 33.78 -14.83 -68.40
CA GLY P 207 32.72 -13.93 -68.81
C GLY P 207 31.45 -14.02 -68.02
N MET P 208 30.46 -13.22 -68.49
CA MET P 208 29.13 -13.10 -67.85
C MET P 208 28.43 -14.41 -67.91
N VAL P 209 27.71 -14.80 -66.76
CA VAL P 209 26.77 -15.93 -66.72
C VAL P 209 25.44 -15.30 -66.24
N PHE P 210 24.33 -15.62 -66.89
CA PHE P 210 23.08 -15.18 -66.39
C PHE P 210 22.49 -16.30 -65.70
N LYS P 211 22.36 -16.22 -64.39
CA LYS P 211 21.88 -17.25 -63.55
C LYS P 211 20.38 -17.47 -63.55
N LYS P 212 19.64 -16.49 -64.12
CA LYS P 212 18.25 -16.52 -64.23
C LYS P 212 18.03 -17.20 -65.53
N GLU P 213 16.77 -17.69 -65.71
CA GLU P 213 16.25 -18.44 -66.89
C GLU P 213 16.76 -17.92 -68.19
N THR P 214 17.16 -18.91 -69.11
CA THR P 214 17.44 -18.62 -70.49
C THR P 214 16.39 -19.33 -71.25
N GLU P 215 15.76 -18.60 -72.24
CA GLU P 215 15.00 -19.13 -73.36
C GLU P 215 15.53 -18.45 -74.64
N GLY P 216 14.58 -17.96 -75.49
CA GLY P 216 14.49 -18.06 -76.94
C GLY P 216 15.08 -19.35 -77.55
N ASP P 217 15.72 -19.23 -78.72
CA ASP P 217 16.44 -20.29 -79.43
C ASP P 217 17.65 -19.59 -79.97
N VAL P 218 18.78 -20.32 -80.04
CA VAL P 218 20.06 -19.90 -80.53
C VAL P 218 19.86 -19.44 -81.98
N THR P 219 20.97 -18.76 -82.49
CA THR P 219 20.95 -18.25 -83.79
C THR P 219 22.37 -17.77 -84.04
N SER P 220 23.24 -17.74 -83.02
CA SER P 220 24.61 -17.31 -83.23
C SER P 220 25.42 -17.82 -82.04
N VAL P 221 26.72 -17.94 -82.28
CA VAL P 221 27.72 -18.32 -81.28
C VAL P 221 28.91 -17.47 -81.46
N LYS P 222 28.82 -16.41 -82.16
CA LYS P 222 29.98 -15.55 -82.30
C LYS P 222 29.60 -14.06 -82.30
N ASP P 223 28.33 -13.81 -82.77
CA ASP P 223 27.85 -12.49 -82.78
C ASP P 223 27.06 -12.43 -81.46
N ALA P 224 27.60 -11.71 -80.41
CA ALA P 224 27.07 -11.80 -79.08
C ALA P 224 26.65 -10.45 -78.66
N LYS P 225 26.07 -9.60 -79.57
CA LYS P 225 25.61 -8.23 -79.33
C LYS P 225 24.39 -8.29 -78.40
N ILE P 226 24.37 -7.27 -77.47
CA ILE P 226 23.28 -7.36 -76.52
C ILE P 226 22.69 -5.94 -76.40
N ALA P 227 21.45 -5.93 -76.01
CA ALA P 227 20.79 -4.63 -75.72
C ALA P 227 19.99 -4.89 -74.46
N VAL P 228 20.08 -4.00 -73.42
CA VAL P 228 19.75 -4.32 -72.02
C VAL P 228 18.59 -3.42 -71.63
N TYR P 229 17.53 -3.99 -70.99
CA TYR P 229 16.27 -3.28 -70.73
C TYR P 229 15.79 -3.88 -69.45
N SER P 230 15.08 -3.08 -68.67
CA SER P 230 14.24 -3.62 -67.62
C SER P 230 12.78 -3.52 -68.13
N CYS P 231 12.61 -2.90 -69.29
CA CYS P 231 11.29 -2.65 -69.90
C CYS P 231 10.65 -3.88 -70.31
N PRO P 232 9.41 -4.17 -69.87
CA PRO P 232 8.71 -5.37 -70.24
C PRO P 232 8.34 -5.34 -71.69
N PHE P 233 7.79 -6.54 -72.12
CA PHE P 233 7.31 -6.86 -73.48
C PHE P 233 5.89 -7.43 -73.35
N ASP P 234 5.23 -7.05 -72.21
CA ASP P 234 3.85 -7.26 -71.95
C ASP P 234 3.00 -6.49 -72.88
N GLY P 235 3.41 -5.28 -73.28
CA GLY P 235 2.71 -4.45 -74.21
C GLY P 235 3.25 -3.10 -73.99
N MET P 236 4.55 -2.97 -73.58
CA MET P 236 5.17 -1.70 -73.32
C MET P 236 6.12 -1.44 -74.38
N ILE P 237 5.81 -0.43 -75.22
CA ILE P 237 6.62 0.01 -76.31
C ILE P 237 6.31 1.53 -76.32
N THR P 238 7.34 2.44 -76.52
CA THR P 238 7.28 3.83 -76.34
C THR P 238 7.40 4.57 -77.66
N GLU P 239 7.67 3.76 -78.75
CA GLU P 239 7.68 4.24 -80.12
C GLU P 239 6.33 4.46 -80.55
N THR P 240 5.42 3.62 -80.05
CA THR P 240 3.97 3.81 -80.09
C THR P 240 3.52 3.91 -78.69
N LYS P 241 2.22 3.73 -78.43
CA LYS P 241 1.62 3.80 -77.16
C LYS P 241 1.99 2.58 -76.31
N GLY P 242 2.18 2.84 -74.97
CA GLY P 242 2.60 1.91 -73.99
C GLY P 242 1.38 1.33 -73.28
N THR P 243 0.10 1.57 -73.72
CA THR P 243 -1.08 1.14 -73.06
C THR P 243 -1.40 -0.28 -73.53
N VAL P 244 -2.01 -1.04 -72.57
CA VAL P 244 -2.47 -2.37 -72.84
C VAL P 244 -4.04 -2.36 -72.85
N LEU P 245 -4.69 -3.42 -73.35
CA LEU P 245 -6.11 -3.55 -73.37
C LEU P 245 -6.42 -4.96 -72.97
N ILE P 246 -6.72 -5.18 -71.68
CA ILE P 246 -6.85 -6.51 -71.08
C ILE P 246 -7.95 -6.26 -70.05
N LYS P 247 -8.63 -5.06 -70.07
CA LYS P 247 -9.64 -4.77 -69.04
C LYS P 247 -11.01 -4.97 -69.62
N THR P 248 -11.00 -5.37 -70.95
CA THR P 248 -12.20 -5.68 -71.57
C THR P 248 -11.96 -6.99 -72.19
N ALA P 249 -12.96 -7.90 -72.04
CA ALA P 249 -13.00 -9.22 -72.58
C ALA P 249 -12.97 -9.23 -74.09
N GLU P 250 -13.73 -8.34 -74.76
CA GLU P 250 -13.83 -8.29 -76.21
C GLU P 250 -12.48 -7.94 -76.89
N GLU P 251 -11.83 -6.95 -76.23
CA GLU P 251 -10.59 -6.36 -76.76
C GLU P 251 -9.53 -7.32 -76.43
N LEU P 252 -9.56 -7.99 -75.26
CA LEU P 252 -8.44 -8.74 -74.68
C LEU P 252 -8.09 -9.84 -75.63
N MET P 253 -9.17 -10.49 -76.25
CA MET P 253 -9.00 -11.50 -77.24
C MET P 253 -8.22 -11.04 -78.49
N ASN P 254 -8.43 -9.82 -79.00
CA ASN P 254 -7.83 -9.29 -80.24
C ASN P 254 -6.42 -9.01 -79.85
N PHE P 255 -6.26 -8.47 -78.65
CA PHE P 255 -4.96 -8.20 -78.06
C PHE P 255 -3.98 -9.42 -77.85
N SER P 256 -4.49 -10.63 -77.45
CA SER P 256 -3.71 -11.85 -77.28
C SER P 256 -3.10 -12.18 -78.62
N LYS P 257 -3.92 -12.14 -79.75
CA LYS P 257 -3.56 -12.48 -81.13
C LYS P 257 -2.69 -11.46 -81.64
N GLY P 258 -2.95 -10.21 -81.17
CA GLY P 258 -2.24 -9.08 -81.58
C GLY P 258 -0.88 -8.93 -81.03
N GLU P 259 -0.56 -9.57 -79.86
CA GLU P 259 0.66 -9.60 -79.09
C GLU P 259 1.71 -10.34 -79.94
N GLU P 260 1.36 -11.29 -80.76
CA GLU P 260 2.26 -11.96 -81.60
C GLU P 260 2.97 -11.01 -82.55
N ASN P 261 2.22 -10.14 -83.19
CA ASN P 261 2.75 -9.30 -84.28
C ASN P 261 3.53 -8.21 -83.61
N LEU P 262 3.06 -7.74 -82.41
CA LEU P 262 3.63 -6.64 -81.63
C LEU P 262 5.10 -6.99 -81.24
N MET P 263 5.22 -8.29 -80.75
CA MET P 263 6.46 -8.90 -80.36
C MET P 263 7.43 -9.04 -81.45
N ASP P 264 6.97 -9.36 -82.65
CA ASP P 264 7.86 -9.36 -83.86
C ASP P 264 8.41 -7.97 -84.14
N ALA P 265 7.56 -6.92 -84.06
CA ALA P 265 8.05 -5.54 -84.18
C ALA P 265 9.11 -5.17 -83.17
N GLN P 266 8.95 -5.69 -81.88
CA GLN P 266 9.94 -5.39 -80.85
C GLN P 266 11.35 -5.95 -81.00
N VAL P 267 11.39 -7.27 -81.40
CA VAL P 267 12.50 -8.11 -81.54
C VAL P 267 13.30 -7.67 -82.67
N LYS P 268 12.64 -7.26 -83.82
CA LYS P 268 13.34 -6.75 -84.96
C LYS P 268 13.98 -5.44 -84.69
N ALA P 269 13.22 -4.60 -83.89
CA ALA P 269 13.54 -3.22 -83.59
C ALA P 269 14.90 -3.22 -82.88
N ILE P 270 15.19 -4.16 -81.96
CA ILE P 270 16.44 -4.25 -81.31
C ILE P 270 17.48 -4.73 -82.25
N ALA P 271 17.28 -5.88 -82.92
CA ALA P 271 18.19 -6.66 -83.65
C ALA P 271 18.83 -5.97 -84.82
N ASP P 272 18.04 -5.20 -85.61
CA ASP P 272 18.44 -4.70 -86.86
C ASP P 272 19.53 -3.72 -86.66
N THR P 273 19.38 -2.86 -85.56
CA THR P 273 20.33 -1.92 -85.13
C THR P 273 21.46 -2.62 -84.36
N GLY P 274 21.29 -3.86 -83.87
CA GLY P 274 22.29 -4.78 -83.44
C GLY P 274 21.89 -5.45 -82.14
N ALA P 275 21.40 -6.68 -82.14
CA ALA P 275 21.25 -7.60 -81.09
C ALA P 275 21.06 -9.02 -81.63
N ASN P 276 21.35 -10.03 -80.75
CA ASN P 276 21.26 -11.48 -81.18
C ASN P 276 20.76 -12.19 -79.95
N VAL P 277 21.05 -11.57 -78.83
CA VAL P 277 20.63 -12.08 -77.55
C VAL P 277 20.00 -10.80 -76.95
N VAL P 278 18.68 -10.99 -76.52
CA VAL P 278 17.99 -9.83 -75.88
C VAL P 278 18.11 -10.16 -74.41
N VAL P 279 18.64 -9.21 -73.67
CA VAL P 279 18.75 -9.14 -72.24
C VAL P 279 17.53 -8.45 -71.78
N THR P 280 16.75 -9.21 -70.94
CA THR P 280 15.40 -8.67 -70.64
C THR P 280 15.17 -8.89 -69.18
N GLY P 281 15.19 -7.69 -68.42
CA GLY P 281 14.83 -7.66 -66.98
C GLY P 281 13.33 -7.54 -66.79
N GLY P 282 12.58 -7.12 -67.87
CA GLY P 282 11.22 -7.08 -68.01
C GLY P 282 10.72 -8.44 -68.21
N LYS P 283 9.44 -8.67 -68.55
CA LYS P 283 8.83 -9.94 -68.47
C LYS P 283 8.27 -10.11 -69.85
N VAL P 284 8.24 -11.43 -70.20
CA VAL P 284 8.03 -12.01 -71.50
C VAL P 284 6.87 -12.93 -71.23
N ALA P 285 5.72 -12.46 -71.81
CA ALA P 285 4.42 -13.09 -71.80
C ALA P 285 4.45 -14.39 -72.45
N ASP P 286 3.28 -15.09 -72.38
CA ASP P 286 2.99 -16.34 -73.04
C ASP P 286 3.05 -16.25 -74.56
N MET P 287 2.49 -15.26 -75.18
CA MET P 287 2.46 -15.00 -76.60
C MET P 287 3.72 -14.39 -77.16
N ALA P 288 4.33 -13.64 -76.33
CA ALA P 288 5.62 -13.03 -76.49
C ALA P 288 6.69 -14.04 -76.63
N LEU P 289 6.60 -15.06 -75.82
CA LEU P 289 7.52 -16.23 -75.73
C LEU P 289 7.42 -17.06 -76.91
N HIS P 290 6.21 -17.26 -77.45
CA HIS P 290 6.02 -17.83 -78.72
C HIS P 290 6.63 -17.04 -79.81
N TYR P 291 6.49 -15.72 -80.01
CA TYR P 291 7.05 -15.11 -81.21
C TYR P 291 8.51 -15.13 -81.24
N ALA P 292 9.27 -14.93 -80.13
CA ALA P 292 10.75 -15.08 -80.13
C ALA P 292 11.29 -16.47 -80.49
N ASN P 293 10.64 -17.61 -80.16
CA ASN P 293 10.99 -18.96 -80.48
C ASN P 293 10.94 -19.22 -81.94
N LYS P 294 9.94 -18.66 -82.66
CA LYS P 294 9.78 -18.87 -84.10
C LYS P 294 10.96 -18.12 -84.86
N TYR P 295 11.05 -16.82 -84.44
CA TYR P 295 11.92 -15.76 -85.01
C TYR P 295 13.38 -16.15 -84.72
N ASN P 296 13.76 -16.79 -83.60
CA ASN P 296 15.08 -17.37 -83.37
C ASN P 296 16.00 -16.26 -83.10
N ILE P 297 15.72 -15.61 -81.91
CA ILE P 297 16.52 -14.72 -81.25
C ILE P 297 16.44 -15.16 -79.83
N MET P 298 17.63 -15.09 -79.15
CA MET P 298 17.75 -15.56 -77.76
C MET P 298 17.09 -14.58 -76.90
N LEU P 299 16.54 -15.11 -75.76
CA LEU P 299 16.01 -14.38 -74.66
C LEU P 299 16.80 -14.85 -73.44
N VAL P 300 17.20 -13.87 -72.56
CA VAL P 300 17.67 -14.17 -71.20
C VAL P 300 16.68 -13.40 -70.44
N ARG P 301 15.59 -14.12 -69.97
CA ARG P 301 14.36 -13.66 -69.33
C ARG P 301 14.60 -13.60 -67.81
N LEU P 302 13.82 -12.65 -67.12
CA LEU P 302 13.53 -12.71 -65.73
C LEU P 302 14.67 -12.06 -64.90
N ASN P 303 15.52 -11.18 -65.52
CA ASN P 303 16.78 -10.73 -64.94
C ASN P 303 16.49 -9.72 -63.86
N SER P 304 17.01 -9.99 -62.61
CA SER P 304 16.82 -9.03 -61.55
C SER P 304 17.76 -7.91 -61.77
N LYS P 305 17.79 -6.90 -60.89
CA LYS P 305 18.60 -5.69 -61.05
C LYS P 305 20.05 -5.98 -61.00
N TRP P 306 20.44 -6.95 -60.09
CA TRP P 306 21.80 -7.48 -59.96
C TRP P 306 22.33 -8.04 -61.21
N ASP P 307 21.50 -8.84 -61.96
CA ASP P 307 21.85 -9.54 -63.22
C ASP P 307 22.10 -8.51 -64.33
N LEU P 308 21.21 -7.50 -64.44
CA LEU P 308 21.35 -6.49 -65.43
C LEU P 308 22.55 -5.52 -65.23
N ARG P 309 22.83 -5.19 -63.95
CA ARG P 309 23.95 -4.32 -63.59
C ARG P 309 25.26 -4.96 -63.88
N ARG P 310 25.49 -6.27 -63.60
CA ARG P 310 26.76 -6.99 -63.85
C ARG P 310 27.15 -6.85 -65.28
N LEU P 311 26.12 -7.06 -66.17
CA LEU P 311 26.15 -6.97 -67.59
C LEU P 311 26.52 -5.64 -68.16
N CYS P 312 25.85 -4.56 -67.55
CA CYS P 312 26.08 -3.17 -67.96
C CYS P 312 27.46 -2.73 -67.68
N LYS P 313 28.02 -3.10 -66.53
CA LYS P 313 29.29 -2.55 -66.15
C LYS P 313 30.47 -2.98 -66.99
N THR P 314 30.37 -4.18 -67.54
CA THR P 314 31.48 -4.77 -68.30
C THR P 314 31.42 -4.21 -69.75
N VAL P 315 30.23 -4.27 -70.40
CA VAL P 315 30.13 -4.07 -71.87
C VAL P 315 29.88 -2.64 -72.27
N GLY P 316 29.29 -1.94 -71.31
CA GLY P 316 28.83 -0.57 -71.53
C GLY P 316 27.61 -0.54 -72.37
N ALA P 317 26.66 -1.41 -72.06
CA ALA P 317 25.26 -1.45 -72.66
C ALA P 317 24.39 -0.83 -71.57
N THR P 318 23.48 0.12 -71.82
CA THR P 318 22.72 0.91 -70.80
C THR P 318 21.25 0.76 -70.94
N ALA P 319 20.57 0.45 -69.78
CA ALA P 319 19.19 0.06 -69.71
C ALA P 319 18.22 1.16 -69.39
N LEU P 320 17.02 1.05 -69.96
CA LEU P 320 16.05 2.12 -69.78
C LEU P 320 14.74 1.41 -69.49
N PRO P 321 13.68 1.99 -69.04
CA PRO P 321 12.45 1.35 -68.87
C PRO P 321 11.57 1.65 -70.09
N ARG P 322 12.18 2.15 -71.20
CA ARG P 322 11.53 2.41 -72.45
C ARG P 322 12.11 1.46 -73.51
N LEU P 323 11.46 1.19 -74.69
CA LEU P 323 11.89 0.30 -75.71
C LEU P 323 11.76 1.09 -76.94
N THR P 324 12.87 1.22 -77.67
CA THR P 324 13.10 2.09 -78.77
C THR P 324 14.37 1.36 -79.32
N PRO P 325 14.85 1.61 -80.56
CA PRO P 325 15.97 0.87 -81.06
C PRO P 325 17.19 1.25 -80.38
N PRO P 326 18.21 0.42 -80.04
CA PRO P 326 19.35 0.97 -79.31
C PRO P 326 20.18 1.94 -80.23
N VAL P 327 20.65 3.04 -79.56
CA VAL P 327 21.74 3.82 -79.98
C VAL P 327 22.94 3.04 -79.57
N LEU P 328 24.15 3.53 -79.93
CA LEU P 328 25.37 2.83 -79.71
C LEU P 328 25.75 2.72 -78.26
N GLU P 329 25.27 3.56 -77.36
CA GLU P 329 25.70 3.61 -75.96
C GLU P 329 24.98 2.57 -75.16
N GLU P 330 23.86 1.98 -75.77
CA GLU P 330 23.04 1.02 -75.17
C GLU P 330 23.35 -0.32 -75.80
N MET P 331 24.39 -0.33 -76.72
CA MET P 331 24.71 -1.60 -77.42
C MET P 331 26.01 -2.08 -76.74
N GLY P 332 26.18 -3.40 -76.36
CA GLY P 332 27.39 -3.94 -75.90
C GLY P 332 27.71 -5.11 -76.81
N HIS P 333 28.84 -5.75 -76.58
CA HIS P 333 29.34 -6.87 -77.34
C HIS P 333 30.23 -7.57 -76.42
N CYS P 334 30.37 -8.91 -76.59
CA CYS P 334 31.00 -9.86 -75.85
C CYS P 334 31.74 -10.60 -76.94
N ASP P 335 32.84 -11.31 -76.59
CA ASP P 335 33.53 -12.08 -77.56
C ASP P 335 32.71 -13.21 -78.07
N SER P 336 32.01 -14.00 -77.24
CA SER P 336 31.13 -15.01 -77.69
C SER P 336 29.97 -15.14 -76.76
N VAL P 337 28.95 -15.90 -77.24
CA VAL P 337 27.93 -16.51 -76.51
C VAL P 337 27.79 -17.91 -76.89
N TYR P 338 27.26 -18.82 -75.98
CA TYR P 338 26.82 -20.12 -76.40
C TYR P 338 25.99 -20.60 -75.28
N LEU P 339 25.16 -21.62 -75.49
CA LEU P 339 24.32 -22.30 -74.52
C LEU P 339 24.85 -23.58 -74.11
N SER P 340 25.44 -23.63 -72.92
CA SER P 340 25.84 -24.92 -72.39
C SER P 340 25.62 -24.78 -70.92
N GLU P 341 25.50 -25.97 -70.26
CA GLU P 341 25.10 -26.14 -68.87
C GLU P 341 26.34 -25.62 -68.06
N VAL P 342 26.01 -25.09 -66.88
CA VAL P 342 26.89 -24.51 -65.98
C VAL P 342 26.61 -25.22 -64.73
N GLY P 343 27.46 -26.20 -64.27
CA GLY P 343 27.28 -26.97 -63.11
C GLY P 343 26.24 -28.06 -63.27
N ASP P 344 25.70 -28.14 -64.51
CA ASP P 344 24.62 -29.05 -64.86
C ASP P 344 23.31 -28.36 -64.65
N THR P 345 23.27 -27.08 -65.00
CA THR P 345 21.99 -26.38 -65.11
C THR P 345 22.18 -25.46 -66.35
N GLN P 346 21.21 -25.50 -67.23
CA GLN P 346 21.22 -24.76 -68.48
C GLN P 346 21.06 -23.31 -68.30
N VAL P 347 22.01 -22.48 -68.79
CA VAL P 347 22.06 -20.99 -68.64
C VAL P 347 22.83 -20.48 -69.92
N VAL P 348 22.88 -19.12 -70.09
CA VAL P 348 23.71 -18.46 -71.06
C VAL P 348 25.01 -18.04 -70.46
N VAL P 349 26.08 -18.33 -71.23
CA VAL P 349 27.45 -18.04 -70.84
C VAL P 349 28.06 -17.21 -71.93
N PHE P 350 28.58 -16.04 -71.60
CA PHE P 350 29.27 -15.23 -72.55
C PHE P 350 30.67 -15.42 -72.15
N LYS P 351 31.52 -14.98 -73.01
CA LYS P 351 32.97 -15.02 -72.89
C LYS P 351 33.47 -13.58 -72.91
N HIS P 352 34.37 -13.32 -71.96
CA HIS P 352 35.14 -12.10 -71.94
C HIS P 352 36.48 -12.57 -71.37
N GLU P 353 37.62 -12.32 -72.08
CA GLU P 353 38.94 -12.53 -71.58
C GLU P 353 39.89 -11.80 -72.49
N LYS P 354 39.29 -11.09 -73.53
CA LYS P 354 40.03 -10.36 -74.49
C LYS P 354 39.24 -9.28 -75.10
N GLU P 355 37.97 -9.13 -74.61
CA GLU P 355 37.15 -8.03 -74.97
C GLU P 355 37.43 -6.82 -74.12
N ASP P 356 37.57 -7.04 -72.77
CA ASP P 356 37.82 -6.02 -71.83
C ASP P 356 38.13 -6.72 -70.53
N GLY P 357 38.07 -8.10 -70.54
CA GLY P 357 38.08 -8.89 -69.36
C GLY P 357 37.08 -8.38 -68.30
N ALA P 358 37.52 -8.36 -67.02
CA ALA P 358 36.85 -7.82 -65.84
C ALA P 358 35.55 -8.45 -65.47
N ILE P 359 35.39 -9.73 -65.89
CA ILE P 359 34.30 -10.45 -65.43
C ILE P 359 34.63 -11.86 -65.82
N SER P 360 34.85 -12.71 -64.75
CA SER P 360 35.04 -14.07 -64.92
C SER P 360 33.93 -14.56 -64.03
N THR P 361 33.55 -15.92 -64.05
CA THR P 361 32.53 -16.37 -63.30
C THR P 361 32.95 -17.66 -62.68
N ILE P 362 32.76 -17.70 -61.32
CA ILE P 362 32.86 -18.95 -60.64
C ILE P 362 31.45 -19.24 -60.17
N VAL P 363 31.02 -20.50 -60.55
CA VAL P 363 29.68 -20.96 -60.19
C VAL P 363 29.85 -21.64 -58.86
N LEU P 364 29.02 -21.17 -57.91
CA LEU P 364 29.05 -21.49 -56.52
C LEU P 364 27.85 -22.32 -56.43
N ARG P 365 28.00 -23.57 -56.01
CA ARG P 365 26.99 -24.59 -55.97
C ARG P 365 26.87 -25.15 -54.65
N GLY P 366 25.69 -25.66 -54.35
CA GLY P 366 25.27 -26.05 -53.10
C GLY P 366 23.77 -26.20 -53.24
N SER P 367 23.24 -27.37 -52.79
CA SER P 367 21.87 -27.76 -52.89
C SER P 367 20.98 -26.88 -52.03
N THR P 368 21.58 -25.96 -51.23
CA THR P 368 20.90 -25.00 -50.39
C THR P 368 21.79 -23.74 -50.46
N ASP P 369 21.19 -22.56 -50.18
CA ASP P 369 21.91 -21.24 -50.27
C ASP P 369 22.81 -21.13 -49.15
N ASN P 370 22.62 -21.93 -48.07
CA ASN P 370 23.45 -21.95 -46.91
C ASN P 370 24.85 -22.38 -47.19
N LEU P 371 25.02 -23.46 -47.95
CA LEU P 371 26.37 -23.99 -48.33
C LEU P 371 27.08 -22.96 -49.20
N MET P 372 26.49 -22.17 -50.11
CA MET P 372 27.02 -21.17 -51.04
C MET P 372 27.68 -19.97 -50.40
N ASP P 373 27.09 -19.43 -49.27
CA ASP P 373 27.54 -18.16 -48.63
C ASP P 373 28.94 -18.40 -48.08
N ASP P 374 29.17 -19.58 -47.56
CA ASP P 374 30.45 -19.87 -46.97
C ASP P 374 31.60 -19.82 -47.99
N ILE P 375 31.31 -20.30 -49.20
CA ILE P 375 32.29 -20.23 -50.33
C ILE P 375 32.31 -18.89 -51.04
N GLU P 376 31.27 -17.99 -50.82
CA GLU P 376 31.15 -16.67 -51.41
C GLU P 376 32.15 -15.78 -50.80
N ARG P 377 32.35 -15.95 -49.47
CA ARG P 377 33.37 -15.29 -48.72
C ARG P 377 34.78 -15.62 -49.07
N ALA P 378 35.07 -16.95 -49.36
CA ALA P 378 36.37 -17.41 -49.74
C ALA P 378 36.75 -16.79 -51.06
N VAL P 379 35.86 -16.80 -52.12
CA VAL P 379 36.28 -16.34 -53.42
C VAL P 379 36.48 -14.83 -53.48
N ASP P 380 35.53 -14.12 -52.83
CA ASP P 380 35.35 -12.68 -53.03
C ASP P 380 36.54 -11.97 -52.42
N ASP P 381 37.03 -12.47 -51.23
CA ASP P 381 38.21 -12.04 -50.52
C ASP P 381 39.45 -12.42 -51.33
N GLY P 382 39.43 -13.63 -52.02
CA GLY P 382 40.53 -14.22 -52.77
C GLY P 382 40.81 -13.47 -54.07
N VAL P 383 39.81 -12.64 -54.56
CA VAL P 383 39.93 -11.82 -55.73
C VAL P 383 41.03 -10.84 -55.42
N ASN P 384 40.85 -10.20 -54.22
CA ASN P 384 41.66 -9.07 -53.90
C ASN P 384 43.04 -9.51 -53.42
N THR P 385 43.21 -10.79 -52.93
CA THR P 385 44.48 -11.41 -52.55
C THR P 385 45.36 -11.69 -53.80
N PHE P 386 44.71 -12.01 -54.98
CA PHE P 386 45.36 -12.09 -56.24
C PHE P 386 45.88 -10.77 -56.74
N LYS P 387 45.12 -9.69 -56.44
CA LYS P 387 45.56 -8.41 -56.76
C LYS P 387 46.84 -7.91 -55.99
N VAL P 388 47.12 -8.47 -54.78
CA VAL P 388 48.38 -8.21 -54.11
C VAL P 388 49.51 -8.98 -54.86
N LEU P 389 49.34 -10.27 -55.22
CA LEU P 389 50.38 -11.12 -55.77
C LEU P 389 50.78 -10.67 -57.16
N THR P 390 49.85 -10.01 -57.89
CA THR P 390 50.09 -9.38 -59.19
C THR P 390 51.05 -8.21 -59.10
N ARG P 391 50.88 -7.37 -58.03
CA ARG P 391 51.65 -6.18 -57.83
C ARG P 391 53.05 -6.59 -57.27
N ASP P 392 53.18 -7.56 -56.37
CA ASP P 392 54.50 -7.85 -55.83
C ASP P 392 54.64 -9.35 -55.50
N LYS P 393 55.95 -9.72 -55.39
CA LYS P 393 56.37 -11.08 -55.31
C LYS P 393 56.87 -11.49 -53.94
N ARG P 394 57.11 -10.50 -53.09
CA ARG P 394 57.55 -10.70 -51.76
C ARG P 394 56.53 -11.50 -50.95
N LEU P 395 57.08 -12.54 -50.37
CA LEU P 395 56.36 -13.63 -49.89
C LEU P 395 56.66 -13.65 -48.46
N VAL P 396 55.61 -13.73 -47.66
CA VAL P 396 55.75 -13.37 -46.25
C VAL P 396 55.31 -14.71 -45.65
N PRO P 397 55.93 -15.36 -44.64
CA PRO P 397 55.53 -16.65 -44.12
C PRO P 397 54.11 -16.64 -43.67
N GLY P 398 53.52 -17.84 -43.56
CA GLY P 398 52.22 -18.25 -43.07
C GLY P 398 51.82 -17.45 -41.84
N GLY P 399 50.46 -17.48 -41.66
CA GLY P 399 49.88 -16.82 -40.48
C GLY P 399 50.36 -17.26 -39.20
N GLY P 400 50.66 -16.13 -38.43
CA GLY P 400 50.90 -16.16 -37.00
C GLY P 400 52.42 -16.32 -36.79
N ALA P 401 53.14 -16.82 -37.88
CA ALA P 401 54.61 -16.91 -37.89
C ALA P 401 55.23 -15.65 -38.24
N THR P 402 54.44 -14.77 -38.89
CA THR P 402 54.90 -13.39 -39.10
C THR P 402 55.04 -12.62 -37.74
N GLU P 403 53.97 -12.88 -36.86
CA GLU P 403 53.71 -12.02 -35.77
C GLU P 403 54.78 -11.96 -34.61
N ILE P 404 55.49 -13.07 -34.33
CA ILE P 404 56.41 -13.23 -33.27
C ILE P 404 57.57 -12.38 -33.40
N GLU P 405 58.08 -12.25 -34.67
CA GLU P 405 59.34 -11.60 -34.78
C GLU P 405 59.22 -10.07 -34.58
N LEU P 406 57.99 -9.55 -35.00
CA LEU P 406 57.72 -8.14 -34.83
C LEU P 406 57.72 -7.85 -33.39
N ALA P 407 57.13 -8.80 -32.56
CA ALA P 407 57.09 -8.63 -31.09
C ALA P 407 58.41 -8.64 -30.40
N LYS P 408 59.35 -9.50 -30.82
CA LYS P 408 60.71 -9.55 -30.28
C LYS P 408 61.65 -8.41 -30.46
N GLN P 409 61.62 -7.85 -31.67
CA GLN P 409 62.35 -6.64 -32.08
C GLN P 409 61.66 -5.37 -31.57
N ILE P 410 60.31 -5.38 -31.27
CA ILE P 410 59.66 -4.23 -30.66
C ILE P 410 60.04 -4.10 -29.10
N THR P 411 60.28 -5.24 -28.43
CA THR P 411 60.66 -5.31 -27.04
C THR P 411 62.07 -4.61 -26.94
N SER P 412 62.95 -4.82 -27.95
CA SER P 412 64.17 -4.16 -28.07
C SER P 412 64.04 -2.66 -28.24
N TYR P 413 62.94 -2.32 -28.92
CA TYR P 413 62.60 -0.98 -29.18
C TYR P 413 62.18 -0.28 -27.86
N GLY P 414 61.64 -0.94 -26.81
CA GLY P 414 61.36 -0.32 -25.56
C GLY P 414 62.67 0.00 -24.86
N GLU P 415 63.60 -1.00 -24.80
CA GLU P 415 64.88 -0.78 -24.14
C GLU P 415 65.75 0.29 -24.75
N THR P 416 65.81 0.39 -26.10
CA THR P 416 66.75 1.36 -26.68
C THR P 416 66.19 2.77 -26.69
N CYS P 417 64.84 2.90 -26.66
CA CYS P 417 64.30 4.30 -26.75
C CYS P 417 63.96 5.14 -25.54
N PRO P 418 63.74 4.51 -24.28
CA PRO P 418 62.95 5.07 -23.14
C PRO P 418 61.85 6.06 -23.37
N GLY P 419 61.85 7.11 -22.62
CA GLY P 419 60.91 8.10 -22.52
C GLY P 419 59.67 7.65 -21.83
N LEU P 420 58.47 8.26 -22.00
CA LEU P 420 57.16 7.98 -21.49
C LEU P 420 56.37 7.20 -22.57
N GLU P 421 57.08 6.99 -23.67
CA GLU P 421 56.74 6.22 -24.82
C GLU P 421 57.24 4.86 -24.59
N GLN P 422 58.16 4.62 -23.61
CA GLN P 422 58.80 3.35 -23.23
C GLN P 422 57.72 2.31 -22.94
N TYR P 423 56.66 2.69 -22.20
CA TYR P 423 55.58 1.86 -21.87
C TYR P 423 54.70 1.50 -23.02
N ALA P 424 54.41 2.49 -23.90
CA ALA P 424 53.54 2.32 -25.06
C ALA P 424 54.04 1.37 -26.10
N ILE P 425 55.38 1.39 -26.25
CA ILE P 425 56.11 0.49 -27.18
C ILE P 425 55.95 -0.91 -26.80
N LYS P 426 56.04 -1.26 -25.48
CA LYS P 426 55.94 -2.56 -24.92
C LYS P 426 54.55 -3.17 -25.23
N LYS P 427 53.41 -2.37 -25.13
CA LYS P 427 52.10 -2.85 -25.30
C LYS P 427 51.82 -2.95 -26.69
N PHE P 428 52.57 -2.30 -27.59
CA PHE P 428 52.59 -2.44 -29.02
C PHE P 428 53.09 -3.81 -29.38
N ALA P 429 54.10 -4.34 -28.69
CA ALA P 429 54.68 -5.64 -28.80
C ALA P 429 53.74 -6.80 -28.54
N GLU P 430 53.06 -6.73 -27.37
CA GLU P 430 52.00 -7.68 -26.86
C GLU P 430 50.84 -7.70 -27.87
N ALA P 431 50.51 -6.41 -28.38
CA ALA P 431 49.41 -6.30 -29.33
C ALA P 431 49.54 -7.05 -30.67
N PHE P 432 50.77 -7.29 -31.16
CA PHE P 432 50.96 -8.20 -32.34
C PHE P 432 50.74 -9.65 -32.00
N GLU P 433 50.99 -9.94 -30.62
CA GLU P 433 50.81 -11.33 -30.04
C GLU P 433 49.40 -11.61 -29.81
N ALA P 434 48.55 -10.53 -29.86
CA ALA P 434 47.15 -10.84 -29.87
C ALA P 434 46.65 -11.71 -30.94
N ILE P 435 47.26 -11.62 -32.19
CA ILE P 435 46.90 -12.48 -33.25
C ILE P 435 47.18 -13.92 -32.98
N PRO P 436 48.30 -14.45 -32.49
CA PRO P 436 48.40 -15.94 -32.25
C PRO P 436 47.71 -16.35 -31.00
N ARG P 437 47.46 -15.42 -30.04
CA ARG P 437 46.57 -15.57 -28.86
C ARG P 437 45.17 -15.75 -29.36
N ALA P 438 44.82 -15.17 -30.54
CA ALA P 438 43.53 -15.44 -31.17
C ALA P 438 43.51 -16.87 -31.63
N LEU P 439 44.63 -17.40 -32.12
CA LEU P 439 44.65 -18.81 -32.50
C LEU P 439 44.64 -19.80 -31.28
N ALA P 440 45.26 -19.40 -30.11
CA ALA P 440 45.27 -20.11 -28.87
C ALA P 440 43.84 -20.16 -28.27
N GLU P 441 43.13 -19.03 -28.42
CA GLU P 441 41.72 -18.98 -28.02
C GLU P 441 40.84 -19.83 -28.92
N ASN P 442 41.18 -20.04 -30.22
CA ASN P 442 40.45 -20.92 -31.10
C ASN P 442 40.65 -22.44 -30.68
N SER P 443 41.91 -22.81 -30.36
CA SER P 443 42.47 -24.10 -30.08
C SER P 443 42.02 -24.52 -28.69
N GLY P 444 41.65 -23.59 -27.83
CA GLY P 444 41.12 -23.75 -26.49
C GLY P 444 42.13 -24.30 -25.42
N VAL P 445 43.45 -23.95 -25.66
CA VAL P 445 44.54 -24.34 -24.82
C VAL P 445 45.05 -23.01 -24.35
N LYS P 446 45.88 -23.12 -23.31
CA LYS P 446 46.50 -21.91 -22.72
C LYS P 446 47.23 -20.98 -23.68
N ALA P 447 46.93 -19.64 -23.55
CA ALA P 447 47.51 -18.64 -24.40
C ALA P 447 48.98 -18.63 -24.32
N ASN P 448 49.44 -18.70 -23.12
CA ASN P 448 50.73 -18.56 -22.58
C ASN P 448 51.62 -19.60 -23.15
N GLU P 449 51.12 -20.81 -23.27
CA GLU P 449 51.96 -21.99 -23.72
C GLU P 449 52.24 -21.85 -25.18
N VAL P 450 51.35 -21.24 -25.97
CA VAL P 450 51.45 -21.08 -27.40
C VAL P 450 52.61 -20.17 -27.61
N ILE P 451 52.63 -19.03 -26.90
CA ILE P 451 53.53 -17.94 -26.89
C ILE P 451 54.90 -18.37 -26.47
N SER P 452 55.00 -19.31 -25.47
CA SER P 452 56.19 -19.94 -24.90
C SER P 452 56.98 -20.72 -25.91
N LYS P 453 56.29 -21.51 -26.79
CA LYS P 453 56.93 -22.32 -27.82
C LYS P 453 57.54 -21.51 -28.90
N LEU P 454 56.78 -20.44 -29.32
CA LEU P 454 57.24 -19.56 -30.41
C LEU P 454 58.46 -18.86 -29.94
N TYR P 455 58.62 -18.30 -28.69
CA TYR P 455 59.85 -17.71 -28.25
C TYR P 455 61.01 -18.68 -28.00
N ALA P 456 60.73 -19.94 -27.62
CA ALA P 456 61.74 -20.94 -27.20
C ALA P 456 62.59 -21.48 -28.36
N VAL P 457 61.93 -21.75 -29.46
CA VAL P 457 62.63 -22.27 -30.64
C VAL P 457 63.32 -21.19 -31.37
N HIS P 458 62.76 -20.01 -31.31
CA HIS P 458 63.34 -18.76 -31.55
C HIS P 458 63.38 -18.39 -33.02
N GLN P 459 62.35 -18.91 -33.67
CA GLN P 459 62.23 -18.99 -35.09
C GLN P 459 60.91 -18.34 -35.50
N GLU P 460 60.78 -17.05 -35.32
CA GLU P 460 60.98 -16.00 -36.31
C GLU P 460 60.76 -16.44 -37.70
N GLY P 461 59.57 -16.28 -38.22
CA GLY P 461 59.28 -16.48 -39.63
C GLY P 461 59.01 -17.92 -40.06
N ASN P 462 58.79 -18.83 -39.05
CA ASN P 462 58.59 -20.24 -39.34
C ASN P 462 57.45 -20.71 -38.47
N LYS P 463 57.77 -20.86 -37.21
CA LYS P 463 56.99 -21.55 -36.18
C LYS P 463 55.80 -20.76 -35.71
N ASN P 464 54.64 -21.41 -35.81
CA ASN P 464 53.48 -20.97 -35.14
C ASN P 464 52.70 -22.23 -34.93
N VAL P 465 51.75 -22.17 -34.03
CA VAL P 465 50.64 -23.06 -33.71
C VAL P 465 49.48 -22.72 -34.54
N GLY P 466 49.21 -23.64 -35.59
CA GLY P 466 48.10 -23.37 -36.41
C GLY P 466 46.93 -23.97 -35.73
N LEU P 467 45.90 -24.40 -36.57
CA LEU P 467 44.75 -25.03 -36.02
C LEU P 467 44.88 -26.37 -36.55
N ASP P 468 45.13 -27.32 -35.65
CA ASP P 468 45.26 -28.71 -35.94
C ASP P 468 44.83 -29.43 -34.63
N ILE P 469 45.01 -30.77 -34.72
CA ILE P 469 44.82 -31.72 -33.67
C ILE P 469 46.20 -31.91 -32.97
N GLU P 470 47.21 -31.11 -33.39
CA GLU P 470 48.61 -30.97 -33.00
C GLU P 470 48.64 -29.65 -32.33
N ALA P 471 47.46 -28.90 -32.18
CA ALA P 471 47.30 -27.70 -31.53
C ALA P 471 46.46 -27.93 -30.29
N GLU P 472 45.96 -29.15 -30.12
CA GLU P 472 45.25 -29.60 -28.98
C GLU P 472 46.15 -30.22 -27.89
N VAL P 473 47.05 -31.16 -28.25
CA VAL P 473 48.19 -31.55 -27.44
C VAL P 473 49.27 -30.77 -28.19
N PRO P 474 50.00 -29.84 -27.50
CA PRO P 474 50.82 -28.92 -28.25
C PRO P 474 51.88 -29.52 -29.15
N ALA P 475 52.14 -28.73 -30.22
CA ALA P 475 53.24 -28.90 -31.21
C ALA P 475 53.33 -27.55 -31.89
N VAL P 476 54.39 -27.41 -32.67
CA VAL P 476 54.69 -26.18 -33.47
C VAL P 476 54.95 -26.68 -34.80
N LYS P 477 54.70 -25.89 -35.84
CA LYS P 477 54.91 -26.39 -37.16
C LYS P 477 55.35 -25.31 -38.12
N ASP P 478 56.03 -25.76 -39.20
CA ASP P 478 56.51 -24.79 -40.21
C ASP P 478 55.40 -24.39 -41.16
N MET P 479 54.95 -23.17 -40.99
CA MET P 479 54.01 -22.49 -41.79
C MET P 479 54.68 -21.64 -42.89
N LEU P 480 56.00 -21.60 -42.90
CA LEU P 480 56.77 -21.06 -44.05
C LEU P 480 56.62 -22.01 -45.28
N GLU P 481 56.83 -23.33 -45.05
CA GLU P 481 56.70 -24.38 -46.04
C GLU P 481 55.53 -25.24 -45.63
N ALA P 482 54.35 -25.04 -46.26
CA ALA P 482 53.18 -25.86 -46.18
C ALA P 482 52.10 -25.54 -47.18
N GLY P 483 52.33 -24.50 -48.04
CA GLY P 483 51.23 -24.07 -48.93
C GLY P 483 50.38 -23.05 -48.26
N ILE P 484 50.98 -22.51 -47.16
CA ILE P 484 50.39 -21.45 -46.37
C ILE P 484 51.33 -20.29 -46.29
N LEU P 485 50.99 -19.30 -47.14
CA LEU P 485 51.91 -18.15 -47.36
C LEU P 485 51.04 -16.96 -47.34
N ASP P 486 51.66 -15.78 -47.10
CA ASP P 486 51.12 -14.45 -47.09
C ASP P 486 51.88 -13.68 -48.08
N THR P 487 51.68 -12.39 -48.10
CA THR P 487 52.33 -11.47 -49.00
C THR P 487 52.66 -10.25 -48.22
N TYR P 488 53.62 -9.46 -48.72
CA TYR P 488 54.15 -8.34 -47.95
C TYR P 488 53.12 -7.16 -47.60
N LEU P 489 52.43 -6.70 -48.65
CA LEU P 489 51.60 -5.65 -48.77
C LEU P 489 50.36 -5.85 -48.02
N GLY P 490 50.02 -7.11 -47.80
CA GLY P 490 48.88 -7.48 -47.08
C GLY P 490 49.02 -7.02 -45.73
N LYS P 491 50.19 -7.38 -45.11
CA LYS P 491 50.43 -7.01 -43.75
C LYS P 491 50.75 -5.49 -43.63
N TYR P 492 51.34 -4.86 -44.65
CA TYR P 492 51.79 -3.45 -44.65
C TYR P 492 50.56 -2.48 -44.61
N TRP P 493 49.54 -2.78 -45.45
CA TRP P 493 48.27 -2.14 -45.42
C TRP P 493 47.49 -2.31 -44.11
N ALA P 494 47.45 -3.58 -43.68
CA ALA P 494 46.64 -3.86 -42.48
C ALA P 494 47.01 -3.15 -41.26
N ILE P 495 48.31 -3.18 -40.97
CA ILE P 495 48.87 -2.54 -39.85
C ILE P 495 48.66 -1.07 -39.95
N LYS P 496 48.87 -0.43 -41.10
CA LYS P 496 48.79 0.98 -41.25
C LYS P 496 47.43 1.62 -40.96
N LEU P 497 46.40 0.94 -41.57
CA LEU P 497 45.00 1.30 -41.33
C LEU P 497 44.54 0.86 -39.93
N ALA P 498 45.08 -0.28 -39.44
CA ALA P 498 44.74 -0.66 -38.05
C ALA P 498 45.17 0.36 -36.99
N THR P 499 46.40 0.91 -37.25
CA THR P 499 46.90 1.86 -36.29
C THR P 499 46.26 3.22 -36.44
N ASN P 500 45.75 3.46 -37.60
CA ASN P 500 44.89 4.62 -37.96
C ASN P 500 43.58 4.61 -37.10
N ALA P 501 42.97 3.43 -37.11
CA ALA P 501 41.71 3.24 -36.47
C ALA P 501 41.76 3.28 -34.96
N ALA P 502 42.80 2.64 -34.37
CA ALA P 502 43.04 2.45 -32.97
C ALA P 502 43.33 3.65 -32.22
N VAL P 503 44.19 4.50 -32.76
CA VAL P 503 44.61 5.68 -32.12
C VAL P 503 43.57 6.75 -31.95
N THR P 504 42.74 6.89 -32.96
CA THR P 504 41.64 7.84 -33.17
C THR P 504 40.39 7.61 -32.46
N VAL P 505 39.97 6.37 -32.15
CA VAL P 505 39.03 6.00 -31.09
C VAL P 505 39.57 6.21 -29.75
N LEU P 506 40.92 6.07 -29.58
CA LEU P 506 41.49 6.24 -28.28
C LEU P 506 41.50 7.73 -27.83
N ARG P 507 41.50 8.68 -28.83
CA ARG P 507 41.47 10.15 -28.56
C ARG P 507 40.16 10.61 -27.95
N VAL P 508 38.98 9.98 -28.34
CA VAL P 508 37.62 10.42 -28.11
C VAL P 508 37.32 10.75 -26.64
N ASP P 509 36.42 11.74 -26.51
CA ASP P 509 35.99 12.31 -25.28
C ASP P 509 34.50 12.54 -25.40
N GLN P 510 33.75 12.49 -24.28
CA GLN P 510 32.34 12.79 -24.16
C GLN P 510 31.66 13.61 -25.21
N ILE P 511 30.44 13.16 -25.61
CA ILE P 511 29.60 13.86 -26.56
C ILE P 511 28.85 14.88 -25.83
N ILE P 512 29.07 16.14 -26.22
CA ILE P 512 28.43 17.30 -25.62
C ILE P 512 27.17 17.65 -26.32
N MET P 513 25.99 17.55 -25.57
CA MET P 513 24.65 17.88 -26.01
C MET P 513 23.90 18.36 -24.83
N ALA P 514 22.74 18.98 -25.01
CA ALA P 514 21.88 19.40 -23.96
C ALA P 514 21.59 18.21 -22.95
#